data_6UZE
#
_entry.id   6UZE
#
_cell.length_a   1.00
_cell.length_b   1.00
_cell.length_c   1.00
_cell.angle_alpha   90.00
_cell.angle_beta   90.00
_cell.angle_gamma   90.00
#
_symmetry.space_group_name_H-M   'P 1'
#
loop_
_entity.id
_entity.type
_entity.pdbx_description
1 polymer 'Protective antigen'
2 polymer 'Calmodulin-sensitive adenylate cyclase'
3 non-polymer 'CALCIUM ION'
#
loop_
_entity_poly.entity_id
_entity_poly.type
_entity_poly.pdbx_seq_one_letter_code
_entity_poly.pdbx_strand_id
1 'polypeptide(L)'
;EVKQENRLLNESESSSQGLLGYYFSDLNFQAPMVVTSSTTGDLSIPSSELENIPSENQYFQSAIWSGFIKVKKSDEYTFA
TSADNHVTMWVDDQEVINKASNSNKIRLEKGRLYQIKIQYQRENPTEKGLDFKLYWTDSQNKKEVISSDNLQLPELKQKS
SNSRKKRSTSAGPTVPDRDNDGIPDSLEVEGYTVDVKNKRTFLSPWISNIHEKKGLTKYKSSPEKWSTASDPYSDFEKVT
GRIDKNVSPEARHPLVAAYPIVHVDMENIILSKNEDQSTQNTDSQTRTISKNTSTSRTHTSEVHGNAEVHASFFDIGGSV
SAGFSNSNSSTVAIDHSLSLAGERTWAETMGLNTADTARLNANIRYVNTGTAPIYNVLPTTSLVLGKNQTLATIKAKENQ
LSQILAPNNYYPSKNLAPIALNAQDDFSSTPITMNYNQFLELEKTKQLRLDTDQVYGNIATYNFENGRVRVDTGSNWSEV
LPQIQETTARIIFNGKDLNLVERRIAAVNPSDPLETTKPDMTLKEALKIAFGFNEPNGNLQYQGKDITEFDFNFDQQTSQ
NIKNQLAELNATNIYTVLDKIKLNAKMNILIRDKRFHYDRNNIAVGADESVVKEAHREVINSSTEGLLLNIDKDIRKILS
GYIVEIEDTEGLKEVINDRYDMLNISSLRQDGKTFIDFKKYNDKLPLYISNPNYKVNVYAVTKENTIINPSENGDTSTNG
IKKILIFSKKGYEIG
;
A,B,C,D,E,F,G
2 'polypeptide(L)'
;MNEHYTESDIKRNHKTEKNKTEKEKFKDSINNLVKTEFTNETLDKIQQTQDLLKKIPKDVLEIYSELGGEIYFTDIDLVE
HKELQDLSEEEKNSMNSRGEKVPFASRFVFEKKRETPKLIINIKDYAINSEQSKEVYYEIGKGISLDIISKDKSLDPEFL
NLIKSLSDDSDSSDLLFSQKFKEKLELNNKSIDINFIKENLTEFQHAFSLAFSYYFAPDHRTVLELYAPDMFEYMNKLEK
GGFEKISESLKKEGVEKDRIDVLKGEKALKASGLVPEHADAFKKIARELNTYILFRPVNKLATNLIKSGVATKGLNVHGK
SSDWGPVAGYIPFDQDLSKKHGQQLAVEKGNLENKKSITEHEGEIGKIPLKLDHLRIEELKENGIILKGKKEIDNGKKYY
LLESNNQVYEFRISDENNEVQYKTKEGKITVLGEKFNWRNIEVMAKNVEGVLKPLTADYDLFALAPSLTEIKKQIPQKEW
DKVVNTPNSLEKQKGVTNLLIKYGIERKPDSTKGTLSNWQKQMLDRLNEAVKYTGYTGGDVVNHGTEQDNEEFPEKDNEI
FIINPEGEFILTKNWEMTGRFIEKNITGKDYLYYFNRSYNKIAPGNKAYIEWTDPITKAKINTIPTSAEFIKNLSSIRRS
SNVGVYKDSGDKDEFAKKESVKKIAGYLSDYYNSANHIFSQEKKRKISIFRGIQAYNEIENVLKSKQIAPEYKNYFQYLK
ERITNQVQLLLTHQKSNIEFKLLYKQLNFTENETDNFEVFQKIIDEK
;
H,I
#
loop_
_chem_comp.id
_chem_comp.type
_chem_comp.name
_chem_comp.formula
CA non-polymer 'CALCIUM ION' 'Ca 2'
#
# COMPACT_ATOMS: atom_id res chain seq x y z
N THR A 174 27.85 -15.05 -25.93
CA THR A 174 26.79 -14.05 -25.90
C THR A 174 26.55 -13.45 -27.27
N VAL A 175 25.34 -12.97 -27.49
CA VAL A 175 24.94 -12.32 -28.73
C VAL A 175 24.21 -11.04 -28.38
N PRO A 176 24.44 -9.95 -29.08
CA PRO A 176 23.83 -8.67 -28.70
C PRO A 176 22.34 -8.63 -28.99
N ASP A 177 21.62 -7.95 -28.11
CA ASP A 177 20.16 -7.89 -28.20
C ASP A 177 19.74 -6.58 -27.52
N ARG A 178 19.60 -5.52 -28.30
CA ARG A 178 19.45 -4.20 -27.71
C ARG A 178 18.07 -4.02 -27.11
N ASP A 179 17.04 -4.30 -27.90
CA ASP A 179 15.65 -4.03 -27.55
C ASP A 179 15.13 -4.98 -26.50
N ASN A 180 15.84 -6.08 -26.25
CA ASN A 180 15.50 -7.09 -25.25
C ASN A 180 14.18 -7.79 -25.57
N ASP A 181 14.08 -8.31 -26.79
CA ASP A 181 12.90 -9.06 -27.20
C ASP A 181 13.25 -10.47 -27.64
N GLY A 182 14.35 -11.02 -27.15
CA GLY A 182 14.62 -12.41 -27.38
C GLY A 182 15.01 -12.81 -28.78
N ILE A 183 15.45 -11.86 -29.58
CA ILE A 183 15.90 -12.18 -30.94
C ILE A 183 17.04 -11.25 -31.30
N PRO A 184 18.17 -11.76 -31.79
CA PRO A 184 19.37 -10.93 -31.90
C PRO A 184 19.25 -9.91 -33.02
N ASP A 185 20.25 -9.04 -33.08
CA ASP A 185 20.16 -7.85 -33.91
C ASP A 185 20.34 -8.16 -35.39
N SER A 186 21.31 -9.02 -35.70
CA SER A 186 21.56 -9.36 -37.09
C SER A 186 20.41 -10.11 -37.71
N LEU A 187 19.68 -10.88 -36.92
CA LEU A 187 18.52 -11.57 -37.45
C LEU A 187 17.39 -10.59 -37.75
N GLU A 188 17.16 -9.63 -36.85
CA GLU A 188 16.10 -8.66 -37.05
C GLU A 188 16.40 -7.74 -38.23
N VAL A 189 17.67 -7.43 -38.47
CA VAL A 189 17.99 -6.54 -39.58
C VAL A 189 18.04 -7.30 -40.90
N GLU A 190 18.59 -8.51 -40.90
CA GLU A 190 18.90 -9.21 -42.13
C GLU A 190 17.96 -10.36 -42.45
N GLY A 191 16.94 -10.60 -41.65
CA GLY A 191 15.88 -11.51 -42.04
C GLY A 191 15.89 -12.80 -41.25
N TYR A 192 14.71 -13.23 -40.83
CA TYR A 192 14.58 -14.43 -40.00
C TYR A 192 13.25 -15.09 -40.26
N THR A 193 13.06 -16.25 -39.65
CA THR A 193 11.82 -17.00 -39.76
C THR A 193 11.73 -17.95 -38.58
N VAL A 194 10.57 -18.60 -38.44
CA VAL A 194 10.31 -19.51 -37.34
C VAL A 194 9.85 -20.84 -37.91
N ASP A 195 10.46 -21.93 -37.47
CA ASP A 195 10.26 -23.24 -38.05
C ASP A 195 10.15 -24.25 -36.93
N VAL A 196 9.43 -25.34 -37.17
CA VAL A 196 9.38 -26.45 -36.23
C VAL A 196 10.16 -27.62 -36.81
N LYS A 197 10.73 -28.46 -35.95
CA LYS A 197 11.52 -29.58 -36.45
C LYS A 197 10.93 -30.94 -36.09
N ASN A 198 10.75 -31.25 -34.82
CA ASN A 198 10.00 -32.44 -34.43
C ASN A 198 8.68 -32.02 -33.79
N LYS A 199 8.74 -31.34 -32.65
CA LYS A 199 7.59 -30.64 -32.13
C LYS A 199 8.02 -29.33 -31.48
N ARG A 200 9.25 -28.90 -31.68
CA ARG A 200 9.79 -27.72 -31.02
C ARG A 200 10.03 -26.62 -32.03
N THR A 201 9.64 -25.40 -31.69
CA THR A 201 9.81 -24.27 -32.58
C THR A 201 11.22 -23.71 -32.47
N PHE A 202 11.80 -23.32 -33.60
CA PHE A 202 13.18 -22.89 -33.68
C PHE A 202 13.26 -21.64 -34.53
N LEU A 203 13.59 -20.51 -33.92
CA LEU A 203 13.74 -19.25 -34.65
C LEU A 203 15.09 -19.23 -35.33
N SER A 204 15.13 -18.98 -36.63
CA SER A 204 16.36 -19.17 -37.39
C SER A 204 16.56 -18.05 -38.39
N PRO A 205 17.81 -17.75 -38.74
CA PRO A 205 18.05 -16.79 -39.82
C PRO A 205 17.67 -17.39 -41.17
N TRP A 206 17.25 -16.51 -42.07
CA TRP A 206 16.59 -16.93 -43.30
C TRP A 206 17.59 -17.55 -44.26
N ILE A 207 17.36 -18.81 -44.61
CA ILE A 207 18.11 -19.52 -45.63
C ILE A 207 17.15 -19.85 -46.75
N SER A 208 17.44 -19.36 -47.94
CA SER A 208 16.48 -19.49 -49.03
C SER A 208 16.40 -20.91 -49.56
N ASN A 209 17.43 -21.72 -49.36
CA ASN A 209 17.40 -23.08 -49.90
C ASN A 209 16.49 -24.00 -49.09
N ILE A 210 16.20 -23.65 -47.84
CA ILE A 210 15.39 -24.49 -46.99
C ILE A 210 14.03 -23.87 -46.71
N HIS A 211 13.96 -22.57 -46.48
CA HIS A 211 12.73 -21.92 -46.06
C HIS A 211 11.85 -21.49 -47.20
N GLU A 212 12.24 -21.79 -48.44
CA GLU A 212 11.32 -21.53 -49.54
C GLU A 212 10.52 -22.77 -49.90
N LYS A 213 11.14 -23.94 -49.81
CA LYS A 213 10.43 -25.19 -50.08
C LYS A 213 9.38 -25.46 -49.01
N LYS A 214 9.62 -25.05 -47.77
CA LYS A 214 8.60 -25.18 -46.76
C LYS A 214 7.51 -24.14 -46.90
N GLY A 215 7.75 -23.09 -47.68
CA GLY A 215 6.75 -22.06 -47.85
C GLY A 215 6.61 -21.19 -46.63
N LEU A 216 7.70 -20.63 -46.14
CA LEU A 216 7.68 -19.81 -44.94
C LEU A 216 7.69 -18.34 -45.31
N THR A 217 7.73 -17.49 -44.30
CA THR A 217 7.72 -16.04 -44.47
C THR A 217 9.04 -15.48 -43.98
N LYS A 218 9.51 -14.42 -44.60
CA LYS A 218 10.78 -13.81 -44.25
C LYS A 218 10.50 -12.48 -43.57
N TYR A 219 10.71 -12.42 -42.27
CA TYR A 219 10.38 -11.25 -41.49
C TYR A 219 11.59 -10.34 -41.36
N LYS A 220 11.33 -9.06 -41.17
CA LYS A 220 12.35 -8.08 -40.82
C LYS A 220 11.75 -7.11 -39.84
N SER A 221 12.46 -6.81 -38.77
CA SER A 221 11.94 -5.94 -37.75
C SER A 221 13.03 -4.94 -37.36
N SER A 222 12.76 -4.15 -36.36
CA SER A 222 13.72 -3.13 -35.99
C SER A 222 14.47 -3.56 -34.74
N PRO A 223 15.80 -3.54 -34.74
CA PRO A 223 16.55 -4.12 -33.64
C PRO A 223 16.60 -3.28 -32.39
N GLU A 224 15.98 -2.09 -32.37
CA GLU A 224 16.02 -1.25 -31.19
C GLU A 224 14.62 -0.91 -30.68
N LYS A 225 13.60 -1.64 -31.10
CA LYS A 225 12.26 -1.50 -30.55
C LYS A 225 11.79 -2.87 -30.08
N TRP A 226 11.13 -2.89 -28.93
CA TRP A 226 10.61 -4.13 -28.41
C TRP A 226 9.46 -4.64 -29.23
N SER A 227 8.70 -3.73 -29.84
CA SER A 227 7.66 -4.09 -30.80
C SER A 227 7.65 -3.03 -31.87
N THR A 228 7.88 -3.45 -33.12
CA THR A 228 8.20 -2.53 -34.19
C THR A 228 7.00 -1.65 -34.56
N ALA A 229 5.80 -2.15 -34.37
CA ALA A 229 4.61 -1.38 -34.65
C ALA A 229 4.09 -0.60 -33.45
N SER A 230 4.85 -0.56 -32.36
CA SER A 230 4.56 0.16 -31.12
C SER A 230 3.27 -0.29 -30.45
N ASP A 231 2.84 -1.51 -30.68
CA ASP A 231 1.70 -2.12 -30.00
C ASP A 231 2.21 -3.05 -28.92
N PRO A 232 1.38 -3.47 -27.95
CA PRO A 232 1.96 -4.20 -26.82
C PRO A 232 2.16 -5.69 -27.00
N TYR A 233 2.65 -6.11 -28.16
CA TYR A 233 3.03 -7.49 -28.40
C TYR A 233 4.36 -7.44 -29.13
N SER A 234 5.37 -8.11 -28.57
CA SER A 234 6.73 -7.97 -29.05
C SER A 234 6.90 -8.62 -30.42
N ASP A 235 8.08 -8.43 -31.01
CA ASP A 235 8.34 -9.05 -32.29
C ASP A 235 8.55 -10.55 -32.14
N PHE A 236 8.98 -10.99 -30.97
CA PHE A 236 9.14 -12.41 -30.70
C PHE A 236 7.79 -13.10 -30.63
N GLU A 237 6.84 -12.48 -29.98
CA GLU A 237 5.56 -13.13 -29.72
C GLU A 237 4.73 -13.21 -31.00
N LYS A 238 4.75 -12.17 -31.81
CA LYS A 238 3.95 -12.16 -33.02
C LYS A 238 4.40 -13.23 -34.00
N VAL A 239 5.70 -13.49 -34.08
CA VAL A 239 6.15 -14.51 -35.00
C VAL A 239 6.08 -15.89 -34.37
N THR A 240 6.16 -15.99 -33.05
CA THR A 240 6.20 -17.30 -32.44
C THR A 240 4.81 -17.86 -32.21
N GLY A 241 3.84 -17.00 -32.01
CA GLY A 241 2.50 -17.45 -31.73
C GLY A 241 2.18 -17.49 -30.26
N ARG A 242 3.17 -17.30 -29.40
CA ARG A 242 2.91 -17.15 -27.98
C ARG A 242 2.38 -15.73 -27.76
N ILE A 243 1.09 -15.57 -28.01
CA ILE A 243 0.42 -14.28 -28.00
C ILE A 243 -1.04 -14.54 -27.62
N ASP A 244 -1.78 -13.48 -27.30
CA ASP A 244 -3.23 -13.51 -27.21
C ASP A 244 -3.82 -14.10 -28.48
N LYS A 245 -4.64 -15.14 -28.34
CA LYS A 245 -5.10 -15.86 -29.51
C LYS A 245 -6.29 -15.22 -30.20
N ASN A 246 -6.62 -13.96 -29.89
CA ASN A 246 -7.66 -13.25 -30.59
C ASN A 246 -7.11 -12.27 -31.61
N VAL A 247 -5.82 -12.01 -31.58
CA VAL A 247 -5.15 -11.10 -32.49
C VAL A 247 -5.22 -11.71 -33.89
N SER A 248 -5.94 -11.06 -34.80
CA SER A 248 -6.29 -11.66 -36.07
C SER A 248 -5.04 -11.78 -36.94
N PRO A 249 -4.97 -12.82 -37.79
CA PRO A 249 -3.67 -13.25 -38.34
C PRO A 249 -2.96 -12.26 -39.25
N GLU A 250 -3.61 -11.17 -39.67
CA GLU A 250 -2.90 -10.14 -40.40
C GLU A 250 -1.91 -9.39 -39.52
N ALA A 251 -2.12 -9.40 -38.21
CA ALA A 251 -1.31 -8.66 -37.28
C ALA A 251 -0.20 -9.48 -36.66
N ARG A 252 -0.10 -10.77 -36.97
CA ARG A 252 1.02 -11.53 -36.44
C ARG A 252 2.32 -11.29 -37.18
N HIS A 253 2.30 -10.56 -38.26
CA HIS A 253 3.53 -10.03 -38.82
C HIS A 253 4.01 -8.90 -37.92
N PRO A 254 5.32 -8.73 -37.72
CA PRO A 254 5.80 -7.71 -36.80
C PRO A 254 5.56 -6.29 -37.26
N LEU A 255 5.39 -6.05 -38.54
CA LEU A 255 5.25 -4.69 -39.06
C LEU A 255 3.82 -4.23 -39.17
N VAL A 256 2.85 -5.03 -38.74
CA VAL A 256 1.44 -4.67 -38.80
C VAL A 256 0.94 -4.48 -37.38
N ALA A 257 0.29 -3.35 -37.11
CA ALA A 257 -0.11 -3.04 -35.76
C ALA A 257 -1.43 -3.71 -35.40
N ALA A 258 -1.60 -4.01 -34.13
CA ALA A 258 -2.76 -4.70 -33.61
C ALA A 258 -3.44 -3.81 -32.58
N TYR A 259 -4.64 -3.34 -32.89
CA TYR A 259 -5.30 -2.36 -32.07
C TYR A 259 -6.80 -2.50 -32.24
N PRO A 260 -7.59 -2.12 -31.23
CA PRO A 260 -9.03 -2.21 -31.38
C PRO A 260 -9.66 -0.92 -31.87
N ILE A 261 -10.79 -1.01 -32.56
CA ILE A 261 -11.54 0.15 -33.02
C ILE A 261 -12.96 -0.03 -32.52
N VAL A 262 -13.25 0.50 -31.34
CA VAL A 262 -14.53 0.29 -30.68
C VAL A 262 -15.43 1.46 -31.03
N HIS A 263 -16.71 1.18 -31.28
CA HIS A 263 -17.65 2.20 -31.73
C HIS A 263 -19.05 1.80 -31.34
N VAL A 264 -19.69 2.65 -30.54
CA VAL A 264 -21.01 2.39 -29.98
C VAL A 264 -22.07 2.95 -30.92
N ASP A 265 -23.08 2.15 -31.23
CA ASP A 265 -24.22 2.67 -31.98
C ASP A 265 -25.50 2.40 -31.21
N MET A 266 -26.40 3.36 -31.27
CA MET A 266 -27.64 3.33 -30.50
C MET A 266 -28.74 2.77 -31.37
N GLU A 267 -29.57 1.92 -30.80
CA GLU A 267 -30.63 1.27 -31.55
C GLU A 267 -32.02 1.71 -31.14
N ASN A 268 -32.17 2.34 -29.98
CA ASN A 268 -33.48 2.69 -29.46
C ASN A 268 -33.34 3.77 -28.42
N ILE A 269 -34.25 4.73 -28.45
CA ILE A 269 -34.48 5.63 -27.34
C ILE A 269 -35.85 5.32 -26.75
N ILE A 270 -35.88 5.04 -25.47
CA ILE A 270 -37.11 4.81 -24.75
C ILE A 270 -37.20 5.92 -23.73
N LEU A 271 -38.11 6.86 -23.94
CA LEU A 271 -38.23 7.98 -23.03
C LEU A 271 -39.56 7.89 -22.31
N SER A 272 -39.53 8.22 -21.02
CA SER A 272 -40.63 8.03 -20.09
C SER A 272 -41.03 9.39 -19.57
N LYS A 273 -42.21 9.86 -19.93
CA LYS A 273 -42.64 11.17 -19.49
C LYS A 273 -43.06 11.13 -18.02
N ASN A 274 -42.48 12.01 -17.22
CA ASN A 274 -42.76 12.05 -15.80
C ASN A 274 -43.98 12.92 -15.55
N GLU A 275 -45.00 12.33 -14.93
CA GLU A 275 -46.31 12.94 -14.74
C GLU A 275 -47.02 12.07 -13.73
N ASP A 276 -48.10 12.58 -13.15
CA ASP A 276 -48.79 11.84 -12.08
C ASP A 276 -50.28 12.13 -12.04
N GLN A 277 -51.08 11.19 -12.52
CA GLN A 277 -52.53 11.32 -12.44
C GLN A 277 -53.03 10.99 -11.04
N SER A 278 -54.21 11.50 -10.72
CA SER A 278 -54.87 11.23 -9.44
C SER A 278 -56.35 11.55 -9.49
N THR A 279 -57.21 10.54 -9.35
CA THR A 279 -58.66 10.68 -9.41
C THR A 279 -59.22 10.71 -8.00
N GLN A 280 -60.45 11.22 -7.86
CA GLN A 280 -61.03 11.34 -6.52
C GLN A 280 -62.56 11.40 -6.61
N ASN A 281 -63.24 10.47 -5.97
CA ASN A 281 -64.69 10.42 -5.92
C ASN A 281 -65.19 10.76 -4.51
N THR A 282 -66.39 11.32 -4.42
CA THR A 282 -66.89 11.83 -3.15
C THR A 282 -68.41 11.70 -3.08
N ASP A 283 -68.93 11.26 -1.93
CA ASP A 283 -70.35 11.36 -1.59
C ASP A 283 -70.51 12.28 -0.39
N SER A 284 -71.75 12.75 -0.19
CA SER A 284 -72.06 13.65 0.92
C SER A 284 -73.56 13.67 1.15
N GLN A 285 -73.98 13.51 2.40
CA GLN A 285 -75.40 13.39 2.75
C GLN A 285 -75.77 14.42 3.80
N THR A 286 -76.50 15.45 3.41
CA THR A 286 -76.92 16.51 4.31
C THR A 286 -78.33 16.24 4.84
N ARG A 287 -78.58 16.64 6.10
CA ARG A 287 -79.92 16.50 6.71
C ARG A 287 -80.22 17.73 7.57
N THR A 288 -80.85 18.73 6.98
CA THR A 288 -81.14 19.98 7.66
C THR A 288 -82.58 19.98 8.19
N ILE A 289 -82.75 20.24 9.49
CA ILE A 289 -84.07 20.32 10.11
C ILE A 289 -84.28 21.67 10.78
N SER A 290 -84.77 22.64 10.03
CA SER A 290 -84.94 24.00 10.55
C SER A 290 -86.37 24.20 11.07
N LYS A 291 -86.58 25.38 11.66
CA LYS A 291 -87.86 25.72 12.27
C LYS A 291 -88.01 27.23 12.42
N ASN A 292 -88.90 27.84 11.64
CA ASN A 292 -89.08 29.29 11.64
C ASN A 292 -90.32 29.64 12.46
N THR A 293 -90.13 30.49 13.47
CA THR A 293 -91.21 30.98 14.31
C THR A 293 -91.38 32.47 14.07
N SER A 294 -92.61 32.88 13.75
CA SER A 294 -92.89 34.25 13.33
C SER A 294 -93.86 34.93 14.28
N THR A 295 -93.85 36.26 14.26
CA THR A 295 -94.90 37.09 14.85
C THR A 295 -94.93 38.42 14.13
N SER A 296 -96.11 39.05 14.11
CA SER A 296 -96.31 40.25 13.31
C SER A 296 -97.50 41.04 13.85
N ARG A 297 -97.47 42.36 13.63
CA ARG A 297 -98.53 43.26 14.07
C ARG A 297 -98.64 44.42 13.09
N THR A 298 -99.77 44.52 12.39
CA THR A 298 -99.93 45.48 11.30
C THR A 298 -100.86 46.61 11.75
N HIS A 299 -100.28 47.79 12.00
CA HIS A 299 -101.05 49.00 12.21
C HIS A 299 -101.56 49.51 10.87
N THR A 300 -102.86 49.43 10.62
CA THR A 300 -103.37 49.66 9.27
C THR A 300 -104.59 50.56 9.30
N SER A 301 -104.42 51.82 8.92
CA SER A 301 -105.50 52.81 8.93
C SER A 301 -106.02 53.03 7.51
N GLU A 302 -107.33 52.86 7.34
CA GLU A 302 -107.98 52.96 6.04
C GLU A 302 -109.06 54.04 6.08
N VAL A 303 -109.10 54.88 5.05
CA VAL A 303 -110.08 55.95 4.90
C VAL A 303 -110.72 55.79 3.53
N HIS A 304 -112.07 55.76 3.49
CA HIS A 304 -112.81 55.51 2.25
C HIS A 304 -113.88 56.57 2.04
N GLY A 305 -114.19 56.85 0.77
CA GLY A 305 -115.24 57.79 0.42
C GLY A 305 -115.41 58.00 -1.07
N ASN A 306 -116.62 58.37 -1.49
CA ASN A 306 -116.95 58.66 -2.89
C ASN A 306 -118.07 59.69 -2.94
N ALA A 307 -118.69 59.83 -4.13
CA ALA A 307 -119.70 60.84 -4.38
C ALA A 307 -121.04 60.17 -4.70
N GLU A 308 -122.10 60.98 -4.77
CA GLU A 308 -123.45 60.51 -5.07
C GLU A 308 -124.32 61.68 -5.52
N VAL A 309 -125.20 61.43 -6.49
CA VAL A 309 -126.21 62.39 -6.93
C VAL A 309 -127.44 61.62 -7.43
N HIS A 310 -128.62 62.00 -6.91
CA HIS A 310 -129.86 61.31 -7.23
C HIS A 310 -130.71 62.12 -8.20
N ALA A 311 -131.16 61.48 -9.27
CA ALA A 311 -132.03 62.10 -10.25
C ALA A 311 -133.43 61.53 -10.11
N SER A 312 -134.42 62.42 -10.08
CA SER A 312 -135.81 62.04 -9.94
C SER A 312 -136.65 63.06 -10.71
N PHE A 313 -137.96 63.09 -10.45
CA PHE A 313 -138.80 64.11 -11.05
C PHE A 313 -138.57 65.48 -10.41
N PHE A 314 -138.36 65.51 -9.09
CA PHE A 314 -138.09 66.78 -8.41
C PHE A 314 -136.97 66.65 -7.39
N ASP A 315 -136.58 65.44 -6.99
CA ASP A 315 -135.70 65.21 -5.85
C ASP A 315 -134.26 65.13 -6.33
N ILE A 316 -133.34 65.68 -5.53
CA ILE A 316 -131.91 65.66 -5.82
C ILE A 316 -131.17 65.64 -4.49
N GLY A 317 -129.96 65.08 -4.49
CA GLY A 317 -129.15 65.06 -3.29
C GLY A 317 -127.69 64.72 -3.52
N GLY A 318 -126.79 65.56 -3.00
CA GLY A 318 -125.37 65.33 -3.15
C GLY A 318 -124.71 65.05 -1.81
N SER A 319 -123.66 64.23 -1.86
CA SER A 319 -122.99 63.80 -0.64
C SER A 319 -121.59 63.30 -0.98
N VAL A 320 -120.66 63.59 -0.06
CA VAL A 320 -119.26 63.16 -0.15
C VAL A 320 -118.85 62.65 1.23
N SER A 321 -118.28 61.45 1.27
CA SER A 321 -117.86 60.83 2.52
C SER A 321 -116.35 60.72 2.61
N ALA A 322 -115.86 60.53 3.84
CA ALA A 322 -114.46 60.22 4.12
C ALA A 322 -114.41 59.54 5.48
N GLY A 323 -114.32 58.22 5.50
CA GLY A 323 -114.48 57.47 6.73
C GLY A 323 -113.30 56.65 7.20
N PHE A 324 -112.75 57.00 8.36
CA PHE A 324 -111.53 56.40 8.88
C PHE A 324 -111.79 55.04 9.52
N SER A 325 -110.83 54.14 9.36
CA SER A 325 -110.91 52.81 9.96
C SER A 325 -109.50 52.29 10.16
N ASN A 326 -109.12 52.04 11.41
CA ASN A 326 -107.80 51.54 11.74
C ASN A 326 -107.86 50.05 12.10
N SER A 327 -106.94 49.29 11.51
CA SER A 327 -106.83 47.87 11.77
C SER A 327 -105.52 47.61 12.50
N ASN A 328 -105.62 46.91 13.62
CA ASN A 328 -104.44 46.42 14.35
C ASN A 328 -104.54 44.91 14.33
N SER A 329 -103.94 44.30 13.32
CA SER A 329 -103.97 42.86 13.14
C SER A 329 -102.76 42.22 13.81
N SER A 330 -102.82 40.90 13.98
CA SER A 330 -101.75 40.15 14.64
C SER A 330 -101.84 38.70 14.22
N THR A 331 -100.70 38.10 13.88
CA THR A 331 -100.64 36.74 13.38
C THR A 331 -99.44 36.01 13.97
N VAL A 332 -99.67 34.85 14.57
CA VAL A 332 -98.62 33.96 15.05
C VAL A 332 -98.59 32.75 14.14
N ALA A 333 -97.45 32.54 13.47
CA ALA A 333 -97.32 31.49 12.47
C ALA A 333 -96.01 30.75 12.65
N ILE A 334 -96.08 29.42 12.64
CA ILE A 334 -94.92 28.57 12.86
C ILE A 334 -94.64 27.78 11.59
N ASP A 335 -93.36 27.60 11.29
CA ASP A 335 -92.93 26.85 10.12
C ASP A 335 -92.07 25.67 10.57
N HIS A 336 -92.03 24.64 9.74
CA HIS A 336 -91.21 23.45 9.97
C HIS A 336 -90.78 22.89 8.63
N SER A 337 -89.52 22.48 8.53
CA SER A 337 -88.99 22.07 7.24
C SER A 337 -87.97 20.96 7.43
N LEU A 338 -87.53 20.39 6.31
CA LEU A 338 -86.64 19.24 6.27
C LEU A 338 -86.08 19.13 4.86
N SER A 339 -84.79 18.84 4.76
CA SER A 339 -84.15 18.61 3.47
C SER A 339 -83.22 17.42 3.57
N LEU A 340 -83.00 16.76 2.43
CA LEU A 340 -82.04 15.66 2.32
C LEU A 340 -81.29 15.85 1.01
N ALA A 341 -80.00 16.09 1.09
CA ALA A 341 -79.19 16.30 -0.11
C ALA A 341 -78.23 15.14 -0.31
N GLY A 342 -77.87 14.92 -1.57
CA GLY A 342 -76.88 13.93 -1.91
C GLY A 342 -75.95 14.50 -2.96
N GLU A 343 -74.67 14.22 -2.79
CA GLU A 343 -73.62 14.85 -3.59
C GLU A 343 -72.81 13.77 -4.29
N ARG A 344 -72.35 14.07 -5.49
CA ARG A 344 -71.32 13.29 -6.15
C ARG A 344 -70.27 14.24 -6.70
N THR A 345 -69.05 13.75 -6.85
CA THR A 345 -67.93 14.55 -7.30
C THR A 345 -67.03 13.64 -8.13
N TRP A 346 -66.21 14.25 -8.98
CA TRP A 346 -65.20 13.51 -9.73
C TRP A 346 -64.07 14.46 -10.05
N ALA A 347 -62.89 14.21 -9.51
CA ALA A 347 -61.73 15.06 -9.71
C ALA A 347 -60.70 14.34 -10.57
N GLU A 348 -59.77 15.11 -11.12
CA GLU A 348 -58.82 14.58 -12.10
C GLU A 348 -57.65 15.55 -12.20
N THR A 349 -56.47 15.11 -11.80
CA THR A 349 -55.33 15.99 -11.56
C THR A 349 -54.12 15.49 -12.32
N MET A 350 -53.30 16.41 -12.84
CA MET A 350 -52.11 16.04 -13.61
C MET A 350 -51.01 17.02 -13.27
N GLY A 351 -50.06 16.60 -12.44
CA GLY A 351 -48.92 17.42 -12.10
C GLY A 351 -47.79 17.26 -13.10
N LEU A 352 -46.74 18.04 -12.87
CA LEU A 352 -45.61 18.14 -13.78
C LEU A 352 -44.49 18.83 -13.03
N ASN A 353 -43.33 18.88 -13.66
CA ASN A 353 -42.17 19.56 -13.10
C ASN A 353 -41.28 19.95 -14.28
N THR A 354 -41.18 21.24 -14.57
CA THR A 354 -40.61 21.69 -15.82
C THR A 354 -39.09 21.67 -15.85
N ALA A 355 -38.41 20.96 -14.97
CA ALA A 355 -37.01 20.65 -15.16
C ALA A 355 -36.74 19.16 -15.18
N ASP A 356 -37.77 18.35 -14.99
CA ASP A 356 -37.63 16.91 -14.88
C ASP A 356 -38.79 16.23 -15.57
N THR A 357 -39.10 16.64 -16.79
CA THR A 357 -40.35 16.18 -17.38
C THR A 357 -40.24 14.79 -17.95
N ALA A 358 -39.08 14.39 -18.45
CA ALA A 358 -38.95 13.09 -19.05
C ALA A 358 -37.65 12.46 -18.63
N ARG A 359 -37.59 11.14 -18.69
CA ARG A 359 -36.38 10.41 -18.44
C ARG A 359 -35.98 9.69 -19.71
N LEU A 360 -34.79 9.11 -19.73
CA LEU A 360 -34.27 8.54 -20.95
C LEU A 360 -33.70 7.17 -20.68
N ASN A 361 -33.64 6.37 -21.74
CA ASN A 361 -33.07 5.03 -21.67
C ASN A 361 -32.64 4.65 -23.08
N ALA A 362 -31.35 4.64 -23.34
CA ALA A 362 -30.83 4.34 -24.66
C ALA A 362 -30.45 2.87 -24.74
N ASN A 363 -30.70 2.25 -25.88
CA ASN A 363 -30.35 0.85 -26.10
C ASN A 363 -29.18 0.81 -27.05
N ILE A 364 -28.00 0.46 -26.53
CA ILE A 364 -26.75 0.61 -27.27
C ILE A 364 -26.12 -0.76 -27.49
N ARG A 365 -25.07 -0.78 -28.29
CA ARG A 365 -24.38 -2.01 -28.64
C ARG A 365 -22.98 -1.65 -29.12
N TYR A 366 -22.00 -2.45 -28.79
CA TYR A 366 -20.61 -2.13 -29.07
C TYR A 366 -20.11 -3.00 -30.21
N VAL A 367 -19.20 -2.45 -31.02
CA VAL A 367 -18.61 -3.20 -32.13
C VAL A 367 -17.10 -3.04 -32.04
N ASN A 368 -16.35 -4.12 -32.24
CA ASN A 368 -14.90 -4.03 -32.38
C ASN A 368 -14.54 -4.47 -33.77
N THR A 369 -14.22 -3.52 -34.63
CA THR A 369 -13.81 -3.81 -36.00
C THR A 369 -12.31 -3.76 -36.17
N GLY A 370 -11.57 -3.71 -35.09
CA GLY A 370 -10.13 -3.52 -35.16
C GLY A 370 -9.40 -4.81 -35.39
N THR A 371 -8.28 -5.00 -34.69
CA THR A 371 -7.41 -6.13 -34.96
C THR A 371 -7.04 -6.90 -33.70
N ALA A 372 -7.27 -6.35 -32.51
CA ALA A 372 -6.89 -7.00 -31.28
C ALA A 372 -7.95 -6.71 -30.26
N PRO A 373 -8.23 -7.63 -29.34
CA PRO A 373 -9.35 -7.44 -28.43
C PRO A 373 -9.06 -6.45 -27.34
N ILE A 374 -10.11 -5.99 -26.71
CA ILE A 374 -10.02 -5.00 -25.65
C ILE A 374 -10.88 -5.49 -24.49
N TYR A 375 -10.31 -5.52 -23.30
CA TYR A 375 -10.94 -6.12 -22.15
C TYR A 375 -11.41 -5.02 -21.22
N ASN A 376 -12.55 -5.27 -20.56
CA ASN A 376 -13.22 -4.34 -19.65
C ASN A 376 -13.53 -3.01 -20.33
N VAL A 377 -14.35 -3.07 -21.36
CA VAL A 377 -14.62 -1.90 -22.19
C VAL A 377 -15.56 -0.96 -21.45
N LEU A 378 -15.32 0.34 -21.54
CA LEU A 378 -16.16 1.34 -20.87
C LEU A 378 -16.18 2.61 -21.70
N PRO A 379 -17.09 2.71 -22.65
CA PRO A 379 -17.13 3.89 -23.50
C PRO A 379 -17.75 5.09 -22.82
N THR A 380 -17.33 6.26 -23.26
CA THR A 380 -17.96 7.51 -22.87
C THR A 380 -18.78 8.02 -24.05
N THR A 381 -20.08 8.13 -23.85
CA THR A 381 -21.01 8.48 -24.89
C THR A 381 -21.84 9.65 -24.44
N SER A 382 -22.09 10.59 -25.34
CA SER A 382 -22.86 11.77 -25.01
C SER A 382 -24.08 11.86 -25.90
N LEU A 383 -25.22 12.25 -25.32
CA LEU A 383 -26.51 12.22 -25.99
C LEU A 383 -26.82 13.60 -26.54
N VAL A 384 -26.84 13.72 -27.85
CA VAL A 384 -26.94 15.01 -28.54
C VAL A 384 -28.36 15.23 -29.01
N LEU A 385 -28.97 16.32 -28.61
CA LEU A 385 -30.30 16.68 -29.06
C LEU A 385 -30.17 17.81 -30.04
N GLY A 386 -30.85 17.71 -31.17
CA GLY A 386 -30.76 18.78 -32.14
C GLY A 386 -29.43 18.72 -32.86
N LYS A 387 -28.82 19.87 -33.10
CA LYS A 387 -27.58 19.89 -33.86
C LYS A 387 -26.40 19.56 -32.97
N ASN A 388 -26.11 20.43 -32.01
CA ASN A 388 -25.04 20.15 -31.06
C ASN A 388 -25.42 20.67 -29.69
N GLN A 389 -26.63 20.39 -29.26
CA GLN A 389 -27.04 20.60 -27.88
C GLN A 389 -26.98 19.25 -27.18
N THR A 390 -26.24 19.20 -26.07
CA THR A 390 -25.88 17.96 -25.43
C THR A 390 -26.63 17.83 -24.11
N LEU A 391 -27.39 16.76 -23.94
CA LEU A 391 -28.11 16.57 -22.70
C LEU A 391 -27.26 15.97 -21.59
N ALA A 392 -26.32 15.09 -21.92
CA ALA A 392 -25.60 14.36 -20.87
C ALA A 392 -24.31 13.81 -21.46
N THR A 393 -23.38 13.48 -20.57
CA THR A 393 -22.18 12.76 -20.93
C THR A 393 -22.00 11.65 -19.92
N ILE A 394 -22.07 10.40 -20.37
CA ILE A 394 -22.16 9.25 -19.49
C ILE A 394 -21.00 8.34 -19.79
N LYS A 395 -20.15 8.09 -18.81
CA LYS A 395 -19.29 6.93 -18.88
C LYS A 395 -20.14 5.70 -18.63
N ALA A 396 -19.74 4.57 -19.19
CA ALA A 396 -20.46 3.33 -18.94
C ALA A 396 -20.24 2.89 -17.50
N LYS A 397 -21.32 2.57 -16.80
CA LYS A 397 -21.23 2.13 -15.41
C LYS A 397 -20.86 0.65 -15.37
N GLU A 398 -21.01 0.03 -14.21
CA GLU A 398 -20.69 -1.38 -14.07
C GLU A 398 -21.69 -2.28 -14.77
N ASN A 399 -22.92 -1.82 -14.95
CA ASN A 399 -23.91 -2.62 -15.66
C ASN A 399 -23.65 -2.67 -17.15
N GLN A 400 -22.87 -1.74 -17.70
CA GLN A 400 -22.67 -1.66 -19.13
C GLN A 400 -21.26 -2.03 -19.55
N LEU A 401 -20.56 -2.84 -18.77
CA LEU A 401 -19.18 -3.16 -19.02
C LEU A 401 -19.08 -4.46 -19.80
N SER A 402 -18.30 -4.46 -20.86
CA SER A 402 -18.07 -5.65 -21.65
C SER A 402 -16.74 -6.26 -21.28
N GLN A 403 -16.73 -7.55 -20.96
CA GLN A 403 -15.52 -8.14 -20.44
C GLN A 403 -14.52 -8.48 -21.54
N ILE A 404 -14.95 -8.97 -22.69
CA ILE A 404 -14.08 -9.14 -23.84
C ILE A 404 -14.80 -8.51 -25.01
N LEU A 405 -14.05 -7.95 -25.94
CA LEU A 405 -14.62 -7.55 -27.22
C LEU A 405 -13.62 -7.93 -28.30
N ALA A 406 -13.70 -9.16 -28.77
CA ALA A 406 -12.78 -9.68 -29.75
C ALA A 406 -13.08 -9.03 -31.10
N PRO A 407 -12.11 -8.99 -32.02
CA PRO A 407 -12.35 -8.30 -33.29
C PRO A 407 -13.43 -8.95 -34.13
N ASN A 408 -14.22 -8.10 -34.79
CA ASN A 408 -15.43 -8.46 -35.52
C ASN A 408 -16.45 -9.18 -34.64
N ASN A 409 -16.61 -8.70 -33.42
CA ASN A 409 -17.64 -9.21 -32.53
C ASN A 409 -18.39 -8.06 -31.91
N TYR A 410 -19.58 -8.35 -31.41
CA TYR A 410 -20.49 -7.37 -30.85
C TYR A 410 -20.62 -7.56 -29.35
N TYR A 411 -21.14 -6.57 -28.67
CA TYR A 411 -21.60 -6.85 -27.33
C TYR A 411 -22.92 -6.15 -27.06
N PRO A 412 -24.00 -6.88 -26.78
CA PRO A 412 -24.09 -8.33 -26.78
C PRO A 412 -24.28 -8.81 -28.17
N SER A 413 -24.28 -10.11 -28.40
CA SER A 413 -24.22 -10.67 -29.73
C SER A 413 -25.49 -10.34 -30.51
N LYS A 414 -25.46 -10.59 -31.82
CA LYS A 414 -26.54 -10.13 -32.68
C LYS A 414 -27.83 -10.91 -32.48
N ASN A 415 -27.82 -12.00 -31.74
CA ASN A 415 -29.07 -12.66 -31.38
C ASN A 415 -29.69 -12.10 -30.11
N LEU A 416 -28.95 -11.32 -29.33
CA LEU A 416 -29.44 -10.81 -28.06
C LEU A 416 -29.78 -9.34 -28.17
N ALA A 417 -30.74 -8.93 -27.35
CA ALA A 417 -31.21 -7.57 -27.35
C ALA A 417 -30.15 -6.63 -26.78
N PRO A 418 -30.16 -5.36 -27.15
CA PRO A 418 -29.13 -4.43 -26.68
C PRO A 418 -29.22 -4.17 -25.18
N ILE A 419 -28.16 -3.60 -24.64
CA ILE A 419 -28.12 -3.27 -23.23
C ILE A 419 -28.77 -1.92 -23.03
N ALA A 420 -29.10 -1.59 -21.79
CA ALA A 420 -29.80 -0.36 -21.46
C ALA A 420 -28.91 0.55 -20.65
N LEU A 421 -28.93 1.84 -20.98
CA LEU A 421 -28.14 2.85 -20.31
C LEU A 421 -29.10 3.90 -19.75
N ASN A 422 -29.34 3.87 -18.45
CA ASN A 422 -30.33 4.76 -17.86
C ASN A 422 -29.85 5.33 -16.54
N ALA A 423 -28.60 5.77 -16.49
CA ALA A 423 -28.02 6.14 -15.21
C ALA A 423 -26.96 7.20 -15.40
N GLN A 424 -26.79 8.02 -14.39
CA GLN A 424 -25.82 9.10 -14.45
C GLN A 424 -24.94 9.07 -13.21
N ASP A 425 -25.50 8.58 -12.11
CA ASP A 425 -24.76 8.38 -10.87
C ASP A 425 -23.66 7.36 -11.08
N ASP A 426 -22.65 7.39 -10.21
CA ASP A 426 -21.62 6.36 -10.25
C ASP A 426 -22.14 5.00 -9.86
N PHE A 427 -23.24 4.93 -9.12
CA PHE A 427 -23.80 3.68 -8.64
C PHE A 427 -25.16 3.41 -9.24
N SER A 428 -25.47 4.03 -10.37
CA SER A 428 -26.66 3.74 -11.18
C SER A 428 -27.95 4.00 -10.42
N SER A 429 -27.98 5.02 -9.59
CA SER A 429 -29.16 5.33 -8.80
C SER A 429 -29.68 6.73 -9.09
N THR A 430 -29.64 7.15 -10.34
CA THR A 430 -30.07 8.48 -10.76
C THR A 430 -30.36 8.44 -12.25
N PRO A 431 -31.56 8.79 -12.69
CA PRO A 431 -31.88 8.67 -14.11
C PRO A 431 -31.34 9.83 -14.92
N ILE A 432 -31.40 9.68 -16.24
CA ILE A 432 -31.00 10.73 -17.17
C ILE A 432 -32.24 11.49 -17.58
N THR A 433 -32.29 12.78 -17.29
CA THR A 433 -33.50 13.57 -17.36
C THR A 433 -33.41 14.56 -18.52
N MET A 434 -34.49 15.31 -18.73
CA MET A 434 -34.49 16.45 -19.63
C MET A 434 -35.59 17.42 -19.20
N ASN A 435 -35.43 18.69 -19.53
CA ASN A 435 -36.43 19.68 -19.11
C ASN A 435 -37.57 19.74 -20.10
N TYR A 436 -38.38 20.78 -20.02
CA TYR A 436 -39.63 20.79 -20.76
C TYR A 436 -39.40 21.15 -22.22
N ASN A 437 -38.55 22.15 -22.48
CA ASN A 437 -38.30 22.60 -23.83
C ASN A 437 -37.63 21.52 -24.67
N GLN A 438 -36.71 20.78 -24.07
CA GLN A 438 -36.07 19.68 -24.76
C GLN A 438 -37.04 18.57 -25.07
N PHE A 439 -38.01 18.33 -24.19
CA PHE A 439 -39.01 17.29 -24.47
C PHE A 439 -39.94 17.70 -25.59
N LEU A 440 -40.34 18.98 -25.61
CA LEU A 440 -41.20 19.47 -26.69
C LEU A 440 -40.48 19.43 -28.04
N GLU A 441 -39.21 19.84 -28.07
CA GLU A 441 -38.45 19.79 -29.32
C GLU A 441 -38.22 18.37 -29.77
N LEU A 442 -37.94 17.46 -28.84
CA LEU A 442 -37.71 16.07 -29.23
C LEU A 442 -38.98 15.42 -29.75
N GLU A 443 -40.12 15.71 -29.16
CA GLU A 443 -41.35 15.15 -29.70
C GLU A 443 -41.79 15.81 -31.00
N LYS A 444 -41.39 17.06 -31.23
CA LYS A 444 -41.72 17.71 -32.48
C LYS A 444 -40.85 17.20 -33.62
N THR A 445 -39.53 17.21 -33.46
CA THR A 445 -38.62 16.98 -34.59
C THR A 445 -37.96 15.61 -34.62
N LYS A 446 -37.84 14.95 -33.46
CA LYS A 446 -37.26 13.60 -33.34
C LYS A 446 -35.84 13.52 -33.86
N GLN A 447 -34.93 14.23 -33.19
CA GLN A 447 -33.51 14.16 -33.51
C GLN A 447 -32.74 14.01 -32.22
N LEU A 448 -32.23 12.80 -31.98
CA LEU A 448 -31.38 12.54 -30.83
C LEU A 448 -30.43 11.45 -31.24
N ARG A 449 -29.12 11.75 -31.22
CA ARG A 449 -28.13 10.78 -31.65
C ARG A 449 -27.14 10.56 -30.52
N LEU A 450 -26.16 9.70 -30.78
CA LEU A 450 -25.22 9.25 -29.77
C LEU A 450 -23.81 9.38 -30.31
N ASP A 451 -23.02 10.24 -29.69
CA ASP A 451 -21.61 10.36 -30.02
C ASP A 451 -20.79 9.41 -29.17
N THR A 452 -19.56 9.19 -29.57
CA THR A 452 -18.64 8.35 -28.81
C THR A 452 -17.33 9.10 -28.68
N ASP A 453 -17.02 9.58 -27.49
CA ASP A 453 -15.83 10.41 -27.33
C ASP A 453 -14.58 9.56 -27.13
N GLN A 454 -14.63 8.61 -26.21
CA GLN A 454 -13.45 7.85 -25.87
C GLN A 454 -13.87 6.51 -25.31
N VAL A 455 -12.93 5.56 -25.25
CA VAL A 455 -13.20 4.19 -24.85
C VAL A 455 -12.07 3.72 -23.94
N TYR A 456 -12.40 3.34 -22.73
CA TYR A 456 -11.45 2.74 -21.79
C TYR A 456 -11.42 1.24 -22.02
N GLY A 457 -10.29 0.61 -21.68
CA GLY A 457 -10.20 -0.82 -21.80
C GLY A 457 -8.80 -1.35 -21.72
N ASN A 458 -8.60 -2.54 -21.18
CA ASN A 458 -7.29 -3.03 -20.80
C ASN A 458 -6.68 -3.96 -21.83
N ILE A 459 -5.39 -4.22 -21.66
CA ILE A 459 -4.62 -5.13 -22.49
C ILE A 459 -4.36 -6.39 -21.70
N ALA A 460 -4.32 -7.53 -22.39
CA ALA A 460 -4.01 -8.81 -21.76
C ALA A 460 -2.77 -9.38 -22.40
N THR A 461 -1.67 -9.38 -21.67
CA THR A 461 -0.39 -9.78 -22.21
C THR A 461 -0.01 -11.16 -21.74
N TYR A 462 0.98 -11.74 -22.40
CA TYR A 462 1.43 -13.09 -22.14
C TYR A 462 2.14 -13.16 -20.80
N ASN A 463 2.23 -14.37 -20.27
CA ASN A 463 3.00 -14.65 -19.07
C ASN A 463 3.89 -15.82 -19.40
N PHE A 464 5.20 -15.57 -19.49
CA PHE A 464 6.14 -16.61 -19.90
C PHE A 464 6.24 -17.74 -18.90
N GLU A 465 5.93 -17.47 -17.64
CA GLU A 465 6.15 -18.45 -16.57
C GLU A 465 5.25 -19.65 -16.72
N ASN A 466 3.97 -19.43 -17.00
CA ASN A 466 3.00 -20.52 -17.05
C ASN A 466 2.13 -20.45 -18.29
N GLY A 467 2.54 -19.74 -19.32
CA GLY A 467 1.78 -19.70 -20.55
C GLY A 467 0.46 -18.98 -20.52
N ARG A 468 -0.03 -18.57 -19.36
CA ARG A 468 -1.35 -17.98 -19.31
C ARG A 468 -1.30 -16.54 -19.78
N VAL A 469 -2.48 -15.98 -19.98
CA VAL A 469 -2.64 -14.61 -20.44
C VAL A 469 -3.47 -13.89 -19.40
N ARG A 470 -2.91 -12.83 -18.83
CA ARG A 470 -3.53 -12.17 -17.69
C ARG A 470 -3.72 -10.71 -17.98
N VAL A 471 -4.95 -10.22 -17.80
CA VAL A 471 -5.28 -8.81 -18.02
C VAL A 471 -4.58 -7.98 -16.96
N ASP A 472 -3.78 -7.02 -17.39
CA ASP A 472 -3.18 -6.05 -16.48
C ASP A 472 -4.15 -4.89 -16.33
N THR A 473 -4.51 -4.57 -15.10
CA THR A 473 -5.52 -3.57 -14.88
C THR A 473 -4.95 -2.19 -14.66
N GLY A 474 -3.67 -2.00 -14.92
CA GLY A 474 -3.06 -0.71 -14.75
C GLY A 474 -2.63 -0.05 -16.03
N SER A 475 -3.10 -0.52 -17.17
CA SER A 475 -2.70 -0.01 -18.46
C SER A 475 -3.85 -0.15 -19.43
N ASN A 476 -4.28 0.95 -20.01
CA ASN A 476 -5.31 0.94 -21.03
C ASN A 476 -4.70 1.21 -22.39
N TRP A 477 -5.55 1.16 -23.41
CA TRP A 477 -5.09 1.40 -24.76
C TRP A 477 -4.86 2.87 -25.06
N SER A 478 -5.22 3.78 -24.17
CA SER A 478 -4.95 5.19 -24.40
C SER A 478 -3.52 5.58 -24.09
N GLU A 479 -2.69 4.66 -23.63
CA GLU A 479 -1.25 4.85 -23.64
C GLU A 479 -0.60 4.22 -24.85
N VAL A 480 -1.33 3.41 -25.59
CA VAL A 480 -0.80 2.64 -26.70
C VAL A 480 -1.20 3.23 -28.03
N LEU A 481 -2.50 3.48 -28.21
CA LEU A 481 -3.01 3.95 -29.49
C LEU A 481 -2.47 5.29 -29.98
N PRO A 482 -2.19 6.29 -29.15
CA PRO A 482 -1.47 7.45 -29.68
C PRO A 482 -0.06 7.18 -30.13
N GLN A 483 0.56 6.11 -29.67
CA GLN A 483 1.87 5.75 -30.18
C GLN A 483 1.79 4.94 -31.45
N ILE A 484 0.68 4.23 -31.69
CA ILE A 484 0.50 3.58 -32.97
C ILE A 484 0.17 4.61 -34.02
N GLN A 485 -0.66 5.60 -33.68
CA GLN A 485 -1.11 6.62 -34.63
C GLN A 485 -0.02 7.57 -35.08
N GLU A 486 1.21 7.48 -34.58
CA GLU A 486 2.24 8.43 -34.94
C GLU A 486 3.47 7.80 -35.55
N THR A 487 3.58 6.47 -35.54
CA THR A 487 4.73 5.81 -36.15
C THR A 487 4.31 4.87 -37.28
N THR A 488 3.08 4.92 -37.72
CA THR A 488 2.57 4.00 -38.71
C THR A 488 2.02 4.77 -39.90
N ALA A 489 1.38 4.05 -40.81
CA ALA A 489 0.77 4.61 -41.99
C ALA A 489 -0.55 3.91 -42.21
N ARG A 490 -1.61 4.66 -42.46
CA ARG A 490 -2.94 4.11 -42.55
C ARG A 490 -3.29 3.79 -44.00
N ILE A 491 -3.97 2.67 -44.21
CA ILE A 491 -4.48 2.30 -45.52
C ILE A 491 -5.89 1.78 -45.33
N ILE A 492 -6.87 2.43 -45.94
CA ILE A 492 -8.25 1.99 -45.87
C ILE A 492 -8.61 1.43 -47.24
N PHE A 493 -9.46 0.41 -47.26
CA PHE A 493 -9.63 -0.41 -48.46
C PHE A 493 -10.97 -1.11 -48.38
N ASN A 494 -11.82 -0.89 -49.38
CA ASN A 494 -13.13 -1.54 -49.41
C ASN A 494 -13.31 -2.38 -50.66
N GLY A 495 -12.26 -3.10 -51.05
CA GLY A 495 -12.40 -4.02 -52.16
C GLY A 495 -13.05 -5.34 -51.81
N LYS A 496 -13.28 -5.59 -50.53
CA LYS A 496 -13.98 -6.79 -50.09
C LYS A 496 -15.41 -6.42 -49.71
N ASP A 497 -16.35 -6.71 -50.62
CA ASP A 497 -17.79 -6.45 -50.57
C ASP A 497 -18.20 -5.12 -49.97
N LEU A 498 -17.47 -4.05 -50.32
CA LEU A 498 -17.77 -2.67 -49.93
C LEU A 498 -17.81 -2.48 -48.41
N ASN A 499 -16.78 -2.95 -47.73
CA ASN A 499 -16.59 -2.72 -46.30
C ASN A 499 -15.20 -2.18 -46.08
N LEU A 500 -15.11 -1.05 -45.39
CA LEU A 500 -13.82 -0.40 -45.14
C LEU A 500 -13.02 -1.16 -44.08
N VAL A 501 -11.80 -1.51 -44.42
CA VAL A 501 -10.94 -2.34 -43.56
C VAL A 501 -9.72 -1.50 -43.24
N GLU A 502 -9.75 -0.78 -42.12
CA GLU A 502 -8.65 0.09 -41.76
C GLU A 502 -7.51 -0.73 -41.18
N ARG A 503 -6.32 -0.60 -41.77
CA ARG A 503 -5.12 -1.24 -41.26
C ARG A 503 -4.03 -0.21 -41.12
N ARG A 504 -2.97 -0.60 -40.43
CA ARG A 504 -1.86 0.30 -40.16
C ARG A 504 -0.58 -0.50 -40.23
N ILE A 505 0.36 -0.06 -41.07
CA ILE A 505 1.63 -0.74 -41.26
C ILE A 505 2.72 0.19 -40.75
N ALA A 506 3.73 -0.38 -40.08
CA ALA A 506 4.82 0.41 -39.54
C ALA A 506 5.65 1.00 -40.67
N ALA A 507 6.06 2.25 -40.52
CA ALA A 507 6.81 2.90 -41.58
C ALA A 507 7.75 3.93 -41.00
N VAL A 508 8.78 4.25 -41.77
CA VAL A 508 9.95 4.97 -41.29
C VAL A 508 9.67 6.46 -41.28
N ASN A 509 10.07 7.14 -40.22
CA ASN A 509 9.99 8.60 -40.16
C ASN A 509 11.40 9.17 -40.14
N PRO A 510 11.84 9.86 -41.20
CA PRO A 510 13.27 10.17 -41.35
C PRO A 510 13.79 11.30 -40.49
N SER A 511 13.06 11.77 -39.48
CA SER A 511 13.56 12.84 -38.63
C SER A 511 13.58 12.44 -37.16
N ASP A 512 13.62 11.14 -36.90
CA ASP A 512 13.57 10.57 -35.57
C ASP A 512 14.58 9.43 -35.51
N PRO A 513 15.56 9.48 -34.61
CA PRO A 513 16.63 8.48 -34.67
C PRO A 513 16.19 7.08 -34.32
N LEU A 514 15.16 6.90 -33.50
CA LEU A 514 14.68 5.55 -33.23
C LEU A 514 13.81 5.04 -34.37
N GLU A 515 13.04 5.91 -34.99
CA GLU A 515 12.12 5.49 -36.04
C GLU A 515 12.82 5.23 -37.36
N THR A 516 14.07 5.66 -37.53
CA THR A 516 14.82 5.36 -38.73
C THR A 516 15.49 4.00 -38.68
N THR A 517 15.13 3.17 -37.69
CA THR A 517 15.73 1.81 -37.57
C THR A 517 14.76 0.77 -38.12
N LYS A 518 13.50 1.16 -38.39
CA LYS A 518 12.49 0.22 -38.93
C LYS A 518 12.83 -0.12 -40.38
N PRO A 519 12.47 -1.31 -40.90
CA PRO A 519 12.78 -1.70 -42.28
C PRO A 519 12.00 -0.86 -43.30
N ASP A 520 12.55 -0.70 -44.51
CA ASP A 520 11.92 0.10 -45.54
C ASP A 520 10.68 -0.60 -46.05
N MET A 521 9.57 0.11 -46.07
CA MET A 521 8.27 -0.48 -46.41
C MET A 521 7.76 0.18 -47.67
N THR A 522 7.56 -0.62 -48.71
CA THR A 522 7.03 -0.15 -49.98
C THR A 522 5.53 -0.38 -50.04
N LEU A 523 4.88 0.29 -50.99
CA LEU A 523 3.43 0.20 -51.11
C LEU A 523 3.00 -1.18 -51.57
N LYS A 524 3.82 -1.84 -52.38
CA LYS A 524 3.50 -3.21 -52.79
C LYS A 524 3.59 -4.17 -51.62
N GLU A 525 4.61 -4.02 -50.79
CA GLU A 525 4.77 -4.91 -49.65
C GLU A 525 3.71 -4.67 -48.60
N ALA A 526 3.33 -3.42 -48.40
CA ALA A 526 2.29 -3.10 -47.43
C ALA A 526 0.94 -3.63 -47.89
N LEU A 527 0.63 -3.49 -49.17
CA LEU A 527 -0.60 -4.05 -49.70
C LEU A 527 -0.56 -5.57 -49.72
N LYS A 528 0.62 -6.16 -49.81
CA LYS A 528 0.70 -7.61 -49.85
C LYS A 528 0.56 -8.24 -48.48
N ILE A 529 1.16 -7.64 -47.45
CA ILE A 529 1.14 -8.25 -46.14
C ILE A 529 0.01 -7.76 -45.24
N ALA A 530 -0.61 -6.63 -45.57
CA ALA A 530 -1.66 -6.13 -44.69
C ALA A 530 -3.05 -6.60 -45.09
N PHE A 531 -3.30 -6.82 -46.37
CA PHE A 531 -4.61 -7.22 -46.85
C PHE A 531 -4.64 -8.58 -47.49
N GLY A 532 -3.66 -8.92 -48.31
CA GLY A 532 -3.62 -10.26 -48.86
C GLY A 532 -3.57 -10.29 -50.37
N PHE A 533 -3.04 -9.24 -50.97
CA PHE A 533 -2.78 -9.22 -52.39
C PHE A 533 -1.70 -10.25 -52.72
N ASN A 534 -1.65 -10.64 -53.99
CA ASN A 534 -0.62 -11.54 -54.44
C ASN A 534 -0.29 -11.23 -55.90
N GLU A 535 0.78 -11.83 -56.39
CA GLU A 535 1.25 -11.59 -57.76
C GLU A 535 1.52 -12.91 -58.47
N PRO A 536 0.48 -13.57 -58.96
CA PRO A 536 0.65 -14.87 -59.61
C PRO A 536 1.14 -14.78 -61.04
N ASN A 537 1.09 -13.61 -61.64
CA ASN A 537 1.61 -13.45 -63.00
C ASN A 537 2.44 -12.19 -63.13
N GLY A 538 3.07 -11.73 -62.07
CA GLY A 538 3.68 -10.43 -62.05
C GLY A 538 2.75 -9.31 -61.63
N ASN A 539 1.48 -9.36 -62.02
CA ASN A 539 0.54 -8.30 -61.70
C ASN A 539 0.09 -8.46 -60.25
N LEU A 540 0.23 -7.40 -59.47
CA LEU A 540 -0.40 -7.36 -58.17
C LEU A 540 -1.90 -7.35 -58.34
N GLN A 541 -2.58 -8.15 -57.55
CA GLN A 541 -4.01 -8.32 -57.73
C GLN A 541 -4.63 -8.70 -56.40
N TYR A 542 -5.95 -8.55 -56.32
CA TYR A 542 -6.71 -9.11 -55.23
C TYR A 542 -7.07 -10.55 -55.61
N GLN A 543 -8.14 -11.09 -55.02
CA GLN A 543 -8.53 -12.48 -55.24
C GLN A 543 -8.74 -12.80 -56.72
N GLY A 544 -9.32 -11.89 -57.49
CA GLY A 544 -9.27 -12.04 -58.93
C GLY A 544 -8.99 -10.76 -59.66
N LYS A 545 -9.07 -9.64 -58.94
CA LYS A 545 -9.19 -8.32 -59.54
C LYS A 545 -7.85 -7.61 -59.55
N ASP A 546 -7.52 -6.99 -60.67
CA ASP A 546 -6.22 -6.35 -60.85
C ASP A 546 -6.12 -5.07 -60.02
N ILE A 547 -4.88 -4.65 -59.76
CA ILE A 547 -4.63 -3.46 -58.97
C ILE A 547 -5.02 -2.20 -59.74
N THR A 548 -4.97 -2.26 -61.07
CA THR A 548 -5.35 -1.12 -61.89
C THR A 548 -6.84 -0.89 -61.93
N GLU A 549 -7.64 -1.80 -61.40
CA GLU A 549 -9.07 -1.62 -61.30
C GLU A 549 -9.47 -0.96 -59.98
N PHE A 550 -8.52 -0.70 -59.09
CA PHE A 550 -8.69 0.15 -57.93
C PHE A 550 -7.95 1.46 -58.16
N ASP A 551 -8.26 2.46 -57.34
CA ASP A 551 -7.59 3.75 -57.45
C ASP A 551 -7.22 4.27 -56.07
N PHE A 552 -6.13 5.01 -56.01
CA PHE A 552 -5.56 5.47 -54.75
C PHE A 552 -5.89 6.94 -54.54
N ASN A 553 -6.66 7.23 -53.50
CA ASN A 553 -6.90 8.58 -53.04
C ASN A 553 -5.99 8.84 -51.83
N PHE A 554 -5.43 10.03 -51.76
CA PHE A 554 -4.60 10.43 -50.64
C PHE A 554 -5.29 11.58 -49.89
N ASP A 555 -4.58 12.15 -48.93
CA ASP A 555 -4.88 13.49 -48.48
C ASP A 555 -3.72 14.40 -48.87
N GLN A 556 -3.72 15.63 -48.34
CA GLN A 556 -2.89 16.69 -48.88
C GLN A 556 -1.40 16.42 -48.66
N GLN A 557 -1.01 16.08 -47.44
CA GLN A 557 0.41 15.86 -47.15
C GLN A 557 0.92 14.60 -47.83
N THR A 558 0.08 13.56 -47.89
CA THR A 558 0.44 12.34 -48.58
C THR A 558 0.59 12.59 -50.08
N SER A 559 -0.31 13.40 -50.65
CA SER A 559 -0.21 13.69 -52.08
C SER A 559 1.03 14.49 -52.39
N GLN A 560 1.38 15.43 -51.49
CA GLN A 560 2.61 16.18 -51.64
C GLN A 560 3.83 15.29 -51.55
N ASN A 561 3.77 14.24 -50.76
CA ASN A 561 4.91 13.33 -50.69
C ASN A 561 4.96 12.39 -51.90
N ILE A 562 3.82 11.85 -52.32
CA ILE A 562 3.77 10.90 -53.42
C ILE A 562 4.14 11.56 -54.73
N LYS A 563 3.78 12.84 -54.89
CA LYS A 563 4.09 13.57 -56.11
C LYS A 563 5.59 13.81 -56.25
N ASN A 564 6.24 14.22 -55.17
CA ASN A 564 7.69 14.38 -55.19
C ASN A 564 8.42 13.06 -55.16
N GLN A 565 7.75 11.96 -54.84
CA GLN A 565 8.36 10.66 -55.07
C GLN A 565 8.32 10.28 -56.54
N LEU A 566 7.21 10.59 -57.22
CA LEU A 566 7.09 10.30 -58.64
C LEU A 566 8.01 11.17 -59.47
N ALA A 567 8.27 12.40 -59.02
CA ALA A 567 9.10 13.32 -59.79
C ALA A 567 10.56 12.90 -59.82
N GLU A 568 10.99 12.05 -58.88
CA GLU A 568 12.38 11.58 -58.86
C GLU A 568 12.53 10.12 -59.28
N LEU A 569 11.43 9.40 -59.49
CA LEU A 569 11.49 8.11 -60.15
C LEU A 569 11.44 8.21 -61.66
N ASN A 570 11.18 9.42 -62.17
CA ASN A 570 10.81 9.68 -63.56
C ASN A 570 9.66 8.78 -63.99
N ALA A 571 8.60 8.80 -63.17
CA ALA A 571 7.40 8.04 -63.43
C ALA A 571 6.22 8.98 -63.53
N THR A 572 5.22 8.56 -64.29
CA THR A 572 3.97 9.29 -64.41
C THR A 572 2.77 8.49 -63.93
N ASN A 573 2.89 7.19 -63.82
CA ASN A 573 1.79 6.33 -63.40
C ASN A 573 2.15 5.71 -62.07
N ILE A 574 1.21 5.75 -61.12
CA ILE A 574 1.46 5.08 -59.85
C ILE A 574 1.22 3.58 -59.94
N TYR A 575 0.61 3.10 -61.01
CA TYR A 575 0.33 1.69 -61.15
C TYR A 575 1.50 0.90 -61.73
N THR A 576 2.61 1.54 -62.06
CA THR A 576 3.75 0.84 -62.61
C THR A 576 5.00 0.91 -61.73
N VAL A 577 5.00 1.77 -60.73
CA VAL A 577 6.14 1.89 -59.82
C VAL A 577 5.66 1.59 -58.40
N LEU A 578 4.69 0.69 -58.27
CA LEU A 578 4.10 0.35 -56.99
C LEU A 578 5.05 -0.35 -56.03
N ASP A 579 6.22 -0.80 -56.47
CA ASP A 579 7.19 -1.41 -55.58
C ASP A 579 8.43 -0.56 -55.39
N LYS A 580 8.37 0.71 -55.78
CA LYS A 580 9.43 1.67 -55.50
C LYS A 580 8.91 2.87 -54.72
N ILE A 581 7.70 2.79 -54.17
CA ILE A 581 7.10 3.89 -53.46
C ILE A 581 7.40 3.73 -51.96
N LYS A 582 8.13 4.68 -51.40
CA LYS A 582 8.50 4.59 -49.99
C LYS A 582 7.36 5.10 -49.13
N LEU A 583 6.84 4.25 -48.25
CA LEU A 583 5.89 4.71 -47.25
C LEU A 583 6.62 5.37 -46.09
N ASN A 584 5.96 6.35 -45.49
CA ASN A 584 6.51 7.01 -44.32
C ASN A 584 5.49 7.02 -43.19
N ALA A 585 5.79 7.71 -42.11
CA ALA A 585 4.88 7.78 -41.00
C ALA A 585 3.87 8.91 -41.22
N LYS A 586 2.72 8.77 -40.55
CA LYS A 586 1.59 9.70 -40.61
C LYS A 586 1.04 9.88 -42.03
N MET A 587 1.19 8.87 -42.89
CA MET A 587 0.55 8.89 -44.19
C MET A 587 -0.90 8.46 -44.05
N ASN A 588 -1.67 8.71 -45.11
CA ASN A 588 -3.08 8.33 -45.14
C ASN A 588 -3.46 8.03 -46.58
N ILE A 589 -3.66 6.76 -46.88
CA ILE A 589 -4.05 6.31 -48.21
C ILE A 589 -5.48 5.82 -48.12
N LEU A 590 -6.16 5.80 -49.26
CA LEU A 590 -7.51 5.27 -49.34
C LEU A 590 -7.69 4.62 -50.71
N ILE A 591 -8.00 3.34 -50.72
CA ILE A 591 -7.94 2.51 -51.91
C ILE A 591 -9.36 1.99 -52.17
N ARG A 592 -10.08 2.66 -53.05
CA ARG A 592 -11.47 2.31 -53.32
C ARG A 592 -11.57 1.51 -54.61
N ASP A 593 -12.81 1.21 -55.00
CA ASP A 593 -13.09 0.57 -56.27
C ASP A 593 -13.57 1.62 -57.27
N LYS A 594 -13.18 1.45 -58.53
CA LYS A 594 -13.54 2.40 -59.57
C LYS A 594 -15.02 2.33 -59.95
N ARG A 595 -15.70 1.25 -59.58
CA ARG A 595 -16.99 0.92 -60.16
C ARG A 595 -18.17 1.44 -59.37
N PHE A 596 -17.99 2.35 -58.41
CA PHE A 596 -19.10 2.85 -57.63
C PHE A 596 -18.88 4.31 -57.31
N HIS A 597 -19.97 5.03 -57.10
CA HIS A 597 -19.90 6.35 -56.50
C HIS A 597 -19.95 6.20 -54.98
N TYR A 598 -19.35 7.14 -54.29
CA TYR A 598 -19.34 7.15 -52.84
C TYR A 598 -19.71 8.54 -52.35
N ASP A 599 -20.09 8.62 -51.08
CA ASP A 599 -20.41 9.88 -50.43
C ASP A 599 -19.20 10.36 -49.62
N ARG A 600 -19.42 11.38 -48.80
CA ARG A 600 -18.36 11.88 -47.92
C ARG A 600 -18.05 10.94 -46.77
N ASN A 601 -18.96 10.02 -46.42
CA ASN A 601 -18.70 8.98 -45.44
C ASN A 601 -18.07 7.73 -46.05
N ASN A 602 -17.70 7.78 -47.34
CA ASN A 602 -17.12 6.68 -48.11
C ASN A 602 -18.01 5.44 -48.12
N ILE A 603 -19.32 5.65 -48.10
CA ILE A 603 -20.29 4.57 -48.28
C ILE A 603 -20.69 4.54 -49.75
N ALA A 604 -20.69 3.34 -50.34
CA ALA A 604 -21.07 3.17 -51.73
C ALA A 604 -22.54 3.52 -51.88
N VAL A 605 -22.87 4.24 -52.96
CA VAL A 605 -24.24 4.64 -53.25
C VAL A 605 -24.69 4.21 -54.63
N GLY A 606 -23.88 4.43 -55.66
CA GLY A 606 -24.31 4.08 -57.00
C GLY A 606 -23.18 3.69 -57.93
N ALA A 607 -23.39 2.64 -58.71
CA ALA A 607 -22.40 2.17 -59.65
C ALA A 607 -22.55 2.91 -60.99
N ASP A 608 -21.91 2.38 -62.02
CA ASP A 608 -22.21 2.82 -63.37
C ASP A 608 -23.37 1.98 -63.91
N GLU A 609 -23.66 2.13 -65.19
CA GLU A 609 -24.90 1.65 -65.76
C GLU A 609 -24.75 0.45 -66.68
N SER A 610 -23.58 0.25 -67.28
CA SER A 610 -23.40 -0.85 -68.21
C SER A 610 -23.23 -2.18 -67.48
N VAL A 611 -22.69 -2.15 -66.26
CA VAL A 611 -22.55 -3.36 -65.45
C VAL A 611 -23.92 -3.86 -64.99
N VAL A 612 -24.90 -2.94 -64.90
CA VAL A 612 -26.28 -3.34 -64.61
C VAL A 612 -26.85 -4.19 -65.73
N LYS A 613 -26.38 -4.00 -66.96
CA LYS A 613 -26.70 -4.94 -68.03
C LYS A 613 -25.82 -6.18 -67.92
N GLU A 614 -24.51 -5.99 -67.76
CA GLU A 614 -23.55 -7.06 -68.02
C GLU A 614 -23.42 -8.05 -66.89
N ALA A 615 -23.55 -7.60 -65.63
CA ALA A 615 -23.45 -8.51 -64.49
C ALA A 615 -24.80 -9.08 -64.08
N HIS A 616 -25.87 -8.72 -64.78
CA HIS A 616 -27.22 -9.22 -64.50
C HIS A 616 -27.75 -10.06 -65.65
N ARG A 617 -26.88 -10.80 -66.32
CA ARG A 617 -27.28 -11.64 -67.44
C ARG A 617 -27.57 -13.08 -67.04
N GLU A 618 -27.65 -13.38 -65.74
CA GLU A 618 -27.98 -14.72 -65.27
C GLU A 618 -29.42 -14.71 -64.78
N VAL A 619 -30.34 -14.92 -65.71
CA VAL A 619 -31.78 -14.93 -65.45
C VAL A 619 -32.27 -16.35 -65.67
N ILE A 620 -32.50 -17.10 -64.61
CA ILE A 620 -32.90 -18.49 -64.76
C ILE A 620 -34.41 -18.64 -64.63
N ASN A 621 -34.95 -18.40 -63.44
CA ASN A 621 -36.34 -18.71 -63.15
C ASN A 621 -37.10 -17.45 -62.77
N SER A 622 -38.37 -17.40 -63.18
CA SER A 622 -39.25 -16.28 -62.88
C SER A 622 -40.69 -16.72 -63.07
N SER A 623 -41.61 -15.90 -62.57
CA SER A 623 -43.04 -16.19 -62.61
C SER A 623 -43.80 -14.87 -62.43
N THR A 624 -45.12 -14.97 -62.39
CA THR A 624 -45.98 -13.85 -62.05
C THR A 624 -46.29 -13.77 -60.56
N GLU A 625 -45.71 -14.68 -59.77
CA GLU A 625 -45.81 -14.65 -58.31
C GLU A 625 -44.49 -14.36 -57.64
N GLY A 626 -43.37 -14.61 -58.32
CA GLY A 626 -42.04 -14.41 -57.77
C GLY A 626 -40.98 -14.64 -58.82
N LEU A 627 -39.85 -13.95 -58.69
CA LEU A 627 -38.78 -13.99 -59.67
C LEU A 627 -37.52 -14.55 -59.00
N LEU A 628 -36.55 -14.95 -59.82
CA LEU A 628 -35.24 -15.35 -59.31
C LEU A 628 -34.14 -14.83 -60.22
N LEU A 629 -33.18 -14.12 -59.64
CA LEU A 629 -31.96 -13.68 -60.33
C LEU A 629 -30.73 -14.24 -59.63
N ASN A 630 -29.68 -14.50 -60.42
CA ASN A 630 -28.39 -14.92 -59.91
C ASN A 630 -27.43 -13.73 -60.05
N ILE A 631 -27.27 -12.97 -58.96
CA ILE A 631 -26.55 -11.70 -58.98
C ILE A 631 -25.40 -11.79 -57.97
N ASP A 632 -24.28 -11.15 -58.31
CA ASP A 632 -23.13 -11.03 -57.41
C ASP A 632 -23.40 -10.01 -56.30
N LYS A 633 -22.61 -10.12 -55.23
CA LYS A 633 -22.87 -9.43 -53.98
C LYS A 633 -22.39 -7.99 -53.93
N ASP A 634 -21.82 -7.48 -55.02
CA ASP A 634 -21.34 -6.10 -55.07
C ASP A 634 -22.34 -5.17 -55.77
N ILE A 635 -22.83 -5.58 -56.93
CA ILE A 635 -23.77 -4.74 -57.67
C ILE A 635 -25.18 -4.85 -57.09
N ARG A 636 -25.52 -5.95 -56.42
CA ARG A 636 -26.84 -6.10 -55.82
C ARG A 636 -27.02 -5.26 -54.56
N LYS A 637 -25.95 -4.65 -54.06
CA LYS A 637 -26.07 -3.82 -52.88
C LYS A 637 -26.74 -2.49 -53.13
N ILE A 638 -26.57 -1.90 -54.32
CA ILE A 638 -27.11 -0.57 -54.56
C ILE A 638 -28.55 -0.58 -55.05
N LEU A 639 -29.08 -1.74 -55.45
CA LEU A 639 -30.46 -1.86 -55.93
C LEU A 639 -31.40 -1.98 -54.74
N SER A 640 -31.57 -0.89 -53.99
CA SER A 640 -32.39 -0.94 -52.78
C SER A 640 -33.86 -0.72 -53.08
N GLY A 641 -34.20 -0.49 -54.34
CA GLY A 641 -35.59 -0.32 -54.73
C GLY A 641 -35.83 -0.79 -56.13
N TYR A 642 -36.96 -1.45 -56.32
CA TYR A 642 -37.38 -1.90 -57.64
C TYR A 642 -38.65 -1.18 -58.06
N ILE A 643 -38.76 -0.91 -59.36
CA ILE A 643 -40.01 -0.45 -59.95
C ILE A 643 -40.39 -1.41 -61.08
N VAL A 644 -41.66 -1.79 -61.10
CA VAL A 644 -42.22 -2.72 -62.08
C VAL A 644 -43.37 -2.04 -62.80
N GLU A 645 -43.38 -2.12 -64.13
CA GLU A 645 -44.40 -1.53 -64.98
C GLU A 645 -45.03 -2.61 -65.83
N ILE A 646 -45.93 -2.21 -66.73
CA ILE A 646 -46.47 -3.07 -67.77
C ILE A 646 -46.40 -2.32 -69.10
N GLU A 647 -45.65 -2.85 -70.05
CA GLU A 647 -45.44 -2.22 -71.35
C GLU A 647 -46.18 -2.99 -72.44
N ASP A 648 -46.68 -2.27 -73.43
CA ASP A 648 -47.45 -2.88 -74.50
C ASP A 648 -46.53 -3.34 -75.63
N THR A 649 -47.15 -3.80 -76.72
CA THR A 649 -46.37 -4.21 -77.88
C THR A 649 -45.83 -3.03 -78.67
N GLU A 650 -46.27 -1.81 -78.36
CA GLU A 650 -45.65 -0.59 -78.87
C GLU A 650 -45.09 0.28 -77.75
N GLY A 651 -45.59 0.15 -76.53
CA GLY A 651 -45.09 0.91 -75.41
C GLY A 651 -46.08 1.85 -74.76
N LEU A 652 -46.66 1.42 -73.63
CA LEU A 652 -47.53 2.25 -72.80
C LEU A 652 -46.98 2.26 -71.38
N LYS A 653 -46.76 3.47 -70.85
CA LYS A 653 -46.17 3.64 -69.52
C LYS A 653 -47.27 3.45 -68.48
N GLU A 654 -47.39 2.22 -67.99
CA GLU A 654 -48.34 1.87 -66.94
C GLU A 654 -47.54 1.40 -65.72
N VAL A 655 -47.42 2.27 -64.72
CA VAL A 655 -46.70 1.94 -63.50
C VAL A 655 -47.63 1.11 -62.61
N ILE A 656 -47.08 0.08 -61.97
CA ILE A 656 -47.87 -0.77 -61.10
C ILE A 656 -47.70 -0.35 -59.65
N ASN A 657 -46.45 -0.16 -59.23
CA ASN A 657 -46.14 0.21 -57.85
C ASN A 657 -46.00 1.73 -57.73
N ASP A 658 -47.15 2.38 -57.56
CA ASP A 658 -47.20 3.83 -57.37
C ASP A 658 -47.19 4.16 -55.88
N ARG A 659 -46.15 3.68 -55.20
CA ARG A 659 -45.98 3.92 -53.78
C ARG A 659 -44.49 3.91 -53.46
N TYR A 660 -44.02 5.03 -52.91
CA TYR A 660 -42.58 5.19 -52.62
C TYR A 660 -42.13 4.39 -51.42
N ASP A 661 -43.04 3.96 -50.55
CA ASP A 661 -42.70 3.05 -49.46
C ASP A 661 -42.98 1.60 -49.81
N MET A 662 -43.24 1.31 -51.08
CA MET A 662 -43.46 -0.03 -51.58
C MET A 662 -42.51 -0.30 -52.76
N LEU A 663 -41.23 0.02 -52.56
CA LEU A 663 -40.22 -0.21 -53.58
C LEU A 663 -39.28 -1.34 -53.21
N ASN A 664 -39.28 -1.78 -51.95
CA ASN A 664 -38.53 -2.94 -51.50
C ASN A 664 -39.27 -4.22 -51.89
N ILE A 665 -38.84 -4.85 -52.99
CA ILE A 665 -39.61 -5.94 -53.57
C ILE A 665 -38.86 -7.27 -53.43
N SER A 666 -37.54 -7.22 -53.53
CA SER A 666 -36.73 -8.44 -53.55
C SER A 666 -36.63 -9.08 -52.17
N SER A 667 -36.16 -10.32 -52.15
CA SER A 667 -35.90 -11.09 -50.93
C SER A 667 -34.68 -11.98 -51.16
N LEU A 668 -34.40 -12.83 -50.17
CA LEU A 668 -33.16 -13.60 -50.13
C LEU A 668 -33.44 -15.04 -49.73
N ARG A 669 -32.83 -15.98 -50.44
CA ARG A 669 -32.93 -17.40 -50.18
C ARG A 669 -31.63 -17.88 -49.53
N GLN A 670 -31.70 -19.04 -48.89
CA GLN A 670 -30.56 -19.56 -48.14
C GLN A 670 -29.53 -20.27 -49.00
N ASP A 671 -29.76 -20.40 -50.32
CA ASP A 671 -28.81 -21.11 -51.18
C ASP A 671 -27.99 -20.16 -52.05
N GLY A 672 -28.33 -18.87 -52.10
CA GLY A 672 -27.46 -17.90 -52.73
C GLY A 672 -27.98 -17.18 -53.97
N LYS A 673 -29.29 -16.92 -54.04
CA LYS A 673 -29.84 -16.11 -55.13
C LYS A 673 -31.10 -15.41 -54.64
N THR A 674 -31.37 -14.25 -55.22
CA THR A 674 -32.43 -13.35 -54.77
C THR A 674 -33.79 -13.77 -55.32
N PHE A 675 -34.85 -13.36 -54.58
CA PHE A 675 -36.23 -13.77 -54.87
C PHE A 675 -37.11 -12.50 -54.90
N ILE A 676 -37.17 -11.86 -56.07
CA ILE A 676 -38.02 -10.69 -56.26
C ILE A 676 -39.46 -11.15 -56.43
N ASP A 677 -40.39 -10.40 -55.86
CA ASP A 677 -41.79 -10.80 -55.81
C ASP A 677 -42.61 -10.05 -56.86
N PHE A 678 -43.81 -10.58 -57.11
CA PHE A 678 -44.78 -9.95 -57.97
C PHE A 678 -46.18 -9.88 -57.38
N LYS A 679 -46.48 -10.69 -56.37
CA LYS A 679 -47.83 -10.85 -55.84
C LYS A 679 -48.07 -10.03 -54.59
N LYS A 680 -47.13 -10.05 -53.63
CA LYS A 680 -47.37 -9.49 -52.31
C LYS A 680 -47.36 -7.97 -52.28
N TYR A 681 -47.06 -7.29 -53.39
CA TYR A 681 -47.29 -5.86 -53.46
C TYR A 681 -48.49 -5.53 -54.35
N ASN A 682 -49.23 -6.53 -54.80
CA ASN A 682 -50.30 -6.33 -55.77
C ASN A 682 -51.60 -6.95 -55.27
N ASP A 683 -51.92 -6.72 -53.99
CA ASP A 683 -53.23 -6.96 -53.38
C ASP A 683 -53.64 -8.43 -53.40
N LYS A 684 -52.79 -9.28 -52.82
CA LYS A 684 -53.11 -10.68 -52.46
C LYS A 684 -53.47 -11.54 -53.67
N LEU A 685 -52.95 -11.19 -54.83
CA LEU A 685 -53.10 -11.95 -56.06
C LEU A 685 -51.79 -11.79 -56.81
N PRO A 686 -51.46 -12.73 -57.70
CA PRO A 686 -50.30 -12.52 -58.60
C PRO A 686 -50.42 -11.33 -59.55
N LEU A 687 -49.40 -11.16 -60.40
CA LEU A 687 -49.33 -10.01 -61.29
C LEU A 687 -50.49 -9.99 -62.28
N TYR A 688 -51.19 -8.86 -62.32
CA TYR A 688 -52.37 -8.69 -63.16
C TYR A 688 -51.92 -8.57 -64.62
N ILE A 689 -51.63 -9.72 -65.21
CA ILE A 689 -51.30 -9.78 -66.62
C ILE A 689 -52.59 -10.01 -67.40
N SER A 690 -52.63 -9.51 -68.63
CA SER A 690 -53.82 -9.61 -69.44
C SER A 690 -53.57 -10.45 -70.69
N ASN A 691 -52.59 -10.07 -71.49
CA ASN A 691 -52.18 -10.82 -72.66
C ASN A 691 -50.75 -11.28 -72.43
N PRO A 692 -50.45 -12.59 -72.55
CA PRO A 692 -49.07 -13.06 -72.30
C PRO A 692 -48.07 -12.64 -73.36
N ASN A 693 -48.53 -12.05 -74.46
CA ASN A 693 -47.67 -11.43 -75.46
C ASN A 693 -47.39 -9.96 -75.17
N TYR A 694 -47.59 -9.52 -73.92
CA TYR A 694 -47.23 -8.17 -73.50
C TYR A 694 -45.73 -8.12 -73.20
N LYS A 695 -45.29 -7.05 -72.55
CA LYS A 695 -43.92 -6.96 -72.06
C LYS A 695 -43.95 -6.72 -70.55
N VAL A 696 -43.37 -7.63 -69.79
CA VAL A 696 -43.19 -7.49 -68.35
C VAL A 696 -41.81 -6.88 -68.11
N ASN A 697 -41.73 -5.94 -67.16
CA ASN A 697 -40.58 -5.04 -67.10
C ASN A 697 -40.32 -4.62 -65.67
N VAL A 698 -39.12 -4.90 -65.18
CA VAL A 698 -38.69 -4.52 -63.83
C VAL A 698 -37.45 -3.64 -63.96
N TYR A 699 -37.49 -2.47 -63.34
CA TYR A 699 -36.35 -1.56 -63.28
C TYR A 699 -35.94 -1.35 -61.82
N ALA A 700 -34.84 -0.63 -61.61
CA ALA A 700 -34.28 -0.49 -60.27
C ALA A 700 -33.73 0.92 -60.10
N VAL A 701 -32.98 1.12 -59.02
CA VAL A 701 -32.51 2.45 -58.61
C VAL A 701 -31.28 2.28 -57.72
N THR A 702 -30.36 3.23 -57.79
CA THR A 702 -29.16 3.28 -56.97
C THR A 702 -29.40 4.13 -55.73
N LYS A 703 -28.56 3.93 -54.71
CA LYS A 703 -28.68 4.72 -53.48
C LYS A 703 -28.28 6.18 -53.63
N GLU A 704 -27.54 6.53 -54.68
CA GLU A 704 -27.37 7.94 -55.03
C GLU A 704 -28.56 8.50 -55.77
N ASN A 705 -29.48 7.63 -56.21
CA ASN A 705 -30.72 8.03 -56.87
C ASN A 705 -31.96 7.65 -56.08
N THR A 706 -31.81 7.00 -54.93
CA THR A 706 -32.94 6.81 -54.03
C THR A 706 -33.22 8.11 -53.29
N ILE A 707 -34.49 8.32 -52.96
CA ILE A 707 -34.91 9.45 -52.15
C ILE A 707 -35.80 8.88 -51.05
N ILE A 708 -35.54 9.31 -49.81
CA ILE A 708 -36.25 8.77 -48.67
C ILE A 708 -37.55 9.53 -48.36
N ASN A 709 -37.69 10.79 -48.74
CA ASN A 709 -38.91 11.54 -48.56
C ASN A 709 -39.65 11.68 -49.89
N PRO A 710 -40.97 11.87 -49.87
CA PRO A 710 -41.69 12.16 -51.12
C PRO A 710 -41.42 13.59 -51.59
N SER A 711 -42.09 13.98 -52.67
CA SER A 711 -41.82 15.25 -53.34
C SER A 711 -42.38 16.42 -52.53
N GLU A 712 -42.30 17.62 -53.10
CA GLU A 712 -42.45 18.86 -52.34
C GLU A 712 -43.89 19.11 -51.91
N ASN A 713 -44.81 19.29 -52.87
CA ASN A 713 -46.13 19.81 -52.57
C ASN A 713 -47.20 18.71 -52.50
N GLY A 714 -47.44 18.00 -53.59
CA GLY A 714 -48.51 17.03 -53.61
C GLY A 714 -48.24 15.78 -54.44
N ASP A 715 -47.01 15.58 -54.87
CA ASP A 715 -46.67 14.45 -55.74
C ASP A 715 -46.32 13.25 -54.87
N THR A 716 -47.27 12.33 -54.74
CA THR A 716 -47.11 11.07 -54.02
C THR A 716 -46.74 9.93 -54.97
N SER A 717 -46.31 10.27 -56.18
CA SER A 717 -46.16 9.33 -57.27
C SER A 717 -44.72 8.89 -57.43
N THR A 718 -44.55 7.76 -58.13
CA THR A 718 -43.23 7.23 -58.47
C THR A 718 -42.88 7.54 -59.92
N ASN A 719 -42.63 8.84 -60.17
CA ASN A 719 -42.23 9.28 -61.50
C ASN A 719 -40.71 9.35 -61.66
N GLY A 720 -40.07 10.18 -60.83
CA GLY A 720 -38.66 10.50 -60.98
C GLY A 720 -37.70 9.48 -60.41
N ILE A 721 -37.49 8.39 -61.14
CA ILE A 721 -36.53 7.35 -60.78
C ILE A 721 -35.71 7.02 -62.02
N LYS A 722 -34.39 7.16 -61.91
CA LYS A 722 -33.52 6.83 -63.05
C LYS A 722 -33.44 5.32 -63.17
N LYS A 723 -33.93 4.82 -64.31
CA LYS A 723 -34.27 3.42 -64.50
C LYS A 723 -33.39 2.79 -65.58
N ILE A 724 -32.92 1.59 -65.29
CA ILE A 724 -32.02 0.85 -66.16
C ILE A 724 -32.67 -0.48 -66.50
N LEU A 725 -32.60 -0.86 -67.78
CA LEU A 725 -33.21 -2.08 -68.29
C LEU A 725 -32.56 -3.32 -67.69
N ILE A 726 -33.27 -4.01 -66.81
CA ILE A 726 -32.80 -5.25 -66.20
C ILE A 726 -33.63 -6.44 -66.69
N PHE A 727 -34.94 -6.40 -66.43
CA PHE A 727 -35.83 -7.52 -66.71
C PHE A 727 -36.69 -7.16 -67.91
N SER A 728 -36.37 -7.76 -69.06
CA SER A 728 -37.06 -7.43 -70.31
C SER A 728 -37.52 -8.73 -70.94
N LYS A 729 -38.74 -9.15 -70.58
CA LYS A 729 -39.29 -10.40 -71.07
C LYS A 729 -40.69 -10.17 -71.61
N LYS A 730 -41.10 -11.02 -72.56
CA LYS A 730 -42.50 -11.16 -72.88
C LYS A 730 -43.20 -11.84 -71.70
N GLY A 731 -44.49 -11.56 -71.53
CA GLY A 731 -45.21 -12.06 -70.38
C GLY A 731 -45.48 -13.55 -70.38
N TYR A 732 -45.16 -14.25 -71.48
CA TYR A 732 -45.42 -15.67 -71.60
C TYR A 732 -44.27 -16.53 -71.07
N GLU A 733 -43.03 -16.05 -71.09
CA GLU A 733 -41.90 -16.85 -70.61
C GLU A 733 -41.65 -16.65 -69.13
N ILE A 734 -42.64 -16.15 -68.39
CA ILE A 734 -42.61 -16.15 -66.94
C ILE A 734 -43.79 -16.92 -66.35
N GLY A 735 -44.99 -16.71 -66.87
CA GLY A 735 -46.18 -17.39 -66.37
C GLY A 735 -47.46 -16.83 -66.94
N THR B 174 35.95 5.17 -14.38
CA THR B 174 35.14 5.07 -15.59
C THR B 174 34.83 6.45 -16.12
N VAL B 175 33.88 6.54 -17.03
CA VAL B 175 33.42 7.83 -17.51
C VAL B 175 32.42 8.38 -16.50
N PRO B 176 32.65 9.58 -15.98
CA PRO B 176 31.76 10.12 -14.95
C PRO B 176 30.43 10.53 -15.54
N ASP B 177 29.38 10.34 -14.75
CA ASP B 177 28.02 10.64 -15.18
C ASP B 177 27.24 11.02 -13.92
N ARG B 178 27.22 12.32 -13.61
CA ARG B 178 26.65 12.77 -12.36
C ARG B 178 25.14 12.69 -12.37
N ASP B 179 24.51 13.26 -13.40
CA ASP B 179 23.08 13.42 -13.47
C ASP B 179 22.32 12.15 -13.78
N ASN B 180 23.02 11.10 -14.21
CA ASN B 180 22.48 9.78 -14.51
C ASN B 180 21.49 9.81 -15.66
N ASP B 181 21.80 10.59 -16.70
CA ASP B 181 20.97 10.56 -17.89
C ASP B 181 21.49 9.60 -18.93
N GLY B 182 22.70 9.07 -18.75
CA GLY B 182 23.21 8.09 -19.68
C GLY B 182 24.22 8.61 -20.66
N ILE B 183 24.40 9.93 -20.74
CA ILE B 183 25.41 10.52 -21.61
C ILE B 183 26.49 11.12 -20.72
N PRO B 184 27.76 10.86 -20.98
CA PRO B 184 28.81 11.32 -20.07
C PRO B 184 28.99 12.82 -20.14
N ASP B 185 29.68 13.34 -19.12
CA ASP B 185 29.61 14.76 -18.83
C ASP B 185 30.38 15.60 -19.83
N SER B 186 31.55 15.14 -20.26
CA SER B 186 32.31 15.88 -21.25
C SER B 186 31.60 15.98 -22.58
N LEU B 187 30.77 14.99 -22.91
CA LEU B 187 29.96 15.10 -24.12
C LEU B 187 28.91 16.19 -23.98
N GLU B 188 28.27 16.28 -22.81
CA GLU B 188 27.27 17.30 -22.60
C GLU B 188 27.87 18.69 -22.56
N VAL B 189 29.09 18.82 -22.09
CA VAL B 189 29.72 20.14 -22.08
C VAL B 189 30.23 20.53 -23.47
N GLU B 190 30.84 19.60 -24.20
CA GLU B 190 31.53 19.96 -25.43
C GLU B 190 30.85 19.45 -26.71
N GLY B 191 29.64 18.94 -26.62
CA GLY B 191 28.89 18.66 -27.82
C GLY B 191 28.78 17.17 -28.10
N TYR B 192 27.67 16.78 -28.71
CA TYR B 192 27.45 15.40 -29.12
C TYR B 192 26.40 15.37 -30.21
N THR B 193 26.25 14.21 -30.84
CA THR B 193 25.27 14.04 -31.90
C THR B 193 24.85 12.58 -31.97
N VAL B 194 23.71 12.35 -32.63
CA VAL B 194 23.10 11.02 -32.71
C VAL B 194 22.79 10.73 -34.17
N ASP B 195 23.21 9.55 -34.65
CA ASP B 195 22.87 9.11 -35.99
C ASP B 195 22.77 7.60 -36.01
N VAL B 196 22.15 7.07 -37.05
CA VAL B 196 22.05 5.62 -37.22
C VAL B 196 23.02 5.21 -38.31
N LYS B 197 23.48 3.97 -38.26
CA LYS B 197 24.54 3.52 -39.16
C LYS B 197 24.07 2.44 -40.12
N ASN B 198 23.62 1.29 -39.63
CA ASN B 198 22.92 0.39 -40.53
C ASN B 198 21.44 0.33 -40.15
N LYS B 199 21.13 -0.12 -38.96
CA LYS B 199 19.81 0.05 -38.40
C LYS B 199 19.92 0.30 -36.90
N ARG B 200 21.06 0.81 -36.44
CA ARG B 200 21.32 0.93 -35.02
C ARG B 200 21.78 2.34 -34.71
N THR B 201 21.20 2.94 -33.68
CA THR B 201 21.56 4.29 -33.29
C THR B 201 22.92 4.31 -32.63
N PHE B 202 23.64 5.42 -32.80
CA PHE B 202 25.00 5.54 -32.28
C PHE B 202 25.22 6.96 -31.83
N LEU B 203 25.29 7.13 -30.49
CA LEU B 203 25.56 8.44 -29.82
C LEU B 203 27.07 8.69 -29.92
N SER B 204 27.50 9.88 -30.35
CA SER B 204 28.90 10.10 -30.64
C SER B 204 29.29 11.49 -30.20
N PRO B 205 30.57 11.73 -29.90
CA PRO B 205 31.01 13.09 -29.66
C PRO B 205 31.11 13.86 -30.96
N TRP B 206 30.87 15.16 -30.88
CA TRP B 206 30.85 16.00 -32.07
C TRP B 206 32.26 16.22 -32.55
N ILE B 207 32.61 15.59 -33.66
CA ILE B 207 33.83 15.92 -34.39
C ILE B 207 33.43 16.86 -35.51
N SER B 208 34.21 17.94 -35.68
CA SER B 208 33.78 19.08 -36.49
C SER B 208 33.72 18.76 -37.97
N ASN B 209 34.86 18.45 -38.58
CA ASN B 209 34.90 18.25 -40.02
C ASN B 209 34.47 16.85 -40.45
N ILE B 210 33.80 16.09 -39.60
CA ILE B 210 33.28 14.78 -39.97
C ILE B 210 31.76 14.75 -39.94
N HIS B 211 31.15 15.46 -38.98
CA HIS B 211 29.70 15.48 -38.87
C HIS B 211 29.06 16.71 -39.51
N GLU B 212 29.80 17.81 -39.65
CA GLU B 212 29.20 19.03 -40.17
C GLU B 212 28.85 18.91 -41.65
N LYS B 213 29.65 18.16 -42.40
CA LYS B 213 29.33 17.88 -43.79
C LYS B 213 28.21 16.86 -43.96
N LYS B 214 27.85 16.13 -42.91
CA LYS B 214 26.74 15.20 -42.98
C LYS B 214 25.41 15.85 -42.58
N GLY B 215 25.46 17.02 -41.96
CA GLY B 215 24.23 17.71 -41.64
C GLY B 215 23.52 17.19 -40.41
N LEU B 216 24.26 16.81 -39.38
CA LEU B 216 23.65 16.48 -38.11
C LEU B 216 23.58 17.73 -37.25
N THR B 217 23.15 17.56 -36.00
CA THR B 217 22.99 18.68 -35.09
C THR B 217 24.00 18.58 -33.96
N LYS B 218 24.33 19.71 -33.37
CA LYS B 218 25.26 19.77 -32.26
C LYS B 218 24.47 20.11 -31.02
N TYR B 219 24.22 19.11 -30.18
CA TYR B 219 23.53 19.32 -28.93
C TYR B 219 24.53 19.61 -27.84
N LYS B 220 24.19 20.53 -26.95
CA LYS B 220 24.94 20.73 -25.73
C LYS B 220 23.95 20.85 -24.59
N SER B 221 24.30 20.32 -23.44
CA SER B 221 23.38 20.21 -22.33
C SER B 221 24.13 20.51 -21.05
N SER B 222 23.53 20.17 -19.93
CA SER B 222 24.14 20.41 -18.64
C SER B 222 24.51 19.09 -18.02
N PRO B 223 25.73 18.93 -17.51
CA PRO B 223 26.13 17.65 -16.94
C PRO B 223 25.64 17.41 -15.54
N GLU B 224 24.87 18.32 -14.96
CA GLU B 224 24.35 18.15 -13.61
C GLU B 224 22.87 17.86 -13.55
N LYS B 225 22.12 18.14 -14.61
CA LYS B 225 20.69 17.95 -14.61
C LYS B 225 20.32 16.74 -15.44
N TRP B 226 19.39 15.93 -14.92
CA TRP B 226 18.86 14.81 -15.67
C TRP B 226 18.03 15.25 -16.85
N SER B 227 17.49 16.47 -16.79
CA SER B 227 16.68 17.02 -17.87
C SER B 227 16.89 18.51 -17.86
N THR B 228 17.54 19.05 -18.89
CA THR B 228 18.07 20.41 -18.84
C THR B 228 16.97 21.46 -18.86
N ALA B 229 15.79 21.13 -19.35
CA ALA B 229 14.68 22.06 -19.31
C ALA B 229 13.73 21.77 -18.17
N SER B 230 14.11 20.91 -17.22
CA SER B 230 13.38 20.52 -16.03
C SER B 230 12.07 19.78 -16.30
N ASP B 231 11.77 19.46 -17.53
CA ASP B 231 10.58 18.71 -17.90
C ASP B 231 10.83 17.22 -17.68
N PRO B 232 9.81 16.35 -17.64
CA PRO B 232 10.10 14.96 -17.29
C PRO B 232 10.59 14.07 -18.42
N TYR B 233 11.46 14.58 -19.27
CA TYR B 233 12.07 13.82 -20.34
C TYR B 233 13.54 14.16 -20.32
N SER B 234 14.40 13.14 -20.29
CA SER B 234 15.82 13.38 -20.12
C SER B 234 16.42 13.92 -21.40
N ASP B 235 17.70 14.23 -21.36
CA ASP B 235 18.37 14.63 -22.59
C ASP B 235 18.55 13.45 -23.52
N PHE B 236 18.74 12.26 -22.94
CA PHE B 236 18.97 11.06 -23.72
C PHE B 236 17.72 10.61 -24.45
N GLU B 237 16.58 10.61 -23.77
CA GLU B 237 15.34 10.23 -24.42
C GLU B 237 14.92 11.24 -25.46
N LYS B 238 15.23 12.52 -25.24
CA LYS B 238 14.86 13.53 -26.21
C LYS B 238 15.67 13.40 -27.48
N VAL B 239 16.99 13.33 -27.37
CA VAL B 239 17.78 13.26 -28.60
C VAL B 239 17.77 11.88 -29.23
N THR B 240 17.34 10.84 -28.51
CA THR B 240 17.38 9.51 -29.10
C THR B 240 16.05 9.10 -29.70
N GLY B 241 14.95 9.66 -29.22
CA GLY B 241 13.65 9.28 -29.73
C GLY B 241 12.90 8.32 -28.86
N ARG B 242 13.46 7.93 -27.72
CA ARG B 242 12.82 7.02 -26.78
C ARG B 242 11.90 7.80 -25.85
N ILE B 243 10.89 8.41 -26.44
CA ILE B 243 10.07 9.39 -25.77
C ILE B 243 8.61 9.07 -26.07
N ASP B 244 7.71 9.74 -25.37
CA ASP B 244 6.31 9.72 -25.75
C ASP B 244 6.18 10.38 -27.11
N LYS B 245 5.68 9.65 -28.09
CA LYS B 245 5.72 10.12 -29.47
C LYS B 245 4.76 11.19 -29.77
N ASN B 246 4.06 11.81 -28.84
CA ASN B 246 3.21 12.94 -29.12
C ASN B 246 3.88 14.26 -28.80
N VAL B 247 5.10 14.23 -28.26
CA VAL B 247 5.86 15.45 -28.05
C VAL B 247 6.18 16.08 -29.39
N SER B 248 5.90 17.37 -29.51
CA SER B 248 6.06 18.08 -30.78
C SER B 248 7.53 18.12 -31.17
N PRO B 249 7.85 17.97 -32.47
CA PRO B 249 9.23 17.70 -32.87
C PRO B 249 10.20 18.83 -32.62
N GLU B 250 9.75 20.04 -32.33
CA GLU B 250 10.65 21.09 -31.92
C GLU B 250 11.04 20.99 -30.46
N ALA B 251 10.33 20.19 -29.68
CA ALA B 251 10.65 19.98 -28.29
C ALA B 251 11.55 18.78 -28.07
N ARG B 252 12.03 18.17 -29.14
CA ARG B 252 12.98 17.07 -29.01
C ARG B 252 14.41 17.55 -28.97
N HIS B 253 14.63 18.81 -28.87
CA HIS B 253 15.91 19.38 -28.53
C HIS B 253 16.01 19.40 -27.01
N PRO B 254 17.21 19.26 -26.45
CA PRO B 254 17.32 19.26 -24.98
C PRO B 254 16.98 20.58 -24.33
N LEU B 255 17.13 21.69 -25.04
CA LEU B 255 16.99 23.00 -24.43
C LEU B 255 15.62 23.61 -24.61
N VAL B 256 14.65 22.87 -25.15
CA VAL B 256 13.31 23.37 -25.36
C VAL B 256 12.36 22.53 -24.53
N ALA B 257 11.64 23.18 -23.61
CA ALA B 257 10.81 22.45 -22.68
C ALA B 257 9.54 21.94 -23.33
N ALA B 258 9.01 20.84 -22.80
CA ALA B 258 7.77 20.24 -23.28
C ALA B 258 6.77 20.27 -22.15
N TYR B 259 5.62 20.90 -22.39
CA TYR B 259 4.65 21.10 -21.32
C TYR B 259 3.30 21.41 -21.93
N PRO B 260 2.21 20.90 -21.37
CA PRO B 260 0.89 21.13 -21.94
C PRO B 260 0.25 22.42 -21.48
N ILE B 261 -0.61 22.97 -22.32
CA ILE B 261 -1.37 24.17 -22.01
C ILE B 261 -2.82 23.85 -22.32
N VAL B 262 -3.63 23.65 -21.28
CA VAL B 262 -5.03 23.30 -21.43
C VAL B 262 -5.89 24.45 -20.93
N HIS B 263 -6.94 24.77 -21.67
CA HIS B 263 -7.97 25.67 -21.15
C HIS B 263 -9.29 25.33 -21.80
N VAL B 264 -10.38 25.69 -21.13
CA VAL B 264 -11.70 25.14 -21.37
C VAL B 264 -12.61 26.21 -21.96
N ASP B 265 -13.31 25.87 -23.03
CA ASP B 265 -14.17 26.80 -23.74
C ASP B 265 -15.62 26.41 -23.57
N MET B 266 -16.41 27.31 -23.00
CA MET B 266 -17.84 27.07 -22.90
C MET B 266 -18.50 27.50 -24.20
N GLU B 267 -19.37 26.65 -24.72
CA GLU B 267 -19.96 26.91 -26.02
C GLU B 267 -21.46 27.09 -25.98
N ASN B 268 -22.12 26.65 -24.92
CA ASN B 268 -23.57 26.70 -24.87
C ASN B 268 -23.96 26.54 -23.41
N ILE B 269 -24.87 27.37 -22.93
CA ILE B 269 -25.33 27.30 -21.55
C ILE B 269 -26.83 27.04 -21.54
N ILE B 270 -27.23 25.95 -20.89
CA ILE B 270 -28.59 25.46 -20.92
C ILE B 270 -29.12 25.52 -19.50
N LEU B 271 -29.97 26.49 -19.20
CA LEU B 271 -30.56 26.60 -17.89
C LEU B 271 -32.02 26.16 -17.92
N SER B 272 -32.44 25.46 -16.88
CA SER B 272 -33.71 24.76 -16.82
C SER B 272 -34.48 25.23 -15.61
N LYS B 273 -35.56 25.98 -15.82
CA LYS B 273 -36.28 26.57 -14.72
C LYS B 273 -37.06 25.51 -13.97
N ASN B 274 -36.60 25.17 -12.78
CA ASN B 274 -37.21 24.15 -11.95
C ASN B 274 -38.48 24.71 -11.36
N GLU B 275 -39.62 24.27 -11.86
CA GLU B 275 -40.90 24.84 -11.49
C GLU B 275 -41.97 23.80 -11.72
N ASP B 276 -42.83 23.59 -10.74
CA ASP B 276 -43.77 22.48 -10.76
C ASP B 276 -45.19 23.01 -10.84
N GLN B 277 -45.92 22.53 -11.84
CA GLN B 277 -47.25 23.03 -12.13
C GLN B 277 -48.23 21.87 -12.20
N SER B 278 -49.49 22.15 -11.90
CA SER B 278 -50.48 21.08 -11.84
C SER B 278 -51.86 21.69 -12.04
N THR B 279 -52.69 21.00 -12.83
CA THR B 279 -54.06 21.41 -13.11
C THR B 279 -55.01 20.36 -12.56
N GLN B 280 -56.29 20.73 -12.46
CA GLN B 280 -57.29 19.82 -11.91
C GLN B 280 -58.68 20.20 -12.37
N ASN B 281 -59.42 19.25 -12.94
CA ASN B 281 -60.82 19.44 -13.29
C ASN B 281 -61.70 18.70 -12.31
N THR B 282 -62.96 19.13 -12.19
CA THR B 282 -63.84 18.63 -11.15
C THR B 282 -65.29 18.84 -11.54
N ASP B 283 -66.08 17.77 -11.58
CA ASP B 283 -67.53 17.85 -11.71
C ASP B 283 -68.18 17.78 -10.34
N SER B 284 -69.48 18.06 -10.29
CA SER B 284 -70.27 17.90 -9.08
C SER B 284 -71.74 17.91 -9.43
N GLN B 285 -72.49 16.91 -8.98
CA GLN B 285 -73.92 16.79 -9.25
C GLN B 285 -74.65 16.53 -7.95
N THR B 286 -75.76 17.23 -7.74
CA THR B 286 -76.48 17.23 -6.47
C THR B 286 -77.97 17.08 -6.73
N ARG B 287 -78.66 16.33 -5.87
CA ARG B 287 -80.10 16.10 -5.97
C ARG B 287 -80.74 16.44 -4.64
N THR B 288 -81.06 17.71 -4.43
CA THR B 288 -81.65 18.17 -3.18
C THR B 288 -83.16 17.95 -3.20
N ILE B 289 -83.67 17.22 -2.21
CA ILE B 289 -85.10 17.00 -2.02
C ILE B 289 -85.51 17.81 -0.80
N SER B 290 -86.56 18.61 -0.93
CA SER B 290 -86.97 19.51 0.13
C SER B 290 -88.48 19.47 0.32
N LYS B 291 -88.91 19.87 1.52
CA LYS B 291 -90.33 19.86 1.90
C LYS B 291 -90.52 20.86 3.03
N ASN B 292 -91.65 21.57 2.98
CA ASN B 292 -91.99 22.54 4.02
C ASN B 292 -93.32 22.15 4.64
N THR B 293 -93.50 22.46 5.92
CA THR B 293 -94.76 22.25 6.63
C THR B 293 -95.00 23.44 7.54
N SER B 294 -96.05 24.20 7.25
CA SER B 294 -96.25 25.49 7.91
C SER B 294 -97.68 25.61 8.40
N THR B 295 -97.92 26.66 9.20
CA THR B 295 -99.25 27.00 9.70
C THR B 295 -99.33 28.53 9.75
N SER B 296 -100.54 29.05 9.95
CA SER B 296 -100.73 30.45 10.31
C SER B 296 -102.04 30.60 11.07
N ARG B 297 -101.97 31.24 12.23
CA ARG B 297 -103.14 31.55 13.04
C ARG B 297 -103.11 33.03 13.39
N THR B 298 -104.25 33.70 13.31
CA THR B 298 -104.29 35.13 13.58
C THR B 298 -105.39 35.48 14.58
N HIS B 299 -105.28 36.67 15.13
CA HIS B 299 -106.30 37.25 16.00
C HIS B 299 -106.18 38.76 15.87
N THR B 300 -107.01 39.38 15.05
CA THR B 300 -106.82 40.77 14.65
C THR B 300 -107.61 41.69 15.57
N SER B 301 -107.67 42.96 15.17
CA SER B 301 -108.50 43.97 15.81
C SER B 301 -108.64 45.17 14.87
N GLU B 302 -109.89 45.54 14.59
CA GLU B 302 -110.19 46.68 13.74
C GLU B 302 -111.06 47.67 14.48
N VAL B 303 -111.01 48.93 14.05
CA VAL B 303 -111.99 49.94 14.43
C VAL B 303 -112.58 50.50 13.13
N HIS B 304 -113.69 51.22 13.25
CA HIS B 304 -114.45 51.64 12.08
C HIS B 304 -115.12 52.98 12.36
N GLY B 305 -115.30 53.78 11.32
CA GLY B 305 -115.94 55.08 11.46
C GLY B 305 -116.17 55.72 10.12
N ASN B 306 -117.22 56.54 10.03
CA ASN B 306 -117.58 57.18 8.76
C ASN B 306 -118.22 58.54 9.03
N ALA B 307 -118.06 59.44 8.05
CA ALA B 307 -118.62 60.78 8.08
C ALA B 307 -119.41 61.00 6.79
N GLU B 308 -120.59 61.62 6.91
CA GLU B 308 -121.52 61.76 5.80
C GLU B 308 -122.54 62.84 6.15
N VAL B 309 -122.85 63.70 5.17
CA VAL B 309 -123.93 64.68 5.29
C VAL B 309 -124.75 64.63 4.00
N HIS B 310 -126.07 64.42 4.13
CA HIS B 310 -127.01 64.47 3.02
C HIS B 310 -127.64 65.85 2.90
N ALA B 311 -127.65 66.38 1.68
CA ALA B 311 -128.17 67.72 1.43
C ALA B 311 -129.23 67.66 0.34
N SER B 312 -130.44 68.10 0.68
CA SER B 312 -131.56 68.09 -0.27
C SER B 312 -132.48 69.28 0.02
N PHE B 313 -133.57 69.35 -0.75
CA PHE B 313 -134.43 70.53 -0.72
C PHE B 313 -135.26 70.60 0.55
N PHE B 314 -136.10 69.61 0.79
CA PHE B 314 -137.06 69.63 1.90
C PHE B 314 -136.59 68.83 3.10
N ASP B 315 -135.38 68.28 3.05
CA ASP B 315 -134.86 67.43 4.11
C ASP B 315 -133.38 67.71 4.33
N ILE B 316 -132.98 67.62 5.59
CA ILE B 316 -131.57 67.77 5.97
C ILE B 316 -131.09 66.43 6.53
N GLY B 317 -129.88 66.05 6.14
CA GLY B 317 -129.42 64.70 6.41
C GLY B 317 -127.97 64.62 6.84
N GLY B 318 -127.59 63.45 7.31
CA GLY B 318 -126.25 63.21 7.81
C GLY B 318 -126.16 61.81 8.39
N SER B 319 -124.93 61.40 8.67
CA SER B 319 -124.70 60.07 9.21
C SER B 319 -123.47 60.03 10.09
N VAL B 320 -123.57 59.29 11.19
CA VAL B 320 -122.45 58.93 12.04
C VAL B 320 -122.48 57.41 12.20
N SER B 321 -121.36 56.84 12.62
CA SER B 321 -121.25 55.38 12.69
C SER B 321 -120.20 55.02 13.72
N ALA B 322 -120.02 53.71 13.91
CA ALA B 322 -118.96 53.15 14.75
C ALA B 322 -118.61 51.78 14.20
N GLY B 323 -117.91 50.99 15.00
CA GLY B 323 -117.66 49.62 14.62
C GLY B 323 -116.31 49.04 14.98
N PHE B 324 -116.27 47.72 15.19
CA PHE B 324 -115.03 47.02 15.54
C PHE B 324 -115.18 45.55 15.18
N SER B 325 -114.05 44.90 14.91
CA SER B 325 -114.06 43.53 14.41
C SER B 325 -112.73 42.84 14.70
N ASN B 326 -112.74 41.52 14.63
CA ASN B 326 -111.57 40.66 14.74
C ASN B 326 -111.54 39.71 13.53
N SER B 327 -110.52 38.86 13.46
CA SER B 327 -110.42 37.85 12.40
C SER B 327 -109.69 36.63 12.95
N ASN B 328 -110.19 35.43 12.60
CA ASN B 328 -109.69 34.15 13.11
C ASN B 328 -109.41 33.21 11.94
N SER B 329 -108.20 33.30 11.38
CA SER B 329 -107.82 32.48 10.24
C SER B 329 -106.95 31.31 10.68
N SER B 330 -107.02 30.21 9.92
CA SER B 330 -106.24 29.00 10.16
C SER B 330 -105.87 28.45 8.79
N THR B 331 -104.64 28.73 8.36
CA THR B 331 -104.16 28.30 7.05
C THR B 331 -103.01 27.31 7.21
N VAL B 332 -103.17 26.14 6.60
CA VAL B 332 -102.11 25.16 6.50
C VAL B 332 -101.35 25.44 5.21
N ALA B 333 -100.04 25.17 5.22
CA ALA B 333 -99.18 25.47 4.08
C ALA B 333 -98.11 24.40 3.99
N ILE B 334 -98.36 23.36 3.19
CA ILE B 334 -97.44 22.25 3.03
C ILE B 334 -96.86 22.31 1.62
N ASP B 335 -95.54 22.43 1.52
CA ASP B 335 -94.84 22.66 0.27
C ASP B 335 -93.88 21.51 -0.01
N HIS B 336 -93.65 21.24 -1.29
CA HIS B 336 -92.75 20.17 -1.72
C HIS B 336 -91.80 20.72 -2.76
N SER B 337 -90.73 19.97 -3.04
CA SER B 337 -89.66 20.52 -3.87
C SER B 337 -88.84 19.41 -4.50
N LEU B 338 -88.09 19.81 -5.53
CA LEU B 338 -86.96 19.06 -6.05
C LEU B 338 -85.89 20.07 -6.42
N SER B 339 -84.67 19.59 -6.61
CA SER B 339 -83.60 20.47 -7.06
C SER B 339 -82.55 19.65 -7.78
N LEU B 340 -81.91 20.26 -8.77
CA LEU B 340 -80.88 19.61 -9.59
C LEU B 340 -79.71 20.58 -9.70
N ALA B 341 -78.70 20.40 -8.85
CA ALA B 341 -77.51 21.24 -8.88
C ALA B 341 -76.37 20.53 -9.59
N GLY B 342 -75.86 21.16 -10.63
CA GLY B 342 -74.69 20.65 -11.33
C GLY B 342 -73.59 21.68 -11.31
N GLU B 343 -72.35 21.20 -11.28
CA GLU B 343 -71.22 22.09 -11.08
C GLU B 343 -69.98 21.56 -11.78
N ARG B 344 -69.29 22.44 -12.50
CA ARG B 344 -68.01 22.11 -13.13
C ARG B 344 -66.95 23.06 -12.60
N THR B 345 -65.71 22.58 -12.54
CA THR B 345 -64.63 23.33 -11.92
C THR B 345 -63.37 23.13 -12.75
N TRP B 346 -62.44 24.07 -12.63
CA TRP B 346 -61.18 24.04 -13.37
C TRP B 346 -60.15 24.80 -12.58
N ALA B 347 -59.11 24.13 -12.09
CA ALA B 347 -58.12 24.77 -11.24
C ALA B 347 -56.74 24.60 -11.87
N GLU B 348 -55.79 25.43 -11.42
CA GLU B 348 -54.49 25.51 -12.06
C GLU B 348 -53.44 26.15 -11.17
N THR B 349 -52.41 25.39 -10.77
CA THR B 349 -51.47 25.78 -9.74
C THR B 349 -50.07 25.80 -10.33
N MET B 350 -49.19 26.66 -9.81
CA MET B 350 -47.82 26.72 -10.27
C MET B 350 -46.90 27.16 -9.14
N GLY B 351 -46.10 26.24 -8.60
CA GLY B 351 -45.27 26.50 -7.45
C GLY B 351 -43.80 26.71 -7.80
N LEU B 352 -43.02 27.02 -6.76
CA LEU B 352 -41.63 27.45 -6.96
C LEU B 352 -40.87 27.24 -5.64
N ASN B 353 -39.58 27.57 -5.67
CA ASN B 353 -38.73 27.56 -4.49
C ASN B 353 -37.63 28.56 -4.73
N THR B 354 -37.52 29.56 -3.88
CA THR B 354 -36.64 30.69 -4.13
C THR B 354 -35.16 30.43 -3.85
N ALA B 355 -34.76 29.21 -3.56
CA ALA B 355 -33.36 28.87 -3.44
C ALA B 355 -32.90 27.93 -4.54
N ASP B 356 -33.82 27.45 -5.37
CA ASP B 356 -33.54 26.41 -6.34
C ASP B 356 -34.35 26.68 -7.61
N THR B 357 -34.38 27.91 -8.08
CA THR B 357 -35.34 28.22 -9.13
C THR B 357 -34.92 27.73 -10.50
N ALA B 358 -33.64 27.44 -10.71
CA ALA B 358 -33.19 26.95 -12.00
C ALA B 358 -31.90 26.20 -11.83
N ARG B 359 -31.66 25.25 -12.73
CA ARG B 359 -30.43 24.47 -12.73
C ARG B 359 -29.57 24.88 -13.90
N LEU B 360 -28.35 24.39 -13.94
CA LEU B 360 -27.44 24.75 -15.01
C LEU B 360 -26.93 23.50 -15.72
N ASN B 361 -26.39 23.72 -16.91
CA ASN B 361 -25.79 22.65 -17.71
C ASN B 361 -24.88 23.35 -18.70
N ALA B 362 -23.58 23.15 -18.57
CA ALA B 362 -22.67 23.76 -19.50
C ALA B 362 -22.43 22.83 -20.68
N ASN B 363 -21.77 23.35 -21.70
CA ASN B 363 -21.26 22.52 -22.79
C ASN B 363 -19.84 22.99 -23.06
N ILE B 364 -18.87 22.20 -22.65
CA ILE B 364 -17.48 22.64 -22.61
C ILE B 364 -16.64 21.75 -23.51
N ARG B 365 -15.48 22.26 -23.92
CA ARG B 365 -14.60 21.50 -24.80
C ARG B 365 -13.17 21.95 -24.56
N TYR B 366 -12.27 21.02 -24.25
CA TYR B 366 -10.91 21.37 -23.88
C TYR B 366 -10.01 21.47 -25.08
N VAL B 367 -8.97 22.29 -24.98
CA VAL B 367 -7.97 22.47 -26.03
C VAL B 367 -6.60 22.25 -25.42
N ASN B 368 -5.68 21.64 -26.17
CA ASN B 368 -4.28 21.62 -25.79
C ASN B 368 -3.49 22.39 -26.84
N THR B 369 -2.57 23.23 -26.39
CA THR B 369 -1.78 24.04 -27.31
C THR B 369 -0.31 24.07 -26.91
N GLY B 370 0.14 23.12 -26.11
CA GLY B 370 1.52 23.06 -25.69
C GLY B 370 2.32 22.14 -26.57
N THR B 371 3.37 21.54 -26.00
CA THR B 371 4.23 20.66 -26.77
C THR B 371 4.30 19.25 -26.20
N ALA B 372 3.40 18.87 -25.31
CA ALA B 372 3.48 17.56 -24.69
C ALA B 372 2.10 17.16 -24.24
N PRO B 373 1.72 15.90 -24.33
CA PRO B 373 0.35 15.52 -24.00
C PRO B 373 0.15 15.37 -22.49
N ILE B 374 -1.10 15.48 -22.09
CA ILE B 374 -1.47 15.35 -20.69
C ILE B 374 -2.58 14.33 -20.59
N TYR B 375 -2.47 13.43 -19.62
CA TYR B 375 -3.34 12.27 -19.50
C TYR B 375 -4.24 12.44 -18.29
N ASN B 376 -5.45 11.90 -18.38
CA ASN B 376 -6.50 11.96 -17.35
C ASN B 376 -6.78 13.39 -16.93
N VAL B 377 -7.26 14.20 -17.87
CA VAL B 377 -7.40 15.63 -17.64
C VAL B 377 -8.67 15.90 -16.85
N LEU B 378 -8.55 16.68 -15.77
CA LEU B 378 -9.70 17.07 -14.95
C LEU B 378 -9.58 18.55 -14.60
N PRO B 379 -10.11 19.43 -15.43
CA PRO B 379 -10.02 20.85 -15.12
C PRO B 379 -10.94 21.24 -13.99
N THR B 380 -10.53 22.23 -13.22
CA THR B 380 -11.37 22.84 -12.19
C THR B 380 -11.84 24.17 -12.71
N THR B 381 -13.16 24.37 -12.74
CA THR B 381 -13.67 25.50 -13.48
C THR B 381 -14.89 26.04 -12.75
N SER B 382 -15.18 27.32 -12.97
CA SER B 382 -16.15 28.00 -12.12
C SER B 382 -17.05 28.93 -12.91
N LEU B 383 -18.36 28.74 -12.77
CA LEU B 383 -19.35 29.51 -13.51
C LEU B 383 -19.60 30.83 -12.81
N VAL B 384 -19.14 31.92 -13.41
CA VAL B 384 -19.22 33.25 -12.84
C VAL B 384 -20.38 34.01 -13.47
N LEU B 385 -21.13 34.72 -12.66
CA LEU B 385 -22.27 35.51 -13.12
C LEU B 385 -22.02 36.98 -12.82
N GLY B 386 -22.11 37.81 -13.83
CA GLY B 386 -21.92 39.24 -13.62
C GLY B 386 -20.48 39.58 -13.68
N LYS B 387 -20.00 40.33 -12.70
CA LYS B 387 -18.58 40.70 -12.67
C LYS B 387 -17.76 39.58 -12.04
N ASN B 388 -17.94 39.36 -10.75
CA ASN B 388 -17.28 38.24 -10.09
C ASN B 388 -18.16 37.65 -9.00
N GLN B 389 -19.44 37.43 -9.29
CA GLN B 389 -20.31 36.70 -8.40
C GLN B 389 -20.35 35.26 -8.87
N THR B 390 -19.71 34.37 -8.13
CA THR B 390 -19.54 32.99 -8.53
C THR B 390 -20.73 32.15 -8.10
N LEU B 391 -21.20 31.29 -8.99
CA LEU B 391 -22.29 30.40 -8.63
C LEU B 391 -21.83 29.02 -8.23
N ALA B 392 -20.71 28.56 -8.76
CA ALA B 392 -20.25 27.21 -8.48
C ALA B 392 -18.76 27.14 -8.78
N THR B 393 -18.12 26.10 -8.27
CA THR B 393 -16.77 25.74 -8.68
C THR B 393 -16.74 24.23 -8.76
N ILE B 394 -16.46 23.70 -9.93
CA ILE B 394 -16.64 22.28 -10.20
C ILE B 394 -15.32 21.73 -10.69
N LYS B 395 -14.67 20.90 -9.87
CA LYS B 395 -13.69 19.99 -10.44
C LYS B 395 -14.45 18.96 -11.27
N ALA B 396 -13.96 18.70 -12.47
CA ALA B 396 -14.64 17.80 -13.39
C ALA B 396 -14.68 16.38 -12.84
N LYS B 397 -15.81 15.72 -13.03
CA LYS B 397 -16.04 14.41 -12.44
C LYS B 397 -15.60 13.34 -13.44
N GLU B 398 -15.93 12.09 -13.18
CA GLU B 398 -15.45 11.03 -14.06
C GLU B 398 -16.23 10.96 -15.37
N ASN B 399 -17.39 11.58 -15.44
CA ASN B 399 -18.07 11.69 -16.71
C ASN B 399 -17.33 12.59 -17.67
N GLN B 400 -16.68 13.63 -17.15
CA GLN B 400 -16.06 14.65 -17.98
C GLN B 400 -14.53 14.55 -18.00
N LEU B 401 -14.00 13.33 -17.93
CA LEU B 401 -12.57 13.11 -17.90
C LEU B 401 -12.06 12.66 -19.25
N SER B 402 -11.06 13.35 -19.77
CA SER B 402 -10.44 12.98 -21.03
C SER B 402 -9.15 12.24 -20.76
N GLN B 403 -8.97 11.10 -21.42
CA GLN B 403 -7.84 10.27 -21.06
C GLN B 403 -6.54 10.67 -21.73
N ILE B 404 -6.61 11.39 -22.85
CA ILE B 404 -5.42 11.79 -23.58
C ILE B 404 -5.76 13.05 -24.37
N LEU B 405 -4.86 14.04 -24.31
CA LEU B 405 -5.04 15.29 -25.04
C LEU B 405 -3.70 15.65 -25.65
N ALA B 406 -3.45 15.19 -26.87
CA ALA B 406 -2.22 15.45 -27.56
C ALA B 406 -2.17 16.93 -27.95
N PRO B 407 -0.99 17.48 -28.25
CA PRO B 407 -0.94 18.90 -28.61
C PRO B 407 -1.66 19.21 -29.90
N ASN B 408 -2.32 20.36 -29.91
CA ASN B 408 -3.17 20.85 -30.99
C ASN B 408 -4.36 19.94 -31.25
N ASN B 409 -4.97 19.43 -30.18
CA ASN B 409 -6.13 18.57 -30.27
C ASN B 409 -7.24 19.11 -29.38
N TYR B 410 -8.38 18.44 -29.41
CA TYR B 410 -9.54 18.83 -28.62
C TYR B 410 -10.14 17.62 -27.92
N TYR B 411 -10.95 17.87 -26.90
CA TYR B 411 -11.78 16.81 -26.36
C TYR B 411 -13.20 17.33 -26.13
N PRO B 412 -14.20 16.82 -26.83
CA PRO B 412 -14.13 15.81 -27.88
C PRO B 412 -13.67 16.42 -29.16
N SER B 413 -13.57 15.67 -30.26
CA SER B 413 -13.00 16.23 -31.46
C SER B 413 -13.88 17.32 -32.03
N LYS B 414 -13.35 18.05 -33.00
CA LYS B 414 -14.07 19.20 -33.52
C LYS B 414 -15.30 18.80 -34.33
N ASN B 415 -15.43 17.54 -34.71
CA ASN B 415 -16.63 17.04 -35.36
C ASN B 415 -17.59 16.35 -34.39
N LEU B 416 -17.56 16.71 -33.11
CA LEU B 416 -18.46 16.11 -32.13
C LEU B 416 -18.98 17.18 -31.18
N ALA B 417 -20.19 16.96 -30.69
CA ALA B 417 -20.81 17.88 -29.76
C ALA B 417 -20.06 17.87 -28.43
N PRO B 418 -20.02 18.99 -27.72
CA PRO B 418 -19.22 19.07 -26.51
C PRO B 418 -19.85 18.30 -25.36
N ILE B 419 -19.04 18.03 -24.36
CA ILE B 419 -19.49 17.31 -23.19
C ILE B 419 -20.28 18.26 -22.30
N ALA B 420 -21.06 17.69 -21.39
CA ALA B 420 -21.94 18.46 -20.53
C ALA B 420 -21.46 18.37 -19.10
N LEU B 421 -21.29 19.52 -18.46
CA LEU B 421 -20.91 19.61 -17.06
C LEU B 421 -22.16 20.00 -16.27
N ASN B 422 -22.81 19.02 -15.66
CA ASN B 422 -24.12 19.33 -15.11
C ASN B 422 -24.33 18.78 -13.70
N ALA B 423 -23.27 18.48 -12.98
CA ALA B 423 -23.45 18.00 -11.62
C ALA B 423 -22.30 18.47 -10.76
N GLN B 424 -22.62 18.67 -9.49
CA GLN B 424 -21.73 19.26 -8.51
C GLN B 424 -21.25 18.27 -7.47
N ASP B 425 -22.08 17.28 -7.13
CA ASP B 425 -21.76 16.19 -6.23
C ASP B 425 -20.53 15.44 -6.70
N ASP B 426 -19.87 14.78 -5.75
CA ASP B 426 -18.69 13.98 -6.06
C ASP B 426 -19.04 12.77 -6.91
N PHE B 427 -20.20 12.18 -6.73
CA PHE B 427 -20.61 11.03 -7.50
C PHE B 427 -21.51 11.38 -8.65
N SER B 428 -21.62 12.68 -8.97
CA SER B 428 -22.43 13.21 -10.07
C SER B 428 -23.90 12.82 -9.90
N SER B 429 -24.50 13.31 -8.83
CA SER B 429 -25.89 13.03 -8.55
C SER B 429 -26.66 14.24 -8.05
N THR B 430 -26.09 15.43 -8.10
CA THR B 430 -26.73 16.61 -7.58
C THR B 430 -26.44 17.78 -8.51
N PRO B 431 -27.46 18.44 -9.05
CA PRO B 431 -27.25 19.42 -10.11
C PRO B 431 -26.72 20.73 -9.56
N ILE B 432 -26.41 21.64 -10.48
CA ILE B 432 -25.84 22.94 -10.17
C ILE B 432 -26.97 23.95 -10.21
N THR B 433 -27.40 24.44 -9.06
CA THR B 433 -28.61 25.22 -8.97
C THR B 433 -28.29 26.72 -8.88
N MET B 434 -29.31 27.51 -8.61
CA MET B 434 -29.29 28.96 -8.78
C MET B 434 -30.53 29.57 -8.14
N ASN B 435 -30.43 30.63 -7.36
CA ASN B 435 -31.61 31.13 -6.67
C ASN B 435 -32.34 32.12 -7.57
N TYR B 436 -33.27 32.87 -6.98
CA TYR B 436 -34.19 33.68 -7.76
C TYR B 436 -33.56 34.94 -8.31
N ASN B 437 -32.75 35.62 -7.49
CA ASN B 437 -32.17 36.88 -7.92
C ASN B 437 -31.10 36.66 -8.97
N GLN B 438 -30.33 35.59 -8.86
CA GLN B 438 -29.39 35.23 -9.91
C GLN B 438 -30.10 34.85 -11.19
N PHE B 439 -31.28 34.24 -11.08
CA PHE B 439 -32.01 33.83 -12.27
C PHE B 439 -32.59 35.03 -13.00
N LEU B 440 -33.09 36.01 -12.24
CA LEU B 440 -33.58 37.22 -12.88
C LEU B 440 -32.44 38.03 -13.48
N GLU B 441 -31.29 38.05 -12.82
CA GLU B 441 -30.15 38.78 -13.38
C GLU B 441 -29.58 38.08 -14.62
N LEU B 442 -29.62 36.75 -14.65
CA LEU B 442 -29.15 36.05 -15.84
C LEU B 442 -30.12 36.20 -17.00
N GLU B 443 -31.41 36.33 -16.71
CA GLU B 443 -32.36 36.61 -17.78
C GLU B 443 -32.23 38.04 -18.27
N LYS B 444 -31.88 38.97 -17.40
CA LYS B 444 -31.85 40.36 -17.80
C LYS B 444 -30.55 40.74 -18.49
N THR B 445 -29.42 40.14 -18.10
CA THR B 445 -28.12 40.59 -18.59
C THR B 445 -27.45 39.66 -19.58
N LYS B 446 -27.77 38.36 -19.54
CA LYS B 446 -27.13 37.33 -20.37
C LYS B 446 -25.62 37.29 -20.19
N GLN B 447 -25.15 37.45 -18.95
CA GLN B 447 -23.73 37.55 -18.65
C GLN B 447 -23.32 36.37 -17.78
N LEU B 448 -22.84 35.30 -18.42
CA LEU B 448 -22.31 34.14 -17.74
C LEU B 448 -21.08 33.68 -18.49
N ARG B 449 -20.02 33.34 -17.76
CA ARG B 449 -18.77 32.91 -18.37
C ARG B 449 -18.23 31.74 -17.59
N LEU B 450 -17.01 31.33 -17.91
CA LEU B 450 -16.44 30.11 -17.38
C LEU B 450 -14.94 30.30 -17.22
N ASP B 451 -14.48 30.51 -16.00
CA ASP B 451 -13.05 30.64 -15.75
C ASP B 451 -12.41 29.28 -15.53
N THR B 452 -11.10 29.22 -15.73
CA THR B 452 -10.35 27.99 -15.61
C THR B 452 -9.30 28.19 -14.53
N ASP B 453 -9.55 27.64 -13.35
CA ASP B 453 -8.64 27.88 -12.25
C ASP B 453 -7.38 27.03 -12.35
N GLN B 454 -7.53 25.72 -12.54
CA GLN B 454 -6.39 24.83 -12.61
C GLN B 454 -6.80 23.59 -13.36
N VAL B 455 -5.82 22.76 -13.70
CA VAL B 455 -6.02 21.57 -14.51
C VAL B 455 -5.17 20.44 -13.92
N TYR B 456 -5.81 19.33 -13.57
CA TYR B 456 -5.11 18.16 -13.10
C TYR B 456 -4.80 17.24 -14.27
N GLY B 457 -3.67 16.53 -14.20
CA GLY B 457 -3.35 15.60 -15.26
C GLY B 457 -2.03 14.90 -15.08
N ASN B 458 -1.95 13.61 -15.41
CA ASN B 458 -0.77 12.81 -15.16
C ASN B 458 0.19 12.83 -16.34
N ILE B 459 1.37 12.24 -16.12
CA ILE B 459 2.46 12.22 -17.09
C ILE B 459 2.71 10.76 -17.47
N ALA B 460 3.13 10.54 -18.70
CA ALA B 460 3.51 9.22 -19.16
C ALA B 460 4.98 9.22 -19.52
N THR B 461 5.70 8.19 -19.07
CA THR B 461 7.15 8.14 -19.18
C THR B 461 7.57 6.87 -19.89
N TYR B 462 8.77 6.90 -20.45
CA TYR B 462 9.31 5.75 -21.16
C TYR B 462 9.76 4.67 -20.19
N ASN B 463 9.53 3.42 -20.55
CA ASN B 463 9.97 2.28 -19.77
C ASN B 463 10.98 1.51 -20.59
N PHE B 464 12.26 1.58 -20.18
CA PHE B 464 13.36 1.14 -21.03
C PHE B 464 13.40 -0.36 -21.26
N GLU B 465 12.80 -1.15 -20.38
CA GLU B 465 12.98 -2.60 -20.48
C GLU B 465 12.16 -3.21 -21.59
N ASN B 466 11.02 -2.60 -21.95
CA ASN B 466 10.18 -3.17 -22.99
C ASN B 466 9.61 -2.10 -23.90
N GLY B 467 10.20 -0.91 -23.91
CA GLY B 467 9.81 0.13 -24.84
C GLY B 467 8.44 0.74 -24.62
N ARG B 468 7.72 0.35 -23.59
CA ARG B 468 6.38 0.85 -23.42
C ARG B 468 6.41 2.24 -22.83
N VAL B 469 5.26 2.88 -22.85
CA VAL B 469 5.05 4.19 -22.25
C VAL B 469 3.90 4.04 -21.28
N ARG B 470 4.15 4.32 -20.00
CA ARG B 470 3.21 3.98 -18.96
C ARG B 470 2.92 5.19 -18.09
N VAL B 471 1.65 5.55 -17.97
CA VAL B 471 1.20 6.71 -17.21
C VAL B 471 1.45 6.47 -15.73
N ASP B 472 2.16 7.38 -15.10
CA ASP B 472 2.41 7.32 -13.66
C ASP B 472 1.31 8.08 -12.95
N THR B 473 0.42 7.35 -12.28
CA THR B 473 -0.75 7.98 -11.66
C THR B 473 -0.46 8.60 -10.31
N GLY B 474 0.80 8.84 -9.97
CA GLY B 474 1.11 9.49 -8.72
C GLY B 474 1.64 10.89 -8.94
N SER B 475 2.15 11.14 -10.13
CA SER B 475 2.81 12.39 -10.46
C SER B 475 2.01 13.14 -11.50
N ASN B 476 1.66 14.38 -11.19
CA ASN B 476 0.94 15.24 -12.10
C ASN B 476 1.82 16.41 -12.50
N TRP B 477 1.34 17.15 -13.51
CA TRP B 477 2.09 18.22 -14.14
C TRP B 477 2.24 19.45 -13.27
N SER B 478 1.60 19.52 -12.12
CA SER B 478 1.77 20.65 -11.23
C SER B 478 2.95 20.49 -10.30
N GLU B 479 3.62 19.34 -10.31
CA GLU B 479 4.95 19.28 -9.73
C GLU B 479 6.00 19.71 -10.72
N VAL B 480 5.66 19.77 -12.00
CA VAL B 480 6.63 19.98 -13.06
C VAL B 480 6.58 21.40 -13.58
N LEU B 481 5.37 21.90 -13.84
CA LEU B 481 5.22 23.20 -14.50
C LEU B 481 5.82 24.41 -13.78
N PRO B 482 5.81 24.53 -12.45
CA PRO B 482 6.54 25.66 -11.86
C PRO B 482 8.04 25.50 -11.89
N GLN B 483 8.58 24.35 -12.25
CA GLN B 483 10.02 24.22 -12.45
C GLN B 483 10.43 24.55 -13.87
N ILE B 484 9.53 24.37 -14.83
CA ILE B 484 9.76 24.91 -16.15
C ILE B 484 9.60 26.41 -16.13
N GLN B 485 8.61 26.92 -15.39
CA GLN B 485 8.31 28.34 -15.37
C GLN B 485 9.33 29.18 -14.62
N GLU B 486 10.37 28.59 -14.05
CA GLU B 486 11.28 29.34 -13.22
C GLU B 486 12.71 29.32 -13.72
N THR B 487 13.08 28.35 -14.54
CA THR B 487 14.44 28.29 -15.07
C THR B 487 14.52 28.59 -16.54
N THR B 488 13.41 28.91 -17.19
CA THR B 488 13.36 29.07 -18.64
C THR B 488 12.84 30.45 -19.00
N ALA B 489 13.32 30.97 -20.13
CA ALA B 489 12.83 32.21 -20.70
C ALA B 489 11.67 31.91 -21.63
N ARG B 490 10.69 32.80 -21.69
CA ARG B 490 9.53 32.59 -22.56
C ARG B 490 9.61 33.52 -23.75
N ILE B 491 9.41 32.95 -24.94
CA ILE B 491 9.29 33.71 -26.17
C ILE B 491 7.93 33.39 -26.77
N ILE B 492 7.18 34.43 -27.13
CA ILE B 492 5.92 34.26 -27.82
C ILE B 492 6.10 34.86 -29.22
N PHE B 493 5.29 34.40 -30.16
CA PHE B 493 5.52 34.67 -31.56
C PHE B 493 4.24 34.38 -32.32
N ASN B 494 3.92 35.22 -33.31
CA ASN B 494 2.75 34.93 -34.13
C ASN B 494 2.99 35.23 -35.59
N GLY B 495 4.22 35.06 -36.07
CA GLY B 495 4.52 35.38 -37.45
C GLY B 495 3.90 34.43 -38.45
N LYS B 496 3.53 33.23 -38.03
CA LYS B 496 2.91 32.25 -38.91
C LYS B 496 1.40 32.26 -38.66
N ASP B 497 0.62 32.64 -39.69
CA ASP B 497 -0.87 32.65 -39.70
C ASP B 497 -1.50 33.51 -38.57
N LEU B 498 -0.72 34.39 -37.95
CA LEU B 498 -1.19 35.31 -36.91
C LEU B 498 -1.92 34.58 -35.78
N ASN B 499 -1.15 33.75 -35.08
CA ASN B 499 -1.66 33.03 -33.93
C ASN B 499 -0.56 32.90 -32.89
N LEU B 500 -0.88 33.23 -31.64
CA LEU B 500 0.15 33.42 -30.63
C LEU B 500 0.70 32.08 -30.17
N VAL B 501 1.90 31.74 -30.63
CA VAL B 501 2.56 30.48 -30.32
C VAL B 501 3.60 30.77 -29.25
N GLU B 502 3.62 29.93 -28.20
CA GLU B 502 4.43 30.18 -27.02
C GLU B 502 5.41 29.04 -26.81
N ARG B 503 6.69 29.34 -26.71
CA ARG B 503 7.72 28.36 -26.45
C ARG B 503 8.63 28.86 -25.35
N ARG B 504 9.29 27.95 -24.66
CA ARG B 504 10.18 28.27 -23.56
C ARG B 504 11.53 27.61 -23.80
N ILE B 505 12.61 28.35 -23.55
CA ILE B 505 13.95 27.90 -23.86
C ILE B 505 14.78 28.00 -22.59
N ALA B 506 15.48 26.92 -22.25
CA ALA B 506 16.17 26.81 -20.97
C ALA B 506 17.41 27.71 -20.96
N ALA B 507 17.34 28.81 -20.21
CA ALA B 507 18.41 29.78 -20.13
C ALA B 507 19.04 29.80 -18.75
N VAL B 508 20.10 30.58 -18.61
CA VAL B 508 21.02 30.52 -17.48
C VAL B 508 20.64 31.54 -16.43
N ASN B 509 20.32 31.07 -15.23
CA ASN B 509 20.08 31.97 -14.10
C ASN B 509 21.39 32.25 -13.38
N PRO B 510 21.77 33.49 -13.15
CA PRO B 510 23.12 33.77 -12.66
C PRO B 510 23.33 33.46 -11.20
N SER B 511 22.28 33.37 -10.41
CA SER B 511 22.40 33.27 -8.95
C SER B 511 21.83 31.98 -8.42
N ASP B 512 22.17 30.86 -9.05
CA ASP B 512 21.74 29.53 -8.66
C ASP B 512 22.76 28.57 -9.25
N PRO B 513 23.53 27.85 -8.45
CA PRO B 513 24.67 27.10 -8.98
C PRO B 513 24.29 25.91 -9.83
N LEU B 514 23.06 25.43 -9.80
CA LEU B 514 22.70 24.39 -10.76
C LEU B 514 22.38 24.98 -12.12
N GLU B 515 21.87 26.19 -12.16
CA GLU B 515 21.49 26.84 -13.41
C GLU B 515 22.62 27.61 -14.08
N THR B 516 23.78 27.71 -13.46
CA THR B 516 24.92 28.24 -14.18
C THR B 516 25.67 27.17 -14.94
N THR B 517 25.13 25.95 -15.01
CA THR B 517 25.73 24.86 -15.75
C THR B 517 25.03 24.57 -17.07
N LYS B 518 23.86 25.13 -17.31
CA LYS B 518 23.21 24.98 -18.60
C LYS B 518 23.99 25.77 -19.65
N PRO B 519 24.01 25.30 -20.88
CA PRO B 519 24.83 25.97 -21.91
C PRO B 519 24.28 27.32 -22.28
N ASP B 520 25.21 28.22 -22.65
CA ASP B 520 24.88 29.62 -22.84
C ASP B 520 24.04 29.81 -24.09
N MET B 521 22.87 30.40 -23.92
CA MET B 521 21.89 30.57 -24.98
C MET B 521 21.88 32.02 -25.42
N THR B 522 21.92 32.25 -26.73
CA THR B 522 21.75 33.58 -27.28
C THR B 522 20.35 33.69 -27.85
N LEU B 523 20.03 34.85 -28.42
CA LEU B 523 18.69 35.04 -28.94
C LEU B 523 18.54 34.47 -30.34
N LYS B 524 19.61 34.52 -31.14
CA LYS B 524 19.56 33.93 -32.48
C LYS B 524 19.39 32.43 -32.41
N GLU B 525 20.12 31.77 -31.51
CA GLU B 525 20.01 30.33 -31.36
C GLU B 525 18.64 29.93 -30.85
N ALA B 526 18.06 30.72 -29.94
CA ALA B 526 16.74 30.41 -29.41
C ALA B 526 15.67 30.54 -30.47
N LEU B 527 15.72 31.61 -31.27
CA LEU B 527 14.80 31.75 -32.38
C LEU B 527 15.02 30.70 -33.45
N LYS B 528 16.26 30.22 -33.58
CA LYS B 528 16.55 29.25 -34.62
C LYS B 528 16.09 27.85 -34.25
N ILE B 529 16.12 27.48 -32.97
CA ILE B 529 15.77 26.12 -32.60
C ILE B 529 14.35 25.97 -32.07
N ALA B 530 13.71 27.06 -31.63
CA ALA B 530 12.36 26.92 -31.11
C ALA B 530 11.29 27.13 -32.17
N PHE B 531 11.51 28.07 -33.10
CA PHE B 531 10.47 28.47 -34.04
C PHE B 531 10.79 28.11 -35.48
N GLY B 532 11.97 27.57 -35.76
CA GLY B 532 12.26 27.18 -37.13
C GLY B 532 12.73 28.29 -38.01
N PHE B 533 13.29 29.35 -37.45
CA PHE B 533 14.01 30.34 -38.24
C PHE B 533 15.26 29.70 -38.85
N ASN B 534 15.75 30.30 -39.92
CA ASN B 534 16.98 29.81 -40.54
C ASN B 534 17.61 30.91 -41.36
N GLU B 535 18.94 30.95 -41.34
CA GLU B 535 19.67 31.90 -42.17
C GLU B 535 20.20 31.22 -43.43
N PRO B 536 19.65 31.52 -44.61
CA PRO B 536 20.10 30.85 -45.82
C PRO B 536 21.22 31.56 -46.55
N ASN B 537 21.49 32.83 -46.22
CA ASN B 537 22.60 33.55 -46.82
C ASN B 537 23.31 34.43 -45.80
N GLY B 538 22.91 34.36 -44.54
CA GLY B 538 23.45 35.22 -43.51
C GLY B 538 22.45 36.13 -42.83
N ASN B 539 21.19 36.09 -43.24
CA ASN B 539 20.14 36.91 -42.64
C ASN B 539 19.17 36.01 -41.91
N LEU B 540 18.87 36.33 -40.66
CA LEU B 540 17.91 35.56 -39.89
C LEU B 540 16.53 35.75 -40.47
N GLN B 541 15.90 34.66 -40.87
CA GLN B 541 14.66 34.72 -41.62
C GLN B 541 13.67 33.71 -41.08
N TYR B 542 12.41 34.00 -41.31
CA TYR B 542 11.34 33.00 -41.28
C TYR B 542 11.27 32.37 -42.67
N GLN B 543 10.12 31.78 -43.00
CA GLN B 543 9.90 31.22 -44.34
C GLN B 543 10.15 32.24 -45.44
N GLY B 544 9.51 33.40 -45.34
CA GLY B 544 9.82 34.43 -46.32
C GLY B 544 10.38 35.71 -45.77
N LYS B 545 9.94 36.14 -44.60
CA LYS B 545 10.24 37.48 -44.14
C LYS B 545 11.61 37.53 -43.48
N ASP B 546 12.19 38.72 -43.46
CA ASP B 546 13.41 38.92 -42.70
C ASP B 546 13.07 39.08 -41.22
N ILE B 547 14.11 39.15 -40.40
CA ILE B 547 13.86 39.41 -38.99
C ILE B 547 13.42 40.85 -38.79
N THR B 548 13.88 41.78 -39.64
CA THR B 548 13.53 43.19 -39.53
C THR B 548 12.08 43.48 -39.88
N GLU B 549 11.36 42.52 -40.45
CA GLU B 549 9.92 42.66 -40.57
C GLU B 549 9.19 42.39 -39.27
N PHE B 550 9.88 41.94 -38.24
CA PHE B 550 9.29 41.70 -36.92
C PHE B 550 9.87 42.68 -35.90
N ASP B 551 9.25 42.71 -34.72
CA ASP B 551 9.67 43.65 -33.70
C ASP B 551 9.52 43.03 -32.33
N PHE B 552 10.23 43.61 -31.36
CA PHE B 552 10.42 42.99 -30.05
C PHE B 552 9.82 43.85 -28.96
N ASN B 553 8.70 43.40 -28.39
CA ASN B 553 8.11 44.02 -27.23
C ASN B 553 8.50 43.20 -26.00
N PHE B 554 9.48 43.69 -25.26
CA PHE B 554 9.86 43.07 -23.99
C PHE B 554 8.96 43.60 -22.89
N ASP B 555 8.86 42.85 -21.79
CA ASP B 555 8.28 43.44 -20.60
C ASP B 555 9.37 44.16 -19.84
N GLN B 556 9.03 44.79 -18.71
CA GLN B 556 9.89 45.81 -18.13
C GLN B 556 11.13 45.20 -17.49
N GLN B 557 10.95 44.13 -16.71
CA GLN B 557 12.08 43.50 -16.03
C GLN B 557 13.04 42.86 -17.03
N THR B 558 12.52 42.39 -18.16
CA THR B 558 13.40 41.98 -19.24
C THR B 558 14.05 43.18 -19.91
N SER B 559 13.29 44.26 -20.07
CA SER B 559 13.75 45.40 -20.87
C SER B 559 14.92 46.10 -20.20
N GLN B 560 14.97 46.10 -18.88
CA GLN B 560 16.14 46.62 -18.18
C GLN B 560 17.41 45.87 -18.52
N ASN B 561 17.34 44.54 -18.51
CA ASN B 561 18.51 43.73 -18.82
C ASN B 561 18.89 43.84 -20.29
N ILE B 562 17.89 43.95 -21.17
CA ILE B 562 18.16 44.09 -22.59
C ILE B 562 18.85 45.42 -22.87
N LYS B 563 18.40 46.50 -22.21
CA LYS B 563 19.02 47.80 -22.41
C LYS B 563 20.43 47.85 -21.84
N ASN B 564 20.66 47.20 -20.70
CA ASN B 564 22.02 47.18 -20.15
C ASN B 564 22.96 46.35 -21.02
N GLN B 565 22.46 45.25 -21.58
CA GLN B 565 23.26 44.45 -22.49
C GLN B 565 23.57 45.21 -23.78
N LEU B 566 22.62 46.01 -24.25
CA LEU B 566 22.87 46.82 -25.44
C LEU B 566 23.85 47.94 -25.14
N ALA B 567 23.85 48.45 -23.90
CA ALA B 567 24.84 49.43 -23.49
C ALA B 567 26.23 48.84 -23.50
N GLU B 568 26.39 47.67 -22.88
CA GLU B 568 27.70 47.01 -22.82
C GLU B 568 28.22 46.55 -24.18
N LEU B 569 27.35 46.39 -25.17
CA LEU B 569 27.79 45.99 -26.49
C LEU B 569 28.05 47.18 -27.41
N ASN B 570 27.61 48.38 -27.00
CA ASN B 570 27.75 49.62 -27.77
C ASN B 570 27.17 49.52 -29.16
N ALA B 571 25.88 49.19 -29.23
CA ALA B 571 25.15 49.16 -30.48
C ALA B 571 23.69 49.44 -30.18
N THR B 572 23.20 50.59 -30.64
CA THR B 572 21.83 51.01 -30.36
C THR B 572 20.78 50.18 -31.08
N ASN B 573 21.08 49.70 -32.28
CA ASN B 573 20.13 48.88 -33.02
C ASN B 573 20.23 47.44 -32.55
N ILE B 574 19.08 46.83 -32.27
CA ILE B 574 19.10 45.48 -31.72
C ILE B 574 19.34 44.45 -32.81
N TYR B 575 18.83 44.69 -34.03
CA TYR B 575 18.76 43.68 -35.07
C TYR B 575 20.12 43.28 -35.63
N THR B 576 21.18 44.01 -35.31
CA THR B 576 22.51 43.61 -35.74
C THR B 576 23.17 42.65 -34.79
N VAL B 577 22.72 42.56 -33.55
CA VAL B 577 23.41 41.80 -32.52
C VAL B 577 22.53 40.72 -31.91
N LEU B 578 21.66 40.10 -32.70
CA LEU B 578 20.85 39.02 -32.16
C LEU B 578 21.64 37.76 -31.84
N ASP B 579 22.87 37.64 -32.29
CA ASP B 579 23.76 36.59 -31.82
C ASP B 579 24.74 37.11 -30.80
N LYS B 580 24.36 38.16 -30.07
CA LYS B 580 25.14 38.61 -28.94
C LYS B 580 24.27 39.03 -27.76
N ILE B 581 23.00 38.67 -27.75
CA ILE B 581 22.12 38.97 -26.64
C ILE B 581 22.01 37.72 -25.78
N LYS B 582 22.65 37.74 -24.62
CA LYS B 582 22.58 36.63 -23.69
C LYS B 582 21.19 36.55 -23.08
N LEU B 583 20.56 35.38 -23.17
CA LEU B 583 19.28 35.19 -22.50
C LEU B 583 19.49 34.85 -21.04
N ASN B 584 18.41 34.94 -20.26
CA ASN B 584 18.44 34.55 -18.86
C ASN B 584 17.09 33.95 -18.51
N ALA B 585 17.00 33.40 -17.30
CA ALA B 585 15.78 32.74 -16.91
C ALA B 585 14.74 33.76 -16.48
N LYS B 586 13.47 33.36 -16.60
CA LYS B 586 12.30 34.19 -16.33
C LYS B 586 12.30 35.50 -17.13
N MET B 587 12.65 35.41 -18.40
CA MET B 587 12.50 36.55 -19.29
C MET B 587 11.10 36.52 -19.89
N ASN B 588 10.80 37.50 -20.73
CA ASN B 588 9.53 37.56 -21.44
C ASN B 588 9.75 38.38 -22.69
N ILE B 589 9.65 37.75 -23.86
CA ILE B 589 9.87 38.41 -25.14
C ILE B 589 8.66 38.14 -26.01
N LEU B 590 8.20 39.15 -26.74
CA LEU B 590 7.05 39.03 -27.64
C LEU B 590 7.42 39.56 -29.00
N ILE B 591 7.25 38.74 -30.04
CA ILE B 591 7.73 39.02 -31.38
C ILE B 591 6.54 38.97 -32.33
N ARG B 592 6.10 40.13 -32.79
CA ARG B 592 4.92 40.23 -33.63
C ARG B 592 5.30 40.70 -35.02
N ASP B 593 4.33 40.65 -35.93
CA ASP B 593 4.52 41.24 -37.23
C ASP B 593 4.32 42.75 -37.15
N LYS B 594 5.15 43.49 -37.89
CA LYS B 594 5.24 44.92 -37.68
C LYS B 594 4.12 45.67 -38.40
N ARG B 595 3.36 45.01 -39.27
CA ARG B 595 2.39 45.67 -40.13
C ARG B 595 0.98 45.70 -39.55
N PHE B 596 0.80 45.57 -38.25
CA PHE B 596 -0.55 45.47 -37.71
C PHE B 596 -0.68 46.25 -36.42
N HIS B 597 -1.92 46.55 -36.06
CA HIS B 597 -2.28 47.14 -34.78
C HIS B 597 -2.83 46.03 -33.90
N TYR B 598 -2.23 45.85 -32.73
CA TYR B 598 -2.59 44.77 -31.82
C TYR B 598 -3.30 45.34 -30.60
N ASP B 599 -4.26 44.60 -30.09
CA ASP B 599 -5.01 45.01 -28.91
C ASP B 599 -4.33 44.46 -27.65
N ARG B 600 -5.02 44.46 -26.51
CA ARG B 600 -4.44 44.01 -25.26
C ARG B 600 -4.38 42.48 -25.13
N ASN B 601 -4.93 41.74 -26.08
CA ASN B 601 -4.69 40.30 -26.19
C ASN B 601 -3.82 39.97 -27.39
N ASN B 602 -3.30 41.00 -28.06
CA ASN B 602 -2.40 40.91 -29.22
C ASN B 602 -3.03 40.19 -30.41
N ILE B 603 -4.35 40.20 -30.49
CA ILE B 603 -5.02 39.80 -31.73
C ILE B 603 -4.91 40.96 -32.70
N ALA B 604 -4.32 40.70 -33.87
CA ALA B 604 -4.20 41.73 -34.90
C ALA B 604 -5.59 42.04 -35.44
N VAL B 605 -6.11 43.20 -35.06
CA VAL B 605 -7.43 43.61 -35.53
C VAL B 605 -7.38 44.24 -36.92
N GLY B 606 -6.37 45.05 -37.21
CA GLY B 606 -6.28 45.66 -38.52
C GLY B 606 -4.92 46.29 -38.74
N ALA B 607 -4.63 46.53 -40.00
CA ALA B 607 -3.34 47.08 -40.42
C ALA B 607 -3.42 48.59 -40.51
N ASP B 608 -2.41 49.19 -41.15
CA ASP B 608 -2.46 50.58 -41.57
C ASP B 608 -3.22 50.70 -42.89
N GLU B 609 -3.11 51.85 -43.55
CA GLU B 609 -3.89 52.11 -44.75
C GLU B 609 -3.20 51.58 -46.01
N SER B 610 -1.92 51.87 -46.18
CA SER B 610 -1.21 51.48 -47.41
C SER B 610 -0.94 49.99 -47.49
N VAL B 611 -1.08 49.27 -46.37
CA VAL B 611 -0.78 47.83 -46.35
C VAL B 611 -1.88 47.04 -47.06
N VAL B 612 -3.11 47.54 -47.02
CA VAL B 612 -4.25 46.75 -47.51
C VAL B 612 -4.34 46.82 -49.04
N LYS B 613 -4.03 47.97 -49.63
CA LYS B 613 -4.29 48.18 -51.05
C LYS B 613 -3.30 47.46 -51.95
N GLU B 614 -2.09 47.16 -51.47
CA GLU B 614 -1.07 46.59 -52.35
C GLU B 614 -1.35 45.13 -52.64
N ALA B 615 -1.90 44.40 -51.67
CA ALA B 615 -2.13 42.97 -51.80
C ALA B 615 -3.54 42.62 -52.28
N HIS B 616 -4.27 43.59 -52.84
CA HIS B 616 -5.64 43.38 -53.29
C HIS B 616 -5.80 43.61 -54.78
N ARG B 617 -4.89 43.05 -55.61
CA ARG B 617 -4.80 43.40 -57.02
C ARG B 617 -4.95 42.24 -57.98
N GLU B 618 -4.74 40.99 -57.55
CA GLU B 618 -4.69 39.85 -58.47
C GLU B 618 -6.10 39.30 -58.74
N VAL B 619 -6.89 40.12 -59.43
CA VAL B 619 -8.25 39.77 -59.85
C VAL B 619 -8.16 39.10 -61.21
N ILE B 620 -8.89 38.00 -61.38
CA ILE B 620 -8.69 37.13 -62.54
C ILE B 620 -9.77 37.37 -63.59
N ASN B 621 -10.93 37.89 -63.15
CA ASN B 621 -12.08 38.26 -63.97
C ASN B 621 -13.07 38.94 -63.05
N SER B 622 -13.90 39.82 -63.61
CA SER B 622 -14.86 40.59 -62.83
C SER B 622 -16.27 40.22 -63.25
N SER B 623 -17.14 39.97 -62.26
CA SER B 623 -18.51 39.53 -62.54
C SER B 623 -19.46 40.26 -61.59
N THR B 624 -20.73 40.34 -62.00
CA THR B 624 -21.75 41.02 -61.23
C THR B 624 -22.58 40.11 -60.35
N GLU B 625 -22.35 38.80 -60.42
CA GLU B 625 -23.03 37.87 -59.52
C GLU B 625 -22.23 37.63 -58.24
N GLY B 626 -20.96 37.27 -58.39
CA GLY B 626 -20.06 37.08 -57.28
C GLY B 626 -18.64 37.21 -57.77
N LEU B 627 -17.83 38.01 -57.08
CA LEU B 627 -16.54 38.44 -57.59
C LEU B 627 -15.53 37.29 -57.53
N LEU B 628 -14.35 37.52 -58.09
CA LEU B 628 -13.27 36.54 -58.06
C LEU B 628 -12.02 37.23 -57.51
N LEU B 629 -11.50 36.73 -56.39
CA LEU B 629 -10.31 37.27 -55.76
C LEU B 629 -9.39 36.15 -55.31
N ASN B 630 -8.10 36.47 -55.21
CA ASN B 630 -7.10 35.55 -54.65
C ASN B 630 -6.28 36.36 -53.64
N ILE B 631 -6.76 36.37 -52.40
CA ILE B 631 -6.24 37.27 -51.38
C ILE B 631 -5.25 36.51 -50.51
N ASP B 632 -4.35 37.26 -49.88
CA ASP B 632 -3.38 36.66 -48.97
C ASP B 632 -4.07 36.27 -47.66
N LYS B 633 -3.70 35.10 -47.15
CA LYS B 633 -4.37 34.56 -45.97
C LYS B 633 -4.10 35.40 -44.73
N ASP B 634 -2.90 35.96 -44.61
CA ASP B 634 -2.60 36.79 -43.44
C ASP B 634 -3.18 38.19 -43.55
N ILE B 635 -3.50 38.67 -44.74
CA ILE B 635 -4.14 39.98 -44.88
C ILE B 635 -5.66 39.86 -44.88
N ARG B 636 -6.21 38.68 -45.11
CA ARG B 636 -7.65 38.49 -44.93
C ARG B 636 -8.02 38.18 -43.48
N LYS B 637 -7.03 38.04 -42.60
CA LYS B 637 -7.30 37.80 -41.20
C LYS B 637 -7.70 39.07 -40.45
N ILE B 638 -7.76 40.21 -41.12
CA ILE B 638 -8.14 41.45 -40.46
C ILE B 638 -9.37 42.11 -41.09
N LEU B 639 -9.64 41.94 -42.38
CA LEU B 639 -10.73 42.63 -43.05
C LEU B 639 -12.01 41.86 -42.80
N SER B 640 -12.98 42.50 -42.12
CA SER B 640 -14.16 41.79 -41.65
C SER B 640 -15.36 41.88 -42.60
N GLY B 641 -15.90 43.08 -42.80
CA GLY B 641 -17.13 43.24 -43.54
C GLY B 641 -16.90 43.81 -44.93
N TYR B 642 -17.92 43.65 -45.79
CA TYR B 642 -17.80 43.99 -47.20
C TYR B 642 -18.76 45.12 -47.53
N ILE B 643 -18.41 45.89 -48.57
CA ILE B 643 -19.17 47.09 -48.97
C ILE B 643 -19.22 47.13 -50.49
N VAL B 644 -20.44 47.26 -51.04
CA VAL B 644 -20.66 47.39 -52.48
C VAL B 644 -21.49 48.65 -52.71
N GLU B 645 -21.16 49.43 -53.75
CA GLU B 645 -22.00 50.56 -54.12
C GLU B 645 -21.91 50.85 -55.61
N ILE B 646 -22.82 51.71 -56.07
CA ILE B 646 -22.88 52.18 -57.46
C ILE B 646 -22.52 53.67 -57.46
N GLU B 647 -21.60 54.05 -58.35
CA GLU B 647 -21.16 55.44 -58.46
C GLU B 647 -21.64 56.02 -59.78
N ASP B 648 -22.14 57.24 -59.75
CA ASP B 648 -22.77 57.90 -60.89
C ASP B 648 -21.69 58.57 -61.76
N THR B 649 -22.12 59.22 -62.84
CA THR B 649 -21.21 60.04 -63.66
C THR B 649 -20.67 61.21 -62.85
N GLU B 650 -21.56 62.06 -62.34
CA GLU B 650 -21.14 63.12 -61.43
C GLU B 650 -20.81 62.58 -60.04
N GLY B 651 -21.33 61.40 -59.71
CA GLY B 651 -20.94 60.73 -58.49
C GLY B 651 -22.02 60.61 -57.44
N LEU B 652 -22.54 59.40 -57.25
CA LEU B 652 -23.52 59.13 -56.21
C LEU B 652 -23.04 57.99 -55.33
N LYS B 653 -23.45 58.05 -54.07
CA LYS B 653 -23.11 57.06 -53.05
C LYS B 653 -24.28 56.09 -52.94
N GLU B 654 -24.40 55.21 -53.92
CA GLU B 654 -25.54 54.30 -54.01
C GLU B 654 -25.14 52.93 -53.46
N VAL B 655 -24.94 52.90 -52.15
CA VAL B 655 -24.77 51.65 -51.43
C VAL B 655 -26.05 50.84 -51.45
N ILE B 656 -25.90 49.51 -51.56
CA ILE B 656 -27.03 48.61 -51.58
C ILE B 656 -27.10 47.77 -50.31
N ASN B 657 -26.01 47.66 -49.55
CA ASN B 657 -25.94 46.88 -48.33
C ASN B 657 -25.51 47.76 -47.15
N ASP B 658 -26.09 48.96 -47.08
CA ASP B 658 -25.77 49.91 -46.02
C ASP B 658 -26.44 49.49 -44.71
N ARG B 659 -25.83 48.50 -44.07
CA ARG B 659 -26.25 48.00 -42.78
C ARG B 659 -25.01 47.58 -42.00
N TYR B 660 -25.22 46.83 -40.92
CA TYR B 660 -24.10 46.26 -40.19
C TYR B 660 -24.17 44.73 -40.12
N ASP B 661 -25.34 44.16 -39.79
CA ASP B 661 -25.53 42.72 -39.89
C ASP B 661 -25.83 42.27 -41.32
N MET B 662 -25.92 43.22 -42.26
CA MET B 662 -25.95 42.94 -43.69
C MET B 662 -24.72 43.51 -44.39
N LEU B 663 -23.55 43.25 -43.82
CA LEU B 663 -22.27 43.66 -44.40
C LEU B 663 -21.51 42.50 -45.03
N ASN B 664 -21.66 41.29 -44.50
CA ASN B 664 -20.75 40.19 -44.79
C ASN B 664 -21.25 39.38 -45.98
N ILE B 665 -20.58 39.56 -47.13
CA ILE B 665 -20.71 38.65 -48.27
C ILE B 665 -19.35 38.03 -48.51
N SER B 666 -18.60 37.82 -47.42
CA SER B 666 -17.31 37.14 -47.49
C SER B 666 -17.51 35.67 -47.80
N SER B 667 -16.88 35.19 -48.87
CA SER B 667 -17.02 33.79 -49.26
C SER B 667 -15.79 33.35 -50.05
N LEU B 668 -15.64 32.03 -50.15
CA LEU B 668 -14.43 31.40 -50.65
C LEU B 668 -14.78 30.02 -51.19
N ARG B 669 -13.89 29.45 -52.00
CA ARG B 669 -14.07 28.15 -52.60
C ARG B 669 -12.92 27.23 -52.18
N GLN B 670 -13.04 25.94 -52.52
CA GLN B 670 -12.10 24.90 -52.13
C GLN B 670 -10.72 25.07 -52.73
N ASP B 671 -10.59 25.81 -53.84
CA ASP B 671 -9.28 25.99 -54.45
C ASP B 671 -8.48 27.11 -53.80
N GLY B 672 -9.17 28.11 -53.24
CA GLY B 672 -8.51 29.28 -52.72
C GLY B 672 -8.82 30.54 -53.50
N LYS B 673 -10.04 30.62 -54.03
CA LYS B 673 -10.50 31.81 -54.76
C LYS B 673 -11.59 32.50 -53.95
N THR B 674 -11.39 33.78 -53.65
CA THR B 674 -12.29 34.56 -52.81
C THR B 674 -13.35 35.22 -53.68
N PHE B 675 -14.54 35.43 -53.11
CA PHE B 675 -15.66 36.03 -53.81
C PHE B 675 -16.17 37.23 -53.02
N ILE B 676 -16.69 38.22 -53.73
CA ILE B 676 -17.54 39.25 -53.15
C ILE B 676 -18.91 39.06 -53.78
N ASP B 677 -19.78 38.31 -53.11
CA ASP B 677 -21.02 37.82 -53.70
C ASP B 677 -22.05 38.93 -53.74
N PHE B 678 -22.29 39.49 -54.93
CA PHE B 678 -23.27 40.57 -55.06
C PHE B 678 -24.70 40.06 -54.96
N LYS B 679 -24.90 38.74 -55.10
CA LYS B 679 -26.25 38.16 -55.15
C LYS B 679 -26.96 38.23 -53.80
N LYS B 680 -26.22 38.36 -52.70
CA LYS B 680 -26.81 38.09 -51.40
C LYS B 680 -27.62 39.26 -50.86
N TYR B 681 -27.30 40.49 -51.27
CA TYR B 681 -27.95 41.68 -50.73
C TYR B 681 -28.68 42.46 -51.83
N ASN B 682 -29.25 41.72 -52.79
CA ASN B 682 -30.09 42.29 -53.83
C ASN B 682 -31.48 41.68 -53.87
N ASP B 683 -31.82 40.82 -52.91
CA ASP B 683 -32.91 39.85 -53.00
C ASP B 683 -32.79 39.01 -54.28
N LYS B 684 -31.66 38.27 -54.34
CA LYS B 684 -31.42 37.16 -55.27
C LYS B 684 -31.42 37.59 -56.73
N LEU B 685 -30.52 38.53 -57.07
CA LEU B 685 -30.35 38.97 -58.46
C LEU B 685 -28.98 39.62 -58.59
N PRO B 686 -28.37 39.59 -59.79
CA PRO B 686 -27.18 40.41 -60.04
C PRO B 686 -27.46 41.91 -59.95
N LEU B 687 -26.38 42.69 -59.94
CA LEU B 687 -26.46 44.11 -59.61
C LEU B 687 -27.10 44.89 -60.74
N TYR B 688 -27.65 46.06 -60.40
CA TYR B 688 -28.67 46.73 -61.19
C TYR B 688 -28.03 47.82 -62.05
N ILE B 689 -27.15 47.40 -62.94
CA ILE B 689 -26.35 48.30 -63.78
C ILE B 689 -27.10 48.47 -65.10
N SER B 690 -27.72 49.63 -65.28
CA SER B 690 -28.38 49.95 -66.54
C SER B 690 -27.56 50.90 -67.42
N ASN B 691 -26.71 51.73 -66.81
CA ASN B 691 -25.90 52.72 -67.50
C ASN B 691 -24.46 52.21 -67.42
N PRO B 692 -23.72 52.18 -68.54
CA PRO B 692 -22.32 51.73 -68.48
C PRO B 692 -21.39 52.68 -67.75
N ASN B 693 -21.83 53.90 -67.43
CA ASN B 693 -21.05 54.84 -66.64
C ASN B 693 -21.28 54.66 -65.14
N TYR B 694 -21.88 53.55 -64.72
CA TYR B 694 -21.97 53.19 -63.32
C TYR B 694 -20.68 52.52 -62.88
N LYS B 695 -20.15 52.97 -61.74
CA LYS B 695 -18.87 52.50 -61.23
C LYS B 695 -19.09 51.86 -59.87
N VAL B 696 -18.34 50.79 -59.60
CA VAL B 696 -18.55 49.96 -58.42
C VAL B 696 -17.44 50.28 -57.43
N ASN B 697 -17.74 51.16 -56.47
CA ASN B 697 -16.77 51.57 -55.45
C ASN B 697 -16.90 50.64 -54.26
N VAL B 698 -16.01 49.64 -54.19
CA VAL B 698 -16.05 48.60 -53.16
C VAL B 698 -15.12 49.00 -52.03
N TYR B 699 -15.66 49.04 -50.82
CA TYR B 699 -14.87 49.22 -49.61
C TYR B 699 -14.92 47.93 -48.78
N ALA B 700 -14.22 47.95 -47.65
CA ALA B 700 -14.30 46.89 -46.66
C ALA B 700 -13.91 47.49 -45.32
N VAL B 701 -14.28 46.81 -44.25
CA VAL B 701 -14.05 47.29 -42.88
C VAL B 701 -13.33 46.19 -42.10
N THR B 702 -12.47 46.61 -41.17
CA THR B 702 -11.65 45.69 -40.39
C THR B 702 -12.18 45.61 -38.96
N LYS B 703 -11.49 44.86 -38.09
CA LYS B 703 -11.88 44.75 -36.69
C LYS B 703 -11.45 45.94 -35.85
N GLU B 704 -10.74 46.92 -36.42
CA GLU B 704 -10.38 48.11 -35.66
C GLU B 704 -11.59 48.98 -35.39
N ASN B 705 -12.48 49.10 -36.37
CA ASN B 705 -13.65 49.96 -36.27
C ASN B 705 -14.96 49.18 -36.26
N THR B 706 -14.91 47.88 -35.98
CA THR B 706 -16.10 47.04 -36.03
C THR B 706 -17.06 47.40 -34.90
N ILE B 707 -18.32 47.00 -35.08
CA ILE B 707 -19.37 47.25 -34.11
C ILE B 707 -20.15 45.96 -33.89
N ILE B 708 -20.92 45.95 -32.81
CA ILE B 708 -22.01 45.00 -32.62
C ILE B 708 -23.34 45.69 -32.34
N ASN B 709 -23.32 46.94 -31.90
CA ASN B 709 -24.46 47.78 -31.53
C ASN B 709 -24.51 49.01 -32.44
N PRO B 710 -25.70 49.57 -32.70
CA PRO B 710 -25.78 50.77 -33.55
C PRO B 710 -25.28 52.05 -32.88
N SER B 711 -25.51 53.19 -33.54
CA SER B 711 -25.16 54.50 -33.00
C SER B 711 -26.22 55.04 -32.05
N GLU B 712 -26.17 56.34 -31.78
CA GLU B 712 -26.96 56.92 -30.70
C GLU B 712 -28.44 57.01 -31.05
N ASN B 713 -28.78 57.63 -32.17
CA ASN B 713 -30.18 57.91 -32.50
C ASN B 713 -30.82 56.84 -33.39
N GLY B 714 -30.31 56.66 -34.61
CA GLY B 714 -30.91 55.71 -35.52
C GLY B 714 -29.98 55.08 -36.54
N ASP B 715 -28.68 55.32 -36.42
CA ASP B 715 -27.72 54.94 -37.45
C ASP B 715 -27.33 53.50 -37.24
N THR B 716 -27.67 52.65 -38.22
CA THR B 716 -27.35 51.24 -38.21
C THR B 716 -26.43 50.95 -39.39
N SER B 717 -25.35 51.71 -39.50
CA SER B 717 -24.64 51.86 -40.77
C SER B 717 -23.12 51.81 -40.65
N THR B 718 -22.46 52.04 -41.78
CA THR B 718 -21.02 52.30 -41.87
C THR B 718 -20.72 53.80 -41.97
N ASN B 719 -21.27 54.57 -41.03
CA ASN B 719 -21.03 56.01 -40.98
C ASN B 719 -19.91 56.38 -40.02
N GLY B 720 -19.94 55.88 -38.79
CA GLY B 720 -18.83 56.04 -37.86
C GLY B 720 -17.78 54.98 -38.10
N ILE B 721 -16.95 55.18 -39.13
CA ILE B 721 -16.10 54.12 -39.65
C ILE B 721 -14.85 54.73 -40.26
N LYS B 722 -13.88 53.89 -40.57
CA LYS B 722 -12.87 54.19 -41.58
C LYS B 722 -12.93 53.06 -42.61
N LYS B 723 -13.67 53.28 -43.70
CA LYS B 723 -13.66 52.37 -44.82
C LYS B 723 -12.44 52.64 -45.70
N ILE B 724 -12.08 51.67 -46.51
CA ILE B 724 -10.83 51.72 -47.27
C ILE B 724 -11.08 51.18 -48.67
N LEU B 725 -10.40 51.76 -49.67
CA LEU B 725 -10.61 51.38 -51.05
C LEU B 725 -10.07 49.98 -51.33
N ILE B 726 -10.93 49.11 -51.85
CA ILE B 726 -10.59 47.73 -52.16
C ILE B 726 -10.66 47.45 -53.66
N PHE B 727 -11.69 47.94 -54.34
CA PHE B 727 -11.97 47.53 -55.71
C PHE B 727 -12.81 48.61 -56.38
N SER B 728 -12.22 49.32 -57.35
CA SER B 728 -13.00 50.30 -58.10
C SER B 728 -12.59 50.18 -59.57
N LYS B 729 -13.24 49.27 -60.28
CA LYS B 729 -12.91 48.93 -61.64
C LYS B 729 -13.98 49.42 -62.59
N LYS B 730 -13.63 49.45 -63.87
CA LYS B 730 -14.54 49.87 -64.92
C LYS B 730 -15.66 48.85 -65.07
N GLY B 731 -16.88 49.25 -64.70
CA GLY B 731 -18.01 48.34 -64.64
C GLY B 731 -18.71 48.05 -65.94
N TYR B 732 -18.06 48.25 -67.08
CA TYR B 732 -18.67 47.94 -68.38
C TYR B 732 -18.01 46.75 -69.06
N GLU B 733 -16.86 46.29 -68.56
CA GLU B 733 -16.32 44.99 -68.93
C GLU B 733 -16.45 43.99 -67.79
N ILE B 734 -17.30 44.28 -66.81
CA ILE B 734 -17.58 43.36 -65.73
C ILE B 734 -18.69 42.43 -66.21
N GLY B 735 -19.88 42.97 -66.43
CA GLY B 735 -20.97 42.21 -66.99
C GLY B 735 -21.61 41.13 -66.13
N THR C 174 37.05 7.53 4.91
CA THR C 174 36.12 8.54 4.44
C THR C 174 36.11 9.74 5.37
N VAL C 175 35.40 10.78 4.97
CA VAL C 175 35.30 12.01 5.77
C VAL C 175 34.11 11.88 6.71
N PRO C 176 34.18 12.45 7.92
CA PRO C 176 33.06 12.30 8.85
C PRO C 176 31.88 13.17 8.45
N ASP C 177 30.69 12.58 8.52
CA ASP C 177 29.47 13.28 8.12
C ASP C 177 28.36 12.73 9.02
N ARG C 178 28.13 13.41 10.13
CA ARG C 178 27.23 12.89 11.15
C ARG C 178 25.77 12.97 10.77
N ASP C 179 25.39 13.97 9.99
CA ASP C 179 23.98 14.26 9.75
C ASP C 179 23.47 13.75 8.41
N ASN C 180 24.35 13.24 7.56
CA ASN C 180 24.03 12.74 6.21
C ASN C 180 23.38 13.79 5.33
N ASP C 181 23.84 15.03 5.42
CA ASP C 181 23.36 16.03 4.48
C ASP C 181 24.19 16.08 3.22
N GLY C 182 25.45 15.64 3.28
CA GLY C 182 26.31 15.56 2.12
C GLY C 182 27.58 16.38 2.22
N ILE C 183 27.72 17.24 3.22
CA ILE C 183 28.92 18.07 3.38
C ILE C 183 29.55 17.74 4.73
N PRO C 184 30.88 17.70 4.82
CA PRO C 184 31.51 17.19 6.03
C PRO C 184 31.38 18.16 7.19
N ASP C 185 31.81 17.71 8.36
CA ASP C 185 31.56 18.47 9.57
C ASP C 185 32.45 19.68 9.67
N SER C 186 33.73 19.53 9.33
CA SER C 186 34.67 20.62 9.49
C SER C 186 34.37 21.76 8.52
N LEU C 187 33.90 21.44 7.33
CA LEU C 187 33.41 22.46 6.41
C LEU C 187 32.18 23.15 6.95
N GLU C 188 31.31 22.41 7.62
CA GLU C 188 30.10 23.02 8.16
C GLU C 188 30.41 23.92 9.32
N VAL C 189 31.47 23.66 10.07
CA VAL C 189 31.79 24.52 11.18
C VAL C 189 32.58 25.73 10.73
N GLU C 190 33.64 25.53 9.96
CA GLU C 190 34.58 26.62 9.69
C GLU C 190 34.35 27.35 8.38
N GLY C 191 33.23 27.13 7.71
CA GLY C 191 32.98 27.88 6.51
C GLY C 191 33.09 27.06 5.25
N TYR C 192 32.28 27.38 4.25
CA TYR C 192 32.31 26.70 2.96
C TYR C 192 31.61 27.57 1.94
N THR C 193 31.62 27.12 0.70
CA THR C 193 31.00 27.85 -0.40
C THR C 193 30.77 26.89 -1.55
N VAL C 194 30.00 27.35 -2.53
CA VAL C 194 29.67 26.55 -3.70
C VAL C 194 30.05 27.35 -4.93
N ASP C 195 30.80 26.72 -5.84
CA ASP C 195 31.43 27.41 -6.95
C ASP C 195 31.43 26.49 -8.16
N VAL C 196 31.23 27.07 -9.34
CA VAL C 196 31.20 26.31 -10.59
C VAL C 196 32.50 26.54 -11.33
N LYS C 197 33.00 25.50 -12.00
CA LYS C 197 34.34 25.57 -12.58
C LYS C 197 34.32 25.51 -14.11
N ASN C 198 33.88 24.42 -14.71
CA ASN C 198 33.67 24.46 -16.15
C ASN C 198 32.19 24.54 -16.43
N LYS C 199 31.50 23.47 -16.10
CA LYS C 199 30.05 23.40 -16.04
C LYS C 199 29.63 22.51 -14.89
N ARG C 200 30.47 22.40 -13.86
CA ARG C 200 30.25 21.46 -12.78
C ARG C 200 30.38 22.16 -11.44
N THR C 201 29.41 21.95 -10.55
CA THR C 201 29.46 22.54 -9.22
C THR C 201 30.53 21.88 -8.39
N PHE C 202 31.15 22.68 -7.53
CA PHE C 202 32.32 22.25 -6.80
C PHE C 202 32.26 22.90 -5.44
N LEU C 203 31.99 22.11 -4.41
CA LEU C 203 31.92 22.60 -3.05
C LEU C 203 33.27 22.49 -2.38
N SER C 204 33.63 23.51 -1.61
CA SER C 204 35.02 23.74 -1.24
C SER C 204 35.08 24.48 0.09
N PRO C 205 36.13 24.29 0.87
CA PRO C 205 36.28 25.07 2.09
C PRO C 205 36.64 26.51 1.76
N TRP C 206 36.31 27.40 2.67
CA TRP C 206 36.42 28.83 2.39
C TRP C 206 37.87 29.25 2.47
N ILE C 207 38.41 29.69 1.35
CA ILE C 207 39.76 30.24 1.25
C ILE C 207 39.59 31.73 1.00
N SER C 208 40.12 32.55 1.90
CA SER C 208 39.74 33.97 1.91
C SER C 208 40.33 34.72 0.74
N ASN C 209 41.58 34.45 0.38
CA ASN C 209 42.25 35.24 -0.64
C ASN C 209 41.78 34.89 -2.05
N ILE C 210 41.19 33.71 -2.22
CA ILE C 210 40.67 33.32 -3.52
C ILE C 210 39.22 33.75 -3.67
N HIS C 211 38.38 33.36 -2.71
CA HIS C 211 36.94 33.39 -2.91
C HIS C 211 36.30 34.75 -2.66
N GLU C 212 37.00 35.67 -2.02
CA GLU C 212 36.34 36.91 -1.63
C GLU C 212 36.13 37.85 -2.81
N LYS C 213 37.13 37.93 -3.69
CA LYS C 213 37.03 38.83 -4.84
C LYS C 213 36.12 38.25 -5.91
N LYS C 214 35.89 36.93 -5.88
CA LYS C 214 34.92 36.32 -6.78
C LYS C 214 33.49 36.65 -6.40
N GLY C 215 33.26 37.13 -5.18
CA GLY C 215 31.93 37.55 -4.79
C GLY C 215 31.07 36.45 -4.25
N LEU C 216 31.67 35.42 -3.68
CA LEU C 216 30.90 34.30 -3.17
C LEU C 216 30.46 34.56 -1.74
N THR C 217 29.61 33.69 -1.23
CA THR C 217 29.05 33.84 0.10
C THR C 217 29.71 32.80 1.00
N LYS C 218 29.98 33.17 2.24
CA LYS C 218 30.58 32.27 3.21
C LYS C 218 29.49 31.70 4.08
N TYR C 219 29.33 30.39 4.05
CA TYR C 219 28.27 29.71 4.77
C TYR C 219 28.81 29.02 6.00
N LYS C 220 28.08 29.10 7.09
CA LYS C 220 28.31 28.23 8.24
C LYS C 220 26.99 27.59 8.60
N SER C 221 27.03 26.34 9.03
CA SER C 221 25.80 25.60 9.29
C SER C 221 26.03 24.70 10.49
N SER C 222 25.11 23.82 10.73
CA SER C 222 25.27 22.94 11.87
C SER C 222 25.78 21.59 11.43
N PRO C 223 26.82 21.05 12.05
CA PRO C 223 27.37 19.77 11.63
C PRO C 223 26.55 18.57 12.10
N GLU C 224 25.49 18.78 12.86
CA GLU C 224 24.72 17.68 13.41
C GLU C 224 23.23 17.78 13.14
N LYS C 225 22.78 18.74 12.34
CA LYS C 225 21.41 18.78 11.88
C LYS C 225 21.40 18.65 10.38
N TRP C 226 20.45 17.87 9.87
CA TRP C 226 20.30 17.72 8.43
C TRP C 226 19.78 18.99 7.81
N SER C 227 19.08 19.82 8.56
CA SER C 227 18.58 21.10 8.07
C SER C 227 18.64 22.08 9.21
N THR C 228 19.51 23.08 9.08
CA THR C 228 19.86 23.94 10.21
C THR C 228 18.71 24.84 10.63
N ALA C 229 17.74 25.08 9.75
CA ALA C 229 16.54 25.81 10.12
C ALA C 229 15.34 24.91 10.31
N SER C 230 15.55 23.59 10.32
CA SER C 230 14.55 22.56 10.58
C SER C 230 13.40 22.53 9.58
N ASP C 231 13.56 23.10 8.39
CA ASP C 231 12.61 22.99 7.31
C ASP C 231 13.06 21.89 6.37
N PRO C 232 12.18 21.29 5.54
CA PRO C 232 12.56 20.03 4.92
C PRO C 232 13.43 20.13 3.69
N TYR C 233 14.40 21.02 3.68
CA TYR C 233 15.42 21.09 2.65
C TYR C 233 16.75 21.07 3.37
N SER C 234 17.69 20.27 2.86
CA SER C 234 18.95 20.10 3.56
C SER C 234 19.80 21.34 3.41
N ASP C 235 20.95 21.35 4.07
CA ASP C 235 21.87 22.45 3.87
C ASP C 235 22.50 22.36 2.49
N PHE C 236 22.75 21.14 2.04
CA PHE C 236 23.42 20.91 0.76
C PHE C 236 22.52 21.28 -0.41
N GLU C 237 21.25 20.90 -0.36
CA GLU C 237 20.33 21.27 -1.42
C GLU C 237 20.05 22.75 -1.42
N LYS C 238 20.05 23.38 -0.26
CA LYS C 238 19.78 24.80 -0.19
C LYS C 238 20.92 25.60 -0.80
N VAL C 239 22.16 25.22 -0.52
CA VAL C 239 23.25 25.99 -1.11
C VAL C 239 23.49 25.62 -2.56
N THR C 240 23.19 24.39 -2.97
CA THR C 240 23.60 23.97 -4.30
C THR C 240 22.62 24.44 -5.36
N GLY C 241 21.34 24.47 -5.03
CA GLY C 241 20.32 24.74 -6.01
C GLY C 241 19.50 23.54 -6.34
N ARG C 242 19.76 22.41 -5.70
CA ARG C 242 19.02 21.17 -5.94
C ARG C 242 17.73 21.15 -5.17
N ILE C 243 16.89 22.16 -5.33
CA ILE C 243 15.76 22.41 -4.47
C ILE C 243 14.56 22.69 -5.36
N ASP C 244 13.37 22.69 -4.76
CA ASP C 244 12.16 23.18 -5.41
C ASP C 244 12.37 24.62 -5.83
N LYS C 245 12.13 24.91 -7.10
CA LYS C 245 12.53 26.20 -7.65
C LYS C 245 11.64 27.36 -7.24
N ASN C 246 10.61 27.12 -6.46
CA ASN C 246 9.74 28.19 -6.00
C ASN C 246 10.18 28.76 -4.65
N VAL C 247 11.19 28.17 -4.02
CA VAL C 247 11.71 28.67 -2.76
C VAL C 247 12.36 30.02 -3.00
N SER C 248 12.04 31.00 -2.18
CA SER C 248 12.46 32.36 -2.44
C SER C 248 13.97 32.50 -2.28
N PRO C 249 14.62 33.37 -3.07
CA PRO C 249 16.09 33.36 -3.13
C PRO C 249 16.79 33.75 -1.85
N GLU C 250 16.16 34.53 -0.98
CA GLU C 250 16.80 34.80 0.30
C GLU C 250 16.50 33.72 1.31
N ALA C 251 15.70 32.71 0.97
CA ALA C 251 15.53 31.53 1.80
C ALA C 251 16.36 30.37 1.31
N ARG C 252 17.39 30.63 0.52
CA ARG C 252 18.36 29.60 0.16
C ARG C 252 19.56 29.63 1.07
N HIS C 253 19.64 30.56 1.94
CA HIS C 253 20.68 30.52 2.94
C HIS C 253 20.29 29.52 4.02
N PRO C 254 21.21 28.64 4.46
CA PRO C 254 20.81 27.57 5.38
C PRO C 254 20.48 28.03 6.78
N LEU C 255 20.54 29.32 7.08
CA LEU C 255 20.11 29.83 8.37
C LEU C 255 18.81 30.60 8.28
N VAL C 256 18.19 30.66 7.12
CA VAL C 256 16.88 31.27 6.96
C VAL C 256 15.89 30.16 6.63
N ALA C 257 14.75 30.15 7.28
CA ALA C 257 13.81 29.06 7.10
C ALA C 257 12.90 29.31 5.91
N ALA C 258 12.43 28.22 5.32
CA ALA C 258 11.50 28.28 4.18
C ALA C 258 10.19 27.63 4.59
N TYR C 259 9.15 28.44 4.77
CA TYR C 259 7.88 27.96 5.28
C TYR C 259 6.76 28.81 4.70
N PRO C 260 5.60 28.23 4.43
CA PRO C 260 4.49 28.98 3.85
C PRO C 260 3.53 29.58 4.86
N ILE C 261 2.98 30.74 4.52
CA ILE C 261 2.09 31.49 5.40
C ILE C 261 0.78 31.72 4.65
N VAL C 262 -0.15 30.81 4.77
CA VAL C 262 -1.40 30.88 4.04
C VAL C 262 -2.46 31.54 4.89
N HIS C 263 -3.29 32.40 4.28
CA HIS C 263 -4.52 32.81 4.93
C HIS C 263 -5.58 33.09 3.87
N VAL C 264 -6.83 32.89 4.25
CA VAL C 264 -7.98 32.89 3.36
C VAL C 264 -8.80 34.12 3.64
N ASP C 265 -9.04 34.95 2.63
CA ASP C 265 -9.89 36.11 2.79
C ASP C 265 -11.14 35.94 1.96
N MET C 266 -12.28 36.30 2.56
CA MET C 266 -13.58 36.14 1.94
C MET C 266 -14.01 37.47 1.36
N GLU C 267 -14.53 37.43 0.14
CA GLU C 267 -14.80 38.65 -0.60
C GLU C 267 -16.28 38.88 -0.88
N ASN C 268 -17.13 37.89 -0.65
CA ASN C 268 -18.54 38.03 -0.95
C ASN C 268 -19.28 37.00 -0.14
N ILE C 269 -20.49 37.34 0.28
CA ILE C 269 -21.40 36.37 0.83
C ILE C 269 -22.66 36.40 0.00
N ILE C 270 -23.16 35.23 -0.36
CA ILE C 270 -24.30 35.12 -1.26
C ILE C 270 -25.34 34.28 -0.52
N LEU C 271 -26.24 34.94 0.19
CA LEU C 271 -27.26 34.22 0.93
C LEU C 271 -28.55 34.18 0.15
N SER C 272 -29.25 33.06 0.24
CA SER C 272 -30.38 32.75 -0.61
C SER C 272 -31.50 32.22 0.26
N LYS C 273 -32.55 32.99 0.42
CA LYS C 273 -33.62 32.65 1.36
C LYS C 273 -34.41 31.48 0.80
N ASN C 274 -34.35 30.35 1.49
CA ASN C 274 -35.07 29.16 1.06
C ASN C 274 -36.53 29.31 1.44
N GLU C 275 -37.38 29.55 0.44
CA GLU C 275 -38.79 29.77 0.69
C GLU C 275 -39.56 29.38 -0.55
N ASP C 276 -40.59 28.57 -0.37
CA ASP C 276 -41.38 28.07 -1.48
C ASP C 276 -42.73 28.75 -1.52
N GLN C 277 -43.22 29.01 -2.73
CA GLN C 277 -44.39 29.85 -2.90
C GLN C 277 -45.14 29.45 -4.16
N SER C 278 -46.47 29.59 -4.13
CA SER C 278 -47.30 29.09 -5.21
C SER C 278 -48.49 30.02 -5.42
N THR C 279 -49.27 29.74 -6.47
CA THR C 279 -50.50 30.47 -6.77
C THR C 279 -51.62 29.50 -7.14
N GLN C 280 -52.75 30.01 -7.63
CA GLN C 280 -53.87 29.21 -8.12
C GLN C 280 -54.85 30.11 -8.88
N ASN C 281 -55.64 29.48 -9.76
CA ASN C 281 -56.74 30.13 -10.46
C ASN C 281 -57.86 29.11 -10.60
N THR C 282 -59.10 29.59 -10.59
CA THR C 282 -60.25 28.67 -10.62
C THR C 282 -61.35 29.23 -11.51
N ASP C 283 -62.29 28.37 -11.90
CA ASP C 283 -63.54 28.79 -12.54
C ASP C 283 -64.64 27.79 -12.18
N SER C 284 -65.43 28.11 -11.17
CA SER C 284 -66.59 27.30 -10.80
C SER C 284 -67.83 27.83 -11.51
N GLN C 285 -68.68 26.92 -11.96
CA GLN C 285 -69.92 27.29 -12.65
C GLN C 285 -71.02 26.37 -12.15
N THR C 286 -72.24 26.90 -12.02
CA THR C 286 -73.34 26.14 -11.45
C THR C 286 -74.63 26.44 -12.19
N ARG C 287 -75.46 25.42 -12.40
CA ARG C 287 -76.79 25.55 -12.99
C ARG C 287 -77.79 24.83 -12.09
N THR C 288 -78.50 25.58 -11.25
CA THR C 288 -79.41 25.01 -10.26
C THR C 288 -80.85 25.26 -10.67
N ILE C 289 -81.64 24.18 -10.70
CA ILE C 289 -83.03 24.20 -11.15
C ILE C 289 -83.90 23.71 -10.00
N SER C 290 -85.05 24.36 -9.78
CA SER C 290 -86.01 23.91 -8.79
C SER C 290 -87.39 23.80 -9.42
N LYS C 291 -87.99 22.62 -9.33
CA LYS C 291 -89.34 22.35 -9.81
C LYS C 291 -90.28 22.28 -8.61
N ASN C 292 -90.73 23.44 -8.16
CA ASN C 292 -91.37 23.58 -6.86
C ASN C 292 -92.87 23.32 -6.95
N THR C 293 -93.46 22.92 -5.82
CA THR C 293 -94.87 22.60 -5.71
C THR C 293 -95.36 22.99 -4.32
N SER C 294 -96.45 23.75 -4.26
CA SER C 294 -96.97 24.24 -3.00
C SER C 294 -98.49 24.15 -3.00
N THR C 295 -99.06 23.57 -1.95
CA THR C 295 -100.51 23.55 -1.78
C THR C 295 -100.87 24.12 -0.41
N SER C 296 -102.10 24.62 -0.30
CA SER C 296 -102.54 25.30 0.91
C SER C 296 -104.06 25.37 0.89
N ARG C 297 -104.64 25.63 2.06
CA ARG C 297 -106.09 25.71 2.22
C ARG C 297 -106.39 26.76 3.29
N THR C 298 -106.69 27.98 2.84
CA THR C 298 -107.02 29.08 3.74
C THR C 298 -108.42 28.90 4.32
N HIS C 299 -108.56 29.12 5.62
CA HIS C 299 -109.85 29.14 6.30
C HIS C 299 -109.89 30.42 7.12
N THR C 300 -110.34 31.50 6.50
CA THR C 300 -110.41 32.82 7.15
C THR C 300 -111.79 32.99 7.75
N SER C 301 -111.86 33.08 9.08
CA SER C 301 -113.09 33.44 9.78
C SER C 301 -112.93 34.84 10.37
N GLU C 302 -114.02 35.32 11.00
CA GLU C 302 -114.14 36.73 11.31
C GLU C 302 -115.31 36.93 12.27
N VAL C 303 -115.16 37.89 13.20
CA VAL C 303 -116.29 38.43 13.95
C VAL C 303 -116.38 39.91 13.62
N HIS C 304 -117.48 40.54 14.03
CA HIS C 304 -117.72 41.96 13.79
C HIS C 304 -118.72 42.48 14.81
N GLY C 305 -118.68 43.79 15.04
CA GLY C 305 -119.73 44.51 15.74
C GLY C 305 -119.79 45.97 15.32
N ASN C 306 -120.94 46.44 14.84
CA ASN C 306 -121.07 47.75 14.22
C ASN C 306 -122.26 48.49 14.85
N ALA C 307 -122.28 49.81 14.68
CA ALA C 307 -123.37 50.65 15.17
C ALA C 307 -123.40 51.96 14.39
N GLU C 308 -124.55 52.25 13.75
CA GLU C 308 -124.73 53.47 12.96
C GLU C 308 -126.10 54.07 13.27
N VAL C 309 -126.16 55.41 13.28
CA VAL C 309 -127.42 56.16 13.40
C VAL C 309 -127.42 57.25 12.33
N HIS C 310 -128.55 57.39 11.62
CA HIS C 310 -128.71 58.39 10.57
C HIS C 310 -129.62 59.51 11.06
N ALA C 311 -129.25 60.75 10.74
CA ALA C 311 -129.95 61.94 11.22
C ALA C 311 -130.74 62.57 10.07
N SER C 312 -132.04 62.71 10.29
CA SER C 312 -132.95 63.34 9.32
C SER C 312 -133.88 64.28 10.07
N PHE C 313 -134.93 64.74 9.39
CA PHE C 313 -135.83 65.74 9.96
C PHE C 313 -136.75 65.13 11.00
N PHE C 314 -137.64 64.22 10.59
CA PHE C 314 -138.50 63.50 11.53
C PHE C 314 -138.15 62.02 11.59
N ASP C 315 -137.09 61.61 10.91
CA ASP C 315 -136.69 60.22 10.81
C ASP C 315 -135.47 59.98 11.69
N ILE C 316 -135.48 58.88 12.44
CA ILE C 316 -134.35 58.47 13.24
C ILE C 316 -134.34 56.94 13.31
N GLY C 317 -133.20 56.37 13.64
CA GLY C 317 -133.06 54.94 13.72
C GLY C 317 -131.63 54.53 13.94
N GLY C 318 -131.42 53.54 14.79
CA GLY C 318 -130.10 53.02 15.10
C GLY C 318 -129.91 51.64 14.50
N SER C 319 -128.91 51.50 13.63
CA SER C 319 -128.59 50.23 12.98
C SER C 319 -127.33 49.68 13.64
N VAL C 320 -127.54 48.87 14.68
CA VAL C 320 -126.47 48.18 15.39
C VAL C 320 -126.30 46.81 14.76
N SER C 321 -125.06 46.47 14.40
CA SER C 321 -124.79 45.30 13.57
C SER C 321 -123.71 44.43 14.20
N ALA C 322 -123.58 43.23 13.64
CA ALA C 322 -122.55 42.26 13.99
C ALA C 322 -122.45 41.26 12.85
N GLY C 323 -121.24 40.89 12.49
CA GLY C 323 -121.02 40.09 11.30
C GLY C 323 -119.99 38.99 11.50
N PHE C 324 -120.08 37.98 10.63
CA PHE C 324 -119.20 36.81 10.67
C PHE C 324 -119.28 36.12 9.32
N SER C 325 -118.13 35.79 8.73
CA SER C 325 -118.09 35.15 7.43
C SER C 325 -116.85 34.30 7.29
N ASN C 326 -117.03 32.98 7.25
CA ASN C 326 -115.94 32.02 7.12
C ASN C 326 -115.62 31.81 5.64
N SER C 327 -114.68 30.90 5.37
CA SER C 327 -114.24 30.67 4.02
C SER C 327 -113.66 29.28 3.88
N ASN C 328 -113.88 28.67 2.71
CA ASN C 328 -113.26 27.39 2.34
C ASN C 328 -112.52 27.64 1.04
N SER C 329 -111.21 27.84 1.13
CA SER C 329 -110.39 28.25 0.00
C SER C 329 -109.61 27.06 -0.55
N SER C 330 -108.76 27.32 -1.53
CA SER C 330 -107.84 26.35 -2.10
C SER C 330 -106.70 27.12 -2.75
N THR C 331 -105.52 27.07 -2.14
CA THR C 331 -104.36 27.84 -2.58
C THR C 331 -103.29 26.88 -3.05
N VAL C 332 -102.90 27.00 -4.32
CA VAL C 332 -101.94 26.09 -4.94
C VAL C 332 -101.14 26.89 -5.97
N ALA C 333 -99.89 26.49 -6.18
CA ALA C 333 -99.01 27.21 -7.09
C ALA C 333 -97.91 26.29 -7.60
N ILE C 334 -97.46 26.55 -8.83
CA ILE C 334 -96.32 25.89 -9.43
C ILE C 334 -95.27 26.95 -9.74
N ASP C 335 -94.10 26.81 -9.14
CA ASP C 335 -93.01 27.77 -9.29
C ASP C 335 -91.80 27.11 -9.95
N HIS C 336 -91.33 27.73 -11.03
CA HIS C 336 -90.12 27.28 -11.71
C HIS C 336 -88.99 28.26 -11.43
N SER C 337 -87.77 27.77 -11.62
CA SER C 337 -86.59 28.60 -11.46
C SER C 337 -85.43 27.98 -12.23
N LEU C 338 -84.61 28.87 -12.78
CA LEU C 338 -83.28 28.54 -13.24
C LEU C 338 -82.32 29.42 -12.46
N SER C 339 -81.03 29.09 -12.54
CA SER C 339 -79.99 29.97 -12.05
C SER C 339 -78.73 29.75 -12.85
N LEU C 340 -77.74 30.58 -12.58
CA LEU C 340 -76.45 30.47 -13.25
C LEU C 340 -75.44 31.16 -12.34
N ALA C 341 -74.69 30.37 -11.58
CA ALA C 341 -73.70 30.91 -10.65
C ALA C 341 -72.31 30.70 -11.23
N GLY C 342 -71.73 31.78 -11.76
CA GLY C 342 -70.40 31.71 -12.31
C GLY C 342 -69.38 32.32 -11.38
N GLU C 343 -68.29 31.61 -11.12
CA GLU C 343 -67.35 32.00 -10.07
C GLU C 343 -65.94 32.06 -10.63
N ARG C 344 -65.05 32.75 -9.92
CA ARG C 344 -63.70 33.05 -10.37
C ARG C 344 -62.85 33.37 -9.16
N THR C 345 -61.74 32.66 -8.99
CA THR C 345 -61.05 32.59 -7.71
C THR C 345 -59.55 32.68 -7.90
N TRP C 346 -58.87 33.36 -6.98
CA TRP C 346 -57.43 33.53 -7.01
C TRP C 346 -56.87 33.18 -5.64
N ALA C 347 -55.65 32.66 -5.59
CA ALA C 347 -55.00 32.32 -4.33
C ALA C 347 -53.53 32.66 -4.40
N GLU C 348 -52.81 32.44 -3.29
CA GLU C 348 -51.37 32.67 -3.16
C GLU C 348 -50.85 32.04 -1.87
N THR C 349 -49.71 31.38 -1.90
CA THR C 349 -49.19 30.63 -0.76
C THR C 349 -47.71 30.96 -0.59
N MET C 350 -47.20 30.86 0.64
CA MET C 350 -45.80 31.18 0.90
C MET C 350 -45.31 30.38 2.10
N GLY C 351 -44.61 29.27 1.87
CA GLY C 351 -44.11 28.43 2.94
C GLY C 351 -42.70 28.82 3.40
N LEU C 352 -42.29 28.18 4.49
CA LEU C 352 -41.01 28.48 5.13
C LEU C 352 -40.64 27.28 5.97
N ASN C 353 -39.50 27.37 6.66
CA ASN C 353 -39.08 26.37 7.64
C ASN C 353 -38.05 27.06 8.52
N THR C 354 -38.35 27.24 9.80
CA THR C 354 -37.51 28.09 10.64
C THR C 354 -36.22 27.45 11.10
N ALA C 355 -35.77 26.35 10.51
CA ALA C 355 -34.45 25.83 10.77
C ALA C 355 -33.62 25.72 9.51
N ASP C 356 -34.17 26.13 8.38
CA ASP C 356 -33.53 26.06 7.08
C ASP C 356 -33.90 27.27 6.24
N THR C 357 -33.85 28.46 6.82
CA THR C 357 -34.42 29.61 6.12
C THR C 357 -33.49 30.15 5.05
N ALA C 358 -32.20 29.94 5.14
CA ALA C 358 -31.30 30.50 4.15
C ALA C 358 -30.15 29.54 3.91
N ARG C 359 -29.44 29.76 2.82
CA ARG C 359 -28.25 29.00 2.51
C ARG C 359 -27.13 29.97 2.21
N LEU C 360 -25.91 29.59 2.56
CA LEU C 360 -24.78 30.47 2.32
C LEU C 360 -23.95 29.98 1.14
N ASN C 361 -23.11 30.88 0.64
CA ASN C 361 -22.17 30.56 -0.43
C ASN C 361 -21.09 31.62 -0.37
N ALA C 362 -19.95 31.30 0.23
CA ALA C 362 -18.89 32.27 0.41
C ALA C 362 -17.94 32.25 -0.77
N ASN C 363 -17.46 33.42 -1.17
CA ASN C 363 -16.53 33.54 -2.28
C ASN C 363 -15.14 33.82 -1.73
N ILE C 364 -14.30 32.80 -1.65
CA ILE C 364 -13.04 32.88 -0.95
C ILE C 364 -11.89 32.93 -1.94
N ARG C 365 -10.76 33.45 -1.47
CA ARG C 365 -9.51 33.43 -2.21
C ARG C 365 -8.40 33.11 -1.21
N TYR C 366 -7.32 32.51 -1.68
CA TYR C 366 -6.21 32.12 -0.81
C TYR C 366 -5.00 32.97 -1.14
N VAL C 367 -4.17 33.28 -0.13
CA VAL C 367 -2.93 34.04 -0.33
C VAL C 367 -1.82 33.33 0.42
N ASN C 368 -0.69 33.11 -0.22
CA ASN C 368 0.49 32.54 0.42
C ASN C 368 1.62 33.55 0.35
N THR C 369 2.03 34.07 1.48
CA THR C 369 3.05 35.11 1.52
C THR C 369 4.27 34.66 2.29
N GLY C 370 4.64 33.40 2.15
CA GLY C 370 5.75 32.83 2.85
C GLY C 370 6.97 32.73 1.95
N THR C 371 7.82 31.76 2.23
CA THR C 371 9.01 31.54 1.42
C THR C 371 9.09 30.12 0.87
N ALA C 372 7.95 29.44 0.69
CA ALA C 372 7.95 28.08 0.17
C ALA C 372 6.57 27.75 -0.35
N PRO C 373 6.46 27.00 -1.44
CA PRO C 373 5.14 26.64 -1.95
C PRO C 373 4.52 25.54 -1.11
N ILE C 374 3.21 25.47 -1.17
CA ILE C 374 2.45 24.46 -0.44
C ILE C 374 1.45 23.83 -1.41
N TYR C 375 1.42 22.52 -1.43
CA TYR C 375 0.71 21.76 -2.44
C TYR C 375 -0.52 21.13 -1.84
N ASN C 376 -1.58 21.03 -2.64
CA ASN C 376 -2.88 20.48 -2.28
C ASN C 376 -3.43 21.15 -1.02
N VAL C 377 -3.66 22.45 -1.12
CA VAL C 377 -4.08 23.25 0.02
C VAL C 377 -5.55 23.00 0.31
N LEU C 378 -5.89 22.75 1.57
CA LEU C 378 -7.27 22.58 1.99
C LEU C 378 -7.47 23.28 3.32
N PRO C 379 -7.90 24.52 3.31
CA PRO C 379 -8.00 25.27 4.56
C PRO C 379 -9.31 25.02 5.29
N THR C 380 -9.20 24.82 6.59
CA THR C 380 -10.36 24.78 7.47
C THR C 380 -10.74 26.20 7.84
N THR C 381 -12.03 26.47 7.90
CA THR C 381 -12.52 27.83 7.94
C THR C 381 -13.94 27.84 8.47
N SER C 382 -14.30 28.89 9.21
CA SER C 382 -15.56 28.90 9.94
C SER C 382 -16.25 30.24 9.81
N LEU C 383 -17.51 30.23 9.38
CA LEU C 383 -18.32 31.43 9.22
C LEU C 383 -18.88 31.85 10.56
N VAL C 384 -18.51 33.05 10.99
CA VAL C 384 -18.83 33.54 12.33
C VAL C 384 -19.87 34.64 12.18
N LEU C 385 -21.01 34.48 12.83
CA LEU C 385 -22.06 35.47 12.76
C LEU C 385 -22.14 36.23 14.07
N GLY C 386 -22.08 37.54 13.98
CA GLY C 386 -22.16 38.33 15.19
C GLY C 386 -20.79 38.52 15.80
N LYS C 387 -20.68 38.34 17.11
CA LYS C 387 -19.39 38.53 17.75
C LYS C 387 -18.56 37.25 17.72
N ASN C 388 -19.04 36.18 18.37
CA ASN C 388 -18.39 34.90 18.24
C ASN C 388 -19.41 33.76 18.25
N GLN C 389 -20.47 33.90 17.48
CA GLN C 389 -21.37 32.80 17.24
C GLN C 389 -21.08 32.20 15.88
N THR C 390 -20.84 30.89 15.85
CA THR C 390 -20.32 30.20 14.68
C THR C 390 -21.43 29.37 14.05
N LEU C 391 -21.70 29.61 12.75
CA LEU C 391 -22.74 28.87 12.07
C LEU C 391 -22.25 27.55 11.51
N ALA C 392 -20.98 27.48 11.10
CA ALA C 392 -20.47 26.27 10.47
C ALA C 392 -18.95 26.29 10.55
N THR C 393 -18.37 25.11 10.41
CA THR C 393 -16.94 24.94 10.22
C THR C 393 -16.77 23.99 9.06
N ILE C 394 -16.05 24.44 8.03
CA ILE C 394 -15.90 23.69 6.79
C ILE C 394 -14.44 23.46 6.54
N LYS C 395 -14.05 22.23 6.32
CA LYS C 395 -12.79 21.92 5.67
C LYS C 395 -13.05 21.91 4.19
N ALA C 396 -12.13 22.49 3.42
CA ALA C 396 -12.33 22.64 1.97
C ALA C 396 -12.41 21.28 1.30
N LYS C 397 -13.45 21.09 0.51
CA LYS C 397 -13.70 19.83 -0.18
C LYS C 397 -12.87 19.71 -1.44
N GLU C 398 -13.22 18.78 -2.33
CA GLU C 398 -12.39 18.54 -3.50
C GLU C 398 -12.48 19.68 -4.51
N ASN C 399 -13.63 20.35 -4.60
CA ASN C 399 -13.80 21.44 -5.55
C ASN C 399 -12.99 22.66 -5.18
N GLN C 400 -12.56 22.79 -3.94
CA GLN C 400 -11.83 23.96 -3.47
C GLN C 400 -10.38 23.63 -3.10
N LEU C 401 -9.73 22.79 -3.88
CA LEU C 401 -8.38 22.35 -3.58
C LEU C 401 -7.40 23.06 -4.48
N SER C 402 -6.39 23.65 -3.88
CA SER C 402 -5.40 24.45 -4.59
C SER C 402 -4.17 23.60 -4.80
N GLN C 403 -3.87 23.25 -6.04
CA GLN C 403 -2.84 22.26 -6.30
C GLN C 403 -1.45 22.78 -6.08
N ILE C 404 -1.22 24.06 -6.31
CA ILE C 404 0.08 24.68 -6.06
C ILE C 404 -0.16 26.15 -5.73
N LEU C 405 0.44 26.59 -4.64
CA LEU C 405 0.33 27.99 -4.21
C LEU C 405 1.74 28.45 -3.88
N ALA C 406 2.43 28.99 -4.86
CA ALA C 406 3.80 29.46 -4.71
C ALA C 406 3.81 30.69 -3.81
N PRO C 407 4.97 31.13 -3.31
CA PRO C 407 4.98 32.37 -2.54
C PRO C 407 4.59 33.58 -3.38
N ASN C 408 3.85 34.48 -2.74
CA ASN C 408 3.37 35.74 -3.32
C ASN C 408 2.42 35.52 -4.49
N ASN C 409 1.62 34.45 -4.45
CA ASN C 409 0.60 34.18 -5.45
C ASN C 409 -0.72 33.92 -4.77
N TYR C 410 -1.78 33.88 -5.59
CA TYR C 410 -3.15 33.72 -5.14
C TYR C 410 -3.76 32.48 -5.76
N TYR C 411 -4.84 31.98 -5.16
CA TYR C 411 -5.66 30.98 -5.81
C TYR C 411 -7.12 31.38 -5.68
N PRO C 412 -7.83 31.65 -6.77
CA PRO C 412 -7.37 31.70 -8.14
C PRO C 412 -6.66 32.99 -8.39
N SER C 413 -6.13 33.23 -9.58
CA SER C 413 -5.28 34.39 -9.80
C SER C 413 -6.08 35.68 -9.66
N LYS C 414 -5.37 36.80 -9.59
CA LYS C 414 -6.07 38.03 -9.32
C LYS C 414 -6.86 38.54 -10.52
N ASN C 415 -6.69 37.95 -11.68
CA ASN C 415 -7.50 38.26 -12.85
C ASN C 415 -8.65 37.28 -13.04
N LEU C 416 -8.97 36.47 -12.04
CA LEU C 416 -10.08 35.54 -12.11
C LEU C 416 -10.95 35.67 -10.87
N ALA C 417 -12.21 35.28 -11.03
CA ALA C 417 -13.19 35.43 -9.99
C ALA C 417 -12.99 34.39 -8.90
N PRO C 418 -13.36 34.68 -7.66
CA PRO C 418 -13.05 33.77 -6.56
C PRO C 418 -13.88 32.50 -6.62
N ILE C 419 -13.43 31.51 -5.88
CA ILE C 419 -14.08 30.21 -5.88
C ILE C 419 -15.21 30.25 -4.88
N ALA C 420 -16.12 29.30 -4.96
CA ALA C 420 -17.30 29.27 -4.11
C ALA C 420 -17.19 28.14 -3.12
N LEU C 421 -17.66 28.37 -1.91
CA LEU C 421 -17.72 27.34 -0.87
C LEU C 421 -19.17 27.21 -0.43
N ASN C 422 -19.88 26.23 -1.00
CA ASN C 422 -21.28 26.01 -0.70
C ASN C 422 -21.54 24.56 -0.40
N ALA C 423 -20.79 23.99 0.55
CA ALA C 423 -20.90 22.59 0.85
C ALA C 423 -20.62 22.36 2.32
N GLN C 424 -21.16 21.27 2.83
CA GLN C 424 -20.78 20.80 4.15
C GLN C 424 -20.52 19.31 4.22
N ASP C 425 -21.23 18.50 3.44
CA ASP C 425 -20.99 17.09 3.26
C ASP C 425 -19.60 16.88 2.67
N ASP C 426 -19.06 15.69 2.84
CA ASP C 426 -17.77 15.38 2.26
C ASP C 426 -17.83 15.26 0.75
N PHE C 427 -19.01 15.11 0.18
CA PHE C 427 -19.19 14.93 -1.25
C PHE C 427 -19.86 16.13 -1.89
N SER C 428 -19.96 17.24 -1.17
CA SER C 428 -20.61 18.48 -1.62
C SER C 428 -22.04 18.24 -2.07
N SER C 429 -22.85 17.75 -1.14
CA SER C 429 -24.25 17.50 -1.42
C SER C 429 -25.20 18.21 -0.48
N THR C 430 -24.72 18.72 0.65
CA THR C 430 -25.56 19.47 1.56
C THR C 430 -25.06 20.89 1.65
N PRO C 431 -25.94 21.86 1.64
CA PRO C 431 -25.50 23.25 1.72
C PRO C 431 -25.29 23.73 3.14
N ILE C 432 -24.86 24.97 3.29
CA ILE C 432 -24.58 25.57 4.59
C ILE C 432 -25.80 26.38 4.97
N THR C 433 -26.59 25.87 5.90
CA THR C 433 -27.87 26.46 6.19
C THR C 433 -27.80 27.39 7.39
N MET C 434 -28.96 27.92 7.77
CA MET C 434 -29.05 29.03 8.71
C MET C 434 -30.48 29.09 9.19
N ASN C 435 -30.71 29.13 10.50
CA ASN C 435 -32.10 29.15 10.94
C ASN C 435 -32.64 30.57 10.97
N TYR C 436 -33.78 30.77 11.60
CA TYR C 436 -34.52 32.00 11.41
C TYR C 436 -33.91 33.18 12.16
N ASN C 437 -33.49 32.97 13.40
CA ASN C 437 -32.98 34.08 14.20
C ASN C 437 -31.65 34.55 13.68
N GLN C 438 -30.82 33.62 13.21
CA GLN C 438 -29.55 33.98 12.60
C GLN C 438 -29.77 34.70 11.29
N PHE C 439 -30.82 34.35 10.56
CA PHE C 439 -31.11 35.03 9.31
C PHE C 439 -31.58 36.44 9.55
N LEU C 440 -32.42 36.64 10.57
CA LEU C 440 -32.90 37.98 10.87
C LEU C 440 -31.78 38.88 11.39
N GLU C 441 -30.95 38.35 12.28
CA GLU C 441 -29.83 39.13 12.81
C GLU C 441 -28.81 39.46 11.72
N LEU C 442 -28.58 38.54 10.78
CA LEU C 442 -27.64 38.84 9.71
C LEU C 442 -28.22 39.84 8.72
N GLU C 443 -29.53 39.80 8.47
CA GLU C 443 -30.10 40.81 7.60
C GLU C 443 -30.16 42.17 8.26
N LYS C 444 -30.21 42.22 9.58
CA LYS C 444 -30.30 43.49 10.29
C LYS C 444 -28.94 44.13 10.52
N THR C 445 -27.90 43.34 10.83
CA THR C 445 -26.61 43.95 11.14
C THR C 445 -25.55 43.75 10.07
N LYS C 446 -25.75 42.82 9.14
CA LYS C 446 -24.87 42.58 7.98
C LYS C 446 -23.43 42.26 8.39
N GLN C 447 -23.28 41.59 9.51
CA GLN C 447 -21.98 41.37 10.14
C GLN C 447 -21.66 39.89 10.08
N LEU C 448 -20.95 39.49 9.03
CA LEU C 448 -20.48 38.13 8.88
C LEU C 448 -19.00 38.17 8.53
N ARG C 449 -18.23 37.27 9.12
CA ARG C 449 -16.80 37.24 8.87
C ARG C 449 -16.33 35.80 8.83
N LEU C 450 -15.08 35.63 8.42
CA LEU C 450 -14.52 34.33 8.13
C LEU C 450 -13.21 34.17 8.86
N ASP C 451 -13.03 33.04 9.53
CA ASP C 451 -11.81 32.75 10.26
C ASP C 451 -11.04 31.64 9.58
N THR C 452 -9.76 31.56 9.88
CA THR C 452 -8.88 30.57 9.29
C THR C 452 -8.23 29.80 10.43
N ASP C 453 -8.79 28.65 10.76
CA ASP C 453 -8.31 27.90 11.90
C ASP C 453 -6.99 27.20 11.61
N GLN C 454 -6.89 26.52 10.47
CA GLN C 454 -5.69 25.79 10.11
C GLN C 454 -5.69 25.60 8.61
N VAL C 455 -4.58 25.07 8.09
CA VAL C 455 -4.38 24.84 6.65
C VAL C 455 -3.66 23.51 6.46
N TYR C 456 -4.21 22.63 5.64
CA TYR C 456 -3.54 21.41 5.26
C TYR C 456 -2.77 21.62 3.97
N GLY C 457 -1.67 20.91 3.81
CA GLY C 457 -0.94 20.99 2.56
C GLY C 457 0.35 20.22 2.57
N ASN C 458 0.79 19.70 1.43
CA ASN C 458 1.92 18.78 1.38
C ASN C 458 3.21 19.47 0.95
N ILE C 459 4.31 18.72 1.00
CA ILE C 459 5.66 19.19 0.75
C ILE C 459 6.21 18.46 -0.45
N ALA C 460 7.01 19.14 -1.26
CA ALA C 460 7.61 18.53 -2.45
C ALA C 460 9.12 18.58 -2.35
N THR C 461 9.76 17.42 -2.43
CA THR C 461 11.18 17.28 -2.19
C THR C 461 11.91 16.85 -3.45
N TYR C 462 13.22 17.04 -3.44
CA TYR C 462 14.04 16.74 -4.60
C TYR C 462 14.46 15.27 -4.59
N ASN C 463 14.29 14.61 -5.73
CA ASN C 463 14.57 13.18 -5.87
C ASN C 463 15.93 13.01 -6.53
N PHE C 464 16.88 12.41 -5.82
CA PHE C 464 18.28 12.49 -6.24
C PHE C 464 18.64 11.63 -7.43
N GLU C 465 17.81 10.69 -7.85
CA GLU C 465 18.20 9.90 -9.01
C GLU C 465 17.93 10.64 -10.30
N ASN C 466 16.67 10.97 -10.56
CA ASN C 466 16.29 11.58 -11.82
C ASN C 466 16.06 13.07 -11.70
N GLY C 467 16.44 13.68 -10.59
CA GLY C 467 16.32 15.11 -10.45
C GLY C 467 14.93 15.66 -10.33
N ARG C 468 13.91 14.82 -10.29
CA ARG C 468 12.59 15.38 -10.32
C ARG C 468 12.16 15.75 -8.92
N VAL C 469 11.02 16.41 -8.86
CA VAL C 469 10.43 16.89 -7.61
C VAL C 469 9.15 16.12 -7.37
N ARG C 470 9.04 15.48 -6.22
CA ARG C 470 7.91 14.61 -5.91
C ARG C 470 7.18 15.14 -4.69
N VAL C 471 5.85 15.27 -4.81
CA VAL C 471 5.01 15.65 -3.69
C VAL C 471 4.75 14.40 -2.87
N ASP C 472 5.30 14.33 -1.68
CA ASP C 472 4.97 13.23 -0.78
C ASP C 472 3.63 13.52 -0.15
N THR C 473 2.66 12.64 -0.38
CA THR C 473 1.34 12.80 0.19
C THR C 473 1.25 12.27 1.61
N GLY C 474 2.34 11.76 2.14
CA GLY C 474 2.33 11.25 3.50
C GLY C 474 2.83 12.21 4.53
N SER C 475 3.10 13.45 4.15
CA SER C 475 3.72 14.41 5.04
C SER C 475 3.15 15.79 4.76
N ASN C 476 2.54 16.40 5.76
CA ASN C 476 2.02 17.73 5.57
C ASN C 476 2.92 18.75 6.26
N TRP C 477 2.58 20.01 6.09
CA TRP C 477 3.39 21.09 6.62
C TRP C 477 3.17 21.32 8.10
N SER C 478 2.12 20.76 8.67
CA SER C 478 1.85 20.93 10.09
C SER C 478 2.57 19.94 10.95
N GLU C 479 3.64 19.34 10.46
CA GLU C 479 4.63 18.70 11.29
C GLU C 479 5.99 19.34 11.16
N VAL C 480 6.14 20.30 10.26
CA VAL C 480 7.39 20.99 10.07
C VAL C 480 7.33 22.41 10.61
N LEU C 481 6.17 23.05 10.49
CA LEU C 481 6.00 24.40 11.00
C LEU C 481 6.20 24.56 12.51
N PRO C 482 5.66 23.71 13.40
CA PRO C 482 5.98 23.89 14.82
C PRO C 482 7.42 23.59 15.14
N GLN C 483 8.12 22.78 14.37
CA GLN C 483 9.54 22.62 14.59
C GLN C 483 10.34 23.76 14.02
N ILE C 484 9.74 24.60 13.18
CA ILE C 484 10.41 25.81 12.76
C ILE C 484 10.24 26.88 13.83
N GLN C 485 9.06 26.92 14.44
CA GLN C 485 8.76 27.99 15.38
C GLN C 485 9.50 27.86 16.70
N GLU C 486 9.86 26.66 17.13
CA GLU C 486 10.49 26.50 18.43
C GLU C 486 11.98 26.77 18.41
N THR C 487 12.59 26.94 17.25
CA THR C 487 14.04 27.11 17.18
C THR C 487 14.48 28.17 16.20
N THR C 488 13.66 29.18 15.93
CA THR C 488 14.06 30.27 15.07
C THR C 488 13.63 31.59 15.67
N ALA C 489 14.36 32.64 15.35
CA ALA C 489 14.06 33.98 15.81
C ALA C 489 13.31 34.72 14.72
N ARG C 490 12.20 35.35 15.09
CA ARG C 490 11.36 36.03 14.11
C ARG C 490 11.72 37.50 14.03
N ILE C 491 11.70 38.04 12.82
CA ILE C 491 11.88 39.48 12.59
C ILE C 491 10.86 39.91 11.56
N ILE C 492 10.06 40.92 11.89
CA ILE C 492 9.05 41.48 10.98
C ILE C 492 9.47 42.89 10.65
N PHE C 493 9.37 43.27 9.38
CA PHE C 493 10.00 44.49 8.90
C PHE C 493 9.20 45.01 7.72
N ASN C 494 9.07 46.34 7.62
CA ASN C 494 8.27 46.93 6.54
C ASN C 494 8.97 48.13 5.92
N GLY C 495 10.25 48.02 5.64
CA GLY C 495 10.87 49.08 4.87
C GLY C 495 10.68 48.96 3.38
N LYS C 496 10.03 47.91 2.92
CA LYS C 496 9.66 47.74 1.52
C LYS C 496 8.16 47.99 1.41
N ASP C 497 7.79 49.07 0.71
CA ASP C 497 6.38 49.47 0.45
C ASP C 497 5.45 49.37 1.67
N LEU C 498 5.96 49.60 2.89
CA LEU C 498 5.18 49.60 4.12
C LEU C 498 4.22 48.41 4.21
N ASN C 499 4.68 47.26 3.74
CA ASN C 499 3.94 46.02 3.86
C ASN C 499 4.78 45.02 4.65
N LEU C 500 4.17 44.38 5.63
CA LEU C 500 4.91 43.61 6.61
C LEU C 500 5.44 42.33 5.99
N VAL C 501 6.72 42.05 6.22
CA VAL C 501 7.39 40.87 5.69
C VAL C 501 7.97 40.10 6.86
N GLU C 502 7.58 38.84 7.00
CA GLU C 502 7.94 38.03 8.15
C GLU C 502 8.98 37.01 7.74
N ARG C 503 10.15 37.04 8.36
CA ARG C 503 11.19 36.05 8.13
C ARG C 503 11.56 35.41 9.43
N ARG C 504 12.34 34.33 9.36
CA ARG C 504 12.74 33.58 10.53
C ARG C 504 14.18 33.11 10.34
N ILE C 505 14.98 33.24 11.38
CA ILE C 505 16.42 33.00 11.30
C ILE C 505 16.79 32.00 12.39
N ALA C 506 17.62 31.02 12.04
CA ALA C 506 17.99 29.98 12.99
C ALA C 506 18.96 30.51 14.04
N ALA C 507 18.49 30.61 15.28
CA ALA C 507 19.29 31.10 16.40
C ALA C 507 19.39 30.05 17.48
N VAL C 508 20.31 30.27 18.42
CA VAL C 508 20.75 29.24 19.36
C VAL C 508 19.95 29.29 20.64
N ASN C 509 19.36 28.16 21.00
CA ASN C 509 18.62 28.01 22.25
C ASN C 509 19.53 27.29 23.24
N PRO C 510 19.96 27.93 24.34
CA PRO C 510 21.08 27.39 25.10
C PRO C 510 20.75 26.17 25.94
N SER C 511 19.48 25.88 26.18
CA SER C 511 19.06 24.82 27.09
C SER C 511 18.66 23.55 26.36
N ASP C 512 19.36 23.22 25.30
CA ASP C 512 19.03 22.12 24.41
C ASP C 512 20.30 21.78 23.65
N PRO C 513 20.87 20.58 23.81
CA PRO C 513 22.21 20.35 23.27
C PRO C 513 22.29 20.31 21.76
N LEU C 514 21.23 19.90 21.07
CA LEU C 514 21.31 19.89 19.61
C LEU C 514 21.23 21.30 19.04
N GLU C 515 20.50 22.19 19.70
CA GLU C 515 20.37 23.53 19.20
C GLU C 515 21.62 24.37 19.44
N THR C 516 22.51 23.95 20.33
CA THR C 516 23.73 24.67 20.60
C THR C 516 24.85 24.31 19.66
N THR C 517 24.54 23.71 18.51
CA THR C 517 25.51 23.44 17.47
C THR C 517 25.36 24.37 16.29
N LYS C 518 24.25 25.06 16.16
CA LYS C 518 24.07 26.04 15.11
C LYS C 518 25.03 27.22 15.34
N PRO C 519 25.48 27.86 14.28
CA PRO C 519 26.44 28.96 14.45
C PRO C 519 25.77 30.19 15.02
N ASP C 520 26.59 31.07 15.56
CA ASP C 520 26.11 32.23 16.30
C ASP C 520 25.56 33.28 15.34
N MET C 521 24.38 33.79 15.67
CA MET C 521 23.70 34.77 14.83
C MET C 521 23.66 36.09 15.58
N THR C 522 24.32 37.10 15.04
CA THR C 522 24.19 38.45 15.55
C THR C 522 22.98 39.11 14.91
N LEU C 523 22.66 40.33 15.34
CA LEU C 523 21.51 41.00 14.76
C LEU C 523 21.83 41.60 13.42
N LYS C 524 23.04 42.12 13.25
CA LYS C 524 23.45 42.73 12.00
C LYS C 524 23.50 41.71 10.88
N GLU C 525 24.07 40.53 11.16
CA GLU C 525 24.12 39.47 10.17
C GLU C 525 22.73 38.96 9.83
N ALA C 526 21.82 38.94 10.80
CA ALA C 526 20.47 38.48 10.55
C ALA C 526 19.74 39.44 9.62
N LEU C 527 19.93 40.74 9.82
CA LEU C 527 19.36 41.69 8.88
C LEU C 527 20.04 41.63 7.53
N LYS C 528 21.31 41.27 7.50
CA LYS C 528 22.04 41.26 6.25
C LYS C 528 21.62 40.09 5.38
N ILE C 529 21.37 38.93 5.99
CA ILE C 529 21.02 37.77 5.18
C ILE C 529 19.53 37.54 5.05
N ALA C 530 18.71 38.17 5.89
CA ALA C 530 17.29 37.87 5.79
C ALA C 530 16.56 38.83 4.88
N PHE C 531 16.97 40.08 4.86
CA PHE C 531 16.24 41.08 4.12
C PHE C 531 17.05 41.74 3.02
N GLY C 532 18.31 42.07 3.27
CA GLY C 532 19.08 42.68 2.22
C GLY C 532 19.68 44.01 2.60
N PHE C 533 19.93 44.20 3.88
CA PHE C 533 20.75 45.31 4.32
C PHE C 533 22.19 45.06 3.87
N ASN C 534 22.98 46.13 3.80
CA ASN C 534 24.39 45.97 3.46
C ASN C 534 25.18 47.08 4.13
N GLU C 535 26.48 47.09 3.83
CA GLU C 535 27.39 48.12 4.34
C GLU C 535 28.06 48.79 3.15
N PRO C 536 27.41 49.74 2.49
CA PRO C 536 28.02 50.39 1.33
C PRO C 536 29.17 51.29 1.72
N ASN C 537 29.24 51.73 2.96
CA ASN C 537 30.35 52.52 3.46
C ASN C 537 30.88 52.02 4.80
N GLY C 538 30.07 51.30 5.56
CA GLY C 538 30.39 50.92 6.92
C GLY C 538 29.14 50.99 7.78
N ASN C 539 28.03 51.38 7.16
CA ASN C 539 26.77 51.59 7.85
C ASN C 539 25.71 50.65 7.31
N LEU C 540 24.86 50.16 8.20
CA LEU C 540 23.77 49.28 7.77
C LEU C 540 22.71 50.11 7.06
N GLN C 541 22.23 49.61 5.92
CA GLN C 541 21.40 50.44 5.06
C GLN C 541 20.44 49.59 4.23
N TYR C 542 19.15 49.86 4.36
CA TYR C 542 18.16 49.24 3.46
C TYR C 542 18.03 50.20 2.27
N GLN C 543 18.55 49.79 1.11
CA GLN C 543 18.59 50.63 -0.13
C GLN C 543 19.41 51.90 0.15
N GLY C 544 18.75 53.01 0.46
CA GLY C 544 19.41 54.26 0.74
C GLY C 544 19.38 54.63 2.21
N LYS C 545 18.36 54.16 2.90
CA LYS C 545 18.01 54.66 4.23
C LYS C 545 18.87 54.00 5.29
N ASP C 546 19.31 54.77 6.28
CA ASP C 546 20.14 54.27 7.36
C ASP C 546 19.32 53.37 8.28
N ILE C 547 20.02 52.64 9.15
CA ILE C 547 19.32 51.79 10.11
C ILE C 547 18.73 52.63 11.24
N THR C 548 19.32 53.78 11.53
CA THR C 548 18.85 54.61 12.64
C THR C 548 17.54 55.30 12.36
N GLU C 549 17.01 55.19 11.15
CA GLU C 549 15.69 55.72 10.83
C GLU C 549 14.60 54.68 10.97
N PHE C 550 14.93 53.50 11.48
CA PHE C 550 13.96 52.51 11.91
C PHE C 550 14.11 52.28 13.41
N ASP C 551 13.02 51.95 14.08
CA ASP C 551 13.07 51.67 15.51
C ASP C 551 12.71 50.23 15.78
N PHE C 552 13.33 49.66 16.81
CA PHE C 552 13.17 48.26 17.17
C PHE C 552 12.11 48.13 18.25
N ASN C 553 11.18 47.20 18.07
CA ASN C 553 10.13 46.95 19.03
C ASN C 553 10.18 45.49 19.44
N PHE C 554 10.79 45.21 20.57
CA PHE C 554 10.80 43.87 21.12
C PHE C 554 9.58 43.66 22.00
N ASP C 555 9.09 42.42 22.03
CA ASP C 555 8.03 42.11 22.98
C ASP C 555 8.65 41.78 24.33
N GLN C 556 7.87 41.25 25.28
CA GLN C 556 8.22 41.23 26.70
C GLN C 556 9.51 40.49 27.02
N GLN C 557 9.52 39.19 26.75
CA GLN C 557 10.67 38.35 27.07
C GLN C 557 11.89 38.75 26.25
N THR C 558 11.68 39.12 24.99
CA THR C 558 12.78 39.56 24.15
C THR C 558 13.37 40.87 24.64
N SER C 559 12.52 41.80 25.08
CA SER C 559 13.03 43.08 25.57
C SER C 559 13.78 42.91 26.87
N GLN C 560 13.31 42.01 27.73
CA GLN C 560 14.04 41.74 28.97
C GLN C 560 15.40 41.12 28.69
N ASN C 561 15.46 40.20 27.73
CA ASN C 561 16.74 39.62 27.37
C ASN C 561 17.65 40.62 26.68
N ILE C 562 17.09 41.56 25.92
CA ILE C 562 17.91 42.58 25.29
C ILE C 562 18.47 43.54 26.33
N LYS C 563 17.68 43.84 27.38
CA LYS C 563 18.19 44.67 28.47
C LYS C 563 19.33 43.98 29.21
N ASN C 564 19.19 42.67 29.44
CA ASN C 564 20.27 41.93 30.08
C ASN C 564 21.50 41.85 29.19
N GLN C 565 21.31 41.79 27.87
CA GLN C 565 22.46 41.79 26.97
C GLN C 565 23.15 43.13 26.94
N LEU C 566 22.38 44.21 26.99
CA LEU C 566 22.95 45.55 26.91
C LEU C 566 23.55 45.99 28.23
N ALA C 567 23.21 45.32 29.32
CA ALA C 567 23.91 45.57 30.58
C ALA C 567 25.35 45.12 30.51
N GLU C 568 25.59 43.91 29.97
CA GLU C 568 26.93 43.33 29.95
C GLU C 568 27.87 44.06 29.01
N LEU C 569 27.34 44.74 28.01
CA LEU C 569 28.19 45.43 27.06
C LEU C 569 28.53 46.85 27.51
N ASN C 570 27.92 47.32 28.59
CA ASN C 570 28.06 48.68 29.12
C ASN C 570 27.71 49.75 28.07
N ALA C 571 26.77 49.44 27.19
CA ALA C 571 26.32 50.38 26.19
C ALA C 571 24.84 50.66 26.38
N THR C 572 24.37 51.71 25.74
CA THR C 572 22.95 52.05 25.78
C THR C 572 22.35 52.37 24.42
N ASN C 573 23.16 52.75 23.44
CA ASN C 573 22.67 52.98 22.08
C ASN C 573 22.72 51.66 21.35
N ILE C 574 21.56 51.07 21.08
CA ILE C 574 21.48 49.76 20.45
C ILE C 574 21.99 49.81 19.01
N TYR C 575 21.96 50.96 18.37
CA TYR C 575 22.40 51.10 16.99
C TYR C 575 23.91 51.06 16.83
N THR C 576 24.68 50.94 17.91
CA THR C 576 26.11 50.79 17.78
C THR C 576 26.58 49.36 17.97
N VAL C 577 25.88 48.57 18.76
CA VAL C 577 26.32 47.24 19.11
C VAL C 577 25.50 46.19 18.39
N LEU C 578 25.03 46.50 17.18
CA LEU C 578 24.24 45.55 16.41
C LEU C 578 25.04 44.35 15.95
N ASP C 579 26.37 44.41 15.95
CA ASP C 579 27.18 43.24 15.69
C ASP C 579 27.67 42.60 16.97
N LYS C 580 27.03 42.89 18.10
CA LYS C 580 27.32 42.20 19.34
C LYS C 580 26.07 41.69 20.03
N ILE C 581 24.90 41.88 19.43
CA ILE C 581 23.66 41.39 20.01
C ILE C 581 23.47 39.94 19.57
N LYS C 582 23.60 39.01 20.50
CA LYS C 582 23.36 37.61 20.18
C LYS C 582 21.87 37.35 20.10
N LEU C 583 21.44 36.71 19.03
CA LEU C 583 20.05 36.31 18.87
C LEU C 583 19.85 34.90 19.43
N ASN C 584 18.71 34.68 20.05
CA ASN C 584 18.36 33.37 20.59
C ASN C 584 17.03 32.92 20.02
N ALA C 585 16.73 31.64 20.18
CA ALA C 585 15.49 31.09 19.66
C ALA C 585 14.32 31.54 20.50
N LYS C 586 13.14 31.50 19.87
CA LYS C 586 11.90 32.07 20.38
C LYS C 586 12.09 33.54 20.78
N MET C 587 12.38 34.34 19.78
CA MET C 587 12.46 35.79 19.93
C MET C 587 11.44 36.42 18.99
N ASN C 588 11.19 37.71 19.21
CA ASN C 588 10.26 38.46 18.36
C ASN C 588 10.78 39.87 18.26
N ILE C 589 11.01 40.36 17.06
CA ILE C 589 11.52 41.70 16.80
C ILE C 589 10.64 42.33 15.74
N LEU C 590 10.31 43.60 15.90
CA LEU C 590 9.42 44.30 14.99
C LEU C 590 10.09 45.60 14.56
N ILE C 591 10.66 45.61 13.37
CA ILE C 591 11.43 46.74 12.87
C ILE C 591 10.51 47.58 12.00
N ARG C 592 10.06 48.70 12.53
CA ARG C 592 9.15 49.57 11.80
C ARG C 592 9.85 50.89 11.49
N ASP C 593 9.29 51.61 10.52
CA ASP C 593 9.84 52.91 10.16
C ASP C 593 9.46 53.94 11.21
N LYS C 594 10.29 54.97 11.33
CA LYS C 594 10.12 55.93 12.42
C LYS C 594 8.99 56.90 12.14
N ARG C 595 8.86 57.32 10.89
CA ARG C 595 8.06 58.49 10.54
C ARG C 595 6.59 58.18 10.31
N PHE C 596 6.03 57.17 10.97
CA PHE C 596 4.61 56.90 10.86
C PHE C 596 4.06 56.60 12.24
N HIS C 597 2.73 56.61 12.33
CA HIS C 597 2.03 56.37 13.59
C HIS C 597 1.24 55.08 13.43
N TYR C 598 1.85 53.97 13.80
CA TYR C 598 1.27 52.65 13.55
C TYR C 598 0.22 52.32 14.60
N ASP C 599 -0.81 51.62 14.16
CA ASP C 599 -1.88 51.15 15.03
C ASP C 599 -1.45 49.82 15.68
N ARG C 600 -2.40 49.11 16.28
CA ARG C 600 -2.09 47.82 16.89
C ARG C 600 -1.86 46.73 15.85
N ASN C 601 -2.31 46.92 14.61
CA ASN C 601 -2.04 45.99 13.52
C ASN C 601 -0.89 46.44 12.64
N ASN C 602 -0.18 47.49 13.05
CA ASN C 602 1.07 47.97 12.45
C ASN C 602 0.91 48.44 11.01
N ILE C 603 -0.29 48.86 10.63
CA ILE C 603 -0.50 49.48 9.33
C ILE C 603 -0.38 50.99 9.50
N ALA C 604 0.34 51.63 8.59
CA ALA C 604 0.58 53.06 8.70
C ALA C 604 -0.67 53.84 8.31
N VAL C 605 -0.89 54.97 8.97
CA VAL C 605 -2.05 55.80 8.68
C VAL C 605 -1.69 57.25 8.43
N GLY C 606 -0.55 57.72 8.93
CA GLY C 606 -0.21 59.12 8.72
C GLY C 606 1.09 59.55 9.34
N ALA C 607 1.86 60.36 8.62
CA ALA C 607 3.16 60.83 9.06
C ALA C 607 3.01 62.08 9.90
N ASP C 608 4.14 62.59 10.40
CA ASP C 608 4.14 63.78 11.25
C ASP C 608 3.83 65.03 10.44
N GLU C 609 3.33 66.05 11.15
CA GLU C 609 2.94 67.29 10.50
C GLU C 609 4.15 68.06 9.98
N SER C 610 5.33 67.76 10.51
CA SER C 610 6.57 68.31 9.99
C SER C 610 6.96 67.73 8.64
N VAL C 611 6.36 66.61 8.24
CA VAL C 611 6.83 65.90 7.04
C VAL C 611 5.68 65.55 6.07
N VAL C 612 4.42 65.65 6.50
CA VAL C 612 3.32 65.46 5.56
C VAL C 612 3.21 66.58 4.53
N LYS C 613 3.74 67.77 4.82
CA LYS C 613 3.84 68.79 3.79
C LYS C 613 5.00 68.50 2.85
N GLU C 614 6.03 67.81 3.35
CA GLU C 614 7.35 67.68 2.73
C GLU C 614 7.39 66.73 1.54
N ALA C 615 6.25 66.34 0.96
CA ALA C 615 6.24 65.33 -0.09
C ALA C 615 5.67 65.81 -1.41
N HIS C 616 5.40 67.11 -1.55
CA HIS C 616 4.70 67.65 -2.71
C HIS C 616 5.43 68.86 -3.27
N ARG C 617 6.75 68.76 -3.40
CA ARG C 617 7.56 69.88 -3.88
C ARG C 617 7.85 69.83 -5.37
N GLU C 618 7.72 68.67 -6.00
CA GLU C 618 8.02 68.51 -7.42
C GLU C 618 6.75 68.64 -8.26
N VAL C 619 6.10 69.80 -8.09
CA VAL C 619 4.86 70.11 -8.80
C VAL C 619 5.17 70.34 -10.27
N ILE C 620 4.65 69.47 -11.13
CA ILE C 620 4.99 69.51 -12.54
C ILE C 620 3.79 69.90 -13.40
N ASN C 621 2.58 69.58 -12.94
CA ASN C 621 1.39 69.84 -13.72
C ASN C 621 0.16 69.89 -12.82
N SER C 622 -0.42 71.08 -12.70
CA SER C 622 -1.76 71.27 -12.14
C SER C 622 -2.54 72.16 -13.08
N SER C 623 -3.61 71.60 -13.64
CA SER C 623 -4.37 72.30 -14.67
C SER C 623 -5.77 72.58 -14.13
N THR C 624 -6.65 73.04 -15.02
CA THR C 624 -8.02 73.38 -14.62
C THR C 624 -8.82 72.12 -14.26
N GLU C 625 -8.55 71.02 -14.95
CA GLU C 625 -9.36 69.82 -14.81
C GLU C 625 -8.65 68.67 -14.11
N GLY C 626 -7.40 68.86 -13.68
CA GLY C 626 -6.70 67.78 -12.99
C GLY C 626 -5.39 68.26 -12.42
N LEU C 627 -4.66 67.31 -11.84
CA LEU C 627 -3.36 67.57 -11.25
C LEU C 627 -2.54 66.28 -11.31
N LEU C 628 -1.32 66.39 -11.80
CA LEU C 628 -0.38 65.27 -11.87
C LEU C 628 0.76 65.56 -10.90
N LEU C 629 0.55 65.25 -9.63
CA LEU C 629 1.51 65.58 -8.58
C LEU C 629 2.33 64.35 -8.25
N ASN C 630 3.65 64.53 -8.19
CA ASN C 630 4.56 63.46 -7.84
C ASN C 630 4.83 63.53 -6.34
N ILE C 631 4.39 62.50 -5.61
CA ILE C 631 4.51 62.42 -4.16
C ILE C 631 5.44 61.24 -3.89
N ASP C 632 5.95 61.13 -2.67
CA ASP C 632 6.83 60.02 -2.31
C ASP C 632 6.03 58.71 -2.30
N LYS C 633 6.74 57.60 -2.59
CA LYS C 633 6.09 56.36 -3.01
C LYS C 633 5.32 55.70 -1.87
N ASP C 634 5.68 55.98 -0.62
CA ASP C 634 4.94 55.41 0.50
C ASP C 634 4.02 56.41 1.16
N ILE C 635 4.30 57.71 1.01
CA ILE C 635 3.49 58.72 1.67
C ILE C 635 2.20 58.94 0.90
N ARG C 636 2.18 58.63 -0.40
CA ARG C 636 0.95 58.72 -1.17
C ARG C 636 -0.06 57.63 -0.79
N LYS C 637 0.38 56.57 -0.12
CA LYS C 637 -0.54 55.50 0.28
C LYS C 637 -1.26 55.84 1.57
N ILE C 638 -0.59 56.56 2.48
CA ILE C 638 -1.13 56.81 3.83
C ILE C 638 -2.28 57.80 3.87
N LEU C 639 -2.61 58.43 2.75
CA LEU C 639 -3.58 59.52 2.73
C LEU C 639 -4.99 58.99 2.51
N SER C 640 -5.97 59.71 3.09
CA SER C 640 -7.36 59.33 2.91
C SER C 640 -7.95 59.96 1.65
N GLY C 641 -7.93 61.29 1.59
CA GLY C 641 -8.46 61.98 0.44
C GLY C 641 -7.97 63.40 0.31
N TYR C 642 -8.32 64.05 -0.80
CA TYR C 642 -7.94 65.43 -1.07
C TYR C 642 -9.19 66.24 -1.34
N ILE C 643 -9.09 67.55 -1.16
CA ILE C 643 -10.19 68.48 -1.39
C ILE C 643 -9.65 69.68 -2.16
N VAL C 644 -10.32 70.05 -3.25
CA VAL C 644 -10.03 71.27 -3.99
C VAL C 644 -10.90 72.38 -3.42
N GLU C 645 -10.29 73.54 -3.13
CA GLU C 645 -10.98 74.66 -2.51
C GLU C 645 -10.47 75.97 -3.09
N ILE C 646 -11.28 77.02 -2.92
CA ILE C 646 -11.01 78.34 -3.50
C ILE C 646 -10.81 79.34 -2.38
N GLU C 647 -9.92 80.31 -2.60
CA GLU C 647 -9.65 81.39 -1.65
C GLU C 647 -9.69 82.72 -2.39
N ASP C 648 -10.38 83.70 -1.81
CA ASP C 648 -10.52 85.03 -2.39
C ASP C 648 -9.43 85.95 -1.84
N THR C 649 -9.62 87.27 -2.00
CA THR C 649 -8.59 88.25 -1.64
C THR C 649 -8.37 88.32 -0.14
N GLU C 650 -9.43 88.42 0.66
CA GLU C 650 -9.27 88.41 2.11
C GLU C 650 -8.97 87.02 2.63
N GLY C 651 -9.70 86.01 2.12
CA GLY C 651 -9.48 84.65 2.53
C GLY C 651 -10.65 84.02 3.28
N LEU C 652 -11.45 83.24 2.55
CA LEU C 652 -12.65 82.62 3.12
C LEU C 652 -12.65 81.12 2.85
N LYS C 653 -13.78 80.47 3.11
CA LYS C 653 -13.87 79.02 3.02
C LYS C 653 -14.95 78.66 2.01
N GLU C 654 -14.55 77.98 0.93
CA GLU C 654 -15.48 77.51 -0.10
C GLU C 654 -15.13 76.06 -0.42
N VAL C 655 -15.70 75.13 0.35
CA VAL C 655 -15.40 73.70 0.20
C VAL C 655 -16.23 73.14 -0.94
N ILE C 656 -15.58 72.51 -1.90
CA ILE C 656 -16.31 71.85 -2.98
C ILE C 656 -16.61 70.40 -2.59
N ASN C 657 -15.61 69.68 -2.10
CA ASN C 657 -15.73 68.25 -1.83
C ASN C 657 -16.34 67.97 -0.45
N ASP C 658 -17.48 68.59 -0.18
CA ASP C 658 -18.07 68.56 1.16
C ASP C 658 -19.10 67.44 1.31
N ARG C 659 -18.70 66.23 0.91
CA ARG C 659 -19.52 65.03 1.12
C ARG C 659 -18.62 63.96 1.72
N TYR C 660 -19.22 63.09 2.55
CA TYR C 660 -18.49 62.05 3.25
C TYR C 660 -17.83 61.03 2.32
N ASP C 661 -18.37 60.84 1.14
CA ASP C 661 -17.77 59.99 0.11
C ASP C 661 -16.93 60.79 -0.89
N MET C 662 -17.23 62.07 -1.07
CA MET C 662 -16.51 62.93 -2.02
C MET C 662 -15.26 63.50 -1.36
N LEU C 663 -14.23 62.65 -1.27
CA LEU C 663 -12.87 63.10 -1.00
C LEU C 663 -11.83 62.47 -1.92
N ASN C 664 -12.22 61.52 -2.77
CA ASN C 664 -11.26 60.76 -3.56
C ASN C 664 -10.99 61.44 -4.90
N ILE C 665 -10.58 62.71 -4.82
CA ILE C 665 -10.26 63.45 -6.04
C ILE C 665 -8.84 63.22 -6.51
N SER C 666 -8.07 62.40 -5.80
CA SER C 666 -6.69 62.08 -6.15
C SER C 666 -6.68 60.71 -6.83
N SER C 667 -7.04 60.65 -8.10
CA SER C 667 -7.04 59.40 -8.83
C SER C 667 -5.64 59.11 -9.35
N LEU C 668 -5.49 57.97 -10.04
CA LEU C 668 -4.20 57.49 -10.51
C LEU C 668 -4.31 57.07 -11.96
N ARG C 669 -3.41 57.58 -12.80
CA ARG C 669 -3.23 57.08 -14.15
C ARG C 669 -1.89 56.36 -14.27
N GLN C 670 -1.73 55.60 -15.35
CA GLN C 670 -0.65 54.64 -15.49
C GLN C 670 0.63 55.24 -16.06
N ASP C 671 0.83 56.55 -15.96
CA ASP C 671 2.08 57.16 -16.38
C ASP C 671 3.08 57.32 -15.24
N GLY C 672 2.69 56.95 -14.02
CA GLY C 672 3.48 57.26 -12.86
C GLY C 672 3.23 58.63 -12.28
N LYS C 673 2.28 59.37 -12.85
CA LYS C 673 1.94 60.73 -12.44
C LYS C 673 0.44 60.68 -12.20
N THR C 674 0.04 60.51 -10.93
CA THR C 674 -1.34 60.18 -10.60
C THR C 674 -2.27 61.36 -10.88
N PHE C 675 -3.45 61.06 -11.41
CA PHE C 675 -4.37 62.09 -11.89
C PHE C 675 -5.22 62.58 -10.73
N ILE C 676 -4.69 63.54 -9.96
CA ILE C 676 -5.50 64.19 -8.95
C ILE C 676 -6.51 65.06 -9.68
N ASP C 677 -7.75 64.58 -9.73
CA ASP C 677 -8.73 65.04 -10.70
C ASP C 677 -9.54 66.20 -10.13
N PHE C 678 -9.84 67.17 -10.99
CA PHE C 678 -10.75 68.25 -10.65
C PHE C 678 -12.10 68.13 -11.35
N LYS C 679 -12.28 67.11 -12.19
CA LYS C 679 -13.43 67.01 -13.07
C LYS C 679 -14.44 65.95 -12.63
N LYS C 680 -13.98 64.75 -12.25
CA LYS C 680 -14.90 63.65 -12.03
C LYS C 680 -15.68 63.77 -10.74
N TYR C 681 -15.22 64.61 -9.81
CA TYR C 681 -16.02 64.96 -8.64
C TYR C 681 -16.56 66.38 -8.77
N ASN C 682 -16.77 66.82 -10.02
CA ASN C 682 -17.39 68.10 -10.31
C ASN C 682 -18.33 67.92 -11.50
N ASP C 683 -19.16 66.86 -11.44
CA ASP C 683 -20.27 66.45 -12.32
C ASP C 683 -20.08 66.74 -13.83
N LYS C 684 -18.90 66.40 -14.33
CA LYS C 684 -18.44 66.62 -15.73
C LYS C 684 -18.48 68.11 -16.09
N LEU C 685 -18.26 68.99 -15.11
CA LEU C 685 -18.13 70.40 -15.36
C LEU C 685 -16.84 70.93 -14.75
N PRO C 686 -16.14 71.84 -15.43
CA PRO C 686 -14.83 72.28 -14.95
C PRO C 686 -14.94 73.15 -13.70
N LEU C 687 -13.79 73.45 -13.12
CA LEU C 687 -13.71 74.19 -11.87
C LEU C 687 -14.09 75.66 -12.04
N TYR C 688 -14.05 76.36 -10.92
CA TYR C 688 -14.38 77.77 -10.85
C TYR C 688 -13.08 78.56 -10.68
N ILE C 689 -12.56 79.07 -11.79
CA ILE C 689 -11.52 80.08 -11.78
C ILE C 689 -11.99 81.23 -12.65
N SER C 690 -11.86 82.46 -12.15
CA SER C 690 -12.29 83.63 -12.91
C SER C 690 -11.32 84.80 -12.78
N ASN C 691 -10.25 84.67 -11.98
CA ASN C 691 -9.44 85.84 -11.67
C ASN C 691 -8.09 85.35 -11.17
N PRO C 692 -6.98 85.81 -11.77
CA PRO C 692 -5.67 85.24 -11.41
C PRO C 692 -5.09 85.76 -10.10
N ASN C 693 -5.76 86.66 -9.39
CA ASN C 693 -5.30 87.01 -8.05
C ASN C 693 -5.88 86.10 -6.97
N TYR C 694 -6.58 85.05 -7.37
CA TYR C 694 -7.21 84.10 -6.45
C TYR C 694 -6.31 82.90 -6.23
N LYS C 695 -6.66 82.10 -5.22
CA LYS C 695 -5.88 80.94 -4.83
C LYS C 695 -6.69 79.67 -5.06
N VAL C 696 -6.00 78.54 -5.17
CA VAL C 696 -6.61 77.22 -5.13
C VAL C 696 -5.99 76.44 -3.98
N ASN C 697 -6.79 75.62 -3.31
CA ASN C 697 -6.38 74.92 -2.09
C ASN C 697 -6.60 73.42 -2.26
N VAL C 698 -5.50 72.66 -2.32
CA VAL C 698 -5.52 71.20 -2.50
C VAL C 698 -4.69 70.60 -1.37
N TYR C 699 -5.34 69.95 -0.41
CA TYR C 699 -4.68 69.53 0.82
C TYR C 699 -4.89 68.04 1.10
N ALA C 700 -3.98 67.49 1.89
CA ALA C 700 -3.92 66.08 2.24
C ALA C 700 -4.42 65.84 3.66
N VAL C 701 -5.06 64.68 3.84
CA VAL C 701 -5.59 64.22 5.12
C VAL C 701 -5.05 62.81 5.36
N THR C 702 -4.68 62.52 6.60
CA THR C 702 -4.22 61.19 6.98
C THR C 702 -5.40 60.25 7.18
N LYS C 703 -5.10 59.02 7.57
CA LYS C 703 -6.12 57.99 7.74
C LYS C 703 -6.51 57.77 9.20
N GLU C 704 -5.75 58.31 10.15
CA GLU C 704 -6.08 58.14 11.56
C GLU C 704 -7.26 59.01 11.99
N ASN C 705 -7.36 60.24 11.48
CA ASN C 705 -8.41 61.16 11.88
C ASN C 705 -9.64 61.05 10.99
N THR C 706 -9.59 60.26 9.93
CA THR C 706 -10.69 60.18 8.98
C THR C 706 -11.63 59.05 9.38
N ILE C 707 -12.71 59.39 10.08
CA ILE C 707 -13.78 58.47 10.39
C ILE C 707 -14.52 58.14 9.10
N ILE C 708 -14.92 56.87 8.96
CA ILE C 708 -15.57 56.38 7.75
C ILE C 708 -17.00 56.90 7.66
N ASN C 709 -17.74 56.84 8.75
CA ASN C 709 -19.10 57.31 8.99
C ASN C 709 -19.12 58.84 8.98
N PRO C 710 -20.22 59.50 8.55
CA PRO C 710 -20.37 60.93 8.83
C PRO C 710 -20.68 61.20 10.30
N SER C 711 -21.03 62.45 10.62
CA SER C 711 -21.24 62.79 12.02
C SER C 711 -22.59 62.34 12.53
N GLU C 712 -22.98 62.89 13.68
CA GLU C 712 -24.12 62.38 14.43
C GLU C 712 -25.43 62.84 13.79
N ASN C 713 -25.66 64.15 13.70
CA ASN C 713 -26.90 64.63 13.10
C ASN C 713 -26.80 64.71 11.58
N GLY C 714 -25.98 65.64 11.07
CA GLY C 714 -25.93 65.84 9.63
C GLY C 714 -24.63 66.31 9.01
N ASP C 715 -23.54 66.39 9.77
CA ASP C 715 -22.28 66.89 9.22
C ASP C 715 -21.66 65.79 8.37
N THR C 716 -22.10 65.73 7.12
CA THR C 716 -21.50 64.85 6.12
C THR C 716 -20.44 65.63 5.34
N SER C 717 -19.41 66.07 6.06
CA SER C 717 -18.51 67.09 5.55
C SER C 717 -17.13 66.87 6.14
N THR C 718 -16.16 67.62 5.62
CA THR C 718 -14.77 67.45 6.01
C THR C 718 -14.27 68.82 6.49
N ASN C 719 -15.03 69.41 7.40
CA ASN C 719 -14.60 70.59 8.15
C ASN C 719 -14.31 70.29 9.61
N GLY C 720 -14.96 69.27 10.17
CA GLY C 720 -14.62 68.77 11.49
C GLY C 720 -13.61 67.64 11.42
N ILE C 721 -12.73 67.71 10.42
CA ILE C 721 -11.73 66.69 10.13
C ILE C 721 -10.42 67.42 9.86
N LYS C 722 -9.36 67.02 10.56
CA LYS C 722 -8.10 67.75 10.53
C LYS C 722 -7.41 67.64 9.18
N LYS C 723 -6.89 68.75 8.68
CA LYS C 723 -6.17 68.85 7.43
C LYS C 723 -4.79 69.45 7.67
N ILE C 724 -3.99 69.52 6.60
CA ILE C 724 -2.66 70.10 6.63
C ILE C 724 -2.54 71.08 5.48
N LEU C 725 -2.09 72.30 5.77
CA LEU C 725 -1.86 73.33 4.76
C LEU C 725 -0.60 72.98 3.98
N ILE C 726 -0.76 72.52 2.75
CA ILE C 726 0.39 72.09 1.95
C ILE C 726 0.58 72.98 0.72
N PHE C 727 -0.52 73.47 0.14
CA PHE C 727 -0.54 73.98 -1.23
C PHE C 727 -0.67 75.50 -1.24
N SER C 728 0.19 76.15 -2.02
CA SER C 728 0.15 77.60 -2.19
C SER C 728 0.51 77.91 -3.64
N LYS C 729 -0.50 77.96 -4.50
CA LYS C 729 -0.36 78.43 -5.87
C LYS C 729 -1.52 79.35 -6.22
N LYS C 730 -1.19 80.51 -6.79
CA LYS C 730 -2.17 81.51 -7.19
C LYS C 730 -2.92 81.04 -8.45
N GLY C 731 -3.90 81.83 -8.87
CA GLY C 731 -4.77 81.45 -9.97
C GLY C 731 -4.20 81.63 -11.36
N TYR C 732 -3.04 82.29 -11.50
CA TYR C 732 -2.50 82.52 -12.82
C TYR C 732 -1.74 81.33 -13.38
N GLU C 733 -1.25 80.44 -12.52
CA GLU C 733 -0.40 79.35 -12.96
C GLU C 733 -1.15 78.02 -13.08
N ILE C 734 -2.36 77.93 -12.52
CA ILE C 734 -3.16 76.72 -12.69
C ILE C 734 -3.76 76.64 -14.09
N GLY C 735 -4.31 77.75 -14.59
CA GLY C 735 -4.89 77.78 -15.93
C GLY C 735 -4.72 79.10 -16.63
N THR D 174 31.80 -5.33 21.32
CA THR D 174 31.39 -3.96 21.60
C THR D 174 30.92 -3.82 23.03
N VAL D 175 30.67 -2.58 23.43
CA VAL D 175 30.11 -2.26 24.75
C VAL D 175 28.66 -2.70 24.77
N PRO D 176 28.17 -3.29 25.86
CA PRO D 176 26.80 -3.82 25.87
C PRO D 176 25.74 -2.73 25.84
N ASP D 177 24.55 -3.12 25.36
CA ASP D 177 23.41 -2.21 25.27
C ASP D 177 22.16 -3.08 25.20
N ARG D 178 21.42 -3.17 26.31
CA ARG D 178 20.35 -4.14 26.38
C ARG D 178 19.06 -3.68 25.71
N ASP D 179 18.82 -2.37 25.64
CA ASP D 179 17.55 -1.82 25.21
C ASP D 179 17.61 -1.11 23.87
N ASN D 180 18.80 -0.96 23.30
CA ASN D 180 19.04 -0.42 21.97
C ASN D 180 18.61 1.05 21.84
N ASP D 181 18.68 1.80 22.92
CA ASP D 181 18.38 3.22 22.80
C ASP D 181 19.58 4.03 22.37
N GLY D 182 20.78 3.46 22.39
CA GLY D 182 21.94 4.15 21.91
C GLY D 182 22.89 4.64 22.98
N ILE D 183 22.84 4.08 24.17
CA ILE D 183 23.60 4.52 25.33
C ILE D 183 23.86 3.29 26.18
N PRO D 184 25.10 3.02 26.58
CA PRO D 184 25.43 1.74 27.20
C PRO D 184 24.83 1.62 28.59
N ASP D 185 24.81 0.39 29.10
CA ASP D 185 24.10 0.12 30.35
C ASP D 185 24.80 0.73 31.53
N SER D 186 26.13 0.68 31.53
CA SER D 186 26.91 1.15 32.66
C SER D 186 26.88 2.66 32.79
N LEU D 187 26.42 3.37 31.78
CA LEU D 187 26.17 4.80 31.86
C LEU D 187 24.77 5.08 32.38
N GLU D 188 23.80 4.28 31.97
CA GLU D 188 22.43 4.46 32.43
C GLU D 188 22.31 4.16 33.91
N VAL D 189 22.99 3.14 34.40
CA VAL D 189 22.85 2.78 35.80
C VAL D 189 23.62 3.73 36.69
N GLU D 190 24.77 4.24 36.25
CA GLU D 190 25.64 4.95 37.17
C GLU D 190 25.76 6.44 36.91
N GLY D 191 25.34 6.94 35.77
CA GLY D 191 25.23 8.38 35.60
C GLY D 191 25.86 8.90 34.33
N TYR D 192 25.17 9.77 33.61
CA TYR D 192 25.70 10.32 32.37
C TYR D 192 25.21 11.74 32.20
N THR D 193 25.72 12.39 31.16
CA THR D 193 25.33 13.75 30.81
C THR D 193 25.73 13.97 29.35
N VAL D 194 25.29 15.09 28.79
CA VAL D 194 25.54 15.39 27.39
C VAL D 194 26.25 16.73 27.29
N ASP D 195 27.47 16.72 26.76
CA ASP D 195 28.29 17.92 26.62
C ASP D 195 28.45 18.28 25.15
N VAL D 196 28.63 19.57 24.88
CA VAL D 196 28.76 20.10 23.53
C VAL D 196 30.16 20.66 23.40
N LYS D 197 31.07 19.91 22.79
CA LYS D 197 32.50 20.19 22.96
C LYS D 197 32.98 21.32 22.07
N ASN D 198 32.96 21.12 20.76
CA ASN D 198 33.42 22.16 19.85
C ASN D 198 32.26 22.76 19.07
N LYS D 199 31.60 21.96 18.26
CA LYS D 199 30.21 22.19 17.88
C LYS D 199 29.49 20.85 17.81
N ARG D 200 30.09 19.79 18.34
CA ARG D 200 29.59 18.43 18.18
C ARG D 200 29.30 17.85 19.55
N THR D 201 28.09 17.32 19.73
CA THR D 201 27.64 16.83 21.02
C THR D 201 28.25 15.48 21.34
N PHE D 202 28.40 15.20 22.64
CA PHE D 202 29.01 13.97 23.11
C PHE D 202 28.27 13.48 24.33
N LEU D 203 27.98 12.19 24.36
CA LEU D 203 27.29 11.56 25.48
C LEU D 203 28.32 10.87 26.35
N SER D 204 28.59 11.43 27.51
CA SER D 204 29.74 11.00 28.29
C SER D 204 29.33 10.68 29.72
N PRO D 205 30.03 9.77 30.38
CA PRO D 205 29.70 9.45 31.77
C PRO D 205 30.00 10.60 32.71
N TRP D 206 29.29 10.62 33.83
CA TRP D 206 29.35 11.74 34.73
C TRP D 206 30.65 11.68 35.49
N ILE D 207 31.60 12.51 35.10
CA ILE D 207 32.84 12.71 35.84
C ILE D 207 32.81 14.10 36.42
N SER D 208 33.00 14.19 37.73
CA SER D 208 32.51 15.32 38.50
C SER D 208 33.33 16.58 38.31
N ASN D 209 34.63 16.46 38.08
CA ASN D 209 35.46 17.65 38.09
C ASN D 209 35.27 18.51 36.84
N ILE D 210 34.90 17.89 35.73
CA ILE D 210 34.64 18.63 34.51
C ILE D 210 33.20 19.11 34.46
N HIS D 211 32.28 18.23 34.84
CA HIS D 211 30.87 18.44 34.53
C HIS D 211 30.12 19.20 35.60
N GLU D 212 30.57 19.16 36.84
CA GLU D 212 29.81 19.84 37.88
C GLU D 212 30.01 21.35 37.81
N LYS D 213 31.20 21.79 37.42
CA LYS D 213 31.44 23.23 37.29
C LYS D 213 30.77 23.82 36.06
N LYS D 214 30.55 23.02 35.02
CA LYS D 214 29.83 23.52 33.85
C LYS D 214 28.34 23.63 34.07
N GLY D 215 27.82 23.04 35.15
CA GLY D 215 26.41 23.15 35.45
C GLY D 215 25.53 22.12 34.80
N LEU D 216 26.12 21.04 34.28
CA LEU D 216 25.33 20.03 33.60
C LEU D 216 24.57 19.19 34.61
N THR D 217 23.63 18.39 34.10
CA THR D 217 22.74 17.59 34.91
C THR D 217 23.20 16.14 34.90
N LYS D 218 23.02 15.44 36.01
CA LYS D 218 23.40 14.05 36.12
C LYS D 218 22.16 13.19 35.94
N TYR D 219 22.03 12.55 34.80
CA TYR D 219 20.89 11.70 34.53
C TYR D 219 21.17 10.27 34.95
N LYS D 220 20.11 9.55 35.30
CA LYS D 220 20.15 8.11 35.47
C LYS D 220 18.90 7.54 34.83
N SER D 221 18.93 6.26 34.49
CA SER D 221 17.83 5.66 33.77
C SER D 221 17.85 4.16 33.98
N SER D 222 16.95 3.46 33.33
CA SER D 222 16.97 2.02 33.48
C SER D 222 17.60 1.39 32.26
N PRO D 223 18.57 0.49 32.42
CA PRO D 223 19.28 -0.05 31.27
C PRO D 223 18.49 -1.05 30.47
N GLU D 224 17.23 -1.31 30.79
CA GLU D 224 16.46 -2.28 30.05
C GLU D 224 15.16 -1.74 29.46
N LYS D 225 14.80 -0.50 29.71
CA LYS D 225 13.69 0.13 29.03
C LYS D 225 14.22 1.09 27.98
N TRP D 226 13.62 1.02 26.80
CA TRP D 226 13.96 1.96 25.74
C TRP D 226 13.46 3.35 26.05
N SER D 227 12.39 3.43 26.83
CA SER D 227 11.85 4.70 27.28
C SER D 227 11.45 4.51 28.71
N THR D 228 12.17 5.14 29.64
CA THR D 228 12.08 4.79 31.05
C THR D 228 10.74 5.22 31.64
N ALA D 229 10.14 6.27 31.12
CA ALA D 229 8.81 6.66 31.56
C ALA D 229 7.71 6.09 30.68
N SER D 230 8.06 5.18 29.77
CA SER D 230 7.14 4.45 28.89
C SER D 230 6.33 5.36 27.97
N ASP D 231 6.82 6.55 27.69
CA ASP D 231 6.31 7.48 26.69
C ASP D 231 7.18 7.42 25.46
N PRO D 232 6.68 7.65 24.25
CA PRO D 232 7.40 7.18 23.06
C PRO D 232 8.57 8.01 22.60
N TYR D 233 9.43 8.44 23.52
CA TYR D 233 10.69 9.09 23.21
C TYR D 233 11.75 8.37 24.01
N SER D 234 12.90 8.10 23.42
CA SER D 234 13.87 7.29 24.13
C SER D 234 14.64 8.15 25.11
N ASP D 235 15.50 7.52 25.90
CA ASP D 235 16.31 8.31 26.82
C ASP D 235 17.39 9.07 26.09
N PHE D 236 17.81 8.60 24.93
CA PHE D 236 18.80 9.31 24.15
C PHE D 236 18.21 10.56 23.50
N GLU D 237 17.03 10.42 22.90
CA GLU D 237 16.37 11.55 22.28
C GLU D 237 15.95 12.60 23.27
N LYS D 238 15.60 12.20 24.49
CA LYS D 238 15.14 13.17 25.47
C LYS D 238 16.26 14.08 25.92
N VAL D 239 17.48 13.56 25.99
CA VAL D 239 18.58 14.34 26.53
C VAL D 239 19.47 14.94 25.46
N THR D 240 19.39 14.48 24.22
CA THR D 240 20.20 15.05 23.16
C THR D 240 19.43 15.97 22.24
N GLY D 241 18.17 16.27 22.56
CA GLY D 241 17.43 17.21 21.76
C GLY D 241 16.89 16.68 20.45
N ARG D 242 17.13 15.42 20.11
CA ARG D 242 16.61 14.84 18.87
C ARG D 242 15.19 14.31 19.09
N ILE D 243 14.32 15.24 19.46
CA ILE D 243 12.97 14.95 19.90
C ILE D 243 12.07 15.94 19.20
N ASP D 244 10.76 15.70 19.25
CA ASP D 244 9.80 16.71 18.81
C ASP D 244 9.97 17.96 19.65
N LYS D 245 10.07 19.11 19.02
CA LYS D 245 10.47 20.29 19.76
C LYS D 245 9.38 20.88 20.63
N ASN D 246 8.14 20.42 20.49
CA ASN D 246 7.06 20.92 21.31
C ASN D 246 6.97 20.23 22.66
N VAL D 247 7.71 19.15 22.87
CA VAL D 247 7.77 18.46 24.14
C VAL D 247 8.39 19.39 25.17
N SER D 248 7.59 19.80 26.14
CA SER D 248 7.92 20.96 26.97
C SER D 248 9.13 20.66 27.84
N PRO D 249 10.00 21.64 28.08
CA PRO D 249 11.33 21.34 28.62
C PRO D 249 11.36 20.85 30.05
N GLU D 250 10.25 20.85 30.77
CA GLU D 250 10.18 20.12 32.03
C GLU D 250 10.34 18.63 31.80
N ALA D 251 9.66 18.14 30.76
CA ALA D 251 9.63 16.70 30.42
C ALA D 251 10.77 16.30 29.49
N ARG D 252 11.94 16.95 29.63
CA ARG D 252 13.11 16.59 28.79
C ARG D 252 14.09 15.82 29.67
N HIS D 253 13.57 15.17 30.72
CA HIS D 253 14.38 14.37 31.67
C HIS D 253 13.94 12.90 31.56
N PRO D 254 14.86 11.94 31.37
CA PRO D 254 14.49 10.53 31.23
C PRO D 254 13.59 9.97 32.35
N LEU D 255 13.22 10.78 33.36
CA LEU D 255 12.39 10.26 34.41
C LEU D 255 11.07 10.99 34.54
N VAL D 256 10.79 11.94 33.67
CA VAL D 256 9.54 12.68 33.68
C VAL D 256 8.81 12.37 32.39
N ALA D 257 7.57 11.91 32.51
CA ALA D 257 6.84 11.43 31.35
C ALA D 257 6.27 12.59 30.55
N ALA D 258 6.25 12.41 29.24
CA ALA D 258 5.73 13.40 28.29
C ALA D 258 4.48 12.84 27.66
N TYR D 259 3.36 13.52 27.85
CA TYR D 259 2.06 13.02 27.44
C TYR D 259 1.05 14.17 27.40
N PRO D 260 0.05 14.12 26.53
CA PRO D 260 -0.95 15.19 26.48
C PRO D 260 -2.16 14.94 27.36
N ILE D 261 -2.77 16.04 27.79
CA ILE D 261 -4.00 16.02 28.57
C ILE D 261 -4.99 16.93 27.86
N VAL D 262 -5.91 16.36 27.12
CA VAL D 262 -6.83 17.10 26.26
C VAL D 262 -8.24 17.00 26.82
N HIS D 263 -8.95 18.13 26.85
CA HIS D 263 -10.36 18.07 27.14
C HIS D 263 -11.07 19.21 26.42
N VAL D 264 -12.37 19.02 26.21
CA VAL D 264 -13.19 19.87 25.35
C VAL D 264 -14.17 20.63 26.23
N ASP D 265 -14.33 21.93 25.98
CA ASP D 265 -15.31 22.70 26.73
C ASP D 265 -16.24 23.46 25.80
N MET D 266 -17.51 23.48 26.17
CA MET D 266 -18.56 24.08 25.37
C MET D 266 -18.71 25.56 25.69
N GLU D 267 -18.79 26.39 24.67
CA GLU D 267 -18.91 27.82 24.86
C GLU D 267 -20.26 28.37 24.47
N ASN D 268 -21.00 27.69 23.61
CA ASN D 268 -22.34 28.08 23.24
C ASN D 268 -23.09 26.85 22.82
N ILE D 269 -24.42 26.95 22.78
CA ILE D 269 -25.23 25.87 22.30
C ILE D 269 -26.41 26.47 21.54
N ILE D 270 -26.46 26.25 20.24
CA ILE D 270 -27.40 26.95 19.40
C ILE D 270 -28.52 26.02 18.97
N LEU D 271 -29.61 26.00 19.71
CA LEU D 271 -30.72 25.12 19.36
C LEU D 271 -31.74 25.89 18.54
N SER D 272 -32.27 25.26 17.50
CA SER D 272 -33.06 25.93 16.49
C SER D 272 -34.26 25.07 16.14
N LYS D 273 -35.45 25.58 16.40
CA LYS D 273 -36.66 24.77 16.36
C LYS D 273 -37.10 24.50 14.94
N ASN D 274 -37.02 23.24 14.53
CA ASN D 274 -37.42 22.83 13.18
C ASN D 274 -38.93 22.87 13.06
N GLU D 275 -39.46 23.84 12.32
CA GLU D 275 -40.89 24.11 12.30
C GLU D 275 -41.17 24.94 11.06
N ASP D 276 -42.31 24.70 10.42
CA ASP D 276 -42.65 25.35 9.16
C ASP D 276 -43.89 26.19 9.29
N GLN D 277 -43.90 27.36 8.66
CA GLN D 277 -45.11 28.16 8.54
C GLN D 277 -45.64 28.15 7.12
N SER D 278 -46.80 28.76 6.94
CA SER D 278 -47.40 29.01 5.64
C SER D 278 -48.36 30.17 5.83
N THR D 279 -48.59 30.93 4.76
CA THR D 279 -49.64 31.92 4.72
C THR D 279 -50.45 31.74 3.45
N GLN D 280 -51.58 32.40 3.37
CA GLN D 280 -52.48 32.24 2.24
C GLN D 280 -53.33 33.49 2.10
N ASN D 281 -53.67 33.85 0.87
CA ASN D 281 -54.53 34.99 0.60
C ASN D 281 -55.40 34.65 -0.59
N THR D 282 -56.71 34.82 -0.47
CA THR D 282 -57.63 34.27 -1.44
C THR D 282 -58.73 35.27 -1.75
N ASP D 283 -59.04 35.45 -3.03
CA ASP D 283 -60.17 36.26 -3.48
C ASP D 283 -61.19 35.38 -4.18
N SER D 284 -62.35 35.95 -4.44
CA SER D 284 -63.45 35.22 -5.08
C SER D 284 -64.49 36.22 -5.54
N GLN D 285 -65.07 35.96 -6.71
CA GLN D 285 -66.15 36.78 -7.21
C GLN D 285 -67.18 35.88 -7.86
N THR D 286 -68.45 36.27 -7.75
CA THR D 286 -69.57 35.44 -8.19
C THR D 286 -70.61 36.32 -8.86
N ARG D 287 -71.30 35.76 -9.85
CA ARG D 287 -72.49 36.36 -10.45
C ARG D 287 -73.58 35.31 -10.50
N THR D 288 -74.72 35.61 -9.90
CA THR D 288 -75.87 34.71 -9.90
C THR D 288 -77.02 35.38 -10.63
N ILE D 289 -77.45 34.78 -11.73
CA ILE D 289 -78.55 35.28 -12.55
C ILE D 289 -79.65 34.24 -12.53
N SER D 290 -80.78 34.57 -11.92
CA SER D 290 -81.84 33.60 -11.70
C SER D 290 -83.10 33.96 -12.46
N LYS D 291 -84.11 33.12 -12.29
CA LYS D 291 -85.41 33.24 -12.92
C LYS D 291 -86.43 32.70 -11.94
N ASN D 292 -87.65 33.23 -11.95
CA ASN D 292 -88.67 32.74 -11.04
C ASN D 292 -90.05 33.12 -11.54
N THR D 293 -90.81 32.13 -12.02
CA THR D 293 -92.22 32.32 -12.36
C THR D 293 -93.08 31.70 -11.27
N SER D 294 -94.38 31.99 -11.34
CA SER D 294 -95.30 31.53 -10.31
C SER D 294 -96.71 31.47 -10.88
N THR D 295 -97.18 30.28 -11.25
CA THR D 295 -98.52 30.08 -11.78
C THR D 295 -99.39 29.51 -10.67
N SER D 296 -100.38 30.30 -10.23
CA SER D 296 -101.26 29.91 -9.14
C SER D 296 -102.71 30.00 -9.60
N ARG D 297 -103.41 28.87 -9.57
CA ARG D 297 -104.85 28.84 -9.83
C ARG D 297 -105.64 28.86 -8.52
N THR D 298 -105.34 29.85 -7.69
CA THR D 298 -105.85 29.89 -6.32
C THR D 298 -107.34 30.20 -6.31
N HIS D 299 -108.12 29.26 -5.79
CA HIS D 299 -109.59 29.33 -5.78
C HIS D 299 -110.06 29.43 -4.34
N THR D 300 -110.74 30.52 -4.00
CA THR D 300 -111.21 30.78 -2.65
C THR D 300 -112.73 30.93 -2.68
N SER D 301 -113.44 30.06 -1.97
CA SER D 301 -114.90 30.10 -1.94
C SER D 301 -115.37 30.61 -0.58
N GLU D 302 -116.07 31.76 -0.59
CA GLU D 302 -116.38 32.49 0.63
C GLU D 302 -117.90 32.58 0.84
N VAL D 303 -118.28 33.35 1.86
CA VAL D 303 -119.66 33.48 2.26
C VAL D 303 -119.87 34.93 2.69
N HIS D 304 -121.12 35.31 2.92
CA HIS D 304 -121.47 36.59 3.50
C HIS D 304 -122.34 36.36 4.74
N GLY D 305 -122.04 37.07 5.82
CA GLY D 305 -122.91 37.03 6.99
C GLY D 305 -122.76 38.21 7.93
N ASN D 306 -123.89 38.87 8.24
CA ASN D 306 -123.94 40.03 9.12
C ASN D 306 -125.31 40.06 9.81
N ALA D 307 -125.68 41.23 10.32
CA ALA D 307 -126.98 41.44 10.94
C ALA D 307 -127.32 42.93 10.86
N GLU D 308 -128.60 43.25 11.06
CA GLU D 308 -129.05 44.64 11.14
C GLU D 308 -130.41 44.70 11.83
N VAL D 309 -130.58 45.70 12.70
CA VAL D 309 -131.83 45.93 13.41
C VAL D 309 -132.26 47.38 13.21
N HIS D 310 -133.54 47.63 13.42
CA HIS D 310 -134.11 48.98 13.32
C HIS D 310 -134.96 49.26 14.55
N ALA D 311 -134.79 50.46 15.12
CA ALA D 311 -135.58 50.90 16.26
C ALA D 311 -135.87 52.38 16.09
N SER D 312 -137.13 52.77 16.29
CA SER D 312 -137.53 54.15 16.09
C SER D 312 -138.75 54.46 16.95
N PHE D 313 -139.30 55.66 16.79
CA PHE D 313 -140.54 56.04 17.45
C PHE D 313 -141.72 55.25 16.90
N PHE D 314 -141.68 54.90 15.62
CA PHE D 314 -142.77 54.17 14.97
C PHE D 314 -142.42 52.73 14.63
N ASP D 315 -141.33 52.49 13.89
CA ASP D 315 -141.08 51.20 13.25
C ASP D 315 -139.93 50.48 13.94
N ILE D 316 -140.13 49.19 14.21
CA ILE D 316 -139.11 48.29 14.74
C ILE D 316 -138.96 47.14 13.75
N GLY D 317 -137.76 46.99 13.19
CA GLY D 317 -137.51 45.93 12.24
C GLY D 317 -136.12 45.33 12.43
N GLY D 318 -135.85 44.28 11.65
CA GLY D 318 -134.57 43.61 11.71
C GLY D 318 -134.26 42.91 10.41
N SER D 319 -133.01 42.44 10.29
CA SER D 319 -132.57 41.69 9.13
C SER D 319 -131.29 40.95 9.46
N VAL D 320 -130.93 40.02 8.58
CA VAL D 320 -129.66 39.29 8.62
C VAL D 320 -129.12 39.22 7.20
N SER D 321 -127.90 39.71 7.00
CA SER D 321 -127.25 39.60 5.71
C SER D 321 -126.70 38.18 5.54
N ALA D 322 -126.91 37.60 4.36
CA ALA D 322 -126.49 36.23 4.09
C ALA D 322 -126.26 36.05 2.59
N GLY D 323 -125.37 35.14 2.22
CA GLY D 323 -125.12 34.87 0.82
C GLY D 323 -124.11 33.76 0.64
N PHE D 324 -123.33 33.88 -0.44
CA PHE D 324 -122.28 32.94 -0.77
C PHE D 324 -121.32 33.61 -1.75
N SER D 325 -120.11 33.05 -1.87
CA SER D 325 -119.10 33.61 -2.75
C SER D 325 -118.14 32.54 -3.23
N ASN D 326 -117.47 32.82 -4.35
CA ASN D 326 -116.37 32.00 -4.85
C ASN D 326 -115.43 32.86 -5.69
N SER D 327 -114.19 33.01 -5.22
CA SER D 327 -113.20 33.82 -5.90
C SER D 327 -112.09 32.94 -6.44
N ASN D 328 -111.56 33.30 -7.60
CA ASN D 328 -110.46 32.59 -8.22
C ASN D 328 -109.49 33.62 -8.79
N SER D 329 -108.20 33.40 -8.57
CA SER D 329 -107.16 34.33 -9.00
C SER D 329 -106.16 33.59 -9.86
N SER D 330 -106.24 33.79 -11.17
CA SER D 330 -105.36 33.15 -12.14
C SER D 330 -104.09 33.99 -12.25
N THR D 331 -103.17 33.78 -11.32
CA THR D 331 -102.01 34.63 -11.13
C THR D 331 -100.77 34.00 -11.75
N VAL D 332 -100.12 34.74 -12.66
CA VAL D 332 -98.83 34.37 -13.22
C VAL D 332 -97.88 35.55 -13.05
N ALA D 333 -96.58 35.26 -13.01
CA ALA D 333 -95.60 36.31 -12.74
C ALA D 333 -94.24 35.89 -13.29
N ILE D 334 -93.23 36.71 -12.97
CA ILE D 334 -91.85 36.52 -13.42
C ILE D 334 -90.95 37.34 -12.49
N ASP D 335 -89.77 36.81 -12.21
CA ASP D 335 -88.85 37.45 -11.26
C ASP D 335 -87.42 37.23 -11.71
N HIS D 336 -86.69 38.32 -11.96
CA HIS D 336 -85.28 38.29 -12.29
C HIS D 336 -84.47 38.64 -11.04
N SER D 337 -83.19 38.27 -11.04
CA SER D 337 -82.34 38.55 -9.89
C SER D 337 -80.88 38.59 -10.30
N LEU D 338 -80.17 39.60 -9.84
CA LEU D 338 -78.72 39.63 -9.87
C LEU D 338 -78.18 39.42 -8.46
N SER D 339 -76.96 38.89 -8.38
CA SER D 339 -76.30 38.70 -7.10
C SER D 339 -74.80 38.68 -7.34
N LEU D 340 -74.09 39.63 -6.75
CA LEU D 340 -72.65 39.77 -6.89
C LEU D 340 -72.02 39.65 -5.51
N ALA D 341 -71.15 38.66 -5.32
CA ALA D 341 -70.54 38.40 -4.02
C ALA D 341 -69.02 38.47 -4.12
N GLY D 342 -68.40 39.24 -3.23
CA GLY D 342 -66.97 39.35 -3.15
C GLY D 342 -66.46 38.67 -1.88
N GLU D 343 -65.14 38.51 -1.81
CA GLU D 343 -64.56 37.77 -0.70
C GLU D 343 -63.09 38.13 -0.53
N ARG D 344 -62.58 37.84 0.67
CA ARG D 344 -61.16 37.88 0.97
C ARG D 344 -60.90 36.89 2.08
N THR D 345 -59.70 36.30 2.11
CA THR D 345 -59.37 35.24 3.05
C THR D 345 -57.91 35.37 3.47
N TRP D 346 -57.62 35.00 4.71
CA TRP D 346 -56.26 35.00 5.25
C TRP D 346 -56.10 33.78 6.12
N ALA D 347 -55.07 32.97 5.88
CA ALA D 347 -54.87 31.75 6.65
C ALA D 347 -53.43 31.65 7.11
N GLU D 348 -53.19 30.73 8.03
CA GLU D 348 -51.92 30.64 8.71
C GLU D 348 -51.76 29.25 9.30
N THR D 349 -50.67 28.58 8.97
CA THR D 349 -50.48 27.17 9.30
C THR D 349 -49.13 26.98 9.99
N MET D 350 -49.06 26.11 10.98
CA MET D 350 -47.81 25.85 11.68
C MET D 350 -47.69 24.37 11.97
N GLY D 351 -46.66 23.72 11.41
CA GLY D 351 -46.46 22.30 11.58
C GLY D 351 -45.40 21.99 12.62
N LEU D 352 -45.13 20.70 12.76
CA LEU D 352 -44.19 20.18 13.74
C LEU D 352 -43.88 18.74 13.37
N ASN D 353 -42.99 18.12 14.13
CA ASN D 353 -42.81 16.68 14.17
C ASN D 353 -42.20 16.39 15.53
N THR D 354 -42.85 15.59 16.35
CA THR D 354 -42.40 15.47 17.73
C THR D 354 -41.22 14.52 17.92
N ALA D 355 -40.69 13.95 16.86
CA ALA D 355 -39.43 13.23 16.95
C ALA D 355 -38.24 14.08 16.55
N ASP D 356 -38.49 15.22 15.93
CA ASP D 356 -37.47 16.06 15.31
C ASP D 356 -37.79 17.53 15.51
N THR D 357 -38.11 17.93 16.74
CA THR D 357 -38.58 19.30 16.94
C THR D 357 -37.47 20.32 16.88
N ALA D 358 -36.28 20.00 17.37
CA ALA D 358 -35.21 20.97 17.41
C ALA D 358 -33.99 20.39 16.75
N ARG D 359 -32.99 21.23 16.54
CA ARG D 359 -31.70 20.80 16.06
C ARG D 359 -30.65 21.38 16.99
N LEU D 360 -29.43 20.89 16.90
CA LEU D 360 -28.39 21.32 17.83
C LEU D 360 -27.15 21.74 17.08
N ASN D 361 -26.34 22.54 17.77
CA ASN D 361 -25.13 23.13 17.22
C ASN D 361 -24.31 23.54 18.42
N ALA D 362 -23.20 22.89 18.65
CA ALA D 362 -22.37 23.17 19.82
C ALA D 362 -21.13 23.92 19.38
N ASN D 363 -20.68 24.86 20.19
CA ASN D 363 -19.50 25.65 19.87
C ASN D 363 -18.40 25.29 20.86
N ILE D 364 -17.48 24.44 20.44
CA ILE D 364 -16.52 23.82 21.34
C ILE D 364 -15.13 24.35 21.05
N ARG D 365 -14.19 24.04 21.95
CA ARG D 365 -12.81 24.49 21.83
C ARG D 365 -11.95 23.50 22.59
N TYR D 366 -10.75 23.22 22.11
CA TYR D 366 -9.93 22.17 22.71
C TYR D 366 -8.80 22.81 23.50
N VAL D 367 -8.33 22.12 24.53
CA VAL D 367 -7.22 22.57 25.36
C VAL D 367 -6.24 21.43 25.47
N ASN D 368 -4.94 21.72 25.48
CA ASN D 368 -3.93 20.72 25.79
C ASN D 368 -3.08 21.24 26.93
N THR D 369 -3.18 20.63 28.10
CA THR D 369 -2.41 21.06 29.25
C THR D 369 -1.38 20.02 29.67
N GLY D 370 -1.00 19.12 28.80
CA GLY D 370 -0.03 18.10 29.10
C GLY D 370 1.37 18.59 28.84
N THR D 371 2.26 17.67 28.50
CA THR D 371 3.65 18.03 28.23
C THR D 371 4.14 17.52 26.88
N ALA D 372 3.24 17.24 25.95
CA ALA D 372 3.62 16.72 24.64
C ALA D 372 2.49 17.03 23.68
N PRO D 373 2.78 17.18 22.39
CA PRO D 373 1.71 17.49 21.45
C PRO D 373 0.98 16.24 21.00
N ILE D 374 -0.26 16.43 20.59
CA ILE D 374 -1.08 15.38 20.04
C ILE D 374 -1.58 15.82 18.67
N TYR D 375 -1.40 14.95 17.68
CA TYR D 375 -1.64 15.28 16.29
C TYR D 375 -2.91 14.60 15.82
N ASN D 376 -3.61 15.25 14.89
CA ASN D 376 -4.88 14.80 14.32
C ASN D 376 -5.90 14.48 15.40
N VAL D 377 -6.19 15.47 16.24
CA VAL D 377 -7.04 15.22 17.40
C VAL D 377 -8.49 15.07 16.97
N LEU D 378 -9.16 14.06 17.51
CA LEU D 378 -10.58 13.82 17.23
C LEU D 378 -11.22 13.31 18.50
N PRO D 379 -11.84 14.17 19.28
CA PRO D 379 -12.38 13.74 20.56
C PRO D 379 -13.79 13.22 20.49
N THR D 380 -14.04 12.04 21.04
CA THR D 380 -15.40 11.56 21.23
C THR D 380 -16.00 12.30 22.40
N THR D 381 -17.24 12.75 22.25
CA THR D 381 -17.83 13.67 23.20
C THR D 381 -19.34 13.48 23.19
N SER D 382 -19.98 13.85 24.29
CA SER D 382 -21.34 13.43 24.55
C SER D 382 -22.18 14.57 25.08
N LEU D 383 -23.42 14.67 24.60
CA LEU D 383 -24.29 15.82 24.88
C LEU D 383 -25.37 15.41 25.86
N VAL D 384 -25.28 15.90 27.08
CA VAL D 384 -26.06 15.38 28.21
C VAL D 384 -27.05 16.43 28.64
N LEU D 385 -28.33 16.07 28.65
CA LEU D 385 -29.39 16.97 29.07
C LEU D 385 -29.93 16.52 30.40
N GLY D 386 -30.04 17.45 31.35
CA GLY D 386 -30.61 17.11 32.62
C GLY D 386 -29.60 16.47 33.54
N LYS D 387 -30.01 15.42 34.24
CA LYS D 387 -29.12 14.82 35.21
C LYS D 387 -28.08 13.93 34.54
N ASN D 388 -28.50 12.82 33.94
CA ASN D 388 -27.61 12.00 33.15
C ASN D 388 -28.33 11.41 31.95
N GLN D 389 -29.12 12.20 31.25
CA GLN D 389 -29.83 11.76 30.08
C GLN D 389 -29.08 12.25 28.85
N THR D 390 -28.64 11.33 28.00
CA THR D 390 -27.72 11.62 26.92
C THR D 390 -28.46 11.74 25.61
N LEU D 391 -28.34 12.86 24.92
CA LEU D 391 -28.99 13.00 23.64
C LEU D 391 -28.22 12.32 22.53
N ALA D 392 -26.91 12.44 22.52
CA ALA D 392 -26.08 11.93 21.44
C ALA D 392 -24.63 11.86 21.86
N THR D 393 -23.93 10.87 21.35
CA THR D 393 -22.48 10.76 21.47
C THR D 393 -21.88 10.88 20.09
N ILE D 394 -20.99 11.87 19.91
CA ILE D 394 -20.50 12.24 18.60
C ILE D 394 -18.99 12.12 18.63
N LYS D 395 -18.42 11.33 17.75
CA LYS D 395 -17.01 11.49 17.45
C LYS D 395 -16.87 12.69 16.54
N ALA D 396 -15.77 13.43 16.67
CA ALA D 396 -15.55 14.57 15.80
C ALA D 396 -15.35 14.10 14.37
N LYS D 397 -15.96 14.81 13.43
CA LYS D 397 -15.85 14.48 12.02
C LYS D 397 -14.62 15.18 11.46
N GLU D 398 -14.47 15.24 10.15
CA GLU D 398 -13.26 15.86 9.64
C GLU D 398 -13.33 17.38 9.61
N ASN D 399 -14.48 17.98 9.87
CA ASN D 399 -14.51 19.41 10.01
C ASN D 399 -13.98 19.87 11.35
N GLN D 400 -13.98 19.02 12.35
CA GLN D 400 -13.46 19.35 13.66
C GLN D 400 -12.19 18.58 13.99
N LEU D 401 -11.29 18.43 13.03
CA LEU D 401 -10.02 17.78 13.25
C LEU D 401 -8.94 18.81 13.45
N SER D 402 -8.25 18.75 14.58
CA SER D 402 -7.16 19.65 14.90
C SER D 402 -5.87 18.99 14.49
N GLN D 403 -5.09 19.63 13.65
CA GLN D 403 -3.93 18.92 13.10
C GLN D 403 -2.77 18.86 14.07
N ILE D 404 -2.65 19.81 14.98
CA ILE D 404 -1.55 19.85 15.95
C ILE D 404 -2.01 20.62 17.16
N LEU D 405 -1.79 20.06 18.35
CA LEU D 405 -2.16 20.72 19.59
C LEU D 405 -0.98 20.66 20.55
N ALA D 406 -0.14 21.68 20.52
CA ALA D 406 0.99 21.77 21.41
C ALA D 406 0.52 22.02 22.82
N PRO D 407 1.37 21.81 23.83
CA PRO D 407 0.95 22.09 25.21
C PRO D 407 0.69 23.56 25.45
N ASN D 408 -0.24 23.81 26.38
CA ASN D 408 -0.77 25.14 26.72
C ASN D 408 -1.33 25.88 25.51
N ASN D 409 -2.00 25.16 24.62
CA ASN D 409 -2.56 25.77 23.43
C ASN D 409 -4.02 25.41 23.28
N TYR D 410 -4.66 26.07 22.33
CA TYR D 410 -6.08 25.93 22.08
C TYR D 410 -6.32 25.63 20.62
N TYR D 411 -7.46 25.03 20.34
CA TYR D 411 -7.85 25.00 18.94
C TYR D 411 -9.32 25.36 18.82
N PRO D 412 -9.67 26.44 18.12
CA PRO D 412 -8.78 27.42 17.51
C PRO D 412 -8.31 28.40 18.54
N SER D 413 -7.21 29.10 18.29
CA SER D 413 -6.55 29.88 19.31
C SER D 413 -7.43 31.04 19.76
N LYS D 414 -7.12 31.58 20.94
CA LYS D 414 -8.10 32.30 21.74
C LYS D 414 -8.55 33.63 21.15
N ASN D 415 -8.00 34.08 20.03
CA ASN D 415 -8.56 35.22 19.34
C ASN D 415 -9.56 34.81 18.27
N LEU D 416 -9.63 33.53 17.92
CA LEU D 416 -10.54 33.07 16.89
C LEU D 416 -11.76 32.43 17.53
N ALA D 417 -12.88 32.53 16.82
CA ALA D 417 -14.15 32.04 17.32
C ALA D 417 -14.14 30.52 17.32
N PRO D 418 -14.91 29.88 18.20
CA PRO D 418 -14.83 28.41 18.33
C PRO D 418 -15.45 27.69 17.15
N ILE D 419 -15.20 26.40 17.10
CA ILE D 419 -15.66 25.59 15.98
C ILE D 419 -17.01 25.02 16.32
N ALA D 420 -17.74 24.60 15.29
CA ALA D 420 -19.10 24.10 15.43
C ALA D 420 -19.13 22.59 15.25
N LEU D 421 -19.76 21.89 16.17
CA LEU D 421 -20.05 20.48 16.05
C LEU D 421 -21.54 20.34 15.83
N ASN D 422 -21.94 20.06 14.59
CA ASN D 422 -23.34 20.13 14.26
C ASN D 422 -23.80 19.00 13.36
N ALA D 423 -23.14 17.84 13.41
CA ALA D 423 -23.55 16.73 12.58
C ALA D 423 -23.15 15.43 13.24
N GLN D 424 -23.76 14.37 12.78
CA GLN D 424 -23.67 13.06 13.42
C GLN D 424 -23.23 11.94 12.49
N ASP D 425 -23.65 11.99 11.22
CA ASP D 425 -23.20 11.09 10.17
C ASP D 425 -21.69 11.17 10.00
N ASP D 426 -21.11 10.10 9.46
CA ASP D 426 -19.69 10.10 9.12
C ASP D 426 -19.33 11.09 8.03
N PHE D 427 -20.31 11.52 7.24
CA PHE D 427 -20.08 12.44 6.15
C PHE D 427 -20.68 13.81 6.41
N SER D 428 -21.12 14.06 7.65
CA SER D 428 -21.66 15.33 8.10
C SER D 428 -22.89 15.78 7.31
N SER D 429 -23.80 14.85 7.08
CA SER D 429 -25.03 15.16 6.37
C SER D 429 -26.26 15.07 7.26
N THR D 430 -26.12 14.56 8.48
CA THR D 430 -27.26 14.34 9.35
C THR D 430 -27.11 15.19 10.61
N PRO D 431 -28.06 16.04 10.93
CA PRO D 431 -27.90 16.92 12.10
C PRO D 431 -28.15 16.17 13.39
N ILE D 432 -27.85 16.85 14.50
CA ILE D 432 -28.17 16.36 15.83
C ILE D 432 -29.53 16.90 16.21
N THR D 433 -30.45 16.02 16.57
CA THR D 433 -31.85 16.37 16.72
C THR D 433 -32.25 16.31 18.18
N MET D 434 -33.53 16.50 18.44
CA MET D 434 -34.07 16.54 19.80
C MET D 434 -35.59 16.39 19.74
N ASN D 435 -36.18 15.57 20.59
CA ASN D 435 -37.62 15.35 20.49
C ASN D 435 -38.35 16.41 21.31
N TYR D 436 -39.63 16.19 21.59
CA TYR D 436 -40.44 17.26 22.16
C TYR D 436 -40.17 17.46 23.64
N ASN D 437 -40.20 16.37 24.42
CA ASN D 437 -40.07 16.49 25.87
C ASN D 437 -38.68 17.00 26.25
N GLN D 438 -37.66 16.58 25.51
CA GLN D 438 -36.32 17.09 25.75
C GLN D 438 -36.24 18.57 25.44
N PHE D 439 -36.98 19.02 24.43
CA PHE D 439 -36.97 20.43 24.07
C PHE D 439 -37.66 21.28 25.13
N LEU D 440 -38.80 20.81 25.64
CA LEU D 440 -39.49 21.57 26.67
C LEU D 440 -38.71 21.58 27.98
N GLU D 441 -38.06 20.46 28.32
CA GLU D 441 -37.22 20.44 29.51
C GLU D 441 -36.01 21.34 29.35
N LEU D 442 -35.48 21.48 28.14
CA LEU D 442 -34.35 22.36 27.95
C LEU D 442 -34.76 23.82 28.00
N GLU D 443 -35.99 24.13 27.55
CA GLU D 443 -36.48 25.50 27.71
C GLU D 443 -36.72 25.82 29.17
N LYS D 444 -37.21 24.85 29.94
CA LYS D 444 -37.51 25.11 31.34
C LYS D 444 -36.25 25.23 32.17
N THR D 445 -35.41 24.20 32.17
CA THR D 445 -34.30 24.12 33.12
C THR D 445 -33.00 24.70 32.60
N LYS D 446 -32.76 24.63 31.28
CA LYS D 446 -31.54 25.11 30.62
C LYS D 446 -30.28 24.44 31.16
N GLN D 447 -30.38 23.16 31.48
CA GLN D 447 -29.24 22.39 31.93
C GLN D 447 -28.79 21.48 30.80
N LEU D 448 -27.61 21.76 30.25
CA LEU D 448 -27.02 20.92 29.22
C LEU D 448 -25.51 21.09 29.29
N ARG D 449 -24.80 19.97 29.36
CA ARG D 449 -23.35 19.98 29.48
C ARG D 449 -22.78 19.04 28.44
N LEU D 450 -21.45 19.04 28.33
CA LEU D 450 -20.76 18.26 27.32
C LEU D 450 -19.60 17.51 27.95
N ASP D 451 -19.74 16.20 28.07
CA ASP D 451 -18.71 15.32 28.62
C ASP D 451 -17.70 14.93 27.56
N THR D 452 -16.46 14.72 27.97
CA THR D 452 -15.41 14.24 27.10
C THR D 452 -15.07 12.82 27.48
N ASP D 453 -15.39 11.87 26.60
CA ASP D 453 -15.18 10.47 26.92
C ASP D 453 -13.75 10.03 26.60
N GLN D 454 -13.34 10.17 25.35
CA GLN D 454 -12.02 9.71 24.94
C GLN D 454 -11.55 10.60 23.79
N VAL D 455 -10.25 10.60 23.56
CA VAL D 455 -9.63 11.51 22.61
C VAL D 455 -8.63 10.72 21.77
N TYR D 456 -8.84 10.70 20.45
CA TYR D 456 -7.93 10.03 19.54
C TYR D 456 -6.87 10.99 19.05
N GLY D 457 -5.65 10.49 18.84
CA GLY D 457 -4.61 11.31 18.25
C GLY D 457 -3.30 10.60 18.09
N ASN D 458 -2.49 11.01 17.12
CA ASN D 458 -1.30 10.27 16.74
C ASN D 458 -0.04 10.81 17.42
N ILE D 459 1.09 10.16 17.12
CA ILE D 459 2.38 10.45 17.72
C ILE D 459 3.37 10.75 16.62
N ALA D 460 4.23 11.73 16.82
CA ALA D 460 5.24 12.08 15.84
C ALA D 460 6.61 11.75 16.40
N THR D 461 7.37 10.96 15.67
CA THR D 461 8.65 10.46 16.13
C THR D 461 9.77 11.00 15.27
N TYR D 462 10.97 11.00 15.83
CA TYR D 462 12.15 11.45 15.13
C TYR D 462 12.52 10.46 14.03
N ASN D 463 13.27 10.92 13.05
CA ASN D 463 13.69 10.12 11.90
C ASN D 463 15.20 10.25 11.75
N PHE D 464 15.93 9.17 12.00
CA PHE D 464 17.38 9.29 12.15
C PHE D 464 18.12 9.48 10.83
N GLU D 465 17.50 9.17 9.69
CA GLU D 465 18.16 9.45 8.42
C GLU D 465 18.27 10.94 8.17
N ASN D 466 17.13 11.63 8.06
CA ASN D 466 17.13 13.02 7.64
C ASN D 466 16.66 13.98 8.71
N GLY D 467 16.55 13.54 9.96
CA GLY D 467 16.28 14.48 11.02
C GLY D 467 14.86 15.00 11.11
N ARG D 468 13.96 14.54 10.27
CA ARG D 468 12.63 15.10 10.28
C ARG D 468 11.80 14.45 11.38
N VAL D 469 10.60 14.96 11.59
CA VAL D 469 9.66 14.45 12.57
C VAL D 469 8.42 14.05 11.81
N ARG D 470 8.06 12.78 11.86
CA ARG D 470 7.04 12.24 10.97
C ARG D 470 5.96 11.54 11.77
N VAL D 471 4.72 12.00 11.61
CA VAL D 471 3.57 11.40 12.26
C VAL D 471 3.31 10.03 11.66
N ASP D 472 3.31 9.01 12.51
CA ASP D 472 2.93 7.67 12.09
C ASP D 472 1.47 7.45 12.42
N THR D 473 0.65 7.29 11.39
CA THR D 473 -0.79 7.15 11.59
C THR D 473 -1.22 5.74 11.89
N GLY D 474 -0.31 4.87 12.29
CA GLY D 474 -0.72 3.53 12.67
C GLY D 474 -0.56 3.32 14.16
N SER D 475 -0.56 4.41 14.91
CA SER D 475 -0.27 4.33 16.33
C SER D 475 -0.82 5.58 17.00
N ASN D 476 -1.79 5.40 17.88
CA ASN D 476 -2.40 6.51 18.60
C ASN D 476 -1.80 6.65 19.98
N TRP D 477 -2.35 7.57 20.76
CA TRP D 477 -1.89 7.81 22.11
C TRP D 477 -2.63 6.98 23.12
N SER D 478 -3.49 6.07 22.69
CA SER D 478 -4.17 5.19 23.62
C SER D 478 -3.40 3.92 23.90
N GLU D 479 -2.41 3.60 23.08
CA GLU D 479 -1.50 2.52 23.44
C GLU D 479 -0.54 2.95 24.54
N VAL D 480 -0.26 4.24 24.63
CA VAL D 480 0.86 4.73 25.42
C VAL D 480 0.42 5.22 26.79
N LEU D 481 -0.71 5.91 26.85
CA LEU D 481 -1.14 6.51 28.12
C LEU D 481 -1.44 5.51 29.23
N PRO D 482 -2.06 4.35 29.01
CA PRO D 482 -2.16 3.38 30.12
C PRO D 482 -0.85 2.77 30.53
N GLN D 483 0.19 2.82 29.71
CA GLN D 483 1.50 2.45 30.19
C GLN D 483 2.16 3.55 30.99
N ILE D 484 1.77 4.79 30.78
CA ILE D 484 2.30 5.85 31.61
C ILE D 484 1.61 5.83 32.96
N GLN D 485 0.33 5.49 33.00
CA GLN D 485 -0.39 5.50 34.27
C GLN D 485 -0.01 4.36 35.18
N GLU D 486 0.38 3.23 34.64
CA GLU D 486 0.59 2.05 35.46
C GLU D 486 2.00 1.91 35.98
N THR D 487 2.94 2.72 35.53
CA THR D 487 4.31 2.60 35.98
C THR D 487 4.85 3.81 36.71
N THR D 488 4.13 4.92 36.75
CA THR D 488 4.63 6.17 37.27
C THR D 488 3.77 6.66 38.42
N ALA D 489 4.14 7.81 38.97
CA ALA D 489 3.50 8.40 40.12
C ALA D 489 3.13 9.84 39.81
N ARG D 490 1.97 10.27 40.29
CA ARG D 490 1.40 11.55 39.89
C ARG D 490 1.55 12.57 41.01
N ILE D 491 2.00 13.77 40.66
CA ILE D 491 2.04 14.89 41.59
C ILE D 491 1.29 16.05 40.96
N ILE D 492 0.44 16.71 41.73
CA ILE D 492 -0.31 17.88 41.27
C ILE D 492 0.02 19.03 42.21
N PHE D 493 0.20 20.23 41.66
CA PHE D 493 0.78 21.31 42.45
C PHE D 493 0.32 22.66 41.95
N ASN D 494 -0.32 23.44 42.80
CA ASN D 494 -0.93 24.70 42.41
C ASN D 494 -0.26 25.89 43.04
N GLY D 495 1.06 25.90 43.13
CA GLY D 495 1.73 27.02 43.74
C GLY D 495 2.15 28.09 42.75
N LYS D 496 1.49 28.16 41.60
CA LYS D 496 1.80 29.14 40.56
C LYS D 496 0.49 29.65 39.97
N ASP D 497 -0.02 30.76 40.52
CA ASP D 497 -1.30 31.39 40.17
C ASP D 497 -2.48 30.43 40.39
N LEU D 498 -2.30 29.50 41.33
CA LEU D 498 -3.36 28.61 41.83
C LEU D 498 -4.01 27.79 40.73
N ASN D 499 -3.20 27.39 39.75
CA ASN D 499 -3.61 26.49 38.68
C ASN D 499 -2.97 25.14 38.89
N LEU D 500 -3.77 24.08 38.82
CA LEU D 500 -3.25 22.73 39.02
C LEU D 500 -2.39 22.32 37.83
N VAL D 501 -1.18 21.87 38.12
CA VAL D 501 -0.21 21.47 37.10
C VAL D 501 0.18 20.03 37.38
N GLU D 502 -0.37 19.10 36.61
CA GLU D 502 -0.15 17.68 36.85
C GLU D 502 1.08 17.20 36.10
N ARG D 503 2.00 16.57 36.83
CA ARG D 503 3.16 15.93 36.23
C ARG D 503 3.16 14.47 36.59
N ARG D 504 4.00 13.70 35.92
CA ARG D 504 4.19 12.29 36.25
C ARG D 504 5.67 12.00 36.30
N ILE D 505 6.08 11.16 37.25
CA ILE D 505 7.48 10.86 37.48
C ILE D 505 7.62 9.35 37.56
N ALA D 506 8.54 8.79 36.80
CA ALA D 506 8.67 7.35 36.70
C ALA D 506 9.27 6.79 37.99
N ALA D 507 8.53 5.93 38.67
CA ALA D 507 8.93 5.37 39.94
C ALA D 507 8.89 3.85 39.89
N VAL D 508 9.52 3.23 40.88
CA VAL D 508 9.86 1.81 40.87
C VAL D 508 8.77 0.98 41.55
N ASN D 509 8.29 -0.05 40.85
CA ASN D 509 7.24 -0.94 41.31
C ASN D 509 7.85 -2.28 41.70
N PRO D 510 7.82 -2.69 42.97
CA PRO D 510 8.70 -3.77 43.42
C PRO D 510 8.23 -5.17 43.08
N SER D 511 7.23 -5.36 42.22
CA SER D 511 6.76 -6.69 41.88
C SER D 511 6.56 -6.82 40.38
N ASP D 512 7.48 -6.27 39.62
CA ASP D 512 7.55 -6.40 38.18
C ASP D 512 9.00 -6.20 37.78
N PRO D 513 9.72 -7.25 37.38
CA PRO D 513 11.17 -7.14 37.25
C PRO D 513 11.66 -6.22 36.15
N LEU D 514 10.82 -5.79 35.22
CA LEU D 514 11.24 -4.72 34.34
C LEU D 514 11.18 -3.38 35.05
N GLU D 515 10.31 -3.27 36.04
CA GLU D 515 10.13 -1.98 36.71
C GLU D 515 10.93 -1.85 37.98
N THR D 516 11.67 -2.88 38.39
CA THR D 516 12.57 -2.71 39.50
C THR D 516 13.96 -2.33 39.04
N THR D 517 14.13 -2.02 37.76
CA THR D 517 15.40 -1.58 37.22
C THR D 517 15.50 -0.08 37.09
N LYS D 518 14.45 0.65 37.38
CA LYS D 518 14.49 2.08 37.28
C LYS D 518 15.27 2.66 38.46
N PRO D 519 15.81 3.87 38.32
CA PRO D 519 16.51 4.47 39.45
C PRO D 519 15.57 4.86 40.57
N ASP D 520 16.11 4.87 41.78
CA ASP D 520 15.29 5.08 42.96
C ASP D 520 14.91 6.54 43.08
N MET D 521 13.61 6.80 43.20
CA MET D 521 13.10 8.16 43.17
C MET D 521 12.64 8.54 44.58
N THR D 522 13.03 9.73 45.01
CA THR D 522 12.59 10.28 46.27
C THR D 522 11.67 11.46 46.02
N LEU D 523 11.00 11.92 47.08
CA LEU D 523 10.08 13.04 46.91
C LEU D 523 10.82 14.34 46.69
N LYS D 524 12.01 14.48 47.27
CA LYS D 524 12.79 15.70 47.08
C LYS D 524 13.33 15.80 45.67
N GLU D 525 13.89 14.72 45.14
CA GLU D 525 14.42 14.74 43.79
C GLU D 525 13.31 14.90 42.76
N ALA D 526 12.15 14.31 43.02
CA ALA D 526 11.01 14.46 42.12
C ALA D 526 10.49 15.89 42.12
N LEU D 527 10.43 16.53 43.29
CA LEU D 527 10.01 17.91 43.32
C LEU D 527 11.04 18.84 42.71
N LYS D 528 12.32 18.47 42.77
CA LYS D 528 13.32 19.31 42.14
C LYS D 528 13.35 19.17 40.63
N ILE D 529 13.01 18.00 40.09
CA ILE D 529 13.12 17.86 38.64
C ILE D 529 11.81 18.14 37.91
N ALA D 530 10.66 17.85 38.50
CA ALA D 530 9.42 17.96 37.76
C ALA D 530 8.77 19.31 37.91
N PHE D 531 9.04 20.05 38.98
CA PHE D 531 8.33 21.28 39.25
C PHE D 531 9.21 22.49 39.46
N GLY D 532 10.52 22.37 39.27
CA GLY D 532 11.35 23.54 39.38
C GLY D 532 11.60 24.02 40.78
N PHE D 533 11.38 23.18 41.78
CA PHE D 533 11.86 23.49 43.12
C PHE D 533 13.38 23.48 43.13
N ASN D 534 13.95 24.13 44.14
CA ASN D 534 15.40 24.10 44.30
C ASN D 534 15.71 24.37 45.77
N GLU D 535 17.00 24.46 46.07
CA GLU D 535 17.46 24.68 47.44
C GLU D 535 18.66 25.61 47.43
N PRO D 536 18.45 26.93 47.56
CA PRO D 536 19.59 27.82 47.68
C PRO D 536 20.29 27.67 49.02
N ASN D 537 19.56 27.39 50.09
CA ASN D 537 20.11 27.33 51.44
C ASN D 537 19.61 26.11 52.19
N GLY D 538 19.71 24.95 51.54
CA GLY D 538 19.38 23.70 52.21
C GLY D 538 17.90 23.36 52.19
N ASN D 539 17.05 24.32 52.52
CA ASN D 539 15.62 24.10 52.47
C ASN D 539 15.14 23.98 51.03
N LEU D 540 14.30 22.99 50.78
CA LEU D 540 13.56 22.94 49.53
C LEU D 540 12.69 24.17 49.43
N GLN D 541 12.56 24.72 48.23
CA GLN D 541 11.89 25.99 48.05
C GLN D 541 11.35 26.06 46.65
N TYR D 542 10.25 26.79 46.48
CA TYR D 542 9.87 27.27 45.16
C TYR D 542 10.63 28.56 44.86
N GLN D 543 10.12 29.36 43.92
CA GLN D 543 10.68 30.65 43.57
C GLN D 543 10.96 31.52 44.78
N GLY D 544 9.95 31.73 45.62
CA GLY D 544 10.26 32.31 46.91
C GLY D 544 9.64 31.59 48.09
N LYS D 545 8.55 30.88 47.86
CA LYS D 545 7.77 30.34 48.95
C LYS D 545 8.41 29.04 49.42
N ASP D 546 8.58 28.91 50.73
CA ASP D 546 9.28 27.76 51.31
C ASP D 546 8.45 26.49 51.17
N ILE D 547 9.08 25.35 51.45
CA ILE D 547 8.37 24.10 51.28
C ILE D 547 7.39 23.87 52.42
N THR D 548 7.64 24.47 53.58
CA THR D 548 6.71 24.33 54.69
C THR D 548 5.54 25.30 54.62
N GLU D 549 5.35 25.97 53.48
CA GLU D 549 4.14 26.71 53.20
C GLU D 549 3.11 25.88 52.48
N PHE D 550 3.47 24.69 52.03
CA PHE D 550 2.60 23.81 51.28
C PHE D 550 2.24 22.60 52.13
N ASP D 551 1.31 21.77 51.65
CA ASP D 551 0.88 20.63 52.43
C ASP D 551 0.45 19.49 51.53
N PHE D 552 0.65 18.26 52.00
CA PHE D 552 0.48 17.07 51.18
C PHE D 552 -0.81 16.36 51.54
N ASN D 553 -1.59 16.03 50.52
CA ASN D 553 -2.81 15.26 50.70
C ASN D 553 -2.74 14.02 49.81
N PHE D 554 -2.31 12.92 50.39
CA PHE D 554 -2.26 11.65 49.68
C PHE D 554 -3.66 11.04 49.60
N ASP D 555 -3.80 10.02 48.75
CA ASP D 555 -4.99 9.19 48.76
C ASP D 555 -4.75 8.02 49.68
N GLN D 556 -5.58 6.98 49.59
CA GLN D 556 -5.63 5.96 50.64
C GLN D 556 -4.39 5.08 50.67
N GLN D 557 -4.07 4.41 49.55
CA GLN D 557 -2.90 3.54 49.52
C GLN D 557 -1.61 4.32 49.71
N THR D 558 -1.56 5.54 49.19
CA THR D 558 -0.37 6.37 49.38
C THR D 558 -0.21 6.76 50.83
N SER D 559 -1.30 7.05 51.53
CA SER D 559 -1.18 7.39 52.95
C SER D 559 -0.77 6.18 53.77
N GLN D 560 -1.22 4.99 53.40
CA GLN D 560 -0.77 3.78 54.08
C GLN D 560 0.72 3.54 53.85
N ASN D 561 1.18 3.74 52.62
CA ASN D 561 2.60 3.57 52.29
C ASN D 561 3.47 4.58 53.03
N ILE D 562 3.02 5.84 53.06
CA ILE D 562 3.76 6.89 53.74
C ILE D 562 3.76 6.65 55.25
N LYS D 563 2.68 6.08 55.78
CA LYS D 563 2.65 5.79 57.22
C LYS D 563 3.64 4.68 57.58
N ASN D 564 3.74 3.65 56.74
CA ASN D 564 4.73 2.61 57.02
C ASN D 564 6.16 3.12 56.86
N GLN D 565 6.40 4.00 55.89
CA GLN D 565 7.72 4.56 55.71
C GLN D 565 8.10 5.49 56.86
N LEU D 566 7.15 6.29 57.33
CA LEU D 566 7.41 7.21 58.43
C LEU D 566 7.59 6.46 59.73
N ALA D 567 6.91 5.32 59.89
CA ALA D 567 7.15 4.50 61.07
C ALA D 567 8.53 3.86 61.02
N GLU D 568 8.95 3.42 59.83
CA GLU D 568 10.24 2.75 59.73
C GLU D 568 11.39 3.72 59.93
N LEU D 569 11.25 4.96 59.47
CA LEU D 569 12.32 5.93 59.65
C LEU D 569 12.35 6.51 61.06
N ASN D 570 11.30 6.28 61.84
CA ASN D 570 11.12 6.86 63.18
C ASN D 570 11.25 8.37 63.18
N ALA D 571 10.43 9.01 62.34
CA ALA D 571 10.21 10.44 62.38
C ALA D 571 8.72 10.69 62.40
N THR D 572 8.33 11.94 62.58
CA THR D 572 6.91 12.29 62.58
C THR D 572 6.62 13.46 61.65
N ASN D 573 7.53 14.42 61.56
CA ASN D 573 7.37 15.56 60.68
C ASN D 573 7.85 15.16 59.30
N ILE D 574 6.96 15.20 58.31
CA ILE D 574 7.34 14.81 56.96
C ILE D 574 8.25 15.85 56.31
N TYR D 575 8.24 17.08 56.79
CA TYR D 575 8.95 18.18 56.14
C TYR D 575 10.44 18.18 56.44
N THR D 576 10.98 17.12 57.05
CA THR D 576 12.41 16.95 57.18
C THR D 576 12.94 15.75 56.42
N VAL D 577 12.10 14.80 56.06
CA VAL D 577 12.56 13.52 55.56
C VAL D 577 12.22 13.36 54.09
N LEU D 578 12.14 14.47 53.36
CA LEU D 578 11.79 14.43 51.95
C LEU D 578 12.87 13.79 51.09
N ASP D 579 14.09 13.67 51.58
CA ASP D 579 15.12 12.94 50.87
C ASP D 579 15.30 11.53 51.41
N LYS D 580 14.32 11.03 52.14
CA LYS D 580 14.30 9.64 52.55
C LYS D 580 12.99 8.95 52.21
N ILE D 581 11.97 9.70 51.81
CA ILE D 581 10.71 9.11 51.37
C ILE D 581 10.92 8.54 49.98
N LYS D 582 10.61 7.27 49.78
CA LYS D 582 10.71 6.67 48.47
C LYS D 582 9.38 6.73 47.74
N LEU D 583 9.42 6.97 46.44
CA LEU D 583 8.22 6.91 45.63
C LEU D 583 8.08 5.54 44.99
N ASN D 584 6.85 5.10 44.84
CA ASN D 584 6.54 3.86 44.16
C ASN D 584 5.63 4.15 42.99
N ALA D 585 5.30 3.11 42.23
CA ALA D 585 4.39 3.29 41.13
C ALA D 585 2.97 3.39 41.66
N LYS D 586 2.12 4.09 40.90
CA LYS D 586 0.73 4.36 41.25
C LYS D 586 0.59 5.01 42.62
N MET D 587 1.28 6.13 42.81
CA MET D 587 1.10 6.99 43.97
C MET D 587 0.39 8.25 43.52
N ASN D 588 -0.25 8.92 44.47
CA ASN D 588 -1.02 10.12 44.14
C ASN D 588 -0.78 11.13 45.24
N ILE D 589 -0.06 12.20 44.92
CA ILE D 589 0.27 13.25 45.87
C ILE D 589 -0.32 14.56 45.35
N LEU D 590 -0.86 15.37 46.26
CA LEU D 590 -1.46 16.65 45.92
C LEU D 590 -0.87 17.70 46.85
N ILE D 591 -0.22 18.70 46.28
CA ILE D 591 0.53 19.71 47.01
C ILE D 591 -0.16 21.04 46.79
N ARG D 592 -0.92 21.50 47.76
CA ARG D 592 -1.64 22.75 47.69
C ARG D 592 -0.93 23.79 48.54
N ASP D 593 -1.52 24.96 48.67
CA ASP D 593 -1.04 25.97 49.59
C ASP D 593 -1.89 25.97 50.84
N LYS D 594 -1.28 26.34 51.96
CA LYS D 594 -1.99 26.35 53.24
C LYS D 594 -2.89 27.57 53.37
N ARG D 595 -2.59 28.65 52.65
CA ARG D 595 -3.19 29.95 52.88
C ARG D 595 -4.67 30.02 52.54
N PHE D 596 -5.22 29.06 51.81
CA PHE D 596 -6.56 29.19 51.28
C PHE D 596 -7.41 28.01 51.72
N HIS D 597 -8.66 28.01 51.23
CA HIS D 597 -9.60 26.94 51.43
C HIS D 597 -10.13 26.56 50.05
N TYR D 598 -10.30 25.26 49.81
CA TYR D 598 -10.51 24.75 48.46
C TYR D 598 -11.84 24.05 48.37
N ASP D 599 -12.35 23.94 47.15
CA ASP D 599 -13.58 23.22 46.89
C ASP D 599 -13.27 21.77 46.50
N ARG D 600 -14.27 21.06 46.01
CA ARG D 600 -14.14 19.65 45.67
C ARG D 600 -13.59 19.42 44.28
N ASN D 601 -13.17 20.48 43.58
CA ASN D 601 -12.23 20.38 42.46
C ASN D 601 -10.91 21.04 42.80
N ASN D 602 -10.65 21.24 44.09
CA ASN D 602 -9.40 21.74 44.67
C ASN D 602 -9.05 23.17 44.26
N ILE D 603 -10.03 23.93 43.77
CA ILE D 603 -9.83 25.34 43.42
C ILE D 603 -10.06 26.18 44.67
N ALA D 604 -9.17 27.14 44.90
CA ALA D 604 -9.28 28.00 46.07
C ALA D 604 -10.40 29.01 45.90
N VAL D 605 -10.94 29.46 47.03
CA VAL D 605 -11.99 30.48 47.05
C VAL D 605 -11.64 31.64 47.97
N GLY D 606 -11.24 31.36 49.20
CA GLY D 606 -11.03 32.41 50.17
C GLY D 606 -9.93 32.09 51.15
N ALA D 607 -9.12 33.10 51.46
CA ALA D 607 -7.94 32.96 52.29
C ALA D 607 -8.25 33.29 53.75
N ASP D 608 -7.20 33.47 54.53
CA ASP D 608 -7.26 33.77 55.95
C ASP D 608 -7.22 35.29 56.20
N GLU D 609 -6.96 35.64 57.46
CA GLU D 609 -7.15 37.01 57.95
C GLU D 609 -5.88 37.85 57.95
N SER D 610 -4.71 37.24 57.83
CA SER D 610 -3.47 38.00 57.83
C SER D 610 -3.12 38.52 56.43
N VAL D 611 -3.02 37.60 55.46
CA VAL D 611 -2.58 37.95 54.11
C VAL D 611 -3.63 38.76 53.35
N VAL D 612 -4.86 38.83 53.86
CA VAL D 612 -5.88 39.69 53.24
C VAL D 612 -5.63 41.15 53.60
N LYS D 613 -4.67 41.42 54.49
CA LYS D 613 -4.19 42.78 54.74
C LYS D 613 -2.70 42.94 54.47
N GLU D 614 -1.90 41.87 54.61
CA GLU D 614 -0.44 41.98 54.57
C GLU D 614 0.15 42.10 53.16
N ALA D 615 -0.66 42.41 52.15
CA ALA D 615 -0.16 42.86 50.84
C ALA D 615 -1.06 43.96 50.29
N HIS D 616 -1.72 44.72 51.17
CA HIS D 616 -2.81 45.61 50.81
C HIS D 616 -2.57 47.04 51.29
N ARG D 617 -1.33 47.34 51.64
CA ARG D 617 -0.91 48.68 52.05
C ARG D 617 -0.40 49.51 50.90
N GLU D 618 -0.19 48.89 49.74
CA GLU D 618 0.32 49.57 48.55
C GLU D 618 -0.85 50.19 47.80
N VAL D 619 -1.27 51.37 48.25
CA VAL D 619 -2.30 52.17 47.60
C VAL D 619 -1.60 53.37 46.97
N ILE D 620 -1.84 53.60 45.69
CA ILE D 620 -1.07 54.57 44.92
C ILE D 620 -1.88 55.82 44.62
N ASN D 621 -3.06 55.69 44.02
CA ASN D 621 -3.87 56.85 43.65
C ASN D 621 -5.27 56.70 44.22
N SER D 622 -5.53 57.38 45.33
CA SER D 622 -6.84 57.40 45.99
C SER D 622 -7.59 58.63 45.51
N SER D 623 -8.54 58.42 44.60
CA SER D 623 -9.31 59.50 44.02
C SER D 623 -10.80 59.19 44.16
N THR D 624 -11.60 60.25 44.09
CA THR D 624 -13.05 60.10 44.20
C THR D 624 -13.64 59.44 42.96
N GLU D 625 -13.09 59.76 41.78
CA GLU D 625 -13.57 59.14 40.55
C GLU D 625 -13.13 57.69 40.44
N GLY D 626 -11.98 57.33 41.02
CA GLY D 626 -11.52 55.96 41.02
C GLY D 626 -10.27 55.71 41.84
N LEU D 627 -10.23 54.62 42.59
CA LEU D 627 -9.18 54.33 43.55
C LEU D 627 -8.21 53.32 42.96
N LEU D 628 -6.92 53.47 43.26
CA LEU D 628 -5.88 52.65 42.65
C LEU D 628 -5.08 51.96 43.74
N LEU D 629 -4.83 50.66 43.58
CA LEU D 629 -4.12 49.85 44.56
C LEU D 629 -3.04 49.02 43.88
N ASN D 630 -2.37 48.17 44.67
CA ASN D 630 -1.40 47.21 44.18
C ASN D 630 -1.50 45.96 45.07
N ILE D 631 -2.04 44.87 44.52
CA ILE D 631 -2.33 43.65 45.26
C ILE D 631 -1.69 42.47 44.52
N ASP D 632 -1.36 41.42 45.28
CA ASP D 632 -0.69 40.25 44.74
C ASP D 632 -1.66 39.41 43.90
N LYS D 633 -1.10 38.66 42.95
CA LYS D 633 -1.89 37.91 41.98
C LYS D 633 -2.48 36.65 42.58
N ASP D 634 -1.84 36.10 43.62
CA ASP D 634 -2.29 34.87 44.26
C ASP D 634 -3.40 35.08 45.27
N ILE D 635 -3.94 36.30 45.40
CA ILE D 635 -5.12 36.54 46.23
C ILE D 635 -6.18 37.22 45.36
N ARG D 636 -5.74 37.96 44.34
CA ARG D 636 -6.68 38.70 43.52
C ARG D 636 -7.34 37.84 42.46
N LYS D 637 -6.93 36.58 42.32
CA LYS D 637 -7.75 35.61 41.61
C LYS D 637 -8.87 35.08 42.49
N ILE D 638 -8.67 35.06 43.80
CA ILE D 638 -9.67 34.56 44.73
C ILE D 638 -10.27 35.70 45.56
N LEU D 639 -9.94 36.95 45.26
CA LEU D 639 -10.70 38.09 45.72
C LEU D 639 -11.64 38.50 44.59
N SER D 640 -12.95 38.30 44.82
CA SER D 640 -13.96 38.38 43.78
C SER D 640 -14.68 39.72 43.72
N GLY D 641 -15.13 40.24 44.87
CA GLY D 641 -15.95 41.42 44.89
C GLY D 641 -15.64 42.31 46.08
N TYR D 642 -16.04 43.57 45.93
CA TYR D 642 -15.91 44.58 46.97
C TYR D 642 -17.26 45.26 47.17
N ILE D 643 -17.40 45.95 48.29
CA ILE D 643 -18.49 46.88 48.52
C ILE D 643 -17.89 48.14 49.14
N VAL D 644 -18.13 49.27 48.49
CA VAL D 644 -17.65 50.56 48.97
C VAL D 644 -18.78 51.21 49.75
N GLU D 645 -18.48 51.65 50.97
CA GLU D 645 -19.44 52.36 51.78
C GLU D 645 -18.79 53.62 52.33
N ILE D 646 -19.61 54.51 52.88
CA ILE D 646 -19.14 55.74 53.52
C ILE D 646 -19.58 55.65 54.98
N GLU D 647 -18.66 55.25 55.84
CA GLU D 647 -18.90 55.34 57.27
C GLU D 647 -18.89 56.81 57.69
N ASP D 648 -19.88 57.19 58.48
CA ASP D 648 -20.15 58.59 58.78
C ASP D 648 -19.15 59.09 59.84
N THR D 649 -19.38 60.29 60.36
CA THR D 649 -18.52 60.82 61.41
C THR D 649 -18.70 60.04 62.71
N GLU D 650 -19.91 59.55 62.96
CA GLU D 650 -20.17 58.73 64.13
C GLU D 650 -20.18 57.24 63.83
N GLY D 651 -20.29 56.85 62.56
CA GLY D 651 -20.26 55.46 62.18
C GLY D 651 -21.57 54.91 61.64
N LEU D 652 -21.71 54.93 60.31
CA LEU D 652 -22.88 54.41 59.62
C LEU D 652 -22.45 53.47 58.50
N LYS D 653 -23.39 53.05 57.66
CA LYS D 653 -23.11 52.10 56.58
C LYS D 653 -23.98 52.52 55.39
N GLU D 654 -23.40 53.30 54.47
CA GLU D 654 -24.12 53.77 53.29
C GLU D 654 -23.46 53.18 52.05
N VAL D 655 -24.05 52.09 51.55
CA VAL D 655 -23.52 51.43 50.37
C VAL D 655 -23.87 52.23 49.13
N ILE D 656 -23.14 51.98 48.05
CA ILE D 656 -23.41 52.61 46.77
C ILE D 656 -23.90 51.56 45.78
N ASN D 657 -23.70 50.29 46.12
CA ASN D 657 -24.20 49.17 45.32
C ASN D 657 -25.25 48.40 46.09
N ASP D 658 -26.51 48.81 45.92
CA ASP D 658 -27.62 48.29 46.74
C ASP D 658 -28.25 47.05 46.12
N ARG D 659 -27.38 46.10 45.75
CA ARG D 659 -27.74 44.74 45.36
C ARG D 659 -26.50 43.88 45.46
N TYR D 660 -26.48 42.72 44.81
CA TYR D 660 -25.32 41.84 44.79
C TYR D 660 -24.58 41.83 43.45
N ASP D 661 -25.24 42.11 42.32
CA ASP D 661 -24.64 41.84 41.02
C ASP D 661 -23.62 42.90 40.62
N MET D 662 -23.75 44.11 41.12
CA MET D 662 -22.89 45.24 40.74
C MET D 662 -21.63 45.32 41.59
N LEU D 663 -21.14 44.18 42.11
CA LEU D 663 -20.00 44.14 43.00
C LEU D 663 -18.69 43.94 42.27
N ASN D 664 -18.67 44.10 40.95
CA ASN D 664 -17.46 43.91 40.14
C ASN D 664 -16.81 45.28 39.92
N ILE D 665 -16.25 45.81 40.99
CA ILE D 665 -15.92 47.24 41.05
C ILE D 665 -14.42 47.48 41.15
N SER D 666 -13.62 46.63 40.51
CA SER D 666 -12.16 46.80 40.44
C SER D 666 -11.76 46.67 38.98
N SER D 667 -11.62 47.80 38.28
CA SER D 667 -11.26 47.80 36.88
C SER D 667 -9.80 47.40 36.70
N LEU D 668 -9.51 46.81 35.55
CA LEU D 668 -8.24 46.15 35.32
C LEU D 668 -7.42 46.87 34.28
N ARG D 669 -6.16 47.13 34.60
CA ARG D 669 -5.16 47.56 33.65
C ARG D 669 -4.05 46.53 33.63
N GLN D 670 -3.66 46.13 32.41
CA GLN D 670 -2.57 45.16 32.24
C GLN D 670 -1.19 45.81 32.28
N ASP D 671 -1.12 47.08 32.65
CA ASP D 671 0.15 47.79 32.80
C ASP D 671 0.63 47.83 34.24
N GLY D 672 -0.03 47.10 35.15
CA GLY D 672 0.43 46.95 36.52
C GLY D 672 -0.57 47.32 37.59
N LYS D 673 -1.50 48.22 37.31
CA LYS D 673 -2.36 48.80 38.34
C LYS D 673 -3.80 48.33 38.14
N THR D 674 -4.60 48.44 39.20
CA THR D 674 -6.03 48.17 39.11
C THR D 674 -6.82 49.29 39.77
N PHE D 675 -8.08 49.42 39.36
CA PHE D 675 -8.83 50.67 39.43
C PHE D 675 -10.18 50.44 40.08
N ILE D 676 -10.35 50.90 41.32
CA ILE D 676 -11.64 50.76 41.99
C ILE D 676 -12.57 51.83 41.43
N ASP D 677 -13.38 51.47 40.44
CA ASP D 677 -14.07 52.45 39.59
C ASP D 677 -15.33 52.97 40.28
N PHE D 678 -15.66 54.22 40.00
CA PHE D 678 -16.90 54.83 40.47
C PHE D 678 -17.62 55.60 39.37
N LYS D 679 -16.99 55.82 38.22
CA LYS D 679 -17.58 56.59 37.13
C LYS D 679 -18.50 55.75 36.25
N LYS D 680 -18.75 54.50 36.63
CA LYS D 680 -19.71 53.64 35.94
C LYS D 680 -20.75 53.06 36.88
N TYR D 681 -20.39 52.75 38.12
CA TYR D 681 -21.31 52.16 39.09
C TYR D 681 -22.04 53.21 39.92
N ASN D 682 -21.62 54.47 39.86
CA ASN D 682 -22.44 55.59 40.29
C ASN D 682 -23.05 56.31 39.09
N ASP D 683 -22.92 55.71 37.89
CA ASP D 683 -23.52 56.16 36.64
C ASP D 683 -23.05 57.57 36.25
N LYS D 684 -21.75 57.63 35.91
CA LYS D 684 -21.07 58.84 35.42
C LYS D 684 -21.07 59.96 36.48
N LEU D 685 -21.13 59.56 37.75
CA LEU D 685 -21.04 60.47 38.87
C LEU D 685 -19.93 60.03 39.81
N PRO D 686 -19.31 60.95 40.52
CA PRO D 686 -18.44 60.56 41.64
C PRO D 686 -19.23 60.10 42.86
N LEU D 687 -18.53 59.87 43.97
CA LEU D 687 -19.15 59.39 45.20
C LEU D 687 -20.14 60.40 45.77
N TYR D 688 -20.95 59.93 46.72
CA TYR D 688 -21.91 60.78 47.42
C TYR D 688 -21.25 61.28 48.71
N ILE D 689 -20.21 62.09 48.52
CA ILE D 689 -19.44 62.65 49.62
C ILE D 689 -19.92 64.08 49.85
N SER D 690 -20.09 64.45 51.12
CA SER D 690 -20.45 65.81 51.48
C SER D 690 -19.38 66.45 52.36
N ASN D 691 -19.00 65.77 53.45
CA ASN D 691 -18.05 66.31 54.39
C ASN D 691 -16.74 65.55 54.31
N PRO D 692 -15.59 66.23 54.35
CA PRO D 692 -14.30 65.54 54.28
C PRO D 692 -13.82 64.98 55.62
N ASN D 693 -14.72 64.84 56.59
CA ASN D 693 -14.41 64.09 57.80
C ASN D 693 -14.92 62.65 57.72
N TYR D 694 -15.42 62.24 56.57
CA TYR D 694 -16.05 60.94 56.39
C TYR D 694 -15.02 59.83 56.27
N LYS D 695 -15.52 58.60 56.17
CA LYS D 695 -14.70 57.40 56.08
C LYS D 695 -15.15 56.62 54.83
N VAL D 696 -14.48 56.85 53.70
CA VAL D 696 -14.78 56.10 52.48
C VAL D 696 -14.23 54.69 52.64
N ASN D 697 -15.11 53.74 52.96
CA ASN D 697 -14.72 52.41 53.43
C ASN D 697 -15.06 51.35 52.39
N VAL D 698 -14.07 50.56 52.01
CA VAL D 698 -14.26 49.45 51.07
C VAL D 698 -13.99 48.15 51.82
N TYR D 699 -14.98 47.26 51.81
CA TYR D 699 -14.89 45.96 52.46
C TYR D 699 -15.02 44.86 51.42
N ALA D 700 -14.59 43.64 51.79
CA ALA D 700 -14.35 42.57 50.84
C ALA D 700 -15.33 41.43 51.01
N VAL D 701 -15.24 40.45 50.11
CA VAL D 701 -15.99 39.20 50.18
C VAL D 701 -15.23 38.13 49.40
N THR D 702 -15.09 36.94 49.99
CA THR D 702 -14.46 35.82 49.33
C THR D 702 -15.49 34.98 48.59
N LYS D 703 -15.01 34.11 47.70
CA LYS D 703 -15.89 33.34 46.83
C LYS D 703 -16.67 32.27 47.57
N GLU D 704 -16.20 31.82 48.74
CA GLU D 704 -17.00 30.96 49.60
C GLU D 704 -18.00 31.75 50.43
N ASN D 705 -18.02 33.09 50.29
CA ASN D 705 -19.03 33.93 50.92
C ASN D 705 -19.82 34.73 49.89
N THR D 706 -19.62 34.49 48.59
CA THR D 706 -20.41 35.11 47.55
C THR D 706 -21.62 34.25 47.22
N ILE D 707 -22.29 34.59 46.12
CA ILE D 707 -23.48 33.90 45.66
C ILE D 707 -23.54 34.09 44.14
N ILE D 708 -24.36 33.28 43.47
CA ILE D 708 -24.57 33.42 42.03
C ILE D 708 -25.99 33.90 41.70
N ASN D 709 -27.01 33.36 42.34
CA ASN D 709 -28.41 33.72 42.11
C ASN D 709 -28.87 34.66 43.22
N PRO D 710 -29.88 35.50 42.95
CA PRO D 710 -30.37 36.40 44.00
C PRO D 710 -31.12 35.66 45.10
N SER D 711 -31.44 36.43 46.15
CA SER D 711 -32.02 35.89 47.37
C SER D 711 -33.55 35.91 47.28
N GLU D 712 -34.23 35.70 48.41
CA GLU D 712 -35.65 35.39 48.39
C GLU D 712 -36.56 36.61 48.22
N ASN D 713 -36.63 37.46 49.25
CA ASN D 713 -37.57 38.58 49.13
C ASN D 713 -36.99 39.93 49.53
N GLY D 714 -36.04 39.96 50.46
CA GLY D 714 -35.62 41.21 51.03
C GLY D 714 -34.13 41.33 51.30
N ASP D 715 -33.37 40.30 50.93
CA ASP D 715 -31.91 40.36 51.05
C ASP D 715 -31.34 40.81 49.70
N THR D 716 -31.82 41.96 49.26
CA THR D 716 -31.44 42.54 47.97
C THR D 716 -30.34 43.57 48.11
N SER D 717 -29.42 43.36 49.05
CA SER D 717 -28.25 44.19 49.21
C SER D 717 -27.09 43.33 49.68
N THR D 718 -26.04 43.97 50.17
CA THR D 718 -24.80 43.31 50.57
C THR D 718 -24.80 42.95 52.06
N ASN D 719 -25.79 42.17 52.51
CA ASN D 719 -25.92 41.85 53.92
C ASN D 719 -25.45 40.44 54.27
N GLY D 720 -25.45 39.52 53.31
CA GLY D 720 -25.09 38.13 53.59
C GLY D 720 -23.63 37.81 53.32
N ILE D 721 -22.75 38.75 53.65
CA ILE D 721 -21.33 38.66 53.31
C ILE D 721 -20.52 38.84 54.58
N LYS D 722 -19.36 38.18 54.65
CA LYS D 722 -18.43 38.40 55.75
C LYS D 722 -17.55 39.60 55.45
N LYS D 723 -17.15 40.31 56.50
CA LYS D 723 -16.59 41.64 56.38
C LYS D 723 -15.11 41.65 56.74
N ILE D 724 -14.33 42.38 55.94
CA ILE D 724 -12.87 42.38 56.02
C ILE D 724 -12.38 43.82 55.96
N LEU D 725 -11.53 44.20 56.91
CA LEU D 725 -10.90 45.51 56.88
C LEU D 725 -9.86 45.53 55.77
N ILE D 726 -10.17 46.22 54.67
CA ILE D 726 -9.25 46.28 53.52
C ILE D 726 -8.77 47.71 53.33
N PHE D 727 -9.71 48.64 53.20
CA PHE D 727 -9.42 49.99 52.71
C PHE D 727 -10.20 50.99 53.54
N SER D 728 -9.52 51.64 54.50
CA SER D 728 -10.18 52.54 55.45
C SER D 728 -9.29 53.77 55.68
N LYS D 729 -9.69 54.89 55.08
CA LYS D 729 -8.92 56.13 55.11
C LYS D 729 -9.78 57.29 55.62
N LYS D 730 -9.12 58.45 55.74
CA LYS D 730 -9.76 59.70 56.13
C LYS D 730 -10.19 60.49 54.90
N GLY D 731 -11.35 61.12 55.01
CA GLY D 731 -11.98 61.80 53.89
C GLY D 731 -11.40 63.14 53.49
N TYR D 732 -10.38 63.64 54.20
CA TYR D 732 -9.77 64.92 53.88
C TYR D 732 -8.45 64.80 53.13
N GLU D 733 -7.77 63.67 53.21
CA GLU D 733 -6.53 63.44 52.48
C GLU D 733 -6.78 62.82 51.10
N ILE D 734 -8.01 62.92 50.57
CA ILE D 734 -8.35 62.33 49.29
C ILE D 734 -8.70 63.41 48.27
N GLY D 735 -9.81 64.10 48.49
CA GLY D 735 -10.27 65.09 47.54
C GLY D 735 -11.33 66.04 48.07
N THR E 174 24.01 -26.54 20.42
CA THR E 174 23.40 -25.31 20.93
C THR E 174 22.60 -25.60 22.18
N VAL E 175 21.55 -24.82 22.41
CA VAL E 175 20.60 -25.08 23.49
C VAL E 175 19.24 -25.25 22.83
N PRO E 176 18.46 -26.25 23.22
CA PRO E 176 17.20 -26.49 22.51
C PRO E 176 16.08 -25.60 23.00
N ASP E 177 15.29 -25.11 22.05
CA ASP E 177 14.16 -24.24 22.36
C ASP E 177 13.09 -24.50 21.30
N ARG E 178 12.15 -25.41 21.60
CA ARG E 178 11.24 -25.89 20.58
C ARG E 178 10.17 -24.89 20.21
N ASP E 179 9.79 -24.02 21.14
CA ASP E 179 8.59 -23.19 21.02
C ASP E 179 8.88 -21.74 20.70
N ASN E 180 10.16 -21.36 20.62
CA ASN E 180 10.61 -20.01 20.28
C ASN E 180 10.09 -18.94 21.24
N ASP E 181 10.12 -19.23 22.54
CA ASP E 181 9.82 -18.20 23.52
C ASP E 181 11.07 -17.67 24.19
N GLY E 182 12.25 -18.12 23.77
CA GLY E 182 13.46 -17.58 24.32
C GLY E 182 13.81 -18.08 25.69
N ILE E 183 13.27 -19.21 26.10
CA ILE E 183 13.61 -19.79 27.40
C ILE E 183 13.78 -21.29 27.19
N PRO E 184 14.89 -21.87 27.62
CA PRO E 184 15.26 -23.20 27.15
C PRO E 184 14.40 -24.29 27.77
N ASP E 185 14.43 -25.44 27.11
CA ASP E 185 13.52 -26.52 27.45
C ASP E 185 13.93 -27.27 28.70
N SER E 186 15.19 -27.19 29.10
CA SER E 186 15.60 -27.80 30.35
C SER E 186 15.02 -27.04 31.53
N LEU E 187 14.91 -25.72 31.40
CA LEU E 187 14.49 -24.86 32.50
C LEU E 187 12.99 -24.85 32.67
N GLU E 188 12.23 -24.99 31.58
CA GLU E 188 10.79 -24.88 31.66
C GLU E 188 10.16 -26.07 32.36
N VAL E 189 10.74 -27.26 32.20
CA VAL E 189 10.20 -28.44 32.84
C VAL E 189 10.56 -28.49 34.31
N GLU E 190 11.73 -27.97 34.66
CA GLU E 190 12.34 -28.27 35.93
C GLU E 190 12.42 -27.10 36.89
N GLY E 191 12.17 -25.87 36.42
CA GLY E 191 12.11 -24.74 37.31
C GLY E 191 13.03 -23.61 36.91
N TYR E 192 12.54 -22.38 36.98
CA TYR E 192 13.36 -21.22 36.75
C TYR E 192 12.83 -20.07 37.57
N THR E 193 13.62 -19.00 37.68
CA THR E 193 13.19 -17.86 38.45
C THR E 193 13.88 -16.59 37.97
N VAL E 194 13.15 -15.49 38.01
CA VAL E 194 13.63 -14.21 37.50
C VAL E 194 13.87 -13.30 38.69
N ASP E 195 15.10 -12.78 38.79
CA ASP E 195 15.46 -11.82 39.82
C ASP E 195 16.40 -10.79 39.23
N VAL E 196 16.38 -9.60 39.80
CA VAL E 196 17.16 -8.47 39.33
C VAL E 196 18.40 -8.35 40.19
N LYS E 197 19.57 -8.38 39.56
CA LYS E 197 20.83 -8.42 40.31
C LYS E 197 21.25 -7.03 40.77
N ASN E 198 21.55 -6.13 39.84
CA ASN E 198 21.92 -4.78 40.21
C ASN E 198 20.85 -3.79 39.74
N LYS E 199 20.69 -3.62 38.44
CA LYS E 199 19.50 -3.05 37.85
C LYS E 199 19.21 -3.79 36.56
N ARG E 200 19.53 -5.08 36.52
CA ARG E 200 19.50 -5.88 35.31
C ARG E 200 18.81 -7.19 35.62
N THR E 201 17.90 -7.62 34.75
CA THR E 201 17.16 -8.84 35.00
C THR E 201 18.00 -10.05 34.60
N PHE E 202 17.81 -11.14 35.32
CA PHE E 202 18.54 -12.38 35.06
C PHE E 202 17.60 -13.55 35.25
N LEU E 203 17.42 -14.34 34.22
CA LEU E 203 16.65 -15.56 34.32
C LEU E 203 17.62 -16.70 34.50
N SER E 204 17.30 -17.63 35.40
CA SER E 204 18.27 -18.61 35.84
C SER E 204 17.53 -19.83 36.37
N PRO E 205 18.11 -21.01 36.28
CA PRO E 205 17.40 -22.20 36.75
C PRO E 205 17.30 -22.23 38.26
N TRP E 206 16.30 -22.94 38.73
CA TRP E 206 15.96 -22.94 40.15
C TRP E 206 16.96 -23.78 40.89
N ILE E 207 17.85 -23.14 41.62
CA ILE E 207 18.72 -23.79 42.59
C ILE E 207 18.13 -23.50 43.95
N SER E 208 17.77 -24.56 44.67
CA SER E 208 16.98 -24.42 45.88
C SER E 208 17.76 -23.84 47.04
N ASN E 209 19.09 -23.88 46.99
CA ASN E 209 19.87 -23.42 48.12
C ASN E 209 19.87 -21.91 48.22
N ILE E 210 19.84 -21.24 47.07
CA ILE E 210 20.01 -19.81 46.98
C ILE E 210 18.65 -19.13 46.92
N HIS E 211 17.85 -19.51 45.92
CA HIS E 211 16.64 -18.79 45.58
C HIS E 211 15.51 -18.99 46.56
N GLU E 212 15.63 -19.94 47.48
CA GLU E 212 14.55 -20.19 48.41
C GLU E 212 14.61 -19.27 49.63
N LYS E 213 15.81 -18.84 50.00
CA LYS E 213 15.94 -17.85 51.06
C LYS E 213 15.52 -16.47 50.58
N LYS E 214 15.73 -16.18 49.30
CA LYS E 214 15.37 -14.89 48.74
C LYS E 214 13.87 -14.69 48.64
N GLY E 215 13.09 -15.77 48.67
CA GLY E 215 11.67 -15.65 48.52
C GLY E 215 11.20 -15.52 47.10
N LEU E 216 11.97 -16.02 46.15
CA LEU E 216 11.55 -15.99 44.75
C LEU E 216 10.49 -17.06 44.50
N THR E 217 9.84 -16.97 43.35
CA THR E 217 8.79 -17.89 42.98
C THR E 217 9.34 -18.86 41.94
N LYS E 218 9.02 -20.13 42.09
CA LYS E 218 9.51 -21.16 41.19
C LYS E 218 8.53 -21.34 40.05
N TYR E 219 8.96 -21.02 38.84
CA TYR E 219 8.10 -21.08 37.67
C TYR E 219 8.37 -22.35 36.89
N LYS E 220 7.31 -23.03 36.48
CA LYS E 220 7.40 -24.14 35.57
C LYS E 220 6.38 -23.91 34.46
N SER E 221 6.70 -24.37 33.26
CA SER E 221 5.83 -24.14 32.12
C SER E 221 5.96 -25.33 31.17
N SER E 222 5.52 -25.15 29.93
CA SER E 222 5.55 -26.23 28.96
C SER E 222 6.57 -25.93 27.89
N PRO E 223 7.44 -26.88 27.54
CA PRO E 223 8.49 -26.60 26.58
C PRO E 223 8.07 -26.74 25.13
N GLU E 224 6.79 -26.75 24.82
CA GLU E 224 6.34 -26.83 23.45
C GLU E 224 5.23 -25.86 23.11
N LYS E 225 4.68 -25.16 24.09
CA LYS E 225 3.74 -24.09 23.84
C LYS E 225 4.46 -22.78 24.05
N TRP E 226 4.30 -21.86 23.10
CA TRP E 226 4.88 -20.54 23.21
C TRP E 226 4.19 -19.72 24.27
N SER E 227 2.95 -20.05 24.59
CA SER E 227 2.26 -19.49 25.73
C SER E 227 1.49 -20.61 26.39
N THR E 228 1.71 -20.81 27.69
CA THR E 228 1.26 -22.04 28.30
C THR E 228 -0.23 -22.03 28.57
N ALA E 229 -0.80 -20.90 28.94
CA ALA E 229 -2.24 -20.83 29.08
C ALA E 229 -2.94 -20.49 27.79
N SER E 230 -2.21 -20.40 26.68
CA SER E 230 -2.65 -20.11 25.31
C SER E 230 -3.20 -18.71 25.14
N ASP E 231 -2.97 -17.81 26.06
CA ASP E 231 -3.29 -16.40 25.88
C ASP E 231 -2.13 -15.72 25.19
N PRO E 232 -2.33 -14.60 24.48
CA PRO E 232 -1.27 -14.11 23.59
C PRO E 232 -0.09 -13.39 24.24
N TYR E 233 0.46 -13.94 25.32
CA TYR E 233 1.66 -13.42 25.93
C TYR E 233 2.53 -14.61 26.26
N SER E 234 3.81 -14.55 25.92
CA SER E 234 4.65 -15.72 26.05
C SER E 234 5.03 -15.96 27.50
N ASP E 235 5.64 -17.12 27.76
CA ASP E 235 6.07 -17.42 29.12
C ASP E 235 7.24 -16.55 29.53
N PHE E 236 8.01 -16.08 28.57
CA PHE E 236 9.10 -15.16 28.86
C PHE E 236 8.57 -13.78 29.19
N GLU E 237 7.62 -13.28 28.40
CA GLU E 237 7.10 -11.93 28.56
C GLU E 237 6.38 -11.78 29.89
N LYS E 238 5.67 -12.82 30.32
CA LYS E 238 4.89 -12.72 31.54
C LYS E 238 5.77 -12.58 32.76
N VAL E 239 6.70 -13.52 32.93
CA VAL E 239 7.52 -13.48 34.14
C VAL E 239 8.57 -12.40 34.09
N THR E 240 8.94 -11.90 32.91
CA THR E 240 9.99 -10.90 32.87
C THR E 240 9.46 -9.50 33.17
N GLY E 241 8.19 -9.25 32.90
CA GLY E 241 7.63 -7.95 33.05
C GLY E 241 7.46 -7.22 31.75
N ARG E 242 8.11 -7.68 30.70
CA ARG E 242 8.01 -7.08 29.37
C ARG E 242 6.64 -7.45 28.81
N ILE E 243 5.61 -6.75 29.26
CA ILE E 243 4.24 -7.09 28.90
C ILE E 243 3.41 -5.83 28.96
N ASP E 244 2.23 -5.88 28.34
CA ASP E 244 1.24 -4.83 28.41
C ASP E 244 0.81 -4.62 29.86
N LYS E 245 1.18 -3.49 30.44
CA LYS E 245 1.09 -3.21 31.87
C LYS E 245 -0.30 -3.15 32.42
N ASN E 246 -1.38 -3.42 31.69
CA ASN E 246 -2.70 -3.51 32.29
C ASN E 246 -3.11 -4.94 32.60
N VAL E 247 -2.26 -5.91 32.27
CA VAL E 247 -2.49 -7.30 32.66
C VAL E 247 -2.37 -7.38 34.17
N SER E 248 -3.37 -8.00 34.81
CA SER E 248 -3.50 -8.00 36.25
C SER E 248 -2.31 -8.70 36.91
N PRO E 249 -1.91 -8.31 38.12
CA PRO E 249 -0.66 -8.81 38.69
C PRO E 249 -0.69 -10.27 39.09
N GLU E 250 -1.85 -10.91 39.13
CA GLU E 250 -1.87 -12.33 39.37
C GLU E 250 -1.94 -13.14 38.09
N ALA E 251 -2.29 -12.52 36.98
CA ALA E 251 -2.27 -13.17 35.68
C ALA E 251 -0.95 -12.99 34.98
N ARG E 252 0.08 -12.57 35.70
CA ARG E 252 1.44 -12.52 35.19
C ARG E 252 2.23 -13.76 35.58
N HIS E 253 1.57 -14.87 35.67
CA HIS E 253 2.09 -16.19 35.87
C HIS E 253 1.90 -16.98 34.59
N PRO E 254 2.80 -17.90 34.24
CA PRO E 254 2.64 -18.63 32.98
C PRO E 254 1.46 -19.56 32.95
N LEU E 255 0.96 -20.00 34.10
CA LEU E 255 -0.12 -20.97 34.13
C LEU E 255 -1.48 -20.35 34.32
N VAL E 256 -1.57 -19.05 34.58
CA VAL E 256 -2.83 -18.35 34.73
C VAL E 256 -3.09 -17.55 33.47
N ALA E 257 -4.31 -17.60 32.96
CA ALA E 257 -4.64 -17.02 31.69
C ALA E 257 -5.15 -15.60 31.84
N ALA E 258 -4.86 -14.76 30.85
CA ALA E 258 -5.14 -13.34 30.89
C ALA E 258 -6.03 -12.98 29.71
N TYR E 259 -7.31 -12.79 29.98
CA TYR E 259 -8.32 -12.62 28.94
C TYR E 259 -9.36 -11.62 29.41
N PRO E 260 -9.99 -10.89 28.50
CA PRO E 260 -11.01 -9.91 28.90
C PRO E 260 -12.42 -10.48 28.92
N ILE E 261 -13.25 -9.88 29.78
CA ILE E 261 -14.64 -10.27 29.95
C ILE E 261 -15.46 -8.99 29.87
N VAL E 262 -16.07 -8.72 28.72
CA VAL E 262 -16.78 -7.48 28.48
C VAL E 262 -18.26 -7.76 28.40
N HIS E 263 -19.07 -6.92 29.06
CA HIS E 263 -20.50 -7.02 28.85
C HIS E 263 -21.11 -5.62 28.99
N VAL E 264 -22.25 -5.45 28.34
CA VAL E 264 -22.89 -4.15 28.14
C VAL E 264 -24.19 -4.12 28.90
N ASP E 265 -24.45 -3.06 29.65
CA ASP E 265 -25.71 -2.94 30.35
C ASP E 265 -26.36 -1.60 30.07
N MET E 266 -27.67 -1.61 29.99
CA MET E 266 -28.47 -0.46 29.56
C MET E 266 -29.02 0.25 30.79
N GLU E 267 -28.92 1.57 30.79
CA GLU E 267 -29.36 2.37 31.92
C GLU E 267 -30.62 3.17 31.65
N ASN E 268 -30.92 3.48 30.40
CA ASN E 268 -32.07 4.30 30.07
C ASN E 268 -32.59 3.82 28.74
N ILE E 269 -33.90 3.88 28.55
CA ILE E 269 -34.47 3.76 27.22
C ILE E 269 -35.25 5.04 26.95
N ILE E 270 -34.99 5.65 25.81
CA ILE E 270 -35.55 6.94 25.47
C ILE E 270 -36.28 6.77 24.15
N LEU E 271 -37.61 6.68 24.20
CA LEU E 271 -38.39 6.51 22.99
C LEU E 271 -39.15 7.78 22.68
N SER E 272 -39.13 8.16 21.40
CA SER E 272 -39.65 9.42 20.89
C SER E 272 -40.75 9.13 19.89
N LYS E 273 -41.97 9.55 20.19
CA LYS E 273 -43.10 9.23 19.33
C LYS E 273 -43.05 10.10 18.08
N ASN E 274 -42.90 9.47 16.93
CA ASN E 274 -42.79 10.18 15.67
C ASN E 274 -44.19 10.52 15.18
N GLU E 275 -44.54 11.80 15.21
CA GLU E 275 -45.92 12.25 15.06
C GLU E 275 -45.89 13.74 14.79
N ASP E 276 -46.74 14.22 13.89
CA ASP E 276 -46.62 15.57 13.38
C ASP E 276 -47.93 16.33 13.53
N GLN E 277 -47.95 17.29 14.44
CA GLN E 277 -49.08 18.19 14.59
C GLN E 277 -49.11 19.19 13.45
N SER E 278 -50.21 19.94 13.41
CA SER E 278 -50.48 21.02 12.45
C SER E 278 -51.71 21.76 12.94
N THR E 279 -51.64 23.09 12.96
CA THR E 279 -52.78 23.92 13.32
C THR E 279 -53.04 24.89 12.18
N GLN E 280 -54.22 25.49 12.18
CA GLN E 280 -54.58 26.37 11.07
C GLN E 280 -55.66 27.35 11.50
N ASN E 281 -55.46 28.62 11.18
CA ASN E 281 -56.43 29.65 11.42
C ASN E 281 -56.87 30.23 10.08
N THR E 282 -57.99 30.94 10.07
CA THR E 282 -58.56 31.46 8.83
C THR E 282 -59.56 32.55 9.16
N ASP E 283 -59.45 33.69 8.50
CA ASP E 283 -60.44 34.74 8.57
C ASP E 283 -61.13 34.87 7.21
N SER E 284 -62.29 35.52 7.19
CA SER E 284 -63.00 35.72 5.94
C SER E 284 -63.96 36.89 6.09
N GLN E 285 -64.30 37.48 4.94
CA GLN E 285 -65.21 38.62 4.85
C GLN E 285 -65.90 38.54 3.50
N THR E 286 -67.23 38.56 3.50
CA THR E 286 -68.00 38.62 2.26
C THR E 286 -68.83 39.89 2.25
N ARG E 287 -69.27 40.28 1.06
CA ARG E 287 -70.10 41.48 0.91
C ARG E 287 -70.89 41.32 -0.38
N THR E 288 -72.16 40.96 -0.26
CA THR E 288 -73.02 40.76 -1.42
C THR E 288 -74.00 41.90 -1.58
N ILE E 289 -74.30 42.23 -2.84
CA ILE E 289 -75.28 43.25 -3.20
C ILE E 289 -76.27 42.59 -4.17
N SER E 290 -77.43 42.19 -3.66
CA SER E 290 -78.37 41.39 -4.43
C SER E 290 -79.56 42.25 -4.88
N LYS E 291 -79.78 42.29 -6.19
CA LYS E 291 -80.87 43.01 -6.83
C LYS E 291 -81.92 41.98 -7.22
N ASN E 292 -83.19 42.39 -7.26
CA ASN E 292 -84.29 41.49 -7.60
C ASN E 292 -85.48 42.29 -8.09
N THR E 293 -85.92 42.01 -9.33
CA THR E 293 -87.02 42.72 -9.97
C THR E 293 -88.11 41.73 -10.36
N SER E 294 -89.34 41.99 -9.92
CA SER E 294 -90.46 41.10 -10.24
C SER E 294 -91.70 41.93 -10.58
N THR E 295 -92.49 41.39 -11.50
CA THR E 295 -93.77 41.99 -11.90
C THR E 295 -94.83 40.90 -11.86
N SER E 296 -95.79 41.02 -10.95
CA SER E 296 -96.90 40.08 -10.85
C SER E 296 -98.18 40.74 -11.34
N ARG E 297 -99.01 39.95 -12.01
CA ARG E 297 -100.32 40.41 -12.48
C ARG E 297 -101.36 39.46 -11.89
N THR E 298 -101.90 39.85 -10.74
CA THR E 298 -102.76 38.98 -9.93
C THR E 298 -104.20 39.16 -10.41
N HIS E 299 -104.71 38.15 -11.11
CA HIS E 299 -105.97 38.24 -11.85
C HIS E 299 -107.10 37.69 -11.00
N THR E 300 -107.41 38.39 -9.91
CA THR E 300 -108.45 37.95 -8.99
C THR E 300 -109.82 38.17 -9.60
N SER E 301 -110.56 37.10 -9.83
CA SER E 301 -111.97 37.17 -10.22
C SER E 301 -112.82 36.70 -9.05
N GLU E 302 -114.13 36.98 -9.14
CA GLU E 302 -115.09 36.55 -8.13
C GLU E 302 -116.50 36.63 -8.71
N VAL E 303 -117.31 35.63 -8.40
CA VAL E 303 -118.72 35.62 -8.78
C VAL E 303 -119.52 35.73 -7.49
N HIS E 304 -120.30 36.80 -7.36
CA HIS E 304 -121.02 37.10 -6.13
C HIS E 304 -122.51 36.80 -6.30
N GLY E 305 -123.11 36.28 -5.23
CA GLY E 305 -124.53 36.02 -5.17
C GLY E 305 -125.01 35.96 -3.73
N ASN E 306 -126.04 36.73 -3.40
CA ASN E 306 -126.44 36.92 -2.01
C ASN E 306 -127.94 36.71 -1.86
N ALA E 307 -128.34 36.09 -0.75
CA ALA E 307 -129.74 35.84 -0.44
C ALA E 307 -129.97 36.15 1.03
N GLU E 308 -130.37 37.38 1.32
CA GLU E 308 -130.56 37.86 2.67
C GLU E 308 -132.03 38.16 2.94
N VAL E 309 -132.49 37.82 4.14
CA VAL E 309 -133.90 37.96 4.52
C VAL E 309 -134.06 39.20 5.39
N HIS E 310 -135.30 39.63 5.57
CA HIS E 310 -135.64 40.79 6.38
C HIS E 310 -136.82 40.47 7.27
N ALA E 311 -136.74 40.94 8.51
CA ALA E 311 -137.79 40.71 9.51
C ALA E 311 -138.36 42.07 9.92
N SER E 312 -139.55 42.39 9.42
CA SER E 312 -140.10 43.73 9.56
C SER E 312 -141.45 43.60 10.27
N PHE E 313 -142.25 44.67 10.21
CA PHE E 313 -143.52 44.72 10.92
C PHE E 313 -144.54 43.75 10.30
N PHE E 314 -144.89 43.96 9.02
CA PHE E 314 -145.76 43.05 8.30
C PHE E 314 -145.12 42.70 6.97
N ASP E 315 -144.31 43.61 6.46
CA ASP E 315 -143.72 43.49 5.12
C ASP E 315 -142.65 42.40 5.14
N ILE E 316 -142.86 41.36 4.34
CA ILE E 316 -141.94 40.25 4.25
C ILE E 316 -140.70 40.72 3.48
N GLY E 317 -139.58 40.07 3.69
CA GLY E 317 -138.34 40.48 3.08
C GLY E 317 -137.51 39.29 2.66
N GLY E 318 -136.92 39.40 1.48
CA GLY E 318 -136.04 38.37 0.96
C GLY E 318 -135.86 38.51 -0.52
N SER E 319 -134.62 38.34 -0.98
CA SER E 319 -134.28 38.49 -2.39
C SER E 319 -132.97 37.78 -2.67
N VAL E 320 -132.87 37.16 -3.84
CA VAL E 320 -131.65 36.49 -4.30
C VAL E 320 -130.92 37.43 -5.25
N SER E 321 -129.63 37.66 -4.99
CA SER E 321 -128.83 38.61 -5.74
C SER E 321 -127.78 37.90 -6.58
N ALA E 322 -127.12 38.66 -7.44
CA ALA E 322 -126.06 38.14 -8.30
C ALA E 322 -125.03 39.23 -8.53
N GLY E 323 -124.07 38.93 -9.41
CA GLY E 323 -123.03 39.89 -9.75
C GLY E 323 -121.81 39.19 -10.30
N PHE E 324 -120.78 39.98 -10.59
CA PHE E 324 -119.51 39.45 -11.07
C PHE E 324 -118.41 40.43 -10.71
N SER E 325 -117.24 39.91 -10.36
CA SER E 325 -116.09 40.74 -10.00
C SER E 325 -114.84 40.17 -10.63
N ASN E 326 -113.94 41.05 -11.06
CA ASN E 326 -112.64 40.62 -11.56
C ASN E 326 -111.64 41.75 -11.31
N SER E 327 -110.36 41.43 -11.46
CA SER E 327 -109.33 42.42 -11.24
C SER E 327 -108.09 42.10 -12.05
N ASN E 328 -107.24 43.12 -12.22
CA ASN E 328 -105.94 42.96 -12.83
C ASN E 328 -104.97 43.85 -12.05
N SER E 329 -104.40 43.31 -10.98
CA SER E 329 -103.39 44.06 -10.26
C SER E 329 -102.07 44.02 -11.01
N SER E 330 -101.14 44.88 -10.60
CA SER E 330 -99.81 44.92 -11.21
C SER E 330 -98.84 45.56 -10.23
N THR E 331 -97.90 44.78 -9.71
CA THR E 331 -96.85 45.28 -8.83
C THR E 331 -95.51 45.25 -9.55
N VAL E 332 -94.60 46.12 -9.12
CA VAL E 332 -93.22 46.14 -9.62
C VAL E 332 -92.32 46.11 -8.38
N ALA E 333 -91.95 44.91 -7.95
CA ALA E 333 -91.17 44.74 -6.73
C ALA E 333 -89.69 45.01 -7.05
N ILE E 334 -89.17 46.10 -6.52
CA ILE E 334 -87.81 46.54 -6.79
C ILE E 334 -87.00 46.39 -5.51
N ASP E 335 -85.94 45.59 -5.57
CA ASP E 335 -85.18 45.20 -4.38
C ASP E 335 -83.86 45.96 -4.31
N HIS E 336 -83.32 46.03 -3.10
CA HIS E 336 -81.98 46.54 -2.85
C HIS E 336 -81.46 45.83 -1.61
N SER E 337 -80.74 44.73 -1.78
CA SER E 337 -80.37 43.88 -0.65
C SER E 337 -78.86 43.79 -0.53
N LEU E 338 -78.36 44.10 0.66
CA LEU E 338 -76.93 44.16 0.94
C LEU E 338 -76.65 43.45 2.26
N SER E 339 -75.58 42.66 2.29
CA SER E 339 -75.22 41.90 3.48
C SER E 339 -73.71 41.95 3.70
N LEU E 340 -73.29 41.33 4.80
CA LEU E 340 -71.88 41.31 5.19
C LEU E 340 -71.72 40.19 6.22
N ALA E 341 -70.69 39.36 6.06
CA ALA E 341 -70.49 38.19 6.90
C ALA E 341 -69.01 38.02 7.22
N GLY E 342 -68.72 37.57 8.44
CA GLY E 342 -67.38 37.27 8.87
C GLY E 342 -67.26 35.80 9.25
N GLU E 343 -66.01 35.36 9.45
CA GLU E 343 -65.75 33.95 9.69
C GLU E 343 -64.42 33.81 10.41
N ARG E 344 -64.36 32.85 11.33
CA ARG E 344 -63.11 32.42 11.94
C ARG E 344 -63.09 30.91 11.95
N THR E 345 -61.89 30.33 11.98
CA THR E 345 -61.74 28.90 11.85
C THR E 345 -60.58 28.44 12.72
N TRP E 346 -60.72 27.25 13.28
CA TRP E 346 -59.66 26.58 14.01
C TRP E 346 -59.52 25.18 13.44
N ALA E 347 -58.30 24.69 13.32
CA ALA E 347 -58.06 23.35 12.82
C ALA E 347 -56.92 22.72 13.60
N GLU E 348 -56.87 21.39 13.58
CA GLU E 348 -55.89 20.64 14.36
C GLU E 348 -55.73 19.26 13.76
N THR E 349 -54.52 18.90 13.39
CA THR E 349 -54.24 17.65 12.69
C THR E 349 -53.14 16.91 13.43
N MET E 350 -53.19 15.57 13.41
CA MET E 350 -52.12 14.75 13.96
C MET E 350 -51.91 13.50 13.14
N GLY E 351 -50.91 13.51 12.26
CA GLY E 351 -50.58 12.37 11.46
C GLY E 351 -49.85 11.31 12.25
N LEU E 352 -49.51 10.22 11.56
CA LEU E 352 -48.85 9.07 12.17
C LEU E 352 -48.28 8.24 11.03
N ASN E 353 -47.64 7.13 11.39
CA ASN E 353 -47.27 6.07 10.45
C ASN E 353 -47.13 4.79 11.25
N THR E 354 -47.66 3.70 10.73
CA THR E 354 -47.74 2.47 11.49
C THR E 354 -46.58 1.54 11.24
N ALA E 355 -45.46 2.04 10.76
CA ALA E 355 -44.21 1.29 10.75
C ALA E 355 -43.06 2.06 11.35
N ASP E 356 -43.20 3.37 11.51
CA ASP E 356 -42.18 4.24 12.07
C ASP E 356 -42.80 5.03 13.21
N THR E 357 -43.50 4.35 14.10
CA THR E 357 -44.27 5.05 15.10
C THR E 357 -43.40 5.66 16.20
N ALA E 358 -42.25 5.07 16.50
CA ALA E 358 -41.38 5.67 17.50
C ALA E 358 -39.94 5.31 17.18
N ARG E 359 -39.03 6.11 17.72
CA ARG E 359 -37.61 5.89 17.53
C ARG E 359 -36.95 5.63 18.86
N LEU E 360 -36.03 4.70 18.91
CA LEU E 360 -35.41 4.35 20.18
C LEU E 360 -34.06 5.01 20.35
N ASN E 361 -33.60 5.02 21.59
CA ASN E 361 -32.30 5.57 21.96
C ASN E 361 -31.93 4.93 23.29
N ALA E 362 -30.86 4.17 23.30
CA ALA E 362 -30.45 3.44 24.49
C ALA E 362 -29.17 4.04 25.03
N ASN E 363 -29.07 4.12 26.34
CA ASN E 363 -27.87 4.61 27.00
C ASN E 363 -27.18 3.42 27.63
N ILE E 364 -25.95 3.14 27.21
CA ILE E 364 -25.25 1.93 27.59
C ILE E 364 -23.94 2.29 28.26
N ARG E 365 -23.32 1.30 28.88
CA ARG E 365 -22.01 1.47 29.50
C ARG E 365 -21.33 0.12 29.59
N TYR E 366 -20.06 0.04 29.20
CA TYR E 366 -19.35 -1.22 29.11
C TYR E 366 -18.57 -1.45 30.38
N VAL E 367 -18.39 -2.72 30.75
CA VAL E 367 -17.57 -3.09 31.91
C VAL E 367 -16.63 -4.20 31.48
N ASN E 368 -15.38 -4.17 31.96
CA ASN E 368 -14.43 -5.25 31.70
C ASN E 368 -13.93 -5.77 33.03
N THR E 369 -14.44 -6.92 33.45
CA THR E 369 -14.06 -7.51 34.72
C THR E 369 -13.12 -8.70 34.55
N GLY E 370 -12.25 -8.66 33.57
CA GLY E 370 -11.34 -9.73 33.29
C GLY E 370 -9.95 -9.44 33.80
N THR E 371 -8.95 -9.98 33.10
CA THR E 371 -7.56 -9.81 33.51
C THR E 371 -6.66 -9.23 32.43
N ALA E 372 -7.21 -8.74 31.32
CA ALA E 372 -6.39 -8.23 30.25
C ALA E 372 -7.19 -7.17 29.50
N PRO E 373 -6.57 -6.11 29.03
CA PRO E 373 -7.33 -5.05 28.38
C PRO E 373 -7.69 -5.42 26.97
N ILE E 374 -8.80 -4.88 26.51
CA ILE E 374 -9.27 -5.10 25.15
C ILE E 374 -9.38 -3.74 24.48
N TYR E 375 -8.85 -3.63 23.28
CA TYR E 375 -8.75 -2.38 22.56
C TYR E 375 -9.77 -2.35 21.45
N ASN E 376 -10.21 -1.14 21.11
CA ASN E 376 -11.14 -0.88 20.00
C ASN E 376 -12.44 -1.67 20.14
N VAL E 377 -13.09 -1.53 21.29
CA VAL E 377 -14.19 -2.40 21.65
C VAL E 377 -15.43 -2.02 20.85
N LEU E 378 -16.13 -3.02 20.32
CA LEU E 378 -17.35 -2.81 19.55
C LEU E 378 -18.28 -3.97 19.82
N PRO E 379 -19.28 -3.79 20.69
CA PRO E 379 -20.19 -4.89 20.99
C PRO E 379 -21.41 -4.95 20.08
N THR E 380 -21.72 -6.15 19.62
CA THR E 380 -22.96 -6.43 18.91
C THR E 380 -24.03 -6.76 19.92
N THR E 381 -25.17 -6.07 19.85
CA THR E 381 -26.16 -6.19 20.89
C THR E 381 -27.55 -5.95 20.34
N SER E 382 -28.54 -6.57 20.97
CA SER E 382 -29.88 -6.66 20.41
C SER E 382 -30.93 -6.27 21.42
N LEU E 383 -31.90 -5.46 20.97
CA LEU E 383 -32.94 -4.90 21.83
C LEU E 383 -34.15 -5.81 21.79
N VAL E 384 -34.48 -6.43 22.92
CA VAL E 384 -35.46 -7.50 22.97
C VAL E 384 -36.71 -6.97 23.64
N LEU E 385 -37.80 -6.90 22.91
CA LEU E 385 -39.08 -6.48 23.46
C LEU E 385 -39.87 -7.70 23.87
N GLY E 386 -40.43 -7.67 25.07
CA GLY E 386 -41.28 -8.76 25.48
C GLY E 386 -40.43 -9.92 25.93
N LYS E 387 -40.85 -11.14 25.61
CA LYS E 387 -40.09 -12.30 26.05
C LYS E 387 -38.86 -12.50 25.18
N ASN E 388 -39.05 -12.78 23.90
CA ASN E 388 -37.92 -12.86 22.99
C ASN E 388 -38.28 -12.32 21.60
N GLN E 389 -38.92 -11.16 21.54
CA GLN E 389 -39.18 -10.51 20.27
C GLN E 389 -38.18 -9.39 20.08
N THR E 390 -37.39 -9.47 19.00
CA THR E 390 -36.26 -8.58 18.80
C THR E 390 -36.64 -7.44 17.85
N LEU E 391 -36.44 -6.21 18.28
CA LEU E 391 -36.68 -5.07 17.41
C LEU E 391 -35.52 -4.77 16.48
N ALA E 392 -34.29 -4.98 16.95
CA ALA E 392 -33.12 -4.64 16.16
C ALA E 392 -31.91 -5.38 16.72
N THR E 393 -30.89 -5.48 15.89
CA THR E 393 -29.59 -6.00 16.30
C THR E 393 -28.54 -5.06 15.74
N ILE E 394 -27.79 -4.41 16.62
CA ILE E 394 -26.91 -3.32 16.24
C ILE E 394 -25.50 -3.71 16.60
N LYS E 395 -24.60 -3.68 15.63
CA LYS E 395 -23.19 -3.59 15.96
C LYS E 395 -22.90 -2.17 16.39
N ALA E 396 -21.91 -1.99 17.23
CA ALA E 396 -21.61 -0.65 17.68
C ALA E 396 -20.92 0.13 16.59
N LYS E 397 -21.42 1.31 16.27
CA LYS E 397 -20.88 2.10 15.18
C LYS E 397 -19.65 2.85 15.67
N GLU E 398 -19.13 3.77 14.85
CA GLU E 398 -17.90 4.46 15.20
C GLU E 398 -18.09 5.45 16.33
N ASN E 399 -19.30 5.93 16.55
CA ASN E 399 -19.55 6.85 17.65
C ASN E 399 -19.46 6.17 19.01
N GLN E 400 -19.68 4.87 19.07
CA GLN E 400 -19.69 4.13 20.32
C GLN E 400 -18.49 3.22 20.45
N LEU E 401 -17.44 3.46 19.69
CA LEU E 401 -16.21 2.71 19.83
C LEU E 401 -15.51 3.12 21.12
N SER E 402 -14.94 2.15 21.81
CA SER E 402 -14.19 2.39 23.03
C SER E 402 -12.75 2.01 22.77
N GLN E 403 -11.83 2.93 22.97
CA GLN E 403 -10.48 2.69 22.47
C GLN E 403 -9.67 1.81 23.37
N ILE E 404 -9.90 1.81 24.67
CA ILE E 404 -9.25 0.85 25.57
C ILE E 404 -10.15 0.63 26.78
N LEU E 405 -10.37 -0.64 27.12
CA LEU E 405 -11.16 -1.01 28.29
C LEU E 405 -10.29 -1.89 29.19
N ALA E 406 -9.56 -1.26 30.10
CA ALA E 406 -8.69 -1.95 31.03
C ALA E 406 -9.52 -2.77 32.01
N PRO E 407 -8.92 -3.76 32.68
CA PRO E 407 -9.69 -4.56 33.63
C PRO E 407 -10.20 -3.75 34.83
N ASN E 408 -11.44 -4.05 35.20
CA ASN E 408 -12.21 -3.36 36.24
C ASN E 408 -12.38 -1.88 35.92
N ASN E 409 -12.68 -1.57 34.66
CA ASN E 409 -12.89 -0.20 34.25
C ASN E 409 -14.14 -0.11 33.37
N TYR E 410 -14.67 1.10 33.26
CA TYR E 410 -15.90 1.36 32.54
C TYR E 410 -15.62 2.27 31.36
N TYR E 411 -16.50 2.23 30.36
CA TYR E 411 -16.49 3.29 29.38
C TYR E 411 -17.92 3.75 29.14
N PRO E 412 -18.23 5.02 29.34
CA PRO E 412 -17.43 6.08 29.92
C PRO E 412 -17.36 5.88 31.41
N SER E 413 -16.40 6.49 32.09
CA SER E 413 -16.19 6.24 33.50
C SER E 413 -17.43 6.62 34.31
N LYS E 414 -17.54 6.05 35.50
CA LYS E 414 -18.81 6.18 36.22
C LYS E 414 -19.00 7.53 36.88
N ASN E 415 -18.12 8.49 36.66
CA ASN E 415 -18.42 9.89 36.92
C ASN E 415 -18.91 10.61 35.69
N LEU E 416 -19.30 9.88 34.64
CA LEU E 416 -19.74 10.47 33.40
C LEU E 416 -21.03 9.82 32.95
N ALA E 417 -21.80 10.57 32.17
CA ALA E 417 -23.06 10.08 31.66
C ALA E 417 -22.82 9.07 30.56
N PRO E 418 -23.72 8.09 30.40
CA PRO E 418 -23.48 7.02 29.44
C PRO E 418 -23.61 7.50 28.00
N ILE E 419 -23.23 6.65 27.08
CA ILE E 419 -23.23 6.99 25.67
C ILE E 419 -24.52 6.52 25.05
N ALA E 420 -24.98 7.23 24.05
CA ALA E 420 -26.21 6.89 23.37
C ALA E 420 -25.92 6.02 22.17
N LEU E 421 -26.67 4.95 22.02
CA LEU E 421 -26.66 4.12 20.82
C LEU E 421 -28.00 4.36 20.14
N ASN E 422 -28.01 5.13 19.06
CA ASN E 422 -29.27 5.51 18.45
C ASN E 422 -29.22 5.45 16.95
N ALA E 423 -28.54 4.46 16.39
CA ALA E 423 -28.41 4.42 14.94
C ALA E 423 -28.23 2.99 14.47
N GLN E 424 -28.51 2.78 13.19
CA GLN E 424 -28.52 1.43 12.65
C GLN E 424 -27.78 1.28 11.32
N ASP E 425 -27.64 2.34 10.51
CA ASP E 425 -26.76 2.31 9.35
C ASP E 425 -25.31 2.11 9.71
N ASP E 426 -24.47 1.88 8.71
CA ASP E 426 -23.05 1.90 8.97
C ASP E 426 -22.54 3.31 9.21
N PHE E 427 -23.28 4.33 8.81
CA PHE E 427 -22.84 5.71 8.87
C PHE E 427 -23.65 6.54 9.85
N SER E 428 -24.49 5.89 10.65
CA SER E 428 -25.31 6.53 11.68
C SER E 428 -26.25 7.58 11.12
N SER E 429 -27.00 7.21 10.09
CA SER E 429 -27.97 8.13 9.51
C SER E 429 -29.36 7.49 9.43
N THR E 430 -29.64 6.56 10.33
CA THR E 430 -30.90 5.86 10.32
C THR E 430 -31.23 5.54 11.76
N PRO E 431 -32.38 5.96 12.27
CA PRO E 431 -32.72 5.64 13.64
C PRO E 431 -33.29 4.25 13.77
N ILE E 432 -33.06 3.65 14.95
CA ILE E 432 -33.74 2.43 15.33
C ILE E 432 -35.22 2.76 15.49
N THR E 433 -36.09 2.00 14.86
CA THR E 433 -37.52 2.33 14.85
C THR E 433 -38.34 1.21 15.45
N MET E 434 -39.66 1.34 15.34
CA MET E 434 -40.62 0.54 16.08
C MET E 434 -42.03 0.75 15.52
N ASN E 435 -42.77 -0.30 15.22
CA ASN E 435 -44.08 -0.09 14.62
C ASN E 435 -45.12 0.11 15.71
N TYR E 436 -46.40 0.10 15.35
CA TYR E 436 -47.44 0.56 16.25
C TYR E 436 -47.77 -0.45 17.34
N ASN E 437 -47.82 -1.73 16.98
CA ASN E 437 -48.15 -2.76 17.97
C ASN E 437 -47.05 -2.91 19.00
N GLN E 438 -45.80 -2.83 18.56
CA GLN E 438 -44.67 -2.90 19.47
C GLN E 438 -44.64 -1.68 20.38
N PHE E 439 -45.05 -0.53 19.87
CA PHE E 439 -45.07 0.68 20.68
C PHE E 439 -46.17 0.63 21.73
N LEU E 440 -47.32 0.05 21.38
CA LEU E 440 -48.38 -0.11 22.37
C LEU E 440 -47.99 -1.12 23.44
N GLU E 441 -47.35 -2.22 23.05
CA GLU E 441 -46.88 -3.20 24.02
C GLU E 441 -45.81 -2.61 24.94
N LEU E 442 -44.97 -1.74 24.41
CA LEU E 442 -43.97 -1.09 25.24
C LEU E 442 -44.58 -0.05 26.16
N GLU E 443 -45.66 0.61 25.72
CA GLU E 443 -46.33 1.55 26.60
C GLU E 443 -47.10 0.84 27.70
N LYS E 444 -47.61 -0.34 27.42
CA LYS E 444 -48.30 -1.08 28.47
C LYS E 444 -47.32 -1.71 29.45
N THR E 445 -46.37 -2.50 28.95
CA THR E 445 -45.65 -3.42 29.80
C THR E 445 -44.33 -2.88 30.33
N LYS E 446 -43.73 -1.89 29.65
CA LYS E 446 -42.44 -1.29 30.01
C LYS E 446 -41.34 -2.34 30.11
N GLN E 447 -41.38 -3.33 29.23
CA GLN E 447 -40.52 -4.49 29.32
C GLN E 447 -39.61 -4.52 28.10
N LEU E 448 -38.37 -4.09 28.27
CA LEU E 448 -37.43 -4.00 27.16
C LEU E 448 -36.04 -4.15 27.72
N ARG E 449 -35.28 -5.12 27.24
CA ARG E 449 -33.95 -5.37 27.72
C ARG E 449 -32.98 -5.37 26.56
N LEU E 450 -31.69 -5.52 26.86
CA LEU E 450 -30.66 -5.43 25.85
C LEU E 450 -29.64 -6.52 26.10
N ASP E 451 -29.59 -7.51 25.22
CA ASP E 451 -28.68 -8.64 25.34
C ASP E 451 -27.29 -8.25 24.87
N THR E 452 -26.36 -9.21 24.91
CA THR E 452 -25.02 -8.98 24.42
C THR E 452 -24.54 -10.26 23.76
N ASP E 453 -24.54 -10.26 22.43
CA ASP E 453 -24.23 -11.50 21.73
C ASP E 453 -22.73 -11.75 21.64
N GLN E 454 -21.95 -10.73 21.30
CA GLN E 454 -20.52 -10.92 21.11
C GLN E 454 -19.85 -9.58 21.32
N VAL E 455 -18.52 -9.59 21.36
CA VAL E 455 -17.73 -8.38 21.55
C VAL E 455 -16.53 -8.45 20.62
N TYR E 456 -16.35 -7.42 19.80
CA TYR E 456 -15.15 -7.29 18.99
C TYR E 456 -14.07 -6.57 19.78
N GLY E 457 -12.82 -6.84 19.48
CA GLY E 457 -11.76 -6.09 20.11
C GLY E 457 -10.37 -6.62 19.85
N ASN E 458 -9.36 -5.76 19.83
CA ASN E 458 -8.02 -6.11 19.38
C ASN E 458 -7.10 -6.47 20.55
N ILE E 459 -5.88 -6.86 20.21
CA ILE E 459 -4.84 -7.28 21.15
C ILE E 459 -3.63 -6.41 20.90
N ALA E 460 -2.89 -6.10 21.97
CA ALA E 460 -1.67 -5.31 21.84
C ALA E 460 -0.50 -6.08 22.41
N THR E 461 0.56 -6.23 21.62
CA THR E 461 1.68 -7.11 21.91
C THR E 461 2.97 -6.32 22.03
N TYR E 462 3.92 -6.87 22.78
CA TYR E 462 5.14 -6.16 23.14
C TYR E 462 6.13 -6.19 21.99
N ASN E 463 6.45 -5.02 21.46
CA ASN E 463 7.45 -4.87 20.41
C ASN E 463 8.84 -4.96 21.03
N PHE E 464 9.63 -5.93 20.61
CA PHE E 464 10.92 -6.15 21.26
C PHE E 464 12.00 -5.18 20.82
N GLU E 465 11.85 -4.56 19.65
CA GLU E 465 12.86 -3.62 19.19
C GLU E 465 12.91 -2.38 20.07
N ASN E 466 11.81 -1.63 20.12
CA ASN E 466 11.80 -0.35 20.78
C ASN E 466 10.93 -0.35 22.03
N GLY E 467 10.60 -1.52 22.57
CA GLY E 467 9.95 -1.60 23.85
C GLY E 467 8.53 -1.07 23.91
N ARG E 468 7.89 -0.88 22.77
CA ARG E 468 6.56 -0.30 22.79
C ARG E 468 5.51 -1.39 22.76
N VAL E 469 4.27 -0.97 22.91
CA VAL E 469 3.12 -1.85 22.91
C VAL E 469 2.21 -1.36 21.80
N ARG E 470 1.97 -2.20 20.81
CA ARG E 470 1.42 -1.75 19.53
C ARG E 470 0.27 -2.65 19.13
N VAL E 471 -0.89 -2.04 18.85
CA VAL E 471 -2.12 -2.78 18.60
C VAL E 471 -2.09 -3.37 17.21
N ASP E 472 -2.13 -4.69 17.12
CA ASP E 472 -2.22 -5.36 15.84
C ASP E 472 -3.67 -5.33 15.40
N THR E 473 -3.98 -4.57 14.36
CA THR E 473 -5.35 -4.39 13.94
C THR E 473 -5.86 -5.54 13.09
N GLY E 474 -5.02 -6.53 12.81
CA GLY E 474 -5.46 -7.71 12.12
C GLY E 474 -5.89 -8.85 13.01
N SER E 475 -5.84 -8.68 14.32
CA SER E 475 -6.14 -9.73 15.27
C SER E 475 -7.23 -9.28 16.20
N ASN E 476 -8.17 -10.17 16.50
CA ASN E 476 -9.15 -9.89 17.52
C ASN E 476 -9.14 -10.98 18.58
N TRP E 477 -9.86 -10.73 19.66
CA TRP E 477 -9.86 -11.65 20.80
C TRP E 477 -10.76 -12.85 20.60
N SER E 478 -11.52 -12.92 19.52
CA SER E 478 -12.36 -14.09 19.28
C SER E 478 -11.61 -15.21 18.61
N GLU E 479 -10.35 -15.01 18.26
CA GLU E 479 -9.49 -16.10 17.84
C GLU E 479 -8.80 -16.76 19.02
N VAL E 480 -8.77 -16.10 20.17
CA VAL E 480 -7.96 -16.51 21.30
C VAL E 480 -8.80 -17.11 22.41
N LEU E 481 -9.92 -16.47 22.73
CA LEU E 481 -10.79 -16.94 23.81
C LEU E 481 -11.28 -18.39 23.68
N PRO E 482 -11.65 -18.92 22.51
CA PRO E 482 -11.96 -20.35 22.47
C PRO E 482 -10.75 -21.26 22.58
N GLN E 483 -9.52 -20.74 22.57
CA GLN E 483 -8.37 -21.57 22.89
C GLN E 483 -8.04 -21.54 24.37
N ILE E 484 -8.38 -20.47 25.07
CA ILE E 484 -8.27 -20.44 26.51
C ILE E 484 -9.38 -21.27 27.12
N GLN E 485 -10.53 -21.34 26.46
CA GLN E 485 -11.66 -22.04 27.06
C GLN E 485 -11.58 -23.55 26.93
N GLU E 486 -10.72 -24.08 26.07
CA GLU E 486 -10.71 -25.50 25.80
C GLU E 486 -9.49 -26.20 26.37
N THR E 487 -8.56 -25.48 26.98
CA THR E 487 -7.39 -26.09 27.56
C THR E 487 -7.24 -25.85 29.05
N THR E 488 -8.08 -25.02 29.65
CA THR E 488 -7.88 -24.58 31.01
C THR E 488 -9.03 -25.01 31.91
N ALA E 489 -8.96 -24.60 33.16
CA ALA E 489 -9.92 -24.97 34.17
C ALA E 489 -10.45 -23.72 34.85
N ARG E 490 -11.75 -23.55 34.87
CA ARG E 490 -12.34 -22.38 35.49
C ARG E 490 -12.50 -22.61 36.98
N ILE E 491 -12.32 -21.55 37.76
CA ILE E 491 -12.60 -21.56 39.19
C ILE E 491 -13.26 -20.24 39.52
N ILE E 492 -14.50 -20.27 39.98
CA ILE E 492 -15.24 -19.06 40.34
C ILE E 492 -15.33 -19.02 41.85
N PHE E 493 -15.19 -17.83 42.43
CA PHE E 493 -15.01 -17.72 43.86
C PHE E 493 -15.42 -16.34 44.32
N ASN E 494 -16.41 -16.28 45.20
CA ASN E 494 -16.92 -14.99 45.66
C ASN E 494 -16.69 -14.80 47.15
N GLY E 495 -15.49 -15.12 47.61
CA GLY E 495 -15.20 -14.87 49.00
C GLY E 495 -14.75 -13.46 49.32
N LYS E 496 -14.42 -12.66 48.32
CA LYS E 496 -13.91 -11.31 48.54
C LYS E 496 -15.03 -10.32 48.22
N ASP E 497 -15.63 -9.79 49.28
CA ASP E 497 -16.76 -8.85 49.26
C ASP E 497 -17.99 -9.42 48.57
N LEU E 498 -18.08 -10.75 48.53
CA LEU E 498 -19.21 -11.50 47.99
C LEU E 498 -19.52 -11.10 46.55
N ASN E 499 -18.47 -10.95 45.76
CA ASN E 499 -18.59 -10.65 44.34
C ASN E 499 -17.83 -11.71 43.56
N LEU E 500 -18.43 -12.20 42.50
CA LEU E 500 -17.83 -13.29 41.74
C LEU E 500 -16.64 -12.79 40.94
N VAL E 501 -15.52 -13.47 41.11
CA VAL E 501 -14.38 -13.30 40.21
C VAL E 501 -14.18 -14.63 39.52
N GLU E 502 -13.54 -14.59 38.36
CA GLU E 502 -13.43 -15.77 37.50
C GLU E 502 -12.02 -15.86 36.97
N ARG E 503 -11.37 -16.98 37.23
CA ARG E 503 -9.99 -17.19 36.81
C ARG E 503 -9.89 -18.48 36.03
N ARG E 504 -8.83 -18.63 35.26
CA ARG E 504 -8.59 -19.82 34.46
C ARG E 504 -7.15 -20.23 34.60
N ILE E 505 -6.92 -21.51 34.86
CA ILE E 505 -5.61 -22.05 35.18
C ILE E 505 -5.32 -23.19 34.20
N ALA E 506 -4.11 -23.21 33.65
CA ALA E 506 -3.79 -24.18 32.61
C ALA E 506 -3.65 -25.57 33.18
N ALA E 507 -4.53 -26.48 32.75
CA ALA E 507 -4.53 -27.85 33.23
C ALA E 507 -4.46 -28.83 32.06
N VAL E 508 -4.18 -30.09 32.39
CA VAL E 508 -3.79 -31.08 31.41
C VAL E 508 -5.01 -31.76 30.81
N ASN E 509 -5.10 -31.74 29.48
CA ASN E 509 -6.09 -32.54 28.76
C ASN E 509 -5.41 -33.83 28.33
N PRO E 510 -5.76 -34.98 28.88
CA PRO E 510 -4.95 -36.18 28.64
C PRO E 510 -5.19 -36.88 27.31
N SER E 511 -5.80 -36.21 26.35
CA SER E 511 -6.05 -36.78 25.04
C SER E 511 -5.67 -35.82 23.93
N ASP E 512 -4.61 -35.04 24.14
CA ASP E 512 -4.17 -34.03 23.19
C ASP E 512 -2.68 -33.84 23.43
N PRO E 513 -1.83 -34.44 22.60
CA PRO E 513 -0.41 -34.58 22.97
C PRO E 513 0.37 -33.29 23.05
N LEU E 514 -0.18 -32.16 22.63
CA LEU E 514 0.41 -30.89 22.98
C LEU E 514 0.08 -30.50 24.41
N GLU E 515 -1.08 -30.90 24.91
CA GLU E 515 -1.50 -30.44 26.21
C GLU E 515 -0.97 -31.28 27.36
N THR E 516 -0.37 -32.44 27.09
CA THR E 516 0.22 -33.22 28.15
C THR E 516 1.67 -32.85 28.41
N THR E 517 2.08 -31.64 28.03
CA THR E 517 3.39 -31.10 28.31
C THR E 517 3.35 -30.00 29.35
N LYS E 518 2.19 -29.42 29.61
CA LYS E 518 2.05 -28.44 30.67
C LYS E 518 2.18 -29.14 32.02
N PRO E 519 2.73 -28.47 33.03
CA PRO E 519 2.99 -29.15 34.31
C PRO E 519 1.71 -29.43 35.07
N ASP E 520 1.85 -30.29 36.06
CA ASP E 520 0.71 -30.78 36.81
C ASP E 520 0.21 -29.73 37.79
N MET E 521 -1.10 -29.64 37.92
CA MET E 521 -1.74 -28.58 38.67
C MET E 521 -2.64 -29.21 39.72
N THR E 522 -2.32 -28.99 40.98
CA THR E 522 -3.20 -29.42 42.05
C THR E 522 -4.27 -28.37 42.27
N LEU E 523 -5.27 -28.70 43.08
CA LEU E 523 -6.28 -27.71 43.41
C LEU E 523 -5.73 -26.68 44.38
N LYS E 524 -4.86 -27.11 45.29
CA LYS E 524 -4.30 -26.18 46.26
C LYS E 524 -3.36 -25.18 45.59
N GLU E 525 -2.56 -25.63 44.63
CA GLU E 525 -1.66 -24.72 43.93
C GLU E 525 -2.42 -23.75 43.05
N ALA E 526 -3.50 -24.22 42.42
CA ALA E 526 -4.32 -23.34 41.60
C ALA E 526 -5.02 -22.30 42.45
N LEU E 527 -5.48 -22.69 43.63
CA LEU E 527 -6.07 -21.73 44.56
C LEU E 527 -5.03 -20.76 45.06
N LYS E 528 -3.79 -21.20 45.21
CA LYS E 528 -2.77 -20.36 45.82
C LYS E 528 -2.19 -19.36 44.83
N ILE E 529 -2.14 -19.70 43.54
CA ILE E 529 -1.59 -18.78 42.55
C ILE E 529 -2.65 -17.99 41.80
N ALA E 530 -3.93 -18.37 41.90
CA ALA E 530 -4.95 -17.67 41.15
C ALA E 530 -5.64 -16.57 41.95
N PHE E 531 -5.86 -16.79 43.25
CA PHE E 531 -6.64 -15.87 44.05
C PHE E 531 -5.88 -15.28 45.22
N GLY E 532 -4.80 -15.88 45.65
CA GLY E 532 -4.08 -15.31 46.77
C GLY E 532 -4.38 -15.99 48.07
N PHE E 533 -4.70 -17.28 48.02
CA PHE E 533 -4.67 -18.07 49.22
C PHE E 533 -3.23 -18.24 49.68
N ASN E 534 -3.04 -18.51 50.96
CA ASN E 534 -1.73 -18.81 51.47
C ASN E 534 -1.87 -19.65 52.73
N GLU E 535 -0.85 -20.45 53.01
CA GLU E 535 -0.82 -21.24 54.22
C GLU E 535 0.18 -20.66 55.23
N PRO E 536 -0.27 -19.89 56.20
CA PRO E 536 0.67 -19.20 57.09
C PRO E 536 1.21 -20.11 58.18
N ASN E 537 0.43 -21.11 58.59
CA ASN E 537 0.83 -22.01 59.67
C ASN E 537 0.77 -23.47 59.25
N GLY E 538 0.80 -23.73 57.95
CA GLY E 538 0.61 -25.08 57.47
C GLY E 538 -0.82 -25.47 57.21
N ASN E 539 -1.72 -24.50 57.11
CA ASN E 539 -3.11 -24.74 56.76
C ASN E 539 -3.55 -23.66 55.80
N LEU E 540 -4.15 -24.07 54.68
CA LEU E 540 -4.52 -23.14 53.62
C LEU E 540 -5.61 -22.19 54.10
N GLN E 541 -5.41 -20.90 53.87
CA GLN E 541 -6.34 -19.88 54.29
C GLN E 541 -6.52 -18.85 53.19
N TYR E 542 -7.58 -18.06 53.33
CA TYR E 542 -7.69 -16.76 52.68
C TYR E 542 -6.97 -15.72 53.55
N GLN E 543 -7.29 -14.44 53.37
CA GLN E 543 -6.67 -13.38 54.18
C GLN E 543 -6.90 -13.60 55.67
N GLY E 544 -8.11 -13.94 56.07
CA GLY E 544 -8.27 -14.35 57.44
C GLY E 544 -9.04 -15.64 57.60
N LYS E 545 -9.85 -15.97 56.60
CA LYS E 545 -10.75 -17.09 56.72
C LYS E 545 -10.03 -18.39 56.43
N ASP E 546 -10.31 -19.40 57.24
CA ASP E 546 -9.78 -20.73 56.98
C ASP E 546 -10.53 -21.36 55.81
N ILE E 547 -9.97 -22.44 55.27
CA ILE E 547 -10.49 -22.98 54.02
C ILE E 547 -11.79 -23.74 54.25
N THR E 548 -11.97 -24.27 55.46
CA THR E 548 -13.15 -25.09 55.75
C THR E 548 -14.44 -24.28 55.85
N GLU E 549 -14.35 -22.96 55.87
CA GLU E 549 -15.54 -22.10 55.84
C GLU E 549 -16.08 -21.90 54.44
N PHE E 550 -15.46 -22.49 53.42
CA PHE E 550 -15.93 -22.45 52.04
C PHE E 550 -16.38 -23.85 51.61
N ASP E 551 -17.07 -23.91 50.48
CA ASP E 551 -17.44 -25.21 49.94
C ASP E 551 -17.46 -25.17 48.43
N PHE E 552 -17.06 -26.29 47.83
CA PHE E 552 -16.94 -26.42 46.40
C PHE E 552 -18.21 -27.02 45.82
N ASN E 553 -18.65 -26.48 44.70
CA ASN E 553 -19.79 -27.00 43.96
C ASN E 553 -19.41 -27.12 42.51
N PHE E 554 -19.24 -28.33 42.04
CA PHE E 554 -18.79 -28.57 40.67
C PHE E 554 -19.98 -28.61 39.73
N ASP E 555 -19.77 -29.12 38.51
CA ASP E 555 -20.86 -29.53 37.65
C ASP E 555 -20.68 -31.02 37.35
N GLN E 556 -21.40 -31.54 36.36
CA GLN E 556 -21.64 -32.98 36.23
C GLN E 556 -20.37 -33.76 35.94
N GLN E 557 -19.74 -33.49 34.80
CA GLN E 557 -18.53 -34.22 34.41
C GLN E 557 -17.38 -33.95 35.38
N THR E 558 -17.33 -32.75 35.94
CA THR E 558 -16.32 -32.41 36.93
C THR E 558 -16.49 -33.24 38.19
N SER E 559 -17.73 -33.35 38.68
CA SER E 559 -17.97 -34.10 39.92
C SER E 559 -17.79 -35.59 39.71
N GLN E 560 -18.07 -36.07 38.50
CA GLN E 560 -17.67 -37.42 38.10
C GLN E 560 -16.17 -37.62 38.28
N ASN E 561 -15.37 -36.70 37.74
CA ASN E 561 -13.92 -36.79 37.86
C ASN E 561 -13.43 -36.65 39.31
N ILE E 562 -14.12 -35.82 40.10
CA ILE E 562 -13.73 -35.61 41.49
C ILE E 562 -14.00 -36.86 42.32
N LYS E 563 -15.14 -37.52 42.06
CA LYS E 563 -15.42 -38.76 42.78
C LYS E 563 -14.50 -39.89 42.34
N ASN E 564 -14.11 -39.91 41.06
CA ASN E 564 -13.12 -40.87 40.60
C ASN E 564 -11.78 -40.68 41.30
N GLN E 565 -11.36 -39.43 41.50
CA GLN E 565 -10.08 -39.21 42.17
C GLN E 565 -10.18 -39.46 43.67
N LEU E 566 -11.31 -39.15 44.28
CA LEU E 566 -11.49 -39.42 45.70
C LEU E 566 -11.63 -40.91 45.98
N ALA E 567 -12.01 -41.70 44.99
CA ALA E 567 -12.01 -43.14 45.16
C ALA E 567 -10.60 -43.68 45.39
N GLU E 568 -9.70 -43.42 44.44
CA GLU E 568 -8.39 -44.06 44.44
C GLU E 568 -7.48 -43.59 45.56
N LEU E 569 -7.78 -42.47 46.19
CA LEU E 569 -6.95 -42.02 47.30
C LEU E 569 -7.32 -42.68 48.61
N ASN E 570 -8.36 -43.51 48.63
CA ASN E 570 -8.99 -44.03 49.85
C ASN E 570 -9.37 -42.89 50.79
N ALA E 571 -9.89 -41.82 50.22
CA ALA E 571 -10.18 -40.60 50.94
C ALA E 571 -11.67 -40.32 50.91
N THR E 572 -12.13 -39.51 51.85
CA THR E 572 -13.54 -39.20 51.99
C THR E 572 -13.85 -37.72 52.10
N ASN E 573 -12.87 -36.86 52.41
CA ASN E 573 -13.13 -35.44 52.54
C ASN E 573 -12.16 -34.68 51.65
N ILE E 574 -12.69 -33.76 50.83
CA ILE E 574 -11.86 -32.99 49.94
C ILE E 574 -10.97 -32.00 50.69
N TYR E 575 -11.33 -31.66 51.93
CA TYR E 575 -10.60 -30.64 52.66
C TYR E 575 -9.29 -31.14 53.23
N THR E 576 -9.06 -32.45 53.17
CA THR E 576 -7.80 -33.04 53.58
C THR E 576 -6.96 -33.53 52.41
N VAL E 577 -7.52 -33.58 51.21
CA VAL E 577 -6.77 -33.95 50.02
C VAL E 577 -6.85 -32.82 48.99
N LEU E 578 -6.88 -31.58 49.47
CA LEU E 578 -6.87 -30.42 48.57
C LEU E 578 -5.59 -30.29 47.78
N ASP E 579 -4.52 -30.99 48.17
CA ASP E 579 -3.25 -30.95 47.49
C ASP E 579 -2.91 -32.26 46.80
N LYS E 580 -3.92 -33.08 46.51
CA LYS E 580 -3.71 -34.28 45.72
C LYS E 580 -4.75 -34.42 44.63
N ILE E 581 -5.57 -33.41 44.43
CA ILE E 581 -6.59 -33.40 43.39
C ILE E 581 -5.93 -32.97 42.08
N LYS E 582 -6.08 -33.78 41.04
CA LYS E 582 -5.64 -33.38 39.72
C LYS E 582 -6.70 -32.51 39.08
N LEU E 583 -6.30 -31.35 38.57
CA LEU E 583 -7.19 -30.62 37.69
C LEU E 583 -6.93 -31.05 36.26
N ASN E 584 -8.00 -31.06 35.47
CA ASN E 584 -7.92 -31.32 34.05
C ASN E 584 -8.53 -30.14 33.32
N ALA E 585 -8.50 -30.20 31.99
CA ALA E 585 -9.08 -29.12 31.23
C ALA E 585 -10.59 -29.20 31.27
N LYS E 586 -11.22 -28.03 31.09
CA LYS E 586 -12.67 -27.84 31.07
C LYS E 586 -13.33 -28.34 32.35
N MET E 587 -12.68 -28.11 33.48
CA MET E 587 -13.30 -28.27 34.78
C MET E 587 -14.02 -26.98 35.14
N ASN E 588 -15.02 -27.09 36.02
CA ASN E 588 -15.77 -25.91 36.40
C ASN E 588 -16.10 -26.01 37.88
N ILE E 589 -15.23 -25.46 38.71
CA ILE E 589 -15.38 -25.45 40.16
C ILE E 589 -16.01 -24.12 40.53
N LEU E 590 -16.72 -24.11 41.65
CA LEU E 590 -17.38 -22.90 42.14
C LEU E 590 -17.26 -22.90 43.66
N ILE E 591 -16.56 -21.91 44.20
CA ILE E 591 -16.16 -21.90 45.60
C ILE E 591 -16.89 -20.78 46.29
N ARG E 592 -17.90 -21.11 47.07
CA ARG E 592 -18.74 -20.09 47.68
C ARG E 592 -18.40 -19.93 49.15
N ASP E 593 -19.00 -18.92 49.75
CA ASP E 593 -19.01 -18.77 51.19
C ASP E 593 -20.17 -19.59 51.74
N LYS E 594 -19.90 -20.37 52.78
CA LYS E 594 -20.85 -21.39 53.20
C LYS E 594 -22.05 -20.80 53.93
N ARG E 595 -21.86 -19.71 54.65
CA ARG E 595 -22.85 -19.24 55.60
C ARG E 595 -23.95 -18.41 54.98
N PHE E 596 -24.23 -18.56 53.69
CA PHE E 596 -25.22 -17.74 53.01
C PHE E 596 -26.17 -18.62 52.23
N HIS E 597 -27.17 -17.97 51.62
CA HIS E 597 -28.04 -18.61 50.65
C HIS E 597 -27.98 -17.79 49.37
N TYR E 598 -27.76 -18.47 48.25
CA TYR E 598 -27.63 -17.80 46.97
C TYR E 598 -28.72 -18.27 46.02
N ASP E 599 -29.07 -17.40 45.08
CA ASP E 599 -30.00 -17.75 44.03
C ASP E 599 -29.28 -18.51 42.92
N ARG E 600 -29.94 -18.64 41.77
CA ARG E 600 -29.33 -19.30 40.61
C ARG E 600 -28.26 -18.44 39.95
N ASN E 601 -28.26 -17.13 40.18
CA ASN E 601 -27.24 -16.22 39.67
C ASN E 601 -26.09 -16.01 40.65
N ASN E 602 -26.05 -16.80 41.73
CA ASN E 602 -25.04 -16.82 42.78
C ASN E 602 -24.94 -15.54 43.59
N ILE E 603 -25.90 -14.62 43.43
CA ILE E 603 -25.90 -13.38 44.22
C ILE E 603 -26.33 -13.70 45.64
N ALA E 604 -25.55 -13.24 46.61
CA ALA E 604 -25.86 -13.45 48.02
C ALA E 604 -27.09 -12.64 48.39
N VAL E 605 -28.20 -13.33 48.63
CA VAL E 605 -29.43 -12.69 49.03
C VAL E 605 -29.87 -13.05 50.44
N GLY E 606 -29.43 -14.17 50.99
CA GLY E 606 -29.88 -14.59 52.30
C GLY E 606 -28.79 -15.32 53.04
N ALA E 607 -28.94 -15.42 54.36
CA ALA E 607 -27.96 -16.12 55.18
C ALA E 607 -28.60 -16.92 56.30
N ASP E 608 -27.79 -17.40 57.24
CA ASP E 608 -28.27 -18.17 58.37
C ASP E 608 -29.03 -17.29 59.35
N GLU E 609 -29.68 -17.94 60.31
CA GLU E 609 -30.38 -17.23 61.37
C GLU E 609 -29.41 -16.59 62.34
N SER E 610 -28.14 -17.00 62.32
CA SER E 610 -27.18 -16.52 63.32
C SER E 610 -26.59 -15.18 62.94
N VAL E 611 -26.15 -15.01 61.70
CA VAL E 611 -25.25 -13.90 61.39
C VAL E 611 -26.01 -12.61 61.18
N VAL E 612 -27.34 -12.68 61.10
CA VAL E 612 -28.14 -11.46 61.03
C VAL E 612 -28.12 -10.75 62.39
N LYS E 613 -28.00 -11.51 63.48
CA LYS E 613 -27.82 -10.95 64.80
C LYS E 613 -26.35 -10.83 65.19
N GLU E 614 -25.50 -11.75 64.70
CA GLU E 614 -24.15 -11.92 65.22
C GLU E 614 -23.20 -10.80 64.81
N ALA E 615 -23.55 -9.99 63.82
CA ALA E 615 -22.73 -8.84 63.45
C ALA E 615 -23.41 -7.51 63.75
N HIS E 616 -24.24 -7.47 64.79
CA HIS E 616 -25.01 -6.28 65.15
C HIS E 616 -24.89 -5.95 66.63
N ARG E 617 -23.70 -6.13 67.22
CA ARG E 617 -23.50 -5.79 68.62
C ARG E 617 -22.82 -4.44 68.80
N GLU E 618 -21.96 -4.06 67.85
CA GLU E 618 -21.06 -2.93 68.03
C GLU E 618 -21.81 -1.61 67.74
N VAL E 619 -22.64 -1.22 68.71
CA VAL E 619 -23.33 0.06 68.67
C VAL E 619 -22.37 1.15 69.07
N ILE E 620 -22.36 2.24 68.30
CA ILE E 620 -21.44 3.35 68.54
C ILE E 620 -22.22 4.59 68.95
N ASN E 621 -23.11 5.06 68.07
CA ASN E 621 -23.95 6.21 68.33
C ASN E 621 -25.40 5.76 68.46
N SER E 622 -26.09 6.27 69.49
CA SER E 622 -27.50 5.94 69.71
C SER E 622 -28.21 7.20 70.15
N SER E 623 -29.17 7.66 69.35
CA SER E 623 -29.94 8.85 69.67
C SER E 623 -31.32 8.72 69.05
N THR E 624 -32.23 9.61 69.46
CA THR E 624 -33.55 9.72 68.85
C THR E 624 -33.45 10.13 67.38
N GLU E 625 -32.44 10.90 67.00
CA GLU E 625 -32.21 11.21 65.60
C GLU E 625 -31.68 10.00 64.84
N GLY E 626 -30.57 9.42 65.31
CA GLY E 626 -29.93 8.36 64.57
C GLY E 626 -29.30 7.31 65.47
N LEU E 627 -29.14 6.12 64.90
CA LEU E 627 -28.53 4.98 65.57
C LEU E 627 -27.39 4.47 64.68
N LEU E 628 -26.28 4.10 65.30
CA LEU E 628 -25.12 3.62 64.59
C LEU E 628 -24.82 2.18 65.00
N LEU E 629 -24.08 1.48 64.14
CA LEU E 629 -23.77 0.06 64.34
C LEU E 629 -22.52 -0.25 63.51
N ASN E 630 -21.99 -1.46 63.69
CA ASN E 630 -20.97 -1.98 62.79
C ASN E 630 -21.45 -3.33 62.27
N ILE E 631 -22.01 -3.33 61.06
CA ILE E 631 -22.40 -4.55 60.37
C ILE E 631 -21.34 -4.86 59.34
N ASP E 632 -20.86 -6.11 59.33
CA ASP E 632 -19.91 -6.55 58.33
C ASP E 632 -20.60 -6.56 56.97
N LYS E 633 -19.83 -6.27 55.92
CA LYS E 633 -20.40 -5.91 54.63
C LYS E 633 -21.03 -7.09 53.91
N ASP E 634 -20.68 -8.32 54.29
CA ASP E 634 -21.35 -9.48 53.71
C ASP E 634 -22.80 -9.60 54.15
N ILE E 635 -23.11 -9.26 55.40
CA ILE E 635 -24.51 -9.23 55.83
C ILE E 635 -25.15 -7.89 55.45
N ARG E 636 -24.36 -6.87 55.13
CA ARG E 636 -24.92 -5.68 54.51
C ARG E 636 -25.36 -5.92 53.08
N LYS E 637 -24.83 -6.95 52.44
CA LYS E 637 -25.16 -7.22 51.05
C LYS E 637 -26.46 -8.01 50.89
N ILE E 638 -27.05 -8.49 51.99
CA ILE E 638 -28.22 -9.34 51.90
C ILE E 638 -29.49 -8.68 52.45
N LEU E 639 -29.38 -7.79 53.42
CA LEU E 639 -30.58 -7.22 54.03
C LEU E 639 -31.16 -6.13 53.14
N SER E 640 -32.47 -6.20 52.90
CA SER E 640 -33.13 -5.22 52.05
C SER E 640 -33.40 -3.93 52.81
N GLY E 641 -34.18 -4.00 53.89
CA GLY E 641 -34.56 -2.80 54.61
C GLY E 641 -34.58 -2.95 56.11
N TYR E 642 -35.45 -2.19 56.77
CA TYR E 642 -35.52 -2.18 58.23
C TYR E 642 -36.94 -1.81 58.64
N ILE E 643 -37.32 -2.27 59.83
CA ILE E 643 -38.57 -1.85 60.46
C ILE E 643 -38.26 -1.39 61.88
N VAL E 644 -38.74 -0.20 62.23
CA VAL E 644 -38.53 0.37 63.55
C VAL E 644 -39.86 0.39 64.29
N GLU E 645 -39.85 -0.05 65.55
CA GLU E 645 -41.07 -0.27 66.31
C GLU E 645 -40.90 0.33 67.70
N ILE E 646 -42.01 0.87 68.22
CA ILE E 646 -42.07 1.49 69.54
C ILE E 646 -43.01 0.65 70.39
N GLU E 647 -42.47 -0.30 71.14
CA GLU E 647 -43.24 -1.27 71.90
C GLU E 647 -43.73 -0.67 73.21
N ASP E 648 -44.92 -1.07 73.65
CA ASP E 648 -45.53 -0.54 74.88
C ASP E 648 -44.82 -1.07 76.13
N THR E 649 -45.38 -0.68 77.27
CA THR E 649 -44.87 -1.14 78.56
C THR E 649 -45.22 -2.60 78.81
N GLU E 650 -46.27 -3.12 78.18
CA GLU E 650 -46.68 -4.51 78.35
C GLU E 650 -46.59 -5.31 77.05
N GLY E 651 -46.46 -4.65 75.90
CA GLY E 651 -46.22 -5.32 74.64
C GLY E 651 -47.27 -5.17 73.57
N LEU E 652 -46.96 -4.34 72.57
CA LEU E 652 -47.77 -4.13 71.37
C LEU E 652 -46.87 -3.68 70.24
N LYS E 653 -47.29 -3.97 69.01
CA LYS E 653 -46.48 -3.75 67.81
C LYS E 653 -46.96 -2.48 67.11
N GLU E 654 -46.10 -1.45 67.13
CA GLU E 654 -46.37 -0.16 66.49
C GLU E 654 -45.19 0.16 65.56
N VAL E 655 -45.28 -0.31 64.32
CA VAL E 655 -44.21 -0.12 63.34
C VAL E 655 -44.33 1.29 62.76
N ILE E 656 -43.19 1.98 62.63
CA ILE E 656 -43.23 3.34 62.08
C ILE E 656 -43.27 3.30 60.56
N ASN E 657 -42.42 2.49 59.94
CA ASN E 657 -42.37 2.41 58.47
C ASN E 657 -43.32 1.34 57.93
N ASP E 658 -44.59 1.48 58.29
CA ASP E 658 -45.63 0.49 58.02
C ASP E 658 -46.25 0.68 56.63
N ARG E 659 -45.42 0.49 55.62
CA ARG E 659 -45.81 0.52 54.21
C ARG E 659 -44.99 -0.55 53.49
N TYR E 660 -44.79 -0.38 52.18
CA TYR E 660 -43.90 -1.25 51.43
C TYR E 660 -42.77 -0.52 50.73
N ASP E 661 -42.60 0.79 50.97
CA ASP E 661 -41.57 1.57 50.30
C ASP E 661 -40.66 2.33 51.26
N MET E 662 -41.10 2.59 52.48
CA MET E 662 -40.38 3.47 53.40
C MET E 662 -39.55 2.69 54.41
N LEU E 663 -39.27 1.42 54.14
CA LEU E 663 -38.52 0.56 55.06
C LEU E 663 -37.02 0.72 54.93
N ASN E 664 -36.54 1.54 53.99
CA ASN E 664 -35.11 1.86 53.93
C ASN E 664 -34.82 3.06 54.82
N ILE E 665 -34.15 2.81 55.93
CA ILE E 665 -33.74 3.88 56.84
C ILE E 665 -32.25 3.75 57.13
N SER E 666 -31.52 3.16 56.19
CA SER E 666 -30.08 2.98 56.28
C SER E 666 -29.37 3.91 55.30
N SER E 667 -28.11 4.22 55.59
CA SER E 667 -27.31 5.10 54.76
C SER E 667 -25.84 4.73 54.89
N LEU E 668 -25.03 5.33 54.02
CA LEU E 668 -23.58 5.13 54.02
C LEU E 668 -22.91 6.50 54.06
N ARG E 669 -21.85 6.62 54.84
CA ARG E 669 -21.19 7.89 55.04
C ARG E 669 -19.73 7.84 54.58
N GLN E 670 -19.02 8.94 54.77
CA GLN E 670 -17.62 9.09 54.38
C GLN E 670 -16.65 8.68 55.48
N ASP E 671 -17.15 8.25 56.64
CA ASP E 671 -16.32 7.75 57.73
C ASP E 671 -16.38 6.24 57.85
N GLY E 672 -16.99 5.57 56.89
CA GLY E 672 -17.04 4.12 56.86
C GLY E 672 -17.97 3.50 57.87
N LYS E 673 -19.10 4.13 58.16
CA LYS E 673 -19.98 3.66 59.20
C LYS E 673 -21.35 3.34 58.62
N THR E 674 -22.19 2.73 59.46
CA THR E 674 -23.48 2.22 59.06
C THR E 674 -24.56 2.92 59.87
N PHE E 675 -25.10 3.99 59.32
CA PHE E 675 -25.92 4.91 60.09
C PHE E 675 -27.39 4.62 59.85
N ILE E 676 -28.17 4.64 60.93
CA ILE E 676 -29.62 4.46 60.84
C ILE E 676 -30.29 5.77 61.23
N ASP E 677 -30.48 6.65 60.26
CA ASP E 677 -31.20 7.90 60.51
C ASP E 677 -32.68 7.61 60.67
N PHE E 678 -33.29 8.22 61.68
CA PHE E 678 -34.71 8.03 61.98
C PHE E 678 -35.53 9.25 61.61
N LYS E 679 -35.16 9.92 60.51
CA LYS E 679 -35.75 11.19 60.12
C LYS E 679 -36.35 11.16 58.72
N LYS E 680 -36.12 10.09 57.95
CA LYS E 680 -36.25 10.14 56.50
C LYS E 680 -37.69 10.14 56.02
N TYR E 681 -38.63 9.67 56.82
CA TYR E 681 -40.06 9.84 56.58
C TYR E 681 -40.74 10.33 57.86
N ASN E 682 -39.94 10.86 58.78
CA ASN E 682 -40.46 11.40 60.04
C ASN E 682 -40.63 12.91 59.98
N ASP E 683 -40.87 13.45 58.77
CA ASP E 683 -41.13 14.84 58.40
C ASP E 683 -40.28 15.87 59.14
N LYS E 684 -38.99 15.55 59.31
CA LYS E 684 -37.99 16.36 60.02
C LYS E 684 -38.47 16.68 61.44
N LEU E 685 -38.62 15.63 62.24
CA LEU E 685 -39.01 15.71 63.64
C LEU E 685 -38.62 14.41 64.33
N PRO E 686 -38.18 14.46 65.58
CA PRO E 686 -37.72 13.24 66.26
C PRO E 686 -38.86 12.31 66.62
N LEU E 687 -38.47 11.15 67.15
CA LEU E 687 -39.40 10.06 67.40
C LEU E 687 -40.32 10.35 68.57
N TYR E 688 -41.44 9.65 68.60
CA TYR E 688 -42.43 9.84 69.65
C TYR E 688 -42.16 8.90 70.81
N ILE E 689 -42.22 9.42 72.03
CA ILE E 689 -42.28 8.63 73.25
C ILE E 689 -43.50 9.12 74.02
N SER E 690 -44.29 8.20 74.56
CA SER E 690 -45.43 8.59 75.38
C SER E 690 -45.24 8.26 76.85
N ASN E 691 -44.65 7.10 77.15
CA ASN E 691 -44.49 6.63 78.51
C ASN E 691 -42.99 6.35 78.63
N PRO E 692 -42.29 6.98 79.59
CA PRO E 692 -40.82 6.90 79.59
C PRO E 692 -40.23 5.60 80.10
N ASN E 693 -41.00 4.51 80.20
CA ASN E 693 -40.42 3.19 80.39
C ASN E 693 -40.61 2.28 79.18
N TYR E 694 -40.79 2.86 78.00
CA TYR E 694 -40.93 2.10 76.76
C TYR E 694 -39.65 1.34 76.40
N LYS E 695 -39.83 0.37 75.51
CA LYS E 695 -38.75 -0.42 74.94
C LYS E 695 -38.98 -0.45 73.43
N VAL E 696 -37.90 -0.52 72.66
CA VAL E 696 -37.98 -0.45 71.21
C VAL E 696 -37.51 -1.75 70.57
N ASN E 697 -37.97 -1.97 69.35
CA ASN E 697 -37.59 -3.11 68.51
C ASN E 697 -37.30 -2.58 67.12
N VAL E 698 -36.08 -2.78 66.63
CA VAL E 698 -35.70 -2.39 65.27
C VAL E 698 -35.09 -3.61 64.61
N TYR E 699 -35.82 -4.25 63.70
CA TYR E 699 -35.34 -5.41 62.97
C TYR E 699 -35.27 -5.12 61.47
N ALA E 700 -34.72 -6.08 60.73
CA ALA E 700 -34.41 -5.89 59.31
C ALA E 700 -34.99 -7.02 58.47
N VAL E 701 -35.16 -6.76 57.17
CA VAL E 701 -35.83 -7.68 56.26
C VAL E 701 -34.86 -8.09 55.14
N THR E 702 -34.86 -9.39 54.84
CA THR E 702 -33.92 -10.04 53.94
C THR E 702 -34.42 -9.87 52.51
N LYS E 703 -33.47 -9.76 51.56
CA LYS E 703 -33.78 -9.49 50.16
C LYS E 703 -34.64 -10.57 49.51
N GLU E 704 -34.54 -11.82 49.97
CA GLU E 704 -35.41 -12.86 49.46
C GLU E 704 -36.83 -12.72 49.97
N ASN E 705 -37.02 -12.04 51.11
CA ASN E 705 -38.32 -11.92 51.75
C ASN E 705 -39.04 -10.64 51.40
N THR E 706 -38.31 -9.60 51.01
CA THR E 706 -38.90 -8.30 50.68
C THR E 706 -39.47 -8.37 49.27
N ILE E 707 -40.77 -8.10 49.15
CA ILE E 707 -41.49 -8.19 47.88
C ILE E 707 -41.50 -6.80 47.24
N ILE E 708 -41.39 -6.77 45.91
CA ILE E 708 -41.31 -5.52 45.16
C ILE E 708 -42.69 -4.91 44.92
N ASN E 709 -43.72 -5.74 44.81
CA ASN E 709 -45.07 -5.28 44.50
C ASN E 709 -46.04 -5.75 45.58
N PRO E 710 -47.14 -5.02 45.81
CA PRO E 710 -48.06 -5.41 46.90
C PRO E 710 -48.87 -6.66 46.60
N SER E 711 -49.79 -6.99 47.50
CA SER E 711 -50.63 -8.16 47.35
C SER E 711 -51.78 -7.92 46.36
N GLU E 712 -52.81 -8.76 46.41
CA GLU E 712 -53.93 -8.65 45.49
C GLU E 712 -54.65 -7.31 45.64
N ASN E 713 -54.98 -6.92 46.87
CA ASN E 713 -55.82 -5.74 47.03
C ASN E 713 -55.03 -4.45 47.30
N GLY E 714 -54.35 -4.34 48.44
CA GLY E 714 -53.79 -3.05 48.79
C GLY E 714 -52.54 -2.99 49.64
N ASP E 715 -51.82 -4.11 49.80
CA ASP E 715 -50.94 -4.30 50.95
C ASP E 715 -49.70 -3.40 50.93
N THR E 716 -49.75 -2.31 51.70
CA THR E 716 -48.57 -1.56 52.09
C THR E 716 -48.47 -1.64 53.61
N SER E 717 -47.86 -2.71 54.11
CA SER E 717 -47.72 -2.91 55.54
C SER E 717 -46.57 -3.88 55.81
N THR E 718 -46.31 -4.09 57.10
CA THR E 718 -45.30 -5.02 57.60
C THR E 718 -45.94 -6.10 58.47
N ASN E 719 -47.03 -6.69 57.99
CA ASN E 719 -47.79 -7.63 58.79
C ASN E 719 -47.30 -9.07 58.61
N GLY E 720 -47.33 -9.57 57.37
CA GLY E 720 -47.00 -10.95 57.09
C GLY E 720 -45.57 -11.18 56.64
N ILE E 721 -44.62 -10.53 57.28
CA ILE E 721 -43.20 -10.64 56.92
C ILE E 721 -42.54 -11.60 57.89
N LYS E 722 -41.53 -12.32 57.41
CA LYS E 722 -40.77 -13.20 58.29
C LYS E 722 -39.84 -12.36 59.16
N LYS E 723 -39.90 -12.60 60.47
CA LYS E 723 -39.20 -11.76 61.43
C LYS E 723 -37.87 -12.39 61.81
N ILE E 724 -36.94 -11.53 62.23
CA ILE E 724 -35.66 -11.94 62.76
C ILE E 724 -35.43 -11.18 64.06
N LEU E 725 -34.69 -11.80 64.99
CA LEU E 725 -34.38 -11.16 66.27
C LEU E 725 -32.96 -10.62 66.21
N ILE E 726 -32.82 -9.29 66.29
CA ILE E 726 -31.53 -8.63 66.18
C ILE E 726 -31.25 -7.74 67.37
N PHE E 727 -32.14 -6.80 67.65
CA PHE E 727 -31.86 -5.62 68.46
C PHE E 727 -32.72 -5.59 69.71
N SER E 728 -32.13 -5.10 70.82
CA SER E 728 -32.86 -4.92 72.08
C SER E 728 -32.30 -3.67 72.76
N LYS E 729 -33.19 -2.74 73.12
CA LYS E 729 -32.79 -1.47 73.72
C LYS E 729 -34.00 -0.82 74.40
N LYS E 730 -33.75 -0.09 75.48
CA LYS E 730 -34.77 0.54 76.30
C LYS E 730 -34.90 2.03 75.98
N GLY E 731 -35.99 2.63 76.48
CA GLY E 731 -36.38 4.00 76.23
C GLY E 731 -35.85 5.05 77.16
N TYR E 732 -34.97 4.70 78.09
CA TYR E 732 -34.20 5.66 78.87
C TYR E 732 -32.71 5.51 78.59
N GLU E 733 -32.37 5.01 77.40
CA GLU E 733 -30.99 4.90 76.94
C GLU E 733 -30.79 5.46 75.53
N ILE E 734 -31.85 5.62 74.74
CA ILE E 734 -31.73 6.14 73.38
C ILE E 734 -31.32 7.61 73.42
N GLY E 735 -32.14 8.45 74.06
CA GLY E 735 -31.79 9.84 74.27
C GLY E 735 -31.96 10.77 73.09
N THR F 174 19.30 -37.05 3.95
CA THR F 174 18.12 -36.75 4.74
C THR F 174 16.91 -37.54 4.23
N VAL F 175 15.91 -37.68 5.10
CA VAL F 175 14.74 -38.52 4.85
C VAL F 175 13.82 -37.87 3.84
N PRO F 176 13.15 -38.63 2.99
CA PRO F 176 12.25 -38.02 2.01
C PRO F 176 10.91 -37.65 2.63
N ASP F 177 10.33 -36.58 2.08
CA ASP F 177 9.05 -36.07 2.53
C ASP F 177 8.41 -35.40 1.33
N ARG F 178 7.53 -36.12 0.64
CA ARG F 178 7.08 -35.67 -0.66
C ARG F 178 6.07 -34.53 -0.58
N ASP F 179 5.28 -34.49 0.48
CA ASP F 179 4.17 -33.56 0.60
C ASP F 179 4.43 -32.41 1.55
N ASN F 180 5.57 -32.41 2.25
CA ASN F 180 6.01 -31.38 3.17
C ASN F 180 5.02 -31.16 4.32
N ASP F 181 4.54 -32.26 4.89
CA ASP F 181 3.64 -32.18 6.03
C ASP F 181 4.37 -32.23 7.34
N GLY F 182 5.64 -32.64 7.32
CA GLY F 182 6.40 -32.77 8.54
C GLY F 182 6.54 -34.18 9.04
N ILE F 183 6.31 -35.17 8.19
CA ILE F 183 6.36 -36.56 8.59
C ILE F 183 6.83 -37.41 7.42
N PRO F 184 7.83 -38.27 7.62
CA PRO F 184 8.42 -39.00 6.51
C PRO F 184 7.48 -40.01 5.90
N ASP F 185 7.81 -40.42 4.68
CA ASP F 185 6.89 -41.23 3.88
C ASP F 185 6.79 -42.65 4.38
N SER F 186 7.89 -43.20 4.90
CA SER F 186 7.87 -44.56 5.40
C SER F 186 6.94 -44.69 6.59
N LEU F 187 6.88 -43.66 7.43
CA LEU F 187 5.93 -43.66 8.53
C LEU F 187 4.50 -43.53 8.05
N GLU F 188 4.25 -42.64 7.09
CA GLU F 188 2.89 -42.45 6.61
C GLU F 188 2.35 -43.66 5.88
N VAL F 189 3.20 -44.49 5.31
CA VAL F 189 2.72 -45.70 4.65
C VAL F 189 2.64 -46.88 5.62
N GLU F 190 3.62 -47.03 6.52
CA GLU F 190 3.71 -48.23 7.32
C GLU F 190 3.24 -48.06 8.76
N GLY F 191 2.78 -46.89 9.14
CA GLY F 191 2.19 -46.76 10.46
C GLY F 191 3.05 -45.90 11.37
N TYR F 192 2.41 -45.07 12.18
CA TYR F 192 3.13 -44.25 13.14
C TYR F 192 2.23 -43.94 14.32
N THR F 193 2.83 -43.38 15.36
CA THR F 193 2.09 -42.92 16.51
C THR F 193 2.76 -41.68 17.06
N VAL F 194 2.12 -41.04 18.03
CA VAL F 194 2.65 -39.85 18.68
C VAL F 194 2.71 -40.12 20.17
N ASP F 195 3.88 -39.96 20.76
CA ASP F 195 4.15 -40.28 22.14
C ASP F 195 4.66 -39.04 22.86
N VAL F 196 4.75 -39.12 24.18
CA VAL F 196 5.46 -38.13 24.98
C VAL F 196 6.29 -38.86 26.02
N LYS F 197 7.54 -38.43 26.19
CA LYS F 197 8.41 -39.12 27.12
C LYS F 197 8.69 -38.32 28.38
N ASN F 198 9.31 -37.15 28.29
CA ASN F 198 9.46 -36.42 29.53
C ASN F 198 8.36 -35.37 29.65
N LYS F 199 8.48 -34.34 28.84
CA LYS F 199 7.41 -33.39 28.55
C LYS F 199 7.51 -32.93 27.12
N ARG F 200 8.09 -33.74 26.24
CA ARG F 200 8.32 -33.36 24.85
C ARG F 200 7.77 -34.44 23.95
N THR F 201 7.14 -34.04 22.84
CA THR F 201 6.51 -35.00 21.95
C THR F 201 7.54 -35.76 21.14
N PHE F 202 7.12 -36.94 20.68
CA PHE F 202 7.95 -37.79 19.84
C PHE F 202 7.06 -38.38 18.78
N LEU F 203 7.35 -38.07 17.53
CA LEU F 203 6.68 -38.72 16.41
C LEU F 203 7.48 -39.98 16.10
N SER F 204 6.87 -41.14 16.30
CA SER F 204 7.66 -42.35 16.27
C SER F 204 6.99 -43.40 15.41
N PRO F 205 7.76 -44.27 14.76
CA PRO F 205 7.15 -45.37 13.99
C PRO F 205 6.50 -46.37 14.92
N TRP F 206 5.52 -47.09 14.39
CA TRP F 206 4.70 -47.95 15.22
C TRP F 206 5.48 -49.19 15.59
N ILE F 207 6.02 -49.20 16.81
CA ILE F 207 6.58 -50.39 17.41
C ILE F 207 5.48 -51.05 18.20
N SER F 208 5.13 -52.28 17.81
CA SER F 208 3.94 -52.94 18.36
C SER F 208 4.14 -53.37 19.80
N ASN F 209 5.39 -53.56 20.21
CA ASN F 209 5.68 -54.02 21.56
C ASN F 209 5.38 -52.94 22.58
N ILE F 210 5.87 -51.73 22.33
CA ILE F 210 5.85 -50.66 23.32
C ILE F 210 4.58 -49.85 23.24
N HIS F 211 4.11 -49.55 22.03
CA HIS F 211 3.00 -48.63 21.87
C HIS F 211 1.64 -49.27 22.10
N GLU F 212 1.57 -50.59 22.13
CA GLU F 212 0.29 -51.21 22.45
C GLU F 212 -0.01 -51.09 23.93
N LYS F 213 0.99 -51.31 24.77
CA LYS F 213 0.80 -51.34 26.21
C LYS F 213 0.56 -49.97 26.81
N LYS F 214 0.87 -48.90 26.10
CA LYS F 214 0.56 -47.55 26.56
C LYS F 214 -0.81 -47.07 26.13
N GLY F 215 -1.57 -47.89 25.39
CA GLY F 215 -2.88 -47.49 24.95
C GLY F 215 -2.89 -46.48 23.83
N LEU F 216 -1.90 -46.52 22.95
CA LEU F 216 -1.78 -45.52 21.90
C LEU F 216 -2.63 -45.91 20.69
N THR F 217 -2.44 -45.21 19.58
CA THR F 217 -3.20 -45.44 18.36
C THR F 217 -2.21 -45.57 17.21
N LYS F 218 -2.56 -46.34 16.19
CA LYS F 218 -1.75 -46.46 14.98
C LYS F 218 -2.42 -45.71 13.85
N TYR F 219 -1.69 -44.81 13.21
CA TYR F 219 -2.20 -44.00 12.13
C TYR F 219 -1.52 -44.39 10.83
N LYS F 220 -2.24 -44.26 9.73
CA LYS F 220 -1.65 -44.30 8.40
C LYS F 220 -2.28 -43.17 7.61
N SER F 221 -1.53 -42.63 6.66
CA SER F 221 -2.00 -41.44 5.95
C SER F 221 -1.55 -41.54 4.50
N SER F 222 -1.70 -40.46 3.80
CA SER F 222 -1.23 -40.41 2.43
C SER F 222 0.18 -39.87 2.39
N PRO F 223 1.12 -40.56 1.74
CA PRO F 223 2.48 -39.99 1.62
C PRO F 223 2.60 -38.87 0.64
N GLU F 224 1.56 -38.54 -0.11
CA GLU F 224 1.64 -37.49 -1.11
C GLU F 224 0.61 -36.39 -0.94
N LYS F 225 -0.17 -36.41 0.14
CA LYS F 225 -1.13 -35.36 0.43
C LYS F 225 -0.73 -34.69 1.73
N TRP F 226 -0.64 -33.37 1.70
CA TRP F 226 -0.34 -32.60 2.90
C TRP F 226 -1.45 -32.72 3.91
N SER F 227 -2.69 -32.86 3.45
CA SER F 227 -3.81 -33.20 4.29
C SER F 227 -4.55 -34.35 3.63
N THR F 228 -4.68 -35.46 4.35
CA THR F 228 -5.20 -36.67 3.72
C THR F 228 -6.69 -36.59 3.44
N ALA F 229 -7.45 -35.90 4.26
CA ALA F 229 -8.87 -35.76 4.02
C ALA F 229 -9.23 -34.48 3.29
N SER F 230 -8.22 -33.75 2.82
CA SER F 230 -8.33 -32.51 2.04
C SER F 230 -8.99 -31.36 2.79
N ASP F 231 -9.02 -31.39 4.11
CA ASP F 231 -9.45 -30.27 4.93
C ASP F 231 -8.22 -29.49 5.37
N PRO F 232 -8.32 -28.21 5.75
CA PRO F 232 -7.11 -27.42 5.88
C PRO F 232 -6.28 -27.63 7.14
N TYR F 233 -6.05 -28.88 7.54
CA TYR F 233 -5.17 -29.19 8.64
C TYR F 233 -4.34 -30.39 8.23
N SER F 234 -3.05 -30.33 8.46
CA SER F 234 -2.17 -31.37 7.97
C SER F 234 -2.29 -32.61 8.83
N ASP F 235 -1.63 -33.68 8.42
CA ASP F 235 -1.64 -34.88 9.24
C ASP F 235 -0.84 -34.68 10.51
N PHE F 236 0.25 -33.93 10.42
CA PHE F 236 1.08 -33.65 11.58
C PHE F 236 0.36 -32.76 12.57
N GLU F 237 -0.36 -31.77 12.07
CA GLU F 237 -1.11 -30.89 12.97
C GLU F 237 -2.22 -31.64 13.67
N LYS F 238 -2.89 -32.53 12.95
CA LYS F 238 -3.99 -33.28 13.55
C LYS F 238 -3.49 -34.23 14.62
N VAL F 239 -2.46 -35.03 14.31
CA VAL F 239 -2.01 -36.00 15.30
C VAL F 239 -1.20 -35.40 16.42
N THR F 240 -0.70 -34.18 16.29
CA THR F 240 0.12 -33.65 17.37
C THR F 240 -0.66 -32.83 18.36
N GLY F 241 -1.67 -32.09 17.92
CA GLY F 241 -2.35 -31.15 18.79
C GLY F 241 -2.09 -29.72 18.44
N ARG F 242 -1.21 -29.46 17.49
CA ARG F 242 -0.99 -28.11 16.98
C ARG F 242 -2.13 -27.77 16.04
N ILE F 243 -3.29 -27.44 16.61
CA ILE F 243 -4.51 -27.31 15.84
C ILE F 243 -5.42 -26.34 16.57
N ASP F 244 -6.44 -25.85 15.87
CA ASP F 244 -7.50 -25.07 16.50
C ASP F 244 -8.22 -25.96 17.50
N LYS F 245 -8.40 -25.49 18.72
CA LYS F 245 -8.83 -26.39 19.77
C LYS F 245 -10.32 -26.66 19.77
N ASN F 246 -11.08 -26.13 18.83
CA ASN F 246 -12.51 -26.46 18.76
C ASN F 246 -12.81 -27.62 17.83
N VAL F 247 -11.82 -28.15 17.12
CA VAL F 247 -12.02 -29.32 16.28
C VAL F 247 -12.36 -30.51 17.16
N SER F 248 -13.46 -31.19 16.83
CA SER F 248 -13.98 -32.25 17.69
C SER F 248 -13.00 -33.42 17.78
N PRO F 249 -12.92 -34.07 18.93
CA PRO F 249 -11.85 -35.06 19.16
C PRO F 249 -11.94 -36.32 18.32
N GLU F 250 -13.01 -36.56 17.60
CA GLU F 250 -13.00 -37.64 16.62
C GLU F 250 -12.56 -37.18 15.25
N ALA F 251 -12.31 -35.89 15.08
CA ALA F 251 -11.76 -35.38 13.83
C ALA F 251 -10.30 -35.01 13.96
N ARG F 252 -9.64 -35.47 15.01
CA ARG F 252 -8.19 -35.39 15.13
C ARG F 252 -7.54 -36.70 14.77
N HIS F 253 -8.12 -37.38 13.84
CA HIS F 253 -7.60 -38.51 13.11
C HIS F 253 -7.34 -38.06 11.69
N PRO F 254 -6.25 -38.49 11.05
CA PRO F 254 -5.95 -37.99 9.71
C PRO F 254 -6.91 -38.45 8.64
N LEU F 255 -7.76 -39.43 8.91
CA LEU F 255 -8.65 -39.98 7.91
C LEU F 255 -10.09 -39.58 8.12
N VAL F 256 -10.37 -38.64 9.01
CA VAL F 256 -11.72 -38.16 9.25
C VAL F 256 -11.72 -36.66 9.03
N ALA F 257 -12.52 -36.20 8.10
CA ALA F 257 -12.49 -34.79 7.72
C ALA F 257 -13.12 -33.91 8.78
N ALA F 258 -12.67 -32.66 8.85
CA ALA F 258 -13.15 -31.68 9.81
C ALA F 258 -13.73 -30.50 9.05
N TYR F 259 -15.04 -30.34 9.09
CA TYR F 259 -15.69 -29.33 8.27
C TYR F 259 -16.97 -28.88 8.96
N PRO F 260 -17.39 -27.64 8.76
CA PRO F 260 -18.60 -27.15 9.42
C PRO F 260 -19.86 -27.42 8.61
N ILE F 261 -20.98 -27.46 9.32
CA ILE F 261 -22.29 -27.64 8.69
C ILE F 261 -23.24 -26.60 9.27
N VAL F 262 -23.37 -25.46 8.62
CA VAL F 262 -24.13 -24.35 9.17
C VAL F 262 -25.46 -24.26 8.47
N HIS F 263 -26.54 -24.14 9.22
CA HIS F 263 -27.83 -23.82 8.63
C HIS F 263 -28.64 -22.94 9.58
N VAL F 264 -29.44 -22.07 8.99
CA VAL F 264 -30.16 -21.00 9.68
C VAL F 264 -31.60 -21.45 9.86
N ASP F 265 -32.17 -21.20 11.04
CA ASP F 265 -33.59 -21.44 11.21
C ASP F 265 -34.26 -20.19 11.77
N MET F 266 -35.42 -19.87 11.21
CA MET F 266 -36.18 -18.68 11.55
C MET F 266 -37.10 -18.97 12.73
N GLU F 267 -36.97 -18.19 13.79
CA GLU F 267 -37.77 -18.41 14.97
C GLU F 267 -39.04 -17.58 15.00
N ASN F 268 -39.04 -16.40 14.39
CA ASN F 268 -40.21 -15.54 14.38
C ASN F 268 -40.25 -14.80 13.07
N ILE F 269 -41.44 -14.41 12.65
CA ILE F 269 -41.60 -13.50 11.54
C ILE F 269 -42.48 -12.35 12.01
N ILE F 270 -42.01 -11.14 11.80
CA ILE F 270 -42.65 -9.93 12.30
C ILE F 270 -42.87 -9.04 11.10
N LEU F 271 -44.12 -8.70 10.83
CA LEU F 271 -44.43 -7.86 9.68
C LEU F 271 -45.22 -6.64 10.10
N SER F 272 -44.83 -5.50 9.56
CA SER F 272 -45.31 -4.20 10.00
C SER F 272 -46.03 -3.55 8.84
N LYS F 273 -47.34 -3.37 8.97
CA LYS F 273 -48.11 -2.81 7.88
C LYS F 273 -47.85 -1.33 7.76
N ASN F 274 -47.48 -0.89 6.57
CA ASN F 274 -47.04 0.47 6.34
C ASN F 274 -48.24 1.29 5.89
N GLU F 275 -48.76 2.11 6.78
CA GLU F 275 -50.00 2.81 6.55
C GLU F 275 -50.05 4.00 7.49
N ASP F 276 -50.43 5.16 6.99
CA ASP F 276 -50.35 6.40 7.74
C ASP F 276 -51.73 6.98 8.02
N GLN F 277 -52.06 7.07 9.30
CA GLN F 277 -53.31 7.67 9.73
C GLN F 277 -53.19 9.18 9.82
N SER F 278 -54.32 9.83 10.04
CA SER F 278 -54.45 11.26 10.23
C SER F 278 -55.85 11.55 10.71
N THR F 279 -55.98 12.46 11.67
CA THR F 279 -57.28 12.94 12.13
C THR F 279 -57.30 14.46 12.01
N GLN F 280 -58.50 15.03 12.00
CA GLN F 280 -58.61 16.49 11.93
C GLN F 280 -59.86 16.94 12.65
N ASN F 281 -59.72 17.96 13.50
CA ASN F 281 -60.85 18.61 14.15
C ASN F 281 -60.94 20.04 13.66
N THR F 282 -62.16 20.54 13.51
CA THR F 282 -62.38 21.83 12.86
C THR F 282 -63.56 22.52 13.52
N ASP F 283 -63.41 23.79 13.86
CA ASP F 283 -64.50 24.60 14.40
C ASP F 283 -64.61 25.89 13.61
N SER F 284 -65.79 26.49 13.63
CA SER F 284 -66.04 27.65 12.77
C SER F 284 -67.18 28.47 13.34
N GLN F 285 -67.21 29.74 12.94
CA GLN F 285 -68.23 30.69 13.37
C GLN F 285 -68.53 31.63 12.22
N THR F 286 -69.74 32.18 12.21
CA THR F 286 -70.19 33.07 11.14
C THR F 286 -71.10 34.13 11.72
N ARG F 287 -70.98 35.36 11.23
CA ARG F 287 -71.82 36.48 11.68
C ARG F 287 -72.36 37.23 10.47
N THR F 288 -73.46 36.76 9.92
CA THR F 288 -74.03 37.36 8.71
C THR F 288 -75.09 38.38 9.11
N ILE F 289 -74.87 39.64 8.71
CA ILE F 289 -75.79 40.73 9.02
C ILE F 289 -76.44 41.18 7.72
N SER F 290 -77.67 40.73 7.49
CA SER F 290 -78.37 41.04 6.26
C SER F 290 -79.23 42.29 6.45
N LYS F 291 -79.33 43.07 5.39
CA LYS F 291 -80.14 44.28 5.35
C LYS F 291 -80.86 44.29 4.02
N ASN F 292 -82.18 44.49 4.06
CA ASN F 292 -82.99 44.37 2.86
C ASN F 292 -84.05 45.44 2.84
N THR F 293 -84.06 46.25 1.78
CA THR F 293 -85.17 47.15 1.50
C THR F 293 -85.75 46.81 0.13
N SER F 294 -87.05 47.02 -0.03
CA SER F 294 -87.71 46.68 -1.28
C SER F 294 -88.94 47.56 -1.51
N THR F 295 -89.12 48.00 -2.74
CA THR F 295 -90.23 48.86 -3.15
C THR F 295 -91.09 48.12 -4.16
N SER F 296 -92.38 48.00 -3.88
CA SER F 296 -93.32 47.34 -4.78
C SER F 296 -94.40 48.32 -5.19
N ARG F 297 -94.45 48.66 -6.47
CA ARG F 297 -95.37 49.66 -7.01
C ARG F 297 -96.63 48.95 -7.50
N THR F 298 -97.57 48.73 -6.59
CA THR F 298 -98.71 47.84 -6.84
C THR F 298 -99.86 48.66 -7.42
N HIS F 299 -99.99 48.62 -8.74
CA HIS F 299 -101.10 49.27 -9.44
C HIS F 299 -102.24 48.26 -9.59
N THR F 300 -103.25 48.36 -8.75
CA THR F 300 -104.30 47.34 -8.64
C THR F 300 -105.57 47.82 -9.35
N SER F 301 -105.74 47.39 -10.60
CA SER F 301 -106.96 47.68 -11.32
C SER F 301 -107.96 46.54 -11.14
N GLU F 302 -109.25 46.89 -11.12
CA GLU F 302 -110.32 45.95 -10.85
C GLU F 302 -111.58 46.34 -11.60
N VAL F 303 -112.45 45.36 -11.83
CA VAL F 303 -113.76 45.62 -12.43
C VAL F 303 -114.81 45.16 -11.41
N HIS F 304 -115.96 45.82 -11.40
CA HIS F 304 -117.04 45.47 -10.50
C HIS F 304 -118.29 45.08 -11.28
N GLY F 305 -119.21 44.44 -10.59
CA GLY F 305 -120.54 44.17 -11.13
C GLY F 305 -121.43 43.52 -10.09
N ASN F 306 -122.62 44.07 -9.91
CA ASN F 306 -123.56 43.54 -8.92
C ASN F 306 -124.96 43.57 -9.51
N ALA F 307 -125.67 42.44 -9.40
CA ALA F 307 -127.01 42.30 -9.98
C ALA F 307 -127.96 41.80 -8.91
N GLU F 308 -128.51 42.73 -8.13
CA GLU F 308 -129.53 42.43 -7.12
C GLU F 308 -130.89 42.64 -7.75
N VAL F 309 -131.71 41.59 -7.78
CA VAL F 309 -133.07 41.66 -8.28
C VAL F 309 -134.01 41.65 -7.08
N HIS F 310 -135.09 42.41 -7.17
CA HIS F 310 -136.00 42.61 -6.05
C HIS F 310 -137.30 41.86 -6.30
N ALA F 311 -137.69 41.02 -5.34
CA ALA F 311 -138.97 40.33 -5.37
C ALA F 311 -139.72 40.68 -4.10
N SER F 312 -140.76 41.50 -4.24
CA SER F 312 -141.51 42.01 -3.10
C SER F 312 -142.99 41.71 -3.31
N PHE F 313 -143.84 42.32 -2.48
CA PHE F 313 -145.28 42.10 -2.57
C PHE F 313 -145.93 43.08 -3.54
N PHE F 314 -145.53 44.37 -3.52
CA PHE F 314 -146.11 45.35 -4.45
C PHE F 314 -145.10 45.93 -5.43
N ASP F 315 -144.04 46.56 -4.95
CA ASP F 315 -143.14 47.32 -5.82
C ASP F 315 -142.01 46.42 -6.28
N ILE F 316 -142.01 46.08 -7.56
CA ILE F 316 -141.00 45.20 -8.15
C ILE F 316 -140.13 46.04 -9.05
N GLY F 317 -138.84 46.14 -8.70
CA GLY F 317 -137.87 46.88 -9.47
C GLY F 317 -136.65 46.03 -9.80
N GLY F 318 -135.58 46.72 -10.18
CA GLY F 318 -134.33 46.04 -10.48
C GLY F 318 -133.10 46.93 -10.37
N SER F 319 -132.10 46.47 -9.64
CA SER F 319 -130.83 47.18 -9.50
C SER F 319 -129.75 46.46 -10.28
N VAL F 320 -129.10 47.18 -11.18
CA VAL F 320 -127.98 46.67 -11.96
C VAL F 320 -126.79 47.58 -11.73
N SER F 321 -125.71 47.04 -11.17
CA SER F 321 -124.56 47.83 -10.78
C SER F 321 -123.29 47.21 -11.36
N ALA F 322 -122.35 48.07 -11.76
CA ALA F 322 -121.07 47.63 -12.32
C ALA F 322 -120.10 48.79 -12.21
N GLY F 323 -118.79 48.47 -12.18
CA GLY F 323 -117.79 49.51 -12.00
C GLY F 323 -116.42 49.08 -12.50
N PHE F 324 -115.54 50.09 -12.63
CA PHE F 324 -114.17 49.91 -13.08
C PHE F 324 -113.27 50.73 -12.15
N SER F 325 -112.78 50.10 -11.08
CA SER F 325 -112.02 50.81 -10.05
C SER F 325 -110.54 50.47 -10.17
N ASN F 326 -109.70 51.31 -9.55
CA ASN F 326 -108.26 51.15 -9.59
C ASN F 326 -107.67 51.35 -8.21
N SER F 327 -106.41 50.96 -8.04
CA SER F 327 -105.65 51.24 -6.83
C SER F 327 -104.17 51.34 -7.19
N ASN F 328 -103.40 52.00 -6.33
CA ASN F 328 -102.00 52.29 -6.61
C ASN F 328 -101.26 52.35 -5.28
N SER F 329 -100.31 51.46 -5.07
CA SER F 329 -99.60 51.37 -3.81
C SER F 329 -98.14 51.81 -3.93
N SER F 330 -97.47 51.85 -2.78
CA SER F 330 -96.04 52.16 -2.68
C SER F 330 -95.51 51.39 -1.46
N THR F 331 -95.04 50.17 -1.70
CA THR F 331 -94.76 49.21 -0.62
C THR F 331 -93.28 49.24 -0.29
N VAL F 332 -92.88 50.19 0.54
CA VAL F 332 -91.49 50.30 0.99
C VAL F 332 -91.32 49.53 2.29
N ALA F 333 -90.53 48.46 2.24
CA ALA F 333 -90.21 47.64 3.40
C ALA F 333 -88.73 47.80 3.73
N ILE F 334 -88.38 47.54 4.98
CA ILE F 334 -87.00 47.54 5.44
C ILE F 334 -86.81 46.37 6.39
N ASP F 335 -85.80 45.53 6.12
CA ASP F 335 -85.54 44.32 6.87
C ASP F 335 -84.23 44.47 7.65
N HIS F 336 -84.06 43.62 8.65
CA HIS F 336 -82.82 43.48 9.39
C HIS F 336 -82.64 42.02 9.78
N SER F 337 -81.40 41.56 9.81
CA SER F 337 -81.17 40.15 10.11
C SER F 337 -79.82 39.94 10.77
N LEU F 338 -79.74 38.86 11.54
CA LEU F 338 -78.50 38.30 12.05
C LEU F 338 -78.47 36.83 11.67
N SER F 339 -77.29 36.21 11.77
CA SER F 339 -77.17 34.77 11.58
C SER F 339 -75.92 34.31 12.32
N LEU F 340 -76.10 33.61 13.43
CA LEU F 340 -74.98 33.13 14.24
C LEU F 340 -74.89 31.62 14.06
N ALA F 341 -74.17 31.20 13.03
CA ALA F 341 -74.08 29.79 12.66
C ALA F 341 -72.70 29.26 13.00
N GLY F 342 -72.58 28.63 14.15
CA GLY F 342 -71.38 27.89 14.48
C GLY F 342 -71.31 26.57 13.73
N GLU F 343 -70.17 25.89 13.86
CA GLU F 343 -69.96 24.63 13.17
C GLU F 343 -68.98 23.77 13.95
N ARG F 344 -68.87 22.52 13.55
CA ARG F 344 -67.91 21.58 14.10
C ARG F 344 -67.72 20.48 13.07
N THR F 345 -66.51 19.92 12.99
CA THR F 345 -66.20 18.97 11.95
C THR F 345 -65.10 18.03 12.44
N TRP F 346 -65.24 16.74 12.13
CA TRP F 346 -64.24 15.74 12.46
C TRP F 346 -63.97 14.90 11.22
N ALA F 347 -62.70 14.69 10.89
CA ALA F 347 -62.32 13.98 9.67
C ALA F 347 -61.39 12.82 10.02
N GLU F 348 -60.88 12.15 8.98
CA GLU F 348 -60.06 10.94 9.10
C GLU F 348 -59.46 10.63 7.75
N THR F 349 -58.33 9.92 7.74
CA THR F 349 -57.61 9.63 6.51
C THR F 349 -56.74 8.40 6.74
N MET F 350 -56.68 7.50 5.75
CA MET F 350 -55.85 6.30 5.83
C MET F 350 -55.23 6.05 4.46
N GLY F 351 -53.95 6.38 4.30
CA GLY F 351 -53.26 6.24 3.04
C GLY F 351 -52.50 4.93 2.93
N LEU F 352 -51.96 4.68 1.74
CA LEU F 352 -51.37 3.39 1.42
C LEU F 352 -50.43 3.55 0.24
N ASN F 353 -49.79 2.45 -0.15
CA ASN F 353 -49.03 2.37 -1.40
C ASN F 353 -48.94 0.90 -1.74
N THR F 354 -49.59 0.48 -2.82
CA THR F 354 -49.77 -0.95 -3.07
C THR F 354 -48.51 -1.67 -3.54
N ALA F 355 -47.36 -1.01 -3.61
CA ALA F 355 -46.10 -1.69 -3.85
C ALA F 355 -45.24 -1.81 -2.61
N ASP F 356 -45.63 -1.16 -1.52
CA ASP F 356 -44.86 -1.09 -0.28
C ASP F 356 -45.82 -1.20 0.90
N THR F 357 -46.70 -2.18 0.88
CA THR F 357 -47.73 -2.27 1.90
C THR F 357 -47.25 -2.78 3.23
N ALA F 358 -46.09 -3.44 3.30
CA ALA F 358 -45.63 -3.94 4.59
C ALA F 358 -44.12 -4.00 4.62
N ARG F 359 -43.59 -4.30 5.79
CA ARG F 359 -42.16 -4.45 6.00
C ARG F 359 -41.90 -5.67 6.86
N LEU F 360 -40.97 -6.51 6.44
CA LEU F 360 -40.69 -7.75 7.13
C LEU F 360 -39.53 -7.59 8.10
N ASN F 361 -39.39 -8.59 8.97
CA ASN F 361 -38.36 -8.66 9.98
C ASN F 361 -38.32 -10.10 10.47
N ALA F 362 -37.17 -10.75 10.35
CA ALA F 362 -37.05 -12.17 10.59
C ALA F 362 -36.06 -12.41 11.71
N ASN F 363 -36.48 -13.12 12.75
CA ASN F 363 -35.61 -13.47 13.85
C ASN F 363 -34.97 -14.82 13.59
N ILE F 364 -33.66 -14.87 13.49
CA ILE F 364 -32.94 -16.06 13.03
C ILE F 364 -31.94 -16.50 14.08
N ARG F 365 -31.45 -17.72 13.94
CA ARG F 365 -30.45 -18.28 14.84
C ARG F 365 -29.64 -19.32 14.11
N TYR F 366 -28.32 -19.14 14.08
CA TYR F 366 -27.44 -20.03 13.35
C TYR F 366 -27.07 -21.23 14.19
N VAL F 367 -26.85 -22.38 13.53
CA VAL F 367 -26.46 -23.63 14.18
C VAL F 367 -25.26 -24.18 13.42
N ASN F 368 -24.27 -24.71 14.13
CA ASN F 368 -23.17 -25.43 13.49
C ASN F 368 -23.05 -26.82 14.07
N THR F 369 -23.46 -27.82 13.31
CA THR F 369 -23.45 -29.20 13.75
C THR F 369 -22.23 -29.97 13.26
N GLY F 370 -21.25 -29.30 12.69
CA GLY F 370 -20.14 -29.95 12.04
C GLY F 370 -19.06 -30.37 13.02
N THR F 371 -17.83 -30.44 12.53
CA THR F 371 -16.71 -30.82 13.36
C THR F 371 -15.57 -29.81 13.37
N ALA F 372 -15.76 -28.61 12.83
CA ALA F 372 -14.71 -27.61 12.87
C ALA F 372 -15.36 -26.24 12.84
N PRO F 373 -14.81 -25.26 13.53
CA PRO F 373 -15.47 -23.97 13.61
C PRO F 373 -15.26 -23.11 12.38
N ILE F 374 -16.26 -22.28 12.10
CA ILE F 374 -16.25 -21.40 10.96
C ILE F 374 -16.30 -19.96 11.47
N TYR F 375 -15.40 -19.12 10.98
CA TYR F 375 -15.23 -17.77 11.47
C TYR F 375 -15.85 -16.78 10.50
N ASN F 376 -16.39 -15.69 11.05
CA ASN F 376 -17.06 -14.63 10.31
C ASN F 376 -18.18 -15.17 9.42
N VAL F 377 -19.17 -15.77 10.05
CA VAL F 377 -20.22 -16.46 9.31
C VAL F 377 -21.18 -15.43 8.71
N LEU F 378 -21.55 -15.63 7.46
CA LEU F 378 -22.48 -14.73 6.77
C LEU F 378 -23.33 -15.56 5.84
N PRO F 379 -24.51 -15.97 6.26
CA PRO F 379 -25.35 -16.82 5.41
C PRO F 379 -25.98 -16.06 4.28
N THR F 380 -26.74 -16.77 3.46
CA THR F 380 -27.49 -16.16 2.38
C THR F 380 -28.86 -16.81 2.28
N THR F 381 -29.85 -16.17 2.87
CA THR F 381 -31.16 -16.76 3.05
C THR F 381 -32.15 -16.12 2.09
N SER F 382 -33.22 -16.84 1.80
CA SER F 382 -34.28 -16.38 0.92
C SER F 382 -35.61 -16.55 1.63
N LEU F 383 -36.46 -15.53 1.61
CA LEU F 383 -37.77 -15.60 2.23
C LEU F 383 -38.80 -15.95 1.18
N VAL F 384 -39.31 -17.17 1.25
CA VAL F 384 -40.16 -17.71 0.19
C VAL F 384 -41.59 -17.66 0.66
N LEU F 385 -42.41 -16.89 -0.05
CA LEU F 385 -43.83 -16.79 0.24
C LEU F 385 -44.58 -17.80 -0.61
N GLY F 386 -45.33 -18.68 0.01
CA GLY F 386 -46.07 -19.68 -0.73
C GLY F 386 -45.23 -20.90 -0.98
N LYS F 387 -45.15 -21.32 -2.24
CA LYS F 387 -44.38 -22.51 -2.61
C LYS F 387 -42.99 -22.17 -3.09
N ASN F 388 -42.87 -21.39 -4.17
CA ASN F 388 -41.57 -20.98 -4.66
C ASN F 388 -41.59 -19.55 -5.16
N GLN F 389 -42.25 -18.66 -4.44
CA GLN F 389 -42.27 -17.25 -4.80
C GLN F 389 -41.42 -16.52 -3.79
N THR F 390 -40.27 -16.04 -4.23
CA THR F 390 -39.23 -15.54 -3.33
C THR F 390 -39.34 -14.03 -3.19
N LEU F 391 -39.48 -13.56 -1.96
CA LEU F 391 -39.61 -12.11 -1.77
C LEU F 391 -38.26 -11.41 -1.85
N ALA F 392 -37.22 -11.99 -1.27
CA ALA F 392 -35.91 -11.36 -1.25
C ALA F 392 -34.85 -12.37 -0.91
N THR F 393 -33.68 -12.22 -1.51
CA THR F 393 -32.47 -12.93 -1.09
C THR F 393 -31.54 -11.94 -0.41
N ILE F 394 -31.12 -12.27 0.80
CA ILE F 394 -30.35 -11.36 1.66
C ILE F 394 -29.07 -12.05 2.08
N LYS F 395 -27.94 -11.58 1.60
CA LYS F 395 -26.69 -11.88 2.29
C LYS F 395 -26.68 -11.11 3.59
N ALA F 396 -26.21 -11.73 4.66
CA ALA F 396 -26.22 -11.07 5.96
C ALA F 396 -25.24 -9.91 5.99
N LYS F 397 -25.65 -8.82 6.64
CA LYS F 397 -24.83 -7.61 6.71
C LYS F 397 -23.92 -7.70 7.93
N GLU F 398 -23.31 -6.58 8.34
CA GLU F 398 -22.43 -6.60 9.50
C GLU F 398 -23.16 -6.73 10.80
N ASN F 399 -24.45 -6.38 10.85
CA ASN F 399 -25.18 -6.49 12.08
C ASN F 399 -25.46 -7.94 12.45
N GLN F 400 -25.49 -8.83 11.47
CA GLN F 400 -25.79 -10.24 11.71
C GLN F 400 -24.60 -11.15 11.46
N LEU F 401 -23.40 -10.69 11.76
CA LEU F 401 -22.19 -11.47 11.55
C LEU F 401 -21.85 -12.22 12.82
N SER F 402 -21.34 -13.42 12.67
CA SER F 402 -20.99 -14.28 13.78
C SER F 402 -19.50 -14.52 13.78
N GLN F 403 -18.80 -14.03 14.80
CA GLN F 403 -17.35 -14.02 14.76
C GLN F 403 -16.72 -15.37 15.00
N ILE F 404 -17.43 -16.29 15.64
CA ILE F 404 -16.95 -17.65 15.89
C ILE F 404 -18.17 -18.52 16.10
N LEU F 405 -18.15 -19.69 15.48
CA LEU F 405 -19.26 -20.63 15.66
C LEU F 405 -18.65 -22.03 15.77
N ALA F 406 -18.44 -22.46 17.00
CA ALA F 406 -17.85 -23.75 17.28
C ALA F 406 -18.80 -24.87 16.88
N PRO F 407 -18.35 -26.12 16.83
CA PRO F 407 -19.31 -27.20 16.61
C PRO F 407 -20.27 -27.36 17.78
N ASN F 408 -21.52 -27.68 17.44
CA ASN F 408 -22.61 -27.87 18.40
C ASN F 408 -22.86 -26.63 19.24
N ASN F 409 -22.84 -25.46 18.63
CA ASN F 409 -23.20 -24.22 19.30
C ASN F 409 -24.13 -23.40 18.42
N TYR F 410 -24.74 -22.41 19.04
CA TYR F 410 -25.76 -21.56 18.43
C TYR F 410 -25.36 -20.11 18.58
N TYR F 411 -25.37 -19.36 17.49
CA TYR F 411 -25.23 -17.92 17.62
C TYR F 411 -26.57 -17.27 17.31
N PRO F 412 -27.15 -16.47 18.21
CA PRO F 412 -26.78 -16.16 19.58
C PRO F 412 -27.10 -17.33 20.44
N SER F 413 -26.53 -17.41 21.64
CA SER F 413 -26.66 -18.60 22.45
C SER F 413 -28.10 -18.84 22.85
N LYS F 414 -28.38 -20.07 23.29
CA LYS F 414 -29.76 -20.51 23.43
C LYS F 414 -30.46 -19.90 24.63
N ASN F 415 -29.75 -19.15 25.48
CA ASN F 415 -30.37 -18.37 26.54
C ASN F 415 -30.49 -16.90 26.17
N LEU F 416 -30.34 -16.57 24.90
CA LEU F 416 -30.49 -15.20 24.44
C LEU F 416 -31.45 -15.17 23.27
N ALA F 417 -32.09 -14.03 23.07
CA ALA F 417 -33.08 -13.91 22.04
C ALA F 417 -32.42 -13.86 20.66
N PRO F 418 -33.13 -14.25 19.61
CA PRO F 418 -32.53 -14.29 18.27
C PRO F 418 -32.28 -12.89 17.72
N ILE F 419 -31.58 -12.85 16.60
CA ILE F 419 -31.15 -11.61 15.99
C ILE F 419 -32.08 -11.27 14.85
N ALA F 420 -32.19 -9.98 14.54
CA ALA F 420 -33.15 -9.50 13.56
C ALA F 420 -32.48 -9.28 12.23
N LEU F 421 -33.10 -9.75 11.17
CA LEU F 421 -32.67 -9.51 9.80
C LEU F 421 -33.72 -8.63 9.14
N ASN F 422 -33.45 -7.34 9.07
CA ASN F 422 -34.44 -6.42 8.54
C ASN F 422 -33.81 -5.40 7.60
N ALA F 423 -32.92 -5.84 6.73
CA ALA F 423 -32.23 -4.90 5.87
C ALA F 423 -31.79 -5.59 4.59
N GLN F 424 -31.95 -4.89 3.48
CA GLN F 424 -31.58 -5.36 2.16
C GLN F 424 -30.42 -4.58 1.56
N ASP F 425 -30.35 -3.28 1.84
CA ASP F 425 -29.24 -2.44 1.44
C ASP F 425 -27.95 -2.94 2.07
N ASP F 426 -26.82 -2.63 1.42
CA ASP F 426 -25.52 -3.06 1.94
C ASP F 426 -25.18 -2.38 3.25
N PHE F 427 -25.73 -1.20 3.49
CA PHE F 427 -25.40 -0.42 4.67
C PHE F 427 -26.52 -0.44 5.68
N SER F 428 -27.44 -1.38 5.55
CA SER F 428 -28.55 -1.62 6.47
C SER F 428 -29.46 -0.40 6.61
N SER F 429 -29.86 0.18 5.48
CA SER F 429 -30.72 1.35 5.47
C SER F 429 -32.09 1.13 4.88
N THR F 430 -32.22 0.28 3.86
CA THR F 430 -33.48 0.06 3.19
C THR F 430 -34.08 -1.25 3.67
N PRO F 431 -35.34 -1.27 4.07
CA PRO F 431 -35.91 -2.48 4.66
C PRO F 431 -36.31 -3.50 3.61
N ILE F 432 -36.92 -4.58 4.07
CA ILE F 432 -37.44 -5.64 3.22
C ILE F 432 -38.92 -5.44 3.08
N THR F 433 -39.39 -5.18 1.87
CA THR F 433 -40.76 -4.79 1.62
C THR F 433 -41.53 -5.91 0.96
N MET F 434 -42.84 -5.70 0.79
CA MET F 434 -43.73 -6.72 0.28
C MET F 434 -45.00 -6.05 -0.25
N ASN F 435 -45.41 -6.36 -1.46
CA ASN F 435 -46.48 -5.55 -2.05
C ASN F 435 -47.85 -6.06 -1.61
N TYR F 436 -48.92 -5.53 -2.21
CA TYR F 436 -50.25 -5.70 -1.63
C TYR F 436 -50.79 -7.11 -1.78
N ASN F 437 -50.63 -7.72 -2.96
CA ASN F 437 -51.14 -9.06 -3.16
C ASN F 437 -50.37 -10.08 -2.34
N GLN F 438 -49.05 -9.89 -2.23
CA GLN F 438 -48.23 -10.73 -1.37
C GLN F 438 -48.63 -10.59 0.08
N PHE F 439 -48.95 -9.37 0.50
CA PHE F 439 -49.33 -9.13 1.89
C PHE F 439 -50.67 -9.76 2.21
N LEU F 440 -51.63 -9.65 1.29
CA LEU F 440 -52.93 -10.27 1.51
C LEU F 440 -52.83 -11.79 1.56
N GLU F 441 -52.04 -12.38 0.64
CA GLU F 441 -51.84 -13.82 0.64
C GLU F 441 -51.16 -14.30 1.90
N LEU F 442 -50.17 -13.55 2.39
CA LEU F 442 -49.47 -13.95 3.61
C LEU F 442 -50.35 -13.80 4.83
N GLU F 443 -51.18 -12.76 4.86
CA GLU F 443 -52.10 -12.58 5.98
C GLU F 443 -53.13 -13.69 6.02
N LYS F 444 -53.57 -14.15 4.86
CA LYS F 444 -54.59 -15.19 4.82
C LYS F 444 -54.01 -16.57 5.15
N THR F 445 -52.86 -16.91 4.58
CA THR F 445 -52.39 -18.29 4.68
C THR F 445 -51.27 -18.51 5.70
N LYS F 446 -50.47 -17.48 5.99
CA LYS F 446 -49.33 -17.55 6.93
C LYS F 446 -48.31 -18.60 6.51
N GLN F 447 -48.10 -18.73 5.21
CA GLN F 447 -47.13 -19.69 4.67
C GLN F 447 -45.89 -18.92 4.25
N LEU F 448 -44.82 -19.04 5.03
CA LEU F 448 -43.61 -18.27 4.79
C LEU F 448 -42.46 -19.00 5.47
N ARG F 449 -41.38 -19.24 4.75
CA ARG F 449 -40.25 -19.97 5.28
C ARG F 449 -38.95 -19.30 4.84
N LEU F 450 -37.84 -19.83 5.31
CA LEU F 450 -36.54 -19.22 5.07
C LEU F 450 -35.57 -20.29 4.57
N ASP F 451 -35.17 -20.19 3.31
CA ASP F 451 -34.18 -21.08 2.74
C ASP F 451 -32.78 -20.68 3.20
N THR F 452 -31.79 -21.45 2.79
CA THR F 452 -30.40 -21.15 3.09
C THR F 452 -29.57 -21.59 1.90
N ASP F 453 -29.27 -20.68 1.00
CA ASP F 453 -28.64 -21.08 -0.25
C ASP F 453 -27.16 -21.39 -0.06
N GLN F 454 -26.44 -20.58 0.72
CA GLN F 454 -25.02 -20.79 0.93
C GLN F 454 -24.63 -20.10 2.22
N VAL F 455 -23.39 -20.32 2.65
CA VAL F 455 -22.84 -19.75 3.88
C VAL F 455 -21.40 -19.34 3.62
N TYR F 456 -21.06 -18.09 3.91
CA TYR F 456 -19.69 -17.62 3.83
C TYR F 456 -19.00 -17.77 5.18
N GLY F 457 -17.68 -17.98 5.15
CA GLY F 457 -16.95 -18.04 6.39
C GLY F 457 -15.50 -18.40 6.24
N ASN F 458 -14.64 -17.92 7.13
CA ASN F 458 -13.20 -18.03 6.98
C ASN F 458 -12.63 -19.21 7.75
N ILE F 459 -11.33 -19.43 7.62
CA ILE F 459 -10.62 -20.54 8.23
C ILE F 459 -9.52 -19.96 9.11
N ALA F 460 -9.22 -20.62 10.23
CA ALA F 460 -8.14 -20.20 11.09
C ALA F 460 -7.14 -21.33 11.26
N THR F 461 -5.86 -21.03 11.09
CA THR F 461 -4.82 -22.05 11.01
C THR F 461 -3.71 -21.77 11.99
N TYR F 462 -2.98 -22.81 12.36
CA TYR F 462 -1.92 -22.71 13.34
C TYR F 462 -0.68 -22.08 12.74
N ASN F 463 -0.03 -21.22 13.51
CA ASN F 463 1.14 -20.47 13.06
C ASN F 463 2.35 -20.91 13.88
N PHE F 464 3.28 -21.62 13.24
CA PHE F 464 4.32 -22.34 13.95
C PHE F 464 5.34 -21.47 14.67
N GLU F 465 5.45 -20.19 14.33
CA GLU F 465 6.52 -19.40 14.92
C GLU F 465 6.17 -18.93 16.33
N ASN F 466 4.89 -18.82 16.65
CA ASN F 466 4.50 -18.45 18.00
C ASN F 466 3.28 -19.20 18.49
N GLY F 467 2.78 -20.16 17.74
CA GLY F 467 1.67 -20.96 18.22
C GLY F 467 0.32 -20.30 18.15
N ARG F 468 0.23 -19.08 17.70
CA ARG F 468 -1.08 -18.44 17.71
C ARG F 468 -1.89 -18.92 16.53
N VAL F 469 -3.20 -18.76 16.65
CA VAL F 469 -4.15 -19.15 15.63
C VAL F 469 -4.60 -17.89 14.91
N ARG F 470 -4.51 -17.89 13.59
CA ARG F 470 -4.76 -16.70 12.79
C ARG F 470 -5.82 -16.97 11.75
N VAL F 471 -6.88 -16.18 11.78
CA VAL F 471 -7.94 -16.27 10.79
C VAL F 471 -7.41 -15.70 9.48
N ASP F 472 -7.10 -16.56 8.52
CA ASP F 472 -6.62 -16.12 7.22
C ASP F 472 -7.81 -15.56 6.47
N THR F 473 -7.97 -14.24 6.50
CA THR F 473 -9.17 -13.60 5.97
C THR F 473 -9.24 -13.60 4.45
N GLY F 474 -8.23 -14.08 3.75
CA GLY F 474 -8.33 -14.18 2.32
C GLY F 474 -8.86 -15.49 1.80
N SER F 475 -9.22 -16.41 2.69
CA SER F 475 -9.56 -17.77 2.30
C SER F 475 -10.81 -18.21 3.04
N ASN F 476 -11.75 -18.80 2.31
CA ASN F 476 -13.03 -19.18 2.89
C ASN F 476 -13.25 -20.68 2.75
N TRP F 477 -14.37 -21.14 3.31
CA TRP F 477 -14.62 -22.57 3.42
C TRP F 477 -15.30 -23.15 2.20
N SER F 478 -15.39 -22.42 1.10
CA SER F 478 -15.96 -22.96 -0.12
C SER F 478 -14.89 -23.35 -1.12
N GLU F 479 -13.64 -23.06 -0.83
CA GLU F 479 -12.52 -23.64 -1.54
C GLU F 479 -12.11 -24.97 -0.94
N VAL F 480 -12.74 -25.39 0.14
CA VAL F 480 -12.33 -26.55 0.90
C VAL F 480 -13.42 -27.61 0.90
N LEU F 481 -14.66 -27.21 1.15
CA LEU F 481 -15.76 -28.16 1.24
C LEU F 481 -16.02 -29.00 0.00
N PRO F 482 -15.93 -28.51 -1.24
CA PRO F 482 -16.05 -29.42 -2.37
C PRO F 482 -14.87 -30.33 -2.58
N GLN F 483 -13.71 -30.02 -2.00
CA GLN F 483 -12.62 -30.96 -2.02
C GLN F 483 -12.83 -32.08 -1.03
N ILE F 484 -13.64 -31.86 0.00
CA ILE F 484 -14.01 -32.92 0.91
C ILE F 484 -15.16 -33.74 0.34
N GLN F 485 -16.11 -33.11 -0.34
CA GLN F 485 -17.26 -33.81 -0.86
C GLN F 485 -16.98 -34.69 -2.08
N GLU F 486 -15.74 -34.80 -2.53
CA GLU F 486 -15.44 -35.59 -3.70
C GLU F 486 -14.32 -36.59 -3.48
N THR F 487 -13.75 -36.65 -2.29
CA THR F 487 -12.75 -37.67 -1.98
C THR F 487 -13.17 -38.60 -0.85
N THR F 488 -14.28 -38.32 -0.18
CA THR F 488 -14.60 -38.98 1.08
C THR F 488 -15.97 -39.64 1.01
N ALA F 489 -16.12 -40.69 1.80
CA ALA F 489 -17.37 -41.42 1.93
C ALA F 489 -18.15 -40.88 3.11
N ARG F 490 -19.43 -40.62 2.92
CA ARG F 490 -20.27 -40.11 3.99
C ARG F 490 -20.92 -41.26 4.73
N ILE F 491 -21.00 -41.15 6.05
CA ILE F 491 -21.69 -42.13 6.88
C ILE F 491 -22.54 -41.36 7.88
N ILE F 492 -23.86 -41.51 7.79
CA ILE F 492 -24.78 -40.85 8.70
C ILE F 492 -25.32 -41.88 9.67
N PHE F 493 -25.32 -41.53 10.95
CA PHE F 493 -25.66 -42.47 12.01
C PHE F 493 -26.51 -41.72 13.02
N ASN F 494 -27.47 -42.42 13.64
CA ASN F 494 -28.32 -41.74 14.60
C ASN F 494 -28.65 -42.58 15.83
N GLY F 495 -27.85 -43.61 16.12
CA GLY F 495 -28.14 -44.48 17.25
C GLY F 495 -28.03 -43.82 18.61
N LYS F 496 -27.33 -42.70 18.71
CA LYS F 496 -27.25 -41.94 19.95
C LYS F 496 -28.17 -40.74 19.80
N ASP F 497 -29.10 -40.55 20.75
CA ASP F 497 -30.03 -39.38 20.81
C ASP F 497 -30.99 -39.24 19.61
N LEU F 498 -31.01 -40.19 18.67
CA LEU F 498 -31.93 -40.21 17.53
C LEU F 498 -31.86 -38.95 16.66
N ASN F 499 -30.70 -38.29 16.63
CA ASN F 499 -30.46 -37.19 15.73
C ASN F 499 -29.45 -37.63 14.68
N LEU F 500 -29.62 -37.16 13.45
CA LEU F 500 -28.78 -37.59 12.35
C LEU F 500 -27.44 -36.87 12.46
N VAL F 501 -26.37 -37.64 12.62
CA VAL F 501 -25.03 -37.12 12.81
C VAL F 501 -24.17 -37.57 11.64
N GLU F 502 -23.55 -36.62 10.95
CA GLU F 502 -22.89 -36.87 9.68
C GLU F 502 -21.38 -36.74 9.83
N ARG F 503 -20.65 -37.75 9.36
CA ARG F 503 -19.20 -37.71 9.32
C ARG F 503 -18.75 -38.16 7.95
N ARG F 504 -17.52 -37.80 7.59
CA ARG F 504 -16.92 -38.22 6.33
C ARG F 504 -15.59 -38.88 6.62
N ILE F 505 -15.27 -39.92 5.86
CA ILE F 505 -14.06 -40.72 6.07
C ILE F 505 -13.36 -40.88 4.73
N ALA F 506 -12.07 -40.59 4.69
CA ALA F 506 -11.33 -40.56 3.44
C ALA F 506 -11.15 -41.95 2.86
N ALA F 507 -11.73 -42.20 1.69
CA ALA F 507 -11.59 -43.47 0.99
C ALA F 507 -11.00 -43.24 -0.40
N VAL F 508 -10.78 -44.35 -1.11
CA VAL F 508 -9.83 -44.43 -2.21
C VAL F 508 -10.58 -44.38 -3.54
N ASN F 509 -10.47 -43.27 -4.25
CA ASN F 509 -11.05 -43.16 -5.59
C ASN F 509 -10.15 -43.86 -6.59
N PRO F 510 -10.60 -44.95 -7.24
CA PRO F 510 -9.67 -45.79 -8.01
C PRO F 510 -9.16 -45.17 -9.30
N SER F 511 -9.76 -44.10 -9.80
CA SER F 511 -9.37 -43.51 -11.07
C SER F 511 -8.81 -42.11 -10.90
N ASP F 512 -7.98 -41.93 -9.87
CA ASP F 512 -7.37 -40.64 -9.58
C ASP F 512 -6.06 -40.91 -8.87
N PRO F 513 -4.93 -40.77 -9.55
CA PRO F 513 -3.65 -41.28 -9.01
C PRO F 513 -3.12 -40.54 -7.80
N LEU F 514 -3.75 -39.45 -7.37
CA LEU F 514 -3.42 -38.92 -6.06
C LEU F 514 -4.25 -39.57 -4.98
N GLU F 515 -5.51 -39.87 -5.27
CA GLU F 515 -6.40 -40.50 -4.31
C GLU F 515 -6.18 -41.99 -4.18
N THR F 516 -5.35 -42.60 -5.02
CA THR F 516 -4.99 -43.99 -4.83
C THR F 516 -3.75 -44.14 -3.97
N THR F 517 -3.42 -43.14 -3.17
CA THR F 517 -2.33 -43.22 -2.22
C THR F 517 -2.81 -43.27 -0.79
N LYS F 518 -4.06 -42.93 -0.53
CA LYS F 518 -4.61 -43.01 0.79
C LYS F 518 -4.77 -44.47 1.21
N PRO F 519 -4.67 -44.77 2.50
CA PRO F 519 -4.71 -46.16 2.93
C PRO F 519 -6.09 -46.77 2.75
N ASP F 520 -6.13 -48.09 2.78
CA ASP F 520 -7.37 -48.81 2.54
C ASP F 520 -8.24 -48.75 3.78
N MET F 521 -9.53 -48.51 3.57
CA MET F 521 -10.45 -48.22 4.66
C MET F 521 -11.62 -49.17 4.59
N THR F 522 -11.72 -50.09 5.55
CA THR F 522 -12.81 -51.03 5.65
C THR F 522 -13.95 -50.40 6.43
N LEU F 523 -15.13 -50.99 6.28
CA LEU F 523 -16.32 -50.45 6.92
C LEU F 523 -16.28 -50.60 8.43
N LYS F 524 -15.66 -51.66 8.93
CA LYS F 524 -15.47 -51.84 10.36
C LYS F 524 -14.61 -50.73 10.93
N GLU F 525 -13.51 -50.41 10.25
CA GLU F 525 -12.62 -49.36 10.71
C GLU F 525 -13.26 -47.99 10.59
N ALA F 526 -14.01 -47.76 9.50
CA ALA F 526 -14.68 -46.48 9.32
C ALA F 526 -15.77 -46.27 10.35
N LEU F 527 -16.41 -47.34 10.81
CA LEU F 527 -17.34 -47.19 11.92
C LEU F 527 -16.62 -47.04 13.24
N LYS F 528 -15.43 -47.63 13.35
CA LYS F 528 -14.74 -47.66 14.63
C LYS F 528 -14.11 -46.32 14.95
N ILE F 529 -13.61 -45.60 13.93
CA ILE F 529 -12.83 -44.39 14.18
C ILE F 529 -13.63 -43.10 14.06
N ALA F 530 -14.86 -43.16 13.61
CA ALA F 530 -15.62 -41.94 13.37
C ALA F 530 -16.87 -41.80 14.24
N PHE F 531 -17.26 -42.83 14.97
CA PHE F 531 -18.46 -42.75 15.79
C PHE F 531 -18.31 -43.34 17.17
N GLY F 532 -17.21 -44.01 17.49
CA GLY F 532 -17.08 -44.59 18.81
C GLY F 532 -17.54 -46.02 18.93
N PHE F 533 -17.71 -46.73 17.84
CA PHE F 533 -17.92 -48.16 17.90
C PHE F 533 -16.63 -48.83 18.38
N ASN F 534 -16.78 -49.96 19.05
CA ASN F 534 -15.62 -50.77 19.40
C ASN F 534 -16.05 -52.22 19.51
N GLU F 535 -15.11 -53.07 19.93
CA GLU F 535 -15.37 -54.49 20.11
C GLU F 535 -14.59 -55.00 21.32
N PRO F 536 -15.27 -55.14 22.47
CA PRO F 536 -14.57 -55.66 23.64
C PRO F 536 -14.41 -57.17 23.61
N ASN F 537 -15.18 -57.89 22.79
CA ASN F 537 -15.07 -59.33 22.70
C ASN F 537 -14.98 -59.83 21.27
N GLY F 538 -14.91 -58.93 20.30
CA GLY F 538 -14.81 -59.30 18.91
C GLY F 538 -16.03 -58.98 18.08
N ASN F 539 -17.16 -58.70 18.71
CA ASN F 539 -18.41 -58.42 18.01
C ASN F 539 -18.66 -56.92 18.06
N LEU F 540 -18.68 -56.29 16.89
CA LEU F 540 -18.65 -54.83 16.79
C LEU F 540 -19.95 -54.25 17.32
N GLN F 541 -19.83 -53.24 18.17
CA GLN F 541 -21.00 -52.72 18.87
C GLN F 541 -20.84 -51.24 19.14
N TYR F 542 -21.96 -50.60 19.49
CA TYR F 542 -21.98 -49.26 20.06
C TYR F 542 -21.61 -49.35 21.54
N GLN F 543 -22.06 -48.40 22.35
CA GLN F 543 -21.89 -48.51 23.79
C GLN F 543 -22.44 -49.84 24.32
N GLY F 544 -23.70 -50.13 24.06
CA GLY F 544 -24.19 -51.43 24.45
C GLY F 544 -24.70 -52.31 23.33
N LYS F 545 -25.30 -51.71 22.31
CA LYS F 545 -26.07 -52.48 21.33
C LYS F 545 -25.16 -53.08 20.28
N ASP F 546 -25.46 -54.32 19.91
CA ASP F 546 -24.79 -55.02 18.82
C ASP F 546 -25.05 -54.29 17.50
N ILE F 547 -24.15 -54.50 16.54
CA ILE F 547 -24.33 -53.94 15.20
C ILE F 547 -25.47 -54.63 14.46
N THR F 548 -25.88 -55.82 14.89
CA THR F 548 -27.03 -56.48 14.29
C THR F 548 -28.35 -55.80 14.65
N GLU F 549 -28.35 -54.88 15.60
CA GLU F 549 -29.53 -54.08 15.87
C GLU F 549 -29.65 -52.86 14.98
N PHE F 550 -28.75 -52.67 14.02
CA PHE F 550 -28.81 -51.56 13.08
C PHE F 550 -28.97 -52.08 11.66
N ASP F 551 -29.35 -51.19 10.75
CA ASP F 551 -29.53 -51.57 9.35
C ASP F 551 -29.02 -50.47 8.43
N PHE F 552 -28.29 -50.87 7.41
CA PHE F 552 -27.67 -49.96 6.48
C PHE F 552 -28.61 -49.65 5.33
N ASN F 553 -28.63 -48.40 4.88
CA ASN F 553 -29.48 -47.96 3.76
C ASN F 553 -28.61 -47.23 2.75
N PHE F 554 -28.01 -47.98 1.84
CA PHE F 554 -27.18 -47.38 0.80
C PHE F 554 -28.06 -46.79 -0.28
N ASP F 555 -27.50 -45.89 -1.11
CA ASP F 555 -28.34 -45.32 -2.19
C ASP F 555 -28.27 -46.19 -3.44
N GLN F 556 -28.01 -45.59 -4.59
CA GLN F 556 -27.99 -46.42 -5.80
C GLN F 556 -26.59 -46.84 -6.21
N GLN F 557 -25.72 -45.87 -6.50
CA GLN F 557 -24.37 -46.20 -6.93
C GLN F 557 -23.55 -46.81 -5.82
N THR F 558 -23.91 -46.55 -4.57
CA THR F 558 -23.28 -47.24 -3.46
C THR F 558 -23.79 -48.69 -3.36
N SER F 559 -25.10 -48.90 -3.52
CA SER F 559 -25.67 -50.24 -3.36
C SER F 559 -25.20 -51.19 -4.44
N GLN F 560 -25.00 -50.68 -5.66
CA GLN F 560 -24.50 -51.52 -6.72
C GLN F 560 -23.06 -51.97 -6.44
N ASN F 561 -22.25 -51.07 -5.89
CA ASN F 561 -20.88 -51.42 -5.54
C ASN F 561 -20.83 -52.38 -4.34
N ILE F 562 -21.71 -52.17 -3.37
CA ILE F 562 -21.79 -53.05 -2.20
C ILE F 562 -22.22 -54.44 -2.63
N LYS F 563 -23.20 -54.51 -3.53
CA LYS F 563 -23.67 -55.80 -4.04
C LYS F 563 -22.60 -56.51 -4.86
N ASN F 564 -21.81 -55.75 -5.63
CA ASN F 564 -20.72 -56.36 -6.36
C ASN F 564 -19.65 -56.92 -5.44
N GLN F 565 -19.30 -56.16 -4.40
CA GLN F 565 -18.30 -56.65 -3.44
C GLN F 565 -18.82 -57.83 -2.64
N LEU F 566 -20.12 -57.90 -2.40
CA LEU F 566 -20.69 -59.05 -1.73
C LEU F 566 -20.69 -60.27 -2.64
N ALA F 567 -20.92 -60.05 -3.94
CA ALA F 567 -20.94 -61.17 -4.88
C ALA F 567 -19.54 -61.74 -5.08
N GLU F 568 -18.53 -60.88 -5.14
CA GLU F 568 -17.19 -61.38 -5.39
C GLU F 568 -16.55 -62.04 -4.17
N LEU F 569 -17.18 -61.97 -3.01
CA LEU F 569 -16.76 -62.74 -1.85
C LEU F 569 -17.79 -63.81 -1.51
N ASN F 570 -18.93 -63.80 -2.22
CA ASN F 570 -20.07 -64.74 -2.12
C ASN F 570 -20.55 -64.95 -0.69
N ALA F 571 -20.46 -63.93 0.14
CA ALA F 571 -21.08 -63.93 1.45
C ALA F 571 -22.33 -63.07 1.38
N THR F 572 -23.42 -63.58 1.92
CA THR F 572 -24.72 -62.94 1.77
C THR F 572 -25.02 -61.92 2.87
N ASN F 573 -24.56 -62.13 4.09
CA ASN F 573 -24.94 -61.26 5.20
C ASN F 573 -23.85 -60.22 5.44
N ILE F 574 -24.22 -58.95 5.39
CA ILE F 574 -23.23 -57.89 5.53
C ILE F 574 -22.73 -57.76 6.97
N TYR F 575 -23.45 -58.31 7.94
CA TYR F 575 -23.06 -58.11 9.32
C TYR F 575 -21.90 -59.01 9.74
N THR F 576 -21.49 -59.95 8.89
CA THR F 576 -20.37 -60.83 9.19
C THR F 576 -19.19 -60.60 8.28
N VAL F 577 -19.25 -59.61 7.40
CA VAL F 577 -18.20 -59.40 6.41
C VAL F 577 -17.82 -57.92 6.45
N LEU F 578 -17.97 -57.30 7.61
CA LEU F 578 -17.61 -55.89 7.76
C LEU F 578 -16.10 -55.67 7.65
N ASP F 579 -15.30 -56.70 7.83
CA ASP F 579 -13.85 -56.57 7.77
C ASP F 579 -13.33 -56.44 6.34
N LYS F 580 -14.14 -56.76 5.34
CA LYS F 580 -13.66 -56.86 3.98
C LYS F 580 -14.48 -56.02 3.00
N ILE F 581 -15.21 -55.04 3.48
CA ILE F 581 -15.94 -54.12 2.62
C ILE F 581 -15.06 -52.92 2.36
N LYS F 582 -14.50 -52.83 1.16
CA LYS F 582 -13.67 -51.70 0.79
C LYS F 582 -14.57 -50.50 0.50
N LEU F 583 -14.44 -49.45 1.30
CA LEU F 583 -15.10 -48.20 1.00
C LEU F 583 -14.44 -47.53 -0.19
N ASN F 584 -15.15 -46.60 -0.80
CA ASN F 584 -14.64 -45.86 -1.94
C ASN F 584 -15.11 -44.41 -1.85
N ALA F 585 -14.61 -43.59 -2.77
CA ALA F 585 -14.95 -42.19 -2.74
C ALA F 585 -16.33 -41.97 -3.34
N LYS F 586 -16.96 -40.88 -2.92
CA LYS F 586 -18.31 -40.48 -3.32
C LYS F 586 -19.33 -41.58 -3.00
N MET F 587 -19.32 -42.02 -1.76
CA MET F 587 -20.25 -43.03 -1.28
C MET F 587 -21.27 -42.38 -0.36
N ASN F 588 -22.26 -43.18 0.05
CA ASN F 588 -23.30 -42.71 0.96
C ASN F 588 -23.86 -43.89 1.70
N ILE F 589 -23.84 -43.83 3.02
CA ILE F 589 -24.35 -44.90 3.87
C ILE F 589 -25.16 -44.25 4.99
N LEU F 590 -26.37 -44.75 5.20
CA LEU F 590 -27.23 -44.30 6.30
C LEU F 590 -27.50 -45.47 7.22
N ILE F 591 -27.26 -45.25 8.51
CA ILE F 591 -27.32 -46.31 9.51
C ILE F 591 -28.36 -45.90 10.54
N ARG F 592 -29.45 -46.64 10.60
CA ARG F 592 -30.51 -46.31 11.53
C ARG F 592 -30.68 -47.42 12.54
N ASP F 593 -31.43 -47.11 13.59
CA ASP F 593 -31.82 -48.13 14.54
C ASP F 593 -32.97 -48.94 13.94
N LYS F 594 -33.02 -50.22 14.29
CA LYS F 594 -34.06 -51.10 13.75
C LYS F 594 -35.35 -51.04 14.54
N ARG F 595 -35.60 -49.96 15.27
CA ARG F 595 -36.69 -49.93 16.22
C ARG F 595 -37.91 -49.19 15.68
N PHE F 596 -37.69 -48.07 15.02
CA PHE F 596 -38.75 -47.10 14.78
C PHE F 596 -39.14 -47.08 13.31
N HIS F 597 -40.00 -46.12 12.97
CA HIS F 597 -40.39 -45.84 11.60
C HIS F 597 -39.93 -44.43 11.25
N TYR F 598 -39.51 -44.25 10.00
CA TYR F 598 -38.80 -43.03 9.60
C TYR F 598 -39.50 -42.40 8.40
N ASP F 599 -39.58 -41.08 8.41
CA ASP F 599 -40.30 -40.31 7.40
C ASP F 599 -39.35 -39.92 6.27
N ARG F 600 -39.75 -38.93 5.47
CA ARG F 600 -38.96 -38.44 4.34
C ARG F 600 -37.62 -37.86 4.77
N ASN F 601 -37.57 -37.20 5.93
CA ASN F 601 -36.35 -36.58 6.41
C ASN F 601 -35.63 -37.42 7.47
N ASN F 602 -35.96 -38.70 7.56
CA ASN F 602 -35.27 -39.70 8.39
C ASN F 602 -35.32 -39.33 9.88
N ILE F 603 -36.53 -39.06 10.36
CA ILE F 603 -36.75 -38.78 11.76
C ILE F 603 -37.64 -39.88 12.31
N ALA F 604 -37.29 -40.40 13.49
CA ALA F 604 -38.08 -41.44 14.14
C ALA F 604 -39.39 -40.82 14.63
N VAL F 605 -40.50 -41.41 14.22
CA VAL F 605 -41.82 -40.86 14.53
C VAL F 605 -42.64 -41.81 15.39
N GLY F 606 -42.34 -43.11 15.32
CA GLY F 606 -43.11 -44.06 16.10
C GLY F 606 -42.80 -45.50 15.77
N ALA F 607 -42.69 -46.33 16.80
CA ALA F 607 -42.27 -47.71 16.68
C ALA F 607 -43.45 -48.66 16.81
N ASP F 608 -43.16 -49.94 17.00
CA ASP F 608 -44.18 -50.96 17.23
C ASP F 608 -44.70 -50.91 18.67
N GLU F 609 -45.55 -51.88 19.00
CA GLU F 609 -45.96 -52.11 20.38
C GLU F 609 -44.96 -52.94 21.15
N SER F 610 -43.95 -53.48 20.48
CA SER F 610 -43.00 -54.38 21.11
C SER F 610 -41.89 -53.64 21.87
N VAL F 611 -41.95 -52.32 21.94
CA VAL F 611 -41.04 -51.55 22.77
C VAL F 611 -41.79 -50.60 23.70
N VAL F 612 -43.02 -50.21 23.38
CA VAL F 612 -43.75 -49.28 24.24
C VAL F 612 -44.37 -50.00 25.44
N LYS F 613 -44.46 -51.33 25.40
CA LYS F 613 -44.96 -52.07 26.55
C LYS F 613 -43.82 -52.47 27.49
N GLU F 614 -42.65 -52.74 26.90
CA GLU F 614 -41.54 -53.36 27.62
C GLU F 614 -40.60 -52.35 28.27
N ALA F 615 -40.95 -51.07 28.32
CA ALA F 615 -40.06 -50.07 28.87
C ALA F 615 -40.75 -49.10 29.81
N HIS F 616 -42.04 -49.30 30.12
CA HIS F 616 -42.85 -48.27 30.75
C HIS F 616 -43.66 -48.79 31.94
N ARG F 617 -43.05 -49.63 32.78
CA ARG F 617 -43.76 -50.20 33.92
C ARG F 617 -43.07 -50.00 35.25
N GLU F 618 -41.86 -49.43 35.27
CA GLU F 618 -41.08 -49.29 36.50
C GLU F 618 -41.57 -48.06 37.27
N VAL F 619 -42.16 -48.30 38.43
CA VAL F 619 -42.83 -47.26 39.22
C VAL F 619 -41.88 -46.82 40.34
N ILE F 620 -41.87 -45.52 40.62
CA ILE F 620 -41.14 -44.98 41.76
C ILE F 620 -42.09 -44.30 42.74
N ASN F 621 -43.00 -43.46 42.22
CA ASN F 621 -43.83 -42.59 43.05
C ASN F 621 -45.07 -42.19 42.27
N SER F 622 -46.23 -42.58 42.78
CA SER F 622 -47.50 -42.13 42.24
C SER F 622 -48.53 -42.14 43.36
N SER F 623 -49.46 -41.20 43.29
CA SER F 623 -50.44 -40.99 44.35
C SER F 623 -51.72 -40.48 43.70
N THR F 624 -52.59 -39.86 44.51
CA THR F 624 -53.82 -39.28 44.00
C THR F 624 -53.54 -38.04 43.15
N GLU F 625 -52.37 -37.41 43.30
CA GLU F 625 -52.06 -36.14 42.65
C GLU F 625 -51.32 -36.29 41.32
N GLY F 626 -50.45 -37.30 41.17
CA GLY F 626 -49.69 -37.40 39.94
C GLY F 626 -48.98 -38.74 39.85
N LEU F 627 -48.04 -38.81 38.90
CA LEU F 627 -47.29 -40.03 38.63
C LEU F 627 -45.88 -39.66 38.21
N LEU F 628 -44.89 -40.09 38.99
CA LEU F 628 -43.49 -39.99 38.63
C LEU F 628 -43.04 -41.31 38.00
N LEU F 629 -42.27 -41.22 36.91
CA LEU F 629 -41.86 -42.41 36.16
C LEU F 629 -40.52 -42.17 35.49
N ASN F 630 -39.78 -43.26 35.28
CA ASN F 630 -38.55 -43.26 34.49
C ASN F 630 -38.87 -43.77 33.09
N ILE F 631 -38.23 -43.17 32.07
CA ILE F 631 -38.47 -43.47 30.66
C ILE F 631 -37.16 -43.34 29.89
N ASP F 632 -36.97 -44.25 28.95
CA ASP F 632 -35.87 -44.10 28.00
C ASP F 632 -36.20 -42.99 27.00
N LYS F 633 -35.15 -42.26 26.60
CA LYS F 633 -35.37 -41.03 25.85
C LYS F 633 -35.63 -41.26 24.36
N ASP F 634 -35.83 -42.51 23.94
CA ASP F 634 -36.23 -42.77 22.57
C ASP F 634 -37.75 -42.83 22.42
N ILE F 635 -38.43 -43.43 23.40
CA ILE F 635 -39.87 -43.64 23.31
C ILE F 635 -40.57 -42.31 23.60
N ARG F 636 -39.97 -41.48 24.44
CA ARG F 636 -40.59 -40.20 24.77
C ARG F 636 -40.60 -39.24 23.58
N LYS F 637 -39.63 -39.37 22.67
CA LYS F 637 -39.60 -38.49 21.52
C LYS F 637 -40.44 -39.03 20.37
N ILE F 638 -40.69 -40.35 20.33
CA ILE F 638 -41.59 -40.91 19.32
C ILE F 638 -43.04 -40.89 19.77
N LEU F 639 -43.31 -40.58 21.03
CA LEU F 639 -44.68 -40.46 21.52
C LEU F 639 -45.07 -38.99 21.53
N SER F 640 -46.08 -38.63 20.75
CA SER F 640 -46.60 -37.26 20.78
C SER F 640 -47.30 -37.00 22.11
N GLY F 641 -48.38 -37.74 22.38
CA GLY F 641 -49.18 -37.47 23.55
C GLY F 641 -49.55 -38.76 24.28
N TYR F 642 -50.25 -38.58 25.40
CA TYR F 642 -50.69 -39.66 26.25
C TYR F 642 -52.18 -39.47 26.52
N ILE F 643 -52.84 -40.55 26.94
CA ILE F 643 -54.27 -40.46 27.25
C ILE F 643 -54.57 -41.35 28.45
N VAL F 644 -55.58 -40.96 29.22
CA VAL F 644 -56.10 -41.69 30.37
C VAL F 644 -57.52 -42.12 30.04
N GLU F 645 -57.99 -43.16 30.74
CA GLU F 645 -59.41 -43.47 30.82
C GLU F 645 -59.64 -44.22 32.12
N ILE F 646 -60.63 -43.79 32.89
CA ILE F 646 -60.91 -44.43 34.17
C ILE F 646 -62.05 -45.42 34.02
N GLU F 647 -61.98 -46.51 34.78
CA GLU F 647 -62.83 -47.68 34.58
C GLU F 647 -63.43 -48.13 35.91
N ASP F 648 -64.76 -48.16 35.99
CA ASP F 648 -65.44 -48.64 37.18
C ASP F 648 -65.42 -50.17 37.23
N THR F 649 -66.02 -50.74 38.28
CA THR F 649 -66.02 -52.18 38.49
C THR F 649 -66.96 -52.94 37.57
N GLU F 650 -67.79 -52.25 36.79
CA GLU F 650 -68.61 -52.92 35.79
C GLU F 650 -67.98 -52.87 34.39
N GLY F 651 -67.16 -51.87 34.10
CA GLY F 651 -66.46 -51.81 32.84
C GLY F 651 -67.05 -50.86 31.82
N LEU F 652 -66.42 -49.70 31.65
CA LEU F 652 -66.79 -48.72 30.63
C LEU F 652 -65.51 -48.11 30.08
N LYS F 653 -65.64 -46.99 29.37
CA LYS F 653 -64.52 -46.10 29.11
C LYS F 653 -64.92 -44.69 29.53
N GLU F 654 -64.11 -44.07 30.38
CA GLU F 654 -64.35 -42.71 30.83
C GLU F 654 -63.03 -41.95 30.69
N VAL F 655 -62.80 -41.42 29.50
CA VAL F 655 -61.66 -40.53 29.27
C VAL F 655 -61.90 -39.23 30.02
N ILE F 656 -60.87 -38.73 30.69
CA ILE F 656 -60.99 -37.48 31.44
C ILE F 656 -60.84 -36.31 30.47
N ASN F 657 -59.65 -36.16 29.90
CA ASN F 657 -59.40 -35.09 28.95
C ASN F 657 -59.54 -35.58 27.50
N ASP F 658 -60.76 -35.99 27.18
CA ASP F 658 -61.09 -36.45 25.83
C ASP F 658 -61.14 -35.27 24.86
N ARG F 659 -59.98 -34.72 24.53
CA ARG F 659 -59.90 -33.57 23.65
C ARG F 659 -58.82 -33.77 22.61
N TYR F 660 -59.03 -33.16 21.44
CA TYR F 660 -58.18 -33.40 20.27
C TYR F 660 -56.83 -32.70 20.36
N ASP F 661 -56.66 -31.76 21.30
CA ASP F 661 -55.41 -31.03 21.45
C ASP F 661 -54.80 -31.14 22.84
N MET F 662 -55.56 -31.62 23.83
CA MET F 662 -55.19 -31.56 25.24
C MET F 662 -54.69 -32.88 25.79
N LEU F 663 -53.83 -33.58 25.06
CA LEU F 663 -53.29 -34.86 25.50
C LEU F 663 -51.92 -34.75 26.16
N ASN F 664 -51.36 -33.54 26.27
CA ASN F 664 -50.02 -33.34 26.82
C ASN F 664 -50.09 -33.37 28.35
N ILE F 665 -49.77 -34.52 28.93
CA ILE F 665 -49.98 -34.69 30.37
C ILE F 665 -48.71 -35.07 31.14
N SER F 666 -47.55 -34.68 30.66
CA SER F 666 -46.32 -34.92 31.40
C SER F 666 -45.64 -33.61 31.79
N SER F 667 -44.63 -33.73 32.65
CA SER F 667 -43.82 -32.62 33.10
C SER F 667 -42.51 -33.17 33.66
N LEU F 668 -41.44 -32.41 33.49
CA LEU F 668 -40.11 -32.87 33.84
C LEU F 668 -39.58 -32.11 35.05
N ARG F 669 -39.23 -32.84 36.10
CA ARG F 669 -38.57 -32.28 37.26
C ARG F 669 -37.06 -32.49 37.15
N GLN F 670 -36.32 -31.81 38.02
CA GLN F 670 -34.86 -31.78 38.06
C GLN F 670 -34.22 -33.02 38.66
N ASP F 671 -35.02 -34.03 39.04
CA ASP F 671 -34.49 -35.25 39.63
C ASP F 671 -34.08 -36.28 38.58
N GLY F 672 -34.53 -36.14 37.35
CA GLY F 672 -34.26 -37.12 36.32
C GLY F 672 -35.43 -38.01 35.96
N LYS F 673 -36.56 -37.86 36.64
CA LYS F 673 -37.76 -38.65 36.40
C LYS F 673 -38.91 -37.69 36.13
N THR F 674 -39.63 -37.93 35.04
CA THR F 674 -40.74 -37.05 34.67
C THR F 674 -41.92 -37.22 35.63
N PHE F 675 -42.75 -36.20 35.68
CA PHE F 675 -43.99 -36.19 36.46
C PHE F 675 -45.14 -36.16 35.47
N ILE F 676 -45.79 -37.32 35.28
CA ILE F 676 -46.96 -37.36 34.40
C ILE F 676 -48.10 -36.66 35.13
N ASP F 677 -48.45 -35.47 34.65
CA ASP F 677 -49.30 -34.53 35.39
C ASP F 677 -50.75 -34.68 34.97
N PHE F 678 -51.65 -34.60 35.94
CA PHE F 678 -53.07 -34.71 35.70
C PHE F 678 -53.83 -33.43 36.01
N LYS F 679 -53.42 -32.70 37.07
CA LYS F 679 -54.20 -31.58 37.57
C LYS F 679 -54.22 -30.37 36.63
N LYS F 680 -53.31 -30.31 35.64
CA LYS F 680 -53.40 -29.25 34.65
C LYS F 680 -54.55 -29.48 33.67
N TYR F 681 -54.96 -30.74 33.49
CA TYR F 681 -56.14 -31.07 32.69
C TYR F 681 -57.24 -31.69 33.53
N ASN F 682 -56.98 -31.95 34.81
CA ASN F 682 -58.03 -32.15 35.81
C ASN F 682 -58.27 -30.87 36.61
N ASP F 683 -57.99 -29.71 35.98
CA ASP F 683 -58.20 -28.31 36.45
C ASP F 683 -57.99 -28.10 37.95
N LYS F 684 -56.76 -28.42 38.38
CA LYS F 684 -56.28 -28.30 39.77
C LYS F 684 -57.14 -29.13 40.72
N LEU F 685 -57.09 -30.45 40.54
CA LEU F 685 -57.84 -31.39 41.36
C LEU F 685 -57.16 -32.76 41.29
N PRO F 686 -57.01 -33.46 42.43
CA PRO F 686 -56.49 -34.83 42.39
C PRO F 686 -57.43 -35.84 41.75
N LEU F 687 -57.05 -37.12 41.79
CA LEU F 687 -57.66 -38.15 40.94
C LEU F 687 -59.12 -38.40 41.32
N TYR F 688 -59.95 -38.55 40.29
CA TYR F 688 -61.40 -38.69 40.44
C TYR F 688 -61.70 -40.09 40.94
N ILE F 689 -62.01 -40.20 42.24
CA ILE F 689 -62.42 -41.45 42.86
C ILE F 689 -63.70 -41.15 43.63
N SER F 690 -64.85 -41.49 43.03
CA SER F 690 -66.11 -41.43 43.78
C SER F 690 -66.42 -42.77 44.41
N ASN F 691 -66.39 -43.84 43.60
CA ASN F 691 -66.44 -45.24 44.02
C ASN F 691 -65.02 -45.79 44.07
N PRO F 692 -64.72 -46.66 45.04
CA PRO F 692 -63.31 -47.05 45.26
C PRO F 692 -62.71 -47.91 44.17
N ASN F 693 -63.53 -48.65 43.42
CA ASN F 693 -63.04 -49.64 42.46
C ASN F 693 -62.76 -49.04 41.08
N TYR F 694 -62.48 -47.73 41.00
CA TYR F 694 -62.06 -47.12 39.75
C TYR F 694 -60.68 -47.64 39.34
N LYS F 695 -60.48 -47.77 38.03
CA LYS F 695 -59.26 -48.34 37.46
C LYS F 695 -58.64 -47.33 36.52
N VAL F 696 -57.37 -46.99 36.75
CA VAL F 696 -56.65 -46.00 35.95
C VAL F 696 -55.84 -46.72 34.89
N ASN F 697 -55.83 -46.16 33.67
CA ASN F 697 -55.07 -46.71 32.55
C ASN F 697 -54.25 -45.60 31.92
N VAL F 698 -52.97 -45.87 31.69
CA VAL F 698 -52.06 -44.89 31.09
C VAL F 698 -51.69 -45.36 29.68
N TYR F 699 -52.31 -44.76 28.68
CA TYR F 699 -52.08 -45.08 27.27
C TYR F 699 -51.42 -43.88 26.60
N ALA F 700 -50.87 -44.09 25.41
CA ALA F 700 -50.14 -43.03 24.72
C ALA F 700 -50.46 -43.07 23.23
N VAL F 701 -50.02 -42.03 22.53
CA VAL F 701 -50.13 -41.94 21.07
C VAL F 701 -48.79 -41.50 20.49
N THR F 702 -48.46 -42.05 19.31
CA THR F 702 -47.22 -41.72 18.60
C THR F 702 -47.47 -40.59 17.61
N LYS F 703 -46.54 -40.38 16.68
CA LYS F 703 -46.70 -39.32 15.70
C LYS F 703 -47.60 -39.74 14.55
N GLU F 704 -47.53 -41.01 14.13
CA GLU F 704 -48.27 -41.43 12.95
C GLU F 704 -49.74 -41.78 13.23
N ASN F 705 -50.31 -41.27 14.33
CA ASN F 705 -51.76 -41.36 14.55
C ASN F 705 -52.35 -40.07 15.13
N THR F 706 -51.65 -38.95 15.03
CA THR F 706 -52.05 -37.70 15.68
C THR F 706 -52.53 -36.68 14.66
N ILE F 707 -53.59 -35.97 15.03
CA ILE F 707 -54.14 -34.87 14.24
C ILE F 707 -54.35 -33.68 15.16
N ILE F 708 -53.68 -32.57 14.84
CA ILE F 708 -53.81 -31.33 15.61
C ILE F 708 -54.98 -30.47 15.11
N ASN F 709 -55.53 -30.77 13.93
CA ASN F 709 -56.55 -30.04 13.20
C ASN F 709 -57.93 -30.36 13.75
N PRO F 710 -58.90 -29.45 13.57
CA PRO F 710 -60.29 -29.79 13.88
C PRO F 710 -60.83 -30.85 12.93
N SER F 711 -61.91 -31.50 13.35
CA SER F 711 -62.45 -32.64 12.64
C SER F 711 -63.24 -32.24 11.41
N GLU F 712 -64.00 -33.18 10.82
CA GLU F 712 -64.79 -32.84 9.65
C GLU F 712 -65.96 -31.94 10.01
N ASN F 713 -66.68 -32.23 11.10
CA ASN F 713 -67.70 -31.31 11.60
C ASN F 713 -67.42 -30.80 13.01
N GLY F 714 -67.33 -31.68 14.00
CA GLY F 714 -67.20 -31.20 15.37
C GLY F 714 -66.44 -32.06 16.37
N ASP F 715 -65.79 -33.14 15.93
CA ASP F 715 -65.17 -34.08 16.86
C ASP F 715 -63.86 -33.49 17.37
N THR F 716 -63.95 -32.77 18.48
CA THR F 716 -62.79 -32.15 19.13
C THR F 716 -62.27 -33.02 20.25
N SER F 717 -62.30 -34.34 20.07
CA SER F 717 -61.98 -35.32 21.09
C SER F 717 -60.90 -36.28 20.58
N THR F 718 -60.69 -37.36 21.34
CA THR F 718 -59.67 -38.35 21.01
C THR F 718 -60.31 -39.54 20.31
N ASN F 719 -60.51 -39.40 19.01
CA ASN F 719 -61.11 -40.44 18.20
C ASN F 719 -60.28 -40.85 17.00
N GLY F 720 -59.51 -39.94 16.43
CA GLY F 720 -58.68 -40.25 15.28
C GLY F 720 -57.28 -40.69 15.64
N ILE F 721 -57.16 -41.50 16.70
CA ILE F 721 -55.88 -41.93 17.24
C ILE F 721 -55.91 -43.45 17.36
N LYS F 722 -54.85 -44.00 17.96
CA LYS F 722 -54.76 -45.42 18.27
C LYS F 722 -54.16 -45.58 19.65
N LYS F 723 -54.96 -46.11 20.58
CA LYS F 723 -54.54 -46.29 21.97
C LYS F 723 -53.80 -47.62 22.13
N ILE F 724 -52.80 -47.62 23.00
CA ILE F 724 -51.98 -48.80 23.26
C ILE F 724 -52.00 -49.09 24.75
N LEU F 725 -52.30 -50.34 25.10
CA LEU F 725 -52.27 -50.78 26.50
C LEU F 725 -50.84 -50.82 27.01
N ILE F 726 -50.55 -50.00 28.02
CA ILE F 726 -49.22 -49.88 28.59
C ILE F 726 -49.27 -50.25 30.07
N PHE F 727 -50.28 -49.72 30.79
CA PHE F 727 -50.42 -49.89 32.22
C PHE F 727 -51.76 -50.52 32.53
N SER F 728 -51.73 -51.63 33.27
CA SER F 728 -52.95 -52.41 33.54
C SER F 728 -52.93 -52.83 35.00
N LYS F 729 -53.52 -52.00 35.85
CA LYS F 729 -53.65 -52.27 37.29
C LYS F 729 -54.90 -51.52 37.75
N LYS F 730 -55.05 -51.33 39.06
CA LYS F 730 -56.23 -50.69 39.64
C LYS F 730 -55.86 -49.28 40.09
N GLY F 731 -56.89 -48.46 40.34
CA GLY F 731 -56.67 -47.10 40.79
C GLY F 731 -56.70 -46.93 42.29
N TYR F 732 -57.27 -47.90 43.02
CA TYR F 732 -57.25 -47.89 44.47
C TYR F 732 -56.02 -48.56 45.05
N GLU F 733 -55.01 -48.83 44.22
CA GLU F 733 -53.76 -49.43 44.66
C GLU F 733 -52.57 -48.57 44.24
N ILE F 734 -52.71 -47.77 43.19
CA ILE F 734 -51.70 -46.79 42.82
C ILE F 734 -51.67 -45.61 43.80
N GLY F 735 -52.76 -45.36 44.54
CA GLY F 735 -52.83 -44.24 45.45
C GLY F 735 -54.26 -43.98 45.89
N THR G 174 20.52 -32.72 -15.97
CA THR G 174 19.14 -32.26 -16.06
C THR G 174 18.58 -32.44 -17.47
N VAL G 175 17.31 -32.83 -17.53
CA VAL G 175 16.60 -33.04 -18.78
C VAL G 175 15.93 -31.72 -19.18
N PRO G 176 15.79 -31.43 -20.47
CA PRO G 176 15.19 -30.15 -20.86
C PRO G 176 13.69 -30.15 -20.64
N ASP G 177 13.17 -28.99 -20.29
CA ASP G 177 11.75 -28.84 -20.02
C ASP G 177 11.39 -27.37 -20.34
N ARG G 178 10.92 -27.14 -21.56
CA ARG G 178 10.75 -25.77 -22.05
C ARG G 178 9.59 -25.08 -21.33
N ASP G 179 8.45 -25.74 -21.26
CA ASP G 179 7.21 -25.08 -20.85
C ASP G 179 7.11 -24.91 -19.35
N ASN G 180 7.99 -25.56 -18.58
CA ASN G 180 7.99 -25.57 -17.11
C ASN G 180 6.69 -26.18 -16.55
N ASP G 181 6.30 -27.34 -17.05
CA ASP G 181 5.17 -28.05 -16.47
C ASP G 181 5.61 -29.32 -15.76
N GLY G 182 6.87 -29.42 -15.41
CA GLY G 182 7.32 -30.51 -14.59
C GLY G 182 7.39 -31.85 -15.26
N ILE G 183 7.49 -31.88 -16.59
CA ILE G 183 7.55 -33.15 -17.31
C ILE G 183 8.41 -32.94 -18.55
N PRO G 184 9.39 -33.80 -18.81
CA PRO G 184 10.37 -33.52 -19.84
C PRO G 184 9.79 -33.65 -21.24
N ASP G 185 10.48 -33.03 -22.19
CA ASP G 185 9.92 -32.82 -23.51
C ASP G 185 9.86 -34.10 -24.32
N SER G 186 10.85 -34.98 -24.15
CA SER G 186 10.84 -36.25 -24.84
C SER G 186 9.68 -37.12 -24.40
N LEU G 187 9.30 -37.04 -23.14
CA LEU G 187 8.15 -37.79 -22.66
C LEU G 187 6.85 -37.22 -23.21
N GLU G 188 6.72 -35.90 -23.27
CA GLU G 188 5.51 -35.28 -23.81
C GLU G 188 5.34 -35.58 -25.29
N VAL G 189 6.44 -35.62 -26.04
CA VAL G 189 6.33 -35.91 -27.47
C VAL G 189 6.10 -37.39 -27.71
N GLU G 190 6.84 -38.26 -27.03
CA GLU G 190 6.90 -39.66 -27.40
C GLU G 190 6.01 -40.56 -26.55
N GLY G 191 5.27 -40.01 -25.60
CA GLY G 191 4.34 -40.81 -24.82
C GLY G 191 4.74 -40.95 -23.38
N TYR G 192 3.79 -40.97 -22.46
CA TYR G 192 4.09 -41.20 -21.05
C TYR G 192 2.85 -41.77 -20.37
N THR G 193 3.00 -42.13 -19.10
CA THR G 193 1.91 -42.67 -18.30
C THR G 193 2.23 -42.50 -16.83
N VAL G 194 1.19 -42.65 -16.00
CA VAL G 194 1.26 -42.36 -14.57
C VAL G 194 0.69 -43.54 -13.80
N ASP G 195 1.46 -44.09 -12.87
CA ASP G 195 1.00 -45.22 -12.09
C ASP G 195 1.63 -45.27 -10.72
N VAL G 196 0.87 -45.76 -9.75
CA VAL G 196 1.32 -45.83 -8.36
C VAL G 196 1.92 -47.20 -8.11
N LYS G 197 2.93 -47.27 -7.24
CA LYS G 197 3.61 -48.54 -7.00
C LYS G 197 3.39 -49.05 -5.58
N ASN G 198 3.85 -48.36 -4.55
CA ASN G 198 3.54 -48.81 -3.20
C ASN G 198 2.44 -47.98 -2.57
N LYS G 199 2.71 -46.70 -2.38
CA LYS G 199 1.68 -45.70 -2.22
C LYS G 199 2.12 -44.40 -2.88
N ARG G 200 3.06 -44.47 -3.80
CA ARG G 200 3.67 -43.28 -4.36
C ARG G 200 3.51 -43.26 -5.87
N THR G 201 3.41 -42.05 -6.42
CA THR G 201 3.12 -41.80 -7.82
C THR G 201 4.39 -41.70 -8.64
N PHE G 202 4.44 -42.40 -9.76
CA PHE G 202 5.58 -42.34 -10.66
C PHE G 202 5.11 -42.05 -12.06
N LEU G 203 5.83 -41.16 -12.73
CA LEU G 203 5.52 -40.78 -14.11
C LEU G 203 6.59 -41.41 -14.97
N SER G 204 6.19 -42.15 -16.00
CA SER G 204 7.12 -43.01 -16.68
C SER G 204 7.00 -42.86 -18.19
N PRO G 205 8.06 -43.10 -18.94
CA PRO G 205 7.91 -43.19 -20.40
C PRO G 205 7.12 -44.42 -20.79
N TRP G 206 6.47 -44.33 -21.94
CA TRP G 206 5.51 -45.36 -22.36
C TRP G 206 6.27 -46.55 -22.92
N ILE G 207 6.15 -47.68 -22.24
CA ILE G 207 6.77 -48.93 -22.67
C ILE G 207 5.65 -49.93 -22.90
N SER G 208 5.49 -50.34 -24.16
CA SER G 208 4.38 -51.20 -24.53
C SER G 208 4.50 -52.60 -23.96
N ASN G 209 5.74 -53.03 -23.68
CA ASN G 209 5.94 -54.37 -23.12
C ASN G 209 5.49 -54.48 -21.68
N ILE G 210 5.37 -53.36 -20.98
CA ILE G 210 5.07 -53.35 -19.55
C ILE G 210 3.74 -52.65 -19.26
N HIS G 211 3.54 -51.46 -19.81
CA HIS G 211 2.44 -50.61 -19.39
C HIS G 211 1.11 -50.97 -20.02
N GLU G 212 1.08 -51.86 -21.00
CA GLU G 212 -0.20 -52.13 -21.64
C GLU G 212 -1.00 -53.15 -20.86
N LYS G 213 -0.35 -54.11 -20.24
CA LYS G 213 -1.05 -55.14 -19.47
C LYS G 213 -1.57 -54.59 -18.16
N LYS G 214 -1.00 -53.50 -17.67
CA LYS G 214 -1.52 -52.84 -16.47
C LYS G 214 -2.84 -52.13 -16.74
N GLY G 215 -3.15 -51.87 -18.01
CA GLY G 215 -4.38 -51.21 -18.36
C GLY G 215 -4.31 -49.71 -18.30
N LEU G 216 -3.13 -49.12 -18.46
CA LEU G 216 -2.96 -47.69 -18.29
C LEU G 216 -3.28 -46.99 -19.60
N THR G 217 -2.97 -45.70 -19.67
CA THR G 217 -3.30 -44.88 -20.82
C THR G 217 -2.05 -44.14 -21.26
N LYS G 218 -1.89 -43.99 -22.57
CA LYS G 218 -0.70 -43.38 -23.17
C LYS G 218 -1.01 -41.94 -23.54
N TYR G 219 -0.46 -41.00 -22.79
CA TYR G 219 -0.72 -39.60 -23.03
C TYR G 219 0.34 -39.02 -23.95
N LYS G 220 -0.04 -37.99 -24.68
CA LYS G 220 0.89 -37.12 -25.39
C LYS G 220 0.37 -35.71 -25.25
N SER G 221 1.27 -34.73 -25.31
CA SER G 221 0.88 -33.34 -25.21
C SER G 221 1.94 -32.49 -25.87
N SER G 222 1.85 -31.21 -25.70
CA SER G 222 2.73 -30.29 -26.39
C SER G 222 3.89 -29.90 -25.50
N PRO G 223 5.14 -30.03 -25.97
CA PRO G 223 6.28 -29.68 -25.12
C PRO G 223 6.51 -28.21 -24.96
N GLU G 224 5.82 -27.37 -25.72
CA GLU G 224 5.98 -25.93 -25.64
C GLU G 224 4.91 -25.25 -24.81
N LYS G 225 3.75 -25.87 -24.65
CA LYS G 225 2.64 -25.28 -23.93
C LYS G 225 2.61 -25.83 -22.51
N TRP G 226 2.45 -24.93 -21.53
CA TRP G 226 2.25 -25.34 -20.16
C TRP G 226 0.93 -26.05 -19.98
N SER G 227 -0.03 -25.77 -20.83
CA SER G 227 -1.31 -26.45 -20.78
C SER G 227 -1.81 -26.61 -22.21
N THR G 228 -1.93 -27.85 -22.67
CA THR G 228 -2.10 -28.12 -24.08
C THR G 228 -3.45 -27.67 -24.60
N ALA G 229 -4.47 -27.62 -23.75
CA ALA G 229 -5.77 -27.15 -24.18
C ALA G 229 -6.01 -25.69 -23.86
N SER G 230 -4.97 -24.99 -23.38
CA SER G 230 -4.99 -23.57 -23.03
C SER G 230 -5.99 -23.24 -21.92
N ASP G 231 -6.35 -24.21 -21.10
CA ASP G 231 -7.13 -23.98 -19.89
C ASP G 231 -6.20 -23.97 -18.70
N PRO G 232 -6.56 -23.37 -17.54
CA PRO G 232 -5.54 -23.14 -16.52
C PRO G 232 -5.15 -24.34 -15.68
N TYR G 233 -4.98 -25.51 -16.26
CA TYR G 233 -4.54 -26.69 -15.56
C TYR G 233 -3.43 -27.30 -16.38
N SER G 234 -2.28 -27.55 -15.77
CA SER G 234 -1.14 -28.00 -16.52
C SER G 234 -1.30 -29.46 -16.91
N ASP G 235 -0.42 -29.92 -17.79
CA ASP G 235 -0.49 -31.32 -18.21
C ASP G 235 -0.06 -32.26 -17.09
N PHE G 236 0.77 -31.79 -16.18
CA PHE G 236 1.16 -32.60 -15.04
C PHE G 236 0.00 -32.75 -14.06
N GLU G 237 -0.69 -31.64 -13.78
CA GLU G 237 -1.75 -31.63 -12.79
C GLU G 237 -2.93 -32.47 -13.24
N LYS G 238 -3.20 -32.49 -14.54
CA LYS G 238 -4.35 -33.21 -15.04
C LYS G 238 -4.15 -34.72 -14.89
N VAL G 239 -3.06 -35.26 -15.43
CA VAL G 239 -2.85 -36.69 -15.37
C VAL G 239 -2.42 -37.18 -14.00
N THR G 240 -1.92 -36.30 -13.13
CA THR G 240 -1.44 -36.81 -11.86
C THR G 240 -2.53 -36.82 -10.80
N GLY G 241 -3.39 -35.82 -10.79
CA GLY G 241 -4.44 -35.74 -9.81
C GLY G 241 -4.31 -34.56 -8.89
N ARG G 242 -3.29 -33.73 -9.09
CA ARG G 242 -3.09 -32.54 -8.29
C ARG G 242 -3.87 -31.37 -8.89
N ILE G 243 -5.19 -31.49 -8.85
CA ILE G 243 -6.07 -30.61 -9.60
C ILE G 243 -7.29 -30.34 -8.73
N ASP G 244 -8.05 -29.31 -9.09
CA ASP G 244 -9.33 -29.03 -8.46
C ASP G 244 -10.30 -30.17 -8.72
N LYS G 245 -10.77 -30.81 -7.65
CA LYS G 245 -11.46 -32.09 -7.73
C LYS G 245 -12.86 -32.02 -8.30
N ASN G 246 -13.34 -30.87 -8.75
CA ASN G 246 -14.61 -30.80 -9.48
C ASN G 246 -14.43 -30.73 -10.98
N VAL G 247 -13.19 -30.79 -11.46
CA VAL G 247 -12.93 -30.91 -12.89
C VAL G 247 -13.33 -32.32 -13.30
N SER G 248 -14.37 -32.42 -14.13
CA SER G 248 -15.05 -33.67 -14.40
C SER G 248 -14.13 -34.63 -15.14
N PRO G 249 -14.24 -35.95 -14.88
CA PRO G 249 -13.11 -36.86 -15.15
C PRO G 249 -12.78 -37.06 -16.61
N GLU G 250 -13.70 -36.82 -17.52
CA GLU G 250 -13.33 -36.90 -18.93
C GLU G 250 -12.64 -35.64 -19.43
N ALA G 251 -12.33 -34.72 -18.52
CA ALA G 251 -11.58 -33.51 -18.91
C ALA G 251 -10.11 -33.66 -18.45
N ARG G 252 -9.84 -34.68 -17.63
CA ARG G 252 -8.48 -34.88 -17.05
C ARG G 252 -7.44 -35.15 -18.14
N HIS G 253 -7.87 -35.62 -19.31
CA HIS G 253 -6.90 -35.88 -20.41
C HIS G 253 -6.27 -34.55 -20.83
N PRO G 254 -4.95 -34.47 -21.07
CA PRO G 254 -4.29 -33.21 -21.45
C PRO G 254 -4.82 -32.57 -22.73
N LEU G 255 -5.56 -33.31 -23.56
CA LEU G 255 -6.07 -32.78 -24.81
C LEU G 255 -7.53 -32.36 -24.73
N VAL G 256 -8.24 -32.66 -23.66
CA VAL G 256 -9.65 -32.33 -23.53
C VAL G 256 -9.79 -31.12 -22.63
N ALA G 257 -10.29 -30.02 -23.17
CA ALA G 257 -10.33 -28.77 -22.43
C ALA G 257 -11.40 -28.79 -21.36
N ALA G 258 -11.16 -28.04 -20.29
CA ALA G 258 -12.01 -28.04 -19.10
C ALA G 258 -12.46 -26.62 -18.81
N TYR G 259 -13.75 -26.35 -18.94
CA TYR G 259 -14.23 -24.97 -18.91
C TYR G 259 -15.70 -24.94 -18.51
N PRO G 260 -16.15 -23.88 -17.85
CA PRO G 260 -17.54 -23.84 -17.42
C PRO G 260 -18.46 -23.14 -18.42
N ILE G 261 -19.72 -23.56 -18.46
CA ILE G 261 -20.72 -22.98 -19.33
C ILE G 261 -21.90 -22.62 -18.45
N VAL G 262 -21.99 -21.37 -18.05
CA VAL G 262 -23.05 -20.92 -17.16
C VAL G 262 -24.12 -20.23 -17.98
N HIS G 263 -25.39 -20.47 -17.63
CA HIS G 263 -26.44 -19.60 -18.13
C HIS G 263 -27.55 -19.52 -17.09
N VAL G 264 -28.28 -18.41 -17.14
CA VAL G 264 -29.29 -18.06 -16.16
C VAL G 264 -30.65 -18.24 -16.81
N ASP G 265 -31.58 -18.89 -16.13
CA ASP G 265 -32.92 -19.00 -16.67
C ASP G 265 -33.96 -18.58 -15.65
N MET G 266 -34.96 -17.85 -16.12
CA MET G 266 -35.90 -17.14 -15.26
C MET G 266 -37.16 -17.96 -15.10
N GLU G 267 -37.65 -18.05 -13.86
CA GLU G 267 -38.77 -18.91 -13.57
C GLU G 267 -40.01 -18.17 -13.11
N ASN G 268 -39.88 -16.95 -12.62
CA ASN G 268 -41.03 -16.14 -12.25
C ASN G 268 -40.72 -14.70 -12.58
N ILE G 269 -41.76 -13.89 -12.65
CA ILE G 269 -41.62 -12.45 -12.78
C ILE G 269 -42.75 -11.81 -11.99
N ILE G 270 -42.39 -11.00 -11.00
CA ILE G 270 -43.33 -10.51 -10.01
C ILE G 270 -43.41 -9.01 -10.18
N LEU G 271 -44.36 -8.54 -10.96
CA LEU G 271 -44.53 -7.11 -11.17
C LEU G 271 -45.46 -6.56 -10.10
N SER G 272 -45.05 -5.46 -9.49
CA SER G 272 -45.75 -4.86 -8.35
C SER G 272 -46.16 -3.46 -8.75
N LYS G 273 -47.46 -3.22 -8.87
CA LYS G 273 -47.93 -1.94 -9.35
C LYS G 273 -47.80 -0.88 -8.27
N ASN G 274 -47.15 0.23 -8.61
CA ASN G 274 -46.81 1.27 -7.63
C ASN G 274 -47.89 2.33 -7.67
N GLU G 275 -48.99 2.05 -6.97
CA GLU G 275 -50.14 2.92 -6.93
C GLU G 275 -50.50 3.16 -5.47
N ASP G 276 -50.86 4.39 -5.13
CA ASP G 276 -51.17 4.77 -3.77
C ASP G 276 -52.61 5.22 -3.66
N GLN G 277 -53.26 4.86 -2.55
CA GLN G 277 -54.68 5.14 -2.42
C GLN G 277 -55.00 5.51 -0.98
N SER G 278 -56.06 6.30 -0.81
CA SER G 278 -56.48 6.73 0.52
C SER G 278 -57.99 6.90 0.55
N THR G 279 -58.54 7.01 1.75
CA THR G 279 -59.95 7.26 1.98
C THR G 279 -60.11 8.43 2.94
N GLN G 280 -61.35 8.84 3.16
CA GLN G 280 -61.64 9.99 4.02
C GLN G 280 -63.05 9.86 4.56
N ASN G 281 -63.29 10.42 5.74
CA ASN G 281 -64.58 10.30 6.40
C ASN G 281 -64.85 11.54 7.23
N THR G 282 -65.80 12.36 6.79
CA THR G 282 -66.03 13.66 7.41
C THR G 282 -67.47 13.75 7.89
N ASP G 283 -67.68 14.09 9.17
CA ASP G 283 -69.01 14.21 9.76
C ASP G 283 -69.13 15.56 10.45
N SER G 284 -69.83 16.50 9.84
CA SER G 284 -69.93 17.85 10.37
C SER G 284 -71.27 18.07 11.08
N GLN G 285 -71.41 19.25 11.68
CA GLN G 285 -72.63 19.64 12.37
C GLN G 285 -72.73 21.16 12.37
N THR G 286 -73.88 21.70 12.04
CA THR G 286 -74.07 23.14 11.93
C THR G 286 -75.28 23.58 12.73
N ARG G 287 -75.17 24.73 13.40
CA ARG G 287 -76.24 25.25 14.25
C ARG G 287 -76.51 26.69 13.86
N THR G 288 -77.38 26.90 12.87
CA THR G 288 -77.74 28.25 12.43
C THR G 288 -78.84 28.81 13.31
N ILE G 289 -78.61 29.99 13.87
CA ILE G 289 -79.59 30.71 14.66
C ILE G 289 -79.69 32.11 14.05
N SER G 290 -80.88 32.50 13.62
CA SER G 290 -81.06 33.74 12.88
C SER G 290 -82.27 34.51 13.38
N LYS G 291 -82.05 35.76 13.78
CA LYS G 291 -83.10 36.70 14.11
C LYS G 291 -83.40 37.57 12.89
N ASN G 292 -84.64 38.05 12.80
CA ASN G 292 -85.09 38.69 11.57
C ASN G 292 -86.24 39.64 11.87
N THR G 293 -85.94 40.93 11.96
CA THR G 293 -86.93 41.96 12.23
C THR G 293 -87.16 42.78 10.97
N SER G 294 -88.43 42.97 10.60
CA SER G 294 -88.78 43.66 9.37
C SER G 294 -90.00 44.54 9.61
N THR G 295 -90.03 45.69 8.94
CA THR G 295 -91.02 46.74 9.22
C THR G 295 -91.21 47.58 7.96
N SER G 296 -92.45 47.71 7.50
CA SER G 296 -92.75 48.39 6.25
C SER G 296 -93.63 49.61 6.47
N ARG G 297 -93.59 50.51 5.49
CA ARG G 297 -94.56 51.58 5.32
C ARG G 297 -95.23 51.38 3.96
N THR G 298 -96.50 51.75 3.85
CA THR G 298 -97.23 51.56 2.60
C THR G 298 -98.40 52.53 2.56
N HIS G 299 -98.45 53.35 1.51
CA HIS G 299 -99.58 54.23 1.24
C HIS G 299 -100.24 53.72 -0.04
N THR G 300 -101.27 52.89 0.12
CA THR G 300 -102.04 52.41 -1.03
C THR G 300 -103.10 53.45 -1.36
N SER G 301 -103.00 54.03 -2.55
CA SER G 301 -103.99 54.99 -3.03
C SER G 301 -104.93 54.28 -4.00
N GLU G 302 -106.21 54.28 -3.68
CA GLU G 302 -107.23 53.75 -4.56
C GLU G 302 -107.95 54.88 -5.28
N VAL G 303 -108.18 54.70 -6.58
CA VAL G 303 -109.03 55.59 -7.35
C VAL G 303 -110.14 54.76 -8.00
N HIS G 304 -111.38 55.05 -7.62
CA HIS G 304 -112.50 54.18 -7.92
C HIS G 304 -113.18 54.56 -9.22
N GLY G 305 -114.09 53.70 -9.64
CA GLY G 305 -114.97 53.97 -10.76
C GLY G 305 -116.18 53.06 -10.69
N ASN G 306 -117.37 53.64 -10.77
CA ASN G 306 -118.60 52.87 -10.63
C ASN G 306 -119.68 53.53 -11.49
N ALA G 307 -120.65 52.72 -11.90
CA ALA G 307 -121.78 53.22 -12.70
C ALA G 307 -122.98 52.32 -12.44
N GLU G 308 -123.90 52.77 -11.60
CA GLU G 308 -125.10 52.02 -11.28
C GLU G 308 -126.27 52.51 -12.12
N VAL G 309 -127.15 51.60 -12.51
CA VAL G 309 -128.40 51.92 -13.18
C VAL G 309 -129.53 51.23 -12.43
N HIS G 310 -130.74 51.73 -12.65
CA HIS G 310 -131.90 51.30 -11.89
C HIS G 310 -133.16 51.61 -12.69
N ALA G 311 -134.17 50.74 -12.57
CA ALA G 311 -135.47 50.97 -13.16
C ALA G 311 -136.57 50.57 -12.18
N SER G 312 -137.51 51.48 -11.95
CA SER G 312 -138.70 51.19 -11.17
C SER G 312 -139.95 51.57 -11.95
N PHE G 313 -141.10 51.60 -11.27
CA PHE G 313 -142.38 51.79 -11.95
C PHE G 313 -142.56 53.21 -12.45
N PHE G 314 -142.45 54.21 -11.56
CA PHE G 314 -142.62 55.60 -11.96
C PHE G 314 -141.42 56.48 -11.61
N ASP G 315 -140.36 55.92 -11.05
CA ASP G 315 -139.12 56.66 -10.84
C ASP G 315 -137.96 55.87 -11.44
N ILE G 316 -136.97 56.59 -11.95
CA ILE G 316 -135.76 56.01 -12.52
C ILE G 316 -134.57 56.82 -12.00
N GLY G 317 -133.69 56.15 -11.24
CA GLY G 317 -132.53 56.78 -10.66
C GLY G 317 -131.22 56.29 -11.27
N GLY G 318 -130.14 56.71 -10.63
CA GLY G 318 -128.81 56.33 -11.09
C GLY G 318 -127.81 57.40 -10.75
N SER G 319 -126.54 56.99 -10.74
CA SER G 319 -125.43 57.87 -10.40
C SER G 319 -124.13 57.23 -10.85
N VAL G 320 -123.07 58.03 -10.83
CA VAL G 320 -121.71 57.57 -11.08
C VAL G 320 -120.89 57.98 -9.85
N SER G 321 -120.37 57.00 -9.13
CA SER G 321 -119.65 57.22 -7.87
C SER G 321 -118.18 56.89 -8.05
N ALA G 322 -117.33 57.92 -8.09
CA ALA G 322 -115.90 57.74 -8.29
C ALA G 322 -115.16 58.90 -7.64
N GLY G 323 -114.12 58.58 -6.88
CA GLY G 323 -113.33 59.60 -6.21
C GLY G 323 -112.00 59.05 -5.74
N PHE G 324 -111.49 59.65 -4.68
CA PHE G 324 -110.17 59.32 -4.13
C PHE G 324 -110.30 58.89 -2.69
N SER G 325 -109.56 57.84 -2.33
CA SER G 325 -109.46 57.37 -0.95
C SER G 325 -108.03 56.88 -0.71
N ASN G 326 -107.57 56.99 0.53
CA ASN G 326 -106.19 56.71 0.87
C ASN G 326 -106.08 55.68 1.98
N SER G 327 -104.86 55.23 2.23
CA SER G 327 -104.60 54.19 3.21
C SER G 327 -103.31 54.47 3.95
N ASN G 328 -103.22 53.96 5.18
CA ASN G 328 -102.01 54.00 5.98
C ASN G 328 -101.71 52.58 6.45
N SER G 329 -100.90 51.85 5.68
CA SER G 329 -100.54 50.47 5.99
C SER G 329 -99.14 50.42 6.58
N SER G 330 -99.07 50.09 7.88
CA SER G 330 -97.80 50.11 8.60
C SER G 330 -97.67 48.77 9.33
N THR G 331 -96.82 47.89 8.79
CA THR G 331 -96.65 46.54 9.31
C THR G 331 -95.31 46.41 10.02
N VAL G 332 -95.24 45.47 10.96
CA VAL G 332 -93.99 45.00 11.54
C VAL G 332 -94.02 43.48 11.53
N ALA G 333 -92.83 42.87 11.73
CA ALA G 333 -92.69 41.42 11.77
C ALA G 333 -91.39 41.06 12.47
N ILE G 334 -91.45 40.05 13.35
CA ILE G 334 -90.30 39.58 14.10
C ILE G 334 -90.24 38.06 13.96
N ASP G 335 -89.08 37.54 13.57
CA ASP G 335 -88.91 36.11 13.34
C ASP G 335 -87.92 35.51 14.33
N HIS G 336 -87.86 34.19 14.34
CA HIS G 336 -86.81 33.43 15.02
C HIS G 336 -86.60 32.13 14.26
N SER G 337 -85.38 31.63 14.29
CA SER G 337 -85.06 30.41 13.57
C SER G 337 -83.96 29.63 14.27
N LEU G 338 -84.06 28.31 14.17
CA LEU G 338 -83.04 27.38 14.60
C LEU G 338 -82.77 26.41 13.45
N SER G 339 -81.58 25.82 13.46
CA SER G 339 -81.25 24.79 12.49
C SER G 339 -80.29 23.81 13.13
N LEU G 340 -80.49 22.53 12.86
CA LEU G 340 -79.62 21.47 13.37
C LEU G 340 -79.21 20.65 12.16
N ALA G 341 -78.21 21.13 11.42
CA ALA G 341 -77.79 20.49 10.19
C ALA G 341 -76.62 19.56 10.43
N GLY G 342 -76.51 18.54 9.60
CA GLY G 342 -75.41 17.60 9.71
C GLY G 342 -75.03 17.12 8.32
N GLU G 343 -73.93 16.39 8.26
CA GLU G 343 -73.43 15.91 6.97
C GLU G 343 -72.56 14.68 7.19
N ARG G 344 -72.29 13.95 6.12
CA ARG G 344 -71.45 12.76 6.16
C ARG G 344 -70.78 12.61 4.81
N THR G 345 -69.47 12.80 4.77
CA THR G 345 -68.72 12.84 3.53
C THR G 345 -67.83 11.62 3.46
N TRP G 346 -67.52 11.16 2.24
CA TRP G 346 -66.67 10.00 2.04
C TRP G 346 -65.88 10.20 0.75
N ALA G 347 -64.56 10.23 0.82
CA ALA G 347 -63.73 10.46 -0.35
C ALA G 347 -62.80 9.28 -0.57
N GLU G 348 -62.17 9.24 -1.75
CA GLU G 348 -61.38 8.10 -2.17
C GLU G 348 -60.48 8.45 -3.34
N THR G 349 -59.17 8.22 -3.21
CA THR G 349 -58.16 8.75 -4.12
C THR G 349 -57.31 7.60 -4.64
N MET G 350 -56.75 7.75 -5.84
CA MET G 350 -55.85 6.75 -6.41
C MET G 350 -54.82 7.43 -7.31
N GLY G 351 -53.64 7.73 -6.77
CA GLY G 351 -52.60 8.38 -7.54
C GLY G 351 -51.86 7.43 -8.46
N LEU G 352 -50.81 7.95 -9.09
CA LEU G 352 -50.03 7.22 -10.08
C LEU G 352 -48.76 8.02 -10.35
N ASN G 353 -47.93 7.48 -11.24
CA ASN G 353 -46.78 8.18 -11.81
C ASN G 353 -46.45 7.46 -13.11
N THR G 354 -46.44 8.16 -14.23
CA THR G 354 -46.27 7.52 -15.52
C THR G 354 -44.82 7.34 -15.92
N ALA G 355 -43.91 7.35 -14.97
CA ALA G 355 -42.55 6.91 -15.19
C ALA G 355 -42.13 5.82 -14.23
N ASP G 356 -42.91 5.55 -13.21
CA ASP G 356 -42.60 4.62 -12.15
C ASP G 356 -43.85 3.84 -11.77
N THR G 357 -44.58 3.36 -12.76
CA THR G 357 -45.88 2.79 -12.45
C THR G 357 -45.83 1.32 -12.08
N ALA G 358 -44.68 0.67 -12.18
CA ALA G 358 -44.58 -0.70 -11.71
C ALA G 358 -43.14 -0.99 -11.33
N ARG G 359 -42.95 -2.05 -10.56
CA ARG G 359 -41.64 -2.52 -10.21
C ARG G 359 -41.49 -3.96 -10.67
N LEU G 360 -40.28 -4.50 -10.56
CA LEU G 360 -40.05 -5.83 -11.08
C LEU G 360 -39.24 -6.63 -10.09
N ASN G 361 -39.31 -7.95 -10.25
CA ASN G 361 -38.67 -8.89 -9.36
C ASN G 361 -38.56 -10.18 -10.16
N ALA G 362 -37.35 -10.56 -10.51
CA ALA G 362 -37.13 -11.74 -11.33
C ALA G 362 -36.60 -12.85 -10.44
N ASN G 363 -37.13 -14.05 -10.61
CA ASN G 363 -36.66 -15.21 -9.86
C ASN G 363 -35.81 -16.06 -10.80
N ILE G 364 -34.51 -16.12 -10.55
CA ILE G 364 -33.58 -16.71 -11.49
C ILE G 364 -32.86 -17.87 -10.83
N ARG G 365 -32.18 -18.67 -11.65
CA ARG G 365 -31.42 -19.82 -11.22
C ARG G 365 -30.28 -20.03 -12.19
N TYR G 366 -29.12 -20.45 -11.71
CA TYR G 366 -27.94 -20.61 -12.54
C TYR G 366 -27.68 -22.10 -12.77
N VAL G 367 -27.17 -22.44 -13.96
CA VAL G 367 -26.86 -23.82 -14.31
C VAL G 367 -25.43 -23.86 -14.81
N ASN G 368 -24.67 -24.88 -14.44
CA ASN G 368 -23.34 -25.09 -15.02
C ASN G 368 -23.31 -26.43 -15.71
N THR G 369 -23.11 -26.41 -17.02
CA THR G 369 -23.12 -27.61 -17.84
C THR G 369 -21.77 -27.86 -18.50
N GLY G 370 -20.70 -27.37 -17.92
CA GLY G 370 -19.38 -27.51 -18.47
C GLY G 370 -18.62 -28.66 -17.84
N THR G 371 -17.30 -28.53 -17.79
CA THR G 371 -16.45 -29.56 -17.23
C THR G 371 -15.50 -29.02 -16.16
N ALA G 372 -15.80 -27.85 -15.62
CA ALA G 372 -14.93 -27.22 -14.63
C ALA G 372 -15.78 -26.30 -13.77
N PRO G 373 -15.42 -26.08 -12.52
CA PRO G 373 -16.23 -25.21 -11.68
C PRO G 373 -15.83 -23.76 -11.82
N ILE G 374 -16.73 -22.88 -11.43
CA ILE G 374 -16.53 -21.44 -11.53
C ILE G 374 -16.93 -20.82 -10.20
N TYR G 375 -16.13 -19.87 -9.73
CA TYR G 375 -16.25 -19.34 -8.39
C TYR G 375 -16.64 -17.88 -8.44
N ASN G 376 -17.48 -17.48 -7.49
CA ASN G 376 -18.00 -16.11 -7.36
C ASN G 376 -18.67 -15.65 -8.65
N VAL G 377 -19.73 -16.33 -9.01
CA VAL G 377 -20.40 -16.11 -10.28
C VAL G 377 -21.24 -14.84 -10.18
N LEU G 378 -21.16 -13.99 -11.19
CA LEU G 378 -21.92 -12.74 -11.22
C LEU G 378 -22.35 -12.45 -12.64
N PRO G 379 -23.49 -12.93 -13.06
CA PRO G 379 -23.86 -12.83 -14.47
C PRO G 379 -24.50 -11.51 -14.83
N THR G 380 -23.97 -10.81 -15.83
CA THR G 380 -24.70 -9.69 -16.40
C THR G 380 -25.89 -10.22 -17.19
N THR G 381 -27.05 -9.59 -17.00
CA THR G 381 -28.27 -10.15 -17.55
C THR G 381 -29.30 -9.05 -17.70
N SER G 382 -30.16 -9.18 -18.71
CA SER G 382 -31.01 -8.07 -19.11
C SER G 382 -32.44 -8.50 -19.37
N LEU G 383 -33.39 -7.68 -18.93
CA LEU G 383 -34.81 -7.95 -19.03
C LEU G 383 -35.36 -7.34 -20.30
N VAL G 384 -35.81 -8.19 -21.23
CA VAL G 384 -36.21 -7.75 -22.55
C VAL G 384 -37.72 -7.86 -22.67
N LEU G 385 -38.36 -6.75 -23.01
CA LEU G 385 -39.79 -6.70 -23.23
C LEU G 385 -40.07 -6.65 -24.71
N GLY G 386 -41.13 -7.33 -25.14
CA GLY G 386 -41.49 -7.30 -26.54
C GLY G 386 -40.50 -8.06 -27.39
N LYS G 387 -40.11 -7.45 -28.49
CA LYS G 387 -39.12 -8.07 -29.36
C LYS G 387 -37.71 -7.82 -28.87
N ASN G 388 -37.28 -6.56 -28.86
CA ASN G 388 -35.97 -6.24 -28.28
C ASN G 388 -36.00 -4.90 -27.57
N GLN G 389 -37.01 -4.65 -26.75
CA GLN G 389 -37.08 -3.40 -25.99
C GLN G 389 -36.60 -3.67 -24.57
N THR G 390 -35.33 -3.38 -24.31
CA THR G 390 -34.68 -3.75 -23.06
C THR G 390 -35.02 -2.74 -21.98
N LEU G 391 -35.68 -3.20 -20.91
CA LEU G 391 -35.94 -2.31 -19.79
C LEU G 391 -34.67 -2.00 -19.02
N ALA G 392 -33.90 -3.03 -18.69
CA ALA G 392 -32.76 -2.82 -17.83
C ALA G 392 -31.71 -3.88 -18.08
N THR G 393 -30.47 -3.55 -17.74
CA THR G 393 -29.36 -4.47 -17.71
C THR G 393 -28.75 -4.42 -16.33
N ILE G 394 -28.66 -5.57 -15.66
CA ILE G 394 -28.25 -5.66 -14.27
C ILE G 394 -27.14 -6.67 -14.16
N LYS G 395 -25.94 -6.23 -13.82
CA LYS G 395 -24.94 -7.14 -13.31
C LYS G 395 -25.35 -7.52 -11.91
N ALA G 396 -25.25 -8.80 -11.57
CA ALA G 396 -25.74 -9.27 -10.28
C ALA G 396 -24.98 -8.65 -9.12
N LYS G 397 -25.70 -8.32 -8.06
CA LYS G 397 -25.12 -7.70 -6.88
C LYS G 397 -24.67 -8.80 -5.93
N GLU G 398 -24.37 -8.45 -4.69
CA GLU G 398 -23.83 -9.42 -3.76
C GLU G 398 -24.87 -10.34 -3.17
N ASN G 399 -26.15 -9.96 -3.19
CA ASN G 399 -27.16 -10.88 -2.72
C ASN G 399 -27.36 -12.03 -3.70
N GLN G 400 -27.14 -11.79 -4.98
CA GLN G 400 -27.29 -12.81 -6.00
C GLN G 400 -25.96 -13.38 -6.45
N LEU G 401 -25.00 -13.50 -5.54
CA LEU G 401 -23.67 -13.99 -5.86
C LEU G 401 -23.53 -15.43 -5.42
N SER G 402 -23.29 -16.32 -6.36
CA SER G 402 -22.96 -17.69 -6.04
C SER G 402 -21.53 -17.74 -5.56
N GLN G 403 -21.16 -18.83 -4.90
CA GLN G 403 -19.79 -18.93 -4.42
C GLN G 403 -19.01 -20.03 -5.09
N ILE G 404 -19.66 -21.11 -5.49
CA ILE G 404 -19.07 -22.14 -6.31
C ILE G 404 -20.20 -22.82 -7.07
N LEU G 405 -20.02 -23.02 -8.36
CA LEU G 405 -21.00 -23.68 -9.20
C LEU G 405 -20.33 -24.84 -9.92
N ALA G 406 -20.31 -26.01 -9.30
CA ALA G 406 -19.70 -27.19 -9.86
C ALA G 406 -20.46 -27.64 -11.11
N PRO G 407 -19.86 -28.45 -11.98
CA PRO G 407 -20.58 -28.86 -13.19
C PRO G 407 -21.75 -29.77 -12.89
N ASN G 408 -22.83 -29.58 -13.65
CA ASN G 408 -24.13 -30.20 -13.42
C ASN G 408 -24.65 -29.93 -12.01
N ASN G 409 -24.65 -28.67 -11.62
CA ASN G 409 -25.28 -28.26 -10.38
C ASN G 409 -25.93 -26.90 -10.58
N TYR G 410 -26.93 -26.64 -9.77
CA TYR G 410 -27.76 -25.45 -9.87
C TYR G 410 -27.49 -24.55 -8.68
N TYR G 411 -27.55 -23.25 -8.88
CA TYR G 411 -27.58 -22.36 -7.73
C TYR G 411 -28.81 -21.49 -7.85
N PRO G 412 -29.69 -21.45 -6.85
CA PRO G 412 -29.75 -22.26 -5.64
C PRO G 412 -30.23 -23.62 -5.98
N SER G 413 -29.93 -24.62 -5.17
CA SER G 413 -30.10 -26.01 -5.54
C SER G 413 -31.55 -26.34 -5.83
N LYS G 414 -31.76 -27.47 -6.50
CA LYS G 414 -33.05 -27.70 -7.14
C LYS G 414 -34.16 -28.02 -6.14
N ASN G 415 -33.83 -28.36 -4.90
CA ASN G 415 -34.86 -28.51 -3.89
C ASN G 415 -35.25 -27.20 -3.25
N LEU G 416 -34.53 -26.12 -3.51
CA LEU G 416 -34.80 -24.83 -2.92
C LEU G 416 -35.41 -23.88 -3.95
N ALA G 417 -35.85 -22.74 -3.49
CA ALA G 417 -36.54 -21.76 -4.31
C ALA G 417 -35.54 -20.80 -4.93
N PRO G 418 -35.87 -20.20 -6.07
CA PRO G 418 -34.89 -19.36 -6.78
C PRO G 418 -34.64 -18.04 -6.06
N ILE G 419 -33.59 -17.36 -6.50
CA ILE G 419 -33.17 -16.13 -5.85
C ILE G 419 -33.87 -14.96 -6.50
N ALA G 420 -33.99 -13.86 -5.76
CA ALA G 420 -34.68 -12.69 -6.26
C ALA G 420 -33.70 -11.64 -6.74
N LEU G 421 -33.98 -11.08 -7.90
CA LEU G 421 -33.21 -10.00 -8.50
C LEU G 421 -34.10 -8.76 -8.52
N ASN G 422 -33.92 -7.87 -7.56
CA ASN G 422 -34.78 -6.69 -7.49
C ASN G 422 -33.97 -5.44 -7.21
N ALA G 423 -32.90 -5.24 -7.95
CA ALA G 423 -32.02 -4.13 -7.64
C ALA G 423 -31.33 -3.63 -8.90
N GLN G 424 -30.98 -2.37 -8.86
CA GLN G 424 -30.21 -1.75 -9.92
C GLN G 424 -29.08 -0.86 -9.40
N ASP G 425 -29.19 -0.33 -8.19
CA ASP G 425 -28.11 0.34 -7.49
C ASP G 425 -26.97 -0.64 -7.27
N ASP G 426 -25.77 -0.08 -7.09
CA ASP G 426 -24.65 -0.94 -6.74
C ASP G 426 -24.71 -1.45 -5.31
N PHE G 427 -25.62 -0.94 -4.50
CA PHE G 427 -25.79 -1.36 -3.11
C PHE G 427 -27.17 -1.96 -2.86
N SER G 428 -27.92 -2.26 -3.92
CA SER G 428 -29.25 -2.86 -3.85
C SER G 428 -30.23 -2.00 -3.06
N SER G 429 -30.24 -0.71 -3.34
CA SER G 429 -31.16 0.19 -2.69
C SER G 429 -32.13 0.85 -3.64
N THR G 430 -32.20 0.43 -4.90
CA THR G 430 -32.99 1.09 -5.91
C THR G 430 -33.68 0.01 -6.72
N PRO G 431 -35.00 0.03 -6.83
CA PRO G 431 -35.71 -1.05 -7.52
C PRO G 431 -35.59 -0.90 -9.04
N ILE G 432 -36.15 -1.88 -9.74
CA ILE G 432 -36.20 -1.88 -11.19
C ILE G 432 -37.59 -1.42 -11.60
N THR G 433 -37.69 -0.27 -12.24
CA THR G 433 -38.98 0.32 -12.50
C THR G 433 -39.46 0.00 -13.89
N MET G 434 -40.54 0.65 -14.30
CA MET G 434 -41.25 0.39 -15.54
C MET G 434 -42.27 1.51 -15.77
N ASN G 435 -42.31 2.13 -16.94
CA ASN G 435 -43.21 3.25 -17.10
C ASN G 435 -44.60 2.75 -17.52
N TYR G 436 -45.47 3.66 -17.93
CA TYR G 436 -46.87 3.32 -18.08
C TYR G 436 -47.13 2.49 -19.33
N ASN G 437 -46.51 2.87 -20.45
CA ASN G 437 -46.73 2.17 -21.71
C ASN G 437 -46.19 0.75 -21.65
N GLN G 438 -45.02 0.57 -21.05
CA GLN G 438 -44.46 -0.77 -20.89
C GLN G 438 -45.31 -1.62 -19.98
N PHE G 439 -45.92 -1.02 -18.97
CA PHE G 439 -46.74 -1.79 -18.05
C PHE G 439 -48.05 -2.23 -18.71
N LEU G 440 -48.69 -1.33 -19.46
CA LEU G 440 -49.90 -1.71 -20.17
C LEU G 440 -49.62 -2.77 -21.21
N GLU G 441 -48.48 -2.66 -21.90
CA GLU G 441 -48.14 -3.62 -22.93
C GLU G 441 -47.78 -4.98 -22.36
N LEU G 442 -47.09 -5.02 -21.21
CA LEU G 442 -46.77 -6.30 -20.60
C LEU G 442 -48.01 -6.95 -20.02
N GLU G 443 -48.90 -6.15 -19.43
CA GLU G 443 -50.13 -6.74 -18.92
C GLU G 443 -51.08 -7.17 -20.04
N LYS G 444 -50.92 -6.62 -21.23
CA LYS G 444 -51.74 -7.08 -22.34
C LYS G 444 -51.17 -8.33 -23.00
N THR G 445 -49.87 -8.34 -23.31
CA THR G 445 -49.33 -9.38 -24.18
C THR G 445 -48.43 -10.39 -23.49
N LYS G 446 -47.96 -10.11 -22.26
CA LYS G 446 -47.30 -11.06 -21.38
C LYS G 446 -45.99 -11.61 -21.96
N GLN G 447 -45.22 -10.76 -22.62
CA GLN G 447 -43.95 -11.15 -23.19
C GLN G 447 -42.83 -10.46 -22.44
N LEU G 448 -41.94 -11.26 -21.85
CA LEU G 448 -40.82 -10.78 -21.05
C LEU G 448 -39.85 -11.93 -20.91
N ARG G 449 -38.60 -11.73 -21.33
CA ARG G 449 -37.60 -12.76 -21.20
C ARG G 449 -36.37 -12.17 -20.54
N LEU G 450 -35.33 -12.97 -20.43
CA LEU G 450 -34.12 -12.60 -19.73
C LEU G 450 -32.93 -13.20 -20.44
N ASP G 451 -32.09 -12.35 -21.00
CA ASP G 451 -30.91 -12.75 -21.74
C ASP G 451 -29.70 -12.77 -20.83
N THR G 452 -28.77 -13.66 -21.12
CA THR G 452 -27.54 -13.78 -20.36
C THR G 452 -26.42 -13.29 -21.25
N ASP G 453 -25.91 -12.11 -20.96
CA ASP G 453 -24.93 -11.50 -21.85
C ASP G 453 -23.53 -12.06 -21.60
N GLN G 454 -23.13 -12.13 -20.35
CA GLN G 454 -21.78 -12.56 -19.98
C GLN G 454 -21.81 -12.95 -18.51
N VAL G 455 -20.74 -13.59 -18.07
CA VAL G 455 -20.66 -14.13 -16.71
C VAL G 455 -19.27 -13.88 -16.15
N TYR G 456 -19.19 -13.19 -15.02
CA TYR G 456 -17.93 -13.05 -14.30
C TYR G 456 -17.74 -14.26 -13.40
N GLY G 457 -16.50 -14.61 -13.13
CA GLY G 457 -16.25 -15.71 -12.22
C GLY G 457 -14.81 -16.11 -12.14
N ASN G 458 -14.32 -16.45 -10.96
CA ASN G 458 -12.90 -16.66 -10.76
C ASN G 458 -12.48 -18.08 -11.11
N ILE G 459 -11.18 -18.34 -10.96
CA ILE G 459 -10.58 -19.65 -11.20
C ILE G 459 -9.87 -20.05 -9.93
N ALA G 460 -9.75 -21.36 -9.69
CA ALA G 460 -9.11 -21.87 -8.49
C ALA G 460 -8.05 -22.89 -8.87
N THR G 461 -6.87 -22.79 -8.26
CA THR G 461 -5.69 -23.51 -8.74
C THR G 461 -5.01 -24.26 -7.61
N TYR G 462 -4.34 -25.34 -7.98
CA TYR G 462 -3.65 -26.18 -7.00
C TYR G 462 -2.36 -25.51 -6.55
N ASN G 463 -2.11 -25.53 -5.25
CA ASN G 463 -0.97 -24.84 -4.65
C ASN G 463 0.00 -25.88 -4.08
N PHE G 464 1.22 -25.93 -4.60
CA PHE G 464 2.12 -27.05 -4.34
C PHE G 464 2.70 -27.07 -2.94
N GLU G 465 2.60 -26.00 -2.16
CA GLU G 465 3.13 -26.04 -0.79
C GLU G 465 2.30 -26.96 0.08
N ASN G 466 1.01 -26.67 0.21
CA ASN G 466 0.16 -27.45 1.07
C ASN G 466 -0.94 -28.19 0.35
N GLY G 467 -0.99 -28.17 -0.96
CA GLY G 467 -2.03 -28.92 -1.64
C GLY G 467 -3.40 -28.28 -1.62
N ARG G 468 -3.55 -27.13 -0.99
CA ARG G 468 -4.85 -26.50 -0.93
C ARG G 468 -5.13 -25.79 -2.22
N VAL G 469 -6.40 -25.53 -2.46
CA VAL G 469 -6.88 -24.90 -3.68
C VAL G 469 -7.25 -23.46 -3.34
N ARG G 470 -6.61 -22.52 -4.02
CA ARG G 470 -6.76 -21.10 -3.74
C ARG G 470 -7.50 -20.44 -4.88
N VAL G 471 -8.46 -19.58 -4.56
CA VAL G 471 -9.21 -18.83 -5.56
C VAL G 471 -8.49 -17.52 -5.80
N ASP G 472 -8.14 -17.27 -7.04
CA ASP G 472 -7.32 -16.12 -7.41
C ASP G 472 -8.25 -15.02 -7.87
N THR G 473 -8.36 -13.95 -7.08
CA THR G 473 -9.33 -12.91 -7.38
C THR G 473 -8.86 -11.93 -8.44
N GLY G 474 -7.68 -12.13 -9.02
CA GLY G 474 -7.25 -11.25 -10.08
C GLY G 474 -7.54 -11.87 -11.42
N SER G 475 -7.85 -13.15 -11.41
CA SER G 475 -8.11 -13.91 -12.62
C SER G 475 -9.61 -14.15 -12.77
N ASN G 476 -10.06 -14.27 -14.00
CA ASN G 476 -11.40 -14.72 -14.26
C ASN G 476 -11.42 -15.50 -15.56
N TRP G 477 -12.53 -16.20 -15.80
CA TRP G 477 -12.63 -17.10 -16.93
C TRP G 477 -12.81 -16.38 -18.25
N SER G 478 -13.00 -15.07 -18.25
CA SER G 478 -13.10 -14.31 -19.47
C SER G 478 -11.76 -14.11 -20.17
N GLU G 479 -10.66 -14.48 -19.52
CA GLU G 479 -9.37 -14.49 -20.18
C GLU G 479 -8.96 -15.86 -20.65
N VAL G 480 -9.75 -16.88 -20.37
CA VAL G 480 -9.36 -18.25 -20.67
C VAL G 480 -10.23 -18.85 -21.77
N LEU G 481 -11.55 -18.63 -21.73
CA LEU G 481 -12.43 -19.15 -22.77
C LEU G 481 -12.14 -18.66 -24.18
N PRO G 482 -11.75 -17.40 -24.45
CA PRO G 482 -11.36 -17.06 -25.82
C PRO G 482 -10.08 -17.72 -26.28
N GLN G 483 -9.24 -18.24 -25.40
CA GLN G 483 -8.09 -19.00 -25.84
C GLN G 483 -8.42 -20.47 -26.06
N ILE G 484 -9.44 -20.99 -25.39
CA ILE G 484 -9.91 -22.32 -25.69
C ILE G 484 -10.64 -22.32 -27.02
N GLN G 485 -11.40 -21.26 -27.29
CA GLN G 485 -12.28 -21.24 -28.45
C GLN G 485 -11.54 -21.03 -29.77
N GLU G 486 -10.31 -20.56 -29.75
CA GLU G 486 -9.57 -20.29 -30.97
C GLU G 486 -8.54 -21.34 -31.29
N THR G 487 -8.36 -22.36 -30.44
CA THR G 487 -7.34 -23.37 -30.67
C THR G 487 -7.85 -24.80 -30.59
N THR G 488 -9.15 -25.02 -30.45
CA THR G 488 -9.70 -26.35 -30.24
C THR G 488 -10.80 -26.62 -31.24
N ALA G 489 -11.42 -27.79 -31.11
CA ALA G 489 -12.46 -28.25 -32.02
C ALA G 489 -13.66 -28.74 -31.25
N ARG G 490 -14.85 -28.30 -31.62
CA ARG G 490 -16.04 -28.58 -30.85
C ARG G 490 -16.75 -29.79 -31.42
N ILE G 491 -17.17 -30.70 -30.53
CA ILE G 491 -17.95 -31.86 -30.91
C ILE G 491 -19.16 -31.88 -29.98
N ILE G 492 -20.33 -31.57 -30.50
CA ILE G 492 -21.57 -31.70 -29.74
C ILE G 492 -22.13 -33.08 -30.01
N PHE G 493 -22.87 -33.61 -29.05
CA PHE G 493 -23.30 -35.00 -29.10
C PHE G 493 -24.52 -35.15 -28.22
N ASN G 494 -25.51 -35.91 -28.68
CA ASN G 494 -26.74 -36.10 -27.93
C ASN G 494 -27.20 -37.55 -27.97
N GLY G 495 -26.27 -38.48 -27.86
CA GLY G 495 -26.62 -39.88 -27.85
C GLY G 495 -26.86 -40.47 -26.47
N LYS G 496 -26.53 -39.73 -25.43
CA LYS G 496 -26.83 -40.14 -24.05
C LYS G 496 -28.02 -39.32 -23.59
N ASP G 497 -29.22 -39.88 -23.76
CA ASP G 497 -30.48 -39.33 -23.27
C ASP G 497 -30.82 -37.97 -23.89
N LEU G 498 -30.32 -37.74 -25.10
CA LEU G 498 -30.83 -36.72 -26.03
C LEU G 498 -30.66 -35.30 -25.51
N ASN G 499 -29.48 -34.97 -24.99
CA ASN G 499 -29.16 -33.61 -24.59
C ASN G 499 -27.77 -33.25 -25.08
N LEU G 500 -27.58 -31.97 -25.34
CA LEU G 500 -26.38 -31.48 -26.02
C LEU G 500 -25.21 -31.47 -25.05
N VAL G 501 -24.28 -32.39 -25.25
CA VAL G 501 -23.09 -32.50 -24.39
C VAL G 501 -21.92 -31.95 -25.19
N GLU G 502 -21.53 -30.72 -24.92
CA GLU G 502 -20.49 -30.03 -25.68
C GLU G 502 -19.13 -30.25 -25.04
N ARG G 503 -18.18 -30.73 -25.83
CA ARG G 503 -16.79 -30.85 -25.41
C ARG G 503 -15.91 -30.12 -26.40
N ARG G 504 -14.62 -30.09 -26.13
CA ARG G 504 -13.64 -29.45 -26.98
C ARG G 504 -12.34 -30.22 -26.90
N ILE G 505 -11.74 -30.52 -28.04
CA ILE G 505 -10.54 -31.32 -28.11
C ILE G 505 -9.45 -30.49 -28.78
N ALA G 506 -8.26 -30.47 -28.19
CA ALA G 506 -7.17 -29.62 -28.66
C ALA G 506 -6.59 -30.15 -29.96
N ALA G 507 -6.94 -29.52 -31.06
CA ALA G 507 -6.45 -29.89 -32.38
C ALA G 507 -5.48 -28.84 -32.89
N VAL G 508 -4.90 -29.11 -34.05
CA VAL G 508 -3.75 -28.39 -34.58
C VAL G 508 -4.21 -27.29 -35.53
N ASN G 509 -3.62 -26.10 -35.39
CA ASN G 509 -3.85 -25.01 -36.33
C ASN G 509 -2.61 -24.83 -37.19
N PRO G 510 -2.68 -25.01 -38.52
CA PRO G 510 -1.46 -25.06 -39.33
C PRO G 510 -0.82 -23.72 -39.64
N SER G 511 -1.43 -22.60 -39.26
CA SER G 511 -0.86 -21.31 -39.59
C SER G 511 -0.43 -20.55 -38.34
N ASP G 512 0.20 -21.26 -37.42
CA ASP G 512 0.62 -20.74 -36.12
C ASP G 512 1.67 -21.67 -35.54
N PRO G 513 2.87 -21.19 -35.20
CA PRO G 513 3.94 -22.13 -34.82
C PRO G 513 3.76 -22.78 -33.46
N LEU G 514 3.19 -22.09 -32.47
CA LEU G 514 3.05 -22.72 -31.16
C LEU G 514 1.99 -23.81 -31.17
N GLU G 515 1.00 -23.72 -32.04
CA GLU G 515 -0.01 -24.75 -32.13
C GLU G 515 0.33 -25.86 -33.10
N THR G 516 1.44 -25.77 -33.82
CA THR G 516 1.87 -26.92 -34.60
C THR G 516 2.63 -27.94 -33.79
N THR G 517 2.64 -27.80 -32.46
CA THR G 517 3.38 -28.67 -31.57
C THR G 517 2.52 -29.70 -30.86
N LYS G 518 1.20 -29.52 -30.87
CA LYS G 518 0.32 -30.48 -30.25
C LYS G 518 0.28 -31.75 -31.09
N PRO G 519 -0.02 -32.89 -30.49
CA PRO G 519 -0.05 -34.13 -31.27
C PRO G 519 -1.21 -34.16 -32.24
N ASP G 520 -1.08 -35.01 -33.26
CA ASP G 520 -2.07 -35.08 -34.32
C ASP G 520 -3.34 -35.74 -33.81
N MET G 521 -4.46 -35.01 -33.89
CA MET G 521 -5.71 -35.47 -33.30
C MET G 521 -6.65 -35.92 -34.41
N THR G 522 -6.97 -37.21 -34.43
CA THR G 522 -7.93 -37.73 -35.39
C THR G 522 -9.33 -37.69 -34.79
N LEU G 523 -10.32 -37.96 -35.63
CA LEU G 523 -11.70 -37.92 -35.15
C LEU G 523 -12.03 -39.13 -34.30
N LYS G 524 -11.44 -40.28 -34.58
CA LYS G 524 -11.71 -41.47 -33.81
C LYS G 524 -11.14 -41.37 -32.40
N GLU G 525 -9.90 -40.87 -32.28
CA GLU G 525 -9.31 -40.67 -30.97
C GLU G 525 -10.05 -39.59 -30.18
N ALA G 526 -10.53 -38.56 -30.86
CA ALA G 526 -11.29 -37.52 -30.19
C ALA G 526 -12.60 -38.07 -29.63
N LEU G 527 -13.27 -38.91 -30.40
CA LEU G 527 -14.49 -39.53 -29.88
C LEU G 527 -14.18 -40.55 -28.80
N LYS G 528 -13.00 -41.17 -28.83
CA LYS G 528 -12.70 -42.16 -27.82
C LYS G 528 -12.29 -41.55 -26.50
N ILE G 529 -11.73 -40.34 -26.50
CA ILE G 529 -11.29 -39.73 -25.25
C ILE G 529 -12.23 -38.65 -24.74
N ALA G 530 -13.12 -38.11 -25.57
CA ALA G 530 -13.99 -37.04 -25.10
C ALA G 530 -15.34 -37.53 -24.61
N PHE G 531 -15.83 -38.66 -25.12
CA PHE G 531 -17.18 -39.11 -24.81
C PHE G 531 -17.26 -40.53 -24.31
N GLY G 532 -16.22 -41.33 -24.47
CA GLY G 532 -16.26 -42.70 -23.99
C GLY G 532 -16.65 -43.73 -25.02
N PHE G 533 -16.51 -43.41 -26.30
CA PHE G 533 -16.66 -44.40 -27.35
C PHE G 533 -15.54 -45.44 -27.25
N ASN G 534 -15.88 -46.70 -27.39
CA ASN G 534 -14.87 -47.75 -27.31
C ASN G 534 -15.05 -48.72 -28.45
N GLU G 535 -13.97 -49.41 -28.80
CA GLU G 535 -13.96 -50.37 -29.90
C GLU G 535 -13.60 -51.75 -29.37
N PRO G 536 -14.58 -52.50 -28.86
CA PRO G 536 -14.29 -53.83 -28.31
C PRO G 536 -14.09 -54.91 -29.35
N ASN G 537 -14.60 -54.72 -30.57
CA ASN G 537 -14.45 -55.69 -31.65
C ASN G 537 -14.00 -55.01 -32.93
N GLY G 538 -13.11 -54.03 -32.79
CA GLY G 538 -12.63 -53.29 -33.95
C GLY G 538 -13.63 -52.35 -34.57
N ASN G 539 -14.76 -52.11 -33.91
CA ASN G 539 -15.79 -51.21 -34.41
C ASN G 539 -16.02 -50.12 -33.38
N LEU G 540 -15.99 -48.87 -33.80
CA LEU G 540 -16.20 -47.78 -32.87
C LEU G 540 -17.67 -47.74 -32.46
N GLN G 541 -17.94 -48.08 -31.20
CA GLN G 541 -19.30 -48.09 -30.69
C GLN G 541 -19.44 -47.08 -29.57
N TYR G 542 -20.68 -46.79 -29.22
CA TYR G 542 -21.05 -46.21 -27.93
C TYR G 542 -21.41 -47.41 -27.03
N GLN G 543 -22.18 -47.19 -25.95
CA GLN G 543 -22.54 -48.30 -25.08
C GLN G 543 -23.32 -49.39 -25.82
N GLY G 544 -24.36 -49.01 -26.53
CA GLY G 544 -25.10 -50.01 -27.25
C GLY G 544 -25.06 -49.86 -28.76
N LYS G 545 -25.00 -48.62 -29.22
CA LYS G 545 -25.15 -48.36 -30.63
C LYS G 545 -23.83 -48.57 -31.37
N ASP G 546 -23.86 -48.33 -32.67
CA ASP G 546 -22.66 -48.26 -33.49
C ASP G 546 -22.52 -46.84 -34.02
N ILE G 547 -21.31 -46.51 -34.50
CA ILE G 547 -21.07 -45.18 -35.05
C ILE G 547 -21.88 -44.97 -36.32
N THR G 548 -22.20 -46.03 -37.05
CA THR G 548 -23.05 -45.90 -38.23
C THR G 548 -24.51 -45.64 -37.89
N GLU G 549 -24.88 -45.66 -36.61
CA GLU G 549 -26.20 -45.23 -36.18
C GLU G 549 -26.26 -43.76 -35.84
N PHE G 550 -25.22 -42.99 -36.17
CA PHE G 550 -25.21 -41.55 -35.96
C PHE G 550 -24.91 -40.89 -37.28
N ASP G 551 -25.00 -39.56 -37.30
CA ASP G 551 -24.81 -38.80 -38.52
C ASP G 551 -24.15 -37.46 -38.22
N PHE G 552 -23.34 -36.99 -39.15
CA PHE G 552 -22.27 -36.03 -38.86
C PHE G 552 -22.56 -34.73 -39.62
N ASN G 553 -23.38 -33.88 -39.04
CA ASN G 553 -23.69 -32.60 -39.65
C ASN G 553 -22.62 -31.59 -39.24
N PHE G 554 -21.95 -31.01 -40.23
CA PHE G 554 -20.83 -30.12 -39.97
C PHE G 554 -21.26 -28.66 -40.10
N ASP G 555 -20.29 -27.77 -40.03
CA ASP G 555 -20.51 -26.39 -40.39
C ASP G 555 -20.09 -26.20 -41.86
N GLN G 556 -20.10 -24.95 -42.31
CA GLN G 556 -19.71 -24.65 -43.69
C GLN G 556 -18.23 -24.89 -43.91
N GLN G 557 -17.39 -24.20 -43.13
CA GLN G 557 -15.95 -24.30 -43.31
C GLN G 557 -15.42 -25.67 -42.92
N THR G 558 -16.07 -26.32 -41.96
CA THR G 558 -15.66 -27.67 -41.58
C THR G 558 -15.97 -28.67 -42.68
N SER G 559 -17.13 -28.54 -43.34
CA SER G 559 -17.45 -29.43 -44.46
C SER G 559 -16.57 -29.16 -45.66
N GLN G 560 -16.21 -27.90 -45.89
CA GLN G 560 -15.20 -27.57 -46.89
C GLN G 560 -13.85 -28.20 -46.57
N ASN G 561 -13.53 -28.38 -45.29
CA ASN G 561 -12.32 -29.10 -44.95
C ASN G 561 -12.47 -30.61 -45.08
N ILE G 562 -13.64 -31.15 -44.74
CA ILE G 562 -13.84 -32.59 -44.74
C ILE G 562 -13.86 -33.13 -46.16
N LYS G 563 -14.45 -32.38 -47.10
CA LYS G 563 -14.48 -32.83 -48.49
C LYS G 563 -13.09 -32.80 -49.11
N ASN G 564 -12.30 -31.77 -48.80
CA ASN G 564 -10.92 -31.74 -49.25
C ASN G 564 -10.06 -32.78 -48.56
N GLN G 565 -10.46 -33.26 -47.39
CA GLN G 565 -9.74 -34.35 -46.75
C GLN G 565 -10.11 -35.71 -47.34
N LEU G 566 -11.37 -35.86 -47.76
CA LEU G 566 -11.82 -37.11 -48.34
C LEU G 566 -11.46 -37.23 -49.81
N ALA G 567 -11.15 -36.12 -50.46
CA ALA G 567 -10.63 -36.18 -51.83
C ALA G 567 -9.27 -36.86 -51.88
N GLU G 568 -8.33 -36.42 -51.05
CA GLU G 568 -7.00 -37.02 -51.04
C GLU G 568 -6.99 -38.42 -50.45
N LEU G 569 -7.95 -38.74 -49.58
CA LEU G 569 -7.98 -40.07 -49.00
C LEU G 569 -8.40 -41.14 -49.98
N ASN G 570 -9.06 -40.75 -51.08
CA ASN G 570 -9.74 -41.66 -52.00
C ASN G 570 -10.69 -42.58 -51.24
N ALA G 571 -11.54 -41.97 -50.43
CA ALA G 571 -12.63 -42.65 -49.76
C ALA G 571 -13.89 -41.85 -49.96
N THR G 572 -15.02 -42.48 -49.70
CA THR G 572 -16.31 -41.84 -49.93
C THR G 572 -17.22 -41.87 -48.72
N ASN G 573 -17.14 -42.91 -47.91
CA ASN G 573 -17.94 -42.98 -46.70
C ASN G 573 -17.13 -42.46 -45.53
N ILE G 574 -17.73 -41.55 -44.76
CA ILE G 574 -17.06 -41.01 -43.60
C ILE G 574 -16.90 -42.07 -42.52
N TYR G 575 -17.86 -43.00 -42.44
CA TYR G 575 -17.88 -43.97 -41.35
C TYR G 575 -16.80 -45.05 -41.47
N THR G 576 -16.07 -45.12 -42.56
CA THR G 576 -14.99 -46.10 -42.66
C THR G 576 -13.63 -45.52 -42.32
N VAL G 577 -13.43 -44.23 -42.54
CA VAL G 577 -12.11 -43.62 -42.47
C VAL G 577 -12.07 -42.61 -41.33
N LEU G 578 -12.76 -42.92 -40.22
CA LEU G 578 -12.72 -42.06 -39.04
C LEU G 578 -11.33 -41.95 -38.45
N ASP G 579 -10.50 -42.97 -38.59
CA ASP G 579 -9.16 -42.93 -38.04
C ASP G 579 -8.13 -42.39 -39.03
N LYS G 580 -8.55 -41.56 -39.96
CA LYS G 580 -7.61 -40.83 -40.81
C LYS G 580 -7.99 -39.38 -40.98
N ILE G 581 -9.09 -38.93 -40.39
CA ILE G 581 -9.55 -37.56 -40.51
C ILE G 581 -8.82 -36.73 -39.47
N LYS G 582 -7.91 -35.88 -39.91
CA LYS G 582 -7.29 -34.93 -39.00
C LYS G 582 -8.29 -33.88 -38.58
N LEU G 583 -8.24 -33.47 -37.32
CA LEU G 583 -9.02 -32.33 -36.89
C LEU G 583 -8.17 -31.07 -36.97
N ASN G 584 -8.82 -29.93 -36.84
CA ASN G 584 -8.12 -28.65 -36.82
C ASN G 584 -8.78 -27.74 -35.80
N ALA G 585 -8.25 -26.53 -35.71
CA ALA G 585 -8.79 -25.55 -34.79
C ALA G 585 -9.98 -24.85 -35.42
N LYS G 586 -10.86 -24.34 -34.55
CA LYS G 586 -12.09 -23.64 -34.91
C LYS G 586 -12.99 -24.49 -35.81
N MET G 587 -13.03 -25.78 -35.53
CA MET G 587 -13.95 -26.70 -36.18
C MET G 587 -15.19 -26.88 -35.34
N ASN G 588 -16.32 -27.10 -36.01
CA ASN G 588 -17.55 -27.51 -35.36
C ASN G 588 -17.98 -28.83 -35.98
N ILE G 589 -18.34 -29.79 -35.14
CA ILE G 589 -18.87 -31.08 -35.58
C ILE G 589 -20.07 -31.38 -34.72
N LEU G 590 -21.18 -31.79 -35.33
CA LEU G 590 -22.42 -32.06 -34.62
C LEU G 590 -22.86 -33.48 -34.93
N ILE G 591 -22.94 -34.30 -33.89
CA ILE G 591 -23.26 -35.71 -34.02
C ILE G 591 -24.58 -35.95 -33.32
N ARG G 592 -25.56 -36.44 -34.06
CA ARG G 592 -26.91 -36.62 -33.55
C ARG G 592 -27.28 -38.09 -33.62
N ASP G 593 -28.48 -38.40 -33.14
CA ASP G 593 -29.03 -39.73 -33.27
C ASP G 593 -29.85 -39.83 -34.55
N LYS G 594 -29.66 -40.92 -35.28
CA LYS G 594 -30.26 -41.10 -36.60
C LYS G 594 -31.73 -41.48 -36.53
N ARG G 595 -32.28 -41.65 -35.32
CA ARG G 595 -33.62 -42.18 -35.17
C ARG G 595 -34.70 -41.12 -35.20
N PHE G 596 -34.37 -39.86 -35.01
CA PHE G 596 -35.40 -38.83 -34.87
C PHE G 596 -35.19 -37.71 -35.89
N HIS G 597 -36.05 -36.70 -35.77
CA HIS G 597 -35.86 -35.41 -36.40
C HIS G 597 -35.76 -34.35 -35.32
N TYR G 598 -35.22 -33.20 -35.71
CA TYR G 598 -34.92 -32.12 -34.76
C TYR G 598 -35.32 -30.81 -35.40
N ASP G 599 -35.50 -29.80 -34.56
CA ASP G 599 -35.85 -28.47 -35.03
C ASP G 599 -34.59 -27.71 -35.42
N ARG G 600 -34.72 -26.39 -35.58
CA ARG G 600 -33.54 -25.57 -35.81
C ARG G 600 -32.67 -25.50 -34.55
N ASN G 601 -33.30 -25.53 -33.38
CA ASN G 601 -32.59 -25.46 -32.10
C ASN G 601 -32.04 -26.81 -31.64
N ASN G 602 -32.08 -27.82 -32.53
CA ASN G 602 -31.43 -29.11 -32.35
C ASN G 602 -31.97 -29.89 -31.15
N ILE G 603 -33.24 -29.76 -30.85
CA ILE G 603 -33.90 -30.55 -29.82
C ILE G 603 -34.78 -31.58 -30.51
N ALA G 604 -34.83 -32.78 -29.96
CA ALA G 604 -35.68 -33.84 -30.48
C ALA G 604 -37.13 -33.48 -30.22
N VAL G 605 -37.85 -33.12 -31.28
CA VAL G 605 -39.24 -32.69 -31.16
C VAL G 605 -40.16 -33.68 -31.86
N GLY G 606 -39.58 -34.74 -32.42
CA GLY G 606 -40.37 -35.78 -33.04
C GLY G 606 -39.48 -36.74 -33.81
N ALA G 607 -39.90 -37.99 -33.84
CA ALA G 607 -39.19 -39.04 -34.56
C ALA G 607 -39.77 -39.17 -35.98
N ASP G 608 -39.42 -40.25 -36.66
CA ASP G 608 -40.19 -40.71 -37.81
C ASP G 608 -41.20 -41.75 -37.32
N GLU G 609 -41.96 -42.34 -38.23
CA GLU G 609 -43.16 -43.07 -37.83
C GLU G 609 -42.90 -44.51 -37.39
N SER G 610 -41.78 -45.11 -37.83
CA SER G 610 -41.54 -46.52 -37.55
C SER G 610 -41.15 -46.76 -36.09
N VAL G 611 -40.21 -45.97 -35.56
CA VAL G 611 -39.60 -46.27 -34.27
C VAL G 611 -40.47 -45.95 -33.07
N VAL G 612 -41.68 -45.42 -33.27
CA VAL G 612 -42.52 -45.05 -32.14
C VAL G 612 -43.10 -46.29 -31.46
N LYS G 613 -43.43 -47.31 -32.23
CA LYS G 613 -44.11 -48.49 -31.70
C LYS G 613 -43.16 -49.54 -31.17
N GLU G 614 -41.86 -49.40 -31.39
CA GLU G 614 -40.94 -50.52 -31.16
C GLU G 614 -40.56 -50.68 -29.70
N ALA G 615 -40.84 -49.71 -28.83
CA ALA G 615 -40.45 -49.80 -27.42
C ALA G 615 -41.57 -49.41 -26.45
N HIS G 616 -42.83 -49.60 -26.84
CA HIS G 616 -43.96 -49.22 -26.01
C HIS G 616 -44.89 -50.37 -25.68
N ARG G 617 -44.40 -51.62 -25.73
CA ARG G 617 -45.31 -52.76 -25.82
C ARG G 617 -45.26 -53.69 -24.63
N GLU G 618 -44.26 -53.59 -23.75
CA GLU G 618 -44.19 -54.52 -22.63
C GLU G 618 -45.10 -54.02 -21.50
N VAL G 619 -46.10 -54.83 -21.16
CA VAL G 619 -47.16 -54.46 -20.22
C VAL G 619 -47.16 -55.49 -19.09
N ILE G 620 -47.37 -55.01 -17.86
CA ILE G 620 -47.46 -55.88 -16.68
C ILE G 620 -48.83 -55.79 -16.03
N ASN G 621 -49.20 -54.61 -15.53
CA ASN G 621 -50.48 -54.41 -14.88
C ASN G 621 -51.48 -53.86 -15.89
N SER G 622 -52.73 -54.31 -15.79
CA SER G 622 -53.79 -53.87 -16.68
C SER G 622 -55.13 -53.98 -15.96
N SER G 623 -55.92 -52.90 -16.03
CA SER G 623 -57.25 -52.84 -15.46
C SER G 623 -58.00 -51.67 -16.08
N THR G 624 -59.25 -51.50 -15.66
CA THR G 624 -60.04 -50.32 -16.00
C THR G 624 -59.60 -49.09 -15.22
N GLU G 625 -58.81 -49.26 -14.16
CA GLU G 625 -58.25 -48.11 -13.45
C GLU G 625 -57.12 -47.47 -14.25
N GLY G 626 -56.14 -48.26 -14.68
CA GLY G 626 -54.98 -47.68 -15.31
C GLY G 626 -54.27 -48.64 -16.24
N LEU G 627 -53.54 -48.05 -17.17
CA LEU G 627 -52.75 -48.79 -18.17
C LEU G 627 -51.27 -48.66 -17.81
N LEU G 628 -50.68 -49.76 -17.32
CA LEU G 628 -49.27 -49.76 -16.95
C LEU G 628 -48.45 -50.15 -18.18
N LEU G 629 -48.20 -49.19 -19.07
CA LEU G 629 -47.31 -49.42 -20.18
C LEU G 629 -45.87 -49.13 -19.77
N ASN G 630 -44.96 -49.38 -20.70
CA ASN G 630 -43.60 -48.90 -20.62
C ASN G 630 -43.36 -47.97 -21.80
N ILE G 631 -42.54 -46.94 -21.59
CA ILE G 631 -42.30 -45.93 -22.60
C ILE G 631 -40.80 -45.74 -22.77
N ASP G 632 -40.36 -45.59 -24.03
CA ASP G 632 -38.96 -45.32 -24.30
C ASP G 632 -38.64 -43.90 -23.85
N LYS G 633 -37.45 -43.75 -23.24
CA LYS G 633 -37.06 -42.48 -22.64
C LYS G 633 -36.92 -41.39 -23.69
N ASP G 634 -36.46 -41.75 -24.89
CA ASP G 634 -36.37 -40.78 -25.98
C ASP G 634 -37.76 -40.35 -26.45
N ILE G 635 -38.64 -41.32 -26.71
CA ILE G 635 -39.96 -41.01 -27.21
C ILE G 635 -40.85 -40.45 -26.10
N ARG G 636 -40.45 -40.61 -24.84
CA ARG G 636 -41.12 -39.93 -23.74
C ARG G 636 -40.97 -38.41 -23.84
N LYS G 637 -39.83 -37.95 -24.36
CA LYS G 637 -39.54 -36.53 -24.44
C LYS G 637 -40.27 -35.84 -25.59
N ILE G 638 -40.89 -36.59 -26.50
CA ILE G 638 -41.63 -36.00 -27.61
C ILE G 638 -43.13 -36.24 -27.51
N LEU G 639 -43.59 -37.23 -26.76
CA LEU G 639 -45.01 -37.49 -26.59
C LEU G 639 -45.61 -36.50 -25.61
N SER G 640 -46.78 -35.96 -25.98
CA SER G 640 -47.50 -35.03 -25.11
C SER G 640 -48.41 -35.76 -24.12
N GLY G 641 -49.32 -36.58 -24.62
CA GLY G 641 -50.21 -37.35 -23.76
C GLY G 641 -51.01 -38.34 -24.56
N TYR G 642 -51.60 -39.30 -23.84
CA TYR G 642 -52.39 -40.36 -24.42
C TYR G 642 -53.88 -40.05 -24.30
N ILE G 643 -54.63 -40.40 -25.35
CA ILE G 643 -56.05 -40.05 -25.45
C ILE G 643 -56.83 -41.34 -25.69
N VAL G 644 -57.81 -41.61 -24.81
CA VAL G 644 -58.56 -42.86 -24.85
C VAL G 644 -59.61 -42.78 -25.95
N GLU G 645 -60.07 -43.94 -26.39
CA GLU G 645 -61.12 -44.06 -27.40
C GLU G 645 -61.98 -45.28 -27.07
N ILE G 646 -63.20 -45.28 -27.62
CA ILE G 646 -64.13 -46.40 -27.50
C ILE G 646 -64.59 -46.78 -28.90
N GLU G 647 -64.54 -48.07 -29.23
CA GLU G 647 -64.96 -48.56 -30.53
C GLU G 647 -66.01 -49.65 -30.35
N ASP G 648 -67.02 -49.66 -31.22
CA ASP G 648 -68.14 -50.59 -31.11
C ASP G 648 -67.82 -51.88 -31.86
N THR G 649 -68.84 -52.72 -32.09
CA THR G 649 -68.67 -53.93 -32.88
C THR G 649 -68.38 -53.62 -34.35
N GLU G 650 -69.02 -52.58 -34.90
CA GLU G 650 -68.82 -52.21 -36.30
C GLU G 650 -67.47 -51.53 -36.51
N GLY G 651 -67.13 -50.56 -35.66
CA GLY G 651 -65.94 -49.76 -35.87
C GLY G 651 -66.22 -48.29 -36.08
N LEU G 652 -66.03 -47.51 -35.02
CA LEU G 652 -66.22 -46.06 -35.06
C LEU G 652 -65.28 -45.45 -34.01
N LYS G 653 -65.51 -44.17 -33.70
CA LYS G 653 -64.69 -43.45 -32.74
C LYS G 653 -65.56 -42.86 -31.64
N GLU G 654 -65.02 -42.83 -30.42
CA GLU G 654 -65.68 -42.21 -29.26
C GLU G 654 -64.55 -41.69 -28.38
N VAL G 655 -64.21 -40.41 -28.55
CA VAL G 655 -63.07 -39.82 -27.87
C VAL G 655 -63.62 -39.04 -26.68
N ILE G 656 -63.27 -39.49 -25.46
CA ILE G 656 -63.70 -38.77 -24.27
C ILE G 656 -62.95 -37.44 -24.14
N ASN G 657 -61.65 -37.46 -24.43
CA ASN G 657 -60.78 -36.32 -24.16
C ASN G 657 -60.52 -35.52 -25.44
N ASP G 658 -61.55 -34.81 -25.89
CA ASP G 658 -61.41 -33.90 -27.04
C ASP G 658 -61.04 -32.49 -26.58
N ARG G 659 -60.01 -32.40 -25.75
CA ARG G 659 -59.60 -31.16 -25.13
C ARG G 659 -58.15 -31.34 -24.67
N TYR G 660 -57.33 -30.32 -24.94
CA TYR G 660 -55.89 -30.48 -24.79
C TYR G 660 -55.45 -30.45 -23.33
N ASP G 661 -56.31 -29.97 -22.42
CA ASP G 661 -56.02 -30.01 -21.00
C ASP G 661 -56.45 -31.33 -20.37
N MET G 662 -56.91 -32.28 -21.19
CA MET G 662 -57.11 -33.66 -20.79
C MET G 662 -56.03 -34.57 -21.38
N LEU G 663 -54.97 -33.97 -21.92
CA LEU G 663 -53.77 -34.67 -22.35
C LEU G 663 -52.78 -34.89 -21.20
N ASN G 664 -53.15 -34.50 -19.99
CA ASN G 664 -52.34 -34.73 -18.79
C ASN G 664 -52.80 -36.06 -18.20
N ILE G 665 -52.44 -37.14 -18.89
CA ILE G 665 -52.83 -38.48 -18.47
C ILE G 665 -51.63 -39.28 -17.97
N SER G 666 -50.42 -38.80 -18.18
CA SER G 666 -49.24 -39.60 -17.94
C SER G 666 -48.89 -39.65 -16.46
N SER G 667 -48.36 -40.78 -16.02
CA SER G 667 -47.77 -40.94 -14.69
C SER G 667 -46.39 -41.54 -14.85
N LEU G 668 -45.46 -41.10 -13.99
CA LEU G 668 -44.06 -41.52 -14.07
C LEU G 668 -43.61 -41.99 -12.68
N ARG G 669 -43.73 -43.30 -12.45
CA ARG G 669 -43.49 -43.88 -11.14
C ARG G 669 -42.02 -44.27 -11.00
N GLN G 670 -41.71 -45.00 -9.91
CA GLN G 670 -40.34 -45.37 -9.57
C GLN G 670 -39.96 -46.74 -10.10
N ASP G 671 -40.91 -47.52 -10.61
CA ASP G 671 -40.65 -48.89 -11.05
C ASP G 671 -40.34 -48.99 -12.54
N GLY G 672 -40.00 -47.87 -13.18
CA GLY G 672 -39.54 -47.88 -14.55
C GLY G 672 -40.61 -47.97 -15.61
N LYS G 673 -41.87 -47.79 -15.25
CA LYS G 673 -42.98 -47.87 -16.17
C LYS G 673 -43.80 -46.59 -16.09
N THR G 674 -44.74 -46.44 -17.03
CA THR G 674 -45.79 -45.45 -16.88
C THR G 674 -47.06 -46.14 -16.40
N PHE G 675 -48.02 -45.36 -15.92
CA PHE G 675 -49.31 -45.89 -15.51
C PHE G 675 -50.37 -44.91 -16.01
N ILE G 676 -50.84 -45.14 -17.24
CA ILE G 676 -51.84 -44.29 -17.87
C ILE G 676 -53.19 -44.59 -17.26
N ASP G 677 -53.66 -43.72 -16.37
CA ASP G 677 -54.93 -43.97 -15.69
C ASP G 677 -56.10 -43.65 -16.61
N PHE G 678 -57.30 -43.78 -16.05
CA PHE G 678 -58.52 -43.55 -16.80
C PHE G 678 -59.53 -42.68 -16.06
N LYS G 679 -59.46 -42.60 -14.74
CA LYS G 679 -60.38 -41.81 -13.94
C LYS G 679 -59.79 -40.52 -13.41
N LYS G 680 -58.52 -40.21 -13.74
CA LYS G 680 -57.93 -38.97 -13.25
C LYS G 680 -58.55 -37.74 -13.89
N TYR G 681 -58.99 -37.84 -15.14
CA TYR G 681 -59.74 -36.77 -15.78
C TYR G 681 -61.16 -37.23 -16.14
N ASN G 682 -61.74 -38.05 -15.26
CA ASN G 682 -63.14 -38.43 -15.33
C ASN G 682 -63.81 -38.38 -13.96
N ASP G 683 -63.20 -37.64 -13.02
CA ASP G 683 -63.74 -37.36 -11.67
C ASP G 683 -63.99 -38.62 -10.86
N LYS G 684 -63.10 -39.61 -11.05
CA LYS G 684 -63.18 -40.94 -10.42
C LYS G 684 -64.50 -41.63 -10.72
N LEU G 685 -64.92 -41.53 -11.97
CA LEU G 685 -65.92 -42.38 -12.60
C LEU G 685 -65.27 -43.11 -13.76
N PRO G 686 -65.53 -44.41 -13.92
CA PRO G 686 -64.69 -45.23 -14.81
C PRO G 686 -64.87 -45.00 -16.30
N LEU G 687 -64.23 -45.85 -17.11
CA LEU G 687 -64.33 -45.74 -18.56
C LEU G 687 -65.71 -46.13 -19.08
N TYR G 688 -65.89 -45.93 -20.39
CA TYR G 688 -67.14 -46.25 -21.07
C TYR G 688 -66.97 -47.59 -21.77
N ILE G 689 -66.78 -48.62 -20.95
CA ILE G 689 -66.63 -50.00 -21.40
C ILE G 689 -67.81 -50.79 -20.83
N SER G 690 -68.55 -51.45 -21.72
CA SER G 690 -69.68 -52.28 -21.32
C SER G 690 -69.56 -53.72 -21.79
N ASN G 691 -68.69 -53.99 -22.75
CA ASN G 691 -68.60 -55.33 -23.34
C ASN G 691 -67.15 -55.67 -23.65
N PRO G 692 -66.77 -56.94 -23.56
CA PRO G 692 -65.40 -57.32 -23.96
C PRO G 692 -65.16 -57.18 -25.46
N ASN G 693 -66.19 -57.38 -26.29
CA ASN G 693 -66.04 -57.19 -27.73
C ASN G 693 -65.75 -55.74 -28.09
N TYR G 694 -66.27 -54.78 -27.33
CA TYR G 694 -65.80 -53.42 -27.41
C TYR G 694 -64.34 -53.35 -27.03
N LYS G 695 -63.49 -52.97 -27.97
CA LYS G 695 -62.05 -52.97 -27.76
C LYS G 695 -61.58 -51.59 -27.32
N VAL G 696 -60.39 -51.55 -26.74
CA VAL G 696 -59.78 -50.29 -26.34
C VAL G 696 -58.78 -49.86 -27.40
N ASN G 697 -58.58 -48.55 -27.49
CA ASN G 697 -57.73 -47.96 -28.53
C ASN G 697 -57.23 -46.62 -28.01
N VAL G 698 -55.93 -46.39 -28.10
CA VAL G 698 -55.31 -45.11 -27.75
C VAL G 698 -54.42 -44.71 -28.91
N TYR G 699 -54.60 -43.48 -29.41
CA TYR G 699 -53.80 -42.96 -30.50
C TYR G 699 -52.86 -41.87 -29.98
N ALA G 700 -51.63 -41.89 -30.47
CA ALA G 700 -50.54 -41.12 -29.89
C ALA G 700 -50.20 -39.96 -30.82
N VAL G 701 -49.31 -39.08 -30.34
CA VAL G 701 -48.90 -37.89 -31.09
C VAL G 701 -47.57 -37.39 -30.53
N THR G 702 -46.66 -37.00 -31.42
CA THR G 702 -45.40 -36.42 -31.01
C THR G 702 -45.47 -34.89 -31.12
N LYS G 703 -44.47 -34.22 -30.52
CA LYS G 703 -44.45 -32.76 -30.42
C LYS G 703 -44.30 -32.05 -31.77
N GLU G 704 -43.83 -32.75 -32.80
CA GLU G 704 -43.92 -32.23 -34.16
C GLU G 704 -45.36 -32.09 -34.63
N ASN G 705 -46.29 -32.84 -34.03
CA ASN G 705 -47.63 -33.01 -34.56
C ASN G 705 -48.72 -32.56 -33.59
N THR G 706 -48.37 -31.86 -32.53
CA THR G 706 -49.34 -31.39 -31.55
C THR G 706 -49.77 -29.95 -31.83
N ILE G 707 -50.79 -29.53 -31.10
CA ILE G 707 -51.18 -28.12 -31.01
C ILE G 707 -51.49 -27.80 -29.55
N ILE G 708 -51.20 -26.57 -29.15
CA ILE G 708 -51.40 -26.14 -27.77
C ILE G 708 -52.43 -25.01 -27.67
N ASN G 709 -52.29 -23.96 -28.48
CA ASN G 709 -53.23 -22.86 -28.61
C ASN G 709 -54.50 -23.34 -29.33
N PRO G 710 -55.59 -22.58 -29.35
CA PRO G 710 -56.75 -22.99 -30.14
C PRO G 710 -56.49 -22.96 -31.65
N SER G 711 -57.44 -23.53 -32.38
CA SER G 711 -57.38 -23.65 -33.83
C SER G 711 -58.03 -22.43 -34.47
N GLU G 712 -58.38 -22.53 -35.76
CA GLU G 712 -58.94 -21.39 -36.49
C GLU G 712 -60.38 -21.12 -36.09
N ASN G 713 -61.29 -22.08 -36.33
CA ASN G 713 -62.70 -21.87 -36.01
C ASN G 713 -63.14 -22.60 -34.75
N GLY G 714 -63.07 -23.93 -34.75
CA GLY G 714 -63.66 -24.67 -33.63
C GLY G 714 -62.98 -25.96 -33.22
N ASP G 715 -61.78 -26.24 -33.72
CA ASP G 715 -61.14 -27.52 -33.44
C ASP G 715 -60.25 -27.42 -32.21
N THR G 716 -60.91 -27.36 -31.06
CA THR G 716 -60.28 -27.63 -29.78
C THR G 716 -60.31 -29.12 -29.46
N SER G 717 -60.84 -29.92 -30.38
CA SER G 717 -60.93 -31.37 -30.29
C SER G 717 -59.67 -32.03 -30.85
N THR G 718 -59.81 -33.31 -31.17
CA THR G 718 -58.70 -34.17 -31.57
C THR G 718 -58.63 -34.33 -33.09
N ASN G 719 -59.12 -33.35 -33.84
CA ASN G 719 -59.06 -33.45 -35.29
C ASN G 719 -57.75 -32.88 -35.85
N GLY G 720 -57.00 -32.15 -35.04
CA GLY G 720 -55.69 -31.66 -35.45
C GLY G 720 -54.57 -32.41 -34.79
N ILE G 721 -54.81 -33.68 -34.48
CA ILE G 721 -53.85 -34.53 -33.77
C ILE G 721 -53.48 -35.66 -34.72
N LYS G 722 -52.21 -35.68 -35.14
CA LYS G 722 -51.71 -36.70 -36.05
C LYS G 722 -51.37 -37.96 -35.26
N LYS G 723 -51.84 -39.11 -35.74
CA LYS G 723 -51.81 -40.34 -34.95
C LYS G 723 -51.13 -41.47 -35.69
N ILE G 724 -50.26 -42.16 -34.96
CA ILE G 724 -49.61 -43.39 -35.40
C ILE G 724 -50.15 -44.54 -34.58
N LEU G 725 -50.54 -45.62 -35.25
CA LEU G 725 -51.26 -46.72 -34.62
C LEU G 725 -50.36 -47.48 -33.67
N ILE G 726 -50.56 -47.25 -32.37
CA ILE G 726 -49.82 -47.95 -31.33
C ILE G 726 -50.71 -49.01 -30.66
N PHE G 727 -51.91 -48.63 -30.25
CA PHE G 727 -52.68 -49.38 -29.28
C PHE G 727 -53.95 -49.92 -29.95
N SER G 728 -53.98 -51.23 -30.17
CA SER G 728 -55.16 -51.91 -30.72
C SER G 728 -55.22 -53.30 -30.07
N LYS G 729 -55.99 -53.40 -28.99
CA LYS G 729 -56.22 -54.67 -28.32
C LYS G 729 -57.61 -54.66 -27.71
N LYS G 730 -58.08 -55.84 -27.32
CA LYS G 730 -59.45 -55.97 -26.87
C LYS G 730 -59.63 -55.44 -25.45
N GLY G 731 -60.89 -55.23 -25.08
CA GLY G 731 -61.21 -54.62 -23.79
C GLY G 731 -61.11 -55.54 -22.60
N TYR G 732 -61.20 -56.85 -22.81
CA TYR G 732 -61.03 -57.82 -21.72
C TYR G 732 -59.58 -58.29 -21.59
N GLU G 733 -58.78 -58.12 -22.65
CA GLU G 733 -57.34 -58.34 -22.55
C GLU G 733 -56.62 -57.22 -21.82
N ILE G 734 -57.31 -56.12 -21.53
CA ILE G 734 -56.79 -55.06 -20.66
C ILE G 734 -57.61 -54.94 -19.37
N GLY G 735 -58.86 -55.38 -19.36
CA GLY G 735 -59.73 -55.17 -18.21
C GLY G 735 -60.60 -53.93 -18.36
N LYS H 20 18.66 -0.32 -7.57
CA LYS H 20 19.62 -1.37 -7.27
C LYS H 20 20.25 -1.90 -8.56
N THR H 21 19.61 -2.91 -9.15
CA THR H 21 20.06 -3.41 -10.44
C THR H 21 19.38 -2.65 -11.59
N GLU H 22 18.55 -1.66 -11.28
CA GLU H 22 17.82 -0.94 -12.31
C GLU H 22 18.76 -0.09 -13.16
N LYS H 23 19.53 0.79 -12.53
CA LYS H 23 20.51 1.58 -13.26
C LYS H 23 21.64 0.70 -13.79
N GLU H 24 21.92 -0.43 -13.14
CA GLU H 24 22.95 -1.34 -13.61
C GLU H 24 22.56 -2.00 -14.93
N LYS H 25 21.29 -2.39 -15.09
CA LYS H 25 20.89 -2.95 -16.37
C LYS H 25 20.50 -1.89 -17.39
N PHE H 26 20.10 -0.70 -16.94
CA PHE H 26 19.91 0.42 -17.87
C PHE H 26 21.22 0.86 -18.47
N LYS H 27 22.32 0.78 -17.71
CA LYS H 27 23.63 1.10 -18.26
C LYS H 27 24.08 0.07 -19.27
N ASP H 28 23.81 -1.21 -19.02
CA ASP H 28 24.19 -2.24 -19.99
C ASP H 28 23.33 -2.15 -21.24
N SER H 29 22.08 -1.73 -21.10
CA SER H 29 21.20 -1.56 -22.24
C SER H 29 21.58 -0.38 -23.12
N ILE H 30 22.45 0.50 -22.65
CA ILE H 30 23.02 1.58 -23.46
C ILE H 30 24.54 1.48 -23.54
N ASN H 31 25.12 0.39 -23.06
CA ASN H 31 26.57 0.24 -23.03
C ASN H 31 27.18 0.13 -24.41
N ASN H 32 26.40 -0.28 -25.40
CA ASN H 32 26.86 -0.32 -26.78
C ASN H 32 26.51 0.94 -27.55
N LEU H 33 25.60 1.75 -27.02
CA LEU H 33 25.06 2.87 -27.77
C LEU H 33 25.97 4.08 -27.66
N VAL H 34 26.35 4.47 -26.45
CA VAL H 34 27.21 5.63 -26.27
C VAL H 34 28.62 5.29 -26.69
N LYS H 35 29.28 6.25 -27.31
CA LYS H 35 30.64 6.06 -27.80
C LYS H 35 31.49 7.12 -27.14
N THR H 36 32.37 6.70 -26.25
CA THR H 36 32.98 7.65 -25.33
C THR H 36 34.10 8.45 -25.99
N GLU H 37 34.86 7.83 -26.89
CA GLU H 37 35.92 8.52 -27.60
C GLU H 37 36.03 7.96 -29.00
N PHE H 38 35.89 8.83 -30.00
CA PHE H 38 35.74 8.40 -31.38
C PHE H 38 36.94 8.78 -32.23
N THR H 39 37.22 10.08 -32.36
CA THR H 39 38.49 10.68 -32.78
C THR H 39 39.03 10.31 -34.17
N ASN H 40 38.34 9.43 -34.90
CA ASN H 40 38.74 9.00 -36.24
C ASN H 40 37.58 8.24 -36.84
N GLU H 41 37.75 7.83 -38.10
CA GLU H 41 36.73 7.08 -38.80
C GLU H 41 37.20 5.72 -39.28
N THR H 42 38.34 5.65 -39.96
CA THR H 42 38.83 4.38 -40.47
C THR H 42 39.52 3.56 -39.40
N LEU H 43 39.65 4.09 -38.18
CA LEU H 43 40.21 3.31 -37.09
C LEU H 43 39.19 2.37 -36.49
N ASP H 44 37.90 2.63 -36.66
CA ASP H 44 36.89 1.72 -36.13
C ASP H 44 36.70 0.50 -37.03
N LYS H 45 36.94 0.66 -38.33
CA LYS H 45 36.88 -0.51 -39.20
C LYS H 45 38.03 -1.46 -38.92
N ILE H 46 39.20 -0.91 -38.55
CA ILE H 46 40.36 -1.72 -38.20
C ILE H 46 40.07 -2.52 -36.95
N GLN H 47 39.50 -1.88 -35.93
CA GLN H 47 39.15 -2.57 -34.70
C GLN H 47 38.06 -3.60 -34.91
N GLN H 48 37.06 -3.29 -35.75
CA GLN H 48 36.02 -4.26 -36.02
C GLN H 48 36.53 -5.46 -36.80
N THR H 49 37.48 -5.25 -37.71
CA THR H 49 38.07 -6.38 -38.42
C THR H 49 38.90 -7.25 -37.51
N GLN H 50 39.65 -6.62 -36.60
CA GLN H 50 40.47 -7.38 -35.67
C GLN H 50 39.62 -8.18 -34.70
N ASP H 51 38.50 -7.62 -34.24
CA ASP H 51 37.65 -8.37 -33.34
C ASP H 51 36.76 -9.38 -34.06
N LEU H 52 36.56 -9.21 -35.37
CA LEU H 52 36.06 -10.32 -36.16
C LEU H 52 37.04 -11.46 -36.16
N LEU H 53 38.32 -11.15 -36.39
CA LEU H 53 39.30 -12.20 -36.62
C LEU H 53 39.70 -12.91 -35.34
N LYS H 54 39.76 -12.20 -34.23
CA LYS H 54 40.27 -12.79 -33.00
C LYS H 54 39.24 -13.63 -32.26
N LYS H 55 38.06 -13.83 -32.83
CA LYS H 55 37.09 -14.71 -32.19
C LYS H 55 36.96 -16.05 -32.89
N ILE H 56 37.84 -16.36 -33.84
CA ILE H 56 38.09 -17.75 -34.20
C ILE H 56 39.20 -18.16 -33.24
N PRO H 57 39.40 -19.44 -32.94
CA PRO H 57 40.40 -19.82 -31.93
C PRO H 57 41.82 -19.60 -32.43
N LYS H 58 42.76 -19.72 -31.50
CA LYS H 58 44.16 -19.45 -31.80
C LYS H 58 44.80 -20.54 -32.65
N ASP H 59 44.15 -21.69 -32.77
CA ASP H 59 44.76 -22.85 -33.39
C ASP H 59 44.63 -22.85 -34.91
N VAL H 60 43.50 -22.36 -35.42
CA VAL H 60 43.25 -22.37 -36.86
C VAL H 60 44.14 -21.38 -37.59
N LEU H 61 44.53 -20.29 -36.92
CA LEU H 61 45.49 -19.37 -37.51
C LEU H 61 46.87 -19.99 -37.64
N GLU H 62 47.26 -20.82 -36.67
CA GLU H 62 48.53 -21.53 -36.79
C GLU H 62 48.47 -22.61 -37.85
N ILE H 63 47.31 -23.26 -37.99
CA ILE H 63 47.13 -24.25 -39.05
C ILE H 63 47.23 -23.61 -40.42
N TYR H 64 46.71 -22.39 -40.56
CA TYR H 64 46.87 -21.69 -41.82
C TYR H 64 48.30 -21.24 -42.04
N SER H 65 48.94 -20.69 -41.00
CA SER H 65 50.29 -20.17 -41.14
C SER H 65 51.35 -21.24 -41.27
N GLU H 66 50.99 -22.52 -41.03
CA GLU H 66 51.94 -23.61 -41.23
C GLU H 66 52.32 -23.73 -42.69
N LEU H 67 51.33 -23.74 -43.59
CA LEU H 67 51.59 -23.84 -45.02
C LEU H 67 51.77 -22.48 -45.67
N GLY H 68 52.10 -21.46 -44.90
CA GLY H 68 52.39 -20.15 -45.46
C GLY H 68 51.14 -19.31 -45.64
N GLY H 69 50.29 -19.27 -44.60
CA GLY H 69 49.06 -18.50 -44.67
C GLY H 69 49.32 -17.05 -44.34
N GLU H 70 48.55 -16.17 -44.96
CA GLU H 70 48.77 -14.72 -44.86
C GLU H 70 47.44 -14.02 -44.80
N ILE H 71 47.28 -13.14 -43.81
CA ILE H 71 46.06 -12.41 -43.57
C ILE H 71 46.37 -10.92 -43.64
N TYR H 72 45.71 -10.21 -44.54
CA TYR H 72 46.03 -8.81 -44.77
C TYR H 72 44.80 -7.93 -44.61
N PHE H 73 45.00 -6.75 -44.04
CA PHE H 73 43.94 -5.78 -43.81
C PHE H 73 44.24 -4.55 -44.66
N THR H 74 43.50 -4.36 -45.73
CA THR H 74 43.66 -3.15 -46.51
C THR H 74 42.33 -2.42 -46.63
N ASP H 75 42.42 -1.14 -47.01
CA ASP H 75 41.27 -0.36 -47.39
C ASP H 75 41.13 -0.23 -48.89
N ILE H 76 42.14 -0.67 -49.64
CA ILE H 76 42.05 -0.74 -51.09
C ILE H 76 41.04 -1.81 -51.46
N ASP H 77 40.02 -1.45 -52.22
CA ASP H 77 39.05 -2.40 -52.74
C ASP H 77 39.74 -3.41 -53.64
N LEU H 78 39.24 -4.64 -53.65
CA LEU H 78 39.93 -5.70 -54.37
C LEU H 78 39.72 -5.66 -55.87
N VAL H 79 40.10 -4.56 -56.51
CA VAL H 79 40.26 -4.52 -57.96
C VAL H 79 41.64 -3.94 -58.25
N GLU H 80 41.91 -2.76 -57.71
CA GLU H 80 43.17 -2.07 -57.93
C GLU H 80 44.18 -2.29 -56.81
N HIS H 81 44.14 -3.45 -56.15
CA HIS H 81 45.17 -3.81 -55.21
C HIS H 81 46.39 -4.34 -55.95
N LYS H 82 47.58 -4.05 -55.40
CA LYS H 82 48.83 -4.27 -56.13
C LYS H 82 49.17 -5.75 -56.29
N GLU H 83 48.57 -6.63 -55.51
CA GLU H 83 49.00 -8.01 -55.45
C GLU H 83 48.02 -8.96 -56.12
N LEU H 84 47.04 -8.45 -56.86
CA LEU H 84 46.08 -9.28 -57.57
C LEU H 84 45.84 -8.73 -58.96
N GLN H 85 46.83 -8.07 -59.54
CA GLN H 85 46.65 -7.41 -60.82
C GLN H 85 46.76 -8.35 -62.01
N ASP H 86 47.19 -9.59 -61.79
CA ASP H 86 47.59 -10.49 -62.87
C ASP H 86 47.00 -11.88 -62.62
N LEU H 87 45.77 -12.07 -63.07
CA LEU H 87 45.03 -13.27 -62.70
C LEU H 87 44.16 -13.73 -63.86
N SER H 88 43.71 -14.97 -63.77
CA SER H 88 42.97 -15.61 -64.84
C SER H 88 41.52 -15.15 -64.87
N GLU H 89 40.73 -15.83 -65.70
CA GLU H 89 39.29 -15.59 -65.71
C GLU H 89 38.54 -16.63 -64.89
N GLU H 90 39.11 -17.82 -64.75
CA GLU H 90 38.51 -18.85 -63.91
C GLU H 90 38.76 -18.62 -62.43
N GLU H 91 39.71 -17.77 -62.09
CA GLU H 91 39.86 -17.34 -60.71
C GLU H 91 39.21 -15.99 -60.46
N LYS H 92 38.99 -15.19 -61.51
CA LYS H 92 38.13 -14.03 -61.40
C LYS H 92 36.66 -14.42 -61.34
N ASN H 93 36.33 -15.61 -61.83
CA ASN H 93 34.99 -16.17 -61.69
C ASN H 93 35.11 -17.37 -60.76
N SER H 94 35.04 -17.11 -59.47
CA SER H 94 34.99 -18.14 -58.46
C SER H 94 33.72 -17.98 -57.63
N MET H 95 33.35 -19.05 -56.93
CA MET H 95 32.05 -19.11 -56.28
C MET H 95 32.12 -18.58 -54.85
N ASN H 96 31.03 -17.96 -54.42
CA ASN H 96 30.91 -17.40 -53.07
C ASN H 96 30.40 -18.49 -52.13
N SER H 97 29.90 -18.08 -50.96
CA SER H 97 29.31 -19.06 -50.05
C SER H 97 27.98 -19.58 -50.58
N ARG H 98 27.26 -18.77 -51.36
CA ARG H 98 25.93 -19.19 -51.79
C ARG H 98 25.99 -20.10 -53.00
N GLY H 99 27.15 -20.20 -53.65
CA GLY H 99 27.30 -21.12 -54.74
C GLY H 99 27.55 -20.43 -56.07
N GLU H 100 26.88 -19.30 -56.28
CA GLU H 100 27.01 -18.60 -57.54
C GLU H 100 28.34 -17.87 -57.63
N LYS H 101 28.71 -17.49 -58.85
CA LYS H 101 29.92 -16.71 -59.05
C LYS H 101 29.65 -15.26 -58.68
N VAL H 102 30.68 -14.60 -58.16
CA VAL H 102 30.55 -13.20 -57.77
C VAL H 102 31.32 -12.36 -58.80
N PRO H 103 30.80 -11.21 -59.20
CA PRO H 103 31.61 -10.31 -60.02
C PRO H 103 32.78 -9.79 -59.21
N PHE H 104 33.94 -9.71 -59.85
CA PHE H 104 35.13 -9.33 -59.10
C PHE H 104 35.18 -7.85 -58.79
N ALA H 105 34.28 -7.05 -59.38
CA ALA H 105 34.04 -5.73 -58.85
C ALA H 105 33.32 -5.78 -57.52
N SER H 106 32.45 -6.78 -57.33
CA SER H 106 31.68 -6.91 -56.11
C SER H 106 32.41 -7.64 -54.99
N ARG H 107 33.35 -8.52 -55.33
CA ARG H 107 34.05 -9.29 -54.31
C ARG H 107 34.96 -8.39 -53.49
N PHE H 108 34.85 -8.51 -52.17
CA PHE H 108 35.62 -7.70 -51.25
C PHE H 108 36.56 -8.51 -50.38
N VAL H 109 36.51 -9.84 -50.44
CA VAL H 109 37.38 -10.73 -49.69
C VAL H 109 37.82 -11.84 -50.63
N PHE H 110 39.13 -12.04 -50.75
CA PHE H 110 39.60 -13.11 -51.63
C PHE H 110 40.86 -13.76 -51.09
N GLU H 111 40.91 -15.08 -51.20
CA GLU H 111 42.10 -15.87 -50.90
C GLU H 111 42.77 -16.26 -52.21
N LYS H 112 44.04 -15.90 -52.35
CA LYS H 112 44.82 -16.23 -53.54
C LYS H 112 45.93 -17.19 -53.12
N LYS H 113 45.95 -18.37 -53.74
CA LYS H 113 46.86 -19.44 -53.37
C LYS H 113 47.41 -20.13 -54.61
N ARG H 114 47.84 -19.36 -55.60
CA ARG H 114 48.41 -19.98 -56.79
C ARG H 114 49.79 -20.55 -56.52
N GLU H 115 50.53 -19.94 -55.60
CA GLU H 115 51.78 -20.51 -55.11
C GLU H 115 51.96 -20.41 -53.60
N THR H 116 51.32 -19.45 -52.94
CA THR H 116 51.43 -19.26 -51.51
C THR H 116 50.01 -18.86 -51.08
N PRO H 117 49.45 -19.51 -50.07
CA PRO H 117 48.08 -19.18 -49.65
C PRO H 117 48.03 -17.82 -48.95
N LYS H 118 47.38 -16.87 -49.61
CA LYS H 118 47.34 -15.49 -49.14
C LYS H 118 45.90 -15.00 -49.23
N LEU H 119 45.41 -14.39 -48.15
CA LEU H 119 44.03 -13.95 -48.04
C LEU H 119 44.03 -12.46 -47.73
N ILE H 120 43.36 -11.69 -48.57
CA ILE H 120 43.34 -10.23 -48.46
C ILE H 120 41.95 -9.80 -48.02
N ILE H 121 41.86 -9.12 -46.89
CA ILE H 121 40.58 -8.72 -46.33
C ILE H 121 40.47 -7.21 -46.42
N ASN H 122 39.48 -6.75 -47.16
CA ASN H 122 39.13 -5.34 -47.17
C ASN H 122 38.40 -5.02 -45.88
N ILE H 123 38.75 -3.90 -45.26
CA ILE H 123 38.13 -3.56 -43.98
C ILE H 123 36.75 -2.97 -44.22
N LYS H 124 35.82 -3.30 -43.33
CA LYS H 124 34.47 -2.73 -43.31
C LYS H 124 34.07 -2.58 -41.86
N ASP H 125 32.78 -2.33 -41.62
CA ASP H 125 32.26 -2.27 -40.26
C ASP H 125 31.60 -3.61 -39.96
N TYR H 126 32.43 -4.57 -39.57
CA TYR H 126 32.03 -5.96 -39.51
C TYR H 126 31.19 -6.31 -38.29
N ALA H 127 31.20 -5.48 -37.25
CA ALA H 127 30.41 -5.78 -36.06
C ALA H 127 28.94 -5.49 -36.28
N ILE H 128 28.64 -4.54 -37.16
CA ILE H 128 27.26 -4.22 -37.47
C ILE H 128 26.73 -5.12 -38.58
N ASN H 129 27.62 -5.67 -39.40
CA ASN H 129 27.29 -6.30 -40.67
C ASN H 129 27.61 -7.78 -40.61
N SER H 130 26.70 -8.58 -40.07
CA SER H 130 26.94 -10.01 -39.91
C SER H 130 26.55 -10.80 -41.15
N GLU H 131 26.50 -10.15 -42.30
CA GLU H 131 26.43 -10.84 -43.58
C GLU H 131 27.75 -10.78 -44.31
N GLN H 132 28.36 -9.61 -44.38
CA GLN H 132 29.73 -9.51 -44.85
C GLN H 132 30.70 -10.18 -43.88
N SER H 133 30.33 -10.33 -42.62
CA SER H 133 31.16 -11.03 -41.65
C SER H 133 31.13 -12.54 -41.82
N LYS H 134 30.32 -13.07 -42.73
CA LYS H 134 30.33 -14.50 -42.94
C LYS H 134 31.18 -14.92 -44.12
N GLU H 135 31.46 -14.00 -45.05
CA GLU H 135 32.31 -14.36 -46.19
C GLU H 135 33.76 -14.52 -45.79
N VAL H 136 34.23 -13.78 -44.78
CA VAL H 136 35.58 -14.01 -44.27
C VAL H 136 35.67 -15.37 -43.63
N TYR H 137 34.63 -15.80 -42.92
CA TYR H 137 34.65 -17.11 -42.29
C TYR H 137 34.57 -18.21 -43.32
N TYR H 138 33.85 -17.96 -44.41
CA TYR H 138 33.80 -18.92 -45.50
C TYR H 138 35.14 -19.05 -46.19
N GLU H 139 35.83 -17.95 -46.47
CA GLU H 139 37.12 -18.08 -47.14
C GLU H 139 38.19 -18.62 -46.22
N ILE H 140 38.10 -18.36 -44.92
CA ILE H 140 39.02 -18.96 -43.97
C ILE H 140 38.82 -20.47 -43.91
N GLY H 141 37.56 -20.92 -43.81
CA GLY H 141 37.27 -22.33 -43.88
C GLY H 141 37.61 -22.97 -45.21
N LYS H 142 37.60 -22.18 -46.28
CA LYS H 142 38.17 -22.63 -47.54
C LYS H 142 39.68 -22.81 -47.42
N GLY H 143 40.33 -21.99 -46.60
CA GLY H 143 41.78 -21.99 -46.55
C GLY H 143 42.36 -23.24 -45.92
N ILE H 144 41.84 -23.64 -44.77
CA ILE H 144 42.42 -24.74 -44.00
C ILE H 144 41.68 -26.03 -44.29
N SER H 145 41.02 -26.08 -45.45
CA SER H 145 40.05 -27.13 -45.71
C SER H 145 40.70 -28.48 -45.98
N LEU H 146 41.56 -28.55 -47.00
CA LEU H 146 42.12 -29.82 -47.44
C LEU H 146 42.99 -30.45 -46.37
N ASP H 147 43.76 -29.62 -45.67
CA ASP H 147 44.66 -30.08 -44.62
C ASP H 147 43.92 -30.61 -43.39
N ILE H 148 42.62 -30.34 -43.29
CA ILE H 148 41.81 -31.01 -42.28
C ILE H 148 41.14 -32.23 -42.88
N ILE H 149 40.74 -32.14 -44.16
CA ILE H 149 40.11 -33.28 -44.83
C ILE H 149 41.13 -34.37 -45.13
N SER H 150 42.27 -34.00 -45.73
CA SER H 150 43.24 -34.96 -46.21
C SER H 150 44.24 -35.34 -45.13
N LYS H 151 44.52 -36.64 -45.05
CA LYS H 151 45.59 -37.20 -44.22
C LYS H 151 46.62 -37.95 -45.06
N ASP H 152 46.16 -38.85 -45.93
CA ASP H 152 47.04 -39.68 -46.75
C ASP H 152 46.88 -39.31 -48.21
N LYS H 153 46.89 -38.00 -48.49
CA LYS H 153 46.58 -37.40 -49.80
C LYS H 153 45.20 -37.82 -50.30
N SER H 154 44.27 -38.06 -49.38
CA SER H 154 42.95 -38.56 -49.72
C SER H 154 41.96 -38.08 -48.67
N LEU H 155 40.70 -37.97 -49.09
CA LEU H 155 39.61 -37.60 -48.20
C LEU H 155 39.45 -38.64 -47.09
N ASP H 156 39.37 -38.16 -45.85
CA ASP H 156 39.30 -39.03 -44.69
C ASP H 156 38.02 -39.85 -44.73
N PRO H 157 38.11 -41.18 -44.55
CA PRO H 157 36.90 -42.02 -44.62
C PRO H 157 35.87 -41.73 -43.56
N GLU H 158 36.26 -41.16 -42.41
CA GLU H 158 35.28 -40.65 -41.46
C GLU H 158 34.47 -39.51 -42.07
N PHE H 159 35.15 -38.60 -42.77
CA PHE H 159 34.43 -37.56 -43.49
C PHE H 159 33.60 -38.13 -44.64
N LEU H 160 34.03 -39.27 -45.21
CA LEU H 160 33.22 -39.90 -46.25
C LEU H 160 31.95 -40.49 -45.66
N ASN H 161 32.04 -41.10 -44.48
CA ASN H 161 30.87 -41.58 -43.75
C ASN H 161 29.95 -40.41 -43.40
N LEU H 162 30.55 -39.26 -43.11
CA LEU H 162 29.78 -38.07 -42.80
C LEU H 162 28.98 -37.58 -44.00
N ILE H 163 29.62 -37.51 -45.17
CA ILE H 163 28.93 -37.06 -46.38
C ILE H 163 27.85 -38.07 -46.79
N LYS H 164 28.15 -39.35 -46.53
CA LYS H 164 27.18 -40.44 -46.84
C LYS H 164 25.94 -40.28 -45.94
N SER H 165 26.17 -39.97 -44.66
CA SER H 165 25.06 -39.80 -43.68
C SER H 165 24.29 -38.51 -43.95
N LEU H 166 24.96 -37.48 -44.49
CA LEU H 166 24.28 -36.21 -44.74
C LEU H 166 23.46 -36.26 -46.01
N SER H 167 23.89 -37.03 -47.00
CA SER H 167 23.12 -37.13 -48.24
C SER H 167 21.83 -37.90 -48.06
N ASP H 168 21.74 -38.73 -47.03
CA ASP H 168 20.51 -39.46 -46.76
C ASP H 168 19.45 -38.58 -46.09
N ASP H 169 19.90 -37.79 -45.11
CA ASP H 169 19.01 -36.82 -44.42
C ASP H 169 18.59 -35.81 -45.48
N SER H 170 17.29 -35.56 -45.62
CA SER H 170 16.81 -34.69 -46.69
C SER H 170 16.89 -33.21 -46.36
N ASP H 171 17.43 -32.83 -45.20
CA ASP H 171 17.46 -31.44 -44.78
C ASP H 171 18.88 -30.89 -44.75
N SER H 172 19.82 -31.64 -44.15
CA SER H 172 21.22 -31.25 -44.20
C SER H 172 21.77 -31.33 -45.62
N SER H 173 21.21 -32.23 -46.44
CA SER H 173 21.60 -32.37 -47.82
C SER H 173 21.44 -31.06 -48.58
N ASP H 174 20.23 -30.52 -48.63
CA ASP H 174 20.01 -29.28 -49.33
C ASP H 174 20.34 -28.06 -48.49
N LEU H 175 20.75 -28.25 -47.23
CA LEU H 175 21.38 -27.12 -46.55
C LEU H 175 22.79 -26.90 -47.08
N LEU H 176 23.61 -27.93 -47.11
CA LEU H 176 25.05 -27.72 -47.32
C LEU H 176 25.49 -27.86 -48.78
N PHE H 177 25.07 -28.92 -49.46
CA PHE H 177 25.59 -29.20 -50.80
C PHE H 177 25.07 -28.19 -51.82
N SER H 178 25.91 -27.87 -52.80
CA SER H 178 25.44 -27.10 -53.93
C SER H 178 24.54 -27.97 -54.80
N GLN H 179 23.68 -27.31 -55.59
CA GLN H 179 22.68 -28.04 -56.36
C GLN H 179 23.30 -28.89 -57.45
N LYS H 180 24.49 -28.52 -57.92
CA LYS H 180 25.24 -29.38 -58.83
C LYS H 180 25.63 -30.69 -58.16
N PHE H 181 25.98 -30.64 -56.87
CA PHE H 181 26.35 -31.85 -56.17
C PHE H 181 25.18 -32.80 -56.01
N LYS H 182 24.01 -32.27 -55.66
CA LYS H 182 22.85 -33.13 -55.49
C LYS H 182 22.34 -33.65 -56.83
N GLU H 183 22.41 -32.83 -57.88
CA GLU H 183 21.98 -33.30 -59.19
C GLU H 183 23.02 -34.16 -59.88
N LYS H 184 24.24 -34.25 -59.33
CA LYS H 184 25.23 -35.21 -59.80
C LYS H 184 25.27 -36.48 -58.98
N LEU H 185 24.86 -36.44 -57.71
CA LEU H 185 25.05 -37.59 -56.86
C LEU H 185 24.00 -38.67 -57.10
N GLU H 186 22.74 -38.27 -57.38
CA GLU H 186 21.73 -39.26 -57.72
C GLU H 186 21.92 -39.90 -59.08
N LEU H 187 22.72 -39.29 -59.96
CA LEU H 187 23.16 -39.98 -61.16
C LEU H 187 24.10 -41.12 -60.82
N ASN H 188 24.83 -40.97 -59.71
CA ASN H 188 25.78 -41.98 -59.19
C ASN H 188 25.08 -42.81 -58.10
N ASN H 189 23.96 -42.28 -57.60
CA ASN H 189 23.05 -42.83 -56.59
C ASN H 189 23.77 -43.31 -55.33
N LYS H 190 25.11 -43.24 -55.35
CA LYS H 190 25.94 -43.71 -54.22
C LYS H 190 27.38 -43.22 -54.39
N SER H 191 27.87 -42.43 -53.43
CA SER H 191 29.26 -41.98 -53.46
C SER H 191 30.14 -43.18 -53.14
N ILE H 192 30.23 -44.09 -54.11
CA ILE H 192 30.89 -45.36 -53.92
C ILE H 192 32.19 -45.46 -54.71
N ASP H 193 32.44 -44.52 -55.62
CA ASP H 193 33.59 -44.69 -56.54
C ASP H 193 34.84 -43.91 -56.09
N ILE H 194 36.02 -44.48 -56.39
CA ILE H 194 37.28 -43.81 -56.14
C ILE H 194 37.51 -42.66 -57.09
N ASN H 195 36.78 -42.63 -58.20
CA ASN H 195 36.83 -41.51 -59.11
C ASN H 195 35.91 -40.38 -58.71
N PHE H 196 34.87 -40.66 -57.92
CA PHE H 196 33.93 -39.62 -57.53
C PHE H 196 34.59 -38.61 -56.60
N ILE H 197 35.42 -39.09 -55.68
CA ILE H 197 36.13 -38.20 -54.78
C ILE H 197 37.17 -37.39 -55.54
N LYS H 198 37.80 -38.03 -56.53
CA LYS H 198 38.87 -37.37 -57.33
C LYS H 198 38.28 -36.42 -58.39
N GLU H 199 36.96 -36.47 -58.64
CA GLU H 199 36.36 -35.63 -59.66
C GLU H 199 35.58 -34.46 -59.10
N ASN H 200 35.30 -34.44 -57.80
CA ASN H 200 34.47 -33.41 -57.22
C ASN H 200 35.04 -32.92 -55.91
N LEU H 201 36.35 -32.68 -55.87
CA LEU H 201 36.97 -32.25 -54.62
C LEU H 201 36.64 -30.81 -54.26
N THR H 202 36.28 -29.99 -55.25
CA THR H 202 35.87 -28.61 -54.97
C THR H 202 34.57 -28.58 -54.18
N GLU H 203 33.61 -29.43 -54.54
CA GLU H 203 32.37 -29.51 -53.78
C GLU H 203 32.61 -30.09 -52.39
N PHE H 204 33.51 -31.07 -52.30
CA PHE H 204 33.82 -31.65 -50.99
C PHE H 204 34.54 -30.66 -50.09
N GLN H 205 35.25 -29.70 -50.69
CA GLN H 205 35.88 -28.62 -49.94
C GLN H 205 34.87 -27.54 -49.57
N HIS H 206 33.94 -27.26 -50.49
CA HIS H 206 32.92 -26.25 -50.26
C HIS H 206 31.97 -26.68 -49.16
N ALA H 207 31.70 -27.97 -49.06
CA ALA H 207 30.81 -28.46 -48.01
C ALA H 207 31.46 -28.33 -46.65
N PHE H 208 32.79 -28.38 -46.58
CA PHE H 208 33.44 -28.15 -45.30
C PHE H 208 33.49 -26.67 -44.96
N SER H 209 33.79 -25.82 -45.94
CA SER H 209 33.89 -24.40 -45.66
C SER H 209 32.55 -23.77 -45.32
N LEU H 210 31.46 -24.29 -45.90
CA LEU H 210 30.14 -23.77 -45.59
C LEU H 210 29.75 -24.12 -44.15
N ALA H 211 30.04 -25.34 -43.71
CA ALA H 211 29.78 -25.70 -42.33
C ALA H 211 30.68 -24.95 -41.37
N PHE H 212 31.90 -24.62 -41.80
CA PHE H 212 32.80 -23.81 -40.97
C PHE H 212 32.23 -22.42 -40.74
N SER H 213 31.74 -21.80 -41.82
CA SER H 213 31.17 -20.46 -41.70
C SER H 213 29.88 -20.47 -40.91
N TYR H 214 29.09 -21.54 -41.03
CA TYR H 214 27.90 -21.66 -40.20
C TYR H 214 28.25 -21.89 -38.74
N TYR H 215 29.37 -22.55 -38.46
CA TYR H 215 29.72 -22.79 -37.07
C TYR H 215 30.24 -21.54 -36.40
N PHE H 216 31.10 -20.78 -37.07
CA PHE H 216 31.76 -19.71 -36.34
C PHE H 216 31.05 -18.37 -36.41
N ALA H 217 30.05 -18.22 -37.28
CA ALA H 217 29.18 -17.06 -37.16
C ALA H 217 28.30 -17.30 -35.95
N PRO H 218 28.39 -16.48 -34.90
CA PRO H 218 27.82 -16.85 -33.60
C PRO H 218 26.30 -16.80 -33.52
N ASP H 219 25.61 -16.29 -34.54
CA ASP H 219 24.16 -16.41 -34.64
C ASP H 219 23.74 -17.42 -35.68
N HIS H 220 24.64 -18.30 -36.09
CA HIS H 220 24.36 -19.33 -37.09
C HIS H 220 24.66 -20.72 -36.56
N ARG H 221 25.00 -20.85 -35.29
CA ARG H 221 25.34 -22.17 -34.76
C ARG H 221 24.10 -23.02 -34.61
N THR H 222 23.00 -22.43 -34.14
CA THR H 222 21.76 -23.16 -33.95
C THR H 222 21.12 -23.57 -35.26
N VAL H 223 21.51 -22.95 -36.38
CA VAL H 223 21.18 -23.51 -37.68
C VAL H 223 21.87 -24.84 -37.87
N LEU H 224 23.17 -24.87 -37.59
CA LEU H 224 23.95 -26.09 -37.81
C LEU H 224 23.58 -27.19 -36.83
N GLU H 225 23.15 -26.81 -35.62
CA GLU H 225 22.81 -27.80 -34.61
C GLU H 225 21.56 -28.59 -34.97
N LEU H 226 20.53 -27.92 -35.48
CA LEU H 226 19.26 -28.58 -35.75
C LEU H 226 19.12 -29.06 -37.18
N TYR H 227 19.72 -28.37 -38.14
CA TYR H 227 19.57 -28.79 -39.52
C TYR H 227 20.61 -29.81 -39.93
N ALA H 228 21.67 -29.99 -39.15
CA ALA H 228 22.70 -30.97 -39.46
C ALA H 228 23.39 -31.43 -38.18
N PRO H 229 22.75 -32.32 -37.40
CA PRO H 229 23.25 -32.58 -36.05
C PRO H 229 24.52 -33.41 -36.00
N ASP H 230 24.78 -34.25 -36.99
CA ASP H 230 26.02 -35.02 -37.02
C ASP H 230 27.14 -34.32 -37.76
N MET H 231 26.85 -33.25 -38.49
CA MET H 231 27.92 -32.38 -38.97
C MET H 231 28.35 -31.41 -37.90
N PHE H 232 27.40 -30.97 -37.08
CA PHE H 232 27.69 -30.13 -35.93
C PHE H 232 28.59 -30.84 -34.93
N GLU H 233 28.41 -32.15 -34.76
CA GLU H 233 29.28 -32.87 -33.84
C GLU H 233 30.66 -33.09 -34.43
N TYR H 234 30.76 -33.19 -35.75
CA TYR H 234 32.06 -33.28 -36.41
C TYR H 234 32.85 -31.99 -36.20
N MET H 235 32.20 -30.85 -36.42
CA MET H 235 32.87 -29.57 -36.19
C MET H 235 33.12 -29.32 -34.70
N ASN H 236 32.27 -29.87 -33.82
CA ASN H 236 32.47 -29.68 -32.39
C ASN H 236 33.65 -30.51 -31.89
N LYS H 237 33.80 -31.74 -32.40
CA LYS H 237 35.01 -32.50 -32.09
C LYS H 237 36.24 -31.86 -32.68
N LEU H 238 36.12 -31.23 -33.85
CA LEU H 238 37.24 -30.50 -34.42
C LEU H 238 37.58 -29.26 -33.60
N GLU H 239 36.62 -28.75 -32.84
CA GLU H 239 36.76 -27.45 -32.22
C GLU H 239 37.62 -27.51 -30.96
N LYS H 240 37.41 -28.51 -30.10
CA LYS H 240 38.07 -28.55 -28.80
C LYS H 240 39.32 -29.44 -28.78
N GLY H 241 40.03 -29.55 -29.89
CA GLY H 241 41.25 -30.33 -29.86
C GLY H 241 41.61 -31.01 -31.17
N GLY H 242 40.67 -31.07 -32.10
CA GLY H 242 41.02 -31.54 -33.44
C GLY H 242 41.96 -30.59 -34.14
N PHE H 243 41.70 -29.28 -34.01
CA PHE H 243 42.64 -28.27 -34.51
C PHE H 243 43.98 -28.39 -33.83
N GLU H 244 43.97 -28.71 -32.53
CA GLU H 244 45.21 -28.89 -31.76
C GLU H 244 46.04 -30.04 -32.33
N LYS H 245 45.39 -31.18 -32.60
CA LYS H 245 46.11 -32.34 -33.10
C LYS H 245 46.59 -32.14 -34.54
N ILE H 246 45.79 -31.46 -35.36
CA ILE H 246 46.22 -31.25 -36.74
C ILE H 246 47.33 -30.21 -36.78
N SER H 247 47.30 -29.21 -35.89
CA SER H 247 48.38 -28.25 -35.81
C SER H 247 49.67 -28.89 -35.33
N GLU H 248 49.57 -29.84 -34.39
CA GLU H 248 50.77 -30.54 -33.93
C GLU H 248 51.34 -31.43 -35.02
N SER H 249 50.49 -32.21 -35.68
CA SER H 249 50.96 -33.10 -36.73
C SER H 249 51.43 -32.36 -37.97
N LEU H 250 51.08 -31.07 -38.12
CA LEU H 250 51.65 -30.25 -39.17
C LEU H 250 52.95 -29.58 -38.74
N LYS H 251 53.03 -29.11 -37.49
CA LYS H 251 54.22 -28.43 -37.04
C LYS H 251 55.37 -29.38 -36.74
N LYS H 252 55.09 -30.65 -36.46
CA LYS H 252 56.16 -31.62 -36.30
C LYS H 252 56.81 -31.93 -37.64
N GLU H 253 56.02 -32.08 -38.69
CA GLU H 253 56.53 -32.23 -40.04
C GLU H 253 56.84 -30.90 -40.70
N GLY H 254 56.72 -29.79 -39.96
CA GLY H 254 57.07 -28.47 -40.44
C GLY H 254 58.56 -28.22 -40.55
N VAL H 255 59.40 -29.14 -40.08
CA VAL H 255 60.83 -29.04 -40.28
C VAL H 255 61.26 -30.08 -41.31
N LYS H 264 77.92 -27.72 -35.59
CA LYS H 264 77.22 -28.17 -34.41
C LYS H 264 78.18 -28.86 -33.46
N GLY H 265 79.47 -28.64 -33.66
CA GLY H 265 80.48 -29.38 -32.94
C GLY H 265 81.59 -29.92 -33.83
N GLU H 266 81.66 -31.24 -33.96
CA GLU H 266 82.77 -31.88 -34.66
C GLU H 266 82.71 -31.72 -36.16
N LYS H 267 81.54 -31.42 -36.73
CA LYS H 267 81.45 -31.22 -38.18
C LYS H 267 82.17 -29.95 -38.64
N ALA H 268 82.44 -29.03 -37.73
CA ALA H 268 83.34 -27.90 -37.94
C ALA H 268 84.79 -28.23 -37.64
N LEU H 269 85.03 -29.09 -36.65
CA LEU H 269 86.40 -29.47 -36.31
C LEU H 269 87.05 -30.29 -37.41
N LYS H 270 86.27 -31.01 -38.21
CA LYS H 270 86.89 -31.81 -39.27
C LYS H 270 87.03 -31.05 -40.59
N ALA H 271 86.23 -30.01 -40.82
CA ALA H 271 86.38 -29.19 -42.02
C ALA H 271 86.61 -27.72 -41.71
N SER H 272 87.35 -27.41 -40.64
CA SER H 272 87.51 -26.02 -40.21
C SER H 272 88.73 -25.37 -40.84
N GLY H 273 89.86 -26.06 -40.83
CA GLY H 273 91.11 -25.46 -41.24
C GLY H 273 91.83 -24.67 -40.17
N LEU H 274 91.25 -24.54 -38.99
CA LEU H 274 91.85 -23.85 -37.86
C LEU H 274 92.55 -24.87 -36.96
N VAL H 275 93.09 -24.40 -35.83
CA VAL H 275 93.80 -25.24 -34.87
C VAL H 275 92.88 -25.51 -33.68
N PRO H 276 92.98 -26.68 -33.04
CA PRO H 276 92.06 -26.99 -31.95
C PRO H 276 92.41 -26.38 -30.59
N GLU H 277 93.70 -26.09 -30.37
CA GLU H 277 94.10 -25.60 -29.05
C GLU H 277 93.61 -24.18 -28.79
N HIS H 278 93.57 -23.36 -29.84
CA HIS H 278 92.97 -22.04 -29.72
C HIS H 278 91.48 -22.14 -29.51
N ALA H 279 90.85 -23.16 -30.10
CA ALA H 279 89.41 -23.38 -29.93
C ALA H 279 89.06 -23.81 -28.51
N ASP H 280 89.83 -24.72 -27.92
CA ASP H 280 89.56 -25.14 -26.55
C ASP H 280 89.94 -24.06 -25.53
N ALA H 281 91.00 -23.29 -25.81
CA ALA H 281 91.32 -22.18 -24.93
C ALA H 281 90.38 -21.00 -25.14
N PHE H 282 89.62 -21.00 -26.23
CA PHE H 282 88.49 -20.08 -26.33
C PHE H 282 87.26 -20.64 -25.62
N LYS H 283 87.15 -21.98 -25.57
CA LYS H 283 86.04 -22.63 -24.88
C LYS H 283 86.08 -22.37 -23.38
N LYS H 284 87.29 -22.36 -22.81
CA LYS H 284 87.41 -22.05 -21.37
C LYS H 284 87.04 -20.61 -21.05
N ILE H 285 87.37 -19.66 -21.94
CA ILE H 285 86.99 -18.27 -21.66
C ILE H 285 85.52 -18.02 -22.02
N ALA H 286 84.95 -18.83 -22.92
CA ALA H 286 83.52 -18.78 -23.16
C ALA H 286 82.75 -19.26 -21.95
N ARG H 287 83.23 -20.31 -21.27
CA ARG H 287 82.64 -20.69 -19.99
C ARG H 287 82.94 -19.65 -18.91
N GLU H 288 84.06 -18.93 -19.03
CA GLU H 288 84.50 -18.00 -17.99
C GLU H 288 83.68 -16.72 -17.97
N LEU H 289 83.71 -15.94 -19.07
CA LEU H 289 83.09 -14.61 -19.08
C LEU H 289 81.94 -14.52 -20.09
N ASN H 290 81.35 -15.67 -20.44
CA ASN H 290 80.13 -15.90 -21.22
C ASN H 290 79.85 -14.94 -22.38
N THR H 291 80.77 -14.88 -23.34
CA THR H 291 80.58 -14.06 -24.52
C THR H 291 80.54 -14.95 -25.76
N TYR H 292 79.97 -14.39 -26.82
CA TYR H 292 79.83 -15.09 -28.10
C TYR H 292 81.05 -14.79 -28.96
N ILE H 293 82.03 -15.69 -28.92
CA ILE H 293 83.22 -15.55 -29.76
C ILE H 293 82.87 -16.06 -31.15
N LEU H 294 82.48 -15.15 -32.03
CA LEU H 294 82.13 -15.47 -33.40
C LEU H 294 83.36 -15.34 -34.28
N PHE H 295 83.55 -16.32 -35.17
CA PHE H 295 84.83 -16.49 -35.87
C PHE H 295 84.71 -16.00 -37.30
N ARG H 296 85.78 -15.38 -37.79
CA ARG H 296 86.02 -15.38 -39.23
C ARG H 296 87.04 -16.47 -39.51
N PRO H 297 86.62 -17.66 -39.93
CA PRO H 297 87.57 -18.76 -40.09
C PRO H 297 88.44 -18.60 -41.33
N VAL H 298 89.73 -18.85 -41.14
CA VAL H 298 90.72 -18.82 -42.22
C VAL H 298 91.11 -20.26 -42.54
N ASN H 299 91.90 -20.43 -43.58
CA ASN H 299 92.32 -21.76 -43.97
C ASN H 299 93.57 -22.19 -43.21
N LYS H 300 94.18 -23.28 -43.67
CA LYS H 300 95.36 -23.86 -43.01
C LYS H 300 96.65 -23.16 -43.42
N LEU H 301 96.67 -22.53 -44.59
CA LEU H 301 97.90 -22.03 -45.20
C LEU H 301 98.46 -20.78 -44.52
N ALA H 302 97.77 -20.23 -43.53
CA ALA H 302 98.38 -19.26 -42.63
C ALA H 302 98.53 -19.77 -41.21
N THR H 303 97.57 -20.56 -40.71
CA THR H 303 97.67 -21.02 -39.34
C THR H 303 98.68 -22.13 -39.15
N ASN H 304 99.19 -22.74 -40.22
CA ASN H 304 100.36 -23.60 -40.10
C ASN H 304 101.57 -22.82 -39.59
N LEU H 305 101.90 -21.70 -40.24
CA LEU H 305 103.02 -20.91 -39.75
C LEU H 305 102.66 -20.09 -38.52
N ILE H 306 101.37 -19.90 -38.24
CA ILE H 306 100.98 -19.32 -36.95
C ILE H 306 101.26 -20.31 -35.82
N LYS H 307 100.89 -21.58 -35.99
CA LYS H 307 101.23 -22.61 -35.02
C LYS H 307 102.71 -22.92 -34.98
N SER H 308 103.46 -22.58 -36.04
CA SER H 308 104.91 -22.60 -35.98
C SER H 308 105.48 -21.36 -35.31
N GLY H 309 104.66 -20.34 -35.10
CA GLY H 309 105.04 -19.20 -34.30
C GLY H 309 105.45 -17.96 -35.03
N VAL H 310 104.86 -17.66 -36.19
CA VAL H 310 105.16 -16.45 -36.92
C VAL H 310 103.97 -15.50 -36.75
N ALA H 311 104.22 -14.21 -37.00
CA ALA H 311 103.33 -13.14 -36.57
C ALA H 311 102.01 -13.16 -37.33
N THR H 312 101.00 -12.61 -36.67
CA THR H 312 99.70 -12.31 -37.26
C THR H 312 99.62 -10.81 -37.46
N LYS H 313 99.58 -10.37 -38.72
CA LYS H 313 99.66 -8.96 -39.05
C LYS H 313 98.37 -8.23 -38.69
N GLY H 314 98.50 -6.93 -38.42
CA GLY H 314 97.33 -6.11 -38.20
C GLY H 314 96.70 -5.66 -39.51
N LEU H 315 96.40 -4.37 -39.62
CA LEU H 315 95.83 -3.81 -40.85
C LEU H 315 96.89 -3.15 -41.70
N ASN H 316 98.10 -3.71 -41.74
CA ASN H 316 99.20 -3.06 -42.44
C ASN H 316 99.17 -3.35 -43.95
N VAL H 317 99.25 -4.62 -44.34
CA VAL H 317 99.06 -5.02 -45.72
C VAL H 317 97.83 -5.91 -45.77
N HIS H 318 97.16 -5.92 -46.92
CA HIS H 318 95.94 -6.71 -47.04
C HIS H 318 96.16 -7.90 -47.98
N GLY H 319 97.35 -8.48 -47.92
CA GLY H 319 97.62 -9.73 -48.58
C GLY H 319 97.25 -10.89 -47.68
N LYS H 320 96.06 -11.44 -47.89
CA LYS H 320 95.45 -12.41 -46.99
C LYS H 320 95.87 -13.82 -47.42
N SER H 321 95.14 -14.84 -46.93
CA SER H 321 95.49 -16.24 -47.11
C SER H 321 95.37 -16.64 -48.57
N SER H 322 96.52 -16.80 -49.23
CA SER H 322 96.58 -17.45 -50.53
C SER H 322 96.51 -18.96 -50.35
N ASP H 323 96.15 -19.65 -51.42
CA ASP H 323 95.88 -21.08 -51.36
C ASP H 323 96.99 -21.93 -51.97
N TRP H 324 98.09 -21.32 -52.43
CA TRP H 324 99.08 -22.05 -53.21
C TRP H 324 100.48 -21.83 -52.65
N GLY H 325 101.12 -22.95 -52.30
CA GLY H 325 102.52 -22.94 -51.94
C GLY H 325 102.77 -23.15 -50.46
N PRO H 326 103.98 -23.62 -50.14
CA PRO H 326 104.44 -23.59 -48.73
C PRO H 326 104.67 -22.18 -48.21
N VAL H 327 104.79 -21.18 -49.08
CA VAL H 327 104.82 -19.78 -48.66
C VAL H 327 103.49 -19.07 -48.94
N ALA H 328 102.39 -19.81 -49.04
CA ALA H 328 101.08 -19.20 -49.01
C ALA H 328 100.79 -18.67 -47.60
N GLY H 329 99.82 -17.78 -47.51
CA GLY H 329 99.57 -17.09 -46.23
C GLY H 329 100.56 -16.00 -45.89
N TYR H 330 101.87 -16.32 -45.95
CA TYR H 330 102.96 -15.35 -45.97
C TYR H 330 102.71 -14.22 -46.95
N ILE H 331 103.12 -13.04 -46.53
CA ILE H 331 102.89 -11.81 -47.30
C ILE H 331 103.87 -11.77 -48.45
N PRO H 332 103.47 -11.30 -49.62
CA PRO H 332 104.40 -11.18 -50.75
C PRO H 332 104.94 -9.77 -50.89
N PHE H 333 106.00 -9.67 -51.70
CA PHE H 333 106.36 -8.38 -52.30
C PHE H 333 105.82 -8.28 -53.71
N ASP H 334 106.11 -9.29 -54.54
CA ASP H 334 105.45 -9.48 -55.83
C ASP H 334 104.14 -10.21 -55.53
N GLN H 335 103.02 -9.50 -55.69
CA GLN H 335 101.79 -9.82 -54.98
C GLN H 335 100.96 -10.94 -55.59
N ASP H 336 101.55 -11.80 -56.43
CA ASP H 336 100.81 -12.97 -56.92
C ASP H 336 100.55 -14.00 -55.83
N LEU H 337 101.24 -13.91 -54.70
CA LEU H 337 101.20 -14.87 -53.60
C LEU H 337 100.12 -14.51 -52.57
N SER H 338 99.05 -13.91 -53.06
CA SER H 338 97.90 -13.45 -52.28
C SER H 338 96.67 -13.81 -53.08
N LYS H 339 95.53 -13.18 -52.76
CA LYS H 339 94.32 -13.42 -53.57
C LYS H 339 94.48 -12.83 -54.96
N LYS H 340 95.28 -11.77 -55.10
CA LYS H 340 95.52 -11.15 -56.40
C LYS H 340 96.55 -11.98 -57.16
N HIS H 341 96.06 -13.09 -57.70
CA HIS H 341 96.87 -14.10 -58.39
C HIS H 341 96.29 -14.27 -59.78
N GLY H 342 96.99 -13.73 -60.79
CA GLY H 342 96.50 -13.70 -62.15
C GLY H 342 95.93 -12.37 -62.59
N GLN H 343 96.04 -11.33 -61.76
CA GLN H 343 95.54 -10.01 -62.10
C GLN H 343 96.65 -9.19 -62.75
N GLN H 344 96.23 -8.20 -63.57
CA GLN H 344 97.18 -7.43 -64.38
C GLN H 344 97.71 -6.21 -63.64
N LEU H 345 96.82 -5.32 -63.21
CA LEU H 345 97.21 -4.09 -62.54
C LEU H 345 97.06 -4.14 -61.03
N ALA H 346 96.45 -5.20 -60.49
CA ALA H 346 96.27 -5.27 -59.04
C ALA H 346 97.56 -5.67 -58.34
N VAL H 347 98.47 -6.35 -59.05
CA VAL H 347 99.72 -6.79 -58.45
C VAL H 347 100.63 -5.59 -58.18
N GLU H 348 100.71 -4.66 -59.14
CA GLU H 348 101.48 -3.44 -58.89
C GLU H 348 100.80 -2.54 -57.88
N LYS H 349 99.47 -2.59 -57.79
CA LYS H 349 98.76 -1.83 -56.75
C LYS H 349 99.06 -2.40 -55.37
N GLY H 350 99.19 -3.72 -55.27
CA GLY H 350 99.63 -4.30 -54.01
C GLY H 350 101.10 -4.04 -53.72
N ASN H 351 101.92 -3.92 -54.76
CA ASN H 351 103.32 -3.56 -54.55
C ASN H 351 103.43 -2.13 -54.03
N LEU H 352 102.60 -1.22 -54.54
CA LEU H 352 102.49 0.09 -53.93
C LEU H 352 101.84 0.02 -52.55
N GLU H 353 101.03 -1.00 -52.27
CA GLU H 353 100.47 -1.18 -50.93
C GLU H 353 101.53 -1.54 -49.92
N ASN H 354 102.52 -2.36 -50.32
CA ASN H 354 103.58 -2.65 -49.35
C ASN H 354 104.61 -1.53 -49.30
N LYS H 355 104.82 -0.81 -50.41
CA LYS H 355 105.65 0.41 -50.38
C LYS H 355 105.00 1.56 -49.64
N LYS H 356 103.68 1.54 -49.41
CA LYS H 356 103.05 2.53 -48.53
C LYS H 356 102.81 2.00 -47.13
N SER H 357 102.79 0.67 -46.94
CA SER H 357 102.79 0.11 -45.61
C SER H 357 104.14 0.30 -44.93
N ILE H 358 105.22 0.41 -45.71
CA ILE H 358 106.50 0.73 -45.09
C ILE H 358 106.57 2.21 -44.69
N THR H 359 105.82 3.07 -45.37
CA THR H 359 105.89 4.49 -45.02
C THR H 359 104.79 4.91 -44.05
N GLU H 360 103.80 4.06 -43.79
CA GLU H 360 102.80 4.37 -42.77
C GLU H 360 103.01 3.61 -41.48
N HIS H 361 103.42 2.34 -41.56
CA HIS H 361 103.69 1.50 -40.40
C HIS H 361 105.19 1.33 -40.17
N GLU H 362 105.96 2.41 -40.37
CA GLU H 362 107.39 2.38 -40.14
C GLU H 362 107.69 2.23 -38.65
N GLY H 363 108.89 1.71 -38.36
CA GLY H 363 109.28 1.29 -37.04
C GLY H 363 108.87 -0.13 -36.70
N GLU H 364 107.79 -0.61 -37.32
CA GLU H 364 107.35 -1.99 -37.25
C GLU H 364 107.65 -2.75 -38.53
N ILE H 365 107.34 -2.16 -39.68
CA ILE H 365 107.50 -2.81 -40.97
C ILE H 365 108.91 -2.59 -41.48
N GLY H 366 109.56 -3.68 -41.90
CA GLY H 366 110.81 -3.61 -42.63
C GLY H 366 110.68 -4.25 -44.01
N LYS H 367 111.84 -4.53 -44.60
CA LYS H 367 111.96 -5.32 -45.83
C LYS H 367 112.95 -6.44 -45.53
N ILE H 368 112.46 -7.51 -44.94
CA ILE H 368 113.33 -8.52 -44.33
C ILE H 368 113.24 -9.80 -45.15
N PRO H 369 114.25 -10.67 -45.06
CA PRO H 369 114.10 -12.04 -45.57
C PRO H 369 113.23 -12.89 -44.65
N LEU H 370 112.90 -14.10 -45.06
CA LEU H 370 111.86 -14.86 -44.38
C LEU H 370 112.45 -15.66 -43.23
N LYS H 371 111.56 -16.27 -42.45
CA LYS H 371 111.93 -17.30 -41.48
C LYS H 371 110.76 -18.24 -41.35
N LEU H 372 110.81 -19.37 -42.04
CA LEU H 372 109.80 -20.41 -41.92
C LEU H 372 110.46 -21.66 -41.37
N ASP H 373 109.65 -22.55 -40.83
CA ASP H 373 110.15 -23.85 -40.41
C ASP H 373 110.06 -24.82 -41.59
N HIS H 374 111.09 -25.66 -41.71
CA HIS H 374 111.30 -26.40 -42.95
C HIS H 374 110.43 -27.65 -43.07
N LEU H 375 109.62 -27.97 -42.07
CA LEU H 375 108.73 -29.12 -42.20
C LEU H 375 107.48 -28.80 -43.02
N ARG H 376 107.28 -27.52 -43.36
CA ARG H 376 106.08 -27.09 -44.09
C ARG H 376 106.06 -27.61 -45.52
N ILE H 377 107.23 -27.77 -46.15
CA ILE H 377 107.26 -28.29 -47.51
C ILE H 377 106.84 -29.76 -47.53
N GLU H 378 107.31 -30.56 -46.57
CA GLU H 378 106.84 -31.94 -46.43
C GLU H 378 105.40 -32.01 -45.97
N GLU H 379 104.91 -30.98 -45.27
CA GLU H 379 103.48 -30.90 -44.98
C GLU H 379 102.67 -30.70 -46.25
N LEU H 380 103.19 -29.90 -47.19
CA LEU H 380 102.47 -29.60 -48.42
C LEU H 380 102.94 -30.42 -49.63
N LYS H 381 103.68 -31.51 -49.43
CA LYS H 381 103.79 -32.52 -50.47
C LYS H 381 102.56 -33.42 -50.50
N GLU H 382 101.75 -33.40 -49.44
CA GLU H 382 100.62 -34.32 -49.31
C GLU H 382 99.28 -33.65 -49.54
N ASN H 383 99.23 -32.32 -49.60
CA ASN H 383 98.00 -31.64 -50.01
C ASN H 383 97.86 -31.55 -51.53
N GLY H 384 98.87 -31.99 -52.28
CA GLY H 384 98.76 -32.14 -53.72
C GLY H 384 98.73 -30.84 -54.50
N ILE H 385 99.77 -30.03 -54.34
CA ILE H 385 99.88 -28.77 -55.09
C ILE H 385 101.20 -28.70 -55.87
N ILE H 386 102.29 -29.15 -55.26
CA ILE H 386 103.63 -28.89 -55.78
C ILE H 386 104.26 -30.20 -56.25
N LEU H 387 104.97 -30.14 -57.37
CA LEU H 387 105.59 -31.30 -57.99
C LEU H 387 107.07 -30.99 -58.22
N LYS H 388 107.94 -31.75 -57.57
CA LYS H 388 109.39 -31.55 -57.67
C LYS H 388 109.89 -32.11 -58.99
N GLY H 389 110.21 -31.22 -59.94
CA GLY H 389 110.57 -31.63 -61.29
C GLY H 389 111.99 -31.34 -61.72
N LYS H 390 112.17 -30.34 -62.57
CA LYS H 390 113.47 -30.09 -63.19
C LYS H 390 114.41 -29.39 -62.21
N LYS H 391 115.71 -29.43 -62.55
CA LYS H 391 116.78 -28.88 -61.73
C LYS H 391 117.69 -28.01 -62.59
N GLU H 392 117.99 -26.80 -62.11
CA GLU H 392 118.97 -25.92 -62.72
C GLU H 392 119.94 -25.47 -61.65
N ILE H 393 121.23 -25.49 -61.97
CA ILE H 393 122.29 -25.38 -60.98
C ILE H 393 122.60 -23.92 -60.67
N ASP H 394 122.59 -23.58 -59.38
CA ASP H 394 122.86 -22.23 -58.88
C ASP H 394 123.06 -22.28 -57.37
N ASN H 395 123.63 -21.19 -56.84
CA ASN H 395 123.80 -20.92 -55.41
C ASN H 395 124.67 -21.97 -54.71
N GLY H 396 125.58 -22.59 -55.46
CA GLY H 396 126.60 -23.45 -54.88
C GLY H 396 126.14 -24.81 -54.40
N LYS H 397 125.04 -25.34 -54.93
CA LYS H 397 124.51 -26.62 -54.47
C LYS H 397 123.57 -27.18 -55.53
N LYS H 398 123.25 -28.47 -55.37
CA LYS H 398 122.10 -29.06 -56.03
C LYS H 398 120.86 -28.40 -55.44
N TYR H 399 120.19 -27.56 -56.22
CA TYR H 399 119.17 -26.69 -55.67
C TYR H 399 117.84 -27.42 -55.57
N TYR H 400 117.23 -27.36 -54.39
CA TYR H 400 115.95 -28.02 -54.12
C TYR H 400 114.85 -27.24 -54.81
N LEU H 401 114.67 -27.54 -56.10
CA LEU H 401 113.65 -26.90 -56.91
C LEU H 401 112.35 -27.66 -56.78
N LEU H 402 111.24 -26.95 -56.96
CA LEU H 402 109.93 -27.56 -57.06
C LEU H 402 109.00 -26.64 -57.82
N GLU H 403 108.26 -27.21 -58.77
CA GLU H 403 107.21 -26.50 -59.48
C GLU H 403 105.91 -26.65 -58.68
N SER H 404 104.79 -26.27 -59.28
CA SER H 404 103.50 -26.36 -58.61
C SER H 404 102.43 -26.71 -59.64
N ASN H 405 101.17 -26.55 -59.26
CA ASN H 405 100.07 -26.74 -60.20
C ASN H 405 100.03 -25.61 -61.22
N ASN H 406 100.55 -24.44 -60.85
CA ASN H 406 100.86 -23.38 -61.80
C ASN H 406 102.39 -23.30 -61.96
N GLN H 407 102.82 -22.88 -63.14
CA GLN H 407 104.25 -22.80 -63.45
C GLN H 407 104.72 -21.38 -63.76
N VAL H 408 103.85 -20.38 -63.55
CA VAL H 408 104.19 -19.00 -63.92
C VAL H 408 105.27 -18.46 -62.99
N TYR H 409 105.21 -18.81 -61.72
CA TYR H 409 106.26 -18.47 -60.76
C TYR H 409 106.43 -19.65 -59.81
N GLU H 410 107.67 -20.08 -59.62
CA GLU H 410 107.98 -21.24 -58.80
C GLU H 410 108.47 -20.79 -57.42
N PHE H 411 108.91 -21.77 -56.65
CA PHE H 411 109.56 -21.53 -55.36
C PHE H 411 110.99 -22.08 -55.42
N ARG H 412 111.89 -21.42 -54.71
CA ARG H 412 113.31 -21.75 -54.75
C ARG H 412 113.87 -21.72 -53.34
N ILE H 413 113.97 -22.90 -52.73
CA ILE H 413 114.34 -23.04 -51.34
C ILE H 413 115.56 -23.96 -51.25
N SER H 414 116.50 -23.60 -50.39
CA SER H 414 117.54 -24.54 -50.01
C SER H 414 117.14 -25.24 -48.72
N ASP H 415 117.69 -26.44 -48.50
CA ASP H 415 117.24 -27.30 -47.41
C ASP H 415 117.70 -26.78 -46.04
N GLU H 416 118.56 -25.78 -46.01
CA GLU H 416 119.07 -25.23 -44.76
C GLU H 416 118.61 -23.80 -44.49
N ASN H 417 118.68 -22.91 -45.48
CA ASN H 417 118.32 -21.52 -45.27
C ASN H 417 116.80 -21.33 -45.22
N ASN H 418 116.37 -20.34 -44.45
CA ASN H 418 114.96 -19.99 -44.33
C ASN H 418 114.53 -18.87 -45.29
N GLU H 419 115.20 -18.77 -46.44
CA GLU H 419 114.82 -17.82 -47.48
C GLU H 419 114.37 -18.56 -48.73
N VAL H 420 113.26 -18.10 -49.31
CA VAL H 420 112.79 -18.63 -50.57
C VAL H 420 113.15 -17.63 -51.69
N GLN H 421 114.15 -18.00 -52.47
CA GLN H 421 114.76 -17.08 -53.44
C GLN H 421 114.24 -17.34 -54.85
N TYR H 422 112.93 -17.13 -55.04
CA TYR H 422 112.19 -17.66 -56.18
C TYR H 422 112.63 -16.99 -57.48
N LYS H 423 112.22 -17.58 -58.60
CA LYS H 423 112.48 -16.99 -59.90
C LYS H 423 111.37 -17.38 -60.85
N THR H 424 111.29 -16.65 -61.95
CA THR H 424 110.53 -17.13 -63.10
C THR H 424 111.48 -17.84 -64.06
N LYS H 425 110.92 -18.74 -64.85
CA LYS H 425 111.72 -19.50 -65.81
C LYS H 425 112.01 -18.60 -67.01
N GLU H 426 113.29 -18.41 -67.31
CA GLU H 426 113.66 -17.51 -68.41
C GLU H 426 113.38 -18.12 -69.78
N GLY H 427 113.11 -19.42 -69.86
CA GLY H 427 112.65 -20.03 -71.08
C GLY H 427 111.21 -19.71 -71.44
N LYS H 428 110.42 -19.22 -70.49
CA LYS H 428 109.06 -18.76 -70.72
C LYS H 428 108.95 -17.28 -70.36
N ILE H 429 107.76 -16.72 -70.57
CA ILE H 429 107.51 -15.31 -70.33
C ILE H 429 106.60 -15.15 -69.12
N THR H 430 106.61 -13.96 -68.53
CA THR H 430 105.81 -13.69 -67.35
C THR H 430 104.47 -13.07 -67.72
N VAL H 431 103.59 -12.98 -66.72
CA VAL H 431 102.28 -12.39 -66.91
C VAL H 431 102.24 -10.94 -66.40
N LEU H 432 103.11 -10.58 -65.45
CA LEU H 432 103.13 -9.23 -64.91
C LEU H 432 103.64 -8.24 -65.95
N GLY H 433 104.65 -8.63 -66.72
CA GLY H 433 105.27 -7.76 -67.71
C GLY H 433 106.74 -7.50 -67.46
N GLU H 434 107.28 -8.03 -66.37
CA GLU H 434 108.67 -7.82 -65.97
C GLU H 434 109.35 -9.17 -65.73
N LYS H 435 110.68 -9.13 -65.71
CA LYS H 435 111.49 -10.31 -65.46
C LYS H 435 112.50 -9.99 -64.36
N PHE H 436 113.12 -11.04 -63.82
CA PHE H 436 114.12 -10.88 -62.78
C PHE H 436 114.99 -12.13 -62.74
N ASN H 437 116.04 -12.06 -61.91
CA ASN H 437 116.90 -13.19 -61.59
C ASN H 437 116.27 -13.96 -60.42
N TRP H 438 117.04 -14.82 -59.73
CA TRP H 438 116.49 -15.55 -58.59
C TRP H 438 116.32 -14.67 -57.35
N ARG H 439 115.49 -13.64 -57.47
CA ARG H 439 115.29 -12.65 -56.44
C ARG H 439 114.18 -13.10 -55.51
N ASN H 440 114.44 -13.03 -54.21
CA ASN H 440 113.53 -13.58 -53.22
C ASN H 440 112.30 -12.70 -53.03
N ILE H 441 111.25 -13.30 -52.49
CA ILE H 441 110.12 -12.55 -51.95
C ILE H 441 110.63 -11.85 -50.69
N GLU H 442 110.97 -10.58 -50.78
CA GLU H 442 111.34 -9.84 -49.58
C GLU H 442 110.04 -9.58 -48.83
N VAL H 443 110.02 -9.91 -47.54
CA VAL H 443 108.78 -9.80 -46.79
C VAL H 443 108.90 -8.67 -45.78
N MET H 444 107.76 -8.08 -45.45
CA MET H 444 107.64 -7.11 -44.38
C MET H 444 107.41 -7.87 -43.07
N ALA H 445 107.29 -7.13 -41.97
CA ALA H 445 107.29 -7.79 -40.67
C ALA H 445 106.53 -6.98 -39.62
N LYS H 446 106.09 -7.71 -38.59
CA LYS H 446 105.81 -7.14 -37.27
C LYS H 446 107.09 -7.36 -36.48
N ASN H 447 108.00 -6.38 -36.55
CA ASN H 447 109.28 -6.48 -35.86
C ASN H 447 109.04 -6.26 -34.38
N VAL H 448 109.00 -7.36 -33.63
CA VAL H 448 108.65 -7.29 -32.21
C VAL H 448 109.86 -6.88 -31.40
N GLU H 449 110.12 -5.57 -31.38
CA GLU H 449 111.29 -4.95 -30.78
C GLU H 449 112.58 -5.59 -31.31
N GLY H 450 112.77 -5.47 -32.62
CA GLY H 450 113.97 -5.92 -33.27
C GLY H 450 113.98 -7.37 -33.73
N VAL H 451 113.10 -8.20 -33.19
CA VAL H 451 113.03 -9.60 -33.63
C VAL H 451 112.24 -9.65 -34.92
N LEU H 452 112.84 -10.21 -35.96
CA LEU H 452 112.24 -10.31 -37.28
C LEU H 452 111.11 -11.34 -37.25
N LYS H 453 109.87 -10.89 -37.38
CA LYS H 453 108.73 -11.79 -37.44
C LYS H 453 107.90 -11.44 -38.66
N PRO H 454 108.03 -12.22 -39.74
CA PRO H 454 107.19 -12.02 -40.93
C PRO H 454 105.73 -12.34 -40.67
N LEU H 455 104.90 -12.06 -41.68
CA LEU H 455 103.46 -11.96 -41.49
C LEU H 455 102.70 -12.98 -42.33
N THR H 456 101.81 -13.71 -41.67
CA THR H 456 100.78 -14.52 -42.32
C THR H 456 99.42 -13.83 -42.17
N ALA H 457 98.41 -14.41 -42.81
CA ALA H 457 97.04 -13.97 -42.65
C ALA H 457 96.57 -14.23 -41.22
N ASP H 458 96.06 -13.20 -40.55
CA ASP H 458 95.95 -13.20 -39.11
C ASP H 458 94.78 -14.06 -38.63
N TYR H 459 94.83 -14.38 -37.33
CA TYR H 459 93.72 -15.01 -36.64
C TYR H 459 92.66 -13.94 -36.38
N ASP H 460 91.43 -14.21 -36.75
CA ASP H 460 90.43 -13.17 -36.87
C ASP H 460 89.28 -13.40 -35.89
N LEU H 461 88.20 -12.65 -36.09
CA LEU H 461 86.97 -12.77 -35.34
C LEU H 461 85.83 -12.37 -36.26
N PHE H 462 84.60 -12.67 -35.84
CA PHE H 462 83.43 -12.14 -36.52
C PHE H 462 82.69 -11.11 -35.66
N ALA H 463 82.50 -11.41 -34.37
CA ALA H 463 81.85 -10.50 -33.45
C ALA H 463 82.19 -10.89 -32.03
N LEU H 464 81.87 -9.97 -31.12
CA LEU H 464 81.85 -10.24 -29.69
C LEU H 464 80.47 -9.87 -29.19
N ALA H 465 79.88 -10.71 -28.33
CA ALA H 465 78.56 -10.45 -27.77
C ALA H 465 78.46 -11.17 -26.43
N PRO H 466 78.37 -10.42 -25.31
CA PRO H 466 78.19 -11.07 -24.01
C PRO H 466 76.76 -11.58 -23.80
N SER H 467 76.44 -12.04 -22.59
CA SER H 467 75.05 -12.38 -22.31
C SER H 467 74.25 -11.11 -22.05
N LEU H 468 72.93 -11.28 -21.91
CA LEU H 468 72.03 -10.14 -21.80
C LEU H 468 72.18 -9.42 -20.46
N THR H 469 72.64 -10.12 -19.43
CA THR H 469 72.86 -9.53 -18.11
C THR H 469 74.34 -9.36 -17.77
N GLU H 470 75.26 -9.77 -18.65
CA GLU H 470 76.67 -9.51 -18.38
C GLU H 470 77.07 -8.10 -18.73
N ILE H 471 76.18 -7.31 -19.33
CA ILE H 471 76.41 -5.87 -19.40
C ILE H 471 76.37 -5.28 -18.00
N LYS H 472 75.51 -5.82 -17.13
CA LYS H 472 75.54 -5.50 -15.70
C LYS H 472 76.82 -6.00 -15.03
N LYS H 473 77.51 -6.97 -15.64
CA LYS H 473 78.83 -7.39 -15.21
C LYS H 473 79.95 -6.83 -16.10
N GLN H 474 79.60 -6.05 -17.14
CA GLN H 474 80.57 -5.28 -17.91
C GLN H 474 80.53 -3.81 -17.53
N ILE H 475 79.37 -3.17 -17.58
CA ILE H 475 79.23 -1.85 -16.99
C ILE H 475 79.40 -1.95 -15.48
N PRO H 476 80.20 -1.09 -14.84
CA PRO H 476 80.12 -0.97 -13.39
C PRO H 476 78.72 -0.50 -13.02
N GLN H 477 77.94 -1.36 -12.38
CA GLN H 477 76.49 -1.27 -12.44
C GLN H 477 75.90 -0.27 -11.46
N LYS H 478 76.70 0.67 -10.96
CA LYS H 478 76.12 1.78 -10.21
C LYS H 478 75.47 2.81 -11.12
N GLU H 479 75.78 2.80 -12.42
CA GLU H 479 74.93 3.45 -13.40
C GLU H 479 73.74 2.57 -13.77
N TRP H 480 73.88 1.24 -13.73
CA TRP H 480 72.70 0.39 -13.78
C TRP H 480 71.86 0.48 -12.52
N ASP H 481 72.44 0.94 -11.40
CA ASP H 481 71.67 1.16 -10.18
C ASP H 481 70.76 2.38 -10.28
N LYS H 482 71.10 3.34 -11.15
CA LYS H 482 70.30 4.53 -11.36
C LYS H 482 69.52 4.51 -12.66
N VAL H 483 69.82 3.56 -13.55
CA VAL H 483 69.08 3.43 -14.79
C VAL H 483 67.78 2.63 -14.62
N VAL H 484 67.78 1.58 -13.80
CA VAL H 484 66.64 0.67 -13.76
C VAL H 484 65.43 1.29 -13.06
N ASN H 485 65.65 2.09 -12.01
CA ASN H 485 64.55 2.68 -11.24
C ASN H 485 64.07 3.95 -11.95
N THR H 486 62.99 3.80 -12.72
CA THR H 486 62.39 4.86 -13.51
C THR H 486 60.95 4.48 -13.85
N PRO H 487 60.00 5.43 -13.79
CA PRO H 487 58.58 5.04 -13.79
C PRO H 487 57.95 4.86 -15.16
N ASN H 488 58.52 5.44 -16.21
CA ASN H 488 57.94 5.38 -17.55
C ASN H 488 58.67 4.30 -18.35
N SER H 489 57.92 3.27 -18.77
CA SER H 489 58.51 2.04 -19.30
C SER H 489 59.14 2.25 -20.67
N LEU H 490 58.49 3.04 -21.53
CA LEU H 490 59.11 3.45 -22.79
C LEU H 490 60.34 4.31 -22.53
N GLU H 491 60.24 5.25 -21.60
CA GLU H 491 61.41 6.01 -21.20
C GLU H 491 62.39 5.16 -20.38
N LYS H 492 61.91 4.06 -19.79
CA LYS H 492 62.84 3.13 -19.13
C LYS H 492 63.71 2.42 -20.15
N GLN H 493 63.09 1.88 -21.20
CA GLN H 493 63.86 1.23 -22.27
C GLN H 493 64.73 2.24 -23.00
N LYS H 494 64.27 3.49 -23.12
CA LYS H 494 65.12 4.51 -23.71
C LYS H 494 66.25 4.96 -22.80
N GLY H 495 66.05 4.92 -21.47
CA GLY H 495 67.15 5.19 -20.55
C GLY H 495 68.16 4.07 -20.51
N VAL H 496 67.72 2.84 -20.76
CA VAL H 496 68.64 1.74 -20.96
C VAL H 496 69.42 1.92 -22.26
N THR H 497 68.70 2.23 -23.35
CA THR H 497 69.31 2.22 -24.67
C THR H 497 70.22 3.42 -24.92
N ASN H 498 69.83 4.62 -24.48
CA ASN H 498 70.64 5.82 -24.74
C ASN H 498 71.96 5.78 -23.98
N LEU H 499 71.97 5.12 -22.81
CA LEU H 499 73.20 4.91 -22.07
C LEU H 499 74.15 4.02 -22.84
N LEU H 500 73.62 2.99 -23.51
CA LEU H 500 74.46 2.08 -24.30
C LEU H 500 74.90 2.72 -25.61
N ILE H 501 74.14 3.70 -26.12
CA ILE H 501 74.64 4.50 -27.25
C ILE H 501 75.78 5.41 -26.79
N LYS H 502 75.63 6.05 -25.64
CA LYS H 502 76.69 6.95 -25.19
C LYS H 502 77.88 6.21 -24.59
N TYR H 503 77.77 4.91 -24.33
CA TYR H 503 78.89 4.10 -23.85
C TYR H 503 79.56 3.28 -24.95
N GLY H 504 78.80 2.39 -25.60
CA GLY H 504 79.42 1.28 -26.29
C GLY H 504 79.21 1.11 -27.80
N ILE H 505 78.38 1.93 -28.42
CA ILE H 505 78.24 1.83 -29.87
C ILE H 505 79.42 2.48 -30.58
N GLU H 506 80.11 3.40 -29.91
CA GLU H 506 81.10 4.28 -30.54
C GLU H 506 82.42 3.54 -30.66
N ARG H 507 82.55 2.79 -31.75
CA ARG H 507 83.73 1.97 -32.02
C ARG H 507 84.95 2.85 -32.28
N LYS H 508 86.12 2.35 -31.89
CA LYS H 508 87.38 3.06 -32.06
C LYS H 508 88.32 2.21 -32.91
N PRO H 509 88.60 2.62 -34.15
CA PRO H 509 89.46 1.83 -35.03
C PRO H 509 90.93 2.19 -34.90
N ASP H 510 91.78 1.24 -35.28
CA ASP H 510 93.23 1.39 -35.25
C ASP H 510 93.83 0.58 -36.38
N SER H 511 95.14 0.28 -36.27
CA SER H 511 95.85 -0.53 -37.24
C SER H 511 96.59 -1.69 -36.58
N THR H 512 96.23 -2.03 -35.34
CA THR H 512 96.84 -3.15 -34.63
C THR H 512 95.83 -4.20 -34.20
N LYS H 513 94.74 -3.78 -33.55
CA LYS H 513 93.85 -4.70 -32.83
C LYS H 513 92.53 -4.96 -33.54
N GLY H 514 91.87 -3.94 -34.05
CA GLY H 514 90.61 -4.11 -34.71
C GLY H 514 89.66 -2.99 -34.37
N THR H 515 88.37 -3.30 -34.35
CA THR H 515 87.30 -2.32 -34.18
C THR H 515 86.33 -2.80 -33.10
N LEU H 516 86.59 -2.44 -31.85
CA LEU H 516 85.67 -2.70 -30.75
C LEU H 516 85.74 -1.54 -29.77
N SER H 517 85.00 -1.64 -28.67
CA SER H 517 84.96 -0.61 -27.64
C SER H 517 85.97 -0.94 -26.53
N ASN H 518 85.81 -0.30 -25.37
CA ASN H 518 86.76 -0.42 -24.26
C ASN H 518 86.67 -1.77 -23.54
N TRP H 519 85.48 -2.13 -23.06
CA TRP H 519 85.29 -3.44 -22.40
C TRP H 519 85.52 -4.58 -23.38
N GLN H 520 85.22 -4.37 -24.64
CA GLN H 520 85.30 -5.45 -25.62
C GLN H 520 86.73 -5.68 -26.11
N LYS H 521 87.57 -4.65 -26.17
CA LYS H 521 89.00 -4.89 -26.34
C LYS H 521 89.66 -5.39 -25.04
N GLN H 522 89.07 -5.04 -23.89
CA GLN H 522 89.48 -5.65 -22.64
C GLN H 522 89.16 -7.14 -22.60
N MET H 523 88.15 -7.58 -23.36
CA MET H 523 87.94 -9.01 -23.56
C MET H 523 88.82 -9.57 -24.69
N LEU H 524 89.22 -8.72 -25.63
CA LEU H 524 90.13 -9.15 -26.68
C LEU H 524 91.53 -9.49 -26.13
N ASP H 525 91.93 -8.88 -25.02
CA ASP H 525 93.20 -9.32 -24.44
C ASP H 525 93.08 -10.69 -23.77
N ARG H 526 91.89 -11.10 -23.32
CA ARG H 526 91.71 -12.48 -22.87
C ARG H 526 91.68 -13.43 -24.06
N LEU H 527 91.07 -12.98 -25.16
CA LEU H 527 91.16 -13.74 -26.41
C LEU H 527 92.57 -13.79 -26.97
N ASN H 528 93.44 -12.87 -26.52
CA ASN H 528 94.88 -12.93 -26.76
C ASN H 528 95.62 -13.88 -25.81
N GLU H 529 95.25 -13.91 -24.53
CA GLU H 529 95.83 -14.84 -23.56
C GLU H 529 95.38 -16.28 -23.80
N ALA H 530 94.38 -16.50 -24.65
CA ALA H 530 94.02 -17.86 -25.04
C ALA H 530 95.13 -18.53 -25.87
N VAL H 531 95.99 -17.75 -26.53
CA VAL H 531 97.05 -18.35 -27.33
C VAL H 531 98.45 -18.17 -26.75
N LYS H 532 98.59 -17.45 -25.63
CA LYS H 532 99.91 -17.11 -25.11
C LYS H 532 100.60 -18.31 -24.47
N TYR H 533 99.84 -19.35 -24.16
CA TYR H 533 100.37 -20.49 -23.41
C TYR H 533 100.39 -21.78 -24.22
N THR H 534 100.07 -21.75 -25.52
CA THR H 534 99.74 -23.00 -26.20
C THR H 534 100.39 -23.15 -27.58
N GLY H 535 101.30 -22.26 -27.97
CA GLY H 535 101.97 -22.46 -29.24
C GLY H 535 102.06 -21.24 -30.13
N TYR H 536 101.68 -20.08 -29.62
CA TYR H 536 101.81 -18.84 -30.38
C TYR H 536 102.66 -17.84 -29.61
N THR H 537 103.60 -17.20 -30.31
CA THR H 537 104.53 -16.25 -29.71
C THR H 537 104.48 -14.88 -30.37
N GLY H 538 103.67 -14.70 -31.40
CA GLY H 538 103.58 -13.43 -32.10
C GLY H 538 102.84 -12.33 -31.39
N GLY H 539 102.28 -12.60 -30.22
CA GLY H 539 101.70 -11.55 -29.38
C GLY H 539 100.19 -11.38 -29.64
N ASP H 540 99.81 -10.22 -30.16
CA ASP H 540 98.41 -9.88 -30.42
C ASP H 540 97.81 -10.78 -31.49
N VAL H 541 96.92 -11.68 -31.08
CA VAL H 541 96.40 -12.70 -31.99
C VAL H 541 95.11 -12.27 -32.69
N VAL H 542 94.34 -11.35 -32.10
CA VAL H 542 93.18 -10.75 -32.74
C VAL H 542 93.62 -9.41 -33.31
N ASN H 543 93.55 -9.25 -34.63
CA ASN H 543 94.24 -8.14 -35.28
C ASN H 543 93.35 -7.34 -36.22
N HIS H 544 92.54 -8.05 -37.01
CA HIS H 544 91.41 -7.44 -37.70
C HIS H 544 90.39 -8.55 -37.94
N GLY H 545 89.12 -8.18 -37.86
CA GLY H 545 88.11 -9.20 -37.72
C GLY H 545 87.58 -9.75 -39.03
N THR H 546 86.27 -9.59 -39.22
CA THR H 546 85.53 -10.28 -40.26
C THR H 546 85.76 -9.63 -41.62
N GLU H 547 84.93 -10.05 -42.60
CA GLU H 547 84.95 -9.45 -43.93
C GLU H 547 84.48 -8.01 -43.89
N GLN H 548 83.60 -7.67 -42.95
CA GLN H 548 83.08 -6.32 -42.78
C GLN H 548 83.93 -5.49 -41.83
N ASP H 549 84.89 -6.11 -41.15
CA ASP H 549 85.95 -5.39 -40.45
C ASP H 549 87.09 -4.98 -41.39
N ASN H 550 86.95 -5.26 -42.69
CA ASN H 550 87.87 -4.83 -43.72
C ASN H 550 87.39 -3.49 -44.27
N GLU H 551 88.32 -2.56 -44.50
CA GLU H 551 88.00 -1.22 -44.93
C GLU H 551 88.33 -0.98 -46.41
N GLU H 552 88.13 -1.99 -47.24
CA GLU H 552 88.18 -1.77 -48.67
C GLU H 552 86.86 -2.04 -49.36
N PHE H 553 86.29 -3.23 -49.19
CA PHE H 553 84.98 -3.60 -49.73
C PHE H 553 84.52 -4.83 -48.98
N PRO H 554 83.22 -5.02 -48.77
CA PRO H 554 82.74 -6.16 -47.99
C PRO H 554 82.82 -7.47 -48.77
N GLU H 555 82.80 -8.57 -48.03
CA GLU H 555 82.69 -9.91 -48.59
C GLU H 555 81.61 -10.67 -47.84
N LYS H 556 80.99 -11.62 -48.53
CA LYS H 556 79.92 -12.44 -47.96
C LYS H 556 80.45 -13.86 -47.77
N ASP H 557 80.82 -14.19 -46.53
CA ASP H 557 81.36 -15.49 -46.20
C ASP H 557 80.23 -16.45 -45.87
N ASN H 558 80.44 -17.73 -46.21
CA ASN H 558 79.39 -18.73 -46.12
C ASN H 558 79.60 -19.74 -44.99
N GLU H 559 80.68 -19.62 -44.21
CA GLU H 559 80.96 -20.53 -43.11
C GLU H 559 81.39 -19.69 -41.91
N ILE H 560 80.51 -19.59 -40.92
CA ILE H 560 80.70 -18.73 -39.75
C ILE H 560 80.68 -19.63 -38.51
N PHE H 561 81.79 -19.65 -37.79
CA PHE H 561 82.01 -20.64 -36.73
C PHE H 561 81.61 -20.07 -35.38
N ILE H 562 80.39 -20.40 -34.94
CA ILE H 562 79.84 -19.91 -33.69
C ILE H 562 80.25 -20.83 -32.55
N ILE H 563 80.98 -20.29 -31.59
CA ILE H 563 81.06 -20.89 -30.27
C ILE H 563 80.35 -19.96 -29.30
N ASN H 564 79.48 -20.53 -28.51
CA ASN H 564 78.57 -19.84 -27.62
C ASN H 564 79.21 -19.66 -26.26
N PRO H 565 78.53 -19.00 -25.27
CA PRO H 565 78.99 -19.05 -23.87
C PRO H 565 79.07 -20.42 -23.22
N GLU H 566 78.58 -21.45 -23.90
CA GLU H 566 78.86 -22.83 -23.53
C GLU H 566 80.09 -23.39 -24.24
N GLY H 567 80.41 -22.89 -25.43
CA GLY H 567 81.62 -23.27 -26.13
C GLY H 567 81.40 -24.32 -27.20
N GLU H 568 80.17 -24.45 -27.67
CA GLU H 568 79.82 -25.48 -28.64
C GLU H 568 80.39 -25.13 -30.02
N PHE H 569 81.13 -26.07 -30.61
CA PHE H 569 81.93 -25.80 -31.81
C PHE H 569 81.10 -25.76 -33.09
N ILE H 570 80.11 -24.87 -33.10
CA ILE H 570 79.07 -24.88 -34.13
C ILE H 570 79.51 -24.05 -35.34
N LEU H 571 79.24 -24.58 -36.53
CA LEU H 571 79.41 -23.88 -37.79
C LEU H 571 78.08 -23.78 -38.52
N THR H 572 77.86 -22.65 -39.17
CA THR H 572 76.67 -22.51 -39.99
C THR H 572 76.88 -23.21 -41.33
N LYS H 573 75.81 -23.29 -42.13
CA LYS H 573 75.85 -23.92 -43.44
C LYS H 573 76.14 -22.89 -44.54
N ASN H 574 75.31 -21.87 -44.67
CA ASN H 574 75.56 -20.77 -45.61
C ASN H 574 74.96 -19.50 -45.03
N TRP H 575 74.98 -18.42 -45.84
CA TRP H 575 74.61 -17.10 -45.33
C TRP H 575 73.11 -16.98 -45.10
N GLU H 576 72.30 -17.65 -45.92
CA GLU H 576 70.87 -17.75 -45.64
C GLU H 576 70.64 -18.43 -44.29
N MET H 577 71.30 -19.57 -44.07
CA MET H 577 71.24 -20.22 -42.78
C MET H 577 71.96 -19.44 -41.70
N THR H 578 72.92 -18.58 -42.06
CA THR H 578 73.58 -17.75 -41.04
C THR H 578 72.61 -16.71 -40.49
N GLY H 579 71.94 -15.98 -41.37
CA GLY H 579 70.88 -15.07 -40.94
C GLY H 579 69.73 -15.79 -40.26
N ARG H 580 69.45 -17.03 -40.69
CA ARG H 580 68.45 -17.87 -40.03
C ARG H 580 68.84 -18.16 -38.58
N PHE H 581 70.06 -18.63 -38.35
CA PHE H 581 70.51 -18.94 -36.98
C PHE H 581 70.60 -17.67 -36.13
N ILE H 582 70.97 -16.54 -36.75
CA ILE H 582 71.02 -15.25 -36.05
C ILE H 582 69.64 -14.87 -35.55
N GLU H 583 68.63 -14.97 -36.41
CA GLU H 583 67.29 -14.62 -35.98
C GLU H 583 66.62 -15.72 -35.15
N LYS H 584 67.15 -16.94 -35.14
CA LYS H 584 66.63 -17.93 -34.20
C LYS H 584 67.15 -17.65 -32.79
N ASN H 585 68.46 -17.65 -32.61
CA ASN H 585 69.03 -17.69 -31.27
C ASN H 585 69.89 -16.48 -30.92
N ILE H 586 70.74 -16.02 -31.85
CA ILE H 586 71.72 -14.97 -31.54
C ILE H 586 71.02 -13.66 -31.20
N THR H 587 69.92 -13.36 -31.88
CA THR H 587 69.09 -12.22 -31.56
C THR H 587 67.70 -12.62 -31.11
N GLY H 588 67.13 -13.67 -31.71
CA GLY H 588 65.79 -14.14 -31.46
C GLY H 588 65.54 -14.84 -30.15
N LYS H 589 66.59 -15.15 -29.39
CA LYS H 589 66.48 -15.66 -28.04
C LYS H 589 66.98 -14.58 -27.07
N ASP H 590 67.02 -14.93 -25.79
CA ASP H 590 67.45 -13.97 -24.77
C ASP H 590 68.96 -13.77 -24.81
N TYR H 591 69.43 -13.12 -25.87
CA TYR H 591 70.85 -13.06 -26.20
C TYR H 591 71.18 -11.68 -26.73
N LEU H 592 72.41 -11.50 -27.20
CA LEU H 592 72.90 -10.17 -27.53
C LEU H 592 73.53 -10.18 -28.92
N TYR H 593 73.34 -9.10 -29.66
CA TYR H 593 73.71 -9.01 -31.07
C TYR H 593 74.50 -7.73 -31.30
N TYR H 594 75.79 -7.77 -30.96
CA TYR H 594 76.73 -6.71 -31.33
C TYR H 594 77.37 -7.14 -32.65
N PHE H 595 76.98 -6.49 -33.72
CA PHE H 595 76.97 -7.03 -35.06
C PHE H 595 78.07 -6.40 -35.92
N ASN H 596 78.05 -6.73 -37.20
CA ASN H 596 78.91 -6.09 -38.19
C ASN H 596 78.34 -4.73 -38.53
N ARG H 597 78.88 -3.69 -37.92
CA ARG H 597 78.39 -2.33 -38.16
C ARG H 597 78.87 -1.82 -39.52
N LYS H 618 66.57 -7.32 -55.73
CA LYS H 618 65.40 -6.88 -54.98
C LYS H 618 64.86 -7.98 -54.09
N ALA H 619 65.73 -8.95 -53.76
CA ALA H 619 65.33 -10.14 -53.02
C ALA H 619 66.00 -10.22 -51.66
N LYS H 620 66.08 -9.09 -50.95
CA LYS H 620 66.57 -9.09 -49.58
C LYS H 620 65.49 -9.65 -48.67
N ILE H 621 65.72 -10.86 -48.15
CA ILE H 621 64.66 -11.58 -47.44
C ILE H 621 64.61 -11.16 -45.97
N ASN H 622 65.69 -11.41 -45.23
CA ASN H 622 65.72 -11.10 -43.81
C ASN H 622 66.39 -9.77 -43.47
N THR H 623 67.46 -9.40 -44.16
CA THR H 623 68.30 -8.28 -43.72
C THR H 623 68.35 -7.17 -44.75
N ILE H 624 68.75 -5.99 -44.27
CA ILE H 624 69.13 -4.83 -45.07
C ILE H 624 70.48 -4.43 -44.49
N PRO H 625 71.37 -3.76 -45.24
CA PRO H 625 72.67 -3.37 -44.66
C PRO H 625 72.57 -2.28 -43.59
N THR H 626 73.73 -1.97 -43.03
CA THR H 626 73.82 -1.19 -41.80
C THR H 626 73.97 0.31 -42.10
N SER H 627 74.19 1.10 -41.05
CA SER H 627 74.26 2.54 -41.19
C SER H 627 75.66 3.04 -41.49
N ALA H 628 76.69 2.35 -41.00
CA ALA H 628 78.04 2.67 -41.44
C ALA H 628 78.25 2.23 -42.88
N GLU H 629 77.64 1.09 -43.25
CA GLU H 629 77.52 0.72 -44.66
C GLU H 629 76.72 1.76 -45.43
N PHE H 630 75.73 2.38 -44.79
CA PHE H 630 74.98 3.44 -45.46
C PHE H 630 75.84 4.68 -45.66
N ILE H 631 76.73 4.99 -44.73
CA ILE H 631 77.57 6.17 -44.86
C ILE H 631 78.64 5.95 -45.94
N LYS H 632 79.19 4.73 -46.01
CA LYS H 632 80.09 4.36 -47.09
C LYS H 632 79.38 4.38 -48.44
N ASN H 633 78.14 3.88 -48.49
CA ASN H 633 77.35 3.93 -49.71
C ASN H 633 76.98 5.35 -50.08
N LEU H 634 76.83 6.22 -49.08
CA LEU H 634 76.47 7.62 -49.31
C LEU H 634 77.62 8.38 -49.93
N SER H 635 78.81 8.28 -49.34
CA SER H 635 79.95 9.00 -49.89
C SER H 635 80.66 8.22 -50.99
N SER H 636 80.14 7.05 -51.38
CA SER H 636 80.76 6.25 -52.43
C SER H 636 80.20 6.52 -53.83
N ILE H 637 79.00 7.07 -53.95
CA ILE H 637 78.32 7.16 -55.24
C ILE H 637 78.20 8.58 -55.75
N ARG H 638 78.66 9.58 -55.00
CA ARG H 638 78.60 10.96 -55.46
C ARG H 638 79.89 11.41 -56.13
N ARG H 639 80.74 10.47 -56.54
CA ARG H 639 81.91 10.79 -57.35
C ARG H 639 81.83 10.22 -58.75
N SER H 640 81.10 9.11 -58.93
CA SER H 640 80.84 8.60 -60.27
C SER H 640 79.97 9.56 -61.06
N SER H 641 78.94 10.10 -60.43
CA SER H 641 78.20 11.26 -60.91
C SER H 641 78.57 12.46 -60.06
N ASN H 642 78.87 13.59 -60.70
CA ASN H 642 79.33 14.76 -59.98
C ASN H 642 78.24 15.36 -59.09
N VAL H 643 77.01 15.33 -59.54
CA VAL H 643 75.91 15.96 -58.81
C VAL H 643 75.27 14.96 -57.86
N GLY H 644 75.14 15.39 -56.59
CA GLY H 644 74.27 14.74 -55.65
C GLY H 644 73.23 15.74 -55.20
N VAL H 645 72.18 15.29 -54.50
CA VAL H 645 71.13 16.22 -54.12
C VAL H 645 71.56 17.06 -52.93
N TYR H 646 72.60 16.63 -52.22
CA TYR H 646 73.25 17.48 -51.23
C TYR H 646 74.73 17.15 -51.27
N LYS H 647 75.55 18.20 -51.18
CA LYS H 647 76.98 18.08 -51.42
C LYS H 647 77.77 18.93 -50.44
N ASP H 648 79.02 19.21 -50.81
CA ASP H 648 79.92 20.08 -50.05
C ASP H 648 79.53 21.52 -50.32
N SER H 649 78.49 22.00 -49.64
CA SER H 649 77.91 23.30 -49.91
C SER H 649 77.49 23.98 -48.61
N GLY H 650 76.66 25.01 -48.70
CA GLY H 650 76.19 25.72 -47.52
C GLY H 650 74.76 26.22 -47.57
N ASP H 651 73.89 25.57 -48.34
CA ASP H 651 72.54 26.06 -48.55
C ASP H 651 71.60 25.57 -47.45
N LYS H 652 70.30 25.78 -47.68
CA LYS H 652 69.30 25.47 -46.66
C LYS H 652 68.78 24.04 -46.79
N ASP H 653 68.30 23.66 -47.97
CA ASP H 653 67.64 22.35 -48.11
C ASP H 653 68.63 21.21 -48.06
N GLU H 654 69.89 21.45 -48.45
CA GLU H 654 70.91 20.41 -48.39
C GLU H 654 71.23 20.05 -46.94
N PHE H 655 71.13 21.02 -46.03
CA PHE H 655 71.45 20.72 -44.65
C PHE H 655 70.22 20.49 -43.78
N ALA H 656 69.04 20.88 -44.26
CA ALA H 656 67.81 20.23 -43.81
C ALA H 656 67.86 18.74 -44.14
N LYS H 657 68.36 18.40 -45.33
CA LYS H 657 68.59 17.01 -45.68
C LYS H 657 69.71 16.38 -44.85
N LYS H 658 70.71 17.17 -44.45
CA LYS H 658 71.75 16.61 -43.58
C LYS H 658 71.21 16.31 -42.18
N GLU H 659 70.36 17.18 -41.64
CA GLU H 659 69.70 16.87 -40.37
C GLU H 659 68.74 15.70 -40.53
N SER H 660 68.09 15.61 -41.68
CA SER H 660 67.22 14.48 -41.98
C SER H 660 68.00 13.18 -42.01
N VAL H 661 69.16 13.17 -42.68
CA VAL H 661 69.95 11.95 -42.80
C VAL H 661 70.70 11.63 -41.51
N LYS H 662 70.96 12.63 -40.66
CA LYS H 662 71.43 12.36 -39.30
C LYS H 662 70.33 11.70 -38.48
N LYS H 663 69.08 12.15 -38.65
CA LYS H 663 67.96 11.47 -38.03
C LYS H 663 67.77 10.07 -38.59
N ILE H 664 68.06 9.87 -39.88
CA ILE H 664 68.04 8.54 -40.47
C ILE H 664 69.09 7.64 -39.83
N ALA H 665 70.28 8.18 -39.61
CA ALA H 665 71.35 7.41 -38.97
C ALA H 665 71.01 7.06 -37.53
N GLY H 666 70.38 7.99 -36.80
CA GLY H 666 69.99 7.71 -35.43
C GLY H 666 68.85 6.70 -35.33
N TYR H 667 67.84 6.86 -36.18
CA TYR H 667 66.73 5.91 -36.23
C TYR H 667 67.20 4.54 -36.71
N LEU H 668 68.22 4.50 -37.57
CA LEU H 668 68.74 3.22 -38.05
C LEU H 668 69.68 2.59 -37.05
N SER H 669 70.31 3.39 -36.19
CA SER H 669 71.06 2.85 -35.07
C SER H 669 70.13 2.26 -34.03
N ASP H 670 68.98 2.89 -33.81
CA ASP H 670 68.02 2.36 -32.85
C ASP H 670 67.07 1.33 -33.46
N TYR H 671 67.14 1.12 -34.78
CA TYR H 671 66.47 -0.02 -35.39
C TYR H 671 67.40 -1.22 -35.42
N TYR H 672 68.70 -0.97 -35.59
CA TYR H 672 69.75 -1.97 -35.38
C TYR H 672 70.11 -1.98 -33.90
N ASN H 673 69.21 -2.53 -33.10
CA ASN H 673 69.33 -2.46 -31.66
C ASN H 673 68.76 -3.73 -31.07
N SER H 674 69.64 -4.51 -30.43
CA SER H 674 69.24 -5.69 -29.68
C SER H 674 69.39 -5.44 -28.18
N ALA H 675 69.09 -4.22 -27.75
CA ALA H 675 69.01 -3.90 -26.33
C ALA H 675 67.57 -3.85 -25.87
N ASN H 676 66.69 -4.59 -26.54
CA ASN H 676 65.26 -4.50 -26.32
C ASN H 676 64.69 -5.74 -25.64
N HIS H 677 65.52 -6.75 -25.35
CA HIS H 677 65.07 -7.96 -24.67
C HIS H 677 65.11 -7.82 -23.15
N ILE H 678 65.10 -6.60 -22.62
CA ILE H 678 64.73 -6.40 -21.22
C ILE H 678 63.23 -6.47 -21.07
N PHE H 679 62.51 -6.23 -22.16
CA PHE H 679 61.10 -6.52 -22.29
C PHE H 679 60.94 -7.78 -23.15
N SER H 680 59.71 -8.09 -23.54
CA SER H 680 59.46 -9.26 -24.38
C SER H 680 59.81 -8.97 -25.84
N GLN H 681 59.73 -10.00 -26.68
CA GLN H 681 60.11 -9.87 -28.07
C GLN H 681 59.12 -9.03 -28.86
N GLU H 682 57.85 -9.00 -28.44
CA GLU H 682 56.87 -8.11 -29.06
C GLU H 682 57.26 -6.64 -28.88
N LYS H 683 57.83 -6.31 -27.72
CA LYS H 683 58.34 -4.96 -27.50
C LYS H 683 59.55 -4.67 -28.38
N LYS H 684 60.40 -5.67 -28.60
CA LYS H 684 61.54 -5.50 -29.51
C LYS H 684 61.09 -5.21 -30.93
N ARG H 685 60.11 -5.98 -31.41
CA ARG H 685 59.54 -5.75 -32.73
C ARG H 685 58.85 -4.39 -32.82
N LYS H 686 58.11 -4.01 -31.77
CA LYS H 686 57.40 -2.72 -31.74
C LYS H 686 58.38 -1.55 -31.83
N ILE H 687 59.44 -1.60 -31.02
CA ILE H 687 60.46 -0.57 -31.01
C ILE H 687 61.17 -0.51 -32.35
N SER H 688 61.53 -1.69 -32.89
CA SER H 688 62.26 -1.77 -34.15
C SER H 688 61.47 -1.21 -35.31
N ILE H 689 60.17 -1.52 -35.40
CA ILE H 689 59.40 -0.99 -36.52
C ILE H 689 58.91 0.42 -36.30
N PHE H 690 58.81 0.89 -35.05
CA PHE H 690 58.55 2.31 -34.88
C PHE H 690 59.75 3.13 -35.31
N ARG H 691 60.97 2.60 -35.11
CA ARG H 691 62.16 3.22 -35.67
C ARG H 691 62.09 3.28 -37.20
N GLY H 692 61.68 2.16 -37.82
CA GLY H 692 61.56 2.13 -39.27
C GLY H 692 60.48 3.06 -39.78
N ILE H 693 59.41 3.24 -38.99
CA ILE H 693 58.34 4.15 -39.35
C ILE H 693 58.84 5.60 -39.36
N GLN H 694 59.55 6.00 -38.29
CA GLN H 694 60.05 7.36 -38.20
C GLN H 694 61.12 7.64 -39.23
N ALA H 695 61.93 6.62 -39.57
CA ALA H 695 62.91 6.80 -40.63
C ALA H 695 62.24 6.87 -42.00
N TYR H 696 61.20 6.05 -42.21
CA TYR H 696 60.53 6.00 -43.50
C TYR H 696 59.79 7.29 -43.79
N ASN H 697 59.28 7.94 -42.73
CA ASN H 697 58.62 9.24 -42.88
C ASN H 697 59.56 10.26 -43.50
N GLU H 698 60.77 10.38 -42.96
CA GLU H 698 61.72 11.35 -43.49
C GLU H 698 62.32 10.90 -44.81
N ILE H 699 62.43 9.58 -45.04
CA ILE H 699 62.96 9.09 -46.31
C ILE H 699 62.00 9.41 -47.45
N GLU H 700 60.71 9.22 -47.21
CA GLU H 700 59.73 9.62 -48.22
C GLU H 700 59.59 11.13 -48.30
N ASN H 701 59.84 11.85 -47.19
CA ASN H 701 59.66 13.29 -47.19
C ASN H 701 60.79 14.00 -47.94
N VAL H 702 62.02 13.52 -47.81
CA VAL H 702 63.12 14.18 -48.54
C VAL H 702 63.08 13.89 -50.02
N LEU H 703 62.38 12.84 -50.45
CA LEU H 703 62.11 12.71 -51.88
C LEU H 703 61.08 13.74 -52.34
N LYS H 704 60.14 14.10 -51.46
CA LYS H 704 59.20 15.18 -51.74
C LYS H 704 59.93 16.50 -51.55
N SER H 705 60.62 16.90 -52.61
CA SER H 705 61.53 18.04 -52.59
C SER H 705 61.52 18.66 -53.98
N LYS H 706 62.58 19.40 -54.30
CA LYS H 706 62.82 19.88 -55.66
C LYS H 706 63.40 18.75 -56.51
N GLN H 707 64.00 19.11 -57.65
CA GLN H 707 64.62 18.16 -58.58
C GLN H 707 65.66 17.27 -57.92
N ILE H 708 65.30 16.00 -57.76
CA ILE H 708 66.19 15.00 -57.16
C ILE H 708 66.98 14.35 -58.28
N ALA H 709 68.30 14.25 -58.09
CA ALA H 709 69.17 13.55 -59.02
C ALA H 709 68.76 12.08 -59.09
N PRO H 710 68.72 11.49 -60.29
CA PRO H 710 68.11 10.15 -60.43
C PRO H 710 68.88 9.05 -59.74
N GLU H 711 70.19 9.21 -59.56
CA GLU H 711 70.97 8.24 -58.79
C GLU H 711 70.54 8.25 -57.33
N TYR H 712 70.42 9.45 -56.76
CA TYR H 712 69.99 9.57 -55.37
C TYR H 712 68.50 9.28 -55.21
N LYS H 713 67.70 9.58 -56.24
CA LYS H 713 66.27 9.24 -56.23
C LYS H 713 66.06 7.74 -56.20
N ASN H 714 66.71 7.02 -57.11
CA ASN H 714 66.52 5.57 -57.14
C ASN H 714 67.27 4.90 -56.02
N TYR H 715 68.27 5.57 -55.41
CA TYR H 715 68.91 5.02 -54.21
C TYR H 715 67.99 5.13 -53.00
N PHE H 716 67.28 6.26 -52.87
CA PHE H 716 66.29 6.39 -51.81
C PHE H 716 65.14 5.40 -52.00
N GLN H 717 64.67 5.20 -53.23
CA GLN H 717 63.64 4.20 -53.49
C GLN H 717 64.18 2.78 -53.31
N TYR H 718 65.47 2.59 -53.60
CA TYR H 718 66.16 1.32 -53.43
C TYR H 718 66.23 0.93 -51.96
N LEU H 719 66.39 1.92 -51.08
CA LEU H 719 66.29 1.64 -49.65
C LEU H 719 64.83 1.61 -49.18
N LYS H 720 63.94 2.31 -49.90
CA LYS H 720 62.56 2.48 -49.45
C LYS H 720 61.77 1.18 -49.61
N GLU H 721 61.91 0.53 -50.76
CA GLU H 721 61.20 -0.72 -50.99
C GLU H 721 61.65 -1.80 -50.00
N ARG H 722 62.92 -1.77 -49.64
CA ARG H 722 63.42 -2.79 -48.74
C ARG H 722 63.10 -2.47 -47.28
N ILE H 723 63.01 -1.19 -46.91
CA ILE H 723 62.58 -0.89 -45.54
C ILE H 723 61.08 -1.18 -45.40
N THR H 724 60.32 -0.99 -46.48
CA THR H 724 58.91 -1.38 -46.51
C THR H 724 58.78 -2.89 -46.34
N ASN H 725 59.55 -3.66 -47.10
CA ASN H 725 59.47 -5.11 -46.99
C ASN H 725 60.05 -5.62 -45.68
N GLN H 726 60.98 -4.88 -45.07
CA GLN H 726 61.52 -5.29 -43.78
C GLN H 726 60.50 -5.11 -42.67
N VAL H 727 59.71 -4.05 -42.73
CA VAL H 727 58.60 -3.92 -41.78
C VAL H 727 57.53 -4.96 -42.07
N GLN H 728 57.20 -5.16 -43.35
CA GLN H 728 56.05 -6.00 -43.67
C GLN H 728 56.34 -7.49 -43.51
N LEU H 729 57.58 -7.93 -43.73
CA LEU H 729 57.90 -9.32 -43.49
C LEU H 729 57.93 -9.63 -42.00
N LEU H 730 58.31 -8.63 -41.20
CA LEU H 730 58.14 -8.73 -39.75
C LEU H 730 56.66 -8.84 -39.39
N LEU H 731 55.82 -8.02 -40.03
CA LEU H 731 54.42 -7.99 -39.68
C LEU H 731 53.67 -9.25 -40.10
N THR H 732 54.06 -9.87 -41.23
CA THR H 732 53.45 -11.17 -41.55
C THR H 732 54.08 -12.29 -40.73
N HIS H 733 55.32 -12.12 -40.27
CA HIS H 733 55.84 -12.99 -39.23
C HIS H 733 55.38 -12.55 -37.85
N GLN H 734 54.63 -11.46 -37.76
CA GLN H 734 53.87 -11.15 -36.58
C GLN H 734 52.42 -11.56 -36.77
N LYS H 735 51.59 -11.23 -35.79
CA LYS H 735 50.16 -11.54 -35.84
C LYS H 735 49.31 -10.28 -35.79
N SER H 736 49.74 -9.21 -36.46
CA SER H 736 49.00 -7.96 -36.47
C SER H 736 48.20 -7.73 -37.74
N ASN H 737 48.65 -8.26 -38.87
CA ASN H 737 47.93 -8.43 -40.13
C ASN H 737 47.65 -7.15 -40.89
N ILE H 738 47.92 -5.96 -40.34
CA ILE H 738 47.64 -4.73 -41.06
C ILE H 738 48.62 -4.59 -42.21
N GLU H 739 48.16 -3.97 -43.29
CA GLU H 739 49.10 -3.52 -44.32
C GLU H 739 49.98 -2.43 -43.76
N PHE H 740 51.12 -2.23 -44.43
CA PHE H 740 52.05 -1.20 -43.97
C PHE H 740 51.48 0.19 -44.19
N LYS H 741 50.73 0.37 -45.27
CA LYS H 741 50.30 1.70 -45.67
C LYS H 741 49.21 2.22 -44.74
N LEU H 742 48.32 1.34 -44.29
CA LEU H 742 47.29 1.74 -43.33
C LEU H 742 47.92 2.11 -42.00
N LEU H 743 48.91 1.34 -41.55
CA LEU H 743 49.60 1.64 -40.30
C LEU H 743 50.38 2.94 -40.42
N TYR H 744 50.90 3.25 -41.60
CA TYR H 744 51.60 4.50 -41.79
C TYR H 744 50.65 5.69 -41.79
N LYS H 745 49.49 5.55 -42.43
CA LYS H 745 48.57 6.68 -42.53
C LYS H 745 47.76 6.90 -41.27
N GLN H 746 47.65 5.90 -40.39
CA GLN H 746 46.96 6.15 -39.12
C GLN H 746 47.85 6.87 -38.12
N LEU H 747 49.17 6.80 -38.29
CA LEU H 747 50.11 7.47 -37.41
C LEU H 747 50.58 8.75 -38.07
N ASN H 748 50.34 9.89 -37.42
CA ASN H 748 50.82 11.18 -37.89
C ASN H 748 51.53 11.84 -36.70
N PHE H 749 52.77 11.45 -36.48
CA PHE H 749 53.50 11.94 -35.31
C PHE H 749 53.98 13.35 -35.56
N THR H 750 54.00 14.16 -34.51
CA THR H 750 54.41 15.54 -34.68
C THR H 750 55.93 15.62 -34.68
N GLU H 751 56.52 15.38 -33.51
CA GLU H 751 57.97 15.29 -33.35
C GLU H 751 58.40 14.12 -32.47
N ASN H 752 57.52 13.63 -31.61
CA ASN H 752 57.89 12.81 -30.48
C ASN H 752 57.75 11.32 -30.76
N GLU H 753 58.36 10.53 -29.87
CA GLU H 753 58.01 9.13 -29.67
C GLU H 753 57.59 8.88 -28.22
N THR H 754 57.02 9.89 -27.58
CA THR H 754 56.51 9.78 -26.22
C THR H 754 54.99 9.68 -26.15
N ASP H 755 54.29 10.16 -27.16
CA ASP H 755 52.83 10.15 -27.17
C ASP H 755 52.33 9.29 -28.32
N ASN H 756 52.96 9.43 -29.48
CA ASN H 756 52.57 8.71 -30.68
C ASN H 756 53.02 7.26 -30.67
N PHE H 757 53.81 6.86 -29.67
CA PHE H 757 53.97 5.45 -29.38
C PHE H 757 52.79 4.86 -28.65
N GLU H 758 52.03 5.67 -27.92
CA GLU H 758 50.82 5.17 -27.25
C GLU H 758 49.72 4.87 -28.27
N VAL H 759 49.60 5.68 -29.33
CA VAL H 759 48.60 5.38 -30.34
C VAL H 759 49.02 4.18 -31.19
N PHE H 760 50.34 4.00 -31.39
CA PHE H 760 50.82 2.79 -32.05
C PHE H 760 50.60 1.56 -31.20
N GLN H 761 50.79 1.71 -29.89
CA GLN H 761 50.48 0.66 -28.93
C GLN H 761 49.01 0.27 -28.99
N LYS H 762 48.13 1.26 -28.84
CA LYS H 762 46.69 1.00 -28.82
C LYS H 762 46.14 0.56 -30.17
N ILE H 763 46.88 0.75 -31.26
CA ILE H 763 46.52 0.08 -32.50
C ILE H 763 46.95 -1.39 -32.45
N ILE H 764 48.22 -1.63 -32.10
CA ILE H 764 48.79 -3.02 -32.17
C ILE H 764 48.47 -3.88 -30.94
N ASP H 765 48.01 -3.29 -29.84
CA ASP H 765 47.74 -4.07 -28.59
C ASP H 765 46.44 -4.89 -28.66
N GLU H 766 46.33 -5.85 -27.73
CA GLU H 766 45.17 -6.75 -27.41
C GLU H 766 45.13 -8.11 -28.14
N LYS H 767 46.21 -8.55 -28.81
CA LYS H 767 46.15 -9.87 -29.42
C LYS H 767 47.34 -10.71 -28.95
N LYS I 20 12.81 -11.68 8.20
CA LYS I 20 13.50 -12.96 8.24
C LYS I 20 14.36 -13.09 9.49
N THR I 21 15.29 -12.15 9.66
CA THR I 21 16.27 -12.20 10.73
C THR I 21 15.76 -11.68 12.07
N GLU I 22 14.44 -11.54 12.23
CA GLU I 22 13.89 -11.02 13.48
C GLU I 22 14.02 -12.02 14.62
N LYS I 23 14.01 -13.32 14.30
CA LYS I 23 14.15 -14.33 15.33
C LYS I 23 15.55 -14.32 15.94
N GLU I 24 16.59 -14.28 15.12
CA GLU I 24 17.92 -14.19 15.70
C GLU I 24 18.20 -12.78 16.24
N LYS I 25 17.48 -11.76 15.76
CA LYS I 25 17.55 -10.45 16.40
C LYS I 25 17.06 -10.51 17.83
N PHE I 26 15.92 -11.16 18.06
CA PHE I 26 15.39 -11.30 19.40
C PHE I 26 16.25 -12.23 20.24
N LYS I 27 16.87 -13.23 19.62
CA LYS I 27 17.73 -14.12 20.38
C LYS I 27 19.03 -13.43 20.81
N ASP I 28 19.57 -12.53 20.00
CA ASP I 28 20.68 -11.72 20.49
C ASP I 28 20.23 -10.66 21.47
N SER I 29 18.95 -10.31 21.51
CA SER I 29 18.49 -9.37 22.52
C SER I 29 18.46 -9.96 23.91
N ILE I 30 18.35 -11.28 24.05
CA ILE I 30 18.28 -11.93 25.35
C ILE I 30 19.50 -12.82 25.60
N ASN I 31 20.59 -12.56 24.88
CA ASN I 31 21.71 -13.49 24.89
C ASN I 31 22.50 -13.45 26.19
N ASN I 32 22.30 -12.42 27.01
CA ASN I 32 22.86 -12.36 28.33
C ASN I 32 21.81 -12.33 29.42
N LEU I 33 20.53 -12.30 29.07
CA LEU I 33 19.48 -12.30 30.07
C LEU I 33 19.33 -13.70 30.66
N VAL I 34 19.21 -14.71 29.81
CA VAL I 34 19.04 -16.08 30.28
C VAL I 34 20.41 -16.70 30.57
N LYS I 35 20.49 -17.41 31.68
CA LYS I 35 21.67 -18.18 32.04
C LYS I 35 21.34 -19.65 31.89
N THR I 36 22.06 -20.35 31.02
CA THR I 36 21.74 -21.73 30.75
C THR I 36 22.13 -22.62 31.93
N GLU I 37 23.28 -22.35 32.55
CA GLU I 37 23.72 -23.11 33.70
C GLU I 37 24.46 -22.20 34.65
N PHE I 38 24.06 -22.23 35.93
CA PHE I 38 24.51 -21.25 36.90
C PHE I 38 25.31 -21.87 38.04
N THR I 39 24.71 -22.83 38.77
CA THR I 39 25.26 -23.85 39.67
C THR I 39 25.98 -23.33 40.91
N ASN I 40 26.29 -22.04 41.01
CA ASN I 40 27.05 -21.52 42.14
C ASN I 40 27.00 -20.00 42.11
N GLU I 41 27.14 -19.42 43.31
CA GLU I 41 27.11 -17.98 43.50
C GLU I 41 28.49 -17.36 43.54
N THR I 42 29.46 -18.07 44.11
CA THR I 42 30.83 -17.58 44.22
C THR I 42 31.73 -18.13 43.14
N LEU I 43 31.20 -18.89 42.20
CA LEU I 43 31.96 -19.27 41.03
C LEU I 43 31.69 -18.35 39.86
N ASP I 44 30.59 -17.61 39.91
CA ASP I 44 30.36 -16.59 38.90
C ASP I 44 31.33 -15.44 39.06
N LYS I 45 31.63 -15.07 40.31
CA LYS I 45 32.55 -13.98 40.59
C LYS I 45 33.95 -14.28 40.09
N ILE I 46 34.33 -15.55 40.10
CA ILE I 46 35.64 -15.97 39.60
C ILE I 46 35.71 -15.75 38.09
N GLN I 47 34.67 -16.16 37.36
CA GLN I 47 34.70 -16.00 35.92
C GLN I 47 34.60 -14.54 35.50
N GLN I 48 33.90 -13.73 36.29
CA GLN I 48 33.83 -12.32 35.96
C GLN I 48 35.10 -11.58 36.30
N THR I 49 35.80 -11.97 37.38
CA THR I 49 37.12 -11.39 37.63
C THR I 49 38.12 -11.81 36.57
N GLN I 50 38.00 -13.05 36.08
CA GLN I 50 38.90 -13.54 35.07
C GLN I 50 38.71 -12.82 33.74
N ASP I 51 37.46 -12.63 33.31
CA ASP I 51 37.33 -11.90 32.06
C ASP I 51 37.43 -10.40 32.23
N LEU I 52 37.38 -9.88 33.46
CA LEU I 52 37.83 -8.52 33.68
C LEU I 52 39.32 -8.41 33.40
N LEU I 53 40.09 -9.31 33.99
CA LEU I 53 41.54 -9.20 33.89
C LEU I 53 42.08 -9.64 32.54
N LYS I 54 41.29 -10.33 31.73
CA LYS I 54 41.81 -10.79 30.46
C LYS I 54 41.59 -9.80 29.31
N LYS I 55 40.98 -8.65 29.54
CA LYS I 55 40.91 -7.63 28.49
C LYS I 55 41.79 -6.44 28.80
N ILE I 56 42.95 -6.68 29.40
CA ILE I 56 44.10 -5.82 29.21
C ILE I 56 45.09 -6.66 28.42
N PRO I 57 45.91 -6.10 27.54
CA PRO I 57 46.79 -6.92 26.71
C PRO I 57 47.89 -7.58 27.55
N LYS I 58 48.41 -8.70 27.02
CA LYS I 58 49.35 -9.52 27.78
C LYS I 58 50.69 -8.84 27.99
N ASP I 59 50.98 -7.79 27.23
CA ASP I 59 52.25 -7.10 27.34
C ASP I 59 52.36 -6.35 28.65
N VAL I 60 51.24 -5.79 29.11
CA VAL I 60 51.17 -5.14 30.42
C VAL I 60 51.46 -6.14 31.52
N LEU I 61 50.88 -7.33 31.41
CA LEU I 61 51.07 -8.34 32.43
C LEU I 61 52.47 -8.93 32.39
N GLU I 62 53.07 -9.00 31.19
CA GLU I 62 54.47 -9.43 31.08
C GLU I 62 55.40 -8.42 31.73
N ILE I 63 55.12 -7.13 31.52
CA ILE I 63 55.83 -6.05 32.21
C ILE I 63 55.69 -6.22 33.71
N TYR I 64 54.48 -6.52 34.18
CA TYR I 64 54.25 -6.55 35.61
C TYR I 64 54.92 -7.75 36.27
N SER I 65 54.75 -8.94 35.69
CA SER I 65 55.40 -10.13 36.24
C SER I 65 56.91 -10.10 36.04
N GLU I 66 57.40 -9.26 35.12
CA GLU I 66 58.82 -9.20 34.81
C GLU I 66 59.66 -8.62 35.95
N LEU I 67 58.97 -8.01 36.92
CA LEU I 67 59.64 -7.44 38.12
C LEU I 67 59.04 -8.09 39.37
N GLY I 68 58.69 -9.38 39.30
CA GLY I 68 58.12 -10.05 40.45
C GLY I 68 56.69 -9.64 40.70
N GLY I 69 55.82 -9.83 39.71
CA GLY I 69 54.45 -9.40 39.80
C GLY I 69 53.52 -10.57 40.11
N GLU I 70 52.84 -10.46 41.24
CA GLU I 70 51.90 -11.48 41.67
C GLU I 70 50.51 -10.87 41.78
N ILE I 71 49.60 -11.36 40.95
CA ILE I 71 48.20 -10.98 41.01
C ILE I 71 47.45 -12.11 41.71
N TYR I 72 46.63 -11.75 42.68
CA TYR I 72 45.90 -12.75 43.45
C TYR I 72 44.43 -12.43 43.50
N PHE I 73 43.59 -13.45 43.34
CA PHE I 73 42.15 -13.32 43.51
C PHE I 73 41.82 -13.88 44.88
N THR I 74 41.83 -13.04 45.89
CA THR I 74 41.38 -13.60 47.16
C THR I 74 39.86 -13.59 47.23
N ASP I 75 39.36 -14.11 48.33
CA ASP I 75 37.95 -14.04 48.68
C ASP I 75 37.77 -13.49 50.07
N ILE I 76 38.70 -13.83 50.97
CA ILE I 76 38.77 -13.17 52.27
C ILE I 76 39.17 -11.72 52.05
N ASP I 77 38.39 -10.81 52.62
CA ASP I 77 38.48 -9.39 52.30
C ASP I 77 39.77 -8.78 52.84
N LEU I 78 40.04 -7.55 52.41
CA LEU I 78 41.37 -6.97 52.59
C LEU I 78 41.50 -6.24 53.92
N VAL I 79 41.10 -6.92 54.99
CA VAL I 79 41.52 -6.60 56.35
C VAL I 79 42.11 -7.83 57.02
N GLU I 80 41.46 -8.98 56.84
CA GLU I 80 41.73 -10.23 57.51
C GLU I 80 42.74 -11.07 56.77
N HIS I 81 43.16 -10.65 55.57
CA HIS I 81 44.11 -11.41 54.79
C HIS I 81 45.48 -11.39 55.43
N LYS I 82 46.21 -12.50 55.31
CA LYS I 82 47.37 -12.73 56.17
C LYS I 82 48.57 -11.87 55.76
N GLU I 83 48.71 -11.55 54.48
CA GLU I 83 49.87 -10.78 54.06
C GLU I 83 49.72 -9.31 54.43
N LEU I 84 48.49 -8.82 54.50
CA LEU I 84 48.22 -7.42 54.80
C LEU I 84 48.04 -7.18 56.29
N GLN I 85 48.52 -8.09 57.14
CA GLN I 85 48.24 -8.00 58.57
C GLN I 85 49.09 -6.95 59.26
N ASP I 86 50.34 -6.76 58.82
CA ASP I 86 51.23 -5.77 59.40
C ASP I 86 51.70 -4.83 58.30
N LEU I 87 51.19 -3.60 58.31
CA LEU I 87 51.52 -2.68 57.23
C LEU I 87 51.55 -1.26 57.79
N SER I 88 52.34 -0.42 57.12
CA SER I 88 52.59 0.93 57.58
C SER I 88 51.33 1.79 57.48
N GLU I 89 51.30 2.84 58.29
CA GLU I 89 50.12 3.68 58.34
C GLU I 89 50.05 4.63 57.15
N GLU I 90 51.20 4.93 56.53
CA GLU I 90 51.17 5.71 55.31
C GLU I 90 50.55 4.92 54.15
N GLU I 91 50.67 3.60 54.19
CA GLU I 91 50.27 2.76 53.08
C GLU I 91 48.82 2.32 53.18
N LYS I 92 48.26 2.33 54.39
CA LYS I 92 46.81 2.19 54.53
C LYS I 92 46.08 3.39 53.96
N ASN I 93 46.74 4.55 53.89
CA ASN I 93 46.11 5.78 53.44
C ASN I 93 46.79 6.22 52.16
N SER I 94 46.35 5.67 51.03
CA SER I 94 46.90 6.00 49.73
C SER I 94 45.77 6.42 48.80
N MET I 95 46.11 7.28 47.84
CA MET I 95 45.10 7.99 47.07
C MET I 95 44.47 7.08 46.02
N ASN I 96 43.15 6.96 46.06
CA ASN I 96 42.44 6.17 45.07
C ASN I 96 42.17 7.00 43.82
N SER I 97 41.25 6.56 42.97
CA SER I 97 41.04 7.20 41.68
C SER I 97 40.39 8.58 41.77
N ARG I 98 39.99 9.02 42.95
CA ARG I 98 39.53 10.39 43.15
C ARG I 98 40.56 11.26 43.83
N GLY I 99 41.78 10.75 44.03
CA GLY I 99 42.82 11.49 44.70
C GLY I 99 42.76 11.49 46.21
N GLU I 100 41.67 11.00 46.80
CA GLU I 100 41.45 11.11 48.23
C GLU I 100 41.91 9.84 48.96
N LYS I 101 41.98 9.95 50.28
CA LYS I 101 42.19 8.77 51.11
C LYS I 101 40.90 7.95 51.21
N VAL I 102 41.03 6.76 51.79
CA VAL I 102 39.90 5.87 51.98
C VAL I 102 40.16 5.00 53.21
N PRO I 103 39.09 4.61 53.90
CA PRO I 103 39.25 3.58 54.93
C PRO I 103 39.74 2.28 54.33
N PHE I 104 40.70 1.65 55.01
CA PHE I 104 41.23 0.36 54.58
C PHE I 104 40.25 -0.79 54.80
N ALA I 105 39.17 -0.57 55.54
CA ALA I 105 38.13 -1.57 55.65
C ALA I 105 37.34 -1.70 54.35
N SER I 106 37.37 -0.69 53.50
CA SER I 106 36.57 -0.67 52.29
C SER I 106 37.37 -1.00 51.04
N ARG I 107 38.68 -0.93 51.09
CA ARG I 107 39.51 -1.14 49.90
C ARG I 107 39.49 -2.61 49.50
N PHE I 108 38.81 -2.91 48.41
CA PHE I 108 38.71 -4.26 47.91
C PHE I 108 39.86 -4.66 47.00
N VAL I 109 40.62 -3.71 46.48
CA VAL I 109 41.82 -3.99 45.71
C VAL I 109 42.96 -3.17 46.28
N PHE I 110 44.10 -3.81 46.51
CA PHE I 110 45.22 -3.12 47.11
C PHE I 110 46.51 -3.77 46.66
N GLU I 111 47.48 -2.93 46.32
CA GLU I 111 48.80 -3.39 45.93
C GLU I 111 49.70 -3.29 47.16
N LYS I 112 50.56 -4.28 47.35
CA LYS I 112 51.57 -4.25 48.39
C LYS I 112 52.93 -4.40 47.71
N LYS I 113 53.65 -3.28 47.60
CA LYS I 113 54.98 -3.27 46.98
C LYS I 113 55.99 -2.81 48.02
N ARG I 114 55.95 -3.43 49.21
CA ARG I 114 57.01 -3.21 50.17
C ARG I 114 58.31 -3.83 49.69
N GLU I 115 58.30 -5.11 49.40
CA GLU I 115 59.50 -5.82 48.99
C GLU I 115 59.43 -6.23 47.52
N THR I 116 58.34 -6.86 47.11
CA THR I 116 58.09 -7.19 45.73
C THR I 116 56.68 -6.72 45.41
N PRO I 117 56.39 -6.40 44.15
CA PRO I 117 55.02 -5.99 43.81
C PRO I 117 54.01 -7.13 43.91
N LYS I 118 53.10 -7.01 44.87
CA LYS I 118 52.11 -8.04 45.13
C LYS I 118 50.74 -7.40 45.13
N LEU I 119 49.89 -7.83 44.20
CA LEU I 119 48.58 -7.22 43.97
C LEU I 119 47.49 -8.17 44.43
N ILE I 120 46.61 -7.69 45.30
CA ILE I 120 45.53 -8.49 45.85
C ILE I 120 44.21 -7.91 45.39
N ILE I 121 43.36 -8.75 44.83
CA ILE I 121 42.06 -8.33 44.29
C ILE I 121 40.99 -9.20 44.90
N ASN I 122 40.06 -8.59 45.61
CA ASN I 122 38.90 -9.31 46.10
C ASN I 122 37.94 -9.54 44.94
N ILE I 123 37.27 -10.68 44.94
CA ILE I 123 36.37 -11.01 43.85
C ILE I 123 35.01 -10.39 44.09
N LYS I 124 34.47 -9.73 43.07
CA LYS I 124 33.14 -9.16 43.09
C LYS I 124 32.53 -9.40 41.71
N ASP I 125 31.36 -8.80 41.46
CA ASP I 125 30.72 -8.96 40.15
C ASP I 125 31.17 -7.83 39.25
N TYR I 126 32.35 -8.00 38.67
CA TYR I 126 32.98 -6.94 37.92
C TYR I 126 32.40 -6.75 36.53
N ALA I 127 31.54 -7.66 36.08
CA ALA I 127 30.90 -7.48 34.78
C ALA I 127 29.76 -6.47 34.83
N ILE I 128 29.40 -6.02 36.02
CA ILE I 128 28.17 -5.29 36.25
C ILE I 128 28.48 -3.99 36.96
N ASN I 129 29.31 -4.06 38.00
CA ASN I 129 29.67 -2.89 38.80
C ASN I 129 30.85 -2.20 38.12
N SER I 130 30.55 -1.32 37.17
CA SER I 130 31.57 -0.72 36.32
C SER I 130 32.34 0.40 36.98
N GLU I 131 32.03 0.77 38.22
CA GLU I 131 32.88 1.66 38.97
C GLU I 131 33.91 0.90 39.78
N GLN I 132 33.48 -0.22 40.38
CA GLN I 132 34.39 -1.12 41.06
C GLN I 132 35.36 -1.78 40.10
N SER I 133 35.00 -1.92 38.83
CA SER I 133 35.91 -2.47 37.84
C SER I 133 37.00 -1.48 37.44
N LYS I 134 36.89 -0.24 37.86
CA LYS I 134 37.81 0.81 37.46
C LYS I 134 38.97 0.97 38.44
N GLU I 135 38.74 0.68 39.71
CA GLU I 135 39.81 0.74 40.70
C GLU I 135 40.87 -0.33 40.45
N VAL I 136 40.46 -1.46 39.88
CA VAL I 136 41.42 -2.51 39.55
C VAL I 136 42.36 -2.05 38.45
N TYR I 137 41.81 -1.41 37.41
CA TYR I 137 42.62 -0.87 36.34
C TYR I 137 43.53 0.25 36.84
N TYR I 138 43.03 1.06 37.77
CA TYR I 138 43.85 2.13 38.32
C TYR I 138 45.01 1.59 39.13
N GLU I 139 44.80 0.52 39.90
CA GLU I 139 45.91 -0.01 40.68
C GLU I 139 46.89 -0.78 39.81
N ILE I 140 46.42 -1.39 38.73
CA ILE I 140 47.33 -2.00 37.77
C ILE I 140 48.22 -0.95 37.14
N GLY I 141 47.65 0.20 36.77
CA GLY I 141 48.46 1.30 36.28
C GLY I 141 49.42 1.86 37.32
N LYS I 142 49.02 1.84 38.59
CA LYS I 142 49.92 2.21 39.67
C LYS I 142 51.08 1.23 39.79
N GLY I 143 50.86 -0.04 39.42
CA GLY I 143 51.94 -1.01 39.52
C GLY I 143 53.00 -0.85 38.46
N ILE I 144 52.59 -0.60 37.23
CA ILE I 144 53.50 -0.66 36.09
C ILE I 144 53.98 0.73 35.66
N SER I 145 53.74 1.75 36.48
CA SER I 145 53.93 3.12 36.01
C SER I 145 55.40 3.45 35.83
N LEU I 146 56.22 3.15 36.83
CA LEU I 146 57.60 3.61 36.83
C LEU I 146 58.50 2.86 35.86
N ASP I 147 57.99 1.83 35.18
CA ASP I 147 58.72 1.23 34.07
C ASP I 147 58.47 1.96 32.76
N ILE I 148 57.38 2.70 32.69
CA ILE I 148 56.99 3.37 31.46
C ILE I 148 57.23 4.87 31.54
N ILE I 149 57.02 5.46 32.70
CA ILE I 149 57.14 6.91 32.85
C ILE I 149 58.60 7.31 32.87
N SER I 150 59.45 6.55 33.55
CA SER I 150 60.86 6.86 33.68
C SER I 150 61.65 5.90 32.82
N LYS I 151 62.80 6.36 32.32
CA LYS I 151 63.61 5.53 31.44
C LYS I 151 64.97 5.20 32.03
N ASP I 152 65.60 6.13 32.73
CA ASP I 152 66.92 5.91 33.29
C ASP I 152 66.98 6.45 34.72
N LYS I 153 66.00 6.05 35.54
CA LYS I 153 65.75 6.59 36.88
C LYS I 153 65.53 8.10 36.84
N SER I 154 64.92 8.56 35.76
CA SER I 154 64.62 9.96 35.55
C SER I 154 63.47 10.02 34.56
N LEU I 155 62.71 11.12 34.62
CA LEU I 155 61.49 11.26 33.84
C LEU I 155 61.79 11.30 32.35
N ASP I 156 61.01 10.54 31.59
CA ASP I 156 61.05 10.64 30.13
C ASP I 156 60.52 12.00 29.72
N PRO I 157 61.33 12.86 29.11
CA PRO I 157 60.88 14.24 28.87
C PRO I 157 59.89 14.38 27.74
N GLU I 158 59.69 13.34 26.93
CA GLU I 158 58.48 13.26 26.10
C GLU I 158 57.23 13.35 26.94
N PHE I 159 57.16 12.56 28.02
CA PHE I 159 56.02 12.61 28.91
C PHE I 159 55.95 13.94 29.64
N LEU I 160 57.10 14.55 29.94
CA LEU I 160 57.10 15.86 30.59
C LEU I 160 56.54 16.94 29.67
N ASN I 161 56.90 16.89 28.39
CA ASN I 161 56.34 17.84 27.43
C ASN I 161 54.87 17.57 27.20
N LEU I 162 54.44 16.31 27.30
CA LEU I 162 53.02 16.01 27.24
C LEU I 162 52.27 16.62 28.41
N ILE I 163 52.85 16.56 29.61
CA ILE I 163 52.21 17.14 30.78
C ILE I 163 52.15 18.66 30.67
N LYS I 164 53.19 19.23 30.04
CA LYS I 164 53.25 20.70 29.81
C LYS I 164 52.09 21.08 28.87
N SER I 165 51.97 20.35 27.77
CA SER I 165 50.90 20.59 26.76
C SER I 165 49.53 20.40 27.40
N LEU I 166 49.40 19.45 28.33
CA LEU I 166 48.11 19.24 28.98
C LEU I 166 47.75 20.40 29.88
N SER I 167 48.71 20.88 30.66
CA SER I 167 48.48 22.02 31.53
C SER I 167 48.25 23.32 30.77
N ASP I 168 48.57 23.34 29.48
CA ASP I 168 48.12 24.44 28.63
C ASP I 168 46.60 24.53 28.56
N ASP I 169 45.95 23.36 28.52
CA ASP I 169 44.48 23.25 28.37
C ASP I 169 43.80 23.33 29.74
N SER I 170 42.47 23.26 29.75
CA SER I 170 41.68 23.29 30.98
C SER I 170 40.94 22.00 31.25
N ASP I 171 40.25 21.48 30.24
CA ASP I 171 39.51 20.22 30.38
C ASP I 171 40.44 19.06 30.65
N SER I 172 41.60 19.05 29.98
CA SER I 172 42.59 18.01 30.24
C SER I 172 43.19 18.15 31.64
N SER I 173 43.41 19.38 32.08
CA SER I 173 44.10 19.57 33.34
C SER I 173 43.20 19.27 34.53
N ASP I 174 41.89 19.42 34.40
CA ASP I 174 41.07 18.98 35.52
C ASP I 174 40.46 17.59 35.31
N LEU I 175 40.65 16.98 34.14
CA LEU I 175 40.33 15.56 34.02
C LEU I 175 41.45 14.70 34.57
N LEU I 176 42.69 14.97 34.19
CA LEU I 176 43.77 14.05 34.47
C LEU I 176 44.53 14.38 35.76
N PHE I 177 44.79 15.65 36.02
CA PHE I 177 45.66 15.96 37.15
C PHE I 177 44.90 15.89 38.46
N SER I 178 45.66 16.02 39.54
CA SER I 178 45.10 16.07 40.88
C SER I 178 44.60 17.47 41.18
N GLN I 179 44.37 17.78 42.45
CA GLN I 179 44.08 19.16 42.84
C GLN I 179 45.31 19.88 43.39
N LYS I 180 46.10 19.17 44.21
CA LYS I 180 47.37 19.72 44.67
C LYS I 180 48.34 19.90 43.52
N PHE I 181 48.31 19.01 42.54
CA PHE I 181 49.12 19.24 41.35
C PHE I 181 48.57 20.37 40.52
N LYS I 182 47.25 20.55 40.51
CA LYS I 182 46.67 21.66 39.78
C LYS I 182 46.89 23.00 40.46
N GLU I 183 47.36 23.02 41.71
CA GLU I 183 47.90 24.29 42.22
C GLU I 183 49.42 24.36 42.17
N LYS I 184 50.13 23.24 42.26
CA LYS I 184 51.58 23.27 42.24
C LYS I 184 52.14 23.26 40.82
N LEU I 185 51.28 23.20 39.83
CA LEU I 185 51.71 23.40 38.46
C LEU I 185 51.48 24.82 37.99
N GLU I 186 50.60 25.56 38.67
CA GLU I 186 50.47 26.99 38.41
C GLU I 186 51.27 27.83 39.41
N LEU I 187 51.65 27.26 40.54
CA LEU I 187 52.35 28.04 41.55
C LEU I 187 53.80 28.27 41.16
N ASN I 188 54.31 27.43 40.26
CA ASN I 188 55.71 27.58 39.76
C ASN I 188 55.69 27.84 38.25
N ASN I 189 54.58 27.45 37.60
CA ASN I 189 54.34 27.58 36.16
C ASN I 189 55.47 27.00 35.31
N LYS I 190 56.37 26.24 35.94
CA LYS I 190 57.54 25.71 35.19
C LYS I 190 57.86 24.28 35.61
N SER I 191 57.36 23.29 34.86
CA SER I 191 57.63 21.86 35.16
C SER I 191 58.95 21.45 34.51
N ILE I 192 60.00 22.25 34.74
CA ILE I 192 61.32 22.01 34.17
C ILE I 192 62.37 21.69 35.21
N ASP I 193 62.12 22.03 36.47
CA ASP I 193 63.14 21.81 37.54
C ASP I 193 63.17 20.34 37.97
N ILE I 194 64.34 19.68 37.79
CA ILE I 194 64.57 18.27 38.21
C ILE I 194 64.08 18.15 39.65
N ASN I 195 64.34 19.19 40.45
CA ASN I 195 63.79 19.28 41.80
C ASN I 195 62.29 19.00 41.79
N PHE I 196 61.56 19.71 40.94
CA PHE I 196 60.10 19.64 40.91
C PHE I 196 59.61 18.27 40.48
N ILE I 197 60.29 17.67 39.51
CA ILE I 197 59.99 16.30 39.10
C ILE I 197 60.32 15.33 40.22
N LYS I 198 61.47 15.56 40.86
CA LYS I 198 61.99 14.67 41.94
C LYS I 198 61.08 14.69 43.19
N GLU I 199 60.25 15.72 43.37
CA GLU I 199 59.43 15.74 44.56
C GLU I 199 57.98 15.34 44.32
N ASN I 200 57.42 15.61 43.15
CA ASN I 200 56.01 15.33 42.89
C ASN I 200 55.83 14.27 41.82
N LEU I 201 56.65 13.22 41.85
CA LEU I 201 56.50 12.15 40.87
C LEU I 201 55.31 11.25 41.20
N THR I 202 54.81 11.31 42.43
CA THR I 202 53.55 10.66 42.75
C THR I 202 52.41 11.22 41.94
N GLU I 203 52.44 12.52 41.65
CA GLU I 203 51.37 13.10 40.86
C GLU I 203 51.50 12.80 39.37
N PHE I 204 52.73 12.66 38.85
CA PHE I 204 52.88 12.17 37.48
C PHE I 204 52.44 10.72 37.37
N GLN I 205 52.74 9.93 38.41
CA GLN I 205 52.26 8.55 38.47
C GLN I 205 50.74 8.50 38.57
N HIS I 206 50.14 9.43 39.32
CA HIS I 206 48.69 9.53 39.41
C HIS I 206 48.08 9.89 38.06
N ALA I 207 48.73 10.78 37.32
CA ALA I 207 48.23 11.16 36.01
C ALA I 207 48.30 9.99 35.04
N PHE I 208 49.40 9.24 35.05
CA PHE I 208 49.50 8.11 34.14
C PHE I 208 48.55 7.00 34.54
N SER I 209 48.37 6.77 35.84
CA SER I 209 47.46 5.73 36.28
C SER I 209 46.03 6.05 35.92
N LEU I 210 45.63 7.31 36.11
CA LEU I 210 44.26 7.70 35.81
C LEU I 210 44.01 7.72 34.31
N ALA I 211 45.01 8.09 33.51
CA ALA I 211 44.84 8.02 32.07
C ALA I 211 44.81 6.57 31.57
N PHE I 212 45.56 5.69 32.22
CA PHE I 212 45.52 4.27 31.88
C PHE I 212 44.16 3.67 32.21
N SER I 213 43.62 4.04 33.36
CA SER I 213 42.31 3.57 33.77
C SER I 213 41.22 4.07 32.85
N TYR I 214 41.32 5.32 32.41
CA TYR I 214 40.32 5.81 31.46
C TYR I 214 40.47 5.17 30.11
N TYR I 215 41.69 4.83 29.70
CA TYR I 215 41.82 4.25 28.37
C TYR I 215 41.40 2.80 28.34
N PHE I 216 41.46 2.08 29.46
CA PHE I 216 41.16 0.66 29.35
C PHE I 216 39.84 0.24 29.97
N ALA I 217 39.18 1.11 30.71
CA ALA I 217 37.79 0.84 31.06
C ALA I 217 36.97 0.98 29.78
N PRO I 218 36.40 -0.09 29.24
CA PRO I 218 35.86 -0.03 27.87
C PRO I 218 34.57 0.75 27.75
N ASP I 219 33.95 1.10 28.87
CA ASP I 219 32.77 1.94 28.86
C ASP I 219 33.11 3.33 28.35
N HIS I 220 34.21 3.89 28.81
CA HIS I 220 34.57 5.25 28.44
C HIS I 220 36.05 5.37 28.07
N ARG I 221 36.37 5.03 26.83
CA ARG I 221 37.60 5.51 26.20
C ARG I 221 37.42 6.87 25.59
N THR I 222 36.24 7.10 25.01
CA THR I 222 35.95 8.31 24.24
C THR I 222 36.00 9.57 25.09
N VAL I 223 35.87 9.42 26.41
CA VAL I 223 36.19 10.49 27.34
C VAL I 223 37.62 10.97 27.14
N LEU I 224 38.56 10.03 26.98
CA LEU I 224 39.95 10.42 26.81
C LEU I 224 40.22 10.99 25.43
N GLU I 225 39.64 10.38 24.40
CA GLU I 225 39.79 10.87 23.03
C GLU I 225 39.15 12.23 22.83
N LEU I 226 38.16 12.57 23.65
CA LEU I 226 37.49 13.86 23.52
C LEU I 226 38.16 14.93 24.39
N TYR I 227 38.25 14.68 25.68
CA TYR I 227 38.74 15.70 26.60
C TYR I 227 40.25 15.79 26.68
N ALA I 228 40.98 14.92 25.98
CA ALA I 228 42.44 15.00 25.97
C ALA I 228 42.99 14.35 24.71
N PRO I 229 42.94 15.01 23.57
CA PRO I 229 43.25 14.35 22.30
C PRO I 229 44.73 14.13 22.03
N ASP I 230 45.59 14.26 23.03
CA ASP I 230 47.01 13.95 22.94
C ASP I 230 47.43 12.88 23.93
N MET I 231 46.85 12.88 25.13
CA MET I 231 47.05 11.76 26.05
C MET I 231 46.41 10.50 25.51
N PHE I 232 45.34 10.65 24.73
CA PHE I 232 44.79 9.53 23.99
C PHE I 232 45.80 8.97 23.00
N GLU I 233 46.50 9.85 22.28
CA GLU I 233 47.47 9.39 21.31
C GLU I 233 48.68 8.75 21.96
N TYR I 234 49.09 9.29 23.11
CA TYR I 234 50.20 8.69 23.84
C TYR I 234 49.85 7.31 24.36
N MET I 235 48.64 7.14 24.88
CA MET I 235 48.24 5.82 25.35
C MET I 235 48.02 4.85 24.20
N ASN I 236 47.57 5.35 23.05
CA ASN I 236 47.43 4.48 21.88
C ASN I 236 48.78 4.04 21.35
N LYS I 237 49.76 4.95 21.36
CA LYS I 237 51.10 4.60 20.91
C LYS I 237 51.80 3.68 21.90
N LEU I 238 51.44 3.76 23.18
CA LEU I 238 51.86 2.73 24.13
C LEU I 238 51.27 1.38 23.76
N GLU I 239 49.94 1.31 23.69
CA GLU I 239 49.23 0.03 23.54
C GLU I 239 49.53 -0.64 22.21
N LYS I 240 49.88 0.13 21.18
CA LYS I 240 50.17 -0.46 19.88
C LYS I 240 51.66 -0.69 19.66
N GLY I 241 52.41 -1.05 20.70
CA GLY I 241 53.78 -1.49 20.50
C GLY I 241 54.80 -1.13 21.56
N GLY I 242 54.58 -0.02 22.27
CA GLY I 242 55.58 0.42 23.22
C GLY I 242 55.63 -0.44 24.46
N PHE I 243 54.50 -1.04 24.84
CA PHE I 243 54.46 -2.04 25.89
C PHE I 243 55.34 -3.23 25.53
N GLU I 244 55.23 -3.69 24.28
CA GLU I 244 56.02 -4.80 23.80
C GLU I 244 57.51 -4.47 23.80
N LYS I 245 57.86 -3.27 23.33
CA LYS I 245 59.26 -2.87 23.31
C LYS I 245 59.82 -2.67 24.71
N ILE I 246 59.00 -2.23 25.66
CA ILE I 246 59.52 -2.07 27.01
C ILE I 246 59.68 -3.43 27.68
N SER I 247 58.82 -4.39 27.37
CA SER I 247 59.04 -5.75 27.86
C SER I 247 60.28 -6.37 27.22
N GLU I 248 60.59 -6.00 25.98
CA GLU I 248 61.85 -6.45 25.39
C GLU I 248 63.04 -5.83 26.08
N SER I 249 62.97 -4.54 26.44
CA SER I 249 64.07 -3.91 27.13
C SER I 249 64.21 -4.40 28.56
N LEU I 250 63.20 -5.05 29.11
CA LEU I 250 63.35 -5.72 30.39
C LEU I 250 63.81 -7.17 30.25
N LYS I 251 63.44 -7.85 29.16
CA LYS I 251 63.86 -9.23 28.96
C LYS I 251 65.29 -9.35 28.48
N LYS I 252 65.78 -8.38 27.70
CA LYS I 252 67.17 -8.42 27.25
C LYS I 252 68.14 -8.15 28.40
N GLU I 253 67.67 -7.54 29.48
CA GLU I 253 68.43 -7.43 30.71
C GLU I 253 68.15 -8.60 31.65
N GLY I 254 66.95 -9.20 31.56
CA GLY I 254 66.47 -10.12 32.57
C GLY I 254 67.14 -11.48 32.60
N VAL I 255 68.01 -11.78 31.65
CA VAL I 255 68.70 -13.06 31.63
C VAL I 255 69.72 -13.14 32.76
N LYS I 264 79.75 -26.25 32.51
CA LYS I 264 79.54 -26.01 31.08
C LYS I 264 80.87 -26.01 30.37
N GLY I 265 81.45 -27.20 30.24
CA GLY I 265 82.74 -27.34 29.58
C GLY I 265 83.68 -28.32 30.25
N GLU I 266 84.89 -27.86 30.53
CA GLU I 266 85.97 -28.79 30.88
C GLU I 266 86.29 -28.77 32.37
N LYS I 267 85.96 -27.66 33.05
CA LYS I 267 86.35 -27.49 34.45
C LYS I 267 85.65 -28.46 35.38
N ALA I 268 84.39 -28.82 35.07
CA ALA I 268 83.69 -29.84 35.83
C ALA I 268 84.36 -31.20 35.70
N LEU I 269 84.89 -31.50 34.51
CA LEU I 269 85.57 -32.77 34.30
C LEU I 269 86.93 -32.78 34.99
N LYS I 270 87.66 -31.66 34.93
CA LYS I 270 89.01 -31.65 35.51
C LYS I 270 88.96 -31.58 37.02
N ALA I 271 87.93 -30.94 37.60
CA ALA I 271 87.71 -30.98 39.03
C ALA I 271 87.08 -32.30 39.48
N SER I 272 86.36 -32.97 38.58
CA SER I 272 85.96 -34.35 38.82
C SER I 272 87.11 -35.31 38.52
N GLY I 273 88.10 -34.85 37.76
CA GLY I 273 89.28 -35.64 37.48
C GLY I 273 89.03 -36.83 36.58
N LEU I 274 87.98 -36.78 35.76
CA LEU I 274 87.53 -37.93 34.99
C LEU I 274 88.54 -38.30 33.92
N VAL I 275 88.62 -39.61 33.67
CA VAL I 275 89.41 -40.20 32.60
C VAL I 275 88.87 -39.66 31.28
N PRO I 276 89.71 -39.04 30.43
CA PRO I 276 89.18 -38.50 29.17
C PRO I 276 88.72 -39.57 28.19
N GLU I 277 89.38 -40.72 28.16
CA GLU I 277 88.99 -41.77 27.23
C GLU I 277 87.68 -42.43 27.63
N HIS I 278 87.47 -42.66 28.93
CA HIS I 278 86.17 -43.06 29.45
C HIS I 278 85.09 -42.05 29.05
N ALA I 279 85.41 -40.75 29.16
CA ALA I 279 84.46 -39.69 28.83
C ALA I 279 84.10 -39.71 27.35
N ASP I 280 85.07 -39.96 26.48
CA ASP I 280 84.78 -39.97 25.04
C ASP I 280 84.03 -41.24 24.62
N ALA I 281 84.33 -42.37 25.27
CA ALA I 281 83.55 -43.59 25.03
C ALA I 281 82.11 -43.42 25.50
N PHE I 282 81.92 -42.75 26.64
CA PHE I 282 80.59 -42.41 27.10
C PHE I 282 79.91 -41.40 26.18
N LYS I 283 80.68 -40.55 25.51
CA LYS I 283 80.08 -39.59 24.59
C LYS I 283 79.60 -40.28 23.31
N LYS I 284 80.36 -41.25 22.81
CA LYS I 284 79.88 -42.07 21.70
C LYS I 284 78.66 -42.89 22.12
N ILE I 285 78.63 -43.33 23.38
CA ILE I 285 77.46 -43.98 23.94
C ILE I 285 76.26 -43.04 23.95
N ALA I 286 76.49 -41.77 24.32
CA ALA I 286 75.44 -40.76 24.37
C ALA I 286 74.94 -40.38 22.98
N ARG I 287 75.81 -40.44 21.97
CA ARG I 287 75.34 -40.25 20.60
C ARG I 287 74.57 -41.46 20.11
N GLU I 288 74.93 -42.66 20.60
CA GLU I 288 74.20 -43.86 20.18
C GLU I 288 72.88 -44.03 20.93
N LEU I 289 72.71 -43.37 22.07
CA LEU I 289 71.52 -43.57 22.90
C LEU I 289 70.61 -42.36 22.99
N ASN I 290 71.08 -41.16 22.59
CA ASN I 290 70.52 -39.82 22.86
C ASN I 290 69.91 -39.73 24.26
N THR I 291 70.72 -40.01 25.27
CA THR I 291 70.29 -40.01 26.66
C THR I 291 71.08 -38.98 27.47
N TYR I 292 70.47 -38.54 28.56
CA TYR I 292 71.09 -37.64 29.51
C TYR I 292 71.65 -38.49 30.64
N ILE I 293 72.96 -38.72 30.62
CA ILE I 293 73.57 -39.55 31.65
C ILE I 293 73.86 -38.64 32.83
N LEU I 294 73.00 -38.69 33.83
CA LEU I 294 73.29 -38.03 35.10
C LEU I 294 74.42 -38.76 35.81
N PHE I 295 75.16 -38.02 36.62
CA PHE I 295 76.31 -38.59 37.28
C PHE I 295 76.42 -38.05 38.70
N ARG I 296 76.98 -38.88 39.57
CA ARG I 296 77.37 -38.48 40.91
C ARG I 296 78.89 -38.39 41.00
N PRO I 297 79.40 -37.30 41.57
CA PRO I 297 80.85 -37.03 41.53
C PRO I 297 81.69 -38.06 42.28
N VAL I 298 83.01 -38.00 42.02
CA VAL I 298 83.94 -39.04 42.44
C VAL I 298 85.25 -38.37 42.87
N ASN I 299 86.06 -39.13 43.60
CA ASN I 299 87.42 -38.73 43.89
C ASN I 299 88.33 -39.03 42.70
N LYS I 300 89.34 -38.19 42.50
CA LYS I 300 90.35 -38.47 41.48
C LYS I 300 91.18 -39.70 41.86
N LEU I 301 91.44 -39.89 43.15
CA LEU I 301 92.06 -41.12 43.64
C LEU I 301 91.14 -42.33 43.51
N ALA I 302 89.83 -42.10 43.34
CA ALA I 302 88.90 -43.19 43.04
C ALA I 302 88.77 -43.46 41.55
N THR I 303 88.85 -42.44 40.69
CA THR I 303 88.79 -42.74 39.26
C THR I 303 90.14 -43.28 38.76
N ASN I 304 91.23 -43.03 39.48
CA ASN I 304 92.46 -43.75 39.16
C ASN I 304 92.39 -45.20 39.61
N LEU I 305 91.55 -45.52 40.59
CA LEU I 305 91.28 -46.91 40.91
C LEU I 305 90.21 -47.51 40.01
N ILE I 306 89.47 -46.68 39.28
CA ILE I 306 88.67 -47.17 38.17
C ILE I 306 89.57 -47.58 37.02
N LYS I 307 90.50 -46.71 36.64
CA LYS I 307 91.41 -47.01 35.54
C LYS I 307 92.69 -47.72 35.99
N SER I 308 92.74 -48.21 37.22
CA SER I 308 93.93 -48.94 37.68
C SER I 308 93.77 -50.44 37.54
N GLY I 309 92.70 -50.91 36.90
CA GLY I 309 92.47 -52.33 36.70
C GLY I 309 91.82 -53.03 37.87
N VAL I 310 91.79 -52.40 39.04
CA VAL I 310 91.16 -52.96 40.22
C VAL I 310 89.66 -52.62 40.20
N ALA I 311 88.84 -53.56 40.63
CA ALA I 311 87.40 -53.35 40.69
C ALA I 311 87.04 -52.49 41.91
N THR I 312 85.74 -52.37 42.16
CA THR I 312 85.21 -51.47 43.18
C THR I 312 84.20 -52.25 44.03
N LYS I 313 83.43 -51.51 44.84
CA LYS I 313 82.42 -52.07 45.74
C LYS I 313 81.01 -51.99 45.15
N GLY I 314 80.08 -52.71 45.77
CA GLY I 314 78.67 -52.54 45.53
C GLY I 314 77.95 -51.92 46.71
N LEU I 315 76.99 -52.65 47.29
CA LEU I 315 76.25 -52.17 48.46
C LEU I 315 76.46 -53.05 49.69
N ASN I 316 77.48 -53.91 49.68
CA ASN I 316 77.83 -54.64 50.89
C ASN I 316 78.52 -53.72 51.88
N VAL I 317 79.43 -52.90 51.39
CA VAL I 317 80.05 -51.85 52.20
C VAL I 317 79.62 -50.51 51.63
N HIS I 318 79.30 -49.57 52.51
CA HIS I 318 78.97 -48.21 52.09
C HIS I 318 80.04 -47.23 52.57
N GLY I 319 81.30 -47.60 52.42
CA GLY I 319 82.40 -46.69 52.69
C GLY I 319 82.73 -45.84 51.48
N LYS I 320 82.59 -44.53 51.63
CA LYS I 320 82.78 -43.59 50.54
C LYS I 320 84.28 -43.35 50.32
N SER I 321 84.62 -42.50 49.35
CA SER I 321 85.99 -42.26 48.97
C SER I 321 86.68 -41.37 50.01
N SER I 322 87.95 -41.68 50.28
CA SER I 322 88.73 -40.91 51.23
C SER I 322 89.43 -39.77 50.50
N ASP I 323 90.37 -39.12 51.20
CA ASP I 323 91.09 -37.99 50.63
C ASP I 323 92.60 -38.23 50.56
N TRP I 324 93.08 -39.40 50.96
CA TRP I 324 94.51 -39.60 51.11
C TRP I 324 94.87 -41.06 50.90
N GLY I 325 95.99 -41.27 50.21
CA GLY I 325 96.56 -42.58 50.05
C GLY I 325 96.04 -43.37 48.86
N PRO I 326 96.73 -44.46 48.52
CA PRO I 326 96.16 -45.45 47.60
C PRO I 326 94.90 -46.10 48.14
N VAL I 327 94.76 -46.17 49.47
CA VAL I 327 93.57 -46.73 50.11
C VAL I 327 92.41 -45.75 50.14
N ALA I 328 92.58 -44.55 49.57
CA ALA I 328 91.45 -43.66 49.35
C ALA I 328 90.53 -44.26 48.30
N GLY I 329 89.25 -44.37 48.65
CA GLY I 329 88.34 -45.15 47.85
C GLY I 329 88.17 -46.55 48.42
N TYR I 330 89.27 -47.22 48.76
CA TYR I 330 89.17 -48.49 49.46
C TYR I 330 88.63 -48.28 50.88
N ILE I 331 88.06 -49.34 51.44
CA ILE I 331 87.44 -49.22 52.76
C ILE I 331 88.20 -50.15 53.70
N PRO I 332 89.20 -49.65 54.43
CA PRO I 332 90.08 -50.53 55.20
C PRO I 332 89.40 -51.15 56.43
N PHE I 333 90.15 -52.03 57.07
CA PHE I 333 89.79 -52.58 58.37
C PHE I 333 89.71 -51.46 59.40
N ASP I 334 90.85 -50.86 59.71
CA ASP I 334 90.88 -49.68 60.56
C ASP I 334 90.54 -48.47 59.72
N GLN I 335 89.45 -47.78 60.05
CA GLN I 335 88.93 -46.73 59.20
C GLN I 335 89.55 -45.36 59.47
N ASP I 336 90.75 -45.32 60.05
CA ASP I 336 91.55 -44.10 59.99
C ASP I 336 92.02 -43.83 58.57
N LEU I 337 92.21 -44.90 57.79
CA LEU I 337 92.62 -44.82 56.39
C LEU I 337 91.42 -44.77 55.45
N SER I 338 90.30 -44.22 55.90
CA SER I 338 89.03 -44.33 55.19
C SER I 338 88.38 -42.95 55.20
N LYS I 339 87.07 -42.93 54.90
CA LYS I 339 86.31 -41.70 54.99
C LYS I 339 86.18 -41.16 56.40
N LYS I 340 86.48 -41.98 57.41
CA LYS I 340 86.51 -41.54 58.81
C LYS I 340 87.93 -41.14 59.20
N HIS I 341 88.53 -40.27 58.38
CA HIS I 341 89.88 -39.78 58.62
C HIS I 341 89.82 -38.69 59.68
N GLY I 342 89.83 -39.10 60.94
CA GLY I 342 89.80 -38.14 62.03
C GLY I 342 88.44 -38.01 62.69
N GLN I 343 87.50 -38.89 62.38
CA GLN I 343 86.23 -38.94 63.08
C GLN I 343 86.33 -39.94 64.23
N GLN I 344 85.36 -39.85 65.14
CA GLN I 344 85.50 -40.56 66.40
C GLN I 344 84.46 -41.65 66.61
N LEU I 345 83.24 -41.51 66.07
CA LEU I 345 82.17 -42.45 66.35
C LEU I 345 81.51 -43.02 65.11
N ALA I 346 82.16 -42.95 63.95
CA ALA I 346 81.75 -43.72 62.79
C ALA I 346 82.86 -44.66 62.30
N VAL I 347 84.06 -44.56 62.89
CA VAL I 347 85.14 -45.50 62.59
C VAL I 347 84.74 -46.92 62.99
N GLU I 348 83.99 -47.05 64.08
CA GLU I 348 83.48 -48.36 64.47
C GLU I 348 82.41 -48.82 63.50
N LYS I 349 81.59 -47.89 62.97
CA LYS I 349 80.60 -48.24 61.96
C LYS I 349 81.26 -48.78 60.70
N GLY I 350 82.37 -48.16 60.28
CA GLY I 350 83.05 -48.62 59.09
C GLY I 350 83.73 -49.95 59.28
N ASN I 351 84.39 -50.16 60.44
CA ASN I 351 85.07 -51.43 60.67
C ASN I 351 84.08 -52.56 60.84
N LEU I 352 82.98 -52.34 61.57
CA LEU I 352 81.96 -53.37 61.71
C LEU I 352 81.18 -53.58 60.41
N GLU I 353 81.10 -52.55 59.57
CA GLU I 353 80.48 -52.71 58.26
C GLU I 353 81.30 -53.62 57.37
N ASN I 354 82.63 -53.42 57.36
CA ASN I 354 83.51 -54.29 56.59
C ASN I 354 83.52 -55.72 57.13
N LYS I 355 83.54 -55.88 58.45
CA LYS I 355 83.59 -57.22 59.03
C LYS I 355 82.26 -57.95 58.85
N LYS I 356 81.14 -57.25 59.05
CA LYS I 356 79.81 -57.78 58.79
C LYS I 356 79.62 -58.13 57.32
N SER I 357 80.20 -57.34 56.41
CA SER I 357 80.06 -57.60 54.98
C SER I 357 80.90 -58.80 54.56
N ILE I 358 82.11 -58.93 55.12
CA ILE I 358 82.95 -60.09 54.84
C ILE I 358 82.28 -61.36 55.37
N THR I 359 81.61 -61.26 56.51
CA THR I 359 80.88 -62.42 57.04
C THR I 359 79.64 -62.75 56.22
N GLU I 360 78.81 -61.75 55.88
CA GLU I 360 77.51 -62.04 55.27
C GLU I 360 77.58 -62.20 53.76
N HIS I 361 78.59 -61.65 53.11
CA HIS I 361 78.80 -61.89 51.68
C HIS I 361 79.92 -62.90 51.46
N GLU I 362 80.01 -63.89 52.34
CA GLU I 362 80.91 -65.01 52.17
C GLU I 362 80.47 -65.84 50.98
N GLY I 363 81.23 -65.76 49.89
CA GLY I 363 80.83 -66.35 48.62
C GLY I 363 81.34 -65.52 47.46
N GLU I 364 81.44 -64.20 47.66
CA GLU I 364 82.21 -63.34 46.77
C GLU I 364 83.03 -62.28 47.49
N ILE I 365 83.06 -62.25 48.82
CA ILE I 365 83.82 -61.26 49.57
C ILE I 365 84.73 -61.98 50.55
N GLY I 366 86.04 -61.75 50.43
CA GLY I 366 87.02 -62.42 51.25
C GLY I 366 88.02 -61.45 51.86
N LYS I 367 88.90 -62.01 52.69
CA LYS I 367 89.86 -61.28 53.52
C LYS I 367 91.21 -61.30 52.81
N ILE I 368 91.33 -60.49 51.76
CA ILE I 368 92.52 -60.49 50.91
C ILE I 368 93.06 -59.05 50.80
N PRO I 369 94.38 -58.83 50.95
CA PRO I 369 94.94 -57.47 50.85
C PRO I 369 94.88 -56.86 49.45
N LEU I 370 95.52 -55.71 49.33
CA LEU I 370 95.21 -54.72 48.29
C LEU I 370 95.75 -55.09 46.92
N LYS I 371 95.57 -54.14 46.00
CA LYS I 371 96.28 -54.12 44.74
C LYS I 371 96.48 -52.64 44.40
N LEU I 372 97.62 -52.08 44.80
CA LEU I 372 97.86 -50.64 44.69
C LEU I 372 99.23 -50.43 44.04
N ASP I 373 99.57 -49.16 43.83
CA ASP I 373 100.73 -48.76 43.04
C ASP I 373 101.85 -48.24 43.93
N HIS I 374 103.08 -48.37 43.40
CA HIS I 374 104.24 -47.75 44.02
C HIS I 374 104.41 -46.30 43.61
N LEU I 375 103.77 -45.89 42.51
CA LEU I 375 103.73 -44.50 42.11
C LEU I 375 102.45 -43.80 42.55
N ARG I 376 101.58 -44.51 43.29
CA ARG I 376 100.38 -43.89 43.83
C ARG I 376 100.71 -42.99 45.02
N ILE I 377 101.73 -43.36 45.79
CA ILE I 377 102.23 -42.44 46.82
C ILE I 377 102.93 -41.26 46.16
N GLU I 378 103.55 -41.48 45.00
CA GLU I 378 104.09 -40.40 44.18
C GLU I 378 103.01 -39.65 43.41
N GLU I 379 101.79 -40.18 43.35
CA GLU I 379 100.63 -39.40 42.94
C GLU I 379 100.05 -38.59 44.09
N LEU I 380 100.12 -39.12 45.31
CA LEU I 380 99.73 -38.39 46.50
C LEU I 380 100.73 -37.29 46.85
N LYS I 381 101.96 -37.38 46.33
CA LYS I 381 102.91 -36.29 46.48
C LYS I 381 102.42 -35.03 45.76
N GLU I 382 101.82 -35.18 44.59
CA GLU I 382 101.20 -34.05 43.91
C GLU I 382 99.73 -33.88 44.28
N ASN I 383 99.26 -34.59 45.31
CA ASN I 383 98.01 -34.25 45.98
C ASN I 383 98.24 -33.28 47.13
N GLY I 384 99.46 -33.22 47.65
CA GLY I 384 99.79 -32.34 48.77
C GLY I 384 99.62 -32.97 50.12
N ILE I 385 99.65 -34.31 50.21
CA ILE I 385 99.24 -34.99 51.42
C ILE I 385 100.45 -35.56 52.16
N ILE I 386 101.17 -36.48 51.54
CA ILE I 386 102.14 -37.28 52.27
C ILE I 386 103.54 -36.73 52.04
N LEU I 387 104.36 -36.83 53.08
CA LEU I 387 105.77 -36.42 53.05
C LEU I 387 106.59 -37.65 53.43
N LYS I 388 106.86 -38.50 52.44
CA LYS I 388 107.49 -39.80 52.68
C LYS I 388 108.97 -39.64 53.03
N GLY I 389 109.25 -39.17 54.23
CA GLY I 389 110.59 -38.73 54.60
C GLY I 389 111.37 -39.75 55.39
N LYS I 390 111.41 -39.59 56.71
CA LYS I 390 112.23 -40.44 57.55
C LYS I 390 111.64 -41.84 57.66
N LYS I 391 112.50 -42.80 57.99
CA LYS I 391 112.12 -44.21 58.03
C LYS I 391 112.50 -44.77 59.39
N GLU I 392 111.49 -45.15 60.17
CA GLU I 392 111.70 -45.73 61.49
C GLU I 392 112.23 -47.16 61.36
N ILE I 393 113.16 -47.51 62.24
CA ILE I 393 113.99 -48.70 62.09
C ILE I 393 113.33 -49.86 62.81
N ASP I 394 112.84 -50.83 62.04
CA ASP I 394 112.50 -52.16 62.52
C ASP I 394 112.60 -53.12 61.33
N ASN I 395 112.18 -54.37 61.56
CA ASN I 395 112.04 -55.42 60.54
C ASN I 395 113.36 -55.79 59.86
N GLY I 396 114.50 -55.44 60.45
CA GLY I 396 115.79 -55.87 59.94
C GLY I 396 116.17 -55.31 58.59
N LYS I 397 115.60 -54.17 58.21
CA LYS I 397 115.78 -53.62 56.87
C LYS I 397 115.46 -52.13 56.99
N LYS I 398 115.95 -51.36 56.01
CA LYS I 398 115.58 -49.95 55.89
C LYS I 398 114.11 -49.90 55.47
N TYR I 399 113.23 -50.08 56.45
CA TYR I 399 111.83 -50.32 56.17
C TYR I 399 111.14 -49.02 55.82
N TYR I 400 110.56 -48.97 54.63
CA TYR I 400 110.00 -47.75 54.07
C TYR I 400 108.72 -47.38 54.82
N LEU I 401 108.88 -46.68 55.93
CA LEU I 401 107.79 -45.99 56.60
C LEU I 401 107.73 -44.57 56.05
N LEU I 402 106.52 -44.09 55.80
CA LEU I 402 106.35 -42.72 55.34
C LEU I 402 105.62 -41.88 56.38
N GLU I 403 105.86 -40.58 56.30
CA GLU I 403 105.08 -39.60 57.04
C GLU I 403 104.01 -39.01 56.13
N SER I 404 102.96 -38.49 56.75
CA SER I 404 101.83 -37.96 56.00
C SER I 404 101.55 -36.54 56.49
N ASN I 405 100.44 -35.96 56.03
CA ASN I 405 99.96 -34.71 56.61
C ASN I 405 99.53 -34.92 58.05
N ASN I 406 98.78 -35.98 58.30
CA ASN I 406 98.51 -36.42 59.65
C ASN I 406 99.64 -37.31 60.11
N GLN I 407 100.04 -37.17 61.37
CA GLN I 407 101.09 -37.99 61.94
C GLN I 407 100.56 -39.06 62.89
N VAL I 408 99.28 -38.99 63.24
CA VAL I 408 98.67 -40.07 64.02
C VAL I 408 98.58 -41.32 63.18
N TYR I 409 98.29 -41.18 61.90
CA TYR I 409 98.20 -42.30 60.98
C TYR I 409 99.19 -42.08 59.84
N GLU I 410 99.61 -43.16 59.21
CA GLU I 410 100.66 -43.09 58.18
C GLU I 410 100.56 -44.33 57.30
N PHE I 411 101.59 -44.57 56.49
CA PHE I 411 101.78 -45.81 55.77
C PHE I 411 103.17 -46.35 56.00
N ARG I 412 103.32 -47.67 55.85
CA ARG I 412 104.61 -48.32 55.65
C ARG I 412 104.46 -49.22 54.41
N ILE I 413 104.58 -48.61 53.23
CA ILE I 413 104.57 -49.35 51.97
C ILE I 413 105.98 -49.85 51.70
N SER I 414 106.10 -51.09 51.22
CA SER I 414 107.41 -51.74 51.12
C SER I 414 108.25 -51.10 50.01
N ASP I 415 109.56 -51.37 50.08
CA ASP I 415 110.54 -50.75 49.19
C ASP I 415 110.44 -51.27 47.75
N GLU I 416 109.85 -52.44 47.57
CA GLU I 416 109.79 -53.10 46.27
C GLU I 416 108.38 -53.37 45.78
N ASN I 417 107.56 -54.04 46.59
CA ASN I 417 106.35 -54.71 46.16
C ASN I 417 105.14 -53.78 46.33
N ASN I 418 103.94 -54.34 46.29
CA ASN I 418 102.68 -53.60 46.31
C ASN I 418 101.94 -53.76 47.64
N GLU I 419 102.68 -53.90 48.74
CA GLU I 419 102.06 -54.06 50.05
C GLU I 419 102.18 -52.78 50.86
N VAL I 420 101.18 -52.53 51.71
CA VAL I 420 101.21 -51.47 52.70
C VAL I 420 100.97 -52.12 54.05
N GLN I 421 102.04 -52.30 54.82
CA GLN I 421 101.94 -52.77 56.20
C GLN I 421 102.08 -51.57 57.14
N TYR I 422 101.09 -50.68 57.03
CA TYR I 422 101.04 -49.43 57.77
C TYR I 422 100.85 -49.65 59.27
N LYS I 423 100.95 -48.56 60.02
CA LYS I 423 100.67 -48.60 61.46
C LYS I 423 100.31 -47.20 61.92
N THR I 424 100.15 -47.07 63.23
CA THR I 424 100.12 -45.77 63.89
C THR I 424 101.35 -45.63 64.79
N LYS I 425 101.83 -44.40 64.91
CA LYS I 425 103.09 -44.14 65.61
C LYS I 425 102.94 -44.31 67.11
N GLU I 426 103.89 -45.03 67.71
CA GLU I 426 103.84 -45.42 69.12
C GLU I 426 104.07 -44.27 70.09
N GLY I 427 104.46 -43.10 69.61
CA GLY I 427 104.74 -41.98 70.49
C GLY I 427 103.56 -41.05 70.69
N LYS I 428 102.36 -41.49 70.32
CA LYS I 428 101.15 -40.71 70.52
C LYS I 428 99.98 -41.66 70.74
N ILE I 429 98.77 -41.12 70.70
CA ILE I 429 97.56 -41.86 71.07
C ILE I 429 96.80 -42.24 69.80
N THR I 430 96.25 -43.46 69.80
CA THR I 430 95.33 -43.91 68.76
C THR I 430 93.92 -43.86 69.34
N VAL I 431 92.96 -43.39 68.54
CA VAL I 431 91.60 -43.17 69.01
C VAL I 431 90.86 -44.48 69.26
N LEU I 432 91.33 -45.59 68.66
CA LEU I 432 90.76 -46.90 68.92
C LEU I 432 91.05 -47.38 70.35
N GLY I 433 92.04 -46.80 71.02
CA GLY I 433 92.29 -47.04 72.42
C GLY I 433 93.63 -47.70 72.71
N GLU I 434 94.05 -48.62 71.86
CA GLU I 434 95.29 -49.36 72.05
C GLU I 434 96.40 -48.73 71.20
N LYS I 435 97.52 -49.43 71.10
CA LYS I 435 98.58 -49.09 70.17
C LYS I 435 99.04 -50.37 69.49
N PHE I 436 99.13 -50.36 68.17
CA PHE I 436 99.43 -51.56 67.41
C PHE I 436 100.62 -51.34 66.47
N ASN I 437 101.14 -52.47 65.99
CA ASN I 437 102.35 -52.51 65.16
C ASN I 437 101.96 -52.45 63.68
N TRP I 438 102.91 -52.79 62.81
CA TRP I 438 102.82 -52.58 61.37
C TRP I 438 101.87 -53.56 60.65
N ARG I 439 100.60 -53.59 61.04
CA ARG I 439 99.67 -54.53 60.43
C ARG I 439 99.11 -53.97 59.12
N ASN I 440 99.02 -54.83 58.13
CA ASN I 440 98.55 -54.42 56.81
C ASN I 440 97.04 -54.23 56.82
N ILE I 441 96.51 -53.82 55.67
CA ILE I 441 95.08 -53.58 55.53
C ILE I 441 94.44 -54.91 55.15
N GLU I 442 93.56 -55.41 56.02
CA GLU I 442 92.80 -56.63 55.76
C GLU I 442 91.48 -56.23 55.09
N VAL I 443 91.62 -55.66 53.89
CA VAL I 443 90.48 -55.08 53.19
C VAL I 443 89.62 -56.20 52.58
N MET I 444 88.41 -55.84 52.18
CA MET I 444 87.54 -56.75 51.45
C MET I 444 88.11 -56.97 50.05
N ALA I 445 87.64 -58.01 49.38
CA ALA I 445 87.96 -58.20 47.98
C ALA I 445 86.82 -58.94 47.29
N LYS I 446 86.37 -58.40 46.17
CA LYS I 446 85.39 -59.08 45.34
C LYS I 446 86.15 -60.17 44.60
N ASN I 447 86.16 -61.38 45.17
CA ASN I 447 86.99 -62.49 44.70
C ASN I 447 86.40 -63.08 43.42
N VAL I 448 86.56 -62.33 42.34
CA VAL I 448 85.97 -62.68 41.05
C VAL I 448 86.81 -63.79 40.42
N GLU I 449 86.38 -65.02 40.69
CA GLU I 449 86.99 -66.31 40.28
C GLU I 449 88.52 -66.30 40.33
N GLY I 450 89.04 -65.96 41.51
CA GLY I 450 90.45 -65.98 41.77
C GLY I 450 91.13 -64.62 41.72
N VAL I 451 90.68 -63.73 40.84
CA VAL I 451 91.33 -62.43 40.69
C VAL I 451 90.99 -61.55 41.88
N LEU I 452 92.02 -61.04 42.55
CA LEU I 452 91.88 -60.29 43.79
C LEU I 452 91.82 -58.80 43.46
N LYS I 453 90.60 -58.30 43.24
CA LYS I 453 90.36 -56.88 42.96
C LYS I 453 89.56 -56.30 44.12
N PRO I 454 90.23 -55.66 45.09
CA PRO I 454 89.55 -55.24 46.32
C PRO I 454 88.53 -54.13 46.09
N LEU I 455 87.77 -53.86 47.15
CA LEU I 455 86.60 -52.99 47.05
C LEU I 455 86.99 -51.53 47.21
N THR I 456 86.65 -50.74 46.20
CA THR I 456 86.86 -49.30 46.19
C THR I 456 85.48 -48.65 46.20
N ALA I 457 85.38 -47.47 46.79
CA ALA I 457 84.18 -46.65 46.60
C ALA I 457 84.04 -46.31 45.13
N ASP I 458 83.04 -46.91 44.49
CA ASP I 458 82.90 -46.94 43.05
C ASP I 458 82.59 -45.57 42.46
N TYR I 459 82.55 -45.51 41.13
CA TYR I 459 81.82 -44.45 40.45
C TYR I 459 80.34 -44.65 40.74
N ASP I 460 79.71 -43.64 41.31
CA ASP I 460 78.35 -43.77 41.78
C ASP I 460 77.40 -43.33 40.69
N LEU I 461 76.15 -43.08 41.04
CA LEU I 461 75.14 -42.72 40.05
C LEU I 461 74.26 -41.62 40.61
N PHE I 462 73.64 -40.86 39.70
CA PHE I 462 72.60 -39.90 40.06
C PHE I 462 71.25 -40.30 39.48
N ALA I 463 71.14 -40.41 38.16
CA ALA I 463 69.91 -40.74 37.44
C ALA I 463 70.27 -41.08 36.00
N LEU I 464 69.26 -41.15 35.15
CA LEU I 464 69.40 -41.26 33.71
C LEU I 464 68.13 -40.70 33.08
N ALA I 465 68.24 -40.21 31.84
CA ALA I 465 67.09 -39.63 31.15
C ALA I 465 67.19 -39.85 29.65
N PRO I 466 66.72 -41.01 29.15
CA PRO I 466 66.69 -41.23 27.69
C PRO I 466 65.46 -40.65 27.01
N SER I 467 65.30 -40.91 25.71
CA SER I 467 64.24 -40.35 24.87
C SER I 467 63.13 -41.37 24.65
N LEU I 468 61.88 -40.89 24.74
CA LEU I 468 60.73 -41.79 24.79
C LEU I 468 60.46 -42.48 23.47
N THR I 469 60.95 -41.93 22.35
CA THR I 469 60.86 -42.62 21.08
C THR I 469 61.72 -43.89 21.08
N GLU I 470 63.00 -43.75 21.42
CA GLU I 470 63.88 -44.90 21.52
C GLU I 470 63.61 -45.75 22.75
N ILE I 471 62.98 -45.18 23.79
CA ILE I 471 62.48 -45.99 24.89
C ILE I 471 61.36 -46.89 24.40
N LYS I 472 60.49 -46.34 23.54
CA LYS I 472 59.47 -47.15 22.88
C LYS I 472 60.10 -48.14 21.90
N LYS I 473 61.30 -47.84 21.40
CA LYS I 473 62.10 -48.81 20.67
C LYS I 473 62.88 -49.75 21.59
N GLN I 474 62.90 -49.49 22.91
CA GLN I 474 63.61 -50.35 23.86
C GLN I 474 62.68 -51.06 24.84
N ILE I 475 61.59 -50.42 25.26
CA ILE I 475 60.57 -51.14 26.01
C ILE I 475 59.53 -51.60 24.99
N PRO I 476 58.89 -52.77 25.16
CA PRO I 476 58.13 -53.37 24.06
C PRO I 476 56.86 -52.59 23.74
N GLN I 477 56.72 -52.22 22.47
CA GLN I 477 55.72 -51.26 22.02
C GLN I 477 54.51 -51.92 21.36
N LYS I 478 54.07 -53.06 21.88
CA LYS I 478 52.83 -53.65 21.40
C LYS I 478 51.64 -53.35 22.32
N GLU I 479 51.85 -53.35 23.65
CA GLU I 479 50.91 -52.72 24.55
C GLU I 479 50.90 -51.22 24.40
N TRP I 480 51.99 -50.63 23.91
CA TRP I 480 52.01 -49.24 23.50
C TRP I 480 51.36 -49.02 22.15
N ASP I 481 51.16 -50.08 21.36
CA ASP I 481 50.34 -50.01 20.16
C ASP I 481 48.88 -50.33 20.46
N LYS I 482 48.60 -50.93 21.63
CA LYS I 482 47.24 -51.18 22.09
C LYS I 482 46.68 -50.03 22.91
N VAL I 483 47.53 -49.30 23.64
CA VAL I 483 47.06 -48.28 24.55
C VAL I 483 46.64 -47.02 23.81
N VAL I 484 47.07 -46.84 22.56
CA VAL I 484 46.75 -45.65 21.80
C VAL I 484 45.43 -45.75 21.06
N ASN I 485 44.72 -46.88 21.17
CA ASN I 485 43.39 -46.99 20.60
C ASN I 485 42.31 -46.72 21.66
N THR I 486 42.42 -45.55 22.28
CA THR I 486 41.46 -45.00 23.24
C THR I 486 41.19 -43.56 22.82
N PRO I 487 39.97 -43.02 23.13
CA PRO I 487 39.67 -41.65 22.71
C PRO I 487 40.24 -40.57 23.64
N ASN I 488 40.36 -40.86 24.92
CA ASN I 488 40.63 -39.84 25.92
C ASN I 488 42.11 -39.43 25.93
N SER I 489 42.38 -38.31 26.60
CA SER I 489 43.73 -37.78 26.69
C SER I 489 44.32 -38.07 28.08
N LEU I 490 43.61 -37.68 29.13
CA LEU I 490 44.05 -37.95 30.49
C LEU I 490 44.00 -39.44 30.81
N GLU I 491 43.04 -40.16 30.23
CA GLU I 491 42.99 -41.60 30.46
C GLU I 491 43.99 -42.37 29.60
N LYS I 492 44.34 -41.86 28.42
CA LYS I 492 45.44 -42.48 27.67
C LYS I 492 46.78 -42.21 28.34
N GLN I 493 46.94 -41.03 28.95
CA GLN I 493 48.11 -40.78 29.79
C GLN I 493 48.08 -41.65 31.04
N LYS I 494 46.89 -41.97 31.56
CA LYS I 494 46.77 -42.93 32.64
C LYS I 494 47.22 -44.32 32.17
N GLY I 495 46.94 -44.66 30.92
CA GLY I 495 47.47 -45.88 30.33
C GLY I 495 48.99 -45.87 30.25
N VAL I 496 49.56 -44.73 29.84
CA VAL I 496 51.02 -44.56 29.83
C VAL I 496 51.59 -44.70 31.23
N THR I 497 50.89 -44.15 32.23
CA THR I 497 51.37 -44.18 33.61
C THR I 497 51.32 -45.58 34.20
N ASN I 498 50.25 -46.35 33.92
CA ASN I 498 50.20 -47.69 34.49
C ASN I 498 51.09 -48.67 33.72
N LEU I 499 51.29 -48.44 32.41
CA LEU I 499 52.27 -49.24 31.68
C LEU I 499 53.69 -48.98 32.17
N LEU I 500 54.02 -47.72 32.51
CA LEU I 500 55.33 -47.49 33.10
C LEU I 500 55.40 -47.95 34.56
N ILE I 501 54.25 -48.06 35.24
CA ILE I 501 54.23 -48.65 36.58
C ILE I 501 54.55 -50.13 36.51
N LYS I 502 53.99 -50.82 35.53
CA LYS I 502 54.22 -52.25 35.38
C LYS I 502 55.48 -52.57 34.57
N TYR I 503 56.15 -51.58 34.00
CA TYR I 503 57.36 -51.88 33.22
C TYR I 503 58.62 -51.18 33.70
N GLY I 504 58.57 -49.87 33.95
CA GLY I 504 59.78 -49.10 34.18
C GLY I 504 60.15 -48.82 35.63
N ILE I 505 59.26 -49.14 36.57
CA ILE I 505 59.58 -48.99 37.98
C ILE I 505 59.49 -50.35 38.71
N GLU I 506 59.74 -51.44 37.99
CA GLU I 506 59.90 -52.75 38.60
C GLU I 506 61.35 -52.93 39.02
N ARG I 507 61.76 -52.10 39.98
CA ARG I 507 63.13 -52.05 40.47
C ARG I 507 63.43 -53.29 41.32
N LYS I 508 64.37 -54.09 40.87
CA LYS I 508 64.88 -55.17 41.69
C LYS I 508 65.71 -54.58 42.82
N PRO I 509 65.55 -55.04 44.05
CA PRO I 509 66.50 -54.68 45.10
C PRO I 509 67.84 -55.35 44.88
N ASP I 510 68.82 -54.59 44.40
CA ASP I 510 70.08 -55.16 43.93
C ASP I 510 71.24 -54.40 44.57
N SER I 511 72.42 -55.03 44.55
CA SER I 511 73.61 -54.47 45.17
C SER I 511 74.81 -54.37 44.23
N THR I 512 74.89 -55.22 43.20
CA THR I 512 76.03 -55.26 42.30
C THR I 512 75.76 -54.56 40.97
N LYS I 513 74.51 -54.48 40.53
CA LYS I 513 74.19 -53.77 39.28
C LYS I 513 73.90 -52.29 39.54
N GLY I 514 72.82 -51.99 40.25
CA GLY I 514 72.41 -50.62 40.50
C GLY I 514 70.95 -50.39 40.17
N THR I 515 70.40 -49.33 40.78
CA THR I 515 68.96 -49.10 40.84
C THR I 515 68.45 -48.60 39.48
N LEU I 516 67.97 -49.52 38.66
CA LEU I 516 67.36 -49.21 37.37
C LEU I 516 66.38 -50.32 37.02
N SER I 517 65.55 -50.06 36.01
CA SER I 517 64.57 -51.05 35.56
C SER I 517 65.26 -52.13 34.74
N ASN I 518 64.46 -53.01 34.14
CA ASN I 518 64.97 -54.22 33.51
C ASN I 518 65.74 -53.91 32.24
N TRP I 519 65.08 -53.27 31.27
CA TRP I 519 65.79 -52.80 30.08
C TRP I 519 66.78 -51.70 30.43
N GLN I 520 66.49 -50.94 31.48
CA GLN I 520 67.49 -50.04 32.02
C GLN I 520 68.64 -50.78 32.69
N LYS I 521 68.43 -51.99 33.24
CA LYS I 521 69.55 -52.81 33.70
C LYS I 521 70.38 -53.30 32.53
N GLN I 522 69.72 -53.60 31.40
CA GLN I 522 70.45 -53.93 30.18
C GLN I 522 71.31 -52.75 29.74
N MET I 523 70.78 -51.53 29.85
CA MET I 523 71.58 -50.35 29.54
C MET I 523 72.71 -50.15 30.54
N LEU I 524 72.46 -50.49 31.80
CA LEU I 524 73.46 -50.30 32.86
C LEU I 524 74.65 -51.24 32.68
N ASP I 525 74.40 -52.54 32.51
CA ASP I 525 75.55 -53.41 32.29
C ASP I 525 76.09 -53.31 30.88
N ARG I 526 75.31 -52.80 29.92
CA ARG I 526 75.83 -52.47 28.61
C ARG I 526 76.89 -51.38 28.70
N LEU I 527 76.64 -50.34 29.49
CA LEU I 527 77.68 -49.34 29.73
C LEU I 527 78.74 -49.80 30.72
N ASN I 528 78.45 -50.81 31.56
CA ASN I 528 79.45 -51.34 32.46
C ASN I 528 80.46 -52.23 31.73
N GLU I 529 80.05 -52.84 30.63
CA GLU I 529 80.95 -53.69 29.85
C GLU I 529 81.27 -53.11 28.47
N ALA I 530 80.78 -51.93 28.15
CA ALA I 530 81.23 -51.20 26.98
C ALA I 530 82.43 -50.32 27.29
N VAL I 531 82.80 -50.19 28.56
CA VAL I 531 84.09 -49.61 28.92
C VAL I 531 85.18 -50.67 28.95
N LYS I 532 84.83 -51.93 28.67
CA LYS I 532 85.80 -53.01 28.61
C LYS I 532 86.77 -52.85 27.45
N TYR I 533 86.33 -52.22 26.35
CA TYR I 533 87.23 -51.92 25.25
C TYR I 533 87.85 -50.54 25.35
N THR I 534 88.08 -50.06 26.57
CA THR I 534 88.94 -48.92 26.85
C THR I 534 90.24 -49.30 27.56
N GLY I 535 90.44 -50.58 27.82
CA GLY I 535 91.55 -51.04 28.63
C GLY I 535 91.16 -51.47 30.03
N TYR I 536 90.04 -52.18 30.20
CA TYR I 536 89.44 -52.38 31.50
C TYR I 536 89.59 -53.83 31.94
N THR I 537 89.82 -54.03 33.24
CA THR I 537 89.79 -55.35 33.86
C THR I 537 89.03 -55.34 35.18
N GLY I 538 88.71 -54.17 35.72
CA GLY I 538 88.12 -54.07 37.03
C GLY I 538 86.62 -54.25 37.09
N GLY I 539 86.09 -55.25 36.39
CA GLY I 539 84.69 -55.59 36.55
C GLY I 539 83.76 -54.63 35.84
N ASP I 540 83.15 -53.74 36.61
CA ASP I 540 82.22 -52.73 36.11
C ASP I 540 82.61 -51.36 36.66
N VAL I 541 82.32 -50.30 35.90
CA VAL I 541 82.68 -48.96 36.33
C VAL I 541 81.77 -48.46 37.45
N VAL I 542 80.46 -48.62 37.30
CA VAL I 542 79.47 -48.27 38.31
C VAL I 542 78.84 -49.56 38.79
N ASN I 543 78.82 -49.76 40.12
CA ASN I 543 78.38 -51.05 40.65
C ASN I 543 77.33 -50.92 41.75
N HIS I 544 76.82 -49.73 42.02
CA HIS I 544 75.64 -49.65 42.90
C HIS I 544 74.79 -48.46 42.43
N GLY I 545 73.70 -48.21 43.15
CA GLY I 545 72.68 -47.30 42.69
C GLY I 545 72.92 -45.82 42.87
N THR I 546 71.84 -45.10 43.16
CA THR I 546 71.77 -43.65 43.00
C THR I 546 72.14 -42.95 44.30
N GLU I 547 71.89 -41.64 44.36
CA GLU I 547 72.27 -40.83 45.51
C GLU I 547 71.32 -41.04 46.68
N GLN I 548 70.02 -40.87 46.45
CA GLN I 548 69.02 -40.93 47.51
C GLN I 548 68.51 -42.35 47.76
N ASP I 549 69.12 -43.34 47.13
CA ASP I 549 68.76 -44.73 47.42
C ASP I 549 69.27 -45.14 48.79
N ASN I 550 70.40 -44.58 49.22
CA ASN I 550 71.05 -44.96 50.47
C ASN I 550 70.21 -44.44 51.62
N GLU I 551 69.14 -45.17 51.93
CA GLU I 551 68.13 -44.77 52.89
C GLU I 551 68.55 -45.12 54.33
N GLU I 552 69.78 -45.57 54.52
CA GLU I 552 70.36 -45.70 55.85
C GLU I 552 70.57 -44.35 56.50
N PHE I 553 70.87 -43.31 55.71
CA PHE I 553 71.18 -41.99 56.24
C PHE I 553 70.89 -40.93 55.17
N PRO I 554 70.41 -39.75 55.56
CA PRO I 554 70.14 -38.70 54.57
C PRO I 554 71.42 -38.00 54.15
N GLU I 555 71.45 -37.61 52.87
CA GLU I 555 72.59 -36.90 52.30
C GLU I 555 72.10 -36.11 51.08
N LYS I 556 72.86 -35.08 50.71
CA LYS I 556 72.60 -34.27 49.52
C LYS I 556 73.93 -33.82 48.94
N ASP I 557 74.23 -34.25 47.72
CA ASP I 557 75.38 -33.71 47.01
C ASP I 557 75.00 -32.38 46.38
N ASN I 558 76.03 -31.57 46.09
CA ASN I 558 75.82 -30.17 45.74
C ASN I 558 76.17 -29.83 44.30
N GLU I 559 76.85 -30.71 43.57
CA GLU I 559 77.00 -30.53 42.14
C GLU I 559 76.96 -31.89 41.45
N ILE I 560 76.69 -31.84 40.15
CA ILE I 560 76.34 -33.01 39.34
C ILE I 560 77.17 -32.94 38.07
N PHE I 561 77.73 -34.08 37.65
CA PHE I 561 78.40 -34.21 36.36
C PHE I 561 77.40 -34.66 35.28
N ILE I 562 76.32 -33.88 35.16
CA ILE I 562 75.29 -34.10 34.14
C ILE I 562 75.88 -33.95 32.75
N ILE I 563 75.57 -34.89 31.87
CA ILE I 563 75.99 -34.87 30.47
C ILE I 563 74.77 -34.98 29.58
N ASN I 564 74.64 -34.04 28.63
CA ASN I 564 73.55 -34.03 27.67
C ASN I 564 73.84 -35.02 26.54
N PRO I 565 72.86 -35.28 25.65
CA PRO I 565 73.18 -35.99 24.41
C PRO I 565 74.04 -35.19 23.45
N GLU I 566 74.13 -33.87 23.62
CA GLU I 566 75.06 -33.05 22.85
C GLU I 566 76.51 -33.23 23.29
N GLY I 567 76.76 -33.95 24.38
CA GLY I 567 78.10 -34.38 24.73
C GLY I 567 78.89 -33.44 25.62
N GLU I 568 78.28 -32.35 26.08
CA GLU I 568 79.01 -31.41 26.91
C GLU I 568 78.88 -31.78 28.38
N PHE I 569 79.98 -31.59 29.11
CA PHE I 569 80.10 -31.96 30.52
C PHE I 569 79.56 -30.80 31.34
N ILE I 570 78.27 -30.85 31.64
CA ILE I 570 77.59 -29.69 32.22
C ILE I 570 77.93 -29.57 33.71
N LEU I 571 78.24 -28.35 34.14
CA LEU I 571 78.48 -28.03 35.53
C LEU I 571 77.27 -27.33 36.12
N THR I 572 77.04 -27.58 37.41
CA THR I 572 76.07 -26.87 38.23
C THR I 572 76.71 -26.45 39.54
N LYS I 573 76.11 -25.47 40.19
CA LYS I 573 76.59 -24.94 41.46
C LYS I 573 75.56 -24.98 42.57
N ASN I 574 74.26 -24.93 42.24
CA ASN I 574 73.20 -24.90 43.23
C ASN I 574 72.12 -25.92 42.85
N TRP I 575 71.32 -26.30 43.84
CA TRP I 575 70.28 -27.31 43.60
C TRP I 575 68.98 -26.70 43.12
N GLU I 576 68.69 -25.46 43.52
CA GLU I 576 67.59 -24.70 42.91
C GLU I 576 67.87 -24.48 41.43
N MET I 577 69.13 -24.17 41.10
CA MET I 577 69.53 -24.07 39.72
C MET I 577 69.53 -25.42 39.02
N THR I 578 69.77 -26.52 39.74
CA THR I 578 69.74 -27.83 39.10
C THR I 578 68.31 -28.30 38.83
N GLY I 579 67.37 -27.99 39.72
CA GLY I 579 65.97 -28.18 39.41
C GLY I 579 65.51 -27.27 38.29
N ARG I 580 66.09 -26.07 38.19
CA ARG I 580 65.85 -25.20 37.05
C ARG I 580 66.42 -25.81 35.77
N PHE I 581 67.57 -26.50 35.87
CA PHE I 581 68.12 -27.21 34.72
C PHE I 581 67.25 -28.37 34.31
N ILE I 582 66.67 -29.08 35.29
CA ILE I 582 65.70 -30.15 35.01
C ILE I 582 64.49 -29.58 34.29
N GLU I 583 63.90 -28.53 34.83
CA GLU I 583 62.69 -27.95 34.23
C GLU I 583 62.98 -27.07 33.02
N LYS I 584 64.24 -26.87 32.65
CA LYS I 584 64.54 -26.22 31.39
C LYS I 584 65.05 -27.17 30.31
N ASN I 585 65.46 -28.39 30.69
CA ASN I 585 66.01 -29.33 29.73
C ASN I 585 65.17 -30.61 29.58
N ILE I 586 64.84 -31.27 30.68
CA ILE I 586 64.13 -32.55 30.61
C ILE I 586 62.65 -32.27 30.73
N THR I 587 62.25 -31.67 31.86
CA THR I 587 60.85 -31.39 32.13
C THR I 587 60.32 -30.31 31.21
N GLY I 588 61.18 -29.38 30.79
CA GLY I 588 60.76 -28.34 29.87
C GLY I 588 60.42 -28.83 28.48
N LYS I 589 61.04 -29.92 28.03
CA LYS I 589 60.85 -30.43 26.68
C LYS I 589 60.21 -31.83 26.75
N ASP I 590 60.13 -32.47 25.58
CA ASP I 590 59.61 -33.83 25.47
C ASP I 590 60.72 -34.81 25.82
N TYR I 591 60.73 -35.22 27.09
CA TYR I 591 61.70 -36.22 27.53
C TYR I 591 61.13 -36.99 28.72
N LEU I 592 61.26 -38.32 28.65
CA LEU I 592 60.93 -39.19 29.77
C LEU I 592 61.97 -39.00 30.85
N TYR I 593 61.59 -39.17 32.12
CA TYR I 593 62.43 -38.78 33.25
C TYR I 593 62.08 -39.60 34.48
N TYR I 594 63.11 -40.15 35.13
CA TYR I 594 63.01 -40.80 36.44
C TYR I 594 64.02 -40.15 37.38
N PHE I 595 63.53 -39.60 38.49
CA PHE I 595 64.36 -38.84 39.43
C PHE I 595 64.76 -39.70 40.62
N ASN I 596 65.48 -39.10 41.57
CA ASN I 596 66.04 -39.84 42.69
C ASN I 596 64.99 -40.05 43.78
N ARG I 597 64.86 -41.28 44.25
CA ARG I 597 63.79 -41.66 45.17
C ARG I 597 64.25 -41.51 46.62
N LYS I 618 61.59 -24.81 54.37
CA LYS I 618 60.62 -23.97 53.69
C LYS I 618 61.27 -23.39 52.44
N ALA I 619 62.30 -24.10 51.97
CA ALA I 619 63.08 -23.68 50.81
C ALA I 619 62.96 -24.65 49.65
N LYS I 620 62.05 -25.61 49.73
CA LYS I 620 61.82 -26.56 48.64
C LYS I 620 61.10 -25.78 47.53
N ILE I 621 61.91 -25.26 46.60
CA ILE I 621 61.35 -24.51 45.49
C ILE I 621 60.64 -25.46 44.52
N ASN I 622 61.23 -26.62 44.26
CA ASN I 622 60.49 -27.64 43.53
C ASN I 622 60.40 -28.98 44.26
N THR I 623 61.54 -29.54 44.68
CA THR I 623 61.64 -30.98 44.99
C THR I 623 61.55 -31.22 46.49
N ILE I 624 60.39 -31.69 46.95
CA ILE I 624 60.22 -32.32 48.25
C ILE I 624 60.64 -33.78 48.00
N PRO I 625 61.11 -34.53 49.01
CA PRO I 625 61.48 -35.94 48.79
C PRO I 625 60.31 -36.83 48.38
N THR I 626 60.66 -38.08 48.10
CA THR I 626 59.81 -39.06 47.45
C THR I 626 59.01 -39.85 48.50
N SER I 627 57.99 -40.57 48.04
CA SER I 627 57.09 -41.28 48.94
C SER I 627 57.74 -42.49 49.61
N ALA I 628 58.82 -43.02 49.05
CA ALA I 628 59.63 -43.98 49.79
C ALA I 628 60.23 -43.34 51.03
N GLU I 629 60.70 -42.10 50.90
CA GLU I 629 61.10 -41.36 52.08
C GLU I 629 59.92 -40.97 52.96
N PHE I 630 58.70 -40.95 52.40
CA PHE I 630 57.53 -40.77 53.26
C PHE I 630 57.24 -42.02 54.05
N ILE I 631 57.52 -43.21 53.51
CA ILE I 631 57.48 -44.41 54.35
C ILE I 631 58.59 -44.37 55.39
N LYS I 632 59.74 -43.81 55.01
CA LYS I 632 60.89 -43.71 55.92
C LYS I 632 60.58 -42.82 57.11
N ASN I 633 60.05 -41.62 56.88
CA ASN I 633 59.60 -40.75 57.95
C ASN I 633 58.13 -40.95 58.29
N LEU I 634 57.55 -42.06 57.85
CA LEU I 634 56.33 -42.60 58.44
C LEU I 634 56.65 -43.54 59.58
N SER I 635 57.68 -44.36 59.38
CA SER I 635 58.14 -45.24 60.45
C SER I 635 59.14 -44.56 61.38
N SER I 636 60.01 -43.69 60.86
CA SER I 636 61.14 -43.14 61.58
C SER I 636 60.75 -42.08 62.60
N ILE I 637 59.51 -41.59 62.55
CA ILE I 637 58.94 -40.84 63.66
C ILE I 637 58.38 -41.76 64.73
N ARG I 638 57.98 -42.98 64.36
CA ARG I 638 57.31 -43.89 65.30
C ARG I 638 58.29 -44.62 66.20
N ARG I 639 59.58 -44.64 65.85
CA ARG I 639 60.53 -45.45 66.60
C ARG I 639 60.95 -44.82 67.92
N SER I 640 60.49 -43.61 68.22
CA SER I 640 60.67 -43.07 69.56
C SER I 640 59.38 -43.14 70.36
N SER I 641 58.28 -42.68 69.78
CA SER I 641 56.97 -42.68 70.44
C SER I 641 56.01 -43.55 69.64
N ASN I 642 55.34 -44.47 70.33
CA ASN I 642 54.40 -45.39 69.68
C ASN I 642 52.97 -44.86 69.65
N VAL I 643 52.69 -43.78 70.37
CA VAL I 643 51.35 -43.18 70.36
C VAL I 643 51.23 -42.22 69.19
N GLY I 644 50.00 -42.00 68.73
CA GLY I 644 49.78 -41.16 67.57
C GLY I 644 48.55 -41.48 66.77
N VAL I 645 48.71 -41.69 65.47
CA VAL I 645 47.56 -41.88 64.59
C VAL I 645 46.98 -43.28 64.73
N TYR I 646 47.84 -44.29 64.89
CA TYR I 646 47.39 -45.66 65.14
C TYR I 646 48.49 -46.43 65.83
N LYS I 647 48.09 -47.33 66.73
CA LYS I 647 49.03 -48.26 67.37
C LYS I 647 49.21 -49.52 66.54
N ASP I 648 49.82 -50.55 67.14
CA ASP I 648 49.89 -51.87 66.53
C ASP I 648 48.67 -52.71 66.84
N SER I 649 47.47 -52.16 66.67
CA SER I 649 46.23 -52.80 67.07
C SER I 649 45.40 -53.13 65.83
N GLY I 650 44.37 -53.95 66.04
CA GLY I 650 43.59 -54.47 64.93
C GLY I 650 42.24 -53.81 64.76
N ASP I 651 42.08 -52.59 65.28
CA ASP I 651 40.83 -51.87 65.13
C ASP I 651 40.64 -51.40 63.69
N LYS I 652 39.38 -51.29 63.27
CA LYS I 652 39.06 -51.05 61.86
C LYS I 652 39.36 -49.61 61.47
N ASP I 653 39.13 -48.64 62.36
CA ASP I 653 39.41 -47.25 62.03
C ASP I 653 40.91 -46.97 62.00
N GLU I 654 41.69 -47.68 62.83
CA GLU I 654 43.13 -47.50 62.82
C GLU I 654 43.76 -48.07 61.55
N PHE I 655 43.28 -49.23 61.09
CA PHE I 655 43.75 -49.72 59.81
C PHE I 655 43.08 -49.01 58.63
N ALA I 656 41.98 -48.30 58.87
CA ALA I 656 41.47 -47.38 57.86
C ALA I 656 42.38 -46.17 57.74
N LYS I 657 42.96 -45.72 58.85
CA LYS I 657 43.99 -44.68 58.79
C LYS I 657 45.24 -45.21 58.11
N LYS I 658 45.55 -46.49 58.30
CA LYS I 658 46.64 -47.13 57.56
C LYS I 658 46.33 -47.17 56.06
N GLU I 659 45.07 -47.43 55.70
CA GLU I 659 44.65 -47.39 54.30
C GLU I 659 44.71 -45.97 53.75
N SER I 660 44.42 -44.96 54.59
CA SER I 660 44.49 -43.58 54.14
C SER I 660 45.92 -43.11 53.94
N VAL I 661 46.86 -43.49 54.82
CA VAL I 661 48.25 -43.09 54.59
C VAL I 661 48.84 -43.91 53.44
N LYS I 662 48.31 -45.11 53.20
CA LYS I 662 48.62 -45.83 51.97
C LYS I 662 48.08 -45.11 50.74
N LYS I 663 46.91 -44.48 50.86
CA LYS I 663 46.36 -43.66 49.78
C LYS I 663 47.24 -42.44 49.52
N ILE I 664 47.78 -41.84 50.58
CA ILE I 664 48.74 -40.74 50.46
C ILE I 664 49.98 -41.19 49.73
N ALA I 665 50.51 -42.36 50.11
CA ALA I 665 51.72 -42.89 49.52
C ALA I 665 51.52 -43.24 48.05
N GLY I 666 50.34 -43.74 47.70
CA GLY I 666 50.04 -43.97 46.30
C GLY I 666 49.88 -42.67 45.53
N TYR I 667 49.20 -41.68 46.13
CA TYR I 667 48.88 -40.45 45.41
C TYR I 667 50.10 -39.57 45.22
N LEU I 668 51.09 -39.64 46.09
CA LEU I 668 52.31 -38.86 45.88
C LEU I 668 53.09 -39.40 44.70
N SER I 669 53.19 -40.73 44.58
CA SER I 669 53.86 -41.32 43.43
C SER I 669 53.03 -41.18 42.17
N ASP I 670 51.71 -41.00 42.29
CA ASP I 670 50.93 -40.52 41.16
C ASP I 670 51.34 -39.11 40.77
N TYR I 671 51.55 -38.24 41.76
CA TYR I 671 51.97 -36.86 41.55
C TYR I 671 53.42 -36.79 41.05
N TYR I 672 54.32 -37.50 41.72
CA TYR I 672 55.69 -37.67 41.21
C TYR I 672 55.71 -38.70 40.08
N ASN I 673 55.33 -38.21 38.89
CA ASN I 673 55.31 -39.00 37.66
C ASN I 673 55.56 -38.03 36.52
N SER I 674 56.75 -38.10 35.92
CA SER I 674 57.14 -37.19 34.85
C SER I 674 56.84 -37.78 33.47
N ALA I 675 56.01 -38.82 33.43
CA ALA I 675 55.66 -39.49 32.18
C ALA I 675 54.33 -38.98 31.65
N ASN I 676 54.09 -37.67 31.78
CA ASN I 676 52.81 -37.08 31.44
C ASN I 676 52.87 -36.21 30.18
N HIS I 677 54.00 -36.22 29.48
CA HIS I 677 54.23 -35.32 28.36
C HIS I 677 53.77 -35.90 27.03
N ILE I 678 52.77 -36.79 27.03
CA ILE I 678 52.16 -37.21 25.77
C ILE I 678 51.29 -36.11 25.18
N PHE I 679 50.96 -35.09 25.97
CA PHE I 679 50.46 -33.80 25.53
C PHE I 679 51.37 -32.73 26.14
N SER I 680 50.95 -31.47 26.03
CA SER I 680 51.81 -30.36 26.41
C SER I 680 52.03 -30.31 27.93
N GLN I 681 53.09 -29.61 28.34
CA GLN I 681 53.60 -29.71 29.70
C GLN I 681 52.80 -28.91 30.71
N GLU I 682 51.99 -27.95 30.25
CA GLU I 682 51.05 -27.32 31.16
C GLU I 682 49.98 -28.31 31.59
N LYS I 683 49.68 -29.32 30.76
CA LYS I 683 48.76 -30.37 31.18
C LYS I 683 49.41 -31.26 32.22
N LYS I 684 50.73 -31.46 32.13
CA LYS I 684 51.45 -32.14 33.20
C LYS I 684 51.36 -31.35 34.49
N ARG I 685 51.51 -30.02 34.41
CA ARG I 685 51.33 -29.16 35.58
C ARG I 685 49.90 -29.23 36.11
N LYS I 686 48.93 -29.31 35.21
CA LYS I 686 47.52 -29.29 35.59
C LYS I 686 47.12 -30.56 36.32
N ILE I 687 47.52 -31.72 35.76
CA ILE I 687 47.25 -32.98 36.44
C ILE I 687 48.14 -33.14 37.66
N SER I 688 49.32 -32.50 37.69
CA SER I 688 50.17 -32.50 38.86
C SER I 688 49.52 -31.75 40.03
N ILE I 689 48.96 -30.58 39.77
CA ILE I 689 48.31 -29.86 40.85
C ILE I 689 46.94 -30.43 41.17
N PHE I 690 46.31 -31.12 40.22
CA PHE I 690 45.07 -31.84 40.53
C PHE I 690 45.38 -32.99 41.50
N ARG I 691 46.49 -33.69 41.27
CA ARG I 691 47.01 -34.65 42.24
C ARG I 691 47.39 -33.96 43.54
N GLY I 692 47.86 -32.71 43.49
CA GLY I 692 48.23 -32.01 44.70
C GLY I 692 47.05 -31.67 45.59
N ILE I 693 45.95 -31.20 44.99
CA ILE I 693 44.75 -30.93 45.76
C ILE I 693 44.12 -32.23 46.26
N GLN I 694 44.23 -33.31 45.47
CA GLN I 694 43.75 -34.60 45.93
C GLN I 694 44.55 -35.09 47.15
N ALA I 695 45.87 -34.96 47.10
CA ALA I 695 46.70 -35.36 48.23
C ALA I 695 46.52 -34.42 49.42
N TYR I 696 46.17 -33.17 49.16
CA TYR I 696 45.80 -32.25 50.23
C TYR I 696 44.55 -32.73 50.95
N ASN I 697 43.56 -33.23 50.22
CA ASN I 697 42.38 -33.78 50.88
C ASN I 697 42.68 -35.11 51.57
N GLU I 698 43.64 -35.87 51.04
CA GLU I 698 44.09 -37.10 51.71
C GLU I 698 44.72 -36.79 53.06
N ILE I 699 45.66 -35.85 53.10
CA ILE I 699 46.32 -35.54 54.35
C ILE I 699 45.42 -34.72 55.26
N GLU I 700 44.38 -34.10 54.69
CA GLU I 700 43.32 -33.56 55.52
C GLU I 700 42.53 -34.67 56.19
N ASN I 701 42.30 -35.77 55.46
CA ASN I 701 41.56 -36.90 56.01
C ASN I 701 42.34 -37.60 57.12
N VAL I 702 43.67 -37.64 57.02
CA VAL I 702 44.45 -38.14 58.15
C VAL I 702 44.69 -37.06 59.20
N LEU I 703 44.24 -35.83 58.97
CA LEU I 703 44.11 -34.84 60.01
C LEU I 703 42.74 -34.87 60.68
N LYS I 704 41.82 -35.69 60.18
CA LYS I 704 40.56 -35.98 60.86
C LYS I 704 40.69 -37.13 61.85
N SER I 705 41.90 -37.40 62.33
CA SER I 705 42.17 -38.59 63.13
C SER I 705 41.67 -38.40 64.56
N LYS I 706 41.98 -39.38 65.41
CA LYS I 706 41.66 -39.34 66.83
C LYS I 706 42.74 -38.57 67.59
N GLN I 707 42.78 -38.76 68.91
CA GLN I 707 43.82 -38.18 69.75
C GLN I 707 45.20 -38.73 69.41
N ILE I 708 46.03 -37.90 68.79
CA ILE I 708 47.35 -38.31 68.33
C ILE I 708 48.42 -37.64 69.17
N ALA I 709 49.63 -38.18 69.07
CA ALA I 709 50.80 -37.52 69.61
C ALA I 709 51.16 -36.33 68.73
N PRO I 710 51.81 -35.31 69.29
CA PRO I 710 52.19 -34.14 68.48
C PRO I 710 53.24 -34.41 67.41
N GLU I 711 53.91 -35.56 67.43
CA GLU I 711 54.86 -35.88 66.36
C GLU I 711 54.14 -36.09 65.02
N TYR I 712 53.02 -36.80 65.04
CA TYR I 712 52.23 -36.93 63.83
C TYR I 712 51.58 -35.62 63.46
N LYS I 713 51.27 -34.79 64.46
CA LYS I 713 50.70 -33.47 64.23
C LYS I 713 51.65 -32.57 63.46
N ASN I 714 52.91 -32.46 63.93
CA ASN I 714 53.80 -31.54 63.22
C ASN I 714 54.34 -32.16 61.94
N TYR I 715 54.32 -33.50 61.81
CA TYR I 715 54.62 -34.06 60.49
C TYR I 715 53.50 -33.76 59.49
N PHE I 716 52.25 -33.74 59.95
CA PHE I 716 51.16 -33.36 59.06
C PHE I 716 51.18 -31.88 58.77
N GLN I 717 51.69 -31.09 59.72
CA GLN I 717 51.96 -29.68 59.46
C GLN I 717 52.99 -29.53 58.35
N TYR I 718 54.11 -30.27 58.45
CA TYR I 718 55.13 -30.29 57.41
C TYR I 718 54.54 -30.65 56.05
N LEU I 719 53.68 -31.68 56.03
CA LEU I 719 52.97 -32.12 54.85
C LEU I 719 52.14 -31.01 54.21
N LYS I 720 51.13 -30.53 54.94
CA LYS I 720 50.16 -29.63 54.32
C LYS I 720 50.75 -28.26 54.07
N GLU I 721 51.70 -27.81 54.89
CA GLU I 721 52.31 -26.50 54.66
C GLU I 721 53.20 -26.53 53.43
N ARG I 722 54.06 -27.55 53.30
CA ARG I 722 54.95 -27.53 52.15
C ARG I 722 54.23 -27.90 50.86
N ILE I 723 53.12 -28.65 50.92
CA ILE I 723 52.41 -28.85 49.67
C ILE I 723 51.51 -27.67 49.33
N THR I 724 51.02 -26.90 50.32
CA THR I 724 50.38 -25.63 50.05
C THR I 724 51.34 -24.70 49.34
N ASN I 725 52.58 -24.65 49.81
CA ASN I 725 53.61 -23.84 49.17
C ASN I 725 53.91 -24.32 47.76
N GLN I 726 54.03 -25.63 47.55
CA GLN I 726 54.40 -26.13 46.24
C GLN I 726 53.31 -25.88 45.21
N VAL I 727 52.06 -26.14 45.57
CA VAL I 727 50.97 -25.89 44.63
C VAL I 727 50.78 -24.39 44.43
N GLN I 728 51.07 -23.57 45.44
CA GLN I 728 50.90 -22.14 45.27
C GLN I 728 51.98 -21.54 44.38
N LEU I 729 53.23 -22.00 44.52
CA LEU I 729 54.29 -21.53 43.62
C LEU I 729 54.09 -22.04 42.21
N LEU I 730 53.54 -23.24 42.06
CA LEU I 730 53.23 -23.70 40.70
C LEU I 730 52.05 -22.93 40.13
N LEU I 731 51.14 -22.46 40.99
CA LEU I 731 50.00 -21.71 40.50
C LEU I 731 50.41 -20.31 40.07
N THR I 732 51.22 -19.61 40.87
CA THR I 732 51.68 -18.30 40.44
C THR I 732 52.71 -18.42 39.32
N HIS I 733 53.42 -19.55 39.24
CA HIS I 733 54.29 -19.83 38.11
C HIS I 733 53.46 -20.05 36.86
N GLN I 734 52.24 -20.54 37.03
CA GLN I 734 51.30 -20.68 35.93
C GLN I 734 50.66 -19.35 35.60
N LYS I 735 49.63 -19.41 34.77
CA LYS I 735 48.90 -18.25 34.27
C LYS I 735 47.61 -17.99 35.02
N SER I 736 47.57 -18.25 36.33
CA SER I 736 46.29 -18.48 37.00
C SER I 736 45.74 -17.26 37.72
N ASN I 737 46.55 -16.66 38.60
CA ASN I 737 46.16 -15.59 39.52
C ASN I 737 45.03 -15.99 40.46
N ILE I 738 44.95 -17.26 40.85
CA ILE I 738 43.92 -17.71 41.78
C ILE I 738 44.58 -18.09 43.10
N GLU I 739 43.93 -17.75 44.20
CA GLU I 739 44.39 -18.20 45.51
C GLU I 739 44.12 -19.69 45.67
N PHE I 740 44.83 -20.31 46.61
CA PHE I 740 44.74 -21.76 46.75
C PHE I 740 43.48 -22.18 47.50
N LYS I 741 43.05 -21.42 48.50
CA LYS I 741 41.90 -21.81 49.30
C LYS I 741 40.61 -21.78 48.49
N LEU I 742 40.50 -20.83 47.56
CA LEU I 742 39.35 -20.80 46.67
C LEU I 742 39.33 -22.01 45.75
N LEU I 743 40.51 -22.41 45.25
CA LEU I 743 40.60 -23.59 44.40
C LEU I 743 40.33 -24.85 45.18
N TYR I 744 40.62 -24.84 46.48
CA TYR I 744 40.32 -25.99 47.31
C TYR I 744 38.83 -26.10 47.55
N LYS I 745 38.22 -25.02 48.05
CA LYS I 745 36.83 -25.05 48.44
C LYS I 745 35.89 -25.18 47.25
N GLN I 746 36.31 -24.74 46.07
CA GLN I 746 35.44 -24.91 44.92
C GLN I 746 35.47 -26.34 44.38
N LEU I 747 36.56 -27.05 44.60
CA LEU I 747 36.68 -28.40 44.08
C LEU I 747 35.98 -29.41 44.98
N ASN I 748 35.06 -30.16 44.41
CA ASN I 748 34.30 -31.19 45.10
C ASN I 748 34.58 -32.52 44.41
N PHE I 749 35.69 -33.17 44.78
CA PHE I 749 35.97 -34.52 44.31
C PHE I 749 35.51 -35.52 45.38
N THR I 750 34.20 -35.72 45.43
CA THR I 750 33.61 -36.62 46.42
C THR I 750 33.99 -38.08 46.15
N GLU I 751 33.67 -38.58 44.96
CA GLU I 751 34.13 -39.89 44.52
C GLU I 751 34.68 -39.89 43.11
N ASN I 752 34.25 -38.99 42.24
CA ASN I 752 34.50 -39.07 40.81
C ASN I 752 35.67 -38.17 40.42
N GLU I 753 36.86 -38.75 40.34
CA GLU I 753 38.07 -38.06 39.91
C GLU I 753 38.26 -38.12 38.41
N THR I 754 37.19 -38.39 37.65
CA THR I 754 37.24 -38.40 36.19
C THR I 754 36.52 -37.23 35.55
N ASP I 755 35.61 -36.56 36.26
CA ASP I 755 34.93 -35.40 35.75
C ASP I 755 35.14 -34.16 36.59
N ASN I 756 35.54 -34.31 37.85
CA ASN I 756 35.90 -33.15 38.67
C ASN I 756 37.20 -32.52 38.18
N PHE I 757 38.00 -33.27 37.43
CA PHE I 757 39.07 -32.66 36.66
C PHE I 757 38.52 -31.67 35.64
N GLU I 758 37.36 -31.93 35.06
CA GLU I 758 36.83 -30.98 34.09
C GLU I 758 36.22 -29.75 34.75
N VAL I 759 35.67 -29.92 35.96
CA VAL I 759 35.33 -28.77 36.81
C VAL I 759 36.57 -27.95 37.10
N PHE I 760 37.65 -28.63 37.45
CA PHE I 760 38.95 -27.99 37.68
C PHE I 760 39.45 -27.27 36.43
N GLN I 761 39.20 -27.85 35.25
CA GLN I 761 39.62 -27.25 34.00
C GLN I 761 38.87 -25.94 33.75
N LYS I 762 37.55 -25.98 33.87
CA LYS I 762 36.77 -24.80 33.60
C LYS I 762 36.93 -23.73 34.67
N ILE I 763 37.38 -24.10 35.87
CA ILE I 763 37.82 -23.08 36.81
C ILE I 763 39.16 -22.49 36.38
N ILE I 764 40.11 -23.34 36.01
CA ILE I 764 41.44 -22.85 35.66
C ILE I 764 41.46 -22.29 34.24
N ASP I 765 41.09 -23.12 33.26
CA ASP I 765 41.38 -22.80 31.87
C ASP I 765 40.27 -21.93 31.27
N GLU I 766 40.36 -21.70 29.96
CA GLU I 766 39.51 -20.87 29.09
C GLU I 766 39.61 -19.37 29.40
N LYS I 767 40.33 -18.96 30.44
CA LYS I 767 40.41 -17.56 30.80
C LYS I 767 41.79 -17.21 31.36
CA CA J . 16.32 -7.75 -30.82
CA CA K . 12.74 -5.77 -32.27
CA CA L . 25.48 13.09 -17.84
CA CA M . 22.16 16.24 -18.58
CA CA N . 27.28 17.37 7.53
CA CA O . 24.17 20.15 8.44
CA CA P . 20.91 1.41 26.95
CA CA Q . 17.18 3.22 28.62
CA CA R . 11.00 -22.86 25.41
CA CA S . 7.14 -22.46 26.85
CA CA T . 4.83 -36.88 4.40
CA CA U . 0.68 -36.81 4.31
CA CA V . 7.37 -30.13 -20.65
CA CA W . 3.31 -29.42 -21.93
#